data_2RP4
#
_entry.id   2RP4
#
_entity_poly.entity_id   1
_entity_poly.type   'polypeptide(L)'
_entity_poly.pdbx_seq_one_letter_code
;GPLGSDDSAAEWNVSRTPDGDYRLAITCPNKEWLLQSIEGMIKEAAAEVLRNPNQENLRRHANKLLSLKKRAYELP
;
_entity_poly.pdbx_strand_id   A,B,C,D
#
# COMPACT_ATOMS: atom_id res chain seq x y z
N ASP A 6 15.19 -0.65 -30.32
CA ASP A 6 14.97 -1.38 -29.07
C ASP A 6 15.82 -0.84 -27.93
N ASP A 7 15.54 0.38 -27.52
CA ASP A 7 16.24 1.01 -26.41
C ASP A 7 15.27 1.91 -25.64
N SER A 8 13.98 1.66 -25.84
CA SER A 8 12.95 2.45 -25.19
C SER A 8 12.48 1.75 -23.91
N ALA A 9 11.64 0.73 -24.06
CA ALA A 9 11.11 0.01 -22.91
C ALA A 9 12.01 -1.17 -22.56
N ALA A 10 12.31 -1.98 -23.57
CA ALA A 10 13.16 -3.18 -23.45
C ALA A 10 12.52 -4.27 -22.60
N GLU A 11 12.21 -3.92 -21.36
CA GLU A 11 11.62 -4.86 -20.43
C GLU A 11 10.16 -4.50 -20.14
N TRP A 12 9.72 -4.82 -18.92
CA TRP A 12 8.37 -4.55 -18.47
C TRP A 12 7.38 -5.33 -19.33
N ASN A 13 7.50 -6.64 -19.26
CA ASN A 13 6.65 -7.53 -20.02
C ASN A 13 5.73 -8.30 -19.11
N VAL A 14 4.50 -8.46 -19.53
CA VAL A 14 3.52 -9.20 -18.77
C VAL A 14 2.65 -10.01 -19.74
N SER A 15 2.56 -11.30 -19.50
CA SER A 15 1.78 -12.19 -20.34
C SER A 15 1.35 -13.42 -19.58
N ARG A 16 0.54 -14.24 -20.22
CA ARG A 16 0.06 -15.48 -19.62
C ARG A 16 0.99 -16.63 -19.96
N THR A 17 1.55 -17.27 -18.95
CA THR A 17 2.45 -18.39 -19.17
C THR A 17 1.68 -19.70 -18.98
N PRO A 18 2.01 -20.73 -19.77
CA PRO A 18 1.34 -22.02 -19.69
C PRO A 18 1.57 -22.73 -18.36
N ASP A 19 2.75 -22.55 -17.79
CA ASP A 19 3.10 -23.20 -16.54
C ASP A 19 3.12 -22.25 -15.35
N GLY A 20 3.04 -20.95 -15.62
CA GLY A 20 3.08 -19.99 -14.54
C GLY A 20 1.86 -19.10 -14.47
N ASP A 21 0.93 -19.29 -15.41
CA ASP A 21 -0.30 -18.51 -15.48
C ASP A 21 -0.04 -17.12 -16.00
N TYR A 22 0.66 -16.33 -15.22
CA TYR A 22 1.02 -14.98 -15.62
C TYR A 22 2.47 -14.72 -15.31
N ARG A 23 3.18 -14.16 -16.29
CA ARG A 23 4.59 -13.86 -16.12
C ARG A 23 4.82 -12.37 -16.24
N LEU A 24 5.47 -11.80 -15.24
CA LEU A 24 5.78 -10.37 -15.25
C LEU A 24 7.28 -10.16 -15.12
N ALA A 25 7.86 -9.43 -16.07
CA ALA A 25 9.29 -9.16 -16.08
C ALA A 25 9.58 -7.68 -16.21
N ILE A 26 9.79 -7.00 -15.09
CA ILE A 26 10.06 -5.56 -15.10
C ILE A 26 11.49 -5.25 -14.71
N THR A 27 11.84 -3.97 -14.77
CA THR A 27 13.18 -3.50 -14.44
C THR A 27 13.14 -2.15 -13.74
N CYS A 28 14.15 -1.88 -12.94
CA CYS A 28 14.26 -0.62 -12.22
C CYS A 28 15.74 -0.25 -12.05
N PRO A 29 16.08 1.02 -12.29
CA PRO A 29 17.45 1.51 -12.17
C PRO A 29 17.87 1.76 -10.73
N ASN A 30 17.05 1.34 -9.78
CA ASN A 30 17.35 1.53 -8.37
C ASN A 30 16.86 0.37 -7.53
N LYS A 31 17.70 -0.03 -6.59
CA LYS A 31 17.38 -1.12 -5.68
C LYS A 31 16.29 -0.68 -4.72
N GLU A 32 16.28 0.61 -4.41
CA GLU A 32 15.29 1.17 -3.50
C GLU A 32 13.91 1.10 -4.13
N TRP A 33 13.87 1.27 -5.44
CA TRP A 33 12.64 1.21 -6.19
C TRP A 33 12.10 -0.21 -6.18
N LEU A 34 12.99 -1.17 -6.35
CA LEU A 34 12.61 -2.57 -6.34
C LEU A 34 12.12 -2.98 -4.97
N LEU A 35 12.82 -2.55 -3.94
CA LEU A 35 12.46 -2.86 -2.56
C LEU A 35 11.07 -2.31 -2.24
N GLN A 36 10.80 -1.10 -2.69
CA GLN A 36 9.51 -0.46 -2.46
C GLN A 36 8.41 -1.17 -3.24
N SER A 37 8.77 -1.66 -4.43
CA SER A 37 7.84 -2.36 -5.28
C SER A 37 7.40 -3.67 -4.64
N ILE A 38 8.38 -4.45 -4.17
CA ILE A 38 8.11 -5.71 -3.51
C ILE A 38 7.24 -5.49 -2.27
N GLU A 39 7.56 -4.43 -1.55
CA GLU A 39 6.84 -4.07 -0.34
C GLU A 39 5.36 -3.86 -0.64
N GLY A 40 5.09 -3.24 -1.79
CA GLY A 40 3.73 -2.98 -2.19
C GLY A 40 2.94 -4.24 -2.43
N MET A 41 3.52 -5.17 -3.18
CA MET A 41 2.85 -6.43 -3.49
C MET A 41 2.66 -7.27 -2.23
N ILE A 42 3.67 -7.27 -1.35
CA ILE A 42 3.57 -8.02 -0.11
C ILE A 42 2.43 -7.49 0.75
N LYS A 43 2.23 -6.17 0.74
CA LYS A 43 1.18 -5.54 1.52
C LYS A 43 -0.20 -6.01 1.07
N GLU A 44 -0.42 -6.00 -0.23
CA GLU A 44 -1.70 -6.42 -0.80
C GLU A 44 -1.94 -7.89 -0.55
N ALA A 45 -0.89 -8.68 -0.73
CA ALA A 45 -0.94 -10.11 -0.52
C ALA A 45 -1.34 -10.43 0.91
N ALA A 46 -0.77 -9.70 1.84
CA ALA A 46 -1.04 -9.87 3.25
C ALA A 46 -2.50 -9.59 3.55
N ALA A 47 -3.03 -8.53 2.93
CA ALA A 47 -4.43 -8.16 3.11
C ALA A 47 -5.34 -9.27 2.63
N GLU A 48 -4.90 -9.98 1.60
CA GLU A 48 -5.65 -11.09 1.05
C GLU A 48 -5.58 -12.28 2.01
N VAL A 49 -4.40 -12.48 2.59
CA VAL A 49 -4.19 -13.57 3.53
C VAL A 49 -5.00 -13.36 4.79
N LEU A 50 -5.11 -12.11 5.21
CA LEU A 50 -5.89 -11.78 6.39
C LEU A 50 -7.36 -12.11 6.17
N ARG A 51 -7.82 -11.88 4.94
CA ARG A 51 -9.19 -12.17 4.55
C ARG A 51 -9.38 -13.66 4.30
N ASN A 52 -8.31 -14.31 3.87
CA ASN A 52 -8.32 -15.73 3.58
C ASN A 52 -7.19 -16.45 4.32
N PRO A 53 -7.29 -16.54 5.66
CA PRO A 53 -6.29 -17.18 6.50
C PRO A 53 -6.14 -18.66 6.17
N ASN A 54 -7.19 -19.20 5.57
CA ASN A 54 -7.23 -20.60 5.18
C ASN A 54 -6.52 -20.82 3.85
N GLN A 55 -6.20 -19.74 3.15
CA GLN A 55 -5.56 -19.83 1.86
C GLN A 55 -4.05 -20.05 2.01
N GLU A 56 -3.62 -21.29 1.84
CA GLU A 56 -2.21 -21.64 1.96
C GLU A 56 -1.41 -20.99 0.82
N ASN A 57 -1.91 -21.11 -0.39
CA ASN A 57 -1.25 -20.54 -1.57
C ASN A 57 -1.03 -19.05 -1.39
N LEU A 58 -2.01 -18.38 -0.79
CA LEU A 58 -1.90 -16.96 -0.56
C LEU A 58 -0.74 -16.68 0.39
N ARG A 59 -0.59 -17.54 1.39
CA ARG A 59 0.49 -17.40 2.35
C ARG A 59 1.82 -17.70 1.68
N ARG A 60 1.83 -18.73 0.84
CA ARG A 60 3.04 -19.12 0.11
C ARG A 60 3.46 -18.00 -0.83
N HIS A 61 2.47 -17.35 -1.43
CA HIS A 61 2.73 -16.24 -2.35
C HIS A 61 3.29 -15.06 -1.59
N ALA A 62 2.68 -14.76 -0.46
CA ALA A 62 3.11 -13.67 0.39
C ALA A 62 4.51 -13.96 0.91
N ASN A 63 4.74 -15.23 1.25
CA ASN A 63 6.03 -15.67 1.73
C ASN A 63 7.07 -15.52 0.64
N LYS A 64 6.65 -15.72 -0.61
CA LYS A 64 7.55 -15.58 -1.74
C LYS A 64 7.99 -14.13 -1.87
N LEU A 65 7.08 -13.21 -1.55
CA LEU A 65 7.35 -11.79 -1.59
C LEU A 65 8.30 -11.42 -0.46
N LEU A 66 8.10 -12.06 0.69
CA LEU A 66 8.95 -11.83 1.85
C LEU A 66 10.37 -12.23 1.52
N SER A 67 10.49 -13.35 0.83
CA SER A 67 11.78 -13.89 0.41
C SER A 67 12.39 -12.97 -0.64
N LEU A 68 11.54 -12.55 -1.57
CA LEU A 68 11.96 -11.65 -2.65
C LEU A 68 12.48 -10.34 -2.09
N LYS A 69 11.78 -9.82 -1.08
CA LYS A 69 12.16 -8.58 -0.43
C LYS A 69 13.54 -8.75 0.22
N LYS A 70 13.74 -9.89 0.84
CA LYS A 70 15.00 -10.20 1.48
C LYS A 70 16.10 -10.34 0.43
N ARG A 71 15.74 -11.00 -0.66
CA ARG A 71 16.67 -11.21 -1.76
C ARG A 71 17.13 -9.87 -2.34
N ALA A 72 16.19 -8.98 -2.56
CA ALA A 72 16.49 -7.65 -3.09
C ALA A 72 17.35 -6.86 -2.11
N TYR A 73 17.12 -7.08 -0.83
CA TYR A 73 17.89 -6.42 0.21
C TYR A 73 19.35 -6.83 0.15
N GLU A 74 19.56 -8.11 -0.06
CA GLU A 74 20.90 -8.68 -0.15
C GLU A 74 21.60 -8.31 -1.46
N LEU A 75 20.80 -7.97 -2.46
CA LEU A 75 21.31 -7.58 -3.77
C LEU A 75 22.16 -6.31 -3.66
N PRO A 76 23.18 -6.18 -4.51
CA PRO A 76 24.05 -5.01 -4.51
C PRO A 76 23.36 -3.80 -5.14
N ASP B 6 10.97 -26.74 -6.35
CA ASP B 6 11.40 -26.08 -7.58
C ASP B 6 10.20 -25.77 -8.46
N ASP B 7 9.34 -26.76 -8.64
CA ASP B 7 8.14 -26.61 -9.47
C ASP B 7 7.16 -25.64 -8.83
N SER B 8 7.18 -25.57 -7.50
CA SER B 8 6.29 -24.69 -6.76
C SER B 8 6.73 -23.24 -6.93
N ALA B 9 8.05 -23.01 -6.92
CA ALA B 9 8.58 -21.67 -7.09
C ALA B 9 8.49 -21.25 -8.55
N ALA B 10 9.01 -22.12 -9.43
CA ALA B 10 9.00 -21.94 -10.88
C ALA B 10 9.78 -20.71 -11.35
N GLU B 11 9.34 -19.55 -10.91
CA GLU B 11 9.93 -18.29 -11.31
C GLU B 11 10.38 -17.50 -10.09
N TRP B 12 10.14 -16.19 -10.14
CA TRP B 12 10.49 -15.26 -9.06
C TRP B 12 11.99 -15.07 -8.97
N ASN B 13 12.53 -14.46 -10.00
CA ASN B 13 13.94 -14.19 -10.08
C ASN B 13 14.19 -12.70 -10.02
N VAL B 14 15.22 -12.31 -9.30
CA VAL B 14 15.58 -10.90 -9.19
C VAL B 14 17.10 -10.81 -9.18
N SER B 15 17.66 -9.97 -10.05
CA SER B 15 19.09 -9.84 -10.13
C SER B 15 19.51 -8.51 -10.73
N ARG B 16 20.81 -8.28 -10.68
CA ARG B 16 21.41 -7.08 -11.23
C ARG B 16 21.82 -7.34 -12.68
N THR B 17 21.34 -6.49 -13.58
CA THR B 17 21.65 -6.67 -14.99
C THR B 17 23.01 -6.06 -15.34
N PRO B 18 23.63 -6.56 -16.40
CA PRO B 18 24.94 -6.11 -16.87
C PRO B 18 24.88 -4.70 -17.43
N ASP B 19 23.67 -4.26 -17.76
CA ASP B 19 23.47 -2.93 -18.32
C ASP B 19 23.39 -1.88 -17.23
N GLY B 20 23.29 -2.32 -15.99
CA GLY B 20 23.23 -1.39 -14.88
C GLY B 20 21.84 -1.25 -14.31
N ASP B 21 20.96 -2.20 -14.62
CA ASP B 21 19.60 -2.16 -14.15
C ASP B 21 19.34 -3.35 -13.24
N TYR B 22 18.12 -3.50 -12.77
CA TYR B 22 17.76 -4.63 -11.93
C TYR B 22 16.63 -5.38 -12.61
N ARG B 23 16.75 -6.68 -12.69
CA ARG B 23 15.75 -7.50 -13.37
C ARG B 23 14.93 -8.31 -12.38
N LEU B 24 13.60 -8.20 -12.51
CA LEU B 24 12.70 -8.94 -11.65
C LEU B 24 11.67 -9.69 -12.50
N ALA B 25 11.63 -11.01 -12.33
CA ALA B 25 10.73 -11.86 -13.07
C ALA B 25 9.92 -12.75 -12.12
N ILE B 26 8.64 -12.45 -11.96
CA ILE B 26 7.79 -13.23 -11.06
C ILE B 26 6.58 -13.80 -11.77
N THR B 27 5.84 -14.63 -11.05
CA THR B 27 4.64 -15.27 -11.58
C THR B 27 3.54 -15.31 -10.54
N CYS B 28 2.30 -15.45 -10.99
CA CYS B 28 1.16 -15.56 -10.10
C CYS B 28 0.06 -16.35 -10.79
N PRO B 29 -0.49 -17.38 -10.13
CA PRO B 29 -1.56 -18.21 -10.69
C PRO B 29 -2.92 -17.53 -10.64
N ASN B 30 -2.93 -16.24 -10.36
CA ASN B 30 -4.17 -15.48 -10.28
C ASN B 30 -3.98 -14.09 -10.84
N LYS B 31 -4.97 -13.64 -11.60
CA LYS B 31 -4.94 -12.32 -12.20
C LYS B 31 -5.05 -11.24 -11.12
N GLU B 32 -5.75 -11.59 -10.04
CA GLU B 32 -5.95 -10.67 -8.94
C GLU B 32 -4.63 -10.40 -8.24
N TRP B 33 -3.81 -11.44 -8.11
CA TRP B 33 -2.53 -11.32 -7.45
C TRP B 33 -1.62 -10.40 -8.24
N LEU B 34 -1.63 -10.56 -9.55
CA LEU B 34 -0.80 -9.74 -10.43
C LEU B 34 -1.26 -8.29 -10.37
N LEU B 35 -2.58 -8.09 -10.44
CA LEU B 35 -3.15 -6.76 -10.41
C LEU B 35 -2.84 -6.08 -9.08
N GLN B 36 -2.95 -6.85 -8.00
CA GLN B 36 -2.68 -6.33 -6.67
C GLN B 36 -1.20 -6.00 -6.51
N SER B 37 -0.35 -6.82 -7.12
CA SER B 37 1.08 -6.62 -7.06
C SER B 37 1.46 -5.29 -7.68
N ILE B 38 0.94 -5.04 -8.88
CA ILE B 38 1.21 -3.79 -9.58
C ILE B 38 0.65 -2.62 -8.80
N GLU B 39 -0.58 -2.79 -8.32
CA GLU B 39 -1.27 -1.76 -7.55
C GLU B 39 -0.48 -1.41 -6.30
N GLY B 40 0.14 -2.41 -5.69
CA GLY B 40 0.92 -2.17 -4.50
C GLY B 40 2.13 -1.33 -4.75
N MET B 41 2.89 -1.69 -5.79
CA MET B 41 4.11 -0.96 -6.11
C MET B 41 3.83 0.45 -6.65
N ILE B 42 2.79 0.62 -7.48
CA ILE B 42 2.48 1.94 -8.01
C ILE B 42 2.12 2.90 -6.88
N LYS B 43 1.41 2.41 -5.86
CA LYS B 43 1.01 3.25 -4.74
C LYS B 43 2.23 3.78 -3.99
N GLU B 44 3.19 2.89 -3.72
CA GLU B 44 4.41 3.28 -3.03
C GLU B 44 5.22 4.23 -3.91
N ALA B 45 5.27 3.87 -5.18
CA ALA B 45 5.98 4.66 -6.17
C ALA B 45 5.41 6.07 -6.26
N ALA B 46 4.09 6.15 -6.31
CA ALA B 46 3.40 7.43 -6.37
C ALA B 46 3.74 8.29 -5.17
N ALA B 47 3.83 7.67 -4.01
CA ALA B 47 4.17 8.37 -2.78
C ALA B 47 5.58 8.95 -2.88
N GLU B 48 6.47 8.20 -3.53
CA GLU B 48 7.85 8.64 -3.72
C GLU B 48 7.87 9.85 -4.64
N VAL B 49 7.02 9.83 -5.66
CA VAL B 49 6.93 10.93 -6.61
C VAL B 49 6.44 12.20 -5.93
N LEU B 50 5.52 12.05 -5.01
CA LEU B 50 4.99 13.19 -4.27
C LEU B 50 6.07 13.77 -3.35
N ARG B 51 6.91 12.88 -2.84
CA ARG B 51 7.99 13.27 -1.95
C ARG B 51 9.13 13.89 -2.77
N ASN B 52 9.21 13.48 -4.03
CA ASN B 52 10.24 13.97 -4.94
C ASN B 52 9.61 14.43 -6.25
N PRO B 53 8.89 15.55 -6.23
CA PRO B 53 8.21 16.10 -7.41
C PRO B 53 9.19 16.43 -8.53
N ASN B 54 10.44 16.64 -8.15
CA ASN B 54 11.49 16.96 -9.11
C ASN B 54 12.06 15.70 -9.76
N GLN B 55 11.63 14.53 -9.30
CA GLN B 55 12.12 13.27 -9.84
C GLN B 55 11.34 12.87 -11.08
N GLU B 56 11.91 13.14 -12.25
CA GLU B 56 11.29 12.78 -13.51
C GLU B 56 11.19 11.27 -13.65
N ASN B 57 12.29 10.59 -13.37
CA ASN B 57 12.35 9.14 -13.47
C ASN B 57 11.30 8.49 -12.59
N LEU B 58 11.05 9.07 -11.43
CA LEU B 58 10.04 8.54 -10.53
C LEU B 58 8.66 8.64 -11.16
N ARG B 59 8.39 9.79 -11.76
CA ARG B 59 7.12 10.03 -12.40
C ARG B 59 6.93 9.09 -13.58
N ARG B 60 7.96 8.95 -14.38
CA ARG B 60 7.92 8.07 -15.54
C ARG B 60 7.80 6.62 -15.08
N HIS B 61 8.48 6.29 -13.99
CA HIS B 61 8.44 4.94 -13.42
C HIS B 61 7.03 4.65 -12.93
N ALA B 62 6.47 5.60 -12.20
CA ALA B 62 5.13 5.46 -11.67
C ALA B 62 4.16 5.32 -12.83
N ASN B 63 4.38 6.11 -13.87
CA ASN B 63 3.56 6.07 -15.06
C ASN B 63 3.67 4.71 -15.72
N LYS B 64 4.85 4.11 -15.64
CA LYS B 64 5.08 2.79 -16.23
C LYS B 64 4.23 1.77 -15.49
N LEU B 65 4.11 1.96 -14.18
CA LEU B 65 3.31 1.07 -13.34
C LEU B 65 1.84 1.26 -13.64
N LEU B 66 1.46 2.51 -13.89
CA LEU B 66 0.08 2.84 -14.22
C LEU B 66 -0.30 2.16 -15.52
N SER B 67 0.64 2.19 -16.47
CA SER B 67 0.45 1.58 -17.77
C SER B 67 0.42 0.06 -17.62
N LEU B 68 1.34 -0.46 -16.81
CA LEU B 68 1.44 -1.88 -16.54
C LEU B 68 0.16 -2.42 -15.90
N LYS B 69 -0.38 -1.67 -14.95
CA LYS B 69 -1.61 -2.05 -14.27
C LYS B 69 -2.75 -2.14 -15.27
N LYS B 70 -2.78 -1.19 -16.19
CA LYS B 70 -3.79 -1.16 -17.23
C LYS B 70 -3.58 -2.33 -18.18
N ARG B 71 -2.32 -2.58 -18.50
CA ARG B 71 -1.94 -3.66 -19.39
C ARG B 71 -2.41 -4.99 -18.82
N ALA B 72 -2.13 -5.22 -17.54
CA ALA B 72 -2.53 -6.45 -16.88
C ALA B 72 -4.05 -6.56 -16.82
N TYR B 73 -4.70 -5.43 -16.59
CA TYR B 73 -6.15 -5.39 -16.52
C TYR B 73 -6.76 -5.75 -17.87
N GLU B 74 -6.18 -5.23 -18.93
CA GLU B 74 -6.64 -5.50 -20.28
C GLU B 74 -6.20 -6.87 -20.78
N LEU B 75 -5.32 -7.53 -20.03
CA LEU B 75 -4.83 -8.84 -20.41
C LEU B 75 -5.89 -9.91 -20.15
N PRO B 76 -6.12 -10.79 -21.12
CA PRO B 76 -7.12 -11.85 -20.98
C PRO B 76 -6.73 -12.89 -19.94
N ASP C 6 -20.88 0.35 24.43
CA ASP C 6 -20.26 1.47 23.72
C ASP C 6 -18.75 1.42 23.92
N ASP C 7 -18.35 0.99 25.11
CA ASP C 7 -16.95 0.87 25.47
C ASP C 7 -16.27 -0.25 24.68
N SER C 8 -17.08 -1.11 24.10
CA SER C 8 -16.60 -2.23 23.31
C SER C 8 -15.75 -1.74 22.14
N ALA C 9 -16.26 -0.73 21.44
CA ALA C 9 -15.55 -0.14 20.32
C ALA C 9 -14.67 1.00 20.81
N ALA C 10 -15.27 1.89 21.59
CA ALA C 10 -14.61 3.06 22.15
C ALA C 10 -14.33 4.09 21.07
N GLU C 11 -13.47 3.73 20.14
CA GLU C 11 -13.11 4.59 19.04
C GLU C 11 -13.39 3.91 17.71
N TRP C 12 -12.60 4.25 16.69
CA TRP C 12 -12.75 3.68 15.37
C TRP C 12 -14.13 4.01 14.82
N ASN C 13 -14.30 5.28 14.49
CA ASN C 13 -15.55 5.78 13.99
C ASN C 13 -15.36 6.53 12.69
N VAL C 14 -16.29 6.35 11.78
CA VAL C 14 -16.27 7.03 10.51
C VAL C 14 -17.69 7.49 10.19
N SER C 15 -17.85 8.77 9.91
CA SER C 15 -19.16 9.33 9.62
C SER C 15 -19.05 10.62 8.81
N ARG C 16 -20.18 11.28 8.60
CA ARG C 16 -20.23 12.53 7.85
C ARG C 16 -20.09 13.72 8.79
N THR C 17 -19.02 14.50 8.61
CA THR C 17 -18.80 15.66 9.44
C THR C 17 -19.22 16.93 8.71
N PRO C 18 -19.85 17.86 9.42
CA PRO C 18 -20.30 19.13 8.86
C PRO C 18 -19.11 20.03 8.50
N ASP C 19 -17.97 19.73 9.09
CA ASP C 19 -16.76 20.52 8.89
C ASP C 19 -15.76 19.87 7.95
N GLY C 20 -16.00 18.61 7.59
CA GLY C 20 -15.06 17.93 6.72
C GLY C 20 -15.67 16.89 5.81
N ASP C 21 -17.00 16.83 5.78
CA ASP C 21 -17.75 15.90 4.93
C ASP C 21 -17.74 14.51 5.53
N TYR C 22 -16.57 13.93 5.64
CA TYR C 22 -16.44 12.61 6.23
C TYR C 22 -15.33 12.65 7.29
N ARG C 23 -15.62 12.11 8.45
CA ARG C 23 -14.69 12.10 9.56
C ARG C 23 -14.28 10.68 9.92
N LEU C 24 -12.99 10.47 10.04
CA LEU C 24 -12.45 9.18 10.42
C LEU C 24 -11.67 9.33 11.73
N ALA C 25 -12.10 8.61 12.75
CA ALA C 25 -11.46 8.66 14.06
C ALA C 25 -11.03 7.28 14.50
N ILE C 26 -9.74 7.07 14.72
CA ILE C 26 -9.24 5.76 15.13
C ILE C 26 -8.20 5.89 16.25
N THR C 27 -7.80 4.75 16.78
CA THR C 27 -6.81 4.68 17.85
C THR C 27 -5.89 3.48 17.68
N CYS C 28 -4.69 3.57 18.22
CA CYS C 28 -3.72 2.48 18.14
C CYS C 28 -2.78 2.54 19.34
N PRO C 29 -2.61 1.42 20.05
CA PRO C 29 -1.73 1.36 21.21
C PRO C 29 -0.26 1.17 20.80
N ASN C 30 0.03 1.34 19.53
CA ASN C 30 1.39 1.19 19.03
C ASN C 30 1.79 2.36 18.16
N LYS C 31 3.04 2.76 18.30
CA LYS C 31 3.59 3.86 17.55
C LYS C 31 3.73 3.49 16.07
N GLU C 32 3.99 2.22 15.84
CA GLU C 32 4.18 1.70 14.49
C GLU C 32 2.86 1.63 13.74
N TRP C 33 1.82 1.22 14.43
CA TRP C 33 0.50 1.09 13.84
C TRP C 33 0.02 2.41 13.28
N LEU C 34 0.20 3.47 14.06
CA LEU C 34 -0.22 4.80 13.64
C LEU C 34 0.59 5.26 12.43
N LEU C 35 1.89 5.03 12.47
CA LEU C 35 2.76 5.44 11.37
C LEU C 35 2.42 4.65 10.10
N GLN C 36 2.11 3.37 10.27
CA GLN C 36 1.75 2.51 9.15
C GLN C 36 0.40 2.92 8.59
N SER C 37 -0.50 3.33 9.48
CA SER C 37 -1.82 3.74 9.07
C SER C 37 -1.77 4.98 8.19
N ILE C 38 -1.03 5.99 8.64
CA ILE C 38 -0.89 7.22 7.86
C ILE C 38 -0.22 6.94 6.52
N GLU C 39 0.82 6.11 6.55
CA GLU C 39 1.54 5.75 5.35
C GLU C 39 0.63 5.04 4.35
N GLY C 40 -0.30 4.27 4.87
CA GLY C 40 -1.23 3.55 4.02
C GLY C 40 -2.13 4.49 3.24
N MET C 41 -2.70 5.48 3.92
CA MET C 41 -3.60 6.42 3.28
C MET C 41 -2.88 7.30 2.26
N ILE C 42 -1.70 7.81 2.62
CA ILE C 42 -0.94 8.65 1.68
C ILE C 42 -0.60 7.86 0.42
N LYS C 43 -0.28 6.58 0.59
CA LYS C 43 0.06 5.72 -0.55
C LYS C 43 -1.10 5.68 -1.55
N GLU C 44 -2.31 5.48 -1.03
CA GLU C 44 -3.49 5.43 -1.87
C GLU C 44 -3.78 6.80 -2.45
N ALA C 45 -3.64 7.81 -1.60
CA ALA C 45 -3.85 9.20 -2.00
C ALA C 45 -2.90 9.61 -3.11
N ALA C 46 -1.66 9.16 -3.00
CA ALA C 46 -0.64 9.45 -3.98
C ALA C 46 -1.04 8.89 -5.34
N ALA C 47 -1.63 7.70 -5.33
CA ALA C 47 -2.09 7.07 -6.56
C ALA C 47 -3.17 7.92 -7.21
N GLU C 48 -3.99 8.55 -6.39
CA GLU C 48 -5.05 9.40 -6.89
C GLU C 48 -4.45 10.65 -7.53
N VAL C 49 -3.39 11.16 -6.91
CA VAL C 49 -2.69 12.34 -7.40
C VAL C 49 -2.04 12.03 -8.75
N LEU C 50 -1.52 10.81 -8.87
CA LEU C 50 -0.90 10.38 -10.10
C LEU C 50 -1.93 10.31 -11.23
N ARG C 51 -3.14 9.91 -10.86
CA ARG C 51 -4.24 9.79 -11.81
C ARG C 51 -4.82 11.17 -12.13
N ASN C 52 -4.68 12.07 -11.18
CA ASN C 52 -5.18 13.44 -11.32
C ASN C 52 -4.12 14.45 -10.87
N PRO C 53 -3.05 14.61 -11.68
CA PRO C 53 -1.94 15.53 -11.36
C PRO C 53 -2.39 16.98 -11.24
N ASN C 54 -3.46 17.32 -11.94
CA ASN C 54 -3.99 18.67 -11.93
C ASN C 54 -4.92 18.89 -10.73
N GLN C 55 -5.10 17.87 -9.91
CA GLN C 55 -5.96 17.98 -8.74
C GLN C 55 -5.19 18.59 -7.58
N GLU C 56 -5.29 19.91 -7.44
CA GLU C 56 -4.59 20.61 -6.37
C GLU C 56 -5.05 20.11 -5.01
N ASN C 57 -6.36 20.00 -4.82
CA ASN C 57 -6.92 19.52 -3.56
C ASN C 57 -6.39 18.14 -3.21
N LEU C 58 -6.11 17.33 -4.23
CA LEU C 58 -5.57 16.00 -4.01
C LEU C 58 -4.13 16.11 -3.53
N ARG C 59 -3.39 17.02 -4.15
CA ARG C 59 -2.00 17.26 -3.79
C ARG C 59 -1.94 17.82 -2.38
N ARG C 60 -2.86 18.73 -2.08
CA ARG C 60 -2.95 19.34 -0.76
C ARG C 60 -3.32 18.29 0.26
N HIS C 61 -4.23 17.40 -0.14
CA HIS C 61 -4.67 16.31 0.71
C HIS C 61 -3.51 15.38 1.01
N ALA C 62 -2.74 15.07 -0.03
CA ALA C 62 -1.56 14.24 0.11
C ALA C 62 -0.58 14.91 1.05
N ASN C 63 -0.47 16.23 0.91
CA ASN C 63 0.40 17.03 1.75
C ASN C 63 -0.08 16.97 3.20
N LYS C 64 -1.39 16.91 3.37
CA LYS C 64 -1.98 16.83 4.69
C LYS C 64 -1.56 15.53 5.36
N LEU C 65 -1.45 14.48 4.56
CA LEU C 65 -1.03 13.18 5.05
C LEU C 65 0.45 13.21 5.38
N LEU C 66 1.21 13.91 4.55
CA LEU C 66 2.65 14.06 4.77
C LEU C 66 2.89 14.79 6.08
N SER C 67 2.09 15.82 6.30
CA SER C 67 2.18 16.61 7.53
C SER C 67 1.75 15.76 8.72
N LEU C 68 0.68 15.01 8.53
CA LEU C 68 0.16 14.13 9.56
C LEU C 68 1.20 13.10 9.97
N LYS C 69 1.86 12.52 8.98
CA LYS C 69 2.90 11.54 9.20
C LYS C 69 4.03 12.16 10.01
N LYS C 70 4.37 13.40 9.66
CA LYS C 70 5.41 14.13 10.36
C LYS C 70 4.99 14.40 11.79
N ARG C 71 3.73 14.76 11.97
CA ARG C 71 3.19 15.03 13.29
C ARG C 71 3.27 13.80 14.16
N ALA C 72 2.93 12.65 13.59
CA ALA C 72 2.99 11.38 14.30
C ALA C 72 4.44 10.99 14.60
N TYR C 73 5.32 11.28 13.64
CA TYR C 73 6.74 10.98 13.78
C TYR C 73 7.33 11.73 14.96
N GLU C 74 6.93 12.99 15.10
CA GLU C 74 7.40 13.86 16.16
C GLU C 74 6.80 13.48 17.51
N LEU C 75 5.66 12.81 17.46
CA LEU C 75 4.98 12.38 18.67
C LEU C 75 5.80 11.34 19.40
N PRO C 76 5.88 11.43 20.74
CA PRO C 76 6.63 10.49 21.55
C PRO C 76 5.95 9.13 21.65
N ASP D 6 -7.78 30.81 14.48
CA ASP D 6 -7.66 30.07 15.73
C ASP D 6 -7.78 28.57 15.46
N ASP D 7 -8.63 28.23 14.51
CA ASP D 7 -8.85 26.83 14.15
C ASP D 7 -8.68 26.66 12.64
N SER D 8 -7.44 26.60 12.21
CA SER D 8 -7.14 26.42 10.79
C SER D 8 -6.94 24.95 10.47
N ALA D 9 -6.61 24.17 11.51
CA ALA D 9 -6.41 22.75 11.34
C ALA D 9 -7.76 22.03 11.35
N ALA D 10 -8.56 22.31 12.38
CA ALA D 10 -9.89 21.75 12.57
C ALA D 10 -9.83 20.25 12.82
N GLU D 11 -9.49 19.53 11.77
CA GLU D 11 -9.38 18.09 11.82
C GLU D 11 -7.94 17.65 11.60
N TRP D 12 -7.77 16.42 11.14
CA TRP D 12 -6.45 15.84 10.90
C TRP D 12 -5.62 16.00 12.15
N ASN D 13 -6.10 15.37 13.19
CA ASN D 13 -5.48 15.45 14.49
C ASN D 13 -4.87 14.12 14.88
N VAL D 14 -3.68 14.17 15.43
CA VAL D 14 -3.01 12.99 15.91
C VAL D 14 -2.24 13.35 17.18
N SER D 15 -2.49 12.59 18.23
CA SER D 15 -1.83 12.84 19.50
C SER D 15 -1.86 11.60 20.37
N ARG D 16 -1.30 11.72 21.57
CA ARG D 16 -1.26 10.62 22.51
C ARG D 16 -2.46 10.70 23.44
N THR D 17 -3.34 9.71 23.37
CA THR D 17 -4.51 9.70 24.22
C THR D 17 -4.29 8.78 25.40
N PRO D 18 -4.65 9.22 26.60
CA PRO D 18 -4.53 8.42 27.81
C PRO D 18 -5.49 7.24 27.77
N ASP D 19 -6.49 7.35 26.91
CA ASP D 19 -7.53 6.35 26.77
C ASP D 19 -7.30 5.41 25.59
N GLY D 20 -6.34 5.72 24.74
CA GLY D 20 -6.11 4.87 23.59
C GLY D 20 -4.69 4.90 23.04
N ASP D 21 -3.78 5.57 23.75
CA ASP D 21 -2.36 5.67 23.36
C ASP D 21 -2.17 6.71 22.28
N TYR D 22 -2.69 6.42 21.11
CA TYR D 22 -2.60 7.34 20.00
C TYR D 22 -4.00 7.59 19.47
N ARG D 23 -4.31 8.86 19.27
CA ARG D 23 -5.59 9.24 18.75
C ARG D 23 -5.42 9.93 17.41
N LEU D 24 -6.09 9.43 16.40
CA LEU D 24 -6.00 10.01 15.06
C LEU D 24 -7.39 10.31 14.50
N ALA D 25 -7.60 11.55 14.09
CA ALA D 25 -8.87 12.00 13.53
C ALA D 25 -8.63 12.74 12.23
N ILE D 26 -9.11 12.19 11.11
CA ILE D 26 -8.90 12.83 9.81
C ILE D 26 -10.22 13.07 9.08
N THR D 27 -10.17 13.84 8.00
CA THR D 27 -11.37 14.13 7.21
C THR D 27 -11.07 14.04 5.72
N CYS D 28 -12.10 13.71 4.95
CA CYS D 28 -12.00 13.59 3.50
C CYS D 28 -13.34 13.92 2.86
N PRO D 29 -13.34 14.68 1.76
CA PRO D 29 -14.57 15.06 1.07
C PRO D 29 -15.12 13.95 0.19
N ASN D 30 -14.51 12.77 0.29
CA ASN D 30 -14.93 11.62 -0.50
C ASN D 30 -14.91 10.37 0.35
N LYS D 31 -15.97 9.58 0.21
CA LYS D 31 -16.08 8.34 0.95
C LYS D 31 -15.05 7.35 0.42
N GLU D 32 -14.73 7.48 -0.87
CA GLU D 32 -13.75 6.61 -1.52
C GLU D 32 -12.38 6.81 -0.90
N TRP D 33 -12.06 8.07 -0.63
CA TRP D 33 -10.78 8.41 -0.03
C TRP D 33 -10.66 7.78 1.35
N LEU D 34 -11.74 7.84 2.11
CA LEU D 34 -11.75 7.26 3.45
C LEU D 34 -11.62 5.74 3.36
N LEU D 35 -12.34 5.15 2.40
CA LEU D 35 -12.29 3.72 2.19
C LEU D 35 -10.87 3.30 1.83
N GLN D 36 -10.25 4.07 0.95
CA GLN D 36 -8.88 3.81 0.52
C GLN D 36 -7.91 4.00 1.68
N SER D 37 -8.20 4.98 2.53
CA SER D 37 -7.37 5.26 3.68
C SER D 37 -7.34 4.04 4.59
N ILE D 38 -8.53 3.51 4.88
CA ILE D 38 -8.67 2.33 5.71
C ILE D 38 -7.95 1.14 5.06
N GLU D 39 -8.13 1.03 3.75
CA GLU D 39 -7.51 -0.04 2.97
C GLU D 39 -6.00 0.04 3.08
N GLY D 40 -5.47 1.25 3.10
CA GLY D 40 -4.05 1.46 3.21
C GLY D 40 -3.49 0.93 4.52
N MET D 41 -4.13 1.32 5.62
CA MET D 41 -3.68 0.88 6.94
C MET D 41 -3.86 -0.63 7.10
N ILE D 42 -4.98 -1.15 6.61
CA ILE D 42 -5.24 -2.60 6.70
C ILE D 42 -4.16 -3.38 5.95
N LYS D 43 -3.71 -2.83 4.82
CA LYS D 43 -2.68 -3.49 4.02
C LYS D 43 -1.38 -3.62 4.80
N GLU D 44 -0.96 -2.52 5.42
CA GLU D 44 0.27 -2.52 6.21
C GLU D 44 0.10 -3.37 7.45
N ALA D 45 -1.05 -3.24 8.08
CA ALA D 45 -1.36 -4.00 9.28
C ALA D 45 -1.33 -5.50 9.01
N ALA D 46 -1.94 -5.89 7.90
CA ALA D 46 -1.98 -7.29 7.50
C ALA D 46 -0.57 -7.84 7.33
N ALA D 47 0.31 -7.03 6.77
CA ALA D 47 1.70 -7.42 6.55
C ALA D 47 2.37 -7.71 7.89
N GLU D 48 2.06 -6.88 8.88
CA GLU D 48 2.61 -7.05 10.21
C GLU D 48 2.05 -8.30 10.85
N VAL D 49 0.78 -8.59 10.56
CA VAL D 49 0.13 -9.78 11.09
C VAL D 49 0.79 -11.04 10.53
N LEU D 50 1.19 -10.99 9.27
CA LEU D 50 1.86 -12.12 8.66
C LEU D 50 3.24 -12.31 9.28
N ARG D 51 3.85 -11.20 9.67
CA ARG D 51 5.17 -11.21 10.29
C ARG D 51 5.05 -11.65 11.75
N ASN D 52 3.87 -11.44 12.32
CA ASN D 52 3.59 -11.82 13.70
C ASN D 52 2.22 -12.46 13.81
N PRO D 53 2.07 -13.70 13.30
CA PRO D 53 0.79 -14.44 13.33
C PRO D 53 0.30 -14.67 14.74
N ASN D 54 1.23 -14.73 15.68
CA ASN D 54 0.90 -14.94 17.08
C ASN D 54 0.53 -13.63 17.79
N GLN D 55 0.41 -12.56 17.02
CA GLN D 55 0.05 -11.27 17.58
C GLN D 55 -1.47 -11.07 17.50
N GLU D 56 -2.17 -11.36 18.59
CA GLU D 56 -3.62 -11.22 18.63
C GLU D 56 -4.04 -9.77 18.47
N ASN D 57 -3.35 -8.86 19.13
CA ASN D 57 -3.68 -7.43 19.05
C ASN D 57 -3.53 -6.95 17.62
N LEU D 58 -2.57 -7.51 16.90
CA LEU D 58 -2.34 -7.15 15.52
C LEU D 58 -3.49 -7.65 14.66
N ARG D 59 -3.91 -8.88 14.91
CA ARG D 59 -5.01 -9.47 14.18
C ARG D 59 -6.30 -8.73 14.49
N ARG D 60 -6.48 -8.40 15.77
CA ARG D 60 -7.66 -7.66 16.21
C ARG D 60 -7.65 -6.27 15.61
N HIS D 61 -6.46 -5.68 15.52
CA HIS D 61 -6.30 -4.36 14.94
C HIS D 61 -6.65 -4.41 13.46
N ALA D 62 -6.14 -5.42 12.78
CA ALA D 62 -6.42 -5.61 11.36
C ALA D 62 -7.92 -5.81 11.17
N ASN D 63 -8.51 -6.58 12.08
CA ASN D 63 -9.94 -6.84 12.05
C ASN D 63 -10.70 -5.56 12.30
N LYS D 64 -10.14 -4.68 13.15
CA LYS D 64 -10.77 -3.41 13.44
C LYS D 64 -10.82 -2.57 12.17
N LEU D 65 -9.77 -2.69 11.36
CA LEU D 65 -9.70 -1.97 10.10
C LEU D 65 -10.71 -2.57 9.14
N LEU D 66 -10.82 -3.89 9.15
CA LEU D 66 -11.78 -4.60 8.31
C LEU D 66 -13.19 -4.18 8.67
N SER D 67 -13.43 -4.08 9.97
CA SER D 67 -14.73 -3.67 10.49
C SER D 67 -15.02 -2.21 10.10
N LEU D 68 -14.00 -1.38 10.26
CA LEU D 68 -14.10 0.04 9.92
C LEU D 68 -14.33 0.19 8.42
N LYS D 69 -13.67 -0.65 7.64
CA LYS D 69 -13.80 -0.65 6.19
C LYS D 69 -15.24 -0.96 5.83
N LYS D 70 -15.82 -1.91 6.54
CA LYS D 70 -17.20 -2.32 6.33
C LYS D 70 -18.12 -1.17 6.71
N ARG D 71 -17.80 -0.50 7.82
CA ARG D 71 -18.59 0.63 8.29
C ARG D 71 -18.58 1.75 7.27
N ALA D 72 -17.41 2.04 6.73
CA ALA D 72 -17.27 3.09 5.71
C ALA D 72 -17.96 2.69 4.42
N TYR D 73 -17.93 1.40 4.11
CA TYR D 73 -18.56 0.88 2.90
C TYR D 73 -20.06 1.14 2.94
N GLU D 74 -20.65 0.96 4.11
CA GLU D 74 -22.08 1.17 4.29
C GLU D 74 -22.40 2.65 4.48
N LEU D 75 -21.39 3.42 4.88
CA LEU D 75 -21.55 4.85 5.11
C LEU D 75 -21.85 5.59 3.81
N PRO D 76 -23.00 6.26 3.74
CA PRO D 76 -23.41 7.01 2.56
C PRO D 76 -22.86 8.44 2.58
N ASP A 6 0.18 -1.54 -24.19
CA ASP A 6 1.21 -2.20 -24.98
C ASP A 6 2.49 -1.38 -25.03
N ASP A 7 3.44 -1.68 -24.15
CA ASP A 7 4.69 -0.95 -24.11
C ASP A 7 5.86 -1.86 -23.74
N SER A 8 6.50 -2.41 -24.75
CA SER A 8 7.64 -3.29 -24.55
C SER A 8 8.83 -2.77 -25.36
N ALA A 9 9.53 -1.78 -24.80
CA ALA A 9 10.67 -1.18 -25.47
C ALA A 9 11.93 -2.02 -25.29
N ALA A 10 12.12 -2.55 -24.09
CA ALA A 10 13.29 -3.37 -23.78
C ALA A 10 13.00 -4.24 -22.59
N GLU A 11 12.64 -3.61 -21.50
CA GLU A 11 12.33 -4.30 -20.27
C GLU A 11 10.84 -4.23 -19.99
N TRP A 12 10.46 -4.57 -18.77
CA TRP A 12 9.05 -4.56 -18.36
C TRP A 12 8.23 -5.45 -19.28
N ASN A 13 8.54 -6.73 -19.24
CA ASN A 13 7.88 -7.71 -20.08
C ASN A 13 7.01 -8.65 -19.24
N VAL A 14 5.93 -9.11 -19.82
CA VAL A 14 5.03 -10.04 -19.14
C VAL A 14 4.53 -11.09 -20.12
N SER A 15 4.67 -12.35 -19.75
CA SER A 15 4.25 -13.46 -20.59
C SER A 15 3.56 -14.53 -19.74
N ARG A 16 3.05 -15.56 -20.39
CA ARG A 16 2.38 -16.64 -19.69
C ARG A 16 3.31 -17.82 -19.51
N THR A 17 3.25 -18.42 -18.33
CA THR A 17 4.08 -19.57 -18.02
C THR A 17 3.31 -20.87 -18.27
N PRO A 18 4.02 -22.00 -18.43
CA PRO A 18 3.42 -23.32 -18.71
C PRO A 18 2.55 -23.79 -17.55
N ASP A 19 2.78 -23.21 -16.39
CA ASP A 19 2.02 -23.56 -15.19
C ASP A 19 0.69 -22.81 -15.17
N GLY A 20 0.55 -21.89 -16.09
CA GLY A 20 -0.66 -21.10 -16.17
C GLY A 20 -0.53 -19.85 -15.34
N ASP A 21 0.72 -19.46 -15.14
CA ASP A 21 1.06 -18.29 -14.36
C ASP A 21 1.48 -17.18 -15.31
N TYR A 22 1.78 -16.03 -14.77
CA TYR A 22 2.23 -14.91 -15.57
C TYR A 22 3.62 -14.55 -15.10
N ARG A 23 4.53 -14.39 -16.04
CA ARG A 23 5.89 -14.05 -15.69
C ARG A 23 6.15 -12.60 -16.04
N LEU A 24 6.59 -11.84 -15.06
CA LEU A 24 6.86 -10.43 -15.26
C LEU A 24 8.33 -10.11 -15.03
N ALA A 25 8.91 -9.38 -15.97
CA ALA A 25 10.30 -8.99 -15.90
C ALA A 25 10.44 -7.48 -16.05
N ILE A 26 10.41 -6.76 -14.93
CA ILE A 26 10.51 -5.31 -14.97
C ILE A 26 11.90 -4.85 -14.54
N THR A 27 12.12 -3.54 -14.61
CA THR A 27 13.41 -2.96 -14.24
C THR A 27 13.24 -1.68 -13.44
N CYS A 28 14.25 -1.35 -12.64
CA CYS A 28 14.26 -0.13 -11.85
C CYS A 28 15.72 0.31 -11.65
N PRO A 29 16.01 1.59 -11.91
CA PRO A 29 17.36 2.13 -11.75
C PRO A 29 17.67 2.52 -10.31
N ASN A 30 16.83 2.08 -9.39
CA ASN A 30 17.00 2.38 -7.98
C ASN A 30 16.66 1.17 -7.14
N LYS A 31 17.56 0.80 -6.23
CA LYS A 31 17.35 -0.36 -5.38
C LYS A 31 16.20 -0.14 -4.41
N GLU A 32 15.99 1.12 -4.04
CA GLU A 32 14.91 1.46 -3.11
C GLU A 32 13.57 1.24 -3.79
N TRP A 33 13.51 1.58 -5.07
CA TRP A 33 12.31 1.42 -5.87
C TRP A 33 11.87 -0.03 -5.90
N LEU A 34 12.83 -0.94 -6.03
CA LEU A 34 12.53 -2.37 -6.07
C LEU A 34 11.94 -2.82 -4.74
N LEU A 35 12.53 -2.32 -3.65
CA LEU A 35 12.08 -2.66 -2.32
C LEU A 35 10.63 -2.23 -2.11
N GLN A 36 10.32 -1.02 -2.56
CA GLN A 36 8.98 -0.47 -2.43
C GLN A 36 8.00 -1.24 -3.29
N SER A 37 8.47 -1.69 -4.45
CA SER A 37 7.66 -2.46 -5.35
C SER A 37 7.22 -3.75 -4.68
N ILE A 38 8.18 -4.45 -4.09
CA ILE A 38 7.91 -5.68 -3.37
C ILE A 38 7.00 -5.42 -2.18
N GLU A 39 7.31 -4.35 -1.45
CA GLU A 39 6.53 -3.97 -0.29
C GLU A 39 5.08 -3.70 -0.68
N GLY A 40 4.89 -3.14 -1.86
CA GLY A 40 3.56 -2.86 -2.34
C GLY A 40 2.75 -4.11 -2.55
N MET A 41 3.36 -5.10 -3.19
CA MET A 41 2.66 -6.36 -3.46
C MET A 41 2.41 -7.15 -2.19
N ILE A 42 3.40 -7.25 -1.31
CA ILE A 42 3.22 -7.98 -0.05
C ILE A 42 2.11 -7.32 0.78
N LYS A 43 2.01 -5.99 0.73
CA LYS A 43 0.99 -5.27 1.48
C LYS A 43 -0.41 -5.70 1.04
N GLU A 44 -0.66 -5.68 -0.26
CA GLU A 44 -1.97 -6.05 -0.80
C GLU A 44 -2.23 -7.54 -0.60
N ALA A 45 -1.18 -8.32 -0.79
CA ALA A 45 -1.24 -9.78 -0.65
C ALA A 45 -1.66 -10.20 0.75
N ALA A 46 -1.10 -9.52 1.74
CA ALA A 46 -1.38 -9.80 3.13
C ALA A 46 -2.87 -9.60 3.42
N ALA A 47 -3.45 -8.58 2.81
CA ALA A 47 -4.88 -8.31 2.98
C ALA A 47 -5.69 -9.50 2.49
N GLU A 48 -5.25 -10.09 1.39
CA GLU A 48 -5.91 -11.25 0.82
C GLU A 48 -5.75 -12.44 1.76
N VAL A 49 -4.55 -12.59 2.32
CA VAL A 49 -4.26 -13.67 3.25
C VAL A 49 -5.11 -13.54 4.50
N LEU A 50 -5.32 -12.31 4.94
CA LEU A 50 -6.11 -12.05 6.11
C LEU A 50 -7.59 -12.37 5.83
N ARG A 51 -8.01 -12.12 4.59
CA ARG A 51 -9.39 -12.39 4.18
C ARG A 51 -9.59 -13.88 3.93
N ASN A 52 -8.50 -14.54 3.61
CA ASN A 52 -8.50 -15.99 3.35
C ASN A 52 -7.40 -16.65 4.17
N PRO A 53 -7.61 -16.74 5.48
CA PRO A 53 -6.64 -17.32 6.44
C PRO A 53 -6.22 -18.74 6.11
N ASN A 54 -7.12 -19.50 5.51
CA ASN A 54 -6.80 -20.89 5.17
C ASN A 54 -6.27 -21.02 3.74
N GLN A 55 -5.97 -19.91 3.10
CA GLN A 55 -5.43 -19.96 1.75
C GLN A 55 -3.92 -20.14 1.83
N GLU A 56 -3.47 -21.39 1.77
CA GLU A 56 -2.05 -21.69 1.84
C GLU A 56 -1.29 -21.05 0.69
N ASN A 57 -1.86 -21.11 -0.50
CA ASN A 57 -1.22 -20.51 -1.67
C ASN A 57 -1.02 -19.03 -1.46
N LEU A 58 -1.96 -18.40 -0.77
CA LEU A 58 -1.87 -16.98 -0.47
C LEU A 58 -0.76 -16.72 0.51
N ARG A 59 -0.64 -17.58 1.51
CA ARG A 59 0.40 -17.44 2.52
C ARG A 59 1.76 -17.73 1.90
N ARG A 60 1.81 -18.77 1.07
CA ARG A 60 3.03 -19.16 0.41
C ARG A 60 3.47 -18.06 -0.55
N HIS A 61 2.48 -17.42 -1.18
CA HIS A 61 2.75 -16.33 -2.10
C HIS A 61 3.29 -15.13 -1.33
N ALA A 62 2.66 -14.83 -0.20
CA ALA A 62 3.07 -13.75 0.65
C ALA A 62 4.48 -14.01 1.17
N ASN A 63 4.74 -15.27 1.48
CA ASN A 63 6.04 -15.71 1.95
C ASN A 63 7.08 -15.52 0.85
N LYS A 64 6.66 -15.71 -0.40
CA LYS A 64 7.56 -15.53 -1.52
C LYS A 64 7.95 -14.06 -1.63
N LEU A 65 7.02 -13.19 -1.24
CA LEU A 65 7.26 -11.75 -1.26
C LEU A 65 8.23 -11.39 -0.15
N LEU A 66 8.06 -12.04 0.99
CA LEU A 66 8.92 -11.82 2.15
C LEU A 66 10.35 -12.21 1.81
N SER A 67 10.48 -13.29 1.06
CA SER A 67 11.77 -13.80 0.64
C SER A 67 12.38 -12.88 -0.41
N LEU A 68 11.54 -12.46 -1.35
CA LEU A 68 11.95 -11.56 -2.42
C LEU A 68 12.43 -10.23 -1.85
N LYS A 69 11.74 -9.75 -0.81
CA LYS A 69 12.10 -8.50 -0.15
C LYS A 69 13.51 -8.61 0.40
N LYS A 70 13.83 -9.76 0.97
CA LYS A 70 15.15 -10.01 1.51
C LYS A 70 16.19 -10.04 0.40
N ARG A 71 15.79 -10.62 -0.73
CA ARG A 71 16.66 -10.72 -1.90
C ARG A 71 17.06 -9.33 -2.39
N ALA A 72 16.08 -8.45 -2.47
CA ALA A 72 16.32 -7.07 -2.92
C ALA A 72 17.12 -6.30 -1.88
N TYR A 73 16.89 -6.62 -0.61
CA TYR A 73 17.59 -5.97 0.48
C TYR A 73 19.08 -6.26 0.42
N GLU A 74 19.41 -7.50 0.09
CA GLU A 74 20.79 -7.94 -0.01
C GLU A 74 21.40 -7.65 -1.38
N LEU A 75 20.60 -7.08 -2.28
CA LEU A 75 21.06 -6.77 -3.63
C LEU A 75 22.27 -5.81 -3.63
N PRO A 76 22.16 -4.62 -3.02
CA PRO A 76 23.27 -3.66 -2.96
C PRO A 76 24.33 -4.09 -1.97
N ASP B 6 18.40 -17.03 0.42
CA ASP B 6 18.14 -16.84 -1.00
C ASP B 6 17.83 -18.20 -1.64
N ASP B 7 16.56 -18.42 -1.95
CA ASP B 7 16.14 -19.68 -2.54
C ASP B 7 15.40 -19.45 -3.85
N SER B 8 16.05 -19.79 -4.96
CA SER B 8 15.46 -19.63 -6.27
C SER B 8 14.72 -20.91 -6.66
N ALA B 9 13.49 -21.05 -6.16
CA ALA B 9 12.68 -22.22 -6.44
C ALA B 9 12.37 -22.34 -7.93
N ALA B 10 11.92 -21.24 -8.52
CA ALA B 10 11.58 -21.21 -9.93
C ALA B 10 11.49 -19.77 -10.41
N GLU B 11 10.58 -19.03 -9.81
CA GLU B 11 10.36 -17.64 -10.16
C GLU B 11 10.82 -16.73 -9.02
N TRP B 12 10.34 -15.49 -9.04
CA TRP B 12 10.68 -14.50 -8.02
C TRP B 12 12.18 -14.31 -7.93
N ASN B 13 12.70 -13.53 -8.87
CA ASN B 13 14.11 -13.24 -8.95
C ASN B 13 14.35 -11.74 -9.11
N VAL B 14 15.36 -11.23 -8.45
CA VAL B 14 15.71 -9.83 -8.54
C VAL B 14 17.23 -9.70 -8.56
N SER B 15 17.76 -9.01 -9.57
CA SER B 15 19.19 -8.85 -9.70
C SER B 15 19.54 -7.75 -10.69
N ARG B 16 20.80 -7.70 -11.12
CA ARG B 16 21.24 -6.70 -12.07
C ARG B 16 21.13 -7.23 -13.50
N THR B 17 20.73 -6.36 -14.40
CA THR B 17 20.57 -6.70 -15.80
C THR B 17 21.83 -6.40 -16.60
N PRO B 18 21.96 -7.05 -17.77
CA PRO B 18 23.11 -6.86 -18.67
C PRO B 18 23.10 -5.45 -19.25
N ASP B 19 21.93 -4.82 -19.15
CA ASP B 19 21.73 -3.46 -19.65
C ASP B 19 22.25 -2.46 -18.62
N GLY B 20 22.55 -2.96 -17.44
CA GLY B 20 23.06 -2.12 -16.38
C GLY B 20 21.97 -1.60 -15.48
N ASP B 21 20.86 -2.32 -15.41
CA ASP B 21 19.73 -1.92 -14.58
C ASP B 21 19.42 -3.03 -13.57
N TYR B 22 18.31 -2.91 -12.88
CA TYR B 22 17.92 -3.94 -11.92
C TYR B 22 16.67 -4.63 -12.45
N ARG B 23 16.67 -5.95 -12.41
CA ARG B 23 15.56 -6.72 -12.92
C ARG B 23 14.81 -7.43 -11.81
N LEU B 24 13.51 -7.34 -11.87
CA LEU B 24 12.65 -8.01 -10.92
C LEU B 24 11.67 -8.90 -11.69
N ALA B 25 11.77 -10.20 -11.47
CA ALA B 25 10.93 -11.17 -12.15
C ALA B 25 10.08 -11.94 -11.15
N ILE B 26 8.77 -11.74 -11.19
CA ILE B 26 7.89 -12.43 -10.26
C ILE B 26 6.74 -13.11 -10.99
N THR B 27 5.90 -13.82 -10.23
CA THR B 27 4.76 -14.55 -10.77
C THR B 27 3.60 -14.57 -9.77
N CYS B 28 2.42 -14.89 -10.26
CA CYS B 28 1.23 -15.01 -9.42
C CYS B 28 0.22 -15.91 -10.13
N PRO B 29 -0.27 -16.96 -9.45
CA PRO B 29 -1.24 -17.89 -10.04
C PRO B 29 -2.63 -17.29 -10.15
N ASN B 30 -2.74 -16.03 -9.78
CA ASN B 30 -4.00 -15.32 -9.84
C ASN B 30 -3.76 -13.97 -10.50
N LYS B 31 -4.58 -13.66 -11.50
CA LYS B 31 -4.44 -12.41 -12.23
C LYS B 31 -4.76 -11.23 -11.35
N GLU B 32 -5.66 -11.45 -10.40
CA GLU B 32 -6.06 -10.42 -9.45
C GLU B 32 -4.89 -10.04 -8.57
N TRP B 33 -4.09 -11.03 -8.21
CA TRP B 33 -2.91 -10.81 -7.37
C TRP B 33 -1.92 -9.91 -8.09
N LEU B 34 -1.73 -10.17 -9.38
CA LEU B 34 -0.80 -9.39 -10.18
C LEU B 34 -1.24 -7.92 -10.21
N LEU B 35 -2.54 -7.71 -10.39
CA LEU B 35 -3.09 -6.36 -10.42
C LEU B 35 -2.80 -5.64 -9.12
N GLN B 36 -3.01 -6.34 -8.01
CA GLN B 36 -2.78 -5.78 -6.68
C GLN B 36 -1.29 -5.52 -6.47
N SER B 37 -0.46 -6.41 -6.99
CA SER B 37 0.97 -6.29 -6.86
C SER B 37 1.47 -5.03 -7.56
N ILE B 38 1.04 -4.83 -8.79
CA ILE B 38 1.42 -3.65 -9.56
C ILE B 38 0.90 -2.39 -8.89
N GLU B 39 -0.31 -2.48 -8.38
CA GLU B 39 -0.95 -1.36 -7.68
C GLU B 39 -0.09 -0.92 -6.50
N GLY B 40 0.48 -1.89 -5.81
CA GLY B 40 1.31 -1.60 -4.65
C GLY B 40 2.52 -0.75 -5.02
N MET B 41 3.26 -1.17 -6.04
CA MET B 41 4.44 -0.43 -6.47
C MET B 41 4.06 0.93 -7.02
N ILE B 42 2.98 0.99 -7.79
CA ILE B 42 2.51 2.25 -8.35
C ILE B 42 2.18 3.23 -7.23
N LYS B 43 1.62 2.72 -6.14
CA LYS B 43 1.23 3.55 -5.00
C LYS B 43 2.44 4.25 -4.40
N GLU B 44 3.50 3.49 -4.16
CA GLU B 44 4.72 4.06 -3.58
C GLU B 44 5.39 5.00 -4.56
N ALA B 45 5.42 4.58 -5.82
CA ALA B 45 6.03 5.38 -6.87
C ALA B 45 5.31 6.70 -7.06
N ALA B 46 3.99 6.65 -7.03
CA ALA B 46 3.17 7.84 -7.20
C ALA B 46 3.48 8.86 -6.13
N ALA B 47 3.73 8.38 -4.92
CA ALA B 47 4.06 9.24 -3.80
C ALA B 47 5.33 10.05 -4.08
N GLU B 48 6.30 9.40 -4.72
CA GLU B 48 7.55 10.06 -5.04
C GLU B 48 7.32 11.06 -6.16
N VAL B 49 6.47 10.68 -7.11
CA VAL B 49 6.16 11.56 -8.24
C VAL B 49 5.36 12.78 -7.77
N LEU B 50 4.45 12.55 -6.83
CA LEU B 50 3.65 13.66 -6.30
C LEU B 50 4.55 14.64 -5.57
N ARG B 51 5.58 14.11 -4.91
CA ARG B 51 6.53 14.92 -4.17
C ARG B 51 7.52 15.59 -5.12
N ASN B 52 7.84 14.89 -6.21
CA ASN B 52 8.77 15.39 -7.21
C ASN B 52 8.16 15.31 -8.60
N PRO B 53 7.16 16.16 -8.88
CA PRO B 53 6.46 16.19 -10.17
C PRO B 53 7.40 16.55 -11.32
N ASN B 54 8.47 17.24 -10.98
CA ASN B 54 9.46 17.65 -11.96
C ASN B 54 10.41 16.51 -12.31
N GLN B 55 10.26 15.39 -11.62
CA GLN B 55 11.10 14.23 -11.86
C GLN B 55 10.52 13.41 -13.00
N GLU B 56 10.98 13.69 -14.22
CA GLU B 56 10.50 12.99 -15.41
C GLU B 56 10.73 11.49 -15.32
N ASN B 57 11.92 11.09 -14.89
CA ASN B 57 12.25 9.67 -14.78
C ASN B 57 11.32 8.98 -13.77
N LEU B 58 10.93 9.72 -12.74
CA LEU B 58 10.01 9.19 -11.74
C LEU B 58 8.65 9.00 -12.38
N ARG B 59 8.25 10.00 -13.15
CA ARG B 59 6.98 9.98 -13.85
C ARG B 59 6.97 8.85 -14.86
N ARG B 60 8.08 8.70 -15.58
CA ARG B 60 8.21 7.64 -16.57
C ARG B 60 8.13 6.28 -15.91
N HIS B 61 8.77 6.16 -14.75
CA HIS B 61 8.76 4.92 -14.02
C HIS B 61 7.35 4.62 -13.52
N ALA B 62 6.72 5.64 -12.95
CA ALA B 62 5.36 5.51 -12.46
C ALA B 62 4.44 5.17 -13.62
N ASN B 63 4.71 5.80 -14.75
CA ASN B 63 3.96 5.57 -15.97
C ASN B 63 4.13 4.14 -16.42
N LYS B 64 5.32 3.59 -16.23
CA LYS B 64 5.59 2.21 -16.59
C LYS B 64 4.72 1.28 -15.76
N LEU B 65 4.53 1.64 -14.51
CA LEU B 65 3.69 0.87 -13.60
C LEU B 65 2.24 1.01 -14.00
N LEU B 66 1.87 2.22 -14.43
CA LEU B 66 0.51 2.50 -14.89
C LEU B 66 0.24 1.66 -16.13
N SER B 67 1.26 1.59 -16.99
CA SER B 67 1.20 0.82 -18.22
C SER B 67 1.06 -0.65 -17.89
N LEU B 68 1.85 -1.08 -16.91
CA LEU B 68 1.85 -2.47 -16.45
C LEU B 68 0.49 -2.84 -15.88
N LYS B 69 -0.06 -1.95 -15.07
CA LYS B 69 -1.37 -2.16 -14.46
C LYS B 69 -2.41 -2.29 -15.56
N LYS B 70 -2.26 -1.48 -16.59
CA LYS B 70 -3.16 -1.50 -17.74
C LYS B 70 -3.00 -2.81 -18.47
N ARG B 71 -1.75 -3.22 -18.65
CA ARG B 71 -1.43 -4.47 -19.33
C ARG B 71 -2.05 -5.64 -18.59
N ALA B 72 -1.86 -5.67 -17.28
CA ALA B 72 -2.39 -6.72 -16.43
C ALA B 72 -3.92 -6.69 -16.40
N TYR B 73 -4.49 -5.51 -16.49
CA TYR B 73 -5.94 -5.35 -16.48
C TYR B 73 -6.55 -5.95 -17.74
N GLU B 74 -5.87 -5.73 -18.87
CA GLU B 74 -6.34 -6.22 -20.15
C GLU B 74 -5.82 -7.62 -20.47
N LEU B 75 -5.01 -8.18 -19.58
CA LEU B 75 -4.44 -9.51 -19.80
C LEU B 75 -5.48 -10.64 -19.74
N PRO B 76 -6.21 -10.80 -18.62
CA PRO B 76 -7.20 -11.87 -18.50
C PRO B 76 -8.55 -11.51 -19.12
N ASP C 6 -21.44 0.34 14.54
CA ASP C 6 -20.75 1.42 15.25
C ASP C 6 -19.89 0.83 16.36
N ASP C 7 -18.91 0.02 15.99
CA ASP C 7 -18.01 -0.61 16.96
C ASP C 7 -17.01 0.39 17.51
N SER C 8 -17.48 1.23 18.42
CA SER C 8 -16.64 2.24 19.05
C SER C 8 -16.75 2.13 20.56
N ALA C 9 -15.91 1.30 21.17
CA ALA C 9 -15.90 1.13 22.61
C ALA C 9 -15.48 2.43 23.30
N ALA C 10 -14.71 3.21 22.54
CA ALA C 10 -14.20 4.50 22.97
C ALA C 10 -13.62 5.22 21.77
N GLU C 11 -12.78 4.49 21.06
CA GLU C 11 -12.13 5.00 19.87
C GLU C 11 -12.68 4.33 18.63
N TRP C 12 -11.91 4.40 17.55
CA TRP C 12 -12.25 3.80 16.27
C TRP C 12 -13.64 4.18 15.79
N ASN C 13 -13.72 5.38 15.22
CA ASN C 13 -14.96 5.91 14.71
C ASN C 13 -14.75 6.56 13.35
N VAL C 14 -15.70 6.37 12.45
CA VAL C 14 -15.64 6.97 11.14
C VAL C 14 -17.04 7.40 10.72
N SER C 15 -17.20 8.65 10.33
CA SER C 15 -18.50 9.16 9.93
C SER C 15 -18.36 10.46 9.15
N ARG C 16 -19.49 10.98 8.70
CA ARG C 16 -19.53 12.22 7.93
C ARG C 16 -19.74 13.40 8.86
N THR C 17 -18.95 14.44 8.66
CA THR C 17 -19.04 15.64 9.47
C THR C 17 -20.12 16.57 8.93
N PRO C 18 -20.64 17.47 9.78
CA PRO C 18 -21.67 18.43 9.40
C PRO C 18 -21.15 19.41 8.36
N ASP C 19 -19.83 19.50 8.28
CA ASP C 19 -19.16 20.38 7.33
C ASP C 19 -19.09 19.73 5.95
N GLY C 20 -19.43 18.45 5.90
CA GLY C 20 -19.40 17.72 4.64
C GLY C 20 -18.10 17.01 4.44
N ASP C 21 -17.42 16.74 5.54
CA ASP C 21 -16.13 16.05 5.51
C ASP C 21 -16.30 14.67 6.14
N TYR C 22 -15.23 13.93 6.24
CA TYR C 22 -15.28 12.62 6.86
C TYR C 22 -14.40 12.65 8.09
N ARG C 23 -14.91 12.14 9.18
CA ARG C 23 -14.15 12.14 10.41
C ARG C 23 -13.75 10.72 10.77
N LEU C 24 -12.46 10.53 10.94
CA LEU C 24 -11.93 9.23 11.32
C LEU C 24 -11.10 9.35 12.59
N ALA C 25 -11.51 8.60 13.61
CA ALA C 25 -10.83 8.60 14.90
C ALA C 25 -10.43 7.19 15.27
N ILE C 26 -9.13 6.90 15.33
CA ILE C 26 -8.67 5.55 15.68
C ILE C 26 -7.53 5.60 16.69
N THR C 27 -7.07 4.42 17.11
CA THR C 27 -5.99 4.30 18.08
C THR C 27 -5.05 3.16 17.72
N CYS C 28 -3.79 3.30 18.14
CA CYS C 28 -2.78 2.27 17.91
C CYS C 28 -1.75 2.35 19.04
N PRO C 29 -1.44 1.21 19.69
CA PRO C 29 -0.48 1.16 20.79
C PRO C 29 0.95 1.01 20.31
N ASN C 30 1.15 1.28 19.03
CA ASN C 30 2.47 1.18 18.43
C ASN C 30 2.71 2.36 17.52
N LYS C 31 3.85 3.01 17.69
CA LYS C 31 4.21 4.17 16.89
C LYS C 31 4.44 3.74 15.44
N GLU C 32 4.92 2.53 15.28
CA GLU C 32 5.21 1.97 13.97
C GLU C 32 3.91 1.66 13.25
N TRP C 33 2.91 1.23 13.99
CA TRP C 33 1.60 0.91 13.43
C TRP C 33 0.99 2.14 12.80
N LEU C 34 1.14 3.28 13.48
CA LEU C 34 0.61 4.54 12.98
C LEU C 34 1.31 4.91 11.69
N LEU C 35 2.63 4.76 11.68
CA LEU C 35 3.44 5.07 10.50
C LEU C 35 2.95 4.25 9.31
N GLN C 36 2.71 2.97 9.55
CA GLN C 36 2.24 2.07 8.49
C GLN C 36 0.82 2.40 8.08
N SER C 37 -0.02 2.73 9.07
CA SER C 37 -1.40 3.08 8.81
C SER C 37 -1.48 4.31 7.90
N ILE C 38 -0.73 5.35 8.26
CA ILE C 38 -0.69 6.57 7.48
C ILE C 38 -0.13 6.29 6.09
N GLU C 39 0.90 5.45 6.06
CA GLU C 39 1.55 5.06 4.81
C GLU C 39 0.56 4.41 3.86
N GLY C 40 -0.36 3.62 4.41
CA GLY C 40 -1.35 2.96 3.60
C GLY C 40 -2.25 3.94 2.87
N MET C 41 -2.74 4.94 3.60
CA MET C 41 -3.63 5.93 3.03
C MET C 41 -2.89 6.86 2.07
N ILE C 42 -1.71 7.36 2.45
CA ILE C 42 -0.95 8.24 1.57
C ILE C 42 -0.60 7.52 0.27
N LYS C 43 -0.33 6.22 0.36
CA LYS C 43 0.00 5.43 -0.82
C LYS C 43 -1.11 5.50 -1.86
N GLU C 44 -2.34 5.24 -1.42
CA GLU C 44 -3.48 5.29 -2.33
C GLU C 44 -3.75 6.71 -2.77
N ALA C 45 -3.64 7.61 -1.82
CA ALA C 45 -3.85 9.04 -2.07
C ALA C 45 -2.88 9.54 -3.13
N ALA C 46 -1.63 9.14 -3.01
CA ALA C 46 -0.59 9.52 -3.95
C ALA C 46 -0.92 9.02 -5.34
N ALA C 47 -1.44 7.80 -5.42
CA ALA C 47 -1.82 7.20 -6.69
C ALA C 47 -2.89 8.07 -7.36
N GLU C 48 -3.77 8.64 -6.56
CA GLU C 48 -4.82 9.49 -7.07
C GLU C 48 -4.22 10.81 -7.54
N VAL C 49 -3.22 11.30 -6.80
CA VAL C 49 -2.54 12.54 -7.14
C VAL C 49 -1.75 12.37 -8.43
N LEU C 50 -1.16 11.20 -8.60
CA LEU C 50 -0.41 10.92 -9.80
C LEU C 50 -1.35 10.87 -11.01
N ARG C 51 -2.57 10.38 -10.78
CA ARG C 51 -3.58 10.30 -11.82
C ARG C 51 -4.20 11.67 -12.07
N ASN C 52 -4.16 12.50 -11.05
CA ASN C 52 -4.71 13.86 -11.11
C ASN C 52 -3.70 14.87 -10.57
N PRO C 53 -2.61 15.11 -11.33
CA PRO C 53 -1.56 16.04 -10.93
C PRO C 53 -2.04 17.46 -10.74
N ASN C 54 -3.11 17.81 -11.44
CA ASN C 54 -3.69 19.15 -11.37
C ASN C 54 -4.66 19.26 -10.20
N GLN C 55 -4.83 18.20 -9.43
CA GLN C 55 -5.75 18.22 -8.30
C GLN C 55 -5.06 18.74 -7.05
N GLU C 56 -5.23 20.02 -6.76
CA GLU C 56 -4.61 20.63 -5.60
C GLU C 56 -5.20 20.04 -4.32
N ASN C 57 -6.50 19.76 -4.32
CA ASN C 57 -7.15 19.17 -3.14
C ASN C 57 -6.54 17.83 -2.84
N LEU C 58 -6.18 17.09 -3.88
CA LEU C 58 -5.56 15.80 -3.72
C LEU C 58 -4.16 15.99 -3.18
N ARG C 59 -3.46 16.97 -3.73
CA ARG C 59 -2.09 17.27 -3.31
C ARG C 59 -2.07 17.75 -1.88
N ARG C 60 -3.03 18.60 -1.53
CA ARG C 60 -3.15 19.13 -0.18
C ARG C 60 -3.50 18.00 0.77
N HIS C 61 -4.37 17.11 0.34
CA HIS C 61 -4.77 15.97 1.16
C HIS C 61 -3.58 15.05 1.34
N ALA C 62 -2.87 14.79 0.26
CA ALA C 62 -1.68 13.96 0.29
C ALA C 62 -0.64 14.58 1.19
N ASN C 63 -0.52 15.90 1.09
CA ASN C 63 0.40 16.66 1.91
C ASN C 63 0.02 16.55 3.37
N LYS C 64 -1.29 16.47 3.63
CA LYS C 64 -1.77 16.32 5.00
C LYS C 64 -1.35 14.95 5.54
N LEU C 65 -1.32 13.96 4.66
CA LEU C 65 -0.89 12.62 5.03
C LEU C 65 0.60 12.62 5.28
N LEU C 66 1.33 13.34 4.44
CA LEU C 66 2.78 13.47 4.57
C LEU C 66 3.11 14.16 5.88
N SER C 67 2.29 15.16 6.20
CA SER C 67 2.44 15.91 7.44
C SER C 67 2.20 15.02 8.64
N LEU C 68 1.12 14.25 8.55
CA LEU C 68 0.74 13.33 9.60
C LEU C 68 1.81 12.27 9.80
N LYS C 69 2.39 11.81 8.70
CA LYS C 69 3.44 10.81 8.75
C LYS C 69 4.64 11.35 9.50
N LYS C 70 4.93 12.63 9.29
CA LYS C 70 6.04 13.30 9.96
C LYS C 70 5.71 13.47 11.44
N ARG C 71 4.46 13.78 11.72
CA ARG C 71 4.00 13.97 13.09
C ARG C 71 4.07 12.65 13.85
N ALA C 72 3.63 11.58 13.20
CA ALA C 72 3.65 10.25 13.80
C ALA C 72 5.09 9.82 14.07
N TYR C 73 6.00 10.25 13.21
CA TYR C 73 7.41 9.92 13.35
C TYR C 73 7.98 10.54 14.62
N GLU C 74 7.48 11.71 14.96
CA GLU C 74 7.92 12.43 16.14
C GLU C 74 7.26 11.90 17.41
N LEU C 75 6.34 10.98 17.26
CA LEU C 75 5.65 10.40 18.41
C LEU C 75 6.60 9.59 19.30
N PRO C 76 7.33 8.59 18.75
CA PRO C 76 8.27 7.79 19.54
C PRO C 76 9.45 8.62 20.03
N ASP D 6 3.30 19.63 11.08
CA ASP D 6 2.09 19.98 11.81
C ASP D 6 1.35 21.03 11.01
N ASP D 7 1.11 20.70 9.75
CA ASP D 7 0.45 21.58 8.80
C ASP D 7 -1.06 21.51 8.95
N SER D 8 -1.52 20.63 9.83
CA SER D 8 -2.95 20.46 10.06
C SER D 8 -3.57 21.77 10.54
N ALA D 9 -4.65 22.18 9.87
CA ALA D 9 -5.33 23.42 10.21
C ALA D 9 -6.33 23.23 11.34
N ALA D 10 -7.19 22.23 11.20
CA ALA D 10 -8.20 21.97 12.20
C ALA D 10 -8.25 20.50 12.56
N GLU D 11 -8.14 19.68 11.54
CA GLU D 11 -8.20 18.24 11.68
C GLU D 11 -6.81 17.62 11.64
N TRP D 12 -6.77 16.31 11.41
CA TRP D 12 -5.52 15.56 11.34
C TRP D 12 -4.68 15.77 12.59
N ASN D 13 -5.06 15.07 13.65
CA ASN D 13 -4.38 15.17 14.93
C ASN D 13 -4.00 13.80 15.45
N VAL D 14 -2.82 13.71 16.05
CA VAL D 14 -2.36 12.46 16.63
C VAL D 14 -1.62 12.75 17.93
N SER D 15 -2.02 12.05 18.98
CA SER D 15 -1.41 12.24 20.29
C SER D 15 -1.49 10.94 21.09
N ARG D 16 -0.91 10.95 22.28
CA ARG D 16 -0.92 9.79 23.14
C ARG D 16 -2.12 9.82 24.07
N THR D 17 -2.66 8.64 24.34
CA THR D 17 -3.80 8.49 25.22
C THR D 17 -3.34 8.14 26.62
N PRO D 18 -4.19 8.38 27.64
CA PRO D 18 -3.87 8.11 29.04
C PRO D 18 -3.66 6.62 29.29
N ASP D 19 -4.16 5.81 28.38
CA ASP D 19 -4.04 4.36 28.49
C ASP D 19 -2.68 3.90 27.95
N GLY D 20 -2.00 4.81 27.29
CA GLY D 20 -0.70 4.51 26.72
C GLY D 20 -0.82 4.19 25.26
N ASP D 21 -1.97 4.52 24.69
CA ASP D 21 -2.23 4.27 23.28
C ASP D 21 -2.01 5.56 22.52
N TYR D 22 -2.32 5.57 21.24
CA TYR D 22 -2.19 6.77 20.44
C TYR D 22 -3.51 7.04 19.77
N ARG D 23 -3.96 8.28 19.85
CA ARG D 23 -5.23 8.66 19.27
C ARG D 23 -4.99 9.47 18.00
N LEU D 24 -5.61 9.03 16.93
CA LEU D 24 -5.47 9.69 15.64
C LEU D 24 -6.82 10.12 15.08
N ALA D 25 -6.91 11.38 14.71
CA ALA D 25 -8.13 11.96 14.14
C ALA D 25 -7.81 12.58 12.78
N ILE D 26 -8.43 12.06 11.72
CA ILE D 26 -8.18 12.60 10.38
C ILE D 26 -9.48 12.92 9.65
N THR D 27 -9.37 13.56 8.48
CA THR D 27 -10.52 13.92 7.68
C THR D 27 -10.26 13.72 6.19
N CYS D 28 -11.32 13.57 5.40
CA CYS D 28 -11.23 13.41 3.96
C CYS D 28 -12.50 13.94 3.30
N PRO D 29 -12.36 14.80 2.30
CA PRO D 29 -13.51 15.38 1.59
C PRO D 29 -14.08 14.46 0.53
N ASN D 30 -13.73 13.18 0.62
CA ASN D 30 -14.21 12.18 -0.32
C ASN D 30 -14.50 10.89 0.41
N LYS D 31 -15.69 10.36 0.21
CA LYS D 31 -16.11 9.12 0.86
C LYS D 31 -15.27 7.95 0.36
N GLU D 32 -14.86 8.05 -0.89
CA GLU D 32 -14.05 7.01 -1.53
C GLU D 32 -12.64 7.01 -0.98
N TRP D 33 -12.12 8.21 -0.72
CA TRP D 33 -10.77 8.37 -0.20
C TRP D 33 -10.60 7.64 1.11
N LEU D 34 -11.54 7.80 2.02
CA LEU D 34 -11.47 7.15 3.32
C LEU D 34 -11.60 5.64 3.16
N LEU D 35 -12.45 5.22 2.24
CA LEU D 35 -12.64 3.79 1.98
C LEU D 35 -11.33 3.18 1.50
N GLN D 36 -10.62 3.90 0.65
CA GLN D 36 -9.34 3.43 0.14
C GLN D 36 -8.29 3.49 1.24
N SER D 37 -8.40 4.50 2.09
CA SER D 37 -7.48 4.68 3.20
C SER D 37 -7.54 3.51 4.17
N ILE D 38 -8.76 3.13 4.55
CA ILE D 38 -8.95 2.01 5.47
C ILE D 38 -8.35 0.73 4.89
N GLU D 39 -8.56 0.51 3.61
CA GLU D 39 -8.01 -0.66 2.94
C GLU D 39 -6.48 -0.59 2.94
N GLY D 40 -5.97 0.62 2.83
CA GLY D 40 -4.54 0.83 2.83
C GLY D 40 -3.91 0.48 4.16
N MET D 41 -4.48 1.03 5.24
CA MET D 41 -3.95 0.78 6.58
C MET D 41 -4.14 -0.69 6.96
N ILE D 42 -5.29 -1.27 6.59
CA ILE D 42 -5.55 -2.68 6.87
C ILE D 42 -4.49 -3.55 6.19
N LYS D 43 -4.07 -3.14 4.99
CA LYS D 43 -3.08 -3.89 4.22
C LYS D 43 -1.76 -3.97 4.97
N GLU D 44 -1.27 -2.82 5.42
CA GLU D 44 -0.02 -2.75 6.16
C GLU D 44 -0.13 -3.53 7.47
N ALA D 45 -1.28 -3.38 8.12
CA ALA D 45 -1.56 -4.07 9.37
C ALA D 45 -1.64 -5.58 9.16
N ALA D 46 -2.25 -5.99 8.06
CA ALA D 46 -2.39 -7.40 7.74
C ALA D 46 -1.01 -8.03 7.60
N ALA D 47 -0.08 -7.28 7.03
CA ALA D 47 1.29 -7.75 6.86
C ALA D 47 1.93 -8.00 8.22
N GLU D 48 1.54 -7.20 9.21
CA GLU D 48 2.06 -7.35 10.56
C GLU D 48 1.48 -8.62 11.17
N VAL D 49 0.19 -8.85 10.92
CA VAL D 49 -0.48 -10.04 11.41
C VAL D 49 0.16 -11.27 10.79
N LEU D 50 0.56 -11.15 9.54
CA LEU D 50 1.22 -12.23 8.83
C LEU D 50 2.57 -12.53 9.50
N ARG D 51 3.21 -11.49 10.04
CA ARG D 51 4.49 -11.63 10.72
C ARG D 51 4.28 -12.24 12.09
N ASN D 52 3.16 -11.90 12.71
CA ASN D 52 2.83 -12.37 14.05
C ASN D 52 1.40 -12.89 14.11
N PRO D 53 1.16 -14.07 13.52
CA PRO D 53 -0.18 -14.69 13.50
C PRO D 53 -0.70 -14.96 14.91
N ASN D 54 0.23 -15.13 15.84
CA ASN D 54 -0.12 -15.40 17.24
C ASN D 54 -0.42 -14.11 17.99
N GLN D 55 -0.34 -12.98 17.31
CA GLN D 55 -0.61 -11.69 17.92
C GLN D 55 -2.10 -11.39 17.93
N GLU D 56 -2.71 -11.53 19.10
CA GLU D 56 -4.13 -11.28 19.27
C GLU D 56 -4.44 -9.80 19.07
N ASN D 57 -3.62 -8.95 19.69
CA ASN D 57 -3.81 -7.51 19.59
C ASN D 57 -3.68 -7.04 18.14
N LEU D 58 -2.88 -7.75 17.36
CA LEU D 58 -2.72 -7.41 15.95
C LEU D 58 -3.97 -7.82 15.19
N ARG D 59 -4.46 -9.00 15.49
CA ARG D 59 -5.66 -9.52 14.84
C ARG D 59 -6.86 -8.66 15.21
N ARG D 60 -6.91 -8.26 16.48
CA ARG D 60 -7.99 -7.41 16.96
C ARG D 60 -7.90 -6.05 16.28
N HIS D 61 -6.68 -5.57 16.12
CA HIS D 61 -6.44 -4.30 15.47
C HIS D 61 -6.84 -4.39 14.00
N ALA D 62 -6.42 -5.46 13.36
CA ALA D 62 -6.75 -5.70 11.96
C ALA D 62 -8.26 -5.79 11.82
N ASN D 63 -8.88 -6.46 12.78
CA ASN D 63 -10.33 -6.62 12.81
C ASN D 63 -10.99 -5.27 12.98
N LYS D 64 -10.35 -4.38 13.74
CA LYS D 64 -10.88 -3.05 13.95
C LYS D 64 -10.89 -2.27 12.65
N LEU D 65 -9.87 -2.50 11.82
CA LEU D 65 -9.77 -1.84 10.52
C LEU D 65 -10.84 -2.42 9.60
N LEU D 66 -11.08 -3.72 9.73
CA LEU D 66 -12.09 -4.40 8.94
C LEU D 66 -13.46 -3.84 9.34
N SER D 67 -13.62 -3.68 10.65
CA SER D 67 -14.85 -3.15 11.23
C SER D 67 -15.10 -1.74 10.74
N LEU D 68 -14.02 -0.97 10.78
CA LEU D 68 -14.02 0.42 10.34
C LEU D 68 -14.39 0.51 8.87
N LYS D 69 -13.83 -0.39 8.08
CA LYS D 69 -14.10 -0.44 6.65
C LYS D 69 -15.58 -0.65 6.40
N LYS D 70 -16.17 -1.56 7.15
CA LYS D 70 -17.59 -1.86 7.02
C LYS D 70 -18.41 -0.64 7.45
N ARG D 71 -17.96 0.01 8.51
CA ARG D 71 -18.63 1.19 9.03
C ARG D 71 -18.65 2.31 8.00
N ALA D 72 -17.54 2.45 7.28
CA ALA D 72 -17.43 3.46 6.24
C ALA D 72 -18.22 3.07 5.00
N TYR D 73 -18.25 1.77 4.72
CA TYR D 73 -18.97 1.24 3.57
C TYR D 73 -20.46 1.52 3.70
N GLU D 74 -20.97 1.33 4.91
CA GLU D 74 -22.39 1.54 5.19
C GLU D 74 -22.72 2.99 5.46
N LEU D 75 -21.72 3.86 5.44
CA LEU D 75 -21.94 5.29 5.68
C LEU D 75 -22.88 5.90 4.64
N PRO D 76 -22.58 5.78 3.33
CA PRO D 76 -23.44 6.34 2.27
C PRO D 76 -24.69 5.50 2.06
N ASP A 6 12.62 -5.16 -26.04
CA ASP A 6 11.61 -6.22 -26.05
C ASP A 6 10.43 -5.83 -26.93
N ASP A 7 9.40 -6.66 -26.97
CA ASP A 7 8.21 -6.39 -27.79
C ASP A 7 7.29 -5.39 -27.08
N SER A 8 7.89 -4.31 -26.61
CA SER A 8 7.20 -3.25 -25.89
C SER A 8 8.14 -2.04 -25.81
N ALA A 9 7.78 -1.04 -25.02
CA ALA A 9 8.62 0.13 -24.84
C ALA A 9 9.96 -0.30 -24.26
N ALA A 10 9.88 -1.13 -23.22
CA ALA A 10 11.05 -1.66 -22.55
C ALA A 10 10.61 -2.61 -21.45
N GLU A 11 10.68 -3.92 -21.74
CA GLU A 11 10.30 -4.95 -20.81
C GLU A 11 8.88 -4.76 -20.31
N TRP A 12 8.67 -5.09 -19.06
CA TRP A 12 7.38 -4.98 -18.39
C TRP A 12 6.33 -5.84 -19.08
N ASN A 13 6.45 -7.14 -18.87
CA ASN A 13 5.54 -8.11 -19.44
C ASN A 13 4.86 -8.92 -18.35
N VAL A 14 3.58 -9.19 -18.51
CA VAL A 14 2.84 -9.99 -17.55
C VAL A 14 1.87 -10.89 -18.31
N SER A 15 1.94 -12.18 -18.06
CA SER A 15 1.08 -13.14 -18.74
C SER A 15 1.14 -14.51 -18.08
N ARG A 16 0.66 -15.54 -18.77
CA ARG A 16 0.68 -16.90 -18.24
C ARG A 16 1.96 -17.61 -18.69
N THR A 17 2.46 -18.47 -17.83
CA THR A 17 3.66 -19.22 -18.09
C THR A 17 3.34 -20.62 -18.60
N PRO A 18 4.30 -21.24 -19.32
CA PRO A 18 4.15 -22.58 -19.86
C PRO A 18 4.11 -23.61 -18.72
N ASP A 19 4.58 -23.16 -17.56
CA ASP A 19 4.62 -23.99 -16.37
C ASP A 19 3.26 -24.01 -15.68
N GLY A 20 2.35 -23.17 -16.16
CA GLY A 20 1.02 -23.12 -15.59
C GLY A 20 0.87 -22.06 -14.53
N ASP A 21 1.65 -21.00 -14.65
CA ASP A 21 1.58 -19.91 -13.67
C ASP A 21 1.46 -18.57 -14.40
N TYR A 22 1.76 -17.48 -13.72
CA TYR A 22 1.72 -16.17 -14.33
C TYR A 22 3.08 -15.53 -14.19
N ARG A 23 3.60 -14.98 -15.27
CA ARG A 23 4.92 -14.38 -15.25
C ARG A 23 4.88 -12.87 -15.32
N LEU A 24 5.55 -12.25 -14.38
CA LEU A 24 5.65 -10.80 -14.34
C LEU A 24 7.13 -10.43 -14.51
N ALA A 25 7.47 -9.75 -15.59
CA ALA A 25 8.85 -9.39 -15.87
C ALA A 25 9.01 -7.89 -16.09
N ILE A 26 9.44 -7.18 -15.06
CA ILE A 26 9.61 -5.73 -15.18
C ILE A 26 11.08 -5.34 -15.00
N THR A 27 11.34 -4.06 -15.19
CA THR A 27 12.68 -3.53 -15.05
C THR A 27 12.66 -2.17 -14.36
N CYS A 28 13.77 -1.80 -13.76
CA CYS A 28 13.90 -0.52 -13.08
C CYS A 28 15.35 -0.06 -13.08
N PRO A 29 15.60 1.20 -13.47
CA PRO A 29 16.94 1.77 -13.49
C PRO A 29 17.38 2.23 -12.11
N ASN A 30 16.70 1.73 -11.08
CA ASN A 30 17.01 2.07 -9.71
C ASN A 30 16.74 0.87 -8.83
N LYS A 31 17.70 0.58 -7.97
CA LYS A 31 17.58 -0.55 -7.06
C LYS A 31 16.51 -0.28 -6.02
N GLU A 32 16.33 0.99 -5.68
CA GLU A 32 15.35 1.39 -4.69
C GLU A 32 13.94 1.25 -5.24
N TRP A 33 13.81 1.38 -6.56
CA TRP A 33 12.52 1.26 -7.21
C TRP A 33 11.98 -0.16 -7.07
N LEU A 34 12.86 -1.14 -7.18
CA LEU A 34 12.47 -2.52 -7.06
C LEU A 34 12.02 -2.80 -5.63
N LEU A 35 12.78 -2.26 -4.68
CA LEU A 35 12.49 -2.42 -3.26
C LEU A 35 11.10 -1.87 -2.93
N GLN A 36 10.80 -0.70 -3.46
CA GLN A 36 9.51 -0.05 -3.22
C GLN A 36 8.39 -0.88 -3.83
N SER A 37 8.67 -1.44 -5.00
CA SER A 37 7.70 -2.26 -5.70
C SER A 37 7.36 -3.51 -4.88
N ILE A 38 8.39 -4.16 -4.38
CA ILE A 38 8.21 -5.35 -3.56
C ILE A 38 7.41 -5.03 -2.29
N GLU A 39 7.75 -3.91 -1.67
CA GLU A 39 7.08 -3.47 -0.45
C GLU A 39 5.59 -3.27 -0.69
N GLY A 40 5.26 -2.68 -1.83
CA GLY A 40 3.87 -2.45 -2.16
C GLY A 40 3.12 -3.73 -2.43
N MET A 41 3.77 -4.62 -3.17
CA MET A 41 3.19 -5.90 -3.52
C MET A 41 3.00 -6.77 -2.27
N ILE A 42 4.00 -6.80 -1.38
CA ILE A 42 3.91 -7.56 -0.15
C ILE A 42 2.73 -7.06 0.69
N LYS A 43 2.47 -5.75 0.64
CA LYS A 43 1.38 -5.15 1.40
C LYS A 43 0.02 -5.72 0.99
N GLU A 44 -0.25 -5.73 -0.31
CA GLU A 44 -1.52 -6.23 -0.80
C GLU A 44 -1.63 -7.73 -0.59
N ALA A 45 -0.51 -8.41 -0.77
CA ALA A 45 -0.42 -9.85 -0.58
C ALA A 45 -0.79 -10.24 0.85
N ALA A 46 -0.28 -9.50 1.80
CA ALA A 46 -0.53 -9.73 3.21
C ALA A 46 -2.02 -9.59 3.51
N ALA A 47 -2.65 -8.63 2.85
CA ALA A 47 -4.07 -8.40 3.02
C ALA A 47 -4.87 -9.61 2.57
N GLU A 48 -4.35 -10.32 1.56
CA GLU A 48 -5.00 -11.52 1.07
C GLU A 48 -4.83 -12.63 2.08
N VAL A 49 -3.62 -12.71 2.66
CA VAL A 49 -3.32 -13.72 3.68
C VAL A 49 -4.25 -13.56 4.86
N LEU A 50 -4.56 -12.32 5.21
CA LEU A 50 -5.46 -12.04 6.31
C LEU A 50 -6.87 -12.52 5.97
N ARG A 51 -7.23 -12.43 4.70
CA ARG A 51 -8.54 -12.86 4.23
C ARG A 51 -8.60 -14.39 4.15
N ASN A 52 -7.45 -14.98 3.91
CA ASN A 52 -7.31 -16.44 3.81
C ASN A 52 -6.23 -16.92 4.78
N PRO A 53 -6.53 -16.87 6.09
CA PRO A 53 -5.59 -17.27 7.14
C PRO A 53 -5.09 -18.69 7.01
N ASN A 54 -5.92 -19.56 6.47
CA ASN A 54 -5.56 -20.96 6.30
C ASN A 54 -4.78 -21.19 5.02
N GLN A 55 -4.57 -20.14 4.24
CA GLN A 55 -3.85 -20.27 2.99
C GLN A 55 -2.33 -20.25 3.21
N GLU A 56 -1.72 -21.43 3.21
CA GLU A 56 -0.28 -21.53 3.39
C GLU A 56 0.43 -20.92 2.18
N ASN A 57 -0.11 -21.19 1.00
CA ASN A 57 0.45 -20.67 -0.25
C ASN A 57 0.51 -19.16 -0.20
N LEU A 58 -0.48 -18.53 0.40
CA LEU A 58 -0.52 -17.09 0.52
C LEU A 58 0.58 -16.62 1.45
N ARG A 59 0.82 -17.38 2.51
CA ARG A 59 1.87 -17.06 3.47
C ARG A 59 3.22 -17.22 2.80
N ARG A 60 3.38 -18.32 2.09
CA ARG A 60 4.62 -18.61 1.39
C ARG A 60 4.87 -17.58 0.31
N HIS A 61 3.81 -17.15 -0.35
CA HIS A 61 3.92 -16.13 -1.38
C HIS A 61 4.36 -14.82 -0.76
N ALA A 62 3.72 -14.45 0.33
CA ALA A 62 4.05 -13.22 1.04
C ALA A 62 5.49 -13.27 1.52
N ASN A 63 5.88 -14.45 1.98
CA ASN A 63 7.23 -14.68 2.47
C ASN A 63 8.21 -14.56 1.32
N LYS A 64 7.77 -14.95 0.12
CA LYS A 64 8.63 -14.86 -1.06
C LYS A 64 8.94 -13.40 -1.36
N LEU A 65 7.98 -12.52 -1.07
CA LEU A 65 8.18 -11.09 -1.28
C LEU A 65 9.15 -10.56 -0.24
N LEU A 66 9.03 -11.08 0.98
CA LEU A 66 9.91 -10.69 2.07
C LEU A 66 11.35 -11.07 1.73
N SER A 67 11.47 -12.22 1.08
CA SER A 67 12.76 -12.73 0.65
C SER A 67 13.27 -11.94 -0.54
N LEU A 68 12.36 -11.68 -1.46
CA LEU A 68 12.65 -10.91 -2.67
C LEU A 68 13.15 -9.52 -2.29
N LYS A 69 12.56 -8.95 -1.26
CA LYS A 69 12.94 -7.64 -0.77
C LYS A 69 14.41 -7.66 -0.35
N LYS A 70 14.81 -8.77 0.26
CA LYS A 70 16.18 -8.95 0.70
C LYS A 70 17.10 -9.12 -0.51
N ARG A 71 16.60 -9.85 -1.50
CA ARG A 71 17.33 -10.10 -2.73
C ARG A 71 17.63 -8.79 -3.45
N ALA A 72 16.64 -7.89 -3.47
CA ALA A 72 16.79 -6.59 -4.10
C ALA A 72 17.69 -5.68 -3.28
N TYR A 73 17.63 -5.86 -1.96
CA TYR A 73 18.43 -5.08 -1.04
C TYR A 73 19.91 -5.32 -1.32
N GLU A 74 20.25 -6.58 -1.54
CA GLU A 74 21.63 -6.96 -1.82
C GLU A 74 21.97 -6.72 -3.28
N LEU A 75 21.07 -7.20 -4.16
CA LEU A 75 21.22 -7.08 -5.62
C LEU A 75 22.51 -7.75 -6.14
N PRO A 76 22.38 -8.54 -7.22
CA PRO A 76 23.53 -9.23 -7.83
C PRO A 76 24.62 -8.26 -8.27
N ASP B 6 12.91 -22.54 -15.27
CA ASP B 6 14.04 -21.69 -15.66
C ASP B 6 15.28 -22.08 -14.87
N ASP B 7 16.32 -21.26 -14.94
CA ASP B 7 17.57 -21.52 -14.24
C ASP B 7 17.47 -21.04 -12.79
N SER B 8 16.50 -21.57 -12.08
CA SER B 8 16.24 -21.23 -10.68
C SER B 8 15.43 -22.34 -10.03
N ALA B 9 15.00 -22.13 -8.80
CA ALA B 9 14.21 -23.13 -8.10
C ALA B 9 12.79 -23.12 -8.65
N ALA B 10 12.22 -21.93 -8.73
CA ALA B 10 10.88 -21.73 -9.26
C ALA B 10 10.63 -20.26 -9.47
N GLU B 11 11.06 -19.75 -10.63
CA GLU B 11 10.89 -18.37 -10.99
C GLU B 11 11.45 -17.44 -9.93
N TRP B 12 10.82 -16.28 -9.79
CA TRP B 12 11.21 -15.27 -8.82
C TRP B 12 12.70 -14.96 -8.92
N ASN B 13 13.03 -14.15 -9.91
CA ASN B 13 14.42 -13.80 -10.16
C ASN B 13 14.62 -12.30 -10.25
N VAL B 14 15.73 -11.85 -9.69
CA VAL B 14 16.11 -10.44 -9.73
C VAL B 14 17.59 -10.38 -10.06
N SER B 15 17.94 -9.60 -11.07
CA SER B 15 19.34 -9.50 -11.47
C SER B 15 19.59 -8.26 -12.32
N ARG B 16 20.84 -8.08 -12.70
CA ARG B 16 21.24 -6.98 -13.52
C ARG B 16 21.27 -7.43 -14.98
N THR B 17 20.69 -6.61 -15.84
CA THR B 17 20.63 -6.92 -17.25
C THR B 17 21.91 -6.49 -17.93
N PRO B 18 22.22 -7.10 -19.09
CA PRO B 18 23.42 -6.79 -19.88
C PRO B 18 23.35 -5.37 -20.43
N ASP B 19 22.12 -4.85 -20.42
CA ASP B 19 21.86 -3.50 -20.90
C ASP B 19 22.20 -2.48 -19.82
N GLY B 20 22.45 -2.98 -18.62
CA GLY B 20 22.79 -2.11 -17.50
C GLY B 20 21.59 -1.72 -16.68
N ASP B 21 20.57 -2.56 -16.71
CA ASP B 21 19.35 -2.30 -15.95
C ASP B 21 19.12 -3.43 -14.95
N TYR B 22 18.01 -3.38 -14.23
CA TYR B 22 17.71 -4.44 -13.28
C TYR B 22 16.43 -5.14 -13.71
N ARG B 23 16.46 -6.46 -13.71
CA ARG B 23 15.32 -7.25 -14.14
C ARG B 23 14.72 -8.03 -12.98
N LEU B 24 13.40 -7.97 -12.88
CA LEU B 24 12.67 -8.68 -11.85
C LEU B 24 11.57 -9.54 -12.48
N ALA B 25 11.62 -10.84 -12.20
CA ALA B 25 10.65 -11.78 -12.73
C ALA B 25 10.03 -12.59 -11.60
N ILE B 26 8.71 -12.58 -11.50
CA ILE B 26 8.01 -13.32 -10.46
C ILE B 26 6.82 -14.10 -11.02
N THR B 27 6.19 -14.94 -10.19
CA THR B 27 5.05 -15.73 -10.61
C THR B 27 3.93 -15.69 -9.57
N CYS B 28 2.69 -15.87 -10.04
CA CYS B 28 1.52 -15.88 -9.17
C CYS B 28 0.43 -16.76 -9.79
N PRO B 29 -0.14 -17.69 -9.01
CA PRO B 29 -1.19 -18.59 -9.49
C PRO B 29 -2.58 -17.93 -9.48
N ASN B 30 -2.60 -16.62 -9.35
CA ASN B 30 -3.85 -15.88 -9.31
C ASN B 30 -3.71 -14.57 -10.06
N LYS B 31 -4.63 -14.29 -10.95
CA LYS B 31 -4.60 -13.06 -11.74
C LYS B 31 -4.80 -11.85 -10.83
N GLU B 32 -5.57 -12.04 -9.77
CA GLU B 32 -5.87 -10.99 -8.83
C GLU B 32 -4.62 -10.62 -8.04
N TRP B 33 -3.78 -11.61 -7.82
CA TRP B 33 -2.54 -11.41 -7.09
C TRP B 33 -1.63 -10.47 -7.84
N LEU B 34 -1.50 -10.70 -9.14
CA LEU B 34 -0.66 -9.86 -9.98
C LEU B 34 -1.22 -8.45 -10.00
N LEU B 35 -2.52 -8.35 -10.21
CA LEU B 35 -3.20 -7.06 -10.25
C LEU B 35 -2.97 -6.28 -8.96
N GLN B 36 -3.09 -6.98 -7.83
CA GLN B 36 -2.90 -6.36 -6.54
C GLN B 36 -1.44 -6.00 -6.34
N SER B 37 -0.55 -6.87 -6.79
CA SER B 37 0.87 -6.66 -6.68
C SER B 37 1.29 -5.42 -7.46
N ILE B 38 0.86 -5.34 -8.71
CA ILE B 38 1.17 -4.20 -9.56
C ILE B 38 0.62 -2.92 -8.95
N GLU B 39 -0.60 -2.99 -8.45
CA GLU B 39 -1.23 -1.85 -7.80
C GLU B 39 -0.46 -1.45 -6.55
N GLY B 40 0.11 -2.46 -5.89
CA GLY B 40 0.88 -2.21 -4.69
C GLY B 40 2.12 -1.40 -4.97
N MET B 41 2.86 -1.77 -6.00
CA MET B 41 4.09 -1.06 -6.37
C MET B 41 3.76 0.37 -6.76
N ILE B 42 2.63 0.55 -7.44
CA ILE B 42 2.21 1.88 -7.85
C ILE B 42 2.04 2.80 -6.64
N LYS B 43 1.55 2.24 -5.54
CA LYS B 43 1.34 3.02 -4.32
C LYS B 43 2.64 3.59 -3.79
N GLU B 44 3.64 2.73 -3.64
CA GLU B 44 4.94 3.16 -3.13
C GLU B 44 5.64 4.04 -4.15
N ALA B 45 5.51 3.66 -5.42
CA ALA B 45 6.12 4.42 -6.51
C ALA B 45 5.59 5.84 -6.54
N ALA B 46 4.28 5.97 -6.37
CA ALA B 46 3.63 7.27 -6.37
C ALA B 46 4.16 8.13 -5.23
N ALA B 47 4.42 7.49 -4.09
CA ALA B 47 4.95 8.18 -2.93
C ALA B 47 6.31 8.79 -3.25
N GLU B 48 7.10 8.08 -4.04
CA GLU B 48 8.41 8.57 -4.46
C GLU B 48 8.24 9.73 -5.41
N VAL B 49 7.23 9.62 -6.28
CA VAL B 49 6.93 10.68 -7.24
C VAL B 49 6.59 11.96 -6.50
N LEU B 50 5.90 11.82 -5.38
CA LEU B 50 5.53 12.95 -4.56
C LEU B 50 6.78 13.58 -3.94
N ARG B 51 7.76 12.74 -3.63
CA ARG B 51 9.01 13.19 -3.04
C ARG B 51 9.90 13.83 -4.10
N ASN B 52 9.74 13.36 -5.32
CA ASN B 52 10.50 13.84 -6.46
C ASN B 52 9.56 14.17 -7.62
N PRO B 53 8.77 15.23 -7.48
CA PRO B 53 7.81 15.64 -8.51
C PRO B 53 8.46 15.95 -9.84
N ASN B 54 9.71 16.40 -9.78
CA ASN B 54 10.45 16.75 -11.00
C ASN B 54 11.06 15.51 -11.64
N GLN B 55 10.82 14.35 -11.04
CA GLN B 55 11.35 13.09 -11.56
C GLN B 55 10.42 12.53 -12.64
N GLU B 56 10.73 12.83 -13.89
CA GLU B 56 9.94 12.37 -15.02
C GLU B 56 9.94 10.84 -15.09
N ASN B 57 11.10 10.24 -14.88
CA ASN B 57 11.23 8.78 -14.93
C ASN B 57 10.38 8.12 -13.86
N LEU B 58 10.25 8.79 -12.71
CA LEU B 58 9.44 8.27 -11.63
C LEU B 58 7.97 8.27 -12.04
N ARG B 59 7.55 9.36 -12.67
CA ARG B 59 6.18 9.51 -13.12
C ARG B 59 5.89 8.45 -14.19
N ARG B 60 6.82 8.27 -15.11
CA ARG B 60 6.69 7.28 -16.16
C ARG B 60 6.69 5.89 -15.57
N HIS B 61 7.50 5.68 -14.53
CA HIS B 61 7.57 4.40 -13.86
C HIS B 61 6.23 4.10 -13.21
N ALA B 62 5.69 5.09 -12.51
CA ALA B 62 4.40 4.96 -11.87
C ALA B 62 3.35 4.68 -12.92
N ASN B 63 3.45 5.37 -14.04
CA ASN B 63 2.53 5.18 -15.15
C ASN B 63 2.67 3.77 -15.72
N LYS B 64 3.89 3.26 -15.72
CA LYS B 64 4.15 1.92 -16.22
C LYS B 64 3.40 0.90 -15.36
N LEU B 65 3.31 1.19 -14.06
CA LEU B 65 2.59 0.33 -13.15
C LEU B 65 1.11 0.40 -13.46
N LEU B 66 0.64 1.62 -13.72
CA LEU B 66 -0.75 1.86 -14.06
C LEU B 66 -1.09 1.14 -15.36
N SER B 67 -0.15 1.17 -16.28
CA SER B 67 -0.32 0.53 -17.57
C SER B 67 -0.31 -0.99 -17.43
N LEU B 68 0.63 -1.48 -16.64
CA LEU B 68 0.77 -2.91 -16.38
C LEU B 68 -0.46 -3.45 -15.67
N LYS B 69 -1.00 -2.64 -14.76
CA LYS B 69 -2.21 -3.01 -14.02
C LYS B 69 -3.33 -3.25 -15.01
N LYS B 70 -3.37 -2.42 -16.05
CA LYS B 70 -4.37 -2.54 -17.10
C LYS B 70 -4.10 -3.80 -17.91
N ARG B 71 -2.82 -4.08 -18.13
CA ARG B 71 -2.40 -5.25 -18.88
C ARG B 71 -2.90 -6.52 -18.21
N ALA B 72 -2.78 -6.56 -16.89
CA ALA B 72 -3.23 -7.71 -16.12
C ALA B 72 -4.77 -7.76 -16.07
N TYR B 73 -5.38 -6.58 -16.03
CA TYR B 73 -6.84 -6.46 -16.00
C TYR B 73 -7.45 -7.04 -17.27
N GLU B 74 -6.80 -6.74 -18.40
CA GLU B 74 -7.26 -7.20 -19.69
C GLU B 74 -6.84 -8.64 -19.94
N LEU B 75 -5.64 -8.98 -19.47
CA LEU B 75 -5.07 -10.32 -19.63
C LEU B 75 -4.75 -10.62 -21.09
N PRO B 76 -3.48 -10.86 -21.41
CA PRO B 76 -3.04 -11.16 -22.79
C PRO B 76 -3.82 -12.33 -23.40
N ASP C 6 -16.17 5.67 25.02
CA ASP C 6 -17.17 6.55 24.45
C ASP C 6 -18.49 5.81 24.31
N ASP C 7 -19.33 6.22 23.37
CA ASP C 7 -20.62 5.56 23.15
C ASP C 7 -20.39 4.15 22.61
N SER C 8 -19.34 4.02 21.82
CA SER C 8 -18.95 2.74 21.25
C SER C 8 -17.92 2.07 22.16
N ALA C 9 -17.46 0.89 21.77
CA ALA C 9 -16.46 0.18 22.55
C ALA C 9 -15.20 1.02 22.64
N ALA C 10 -14.74 1.49 21.49
CA ALA C 10 -13.58 2.34 21.41
C ALA C 10 -13.39 2.90 20.02
N GLU C 11 -13.98 4.07 19.79
CA GLU C 11 -13.87 4.79 18.55
C GLU C 11 -14.28 3.99 17.32
N TRP C 12 -13.60 4.31 16.23
CA TRP C 12 -13.82 3.69 14.92
C TRP C 12 -15.17 4.10 14.39
N ASN C 13 -15.26 5.40 14.12
CA ASN C 13 -16.47 6.00 13.62
C ASN C 13 -16.17 6.92 12.46
N VAL C 14 -17.10 7.03 11.52
CA VAL C 14 -16.94 7.89 10.36
C VAL C 14 -18.27 8.56 10.02
N SER C 15 -18.25 9.87 9.86
CA SER C 15 -19.45 10.61 9.53
C SER C 15 -19.09 11.93 8.82
N ARG C 16 -20.05 12.85 8.75
CA ARG C 16 -19.81 14.13 8.11
C ARG C 16 -19.63 15.23 9.16
N THR C 17 -18.77 16.17 8.83
CA THR C 17 -18.48 17.30 9.70
C THR C 17 -19.42 18.46 9.36
N PRO C 18 -19.60 19.39 10.29
CA PRO C 18 -20.47 20.56 10.09
C PRO C 18 -19.96 21.46 8.96
N ASP C 19 -18.67 21.29 8.65
CA ASP C 19 -18.04 22.07 7.59
C ASP C 19 -18.31 21.43 6.23
N GLY C 20 -18.84 20.23 6.27
CA GLY C 20 -19.15 19.51 5.04
C GLY C 20 -18.07 18.54 4.66
N ASP C 21 -17.21 18.22 5.63
CA ASP C 21 -16.11 17.29 5.40
C ASP C 21 -16.49 15.95 6.00
N TYR C 22 -15.62 14.96 5.91
CA TYR C 22 -15.93 13.66 6.49
C TYR C 22 -14.98 13.42 7.65
N ARG C 23 -15.54 13.00 8.78
CA ARG C 23 -14.75 12.78 9.97
C ARG C 23 -14.55 11.30 10.22
N LEU C 24 -13.30 10.91 10.39
CA LEU C 24 -12.97 9.53 10.68
C LEU C 24 -12.21 9.46 12.01
N ALA C 25 -12.81 8.78 12.97
CA ALA C 25 -12.23 8.63 14.30
C ALA C 25 -11.88 7.18 14.55
N ILE C 26 -10.62 6.88 14.70
CA ILE C 26 -10.20 5.50 14.95
C ILE C 26 -9.16 5.42 16.07
N THR C 27 -8.77 4.21 16.44
CA THR C 27 -7.80 4.01 17.50
C THR C 27 -6.84 2.86 17.19
N CYS C 28 -5.63 2.95 17.73
CA CYS C 28 -4.61 1.91 17.56
C CYS C 28 -3.81 1.77 18.85
N PRO C 29 -3.62 0.54 19.33
CA PRO C 29 -2.90 0.25 20.58
C PRO C 29 -1.43 0.64 20.56
N ASN C 30 -0.95 1.12 19.43
CA ASN C 30 0.45 1.53 19.32
C ASN C 30 0.65 2.56 18.23
N LYS C 31 1.56 3.49 18.50
CA LYS C 31 1.88 4.56 17.54
C LYS C 31 2.58 3.97 16.32
N GLU C 32 3.31 2.87 16.56
CA GLU C 32 4.04 2.18 15.50
C GLU C 32 3.05 1.73 14.42
N TRP C 33 1.93 1.20 14.88
CA TRP C 33 0.88 0.73 13.98
C TRP C 33 0.32 1.91 13.20
N LEU C 34 0.18 3.03 13.90
CA LEU C 34 -0.32 4.25 13.29
C LEU C 34 0.63 4.72 12.21
N LEU C 35 1.92 4.69 12.52
CA LEU C 35 2.96 5.11 11.59
C LEU C 35 2.88 4.33 10.29
N GLN C 36 2.67 3.02 10.40
CA GLN C 36 2.56 2.18 9.23
C GLN C 36 1.25 2.48 8.50
N SER C 37 0.18 2.64 9.28
CA SER C 37 -1.12 2.93 8.74
C SER C 37 -1.12 4.21 7.92
N ILE C 38 -0.54 5.27 8.48
CA ILE C 38 -0.47 6.56 7.81
C ILE C 38 0.30 6.44 6.50
N GLU C 39 1.40 5.69 6.52
CA GLU C 39 2.20 5.47 5.33
C GLU C 39 1.37 4.84 4.23
N GLY C 40 0.48 3.93 4.64
CA GLY C 40 -0.39 3.26 3.70
C GLY C 40 -1.35 4.22 3.02
N MET C 41 -1.98 5.08 3.80
CA MET C 41 -2.92 6.06 3.24
C MET C 41 -2.20 7.00 2.29
N ILE C 42 -1.02 7.44 2.69
CA ILE C 42 -0.22 8.33 1.84
C ILE C 42 0.10 7.65 0.51
N LYS C 43 0.32 6.33 0.56
CA LYS C 43 0.64 5.56 -0.64
C LYS C 43 -0.51 5.61 -1.66
N GLU C 44 -1.72 5.32 -1.20
CA GLU C 44 -2.88 5.34 -2.07
C GLU C 44 -3.18 6.77 -2.49
N ALA C 45 -3.04 7.68 -1.53
CA ALA C 45 -3.27 9.09 -1.77
C ALA C 45 -2.34 9.63 -2.84
N ALA C 46 -1.06 9.25 -2.73
CA ALA C 46 -0.05 9.67 -3.69
C ALA C 46 -0.42 9.20 -5.09
N ALA C 47 -0.95 7.99 -5.17
CA ALA C 47 -1.35 7.42 -6.45
C ALA C 47 -2.42 8.29 -7.09
N GLU C 48 -3.33 8.80 -6.26
CA GLU C 48 -4.39 9.67 -6.75
C GLU C 48 -3.80 10.99 -7.22
N VAL C 49 -2.82 11.50 -6.46
CA VAL C 49 -2.15 12.75 -6.81
C VAL C 49 -1.44 12.61 -8.14
N LEU C 50 -0.87 11.44 -8.39
CA LEU C 50 -0.18 11.18 -9.64
C LEU C 50 -1.18 11.14 -10.80
N ARG C 51 -2.39 10.62 -10.52
CA ARG C 51 -3.44 10.52 -11.52
C ARG C 51 -4.05 11.90 -11.77
N ASN C 52 -4.01 12.73 -10.76
CA ASN C 52 -4.55 14.08 -10.81
C ASN C 52 -3.51 15.08 -10.29
N PRO C 53 -2.45 15.30 -11.07
CA PRO C 53 -1.36 16.22 -10.71
C PRO C 53 -1.83 17.64 -10.47
N ASN C 54 -2.92 18.01 -11.12
CA ASN C 54 -3.46 19.35 -10.98
C ASN C 54 -4.38 19.48 -9.77
N GLN C 55 -4.54 18.39 -9.02
CA GLN C 55 -5.41 18.39 -7.85
C GLN C 55 -4.67 18.93 -6.62
N GLU C 56 -4.88 20.21 -6.31
CA GLU C 56 -4.24 20.84 -5.16
C GLU C 56 -4.70 20.19 -3.87
N ASN C 57 -5.99 19.89 -3.79
CA ASN C 57 -6.57 19.27 -2.61
C ASN C 57 -5.96 17.90 -2.34
N LEU C 58 -5.64 17.20 -3.41
CA LEU C 58 -5.03 15.89 -3.29
C LEU C 58 -3.63 16.02 -2.72
N ARG C 59 -2.90 17.02 -3.21
CA ARG C 59 -1.54 17.27 -2.76
C ARG C 59 -1.55 17.66 -1.29
N ARG C 60 -2.48 18.54 -0.93
CA ARG C 60 -2.60 18.99 0.44
C ARG C 60 -3.00 17.84 1.33
N HIS C 61 -3.89 17.00 0.83
CA HIS C 61 -4.32 15.83 1.58
C HIS C 61 -3.16 14.89 1.78
N ALA C 62 -2.41 14.64 0.71
CA ALA C 62 -1.24 13.77 0.77
C ALA C 62 -0.23 14.35 1.74
N ASN C 63 -0.08 15.67 1.69
CA ASN C 63 0.82 16.39 2.58
C ASN C 63 0.36 16.25 4.01
N LYS C 64 -0.96 16.21 4.20
CA LYS C 64 -1.53 16.07 5.53
C LYS C 64 -1.14 14.71 6.10
N LEU C 65 -1.05 13.71 5.23
CA LEU C 65 -0.65 12.38 5.64
C LEU C 65 0.82 12.40 6.05
N LEU C 66 1.62 13.12 5.25
CA LEU C 66 3.04 13.26 5.52
C LEU C 66 3.25 13.95 6.86
N SER C 67 2.41 14.94 7.13
CA SER C 67 2.46 15.69 8.36
C SER C 67 1.98 14.82 9.52
N LEU C 68 0.89 14.10 9.29
CA LEU C 68 0.32 13.21 10.29
C LEU C 68 1.32 12.14 10.70
N LYS C 69 2.09 11.66 9.74
CA LYS C 69 3.10 10.65 9.99
C LYS C 69 4.14 11.19 10.96
N LYS C 70 4.50 12.46 10.78
CA LYS C 70 5.47 13.11 11.64
C LYS C 70 4.83 13.36 13.00
N ARG C 71 3.55 13.73 12.97
CA ARG C 71 2.80 14.00 14.18
C ARG C 71 2.72 12.75 15.06
N ALA C 72 2.49 11.60 14.43
CA ALA C 72 2.40 10.34 15.14
C ALA C 72 3.79 9.89 15.62
N TYR C 73 4.81 10.23 14.85
CA TYR C 73 6.18 9.88 15.19
C TYR C 73 6.57 10.53 16.51
N GLU C 74 6.12 11.76 16.69
CA GLU C 74 6.43 12.52 17.90
C GLU C 74 5.43 12.21 19.03
N LEU C 75 4.15 12.22 18.68
CA LEU C 75 3.05 11.97 19.63
C LEU C 75 3.01 13.06 20.72
N PRO C 76 1.87 13.77 20.81
CA PRO C 76 1.69 14.86 21.79
C PRO C 76 1.95 14.41 23.22
N ASP D 6 -12.72 22.81 13.11
CA ASP D 6 -12.62 22.40 14.51
C ASP D 6 -11.52 23.17 15.26
N ASP D 7 -11.22 22.71 16.47
CA ASP D 7 -10.20 23.36 17.30
C ASP D 7 -8.81 22.88 16.89
N SER D 8 -8.44 23.20 15.66
CA SER D 8 -7.14 22.83 15.10
C SER D 8 -6.94 23.57 13.78
N ALA D 9 -5.96 23.14 13.00
CA ALA D 9 -5.72 23.75 11.70
C ALA D 9 -6.84 23.32 10.76
N ALA D 10 -7.11 22.02 10.80
CA ALA D 10 -8.17 21.40 10.02
C ALA D 10 -8.28 19.94 10.40
N GLU D 11 -8.79 19.72 11.61
CA GLU D 11 -8.95 18.38 12.15
C GLU D 11 -7.62 17.65 12.24
N TRP D 12 -7.68 16.35 12.01
CA TRP D 12 -6.50 15.50 12.05
C TRP D 12 -5.84 15.57 13.42
N ASN D 13 -6.53 14.99 14.38
CA ASN D 13 -6.08 15.00 15.76
C ASN D 13 -5.67 13.60 16.21
N VAL D 14 -4.64 13.53 17.02
CA VAL D 14 -4.18 12.26 17.55
C VAL D 14 -3.79 12.43 19.03
N SER D 15 -4.34 11.55 19.87
CA SER D 15 -4.08 11.59 21.29
C SER D 15 -4.05 10.18 21.86
N ARG D 16 -3.93 10.07 23.18
CA ARG D 16 -3.91 8.79 23.86
C ARG D 16 -5.22 8.56 24.60
N THR D 17 -5.77 7.36 24.46
CA THR D 17 -7.02 7.00 25.11
C THR D 17 -6.75 6.36 26.48
N PRO D 18 -7.76 6.40 27.37
CA PRO D 18 -7.66 5.84 28.73
C PRO D 18 -7.54 4.32 28.70
N ASP D 19 -7.92 3.73 27.58
CA ASP D 19 -7.88 2.29 27.41
C ASP D 19 -6.47 1.82 27.02
N GLY D 20 -5.62 2.78 26.71
CA GLY D 20 -4.26 2.46 26.34
C GLY D 20 -4.09 2.42 24.84
N ASP D 21 -5.00 3.07 24.15
CA ASP D 21 -4.96 3.12 22.70
C ASP D 21 -4.63 4.53 22.27
N TYR D 22 -4.39 4.73 20.99
CA TYR D 22 -4.11 6.04 20.48
C TYR D 22 -5.30 6.45 19.63
N ARG D 23 -5.78 7.66 19.86
CA ARG D 23 -6.95 8.16 19.17
C ARG D 23 -6.56 9.04 18.00
N LEU D 24 -7.09 8.72 16.83
CA LEU D 24 -6.81 9.49 15.65
C LEU D 24 -8.11 9.92 14.98
N ALA D 25 -8.28 11.22 14.81
CA ALA D 25 -9.46 11.80 14.20
C ALA D 25 -9.09 12.66 13.01
N ILE D 26 -9.15 12.08 11.82
CA ILE D 26 -8.80 12.80 10.61
C ILE D 26 -10.04 13.10 9.78
N THR D 27 -9.85 13.78 8.66
CA THR D 27 -10.96 14.14 7.80
C THR D 27 -10.58 14.06 6.32
N CYS D 28 -11.58 13.87 5.49
CA CYS D 28 -11.42 13.82 4.04
C CYS D 28 -12.71 14.28 3.39
N PRO D 29 -12.64 15.25 2.47
CA PRO D 29 -13.83 15.79 1.79
C PRO D 29 -14.40 14.85 0.73
N ASN D 30 -13.89 13.63 0.67
CA ASN D 30 -14.35 12.67 -0.30
C ASN D 30 -14.42 11.27 0.29
N LYS D 31 -15.46 10.55 -0.07
CA LYS D 31 -15.66 9.19 0.41
C LYS D 31 -14.60 8.27 -0.18
N GLU D 32 -14.16 8.59 -1.39
CA GLU D 32 -13.15 7.81 -2.08
C GLU D 32 -11.82 7.91 -1.35
N TRP D 33 -11.53 9.10 -0.86
CA TRP D 33 -10.28 9.35 -0.14
C TRP D 33 -10.24 8.51 1.13
N LEU D 34 -11.39 8.39 1.79
CA LEU D 34 -11.49 7.61 3.01
C LEU D 34 -11.22 6.15 2.69
N LEU D 35 -11.86 5.66 1.63
CA LEU D 35 -11.69 4.28 1.20
C LEU D 35 -10.23 4.00 0.89
N GLN D 36 -9.60 4.95 0.20
CA GLN D 36 -8.20 4.83 -0.17
C GLN D 36 -7.32 4.79 1.07
N SER D 37 -7.65 5.64 2.03
CA SER D 37 -6.90 5.71 3.27
C SER D 37 -7.02 4.39 4.04
N ILE D 38 -8.26 3.91 4.17
CA ILE D 38 -8.52 2.65 4.84
C ILE D 38 -7.77 1.51 4.16
N GLU D 39 -7.85 1.50 2.83
CA GLU D 39 -7.21 0.47 2.02
C GLU D 39 -5.71 0.47 2.24
N GLY D 40 -5.11 1.65 2.23
CA GLY D 40 -3.69 1.75 2.43
C GLY D 40 -3.28 1.32 3.82
N MET D 41 -4.04 1.75 4.81
CA MET D 41 -3.77 1.40 6.19
C MET D 41 -3.93 -0.10 6.44
N ILE D 42 -5.00 -0.69 5.90
CA ILE D 42 -5.23 -2.11 6.04
C ILE D 42 -4.06 -2.91 5.44
N LYS D 43 -3.50 -2.40 4.34
CA LYS D 43 -2.38 -3.06 3.67
C LYS D 43 -1.16 -3.17 4.59
N GLU D 44 -0.77 -2.05 5.18
CA GLU D 44 0.38 -2.04 6.07
C GLU D 44 0.07 -2.82 7.34
N ALA D 45 -1.16 -2.68 7.82
CA ALA D 45 -1.60 -3.39 9.00
C ALA D 45 -1.52 -4.89 8.77
N ALA D 46 -1.95 -5.32 7.59
CA ALA D 46 -1.90 -6.72 7.22
C ALA D 46 -0.47 -7.23 7.22
N ALA D 47 0.45 -6.38 6.76
CA ALA D 47 1.86 -6.72 6.72
C ALA D 47 2.37 -7.03 8.12
N GLU D 48 1.87 -6.29 9.11
CA GLU D 48 2.24 -6.51 10.49
C GLU D 48 1.66 -7.81 10.98
N VAL D 49 0.42 -8.08 10.54
CA VAL D 49 -0.26 -9.32 10.90
C VAL D 49 0.53 -10.52 10.37
N LEU D 50 1.11 -10.36 9.20
CA LEU D 50 1.91 -11.41 8.60
C LEU D 50 3.17 -11.67 9.44
N ARG D 51 3.69 -10.60 10.04
CA ARG D 51 4.88 -10.69 10.88
C ARG D 51 4.54 -11.30 12.23
N ASN D 52 3.32 -11.02 12.67
CA ASN D 52 2.82 -11.52 13.95
C ASN D 52 1.45 -12.15 13.77
N PRO D 53 1.42 -13.35 13.16
CA PRO D 53 0.17 -14.08 12.89
C PRO D 53 -0.62 -14.38 14.15
N ASN D 54 0.09 -14.49 15.27
CA ASN D 54 -0.55 -14.79 16.54
C ASN D 54 -1.05 -13.53 17.23
N GLN D 55 -0.83 -12.37 16.61
CA GLN D 55 -1.27 -11.11 17.19
C GLN D 55 -2.75 -10.89 16.92
N GLU D 56 -3.58 -11.22 17.90
CA GLU D 56 -5.03 -11.07 17.78
C GLU D 56 -5.39 -9.62 17.56
N ASN D 57 -4.82 -8.74 18.37
CA ASN D 57 -5.08 -7.31 18.27
C ASN D 57 -4.75 -6.78 16.89
N LEU D 58 -3.72 -7.32 16.27
CA LEU D 58 -3.34 -6.91 14.93
C LEU D 58 -4.39 -7.37 13.95
N ARG D 59 -4.85 -8.61 14.12
CA ARG D 59 -5.87 -9.18 13.25
C ARG D 59 -7.16 -8.39 13.40
N ARG D 60 -7.51 -8.10 14.65
CA ARG D 60 -8.73 -7.36 14.93
C ARG D 60 -8.62 -5.96 14.37
N HIS D 61 -7.44 -5.36 14.45
CA HIS D 61 -7.21 -4.04 13.91
C HIS D 61 -7.37 -4.07 12.40
N ALA D 62 -6.75 -5.05 11.77
CA ALA D 62 -6.84 -5.21 10.32
C ALA D 62 -8.29 -5.44 9.92
N ASN D 63 -8.99 -6.26 10.71
CA ASN D 63 -10.39 -6.56 10.46
C ASN D 63 -11.23 -5.30 10.66
N LYS D 64 -10.81 -4.46 11.61
CA LYS D 64 -11.51 -3.23 11.90
C LYS D 64 -11.47 -2.31 10.68
N LEU D 65 -10.35 -2.36 9.97
CA LEU D 65 -10.18 -1.56 8.76
C LEU D 65 -11.07 -2.11 7.66
N LEU D 66 -11.12 -3.43 7.58
CA LEU D 66 -11.94 -4.11 6.58
C LEU D 66 -13.40 -3.73 6.78
N SER D 67 -13.80 -3.65 8.04
CA SER D 67 -15.15 -3.28 8.40
C SER D 67 -15.37 -1.79 8.18
N LEU D 68 -14.38 -1.01 8.57
CA LEU D 68 -14.43 0.45 8.41
C LEU D 68 -14.56 0.82 6.95
N LYS D 69 -13.90 0.07 6.08
CA LYS D 69 -13.97 0.32 4.64
C LYS D 69 -15.41 0.17 4.15
N LYS D 70 -16.10 -0.81 4.72
CA LYS D 70 -17.49 -1.06 4.37
C LYS D 70 -18.37 0.03 4.97
N ARG D 71 -18.02 0.43 6.19
CA ARG D 71 -18.76 1.47 6.89
C ARG D 71 -18.67 2.79 6.13
N ALA D 72 -17.47 3.12 5.66
CA ALA D 72 -17.26 4.34 4.90
C ALA D 72 -17.97 4.27 3.57
N TYR D 73 -18.04 3.07 3.00
CA TYR D 73 -18.73 2.85 1.74
C TYR D 73 -20.19 3.23 1.85
N GLU D 74 -20.80 2.85 2.97
CA GLU D 74 -22.21 3.14 3.18
C GLU D 74 -22.42 4.56 3.69
N LEU D 75 -21.63 4.94 4.71
CA LEU D 75 -21.71 6.27 5.33
C LEU D 75 -23.09 6.55 5.95
N PRO D 76 -23.13 7.25 7.09
CA PRO D 76 -24.39 7.60 7.74
C PRO D 76 -25.16 8.66 6.97
N ASP A 6 9.10 -11.14 -31.38
CA ASP A 6 8.60 -9.89 -30.85
C ASP A 6 8.13 -10.12 -29.41
N ASP A 7 9.07 -10.48 -28.56
CA ASP A 7 8.79 -10.73 -27.16
C ASP A 7 8.38 -9.44 -26.45
N SER A 8 9.15 -8.39 -26.69
CA SER A 8 8.90 -7.09 -26.10
C SER A 8 9.87 -6.06 -26.68
N ALA A 9 9.65 -4.78 -26.38
CA ALA A 9 10.53 -3.73 -26.86
C ALA A 9 11.87 -3.85 -26.14
N ALA A 10 11.79 -4.30 -24.90
CA ALA A 10 12.96 -4.51 -24.06
C ALA A 10 12.56 -5.34 -22.85
N GLU A 11 12.07 -4.67 -21.82
CA GLU A 11 11.60 -5.33 -20.61
C GLU A 11 10.15 -4.97 -20.35
N TRP A 12 9.75 -5.05 -19.09
CA TRP A 12 8.38 -4.73 -18.69
C TRP A 12 7.40 -5.57 -19.46
N ASN A 13 7.56 -6.87 -19.34
CA ASN A 13 6.73 -7.82 -20.03
C ASN A 13 5.87 -8.59 -19.06
N VAL A 14 4.63 -8.81 -19.44
CA VAL A 14 3.70 -9.58 -18.64
C VAL A 14 2.88 -10.47 -19.57
N SER A 15 2.86 -11.74 -19.26
CA SER A 15 2.13 -12.71 -20.06
C SER A 15 1.61 -13.84 -19.19
N ARG A 16 0.76 -14.67 -19.75
CA ARG A 16 0.19 -15.79 -19.03
C ARG A 16 1.04 -17.04 -19.25
N THR A 17 1.58 -17.58 -18.17
CA THR A 17 2.40 -18.77 -18.25
C THR A 17 1.59 -20.00 -17.86
N PRO A 18 1.86 -21.13 -18.50
CA PRO A 18 1.17 -22.38 -18.21
C PRO A 18 1.48 -22.93 -16.83
N ASP A 19 2.67 -22.62 -16.34
CA ASP A 19 3.13 -23.12 -15.04
C ASP A 19 3.14 -22.03 -13.97
N GLY A 20 2.98 -20.79 -14.38
CA GLY A 20 3.01 -19.71 -13.42
C GLY A 20 1.86 -18.74 -13.51
N ASP A 21 0.92 -19.00 -14.43
CA ASP A 21 -0.26 -18.14 -14.62
C ASP A 21 0.12 -16.81 -15.23
N TYR A 22 0.79 -15.99 -14.47
CA TYR A 22 1.24 -14.70 -14.96
C TYR A 22 2.73 -14.58 -14.75
N ARG A 23 3.41 -14.15 -15.77
CA ARG A 23 4.83 -13.95 -15.71
C ARG A 23 5.12 -12.48 -15.95
N LEU A 24 5.79 -11.85 -15.00
CA LEU A 24 6.12 -10.45 -15.14
C LEU A 24 7.62 -10.22 -15.06
N ALA A 25 8.15 -9.48 -16.02
CA ALA A 25 9.57 -9.18 -16.10
C ALA A 25 9.78 -7.67 -16.25
N ILE A 26 10.10 -6.98 -15.16
CA ILE A 26 10.28 -5.54 -15.22
C ILE A 26 11.72 -5.14 -14.89
N THR A 27 12.00 -3.85 -15.03
CA THR A 27 13.32 -3.30 -14.74
C THR A 27 13.19 -1.99 -13.98
N CYS A 28 14.26 -1.63 -13.27
CA CYS A 28 14.29 -0.38 -12.51
C CYS A 28 15.73 0.10 -12.38
N PRO A 29 15.99 1.37 -12.69
CA PRO A 29 17.33 1.95 -12.59
C PRO A 29 17.71 2.35 -11.16
N ASN A 30 16.93 1.89 -10.19
CA ASN A 30 17.19 2.22 -8.80
C ASN A 30 16.82 1.06 -7.89
N LYS A 31 17.66 0.86 -6.89
CA LYS A 31 17.46 -0.20 -5.90
C LYS A 31 16.25 0.12 -5.04
N GLU A 32 16.02 1.41 -4.83
CA GLU A 32 14.91 1.87 -4.00
C GLU A 32 13.58 1.60 -4.69
N TRP A 33 13.60 1.64 -6.01
CA TRP A 33 12.39 1.40 -6.79
C TRP A 33 11.96 -0.05 -6.65
N LEU A 34 12.93 -0.96 -6.77
CA LEU A 34 12.65 -2.38 -6.66
C LEU A 34 12.20 -2.74 -5.26
N LEU A 35 12.86 -2.15 -4.26
CA LEU A 35 12.53 -2.41 -2.88
C LEU A 35 11.11 -1.95 -2.56
N GLN A 36 10.72 -0.82 -3.13
CA GLN A 36 9.40 -0.28 -2.92
C GLN A 36 8.35 -1.13 -3.63
N SER A 37 8.72 -1.64 -4.81
CA SER A 37 7.84 -2.47 -5.60
C SER A 37 7.51 -3.76 -4.87
N ILE A 38 8.53 -4.42 -4.33
CA ILE A 38 8.32 -5.66 -3.59
C ILE A 38 7.51 -5.39 -2.32
N GLU A 39 7.88 -4.33 -1.62
CA GLU A 39 7.21 -3.95 -0.39
C GLU A 39 5.74 -3.62 -0.64
N GLY A 40 5.47 -2.97 -1.75
CA GLY A 40 4.10 -2.62 -2.08
C GLY A 40 3.29 -3.84 -2.43
N MET A 41 3.88 -4.72 -3.22
CA MET A 41 3.22 -5.95 -3.65
C MET A 41 2.94 -6.85 -2.44
N ILE A 42 3.90 -6.98 -1.53
CA ILE A 42 3.71 -7.79 -0.33
C ILE A 42 2.54 -7.25 0.49
N LYS A 43 2.37 -5.93 0.50
CA LYS A 43 1.30 -5.29 1.25
C LYS A 43 -0.07 -5.73 0.76
N GLU A 44 -0.27 -5.67 -0.55
CA GLU A 44 -1.55 -6.06 -1.13
C GLU A 44 -1.79 -7.55 -0.98
N ALA A 45 -0.72 -8.31 -1.17
CA ALA A 45 -0.79 -9.77 -1.03
C ALA A 45 -1.26 -10.16 0.37
N ALA A 46 -0.74 -9.45 1.36
CA ALA A 46 -1.08 -9.69 2.75
C ALA A 46 -2.56 -9.46 2.98
N ALA A 47 -3.11 -8.45 2.30
CA ALA A 47 -4.53 -8.12 2.42
C ALA A 47 -5.37 -9.30 1.95
N GLU A 48 -4.90 -9.99 0.93
CA GLU A 48 -5.59 -11.16 0.42
C GLU A 48 -5.44 -12.31 1.40
N VAL A 49 -4.26 -12.41 2.00
CA VAL A 49 -3.98 -13.46 2.98
C VAL A 49 -4.86 -13.26 4.21
N LEU A 50 -5.08 -12.01 4.58
CA LEU A 50 -5.92 -11.69 5.72
C LEU A 50 -7.36 -12.11 5.45
N ARG A 51 -7.77 -11.99 4.18
CA ARG A 51 -9.12 -12.36 3.76
C ARG A 51 -9.25 -13.87 3.65
N ASN A 52 -8.13 -14.51 3.32
CA ASN A 52 -8.07 -15.96 3.17
C ASN A 52 -6.90 -16.51 3.98
N PRO A 53 -7.03 -16.48 5.32
CA PRO A 53 -5.99 -16.95 6.24
C PRO A 53 -5.63 -18.41 6.04
N ASN A 54 -6.58 -19.18 5.54
CA ASN A 54 -6.36 -20.61 5.30
C ASN A 54 -5.70 -20.85 3.95
N GLN A 55 -5.44 -19.79 3.20
CA GLN A 55 -4.81 -19.91 1.89
C GLN A 55 -3.29 -20.04 2.04
N GLU A 56 -2.79 -21.27 2.03
CA GLU A 56 -1.35 -21.50 2.17
C GLU A 56 -0.59 -20.86 1.01
N ASN A 57 -1.07 -21.06 -0.21
CA ASN A 57 -0.42 -20.51 -1.40
C ASN A 57 -0.31 -18.99 -1.27
N LEU A 58 -1.31 -18.37 -0.68
CA LEU A 58 -1.31 -16.93 -0.49
C LEU A 58 -0.23 -16.56 0.51
N ARG A 59 -0.09 -17.37 1.55
CA ARG A 59 0.90 -17.16 2.58
C ARG A 59 2.28 -17.42 2.02
N ARG A 60 2.39 -18.48 1.21
CA ARG A 60 3.64 -18.85 0.57
C ARG A 60 4.07 -17.77 -0.40
N HIS A 61 3.09 -17.20 -1.09
CA HIS A 61 3.37 -16.15 -2.04
C HIS A 61 3.85 -14.91 -1.32
N ALA A 62 3.15 -14.55 -0.25
CA ALA A 62 3.50 -13.40 0.56
C ALA A 62 4.90 -13.61 1.15
N ASN A 63 5.15 -14.85 1.56
CA ASN A 63 6.44 -15.23 2.11
C ASN A 63 7.52 -15.07 1.06
N LYS A 64 7.15 -15.33 -0.20
CA LYS A 64 8.09 -15.22 -1.30
C LYS A 64 8.51 -13.76 -1.49
N LEU A 65 7.57 -12.85 -1.26
CA LEU A 65 7.86 -11.42 -1.36
C LEU A 65 8.75 -11.00 -0.21
N LEU A 66 8.53 -11.63 0.94
CA LEU A 66 9.34 -11.34 2.12
C LEU A 66 10.78 -11.75 1.84
N SER A 67 10.92 -12.85 1.11
CA SER A 67 12.22 -13.36 0.73
C SER A 67 12.82 -12.51 -0.37
N LEU A 68 11.97 -12.15 -1.33
CA LEU A 68 12.37 -11.33 -2.46
C LEU A 68 12.86 -9.96 -2.02
N LYS A 69 12.16 -9.35 -1.06
CA LYS A 69 12.56 -8.04 -0.55
C LYS A 69 13.92 -8.15 0.11
N LYS A 70 14.18 -9.28 0.73
CA LYS A 70 15.46 -9.53 1.39
C LYS A 70 16.53 -9.74 0.34
N ARG A 71 16.18 -10.54 -0.67
CA ARG A 71 17.10 -10.83 -1.76
C ARG A 71 17.51 -9.56 -2.49
N ALA A 72 16.55 -8.68 -2.72
CA ALA A 72 16.81 -7.40 -3.39
C ALA A 72 17.70 -6.52 -2.51
N TYR A 73 17.46 -6.59 -1.19
CA TYR A 73 18.24 -5.81 -0.24
C TYR A 73 19.71 -6.23 -0.26
N GLU A 74 19.93 -7.54 -0.36
CA GLU A 74 21.28 -8.09 -0.41
C GLU A 74 21.89 -7.85 -1.79
N LEU A 75 21.08 -8.10 -2.82
CA LEU A 75 21.48 -7.94 -4.22
C LEU A 75 22.58 -8.92 -4.61
N PRO A 76 22.25 -9.88 -5.49
CA PRO A 76 23.21 -10.90 -5.96
C PRO A 76 24.46 -10.27 -6.58
N ASP B 6 20.16 -22.48 -16.40
CA ASP B 6 19.89 -22.33 -14.97
C ASP B 6 19.74 -20.86 -14.61
N ASP B 7 18.51 -20.42 -14.51
CA ASP B 7 18.21 -19.04 -14.15
C ASP B 7 17.91 -18.97 -12.67
N SER B 8 17.04 -19.87 -12.22
CA SER B 8 16.65 -19.95 -10.82
C SER B 8 15.93 -21.28 -10.60
N ALA B 9 15.01 -21.32 -9.64
CA ALA B 9 14.24 -22.54 -9.39
C ALA B 9 13.29 -22.75 -10.55
N ALA B 10 12.88 -21.62 -11.13
CA ALA B 10 11.99 -21.56 -12.27
C ALA B 10 11.76 -20.09 -12.60
N GLU B 11 11.19 -19.38 -11.63
CA GLU B 11 10.95 -17.96 -11.76
C GLU B 11 11.43 -17.25 -10.51
N TRP B 12 10.93 -16.04 -10.28
CA TRP B 12 11.31 -15.24 -9.10
C TRP B 12 12.80 -14.96 -9.08
N ASN B 13 13.22 -14.05 -9.94
CA ASN B 13 14.62 -13.68 -10.03
C ASN B 13 14.78 -12.17 -9.99
N VAL B 14 15.79 -11.72 -9.28
CA VAL B 14 16.10 -10.30 -9.19
C VAL B 14 17.61 -10.11 -9.19
N SER B 15 18.10 -9.28 -10.09
CA SER B 15 19.54 -9.05 -10.19
C SER B 15 19.82 -7.76 -10.95
N ARG B 16 21.09 -7.49 -11.17
CA ARG B 16 21.51 -6.30 -11.90
C ARG B 16 21.68 -6.59 -13.38
N THR B 17 21.02 -5.80 -14.19
CA THR B 17 21.12 -5.93 -15.63
C THR B 17 22.05 -4.86 -16.16
N PRO B 18 22.83 -5.17 -17.18
CA PRO B 18 23.78 -4.21 -17.76
C PRO B 18 23.08 -3.01 -18.41
N ASP B 19 21.93 -3.25 -19.01
CA ASP B 19 21.19 -2.19 -19.69
C ASP B 19 19.94 -1.76 -18.92
N GLY B 20 19.56 -2.51 -17.91
CA GLY B 20 18.37 -2.18 -17.17
C GLY B 20 18.62 -1.89 -15.71
N ASP B 21 19.88 -2.02 -15.30
CA ASP B 21 20.30 -1.77 -13.91
C ASP B 21 19.87 -2.88 -12.99
N TYR B 22 18.56 -3.05 -12.85
CA TYR B 22 18.00 -4.11 -12.03
C TYR B 22 16.88 -4.81 -12.77
N ARG B 23 16.92 -6.12 -12.75
CA ARG B 23 15.92 -6.94 -13.44
C ARG B 23 15.16 -7.78 -12.43
N LEU B 24 13.83 -7.71 -12.50
CA LEU B 24 12.99 -8.48 -11.60
C LEU B 24 11.97 -9.30 -12.40
N ALA B 25 12.02 -10.61 -12.20
CA ALA B 25 11.12 -11.53 -12.89
C ALA B 25 10.40 -12.41 -11.88
N ILE B 26 9.09 -12.29 -11.77
CA ILE B 26 8.34 -13.09 -10.81
C ILE B 26 7.09 -13.71 -11.42
N THR B 27 6.43 -14.56 -10.64
CA THR B 27 5.22 -15.23 -11.07
C THR B 27 4.22 -15.29 -9.92
N CYS B 28 2.97 -15.61 -10.24
CA CYS B 28 1.94 -15.73 -9.23
C CYS B 28 0.94 -16.78 -9.67
N PRO B 29 0.60 -17.74 -8.79
CA PRO B 29 -0.35 -18.82 -9.10
C PRO B 29 -1.74 -18.29 -9.46
N ASN B 30 -1.90 -16.99 -9.32
CA ASN B 30 -3.14 -16.32 -9.63
C ASN B 30 -2.84 -15.01 -10.33
N LYS B 31 -3.39 -14.85 -11.52
CA LYS B 31 -3.21 -13.63 -12.30
C LYS B 31 -3.76 -12.44 -11.53
N GLU B 32 -4.77 -12.72 -10.72
CA GLU B 32 -5.42 -11.73 -9.89
C GLU B 32 -4.45 -11.20 -8.84
N TRP B 33 -3.56 -12.08 -8.38
CA TRP B 33 -2.55 -11.71 -7.39
C TRP B 33 -1.60 -10.68 -7.98
N LEU B 34 -1.19 -10.92 -9.22
CA LEU B 34 -0.29 -10.01 -9.92
C LEU B 34 -0.95 -8.65 -10.09
N LEU B 35 -2.25 -8.66 -10.33
CA LEU B 35 -3.01 -7.43 -10.49
C LEU B 35 -2.88 -6.57 -9.23
N GLN B 36 -3.00 -7.21 -8.08
CA GLN B 36 -2.87 -6.52 -6.81
C GLN B 36 -1.41 -6.13 -6.57
N SER B 37 -0.51 -7.02 -6.97
CA SER B 37 0.91 -6.80 -6.82
C SER B 37 1.35 -5.53 -7.54
N ILE B 38 0.84 -5.34 -8.75
CA ILE B 38 1.15 -4.14 -9.52
C ILE B 38 0.64 -2.90 -8.81
N GLU B 39 -0.60 -3.00 -8.31
CA GLU B 39 -1.23 -1.90 -7.60
C GLU B 39 -0.42 -1.48 -6.38
N GLY B 40 0.09 -2.47 -5.67
CA GLY B 40 0.88 -2.19 -4.49
C GLY B 40 2.17 -1.47 -4.85
N MET B 41 2.74 -1.85 -5.97
CA MET B 41 3.98 -1.25 -6.44
C MET B 41 3.75 0.20 -6.85
N ILE B 42 2.70 0.46 -7.63
CA ILE B 42 2.38 1.84 -8.03
C ILE B 42 2.07 2.67 -6.79
N LYS B 43 1.41 2.06 -5.82
CA LYS B 43 1.05 2.75 -4.58
C LYS B 43 2.29 3.33 -3.92
N GLU B 44 3.31 2.50 -3.74
CA GLU B 44 4.56 2.96 -3.14
C GLU B 44 5.30 3.87 -4.10
N ALA B 45 5.26 3.51 -5.38
CA ALA B 45 5.91 4.28 -6.43
C ALA B 45 5.37 5.70 -6.47
N ALA B 46 4.07 5.85 -6.31
CA ALA B 46 3.42 7.15 -6.31
C ALA B 46 3.96 8.00 -5.17
N ALA B 47 4.17 7.36 -4.03
CA ALA B 47 4.72 8.05 -2.87
C ALA B 47 6.13 8.53 -3.17
N GLU B 48 6.84 7.76 -3.99
CA GLU B 48 8.19 8.12 -4.39
C GLU B 48 8.14 9.33 -5.31
N VAL B 49 7.11 9.36 -6.15
CA VAL B 49 6.91 10.47 -7.08
C VAL B 49 6.58 11.73 -6.29
N LEU B 50 5.81 11.56 -5.23
CA LEU B 50 5.44 12.66 -4.38
C LEU B 50 6.67 13.19 -3.63
N ARG B 51 7.59 12.29 -3.29
CA ARG B 51 8.82 12.64 -2.61
C ARG B 51 9.80 13.29 -3.57
N ASN B 52 9.71 12.87 -4.81
CA ASN B 52 10.57 13.37 -5.88
C ASN B 52 9.72 13.83 -7.06
N PRO B 53 9.03 14.96 -6.91
CA PRO B 53 8.15 15.52 -7.95
C PRO B 53 8.89 15.82 -9.24
N ASN B 54 10.18 16.14 -9.12
CA ASN B 54 10.99 16.46 -10.29
C ASN B 54 11.47 15.19 -10.99
N GLN B 55 11.12 14.04 -10.45
CA GLN B 55 11.52 12.77 -11.04
C GLN B 55 10.51 12.34 -12.09
N GLU B 56 10.70 12.80 -13.32
CA GLU B 56 9.80 12.43 -14.40
C GLU B 56 9.90 10.94 -14.67
N ASN B 57 11.09 10.38 -14.47
CA ASN B 57 11.31 8.94 -14.65
C ASN B 57 10.41 8.18 -13.69
N LEU B 58 10.18 8.75 -12.52
CA LEU B 58 9.32 8.14 -11.53
C LEU B 58 7.88 8.24 -12.01
N ARG B 59 7.55 9.38 -12.62
CA ARG B 59 6.21 9.60 -13.17
C ARG B 59 5.94 8.61 -14.28
N ARG B 60 6.90 8.47 -15.18
CA ARG B 60 6.78 7.54 -16.31
C ARG B 60 6.73 6.11 -15.78
N HIS B 61 7.50 5.87 -14.73
CA HIS B 61 7.53 4.57 -14.10
C HIS B 61 6.17 4.26 -13.48
N ALA B 62 5.62 5.23 -12.77
CA ALA B 62 4.31 5.09 -12.15
C ALA B 62 3.27 4.88 -13.24
N ASN B 63 3.44 5.62 -14.33
CA ASN B 63 2.56 5.52 -15.49
C ASN B 63 2.64 4.11 -16.06
N LYS B 64 3.84 3.56 -16.06
CA LYS B 64 4.05 2.21 -16.57
C LYS B 64 3.30 1.22 -15.70
N LEU B 65 3.20 1.53 -14.42
CA LEU B 65 2.49 0.69 -13.47
C LEU B 65 0.99 0.79 -13.73
N LEU B 66 0.55 2.00 -14.01
CA LEU B 66 -0.85 2.26 -14.31
C LEU B 66 -1.26 1.48 -15.54
N SER B 67 -0.37 1.50 -16.53
CA SER B 67 -0.59 0.79 -17.78
C SER B 67 -0.52 -0.72 -17.56
N LEU B 68 0.44 -1.13 -16.75
CA LEU B 68 0.65 -2.53 -16.42
C LEU B 68 -0.55 -3.12 -15.69
N LYS B 69 -1.10 -2.35 -14.76
CA LYS B 69 -2.26 -2.80 -13.99
C LYS B 69 -3.43 -3.01 -14.94
N LYS B 70 -3.54 -2.11 -15.91
CA LYS B 70 -4.59 -2.20 -16.90
C LYS B 70 -4.36 -3.42 -17.78
N ARG B 71 -3.11 -3.65 -18.13
CA ARG B 71 -2.72 -4.79 -18.95
C ARG B 71 -3.09 -6.09 -18.27
N ALA B 72 -2.82 -6.17 -16.97
CA ALA B 72 -3.14 -7.36 -16.19
C ALA B 72 -4.64 -7.55 -16.10
N TYR B 73 -5.38 -6.44 -15.99
CA TYR B 73 -6.83 -6.48 -15.91
C TYR B 73 -7.44 -7.04 -17.18
N GLU B 74 -6.85 -6.67 -18.31
CA GLU B 74 -7.32 -7.12 -19.61
C GLU B 74 -7.11 -8.62 -19.77
N LEU B 75 -6.02 -9.12 -19.18
CA LEU B 75 -5.69 -10.54 -19.24
C LEU B 75 -5.52 -10.99 -20.69
N PRO B 76 -4.33 -10.77 -21.27
CA PRO B 76 -4.03 -11.13 -22.66
C PRO B 76 -4.22 -12.63 -22.93
N ASP C 6 -24.93 7.77 22.72
CA ASP C 6 -24.78 7.18 21.40
C ASP C 6 -23.97 8.10 20.49
N ASP C 7 -22.93 8.69 21.05
CA ASP C 7 -22.06 9.59 20.29
C ASP C 7 -20.79 8.83 19.90
N SER C 8 -20.08 8.35 20.92
CA SER C 8 -18.87 7.61 20.72
C SER C 8 -18.80 6.46 21.72
N ALA C 9 -19.09 5.25 21.26
CA ALA C 9 -19.03 4.07 22.12
C ALA C 9 -17.60 3.90 22.63
N ALA C 10 -16.67 4.26 21.77
CA ALA C 10 -15.24 4.21 22.07
C ALA C 10 -14.52 5.01 21.01
N GLU C 11 -13.85 4.29 20.11
CA GLU C 11 -13.13 4.93 19.02
C GLU C 11 -13.45 4.23 17.71
N TRP C 12 -12.60 4.43 16.71
CA TRP C 12 -12.80 3.84 15.39
C TRP C 12 -14.17 4.19 14.86
N ASN C 13 -14.36 5.48 14.70
CA ASN C 13 -15.63 6.01 14.24
C ASN C 13 -15.46 6.80 12.96
N VAL C 14 -16.42 6.66 12.06
CA VAL C 14 -16.40 7.38 10.81
C VAL C 14 -17.82 7.82 10.48
N SER C 15 -17.98 9.10 10.17
CA SER C 15 -19.29 9.64 9.84
C SER C 15 -19.14 10.72 8.78
N ARG C 16 -20.26 11.14 8.23
CA ARG C 16 -20.27 12.18 7.21
C ARG C 16 -20.48 13.55 7.87
N THR C 17 -19.50 14.42 7.73
CA THR C 17 -19.60 15.74 8.33
C THR C 17 -20.02 16.76 7.28
N PRO C 18 -20.89 17.70 7.66
CA PRO C 18 -21.37 18.73 6.75
C PRO C 18 -20.27 19.71 6.34
N ASP C 19 -19.25 19.80 7.18
CA ASP C 19 -18.14 20.72 6.93
C ASP C 19 -16.89 20.01 6.45
N GLY C 20 -16.86 18.70 6.55
CA GLY C 20 -15.68 17.98 6.14
C GLY C 20 -15.92 16.72 5.34
N ASP C 21 -17.19 16.47 5.01
CA ASP C 21 -17.59 15.29 4.23
C ASP C 21 -17.49 14.02 5.04
N TYR C 22 -16.28 13.62 5.38
CA TYR C 22 -16.09 12.43 6.18
C TYR C 22 -15.19 12.73 7.36
N ARG C 23 -15.60 12.27 8.52
CA ARG C 23 -14.83 12.45 9.73
C ARG C 23 -14.46 11.08 10.25
N LEU C 24 -13.17 10.85 10.44
CA LEU C 24 -12.70 9.56 10.93
C LEU C 24 -11.86 9.71 12.21
N ALA C 25 -12.19 8.89 13.20
CA ALA C 25 -11.51 8.88 14.48
C ALA C 25 -11.06 7.45 14.83
N ILE C 26 -9.76 7.22 14.97
CA ILE C 26 -9.25 5.88 15.28
C ILE C 26 -8.25 5.89 16.44
N THR C 27 -7.89 4.70 16.91
CA THR C 27 -6.94 4.52 18.00
C THR C 27 -5.99 3.36 17.73
N CYS C 28 -4.84 3.37 18.39
CA CYS C 28 -3.87 2.30 18.26
C CYS C 28 -2.99 2.26 19.50
N PRO C 29 -2.82 1.09 20.12
CA PRO C 29 -2.00 0.93 21.31
C PRO C 29 -0.53 0.69 20.97
N ASN C 30 -0.16 1.03 19.74
CA ASN C 30 1.20 0.85 19.28
C ASN C 30 1.63 2.02 18.43
N LYS C 31 2.83 2.53 18.69
CA LYS C 31 3.34 3.68 17.95
C LYS C 31 3.63 3.28 16.50
N GLU C 32 3.99 2.02 16.32
CA GLU C 32 4.30 1.49 14.99
C GLU C 32 3.03 1.44 14.15
N TRP C 33 1.93 1.07 14.78
CA TRP C 33 0.65 0.97 14.11
C TRP C 33 0.23 2.31 13.54
N LEU C 34 0.45 3.36 14.33
CA LEU C 34 0.11 4.72 13.92
C LEU C 34 0.95 5.13 12.71
N LEU C 35 2.24 4.88 12.80
CA LEU C 35 3.16 5.22 11.72
C LEU C 35 2.78 4.46 10.45
N GLN C 36 2.44 3.20 10.61
CA GLN C 36 2.07 2.35 9.48
C GLN C 36 0.74 2.78 8.89
N SER C 37 -0.19 3.20 9.73
CA SER C 37 -1.50 3.63 9.29
C SER C 37 -1.39 4.88 8.42
N ILE C 38 -0.64 5.86 8.90
CA ILE C 38 -0.45 7.09 8.15
C ILE C 38 0.34 6.83 6.88
N GLU C 39 1.37 6.02 6.99
CA GLU C 39 2.21 5.67 5.83
C GLU C 39 1.39 4.93 4.79
N GLY C 40 0.43 4.15 5.25
CA GLY C 40 -0.41 3.41 4.34
C GLY C 40 -1.33 4.32 3.56
N MET C 41 -1.98 5.26 4.25
CA MET C 41 -2.91 6.17 3.59
C MET C 41 -2.22 7.17 2.67
N ILE C 42 -1.04 7.69 3.05
CA ILE C 42 -0.33 8.63 2.17
C ILE C 42 0.01 7.95 0.84
N LYS C 43 0.36 6.67 0.89
CA LYS C 43 0.71 5.92 -0.32
C LYS C 43 -0.46 5.91 -1.30
N GLU C 44 -1.64 5.56 -0.80
CA GLU C 44 -2.84 5.52 -1.63
C GLU C 44 -3.21 6.92 -2.07
N ALA C 45 -3.05 7.86 -1.14
CA ALA C 45 -3.33 9.26 -1.41
C ALA C 45 -2.46 9.76 -2.55
N ALA C 46 -1.18 9.44 -2.49
CA ALA C 46 -0.23 9.82 -3.51
C ALA C 46 -0.61 9.20 -4.85
N ALA C 47 -1.05 7.94 -4.79
CA ALA C 47 -1.48 7.23 -5.98
C ALA C 47 -2.68 7.94 -6.60
N GLU C 48 -3.58 8.39 -5.75
CA GLU C 48 -4.76 9.12 -6.20
C GLU C 48 -4.35 10.43 -6.84
N VAL C 49 -3.30 11.06 -6.31
CA VAL C 49 -2.80 12.31 -6.86
C VAL C 49 -2.24 12.07 -8.25
N LEU C 50 -1.60 10.92 -8.43
CA LEU C 50 -1.04 10.54 -9.73
C LEU C 50 -2.18 10.29 -10.71
N ARG C 51 -3.30 9.78 -10.19
CA ARG C 51 -4.48 9.49 -10.99
C ARG C 51 -5.21 10.78 -11.35
N ASN C 52 -5.09 11.75 -10.46
CA ASN C 52 -5.73 13.05 -10.63
C ASN C 52 -4.74 14.17 -10.31
N PRO C 53 -3.79 14.41 -11.22
CA PRO C 53 -2.74 15.43 -11.06
C PRO C 53 -3.29 16.82 -10.82
N ASN C 54 -4.44 17.12 -11.38
CA ASN C 54 -5.05 18.44 -11.23
C ASN C 54 -5.80 18.57 -9.91
N GLN C 55 -5.83 17.49 -9.14
CA GLN C 55 -6.52 17.51 -7.85
C GLN C 55 -5.65 18.14 -6.78
N GLU C 56 -5.81 19.44 -6.59
CA GLU C 56 -5.02 20.17 -5.59
C GLU C 56 -5.39 19.71 -4.19
N ASN C 57 -6.67 19.46 -3.96
CA ASN C 57 -7.13 19.00 -2.65
C ASN C 57 -6.47 17.67 -2.32
N LEU C 58 -6.19 16.87 -3.34
CA LEU C 58 -5.53 15.60 -3.15
C LEU C 58 -4.09 15.85 -2.75
N ARG C 59 -3.47 16.83 -3.42
CA ARG C 59 -2.10 17.21 -3.15
C ARG C 59 -1.97 17.70 -1.72
N ARG C 60 -2.88 18.58 -1.33
CA ARG C 60 -2.90 19.13 0.01
C ARG C 60 -3.19 18.03 1.03
N HIS C 61 -4.06 17.12 0.64
CA HIS C 61 -4.42 15.99 1.49
C HIS C 61 -3.19 15.11 1.70
N ALA C 62 -2.49 14.84 0.62
CA ALA C 62 -1.28 14.04 0.67
C ALA C 62 -0.26 14.72 1.56
N ASN C 63 -0.15 16.03 1.42
CA ASN C 63 0.76 16.83 2.22
C ASN C 63 0.34 16.77 3.69
N LYS C 64 -0.95 16.68 3.93
CA LYS C 64 -1.47 16.60 5.29
C LYS C 64 -1.04 15.27 5.92
N LEU C 65 -0.93 14.24 5.08
CA LEU C 65 -0.49 12.92 5.53
C LEU C 65 0.99 12.99 5.87
N LEU C 66 1.73 13.73 5.05
CA LEU C 66 3.16 13.90 5.23
C LEU C 66 3.42 14.58 6.56
N SER C 67 2.59 15.57 6.86
CA SER C 67 2.69 16.31 8.10
C SER C 67 2.28 15.44 9.28
N LEU C 68 1.20 14.70 9.09
CA LEU C 68 0.68 13.79 10.10
C LEU C 68 1.72 12.72 10.44
N LYS C 69 2.33 12.18 9.39
CA LYS C 69 3.36 11.16 9.54
C LYS C 69 4.51 11.69 10.37
N LYS C 70 4.86 12.94 10.14
CA LYS C 70 5.95 13.58 10.88
C LYS C 70 5.54 13.77 12.33
N ARG C 71 4.30 14.16 12.55
CA ARG C 71 3.77 14.35 13.90
C ARG C 71 3.83 13.06 14.69
N ALA C 72 3.45 11.97 14.04
CA ALA C 72 3.47 10.66 14.67
C ALA C 72 4.92 10.18 14.86
N TYR C 73 5.77 10.56 13.93
CA TYR C 73 7.19 10.19 13.96
C TYR C 73 7.86 10.73 15.22
N GLU C 74 7.44 11.93 15.63
CA GLU C 74 8.00 12.58 16.81
C GLU C 74 7.36 12.02 18.07
N LEU C 75 6.31 11.22 17.89
CA LEU C 75 5.60 10.58 18.99
C LEU C 75 4.93 11.61 19.91
N PRO C 76 3.63 11.87 19.68
CA PRO C 76 2.87 12.83 20.49
C PRO C 76 2.68 12.35 21.93
N ASP D 6 -5.41 23.60 23.71
CA ASP D 6 -5.48 23.47 22.26
C ASP D 6 -5.80 22.03 21.89
N ASP D 7 -5.81 21.74 20.61
CA ASP D 7 -6.08 20.41 20.09
C ASP D 7 -5.68 20.37 18.62
N SER D 8 -6.50 20.99 17.79
CA SER D 8 -6.25 21.07 16.36
C SER D 8 -6.82 22.37 15.80
N ALA D 9 -6.47 22.71 14.57
CA ALA D 9 -6.99 23.93 13.95
C ALA D 9 -8.48 23.75 13.67
N ALA D 10 -8.79 22.60 13.10
CA ALA D 10 -10.15 22.23 12.79
C ALA D 10 -10.27 20.72 12.96
N GLU D 11 -9.58 19.99 12.11
CA GLU D 11 -9.54 18.54 12.17
C GLU D 11 -8.10 18.08 12.06
N TRP D 12 -7.91 16.85 11.58
CA TRP D 12 -6.58 16.27 11.41
C TRP D 12 -5.78 16.33 12.70
N ASN D 13 -6.22 15.55 13.67
CA ASN D 13 -5.59 15.50 14.96
C ASN D 13 -4.98 14.13 15.23
N VAL D 14 -3.80 14.12 15.82
CA VAL D 14 -3.15 12.90 16.19
C VAL D 14 -2.42 13.16 17.51
N SER D 15 -2.69 12.35 18.51
CA SER D 15 -2.07 12.54 19.81
C SER D 15 -2.12 11.28 20.65
N ARG D 16 -1.65 11.38 21.87
CA ARG D 16 -1.64 10.27 22.80
C ARG D 16 -2.79 10.44 23.79
N THR D 17 -3.76 9.53 23.75
CA THR D 17 -4.89 9.64 24.64
C THR D 17 -4.74 8.70 25.82
N PRO D 18 -5.02 9.19 27.02
CA PRO D 18 -4.94 8.39 28.24
C PRO D 18 -6.02 7.31 28.26
N ASP D 19 -7.04 7.51 27.43
CA ASP D 19 -8.17 6.59 27.37
C ASP D 19 -8.13 5.71 26.11
N GLY D 20 -7.24 6.01 25.19
CA GLY D 20 -7.18 5.23 23.97
C GLY D 20 -5.79 5.04 23.39
N ASP D 21 -4.76 5.49 24.11
CA ASP D 21 -3.36 5.34 23.68
C ASP D 21 -2.99 6.39 22.66
N TYR D 22 -3.39 6.16 21.43
CA TYR D 22 -3.12 7.11 20.37
C TYR D 22 -4.42 7.44 19.67
N ARG D 23 -4.68 8.72 19.50
CA ARG D 23 -5.92 9.14 18.87
C ARG D 23 -5.65 9.85 17.56
N LEU D 24 -6.30 9.37 16.52
CA LEU D 24 -6.17 9.97 15.20
C LEU D 24 -7.55 10.38 14.68
N ALA D 25 -7.71 11.67 14.40
CA ALA D 25 -8.97 12.21 13.91
C ALA D 25 -8.74 13.02 12.65
N ILE D 26 -9.17 12.52 11.50
CA ILE D 26 -8.96 13.24 10.25
C ILE D 26 -10.25 13.41 9.45
N THR D 27 -10.16 14.15 8.36
CA THR D 27 -11.29 14.43 7.50
C THR D 27 -10.88 14.31 6.04
N CYS D 28 -11.84 14.07 5.15
CA CYS D 28 -11.57 13.99 3.73
C CYS D 28 -12.80 14.45 2.96
N PRO D 29 -12.63 15.37 2.00
CA PRO D 29 -13.71 15.90 1.17
C PRO D 29 -14.24 14.90 0.15
N ASN D 30 -13.84 13.65 0.28
CA ASN D 30 -14.29 12.60 -0.62
C ASN D 30 -14.41 11.28 0.12
N LYS D 31 -15.47 10.55 -0.18
CA LYS D 31 -15.72 9.26 0.44
C LYS D 31 -14.68 8.25 -0.02
N GLU D 32 -14.23 8.40 -1.26
CA GLU D 32 -13.26 7.48 -1.83
C GLU D 32 -11.89 7.69 -1.21
N TRP D 33 -11.57 8.94 -0.89
CA TRP D 33 -10.29 9.27 -0.28
C TRP D 33 -10.15 8.57 1.06
N LEU D 34 -11.22 8.63 1.85
CA LEU D 34 -11.23 8.00 3.16
C LEU D 34 -11.12 6.49 3.01
N LEU D 35 -11.84 5.95 2.04
CA LEU D 35 -11.83 4.52 1.77
C LEU D 35 -10.42 4.08 1.40
N GLN D 36 -9.76 4.87 0.56
CA GLN D 36 -8.39 4.58 0.14
C GLN D 36 -7.46 4.70 1.33
N SER D 37 -7.74 5.66 2.20
CA SER D 37 -6.94 5.87 3.39
C SER D 37 -7.03 4.65 4.30
N ILE D 38 -8.24 4.19 4.55
CA ILE D 38 -8.46 3.01 5.37
C ILE D 38 -7.77 1.80 4.74
N GLU D 39 -7.86 1.72 3.42
CA GLU D 39 -7.24 0.64 2.66
C GLU D 39 -5.74 0.62 2.86
N GLY D 40 -5.15 1.78 3.08
CA GLY D 40 -3.73 1.87 3.31
C GLY D 40 -3.33 1.25 4.63
N MET D 41 -4.08 1.56 5.68
CA MET D 41 -3.77 1.03 7.00
C MET D 41 -3.99 -0.47 7.07
N ILE D 42 -5.10 -0.96 6.51
CA ILE D 42 -5.37 -2.40 6.51
C ILE D 42 -4.26 -3.14 5.76
N LYS D 43 -3.76 -2.52 4.70
CA LYS D 43 -2.70 -3.13 3.90
C LYS D 43 -1.47 -3.42 4.76
N GLU D 44 -1.03 -2.42 5.52
CA GLU D 44 0.12 -2.56 6.39
C GLU D 44 -0.21 -3.50 7.53
N ALA D 45 -1.42 -3.34 8.05
CA ALA D 45 -1.90 -4.16 9.16
C ALA D 45 -1.88 -5.63 8.79
N ALA D 46 -2.41 -5.95 7.62
CA ALA D 46 -2.45 -7.32 7.12
C ALA D 46 -1.04 -7.88 7.01
N ALA D 47 -0.12 -7.07 6.54
CA ALA D 47 1.26 -7.48 6.39
C ALA D 47 1.86 -7.82 7.74
N GLU D 48 1.49 -7.04 8.75
CA GLU D 48 1.97 -7.27 10.09
C GLU D 48 1.39 -8.56 10.65
N VAL D 49 0.14 -8.85 10.29
CA VAL D 49 -0.53 -10.07 10.75
C VAL D 49 0.18 -11.29 10.18
N LEU D 50 0.62 -11.18 8.94
CA LEU D 50 1.34 -12.27 8.29
C LEU D 50 2.70 -12.47 8.97
N ARG D 51 3.28 -11.35 9.43
CA ARG D 51 4.58 -11.36 10.09
C ARG D 51 4.44 -11.88 11.52
N ASN D 52 3.26 -11.65 12.08
CA ASN D 52 2.95 -12.06 13.44
C ASN D 52 1.63 -12.85 13.46
N PRO D 53 1.66 -14.08 12.93
CA PRO D 53 0.48 -14.95 12.86
C PRO D 53 -0.12 -15.25 14.23
N ASN D 54 0.69 -15.14 15.26
CA ASN D 54 0.24 -15.40 16.61
C ASN D 54 -0.32 -14.14 17.27
N GLN D 55 -0.35 -13.04 16.54
CA GLN D 55 -0.85 -11.78 17.07
C GLN D 55 -2.37 -11.67 16.90
N GLU D 56 -3.10 -11.89 17.98
CA GLU D 56 -4.55 -11.83 17.94
C GLU D 56 -5.01 -10.38 17.76
N ASN D 57 -4.41 -9.47 18.53
CA ASN D 57 -4.76 -8.06 18.46
C ASN D 57 -4.51 -7.50 17.06
N LEU D 58 -3.51 -8.04 16.37
CA LEU D 58 -3.22 -7.58 15.02
C LEU D 58 -4.36 -7.94 14.09
N ARG D 59 -4.87 -9.16 14.23
CA ARG D 59 -5.99 -9.59 13.40
C ARG D 59 -7.23 -8.79 13.74
N ARG D 60 -7.44 -8.55 15.02
CA ARG D 60 -8.58 -7.76 15.48
C ARG D 60 -8.46 -6.33 14.97
N HIS D 61 -7.23 -5.83 14.96
CA HIS D 61 -6.95 -4.50 14.47
C HIS D 61 -7.21 -4.45 12.98
N ALA D 62 -6.72 -5.46 12.28
CA ALA D 62 -6.93 -5.58 10.84
C ALA D 62 -8.42 -5.66 10.55
N ASN D 63 -9.12 -6.41 11.39
CA ASN D 63 -10.56 -6.58 11.28
C ASN D 63 -11.24 -5.23 11.52
N LYS D 64 -10.65 -4.43 12.41
CA LYS D 64 -11.17 -3.10 12.70
C LYS D 64 -11.11 -2.24 11.46
N LEU D 65 -10.06 -2.45 10.66
CA LEU D 65 -9.88 -1.72 9.41
C LEU D 65 -10.92 -2.19 8.41
N LEU D 66 -11.15 -3.50 8.41
CA LEU D 66 -12.14 -4.09 7.51
C LEU D 66 -13.52 -3.56 7.85
N SER D 67 -13.80 -3.46 9.14
CA SER D 67 -15.08 -2.95 9.62
C SER D 67 -15.20 -1.47 9.29
N LEU D 68 -14.12 -0.74 9.49
CA LEU D 68 -14.07 0.68 9.21
C LEU D 68 -14.26 0.94 7.71
N LYS D 69 -13.58 0.14 6.90
CA LYS D 69 -13.68 0.25 5.45
C LYS D 69 -15.10 -0.07 5.00
N LYS D 70 -15.71 -1.04 5.67
CA LYS D 70 -17.07 -1.43 5.36
C LYS D 70 -18.02 -0.29 5.72
N ARG D 71 -17.74 0.33 6.85
CA ARG D 71 -18.55 1.45 7.32
C ARG D 71 -18.52 2.58 6.30
N ALA D 72 -17.31 2.96 5.91
CA ALA D 72 -17.12 4.03 4.93
C ALA D 72 -17.76 3.67 3.60
N TYR D 73 -17.75 2.39 3.27
CA TYR D 73 -18.33 1.89 2.04
C TYR D 73 -19.85 2.04 2.03
N GLU D 74 -20.46 1.81 3.19
CA GLU D 74 -21.91 1.88 3.30
C GLU D 74 -22.41 3.28 3.70
N LEU D 75 -21.48 4.21 3.94
CA LEU D 75 -21.84 5.57 4.32
C LEU D 75 -22.53 5.58 5.69
N PRO D 76 -21.76 5.76 6.77
CA PRO D 76 -22.27 5.77 8.13
C PRO D 76 -22.76 7.15 8.55
N ASP A 6 13.83 5.77 -17.53
CA ASP A 6 13.48 4.42 -17.95
C ASP A 6 12.33 4.50 -18.95
N ASP A 7 12.62 5.05 -20.12
CA ASP A 7 11.60 5.22 -21.16
C ASP A 7 11.43 3.97 -21.98
N SER A 8 10.53 4.05 -22.96
CA SER A 8 10.23 2.92 -23.85
C SER A 8 9.78 1.71 -23.03
N ALA A 9 9.54 0.59 -23.70
CA ALA A 9 9.16 -0.61 -22.99
C ALA A 9 10.42 -1.38 -22.63
N ALA A 10 11.25 -1.64 -23.66
CA ALA A 10 12.52 -2.37 -23.53
C ALA A 10 12.30 -3.77 -22.94
N GLU A 11 11.91 -3.77 -21.70
CA GLU A 11 11.62 -4.97 -20.94
C GLU A 11 10.15 -4.93 -20.59
N TRP A 12 9.84 -5.24 -19.34
CA TRP A 12 8.47 -5.21 -18.83
C TRP A 12 7.59 -6.17 -19.61
N ASN A 13 7.66 -7.43 -19.26
CA ASN A 13 6.89 -8.44 -19.94
C ASN A 13 5.83 -9.01 -19.00
N VAL A 14 4.64 -9.21 -19.53
CA VAL A 14 3.54 -9.77 -18.78
C VAL A 14 2.78 -10.71 -19.69
N SER A 15 2.60 -11.94 -19.25
CA SER A 15 1.91 -12.93 -20.05
C SER A 15 1.41 -14.09 -19.20
N ARG A 16 0.57 -14.92 -19.80
CA ARG A 16 0.05 -16.09 -19.12
C ARG A 16 0.96 -17.28 -19.42
N THR A 17 1.65 -17.76 -18.41
CA THR A 17 2.59 -18.85 -18.58
C THR A 17 2.00 -20.19 -18.17
N PRO A 18 2.23 -21.22 -18.96
CA PRO A 18 1.77 -22.57 -18.65
C PRO A 18 2.53 -23.12 -17.44
N ASP A 19 3.65 -22.47 -17.15
CA ASP A 19 4.55 -22.87 -16.07
C ASP A 19 4.32 -22.10 -14.78
N GLY A 20 3.53 -21.04 -14.84
CA GLY A 20 3.28 -20.26 -13.64
C GLY A 20 2.07 -19.34 -13.70
N ASP A 21 1.23 -19.53 -14.72
CA ASP A 21 0.01 -18.74 -14.92
C ASP A 21 0.31 -17.35 -15.41
N TYR A 22 0.93 -16.56 -14.59
CA TYR A 22 1.28 -15.22 -15.00
C TYR A 22 2.77 -15.01 -14.87
N ARG A 23 3.37 -14.51 -15.92
CA ARG A 23 4.79 -14.25 -15.93
C ARG A 23 5.03 -12.77 -16.07
N LEU A 24 5.78 -12.19 -15.15
CA LEU A 24 6.08 -10.78 -15.18
C LEU A 24 7.59 -10.55 -15.07
N ALA A 25 8.14 -9.76 -15.99
CA ALA A 25 9.57 -9.46 -16.00
C ALA A 25 9.81 -7.98 -16.27
N ILE A 26 9.98 -7.18 -15.23
CA ILE A 26 10.18 -5.75 -15.42
C ILE A 26 11.55 -5.29 -14.93
N THR A 27 11.92 -4.08 -15.31
CA THR A 27 13.22 -3.50 -14.95
C THR A 27 13.04 -2.18 -14.22
N CYS A 28 14.05 -1.79 -13.46
CA CYS A 28 14.03 -0.52 -12.74
C CYS A 28 15.46 -0.03 -12.57
N PRO A 29 15.71 1.25 -12.91
CA PRO A 29 17.03 1.85 -12.80
C PRO A 29 17.38 2.25 -11.37
N ASN A 30 16.52 1.87 -10.44
CA ASN A 30 16.73 2.19 -9.04
C ASN A 30 16.42 0.97 -8.19
N LYS A 31 17.36 0.58 -7.36
CA LYS A 31 17.17 -0.57 -6.49
C LYS A 31 16.11 -0.24 -5.44
N GLU A 32 16.02 1.05 -5.11
CA GLU A 32 15.06 1.53 -4.14
C GLU A 32 13.65 1.39 -4.68
N TRP A 33 13.52 1.57 -5.99
CA TRP A 33 12.24 1.46 -6.65
C TRP A 33 11.71 0.04 -6.55
N LEU A 34 12.58 -0.92 -6.79
CA LEU A 34 12.19 -2.32 -6.72
C LEU A 34 11.87 -2.69 -5.28
N LEU A 35 12.65 -2.18 -4.35
CA LEU A 35 12.45 -2.44 -2.93
C LEU A 35 11.07 -1.97 -2.50
N GLN A 36 10.71 -0.78 -2.94
CA GLN A 36 9.41 -0.21 -2.61
C GLN A 36 8.30 -1.01 -3.26
N SER A 37 8.55 -1.43 -4.49
CA SER A 37 7.59 -2.22 -5.25
C SER A 37 7.27 -3.52 -4.54
N ILE A 38 8.31 -4.23 -4.11
CA ILE A 38 8.13 -5.48 -3.39
C ILE A 38 7.39 -5.23 -2.08
N GLU A 39 7.82 -4.19 -1.37
CA GLU A 39 7.21 -3.83 -0.08
C GLU A 39 5.74 -3.51 -0.24
N GLY A 40 5.41 -2.75 -1.28
CA GLY A 40 4.04 -2.38 -1.53
C GLY A 40 3.19 -3.57 -1.94
N MET A 41 3.78 -4.44 -2.76
CA MET A 41 3.10 -5.63 -3.24
C MET A 41 2.80 -6.59 -2.09
N ILE A 42 3.75 -6.71 -1.14
CA ILE A 42 3.54 -7.56 0.02
C ILE A 42 2.33 -7.08 0.82
N LYS A 43 2.11 -5.77 0.86
CA LYS A 43 0.97 -5.21 1.61
C LYS A 43 -0.36 -5.69 1.03
N GLU A 44 -0.51 -5.59 -0.28
CA GLU A 44 -1.74 -6.00 -0.94
C GLU A 44 -1.92 -7.51 -0.84
N ALA A 45 -0.82 -8.22 -1.00
CA ALA A 45 -0.82 -9.68 -0.92
C ALA A 45 -1.29 -10.13 0.45
N ALA A 46 -0.83 -9.45 1.48
CA ALA A 46 -1.19 -9.74 2.84
C ALA A 46 -2.69 -9.62 3.04
N ALA A 47 -3.27 -8.61 2.38
CA ALA A 47 -4.70 -8.39 2.46
C ALA A 47 -5.45 -9.59 1.89
N GLU A 48 -4.88 -10.20 0.85
CA GLU A 48 -5.48 -11.38 0.25
C GLU A 48 -5.37 -12.55 1.20
N VAL A 49 -4.23 -12.65 1.88
CA VAL A 49 -4.00 -13.73 2.84
C VAL A 49 -4.96 -13.58 4.01
N LEU A 50 -5.20 -12.35 4.40
CA LEU A 50 -6.12 -12.05 5.49
C LEU A 50 -7.54 -12.43 5.07
N ARG A 51 -7.83 -12.25 3.78
CA ARG A 51 -9.15 -12.57 3.24
C ARG A 51 -9.30 -14.08 3.08
N ASN A 52 -8.19 -14.73 2.85
CA ASN A 52 -8.15 -16.18 2.67
C ASN A 52 -7.10 -16.81 3.57
N PRO A 53 -7.37 -16.85 4.88
CA PRO A 53 -6.45 -17.43 5.86
C PRO A 53 -6.16 -18.90 5.58
N ASN A 54 -7.07 -19.54 4.88
CA ASN A 54 -6.92 -20.95 4.53
C ASN A 54 -6.01 -21.12 3.32
N GLN A 55 -5.65 -20.02 2.69
CA GLN A 55 -4.79 -20.06 1.52
C GLN A 55 -3.33 -20.14 1.95
N GLU A 56 -2.81 -21.35 2.05
CA GLU A 56 -1.42 -21.55 2.45
C GLU A 56 -0.49 -20.94 1.41
N ASN A 57 -0.81 -21.14 0.13
CA ASN A 57 0.00 -20.60 -0.96
C ASN A 57 0.11 -19.09 -0.81
N LEU A 58 -0.98 -18.44 -0.42
CA LEU A 58 -0.98 -16.99 -0.25
C LEU A 58 -0.01 -16.59 0.85
N ARG A 59 0.07 -17.42 1.88
CA ARG A 59 0.98 -17.16 2.98
C ARG A 59 2.41 -17.30 2.52
N ARG A 60 2.67 -18.39 1.81
CA ARG A 60 3.99 -18.68 1.28
C ARG A 60 4.35 -17.62 0.24
N HIS A 61 3.34 -17.19 -0.49
CA HIS A 61 3.48 -16.16 -1.52
C HIS A 61 3.92 -14.85 -0.88
N ALA A 62 3.25 -14.47 0.19
CA ALA A 62 3.57 -13.24 0.89
C ALA A 62 4.98 -13.35 1.45
N ASN A 63 5.30 -14.55 1.93
CA ASN A 63 6.62 -14.83 2.47
C ASN A 63 7.68 -14.65 1.38
N LYS A 64 7.30 -14.99 0.15
CA LYS A 64 8.21 -14.86 -0.98
C LYS A 64 8.55 -13.39 -1.19
N LEU A 65 7.58 -12.52 -0.95
CA LEU A 65 7.79 -11.08 -1.09
C LEU A 65 8.71 -10.59 0.01
N LEU A 66 8.55 -11.16 1.19
CA LEU A 66 9.36 -10.81 2.35
C LEU A 66 10.81 -11.17 2.07
N SER A 67 11.00 -12.31 1.44
CA SER A 67 12.33 -12.78 1.09
C SER A 67 12.88 -11.98 -0.08
N LEU A 68 12.02 -11.73 -1.06
CA LEU A 68 12.39 -10.97 -2.24
C LEU A 68 12.85 -9.56 -1.86
N LYS A 69 12.17 -8.95 -0.91
CA LYS A 69 12.52 -7.62 -0.43
C LYS A 69 13.91 -7.66 0.19
N LYS A 70 14.19 -8.74 0.88
CA LYS A 70 15.48 -8.93 1.52
C LYS A 70 16.56 -9.08 0.46
N ARG A 71 16.20 -9.81 -0.59
CA ARG A 71 17.09 -10.06 -1.72
C ARG A 71 17.50 -8.74 -2.37
N ALA A 72 16.53 -7.90 -2.66
CA ALA A 72 16.79 -6.61 -3.27
C ALA A 72 17.61 -5.71 -2.34
N TYR A 73 17.38 -5.86 -1.04
CA TYR A 73 18.11 -5.11 -0.03
C TYR A 73 19.59 -5.42 -0.07
N GLU A 74 19.90 -6.68 -0.37
CA GLU A 74 21.29 -7.14 -0.41
C GLU A 74 21.95 -6.89 -1.77
N LEU A 75 21.21 -6.34 -2.74
CA LEU A 75 21.77 -6.11 -4.06
C LEU A 75 21.70 -4.63 -4.50
N PRO A 76 22.65 -3.80 -4.05
CA PRO A 76 22.70 -2.39 -4.42
C PRO A 76 23.55 -2.15 -5.67
N ASP B 6 2.85 -24.07 -3.10
CA ASP B 6 3.87 -23.06 -3.30
C ASP B 6 5.24 -23.63 -2.95
N ASP B 7 5.56 -24.73 -3.60
CA ASP B 7 6.83 -25.42 -3.39
C ASP B 7 7.76 -25.17 -4.56
N SER B 8 9.04 -24.95 -4.25
CA SER B 8 10.06 -24.66 -5.25
C SER B 8 9.86 -23.26 -5.82
N ALA B 9 10.91 -22.45 -5.80
CA ALA B 9 10.80 -21.09 -6.29
C ALA B 9 10.42 -21.06 -7.76
N ALA B 10 11.18 -21.81 -8.58
CA ALA B 10 10.97 -21.88 -10.04
C ALA B 10 11.25 -20.54 -10.70
N GLU B 11 10.50 -19.54 -10.27
CA GLU B 11 10.63 -18.18 -10.75
C GLU B 11 10.90 -17.28 -9.56
N TRP B 12 10.41 -16.06 -9.61
CA TRP B 12 10.58 -15.10 -8.53
C TRP B 12 12.05 -14.78 -8.33
N ASN B 13 12.60 -14.07 -9.30
CA ASN B 13 13.98 -13.70 -9.26
C ASN B 13 14.14 -12.19 -9.33
N VAL B 14 15.06 -11.68 -8.55
CA VAL B 14 15.40 -10.28 -8.55
C VAL B 14 16.89 -10.22 -8.67
N SER B 15 17.39 -9.51 -9.66
CA SER B 15 18.83 -9.45 -9.87
C SER B 15 19.25 -8.15 -10.50
N ARG B 16 20.52 -7.84 -10.37
CA ARG B 16 21.09 -6.64 -10.95
C ARG B 16 21.71 -7.00 -12.29
N THR B 17 21.11 -6.52 -13.37
CA THR B 17 21.61 -6.83 -14.70
C THR B 17 22.44 -5.68 -15.26
N PRO B 18 23.55 -6.02 -15.92
CA PRO B 18 24.42 -5.02 -16.54
C PRO B 18 23.75 -4.35 -17.72
N ASP B 19 22.73 -5.03 -18.26
CA ASP B 19 22.01 -4.54 -19.43
C ASP B 19 20.65 -3.97 -19.06
N GLY B 20 20.19 -4.22 -17.86
CA GLY B 20 18.88 -3.75 -17.47
C GLY B 20 18.77 -3.19 -16.07
N ASP B 21 19.90 -3.11 -15.36
CA ASP B 21 19.93 -2.57 -13.99
C ASP B 21 19.36 -3.56 -13.01
N TYR B 22 18.05 -3.53 -12.82
CA TYR B 22 17.41 -4.48 -11.94
C TYR B 22 16.39 -5.25 -12.73
N ARG B 23 16.41 -6.54 -12.56
CA ARG B 23 15.47 -7.38 -13.24
C ARG B 23 14.65 -8.16 -12.24
N LEU B 24 13.35 -7.99 -12.34
CA LEU B 24 12.40 -8.67 -11.49
C LEU B 24 11.51 -9.60 -12.30
N ALA B 25 11.58 -10.90 -12.00
CA ALA B 25 10.80 -11.91 -12.70
C ALA B 25 10.00 -12.74 -11.71
N ILE B 26 8.68 -12.62 -11.74
CA ILE B 26 7.84 -13.38 -10.80
C ILE B 26 6.67 -14.06 -11.51
N THR B 27 5.90 -14.84 -10.75
CA THR B 27 4.74 -15.56 -11.27
C THR B 27 3.63 -15.63 -10.23
N CYS B 28 2.38 -15.70 -10.68
CA CYS B 28 1.24 -15.81 -9.78
C CYS B 28 0.10 -16.53 -10.48
N PRO B 29 -0.49 -17.55 -9.83
CA PRO B 29 -1.58 -18.32 -10.39
C PRO B 29 -2.95 -17.66 -10.20
N ASN B 30 -2.95 -16.36 -9.93
CA ASN B 30 -4.20 -15.63 -9.75
C ASN B 30 -4.10 -14.27 -10.42
N LYS B 31 -5.17 -13.89 -11.11
CA LYS B 31 -5.21 -12.63 -11.82
C LYS B 31 -5.25 -11.45 -10.84
N GLU B 32 -5.87 -11.68 -9.70
CA GLU B 32 -6.00 -10.64 -8.68
C GLU B 32 -4.66 -10.38 -8.01
N TRP B 33 -3.92 -11.45 -7.77
CA TRP B 33 -2.61 -11.35 -7.13
C TRP B 33 -1.68 -10.49 -7.96
N LEU B 34 -1.67 -10.72 -9.27
CA LEU B 34 -0.83 -9.97 -10.17
C LEU B 34 -1.24 -8.50 -10.18
N LEU B 35 -2.54 -8.27 -10.25
CA LEU B 35 -3.07 -6.92 -10.26
C LEU B 35 -2.72 -6.20 -8.95
N GLN B 36 -2.84 -6.92 -7.85
CA GLN B 36 -2.54 -6.37 -6.53
C GLN B 36 -1.06 -6.05 -6.42
N SER B 37 -0.22 -6.89 -7.01
CA SER B 37 1.20 -6.69 -7.00
C SER B 37 1.56 -5.39 -7.71
N ILE B 38 0.92 -5.16 -8.84
CA ILE B 38 1.14 -3.94 -9.60
C ILE B 38 0.60 -2.74 -8.83
N GLU B 39 -0.59 -2.90 -8.28
CA GLU B 39 -1.25 -1.85 -7.51
C GLU B 39 -0.42 -1.46 -6.29
N GLY B 40 0.20 -2.45 -5.67
CA GLY B 40 1.02 -2.20 -4.51
C GLY B 40 2.28 -1.43 -4.87
N MET B 41 2.88 -1.82 -5.99
CA MET B 41 4.09 -1.18 -6.48
C MET B 41 3.80 0.25 -6.92
N ILE B 42 2.70 0.44 -7.64
CA ILE B 42 2.30 1.78 -8.08
C ILE B 42 2.08 2.70 -6.88
N LYS B 43 1.55 2.14 -5.80
CA LYS B 43 1.28 2.90 -4.59
C LYS B 43 2.56 3.52 -4.02
N GLU B 44 3.58 2.70 -3.86
CA GLU B 44 4.86 3.18 -3.32
C GLU B 44 5.54 4.09 -4.32
N ALA B 45 5.43 3.73 -5.58
CA ALA B 45 6.00 4.53 -6.66
C ALA B 45 5.40 5.92 -6.65
N ALA B 46 4.09 6.00 -6.45
CA ALA B 46 3.39 7.26 -6.39
C ALA B 46 3.90 8.10 -5.23
N ALA B 47 4.16 7.43 -4.10
CA ALA B 47 4.68 8.10 -2.92
C ALA B 47 6.02 8.75 -3.21
N GLU B 48 6.83 8.09 -4.03
CA GLU B 48 8.12 8.61 -4.42
C GLU B 48 7.92 9.84 -5.29
N VAL B 49 6.91 9.77 -6.15
CA VAL B 49 6.58 10.88 -7.04
C VAL B 49 6.14 12.08 -6.23
N LEU B 50 5.44 11.81 -5.14
CA LEU B 50 4.97 12.88 -4.26
C LEU B 50 6.15 13.54 -3.56
N ARG B 51 7.16 12.74 -3.23
CA ARG B 51 8.35 13.24 -2.57
C ARG B 51 9.25 13.96 -3.57
N ASN B 52 9.11 13.57 -4.83
CA ASN B 52 9.88 14.15 -5.93
C ASN B 52 8.93 14.56 -7.06
N PRO B 53 8.13 15.60 -6.84
CA PRO B 53 7.13 16.09 -7.81
C PRO B 53 7.73 16.46 -9.15
N ASN B 54 8.97 16.93 -9.15
CA ASN B 54 9.63 17.33 -10.39
C ASN B 54 10.28 16.15 -11.11
N GLN B 55 10.18 14.97 -10.52
CA GLN B 55 10.76 13.77 -11.12
C GLN B 55 9.89 13.23 -12.25
N GLU B 56 10.26 13.52 -13.48
CA GLU B 56 9.51 13.04 -14.64
C GLU B 56 9.61 11.52 -14.73
N ASN B 57 10.82 11.00 -14.57
CA ASN B 57 11.07 9.57 -14.62
C ASN B 57 10.20 8.82 -13.65
N LEU B 58 9.95 9.42 -12.50
CA LEU B 58 9.10 8.80 -11.50
C LEU B 58 7.66 8.75 -11.98
N ARG B 59 7.22 9.83 -12.60
CA ARG B 59 5.86 9.91 -13.11
C ARG B 59 5.67 8.95 -14.27
N ARG B 60 6.69 8.86 -15.13
CA ARG B 60 6.64 7.97 -16.27
C ARG B 60 6.66 6.52 -15.78
N HIS B 61 7.46 6.28 -14.74
CA HIS B 61 7.56 4.96 -14.16
C HIS B 61 6.24 4.57 -13.52
N ALA B 62 5.67 5.51 -12.77
CA ALA B 62 4.38 5.29 -12.12
C ALA B 62 3.32 5.04 -13.18
N ASN B 63 3.43 5.77 -14.28
CA ASN B 63 2.51 5.63 -15.40
C ASN B 63 2.69 4.26 -16.04
N LYS B 64 3.91 3.77 -16.06
CA LYS B 64 4.18 2.45 -16.63
C LYS B 64 3.51 1.39 -15.78
N LEU B 65 3.42 1.64 -14.47
CA LEU B 65 2.76 0.71 -13.55
C LEU B 65 1.27 0.74 -13.83
N LEU B 66 0.76 1.93 -14.14
CA LEU B 66 -0.64 2.10 -14.47
C LEU B 66 -0.94 1.33 -15.74
N SER B 67 0.00 1.40 -16.67
CA SER B 67 -0.10 0.71 -17.95
C SER B 67 -0.02 -0.81 -17.74
N LEU B 68 0.90 -1.20 -16.87
CA LEU B 68 1.11 -2.61 -16.55
C LEU B 68 -0.16 -3.24 -15.97
N LYS B 69 -0.88 -2.47 -15.16
CA LYS B 69 -2.12 -2.93 -14.57
C LYS B 69 -3.13 -3.22 -15.68
N LYS B 70 -3.12 -2.36 -16.69
CA LYS B 70 -4.00 -2.51 -17.84
C LYS B 70 -3.59 -3.75 -18.62
N ARG B 71 -2.29 -3.94 -18.73
CA ARG B 71 -1.73 -5.09 -19.44
C ARG B 71 -2.19 -6.38 -18.78
N ALA B 72 -2.06 -6.44 -17.46
CA ALA B 72 -2.48 -7.61 -16.69
C ALA B 72 -3.98 -7.82 -16.82
N TYR B 73 -4.72 -6.73 -16.95
CA TYR B 73 -6.17 -6.77 -17.11
C TYR B 73 -6.54 -7.51 -18.39
N GLU B 74 -5.74 -7.32 -19.41
CA GLU B 74 -5.94 -7.95 -20.71
C GLU B 74 -5.43 -9.39 -20.73
N LEU B 75 -4.85 -9.84 -19.63
CA LEU B 75 -4.32 -11.18 -19.54
C LEU B 75 -5.42 -12.17 -19.15
N PRO B 76 -5.36 -13.40 -19.70
CA PRO B 76 -6.35 -14.45 -19.43
C PRO B 76 -6.38 -14.87 -17.97
N ASP C 6 -7.31 -5.78 22.31
CA ASP C 6 -8.26 -4.73 21.98
C ASP C 6 -9.44 -5.32 21.20
N ASP C 7 -10.51 -5.64 21.91
CA ASP C 7 -11.70 -6.22 21.29
C ASP C 7 -12.75 -5.14 21.11
N SER C 8 -13.70 -5.39 20.21
CA SER C 8 -14.77 -4.43 19.90
C SER C 8 -14.19 -3.20 19.21
N ALA C 9 -15.03 -2.23 18.90
CA ALA C 9 -14.55 -1.03 18.24
C ALA C 9 -14.14 0.04 19.24
N ALA C 10 -15.05 0.37 20.17
CA ALA C 10 -14.84 1.41 21.19
C ALA C 10 -14.73 2.77 20.52
N GLU C 11 -13.68 2.90 19.73
CA GLU C 11 -13.40 4.08 18.96
C GLU C 11 -13.64 3.71 17.50
N TRP C 12 -12.74 4.15 16.62
CA TRP C 12 -12.83 3.83 15.20
C TRP C 12 -14.15 4.29 14.62
N ASN C 13 -14.30 5.60 14.50
CA ASN C 13 -15.52 6.16 13.98
C ASN C 13 -15.28 6.91 12.69
N VAL C 14 -16.21 6.77 11.78
CA VAL C 14 -16.15 7.46 10.52
C VAL C 14 -17.52 8.06 10.25
N SER C 15 -17.57 9.34 9.98
CA SER C 15 -18.82 10.03 9.73
C SER C 15 -18.63 11.20 8.78
N ARG C 16 -19.72 11.84 8.42
CA ARG C 16 -19.68 12.98 7.55
C ARG C 16 -19.60 14.26 8.37
N THR C 17 -18.50 14.98 8.24
CA THR C 17 -18.29 16.20 8.99
C THR C 17 -18.58 17.42 8.13
N PRO C 18 -19.26 18.42 8.69
CA PRO C 18 -19.58 19.65 7.98
C PRO C 18 -18.33 20.47 7.69
N ASP C 19 -17.28 20.16 8.42
CA ASP C 19 -16.01 20.88 8.31
C ASP C 19 -14.95 20.10 7.54
N GLY C 20 -15.25 18.86 7.17
CA GLY C 20 -14.25 18.09 6.45
C GLY C 20 -14.81 16.95 5.62
N ASP C 21 -16.14 16.89 5.48
CA ASP C 21 -16.83 15.87 4.68
C ASP C 21 -16.81 14.53 5.36
N TYR C 22 -15.66 13.93 5.48
CA TYR C 22 -15.55 12.66 6.15
C TYR C 22 -14.59 12.79 7.31
N ARG C 23 -15.01 12.30 8.44
CA ARG C 23 -14.17 12.35 9.62
C ARG C 23 -13.90 10.94 10.09
N LEU C 24 -12.62 10.62 10.20
CA LEU C 24 -12.21 9.30 10.66
C LEU C 24 -11.44 9.42 11.97
N ALA C 25 -11.99 8.83 13.02
CA ALA C 25 -11.40 8.86 14.36
C ALA C 25 -11.09 7.46 14.86
N ILE C 26 -9.83 7.06 14.85
CA ILE C 26 -9.45 5.71 15.28
C ILE C 26 -8.34 5.74 16.34
N THR C 27 -8.10 4.59 16.95
CA THR C 27 -7.10 4.44 18.00
C THR C 27 -6.16 3.27 17.70
N CYS C 28 -4.97 3.31 18.26
CA CYS C 28 -4.01 2.24 18.09
C CYS C 28 -3.03 2.26 19.26
N PRO C 29 -2.86 1.12 19.94
CA PRO C 29 -1.95 1.01 21.08
C PRO C 29 -0.51 0.77 20.65
N ASN C 30 -0.24 1.01 19.38
CA ASN C 30 1.10 0.81 18.85
C ASN C 30 1.51 2.01 18.02
N LYS C 31 2.68 2.54 18.32
CA LYS C 31 3.19 3.70 17.60
C LYS C 31 3.48 3.32 16.16
N GLU C 32 3.84 2.07 15.96
CA GLU C 32 4.14 1.54 14.64
C GLU C 32 2.87 1.49 13.80
N TRP C 33 1.78 1.06 14.43
CA TRP C 33 0.49 0.96 13.77
C TRP C 33 0.06 2.32 13.23
N LEU C 34 0.25 3.35 14.05
CA LEU C 34 -0.12 4.71 13.66
C LEU C 34 0.70 5.17 12.48
N LEU C 35 2.00 4.90 12.51
CA LEU C 35 2.89 5.29 11.42
C LEU C 35 2.54 4.52 10.15
N GLN C 36 2.19 3.24 10.32
CA GLN C 36 1.82 2.40 9.20
C GLN C 36 0.52 2.89 8.58
N SER C 37 -0.36 3.41 9.43
CA SER C 37 -1.64 3.93 8.99
C SER C 37 -1.43 5.10 8.06
N ILE C 38 -0.58 6.03 8.47
CA ILE C 38 -0.27 7.21 7.67
C ILE C 38 0.35 6.79 6.34
N GLU C 39 1.24 5.82 6.39
CA GLU C 39 1.89 5.29 5.20
C GLU C 39 0.85 4.78 4.25
N GLY C 40 -0.11 4.06 4.81
CA GLY C 40 -1.18 3.50 4.02
C GLY C 40 -1.99 4.56 3.31
N MET C 41 -2.41 5.58 4.03
CA MET C 41 -3.22 6.65 3.46
C MET C 41 -2.42 7.53 2.50
N ILE C 42 -1.16 7.85 2.82
CA ILE C 42 -0.35 8.68 1.93
C ILE C 42 -0.09 7.94 0.62
N LYS C 43 0.10 6.62 0.70
CA LYS C 43 0.35 5.81 -0.48
C LYS C 43 -0.79 5.91 -1.48
N GLU C 44 -2.01 5.75 -0.99
CA GLU C 44 -3.18 5.85 -1.85
C GLU C 44 -3.38 7.28 -2.32
N ALA C 45 -3.17 8.21 -1.39
CA ALA C 45 -3.30 9.63 -1.67
C ALA C 45 -2.36 10.05 -2.79
N ALA C 46 -1.11 9.61 -2.68
CA ALA C 46 -0.10 9.90 -3.67
C ALA C 46 -0.50 9.38 -5.05
N ALA C 47 -1.09 8.18 -5.06
CA ALA C 47 -1.55 7.57 -6.30
C ALA C 47 -2.65 8.41 -6.93
N GLU C 48 -3.52 8.95 -6.09
CA GLU C 48 -4.62 9.78 -6.57
C GLU C 48 -4.08 11.09 -7.14
N VAL C 49 -3.01 11.60 -6.54
CA VAL C 49 -2.40 12.85 -7.03
C VAL C 49 -1.78 12.63 -8.40
N LEU C 50 -1.18 11.46 -8.59
CA LEU C 50 -0.58 11.14 -9.87
C LEU C 50 -1.67 10.99 -10.92
N ARG C 51 -2.82 10.48 -10.48
CA ARG C 51 -3.97 10.27 -11.35
C ARG C 51 -4.67 11.59 -11.63
N ASN C 52 -4.52 12.52 -10.70
CA ASN C 52 -5.12 13.84 -10.80
C ASN C 52 -4.08 14.92 -10.49
N PRO C 53 -3.11 15.10 -11.40
CA PRO C 53 -2.02 16.08 -11.24
C PRO C 53 -2.51 17.51 -11.06
N ASN C 54 -3.65 17.81 -11.65
CA ASN C 54 -4.22 19.14 -11.57
C ASN C 54 -4.94 19.37 -10.25
N GLN C 55 -5.12 18.30 -9.47
CA GLN C 55 -5.81 18.39 -8.20
C GLN C 55 -4.95 19.10 -7.16
N GLU C 56 -5.29 20.35 -6.87
CA GLU C 56 -4.56 21.12 -5.89
C GLU C 56 -4.78 20.56 -4.50
N ASN C 57 -6.05 20.34 -4.15
CA ASN C 57 -6.42 19.81 -2.85
C ASN C 57 -5.75 18.46 -2.58
N LEU C 58 -5.59 17.65 -3.61
CA LEU C 58 -4.96 16.34 -3.44
C LEU C 58 -3.52 16.50 -2.97
N ARG C 59 -2.81 17.44 -3.59
CA ARG C 59 -1.42 17.70 -3.23
C ARG C 59 -1.33 18.20 -1.81
N ARG C 60 -2.22 19.13 -1.46
CA ARG C 60 -2.25 19.69 -0.11
C ARG C 60 -2.66 18.63 0.89
N HIS C 61 -3.58 17.78 0.48
CA HIS C 61 -4.06 16.70 1.32
C HIS C 61 -2.96 15.68 1.53
N ALA C 62 -2.27 15.33 0.46
CA ALA C 62 -1.16 14.40 0.54
C ALA C 62 -0.07 14.99 1.42
N ASN C 63 0.12 16.30 1.28
CA ASN C 63 1.09 17.03 2.09
C ASN C 63 0.72 16.90 3.55
N LYS C 64 -0.59 16.91 3.82
CA LYS C 64 -1.09 16.77 5.18
C LYS C 64 -0.71 15.40 5.74
N LEU C 65 -0.73 14.39 4.88
CA LEU C 65 -0.35 13.03 5.28
C LEU C 65 1.15 12.99 5.53
N LEU C 66 1.89 13.68 4.66
CA LEU C 66 3.34 13.75 4.79
C LEU C 66 3.73 14.45 6.08
N SER C 67 2.97 15.48 6.41
CA SER C 67 3.20 16.25 7.62
C SER C 67 2.80 15.43 8.84
N LEU C 68 1.64 14.76 8.73
CA LEU C 68 1.12 13.92 9.80
C LEU C 68 2.11 12.81 10.14
N LYS C 69 2.72 12.24 9.11
CA LYS C 69 3.71 11.17 9.29
C LYS C 69 4.89 11.68 10.10
N LYS C 70 5.30 12.90 9.79
CA LYS C 70 6.42 13.53 10.47
C LYS C 70 6.00 13.87 11.89
N ARG C 71 4.75 14.31 12.03
CA ARG C 71 4.18 14.67 13.31
C ARG C 71 4.18 13.47 14.25
N ALA C 72 3.66 12.36 13.76
CA ALA C 72 3.59 11.13 14.54
C ALA C 72 4.98 10.60 14.88
N TYR C 73 5.91 10.76 13.95
CA TYR C 73 7.27 10.30 14.15
C TYR C 73 7.96 11.08 15.27
N GLU C 74 7.70 12.37 15.32
CA GLU C 74 8.30 13.24 16.32
C GLU C 74 7.57 13.17 17.66
N LEU C 75 6.25 12.99 17.63
CA LEU C 75 5.46 12.93 18.85
C LEU C 75 5.66 11.61 19.58
N PRO C 76 6.06 11.68 20.87
CA PRO C 76 6.28 10.51 21.70
C PRO C 76 5.02 10.09 22.46
N ASP D 6 -9.92 24.72 2.46
CA ASP D 6 -9.54 25.37 3.71
C ASP D 6 -8.16 24.88 4.14
N ASP D 7 -7.24 25.81 4.30
CA ASP D 7 -5.88 25.46 4.70
C ASP D 7 -5.66 25.61 6.20
N SER D 8 -6.73 25.92 6.92
CA SER D 8 -6.64 26.04 8.37
C SER D 8 -6.56 24.64 8.97
N ALA D 9 -6.46 24.53 10.28
CA ALA D 9 -6.39 23.22 10.89
C ALA D 9 -7.73 22.50 10.73
N ALA D 10 -8.80 23.17 11.20
CA ALA D 10 -10.18 22.66 11.14
C ALA D 10 -10.34 21.33 11.86
N GLU D 11 -9.68 20.33 11.32
CA GLU D 11 -9.70 18.99 11.84
C GLU D 11 -8.27 18.47 11.92
N TRP D 12 -8.09 17.18 11.62
CA TRP D 12 -6.77 16.56 11.63
C TRP D 12 -6.14 16.64 13.01
N ASN D 13 -6.55 15.73 13.87
CA ASN D 13 -6.06 15.72 15.23
C ASN D 13 -5.43 14.39 15.57
N VAL D 14 -4.34 14.43 16.30
CA VAL D 14 -3.67 13.24 16.76
C VAL D 14 -3.19 13.49 18.18
N SER D 15 -3.57 12.62 19.09
CA SER D 15 -3.21 12.78 20.48
C SER D 15 -3.02 11.43 21.15
N ARG D 16 -2.61 11.47 22.40
CA ARG D 16 -2.39 10.28 23.19
C ARG D 16 -3.60 9.97 24.04
N THR D 17 -4.20 8.81 23.83
CA THR D 17 -5.34 8.42 24.63
C THR D 17 -4.89 7.49 25.72
N PRO D 18 -5.47 7.61 26.91
CA PRO D 18 -5.09 6.77 28.06
C PRO D 18 -5.44 5.30 27.86
N ASP D 19 -6.50 5.05 27.12
CA ASP D 19 -6.95 3.68 26.88
C ASP D 19 -6.66 3.20 25.46
N GLY D 20 -6.27 4.12 24.60
CA GLY D 20 -6.01 3.75 23.22
C GLY D 20 -4.62 4.13 22.74
N ASP D 21 -3.83 4.75 23.61
CA ASP D 21 -2.45 5.17 23.31
C ASP D 21 -2.43 6.35 22.37
N TYR D 22 -2.85 6.13 21.14
CA TYR D 22 -2.87 7.19 20.15
C TYR D 22 -4.24 7.29 19.50
N ARG D 23 -4.72 8.50 19.39
CA ARG D 23 -6.00 8.78 18.77
C ARG D 23 -5.78 9.70 17.57
N LEU D 24 -6.27 9.29 16.41
CA LEU D 24 -6.11 10.08 15.20
C LEU D 24 -7.47 10.36 14.55
N ALA D 25 -7.72 11.63 14.26
CA ALA D 25 -8.96 12.07 13.64
C ALA D 25 -8.68 13.02 12.48
N ILE D 26 -8.76 12.53 11.26
CA ILE D 26 -8.50 13.39 10.10
C ILE D 26 -9.72 13.41 9.18
N THR D 27 -9.71 14.31 8.21
CA THR D 27 -10.84 14.47 7.30
C THR D 27 -10.43 14.31 5.84
N CYS D 28 -11.41 13.94 5.02
CA CYS D 28 -11.21 13.80 3.58
C CYS D 28 -12.50 14.16 2.86
N PRO D 29 -12.43 15.05 1.86
CA PRO D 29 -13.60 15.48 1.10
C PRO D 29 -13.99 14.48 0.01
N ASN D 30 -13.46 13.28 0.10
CA ASN D 30 -13.76 12.24 -0.86
C ASN D 30 -13.98 10.93 -0.15
N LYS D 31 -15.07 10.26 -0.49
CA LYS D 31 -15.40 8.98 0.13
C LYS D 31 -14.36 7.93 -0.24
N GLU D 32 -13.84 8.06 -1.45
CA GLU D 32 -12.85 7.14 -1.97
C GLU D 32 -11.54 7.27 -1.22
N TRP D 33 -11.24 8.48 -0.77
CA TRP D 33 -10.00 8.74 -0.03
C TRP D 33 -10.04 8.03 1.30
N LEU D 34 -11.18 8.11 1.97
CA LEU D 34 -11.36 7.46 3.26
C LEU D 34 -11.32 5.95 3.10
N LEU D 35 -11.98 5.46 2.06
CA LEU D 35 -12.02 4.03 1.78
C LEU D 35 -10.62 3.51 1.51
N GLN D 36 -9.86 4.29 0.75
CA GLN D 36 -8.49 3.92 0.40
C GLN D 36 -7.60 3.98 1.64
N SER D 37 -7.87 4.94 2.51
CA SER D 37 -7.11 5.11 3.73
C SER D 37 -7.20 3.85 4.59
N ILE D 38 -8.42 3.35 4.76
CA ILE D 38 -8.64 2.14 5.54
C ILE D 38 -7.96 0.96 4.85
N GLU D 39 -8.09 0.90 3.53
CA GLU D 39 -7.49 -0.16 2.73
C GLU D 39 -5.98 -0.17 2.91
N GLY D 40 -5.40 1.01 2.94
CA GLY D 40 -3.98 1.13 3.13
C GLY D 40 -3.53 0.61 4.47
N MET D 41 -4.29 0.93 5.51
CA MET D 41 -3.97 0.50 6.86
C MET D 41 -4.12 -1.01 7.04
N ILE D 42 -5.22 -1.60 6.54
CA ILE D 42 -5.42 -3.04 6.66
C ILE D 42 -4.30 -3.79 5.95
N LYS D 43 -3.84 -3.27 4.83
CA LYS D 43 -2.76 -3.89 4.07
C LYS D 43 -1.51 -4.00 4.92
N GLU D 44 -1.13 -2.91 5.57
CA GLU D 44 0.04 -2.90 6.43
C GLU D 44 -0.18 -3.79 7.64
N ALA D 45 -1.39 -3.70 8.18
CA ALA D 45 -1.79 -4.49 9.34
C ALA D 45 -1.67 -5.98 9.04
N ALA D 46 -2.20 -6.39 7.90
CA ALA D 46 -2.17 -7.78 7.48
C ALA D 46 -0.73 -8.26 7.34
N ALA D 47 0.12 -7.39 6.81
CA ALA D 47 1.53 -7.71 6.63
C ALA D 47 2.20 -7.92 7.99
N GLU D 48 1.71 -7.21 8.99
CA GLU D 48 2.22 -7.34 10.35
C GLU D 48 1.78 -8.68 10.92
N VAL D 49 0.55 -9.08 10.60
CA VAL D 49 0.01 -10.36 11.06
C VAL D 49 0.88 -11.51 10.56
N LEU D 50 1.37 -11.38 9.34
CA LEU D 50 2.23 -12.40 8.74
C LEU D 50 3.56 -12.49 9.50
N ARG D 51 4.01 -11.34 10.00
CA ARG D 51 5.25 -11.25 10.75
C ARG D 51 5.07 -11.79 12.16
N ASN D 52 3.87 -11.57 12.69
CA ASN D 52 3.51 -12.00 14.03
C ASN D 52 2.21 -12.79 14.01
N PRO D 53 2.24 -14.02 13.48
CA PRO D 53 1.06 -14.88 13.37
C PRO D 53 0.37 -15.12 14.71
N ASN D 54 1.18 -15.14 15.77
CA ASN D 54 0.66 -15.38 17.11
C ASN D 54 0.03 -14.11 17.71
N GLN D 55 0.09 -13.01 16.97
CA GLN D 55 -0.49 -11.76 17.44
C GLN D 55 -2.00 -11.75 17.21
N GLU D 56 -2.75 -12.28 18.16
CA GLU D 56 -4.20 -12.32 18.07
C GLU D 56 -4.75 -10.91 17.91
N ASN D 57 -4.17 -9.98 18.66
CA ASN D 57 -4.57 -8.57 18.64
C ASN D 57 -4.44 -8.00 17.23
N LEU D 58 -3.42 -8.45 16.51
CA LEU D 58 -3.20 -7.99 15.14
C LEU D 58 -4.30 -8.48 14.23
N ARG D 59 -4.71 -9.73 14.43
CA ARG D 59 -5.77 -10.32 13.62
C ARG D 59 -7.10 -9.64 13.92
N ARG D 60 -7.35 -9.35 15.20
CA ARG D 60 -8.57 -8.67 15.61
C ARG D 60 -8.56 -7.24 15.08
N HIS D 61 -7.39 -6.62 15.13
CA HIS D 61 -7.22 -5.27 14.64
C HIS D 61 -7.47 -5.24 13.14
N ALA D 62 -6.92 -6.25 12.46
CA ALA D 62 -7.09 -6.38 11.02
C ALA D 62 -8.58 -6.53 10.70
N ASN D 63 -9.27 -7.30 11.53
CA ASN D 63 -10.70 -7.50 11.38
C ASN D 63 -11.44 -6.19 11.57
N LYS D 64 -10.93 -5.36 12.47
CA LYS D 64 -11.54 -4.05 12.72
C LYS D 64 -11.45 -3.20 11.47
N LEU D 65 -10.37 -3.38 10.71
CA LEU D 65 -10.16 -2.64 9.47
C LEU D 65 -11.18 -3.10 8.45
N LEU D 66 -11.41 -4.41 8.43
CA LEU D 66 -12.37 -5.02 7.52
C LEU D 66 -13.76 -4.47 7.80
N SER D 67 -14.08 -4.37 9.08
CA SER D 67 -15.37 -3.87 9.51
C SER D 67 -15.49 -2.37 9.22
N LEU D 68 -14.42 -1.64 9.50
CA LEU D 68 -14.41 -0.20 9.25
C LEU D 68 -14.54 0.10 7.77
N LYS D 69 -13.87 -0.70 6.94
CA LYS D 69 -13.93 -0.51 5.49
C LYS D 69 -15.37 -0.71 5.03
N LYS D 70 -16.05 -1.64 5.67
CA LYS D 70 -17.44 -1.92 5.35
C LYS D 70 -18.32 -0.78 5.82
N ARG D 71 -17.98 -0.24 6.99
CA ARG D 71 -18.71 0.87 7.57
C ARG D 71 -18.66 2.08 6.65
N ALA D 72 -17.47 2.38 6.15
CA ALA D 72 -17.27 3.50 5.24
C ALA D 72 -17.98 3.25 3.91
N TYR D 73 -18.02 1.98 3.52
CA TYR D 73 -18.67 1.56 2.29
C TYR D 73 -20.15 1.88 2.32
N GLU D 74 -20.76 1.62 3.47
CA GLU D 74 -22.19 1.84 3.66
C GLU D 74 -22.52 3.30 3.93
N LEU D 75 -21.54 4.03 4.45
CA LEU D 75 -21.74 5.44 4.78
C LEU D 75 -21.73 6.31 3.52
N PRO D 76 -22.70 7.23 3.40
CA PRO D 76 -22.79 8.13 2.28
C PRO D 76 -22.11 9.48 2.57
N ASP A 6 11.02 7.47 -23.03
CA ASP A 6 12.17 6.56 -23.24
C ASP A 6 12.34 6.22 -24.71
N ASP A 7 13.48 5.64 -25.05
CA ASP A 7 13.77 5.23 -26.41
C ASP A 7 13.07 3.92 -26.71
N SER A 8 13.36 2.93 -25.88
CA SER A 8 12.76 1.61 -26.00
C SER A 8 12.54 1.02 -24.62
N ALA A 9 11.40 0.37 -24.41
CA ALA A 9 11.10 -0.22 -23.12
C ALA A 9 11.93 -1.49 -22.91
N ALA A 10 11.92 -2.37 -23.91
CA ALA A 10 12.66 -3.63 -23.91
C ALA A 10 12.11 -4.62 -22.87
N GLU A 11 12.07 -4.19 -21.63
CA GLU A 11 11.59 -5.01 -20.54
C GLU A 11 10.13 -4.68 -20.22
N TRP A 12 9.73 -4.97 -18.99
CA TRP A 12 8.37 -4.74 -18.51
C TRP A 12 7.37 -5.54 -19.33
N ASN A 13 7.53 -6.85 -19.25
CA ASN A 13 6.69 -7.78 -19.98
C ASN A 13 5.95 -8.69 -19.03
N VAL A 14 4.72 -9.02 -19.38
CA VAL A 14 3.91 -9.92 -18.58
C VAL A 14 3.14 -10.84 -19.51
N SER A 15 3.24 -12.14 -19.26
CA SER A 15 2.57 -13.13 -20.08
C SER A 15 2.23 -14.38 -19.27
N ARG A 16 1.69 -15.39 -19.94
CA ARG A 16 1.33 -16.63 -19.31
C ARG A 16 2.45 -17.65 -19.47
N THR A 17 2.69 -18.42 -18.44
CA THR A 17 3.73 -19.44 -18.47
C THR A 17 3.13 -20.81 -18.77
N PRO A 18 3.96 -21.72 -19.29
CA PRO A 18 3.56 -23.09 -19.64
C PRO A 18 3.20 -23.88 -18.38
N ASP A 19 3.65 -23.36 -17.25
CA ASP A 19 3.41 -23.99 -15.96
C ASP A 19 2.03 -23.61 -15.43
N GLY A 20 1.40 -22.66 -16.10
CA GLY A 20 0.08 -22.21 -15.70
C GLY A 20 0.12 -21.00 -14.80
N ASP A 21 1.23 -20.29 -14.85
CA ASP A 21 1.40 -19.11 -14.03
C ASP A 21 1.54 -17.89 -14.94
N TYR A 22 1.71 -16.74 -14.35
CA TYR A 22 1.90 -15.52 -15.12
C TYR A 22 3.30 -15.01 -14.85
N ARG A 23 4.03 -14.68 -15.90
CA ARG A 23 5.40 -14.23 -15.75
C ARG A 23 5.50 -12.73 -15.94
N LEU A 24 6.11 -12.07 -14.97
CA LEU A 24 6.28 -10.63 -15.03
C LEU A 24 7.77 -10.29 -15.01
N ALA A 25 8.24 -9.63 -16.06
CA ALA A 25 9.64 -9.27 -16.20
C ALA A 25 9.80 -7.76 -16.28
N ILE A 26 9.98 -7.10 -15.15
CA ILE A 26 10.13 -5.66 -15.13
C ILE A 26 11.53 -5.26 -14.68
N THR A 27 11.84 -3.98 -14.79
CA THR A 27 13.14 -3.46 -14.39
C THR A 27 13.01 -2.10 -13.71
N CYS A 28 13.96 -1.80 -12.83
CA CYS A 28 13.99 -0.54 -12.12
C CYS A 28 15.44 -0.13 -11.91
N PRO A 29 15.80 1.11 -12.24
CA PRO A 29 17.18 1.59 -12.10
C PRO A 29 17.48 2.06 -10.68
N ASN A 30 16.58 1.77 -9.75
CA ASN A 30 16.76 2.19 -8.37
C ASN A 30 16.36 1.06 -7.43
N LYS A 31 17.24 0.77 -6.47
CA LYS A 31 16.98 -0.29 -5.50
C LYS A 31 15.84 0.11 -4.58
N GLU A 32 15.70 1.40 -4.35
CA GLU A 32 14.66 1.93 -3.49
C GLU A 32 13.30 1.70 -4.13
N TRP A 33 13.26 1.82 -5.44
CA TRP A 33 12.04 1.63 -6.20
C TRP A 33 11.57 0.19 -6.08
N LEU A 34 12.51 -0.74 -6.13
CA LEU A 34 12.20 -2.15 -6.01
C LEU A 34 11.68 -2.46 -4.61
N LEU A 35 12.38 -1.92 -3.61
CA LEU A 35 12.02 -2.13 -2.21
C LEU A 35 10.58 -1.69 -1.95
N GLN A 36 10.23 -0.52 -2.48
CA GLN A 36 8.89 0.01 -2.29
C GLN A 36 7.87 -0.79 -3.09
N SER A 37 8.25 -1.18 -4.30
CA SER A 37 7.38 -1.93 -5.18
C SER A 37 7.00 -3.27 -4.55
N ILE A 38 8.00 -4.00 -4.05
CA ILE A 38 7.76 -5.30 -3.42
C ILE A 38 6.87 -5.15 -2.20
N GLU A 39 7.15 -4.11 -1.40
CA GLU A 39 6.38 -3.85 -0.20
C GLU A 39 4.91 -3.60 -0.56
N GLY A 40 4.71 -2.91 -1.66
CA GLY A 40 3.37 -2.61 -2.13
C GLY A 40 2.58 -3.86 -2.44
N MET A 41 3.18 -4.79 -3.17
CA MET A 41 2.51 -6.03 -3.54
C MET A 41 2.29 -6.91 -2.32
N ILE A 42 3.29 -6.97 -1.44
CA ILE A 42 3.17 -7.77 -0.22
C ILE A 42 2.01 -7.28 0.63
N LYS A 43 1.77 -5.97 0.61
CA LYS A 43 0.68 -5.38 1.39
C LYS A 43 -0.68 -5.93 0.94
N GLU A 44 -0.93 -5.89 -0.37
CA GLU A 44 -2.18 -6.38 -0.92
C GLU A 44 -2.33 -7.87 -0.72
N ALA A 45 -1.23 -8.58 -0.93
CA ALA A 45 -1.20 -10.03 -0.79
C ALA A 45 -1.60 -10.44 0.63
N ALA A 46 -1.04 -9.73 1.60
CA ALA A 46 -1.33 -10.00 3.00
C ALA A 46 -2.79 -9.72 3.30
N ALA A 47 -3.30 -8.63 2.73
CA ALA A 47 -4.69 -8.25 2.91
C ALA A 47 -5.59 -9.33 2.32
N GLU A 48 -5.16 -9.92 1.22
CA GLU A 48 -5.90 -10.97 0.56
C GLU A 48 -5.96 -12.18 1.48
N VAL A 49 -4.85 -12.47 2.16
CA VAL A 49 -4.78 -13.58 3.09
C VAL A 49 -5.74 -13.36 4.24
N LEU A 50 -5.86 -12.11 4.68
CA LEU A 50 -6.76 -11.77 5.77
C LEU A 50 -8.20 -12.07 5.38
N ARG A 51 -8.53 -11.82 4.11
CA ARG A 51 -9.87 -12.07 3.60
C ARG A 51 -10.09 -13.55 3.33
N ASN A 52 -9.01 -14.23 2.96
CA ASN A 52 -9.06 -15.65 2.65
C ASN A 52 -8.00 -16.41 3.45
N PRO A 53 -8.21 -16.55 4.76
CA PRO A 53 -7.28 -17.25 5.64
C PRO A 53 -7.06 -18.70 5.24
N ASN A 54 -8.05 -19.27 4.57
CA ASN A 54 -7.97 -20.66 4.11
C ASN A 54 -7.13 -20.78 2.85
N GLN A 55 -6.72 -19.65 2.30
CA GLN A 55 -5.93 -19.65 1.09
C GLN A 55 -4.44 -19.85 1.42
N GLU A 56 -4.03 -21.10 1.50
CA GLU A 56 -2.64 -21.44 1.81
C GLU A 56 -1.69 -20.83 0.80
N ASN A 57 -2.00 -20.98 -0.49
CA ASN A 57 -1.16 -20.45 -1.55
C ASN A 57 -1.02 -18.94 -1.45
N LEU A 58 -2.06 -18.27 -0.97
CA LEU A 58 -2.02 -16.84 -0.80
C LEU A 58 -0.97 -16.47 0.22
N ARG A 59 -0.88 -17.28 1.27
CA ARG A 59 0.10 -17.07 2.34
C ARG A 59 1.50 -17.34 1.81
N ARG A 60 1.62 -18.40 1.01
CA ARG A 60 2.91 -18.77 0.43
C ARG A 60 3.34 -17.71 -0.59
N HIS A 61 2.37 -17.16 -1.31
CA HIS A 61 2.63 -16.12 -2.29
C HIS A 61 3.14 -14.87 -1.60
N ALA A 62 2.47 -14.49 -0.54
CA ALA A 62 2.84 -13.32 0.25
C ALA A 62 4.23 -13.53 0.83
N ASN A 63 4.50 -14.75 1.24
CA ASN A 63 5.80 -15.11 1.78
C ASN A 63 6.86 -15.00 0.70
N LYS A 64 6.48 -15.32 -0.53
CA LYS A 64 7.40 -15.22 -1.65
C LYS A 64 7.79 -13.77 -1.86
N LEU A 65 6.85 -12.87 -1.56
CA LEU A 65 7.10 -11.43 -1.67
C LEU A 65 8.04 -10.99 -0.57
N LEU A 66 7.82 -11.54 0.62
CA LEU A 66 8.67 -11.22 1.77
C LEU A 66 10.10 -11.63 1.46
N SER A 67 10.25 -12.79 0.84
CA SER A 67 11.53 -13.32 0.46
C SER A 67 12.13 -12.46 -0.65
N LEU A 68 11.28 -12.07 -1.59
CA LEU A 68 11.69 -11.23 -2.71
C LEU A 68 12.23 -9.91 -2.20
N LYS A 69 11.60 -9.39 -1.16
CA LYS A 69 12.01 -8.13 -0.55
C LYS A 69 13.39 -8.30 0.06
N LYS A 70 13.60 -9.45 0.68
CA LYS A 70 14.88 -9.78 1.30
C LYS A 70 15.94 -9.96 0.21
N ARG A 71 15.52 -10.58 -0.89
CA ARG A 71 16.41 -10.82 -2.01
C ARG A 71 16.86 -9.51 -2.63
N ALA A 72 15.91 -8.59 -2.83
CA ALA A 72 16.20 -7.28 -3.38
C ALA A 72 17.12 -6.51 -2.44
N TYR A 73 16.94 -6.75 -1.13
CA TYR A 73 17.76 -6.11 -0.11
C TYR A 73 19.23 -6.48 -0.30
N GLU A 74 19.46 -7.75 -0.65
CA GLU A 74 20.80 -8.24 -0.88
C GLU A 74 21.32 -7.79 -2.24
N LEU A 75 20.43 -7.89 -3.24
CA LEU A 75 20.74 -7.49 -4.61
C LEU A 75 21.87 -8.35 -5.18
N PRO A 76 21.53 -9.52 -5.73
CA PRO A 76 22.48 -10.44 -6.32
C PRO A 76 22.67 -10.23 -7.82
N ASP B 6 6.67 -27.50 0.37
CA ASP B 6 6.08 -28.33 -0.68
C ASP B 6 6.28 -27.67 -2.04
N ASP B 7 5.96 -26.39 -2.15
CA ASP B 7 6.10 -25.68 -3.41
C ASP B 7 7.38 -24.86 -3.43
N SER B 8 8.23 -25.15 -4.41
CA SER B 8 9.49 -24.45 -4.57
C SER B 8 9.25 -23.07 -5.18
N ALA B 9 10.21 -22.16 -5.02
CA ALA B 9 10.08 -20.82 -5.56
C ALA B 9 9.99 -20.88 -7.09
N ALA B 10 10.92 -21.61 -7.70
CA ALA B 10 10.99 -21.80 -9.15
C ALA B 10 11.37 -20.51 -9.87
N GLU B 11 10.55 -19.49 -9.67
CA GLU B 11 10.76 -18.19 -10.28
C GLU B 11 11.04 -17.17 -9.20
N TRP B 12 10.56 -15.94 -9.40
CA TRP B 12 10.75 -14.86 -8.44
C TRP B 12 12.23 -14.54 -8.30
N ASN B 13 12.78 -14.04 -9.38
CA ASN B 13 14.19 -13.70 -9.42
C ASN B 13 14.38 -12.20 -9.52
N VAL B 14 15.35 -11.70 -8.79
CA VAL B 14 15.67 -10.29 -8.83
C VAL B 14 17.19 -10.14 -8.73
N SER B 15 17.77 -9.39 -9.65
CA SER B 15 19.21 -9.20 -9.66
C SER B 15 19.58 -7.95 -10.44
N ARG B 16 20.87 -7.63 -10.47
CA ARG B 16 21.35 -6.47 -11.20
C ARG B 16 21.73 -6.86 -12.62
N THR B 17 21.32 -6.06 -13.56
CA THR B 17 21.61 -6.30 -14.96
C THR B 17 22.93 -5.65 -15.35
N PRO B 18 23.57 -6.17 -16.41
CA PRO B 18 24.84 -5.66 -16.91
C PRO B 18 24.67 -4.26 -17.51
N ASP B 19 23.43 -3.93 -17.80
CA ASP B 19 23.09 -2.65 -18.40
C ASP B 19 23.01 -1.56 -17.33
N GLY B 20 23.05 -1.98 -16.07
CA GLY B 20 22.98 -1.02 -14.98
C GLY B 20 21.57 -0.85 -14.47
N ASP B 21 20.77 -1.87 -14.71
CA ASP B 21 19.38 -1.87 -14.28
C ASP B 21 19.17 -3.03 -13.33
N TYR B 22 17.96 -3.20 -12.84
CA TYR B 22 17.67 -4.31 -11.97
C TYR B 22 16.56 -5.13 -12.59
N ARG B 23 16.75 -6.44 -12.66
CA ARG B 23 15.78 -7.32 -13.31
C ARG B 23 14.98 -8.10 -12.29
N LEU B 24 13.67 -8.09 -12.47
CA LEU B 24 12.78 -8.82 -11.59
C LEU B 24 11.85 -9.72 -12.41
N ALA B 25 11.90 -11.01 -12.11
CA ALA B 25 11.09 -12.00 -12.81
C ALA B 25 10.26 -12.81 -11.82
N ILE B 26 8.99 -12.46 -11.65
CA ILE B 26 8.13 -13.17 -10.72
C ILE B 26 6.98 -13.87 -11.43
N THR B 27 6.24 -14.68 -10.68
CA THR B 27 5.11 -15.42 -11.23
C THR B 27 3.92 -15.44 -10.27
N CYS B 28 2.72 -15.53 -10.84
CA CYS B 28 1.49 -15.61 -10.06
C CYS B 28 0.44 -16.38 -10.87
N PRO B 29 -0.21 -17.37 -10.25
CA PRO B 29 -1.24 -18.17 -10.92
C PRO B 29 -2.60 -17.48 -10.95
N ASN B 30 -2.62 -16.20 -10.58
CA ASN B 30 -3.86 -15.45 -10.54
C ASN B 30 -3.65 -14.07 -11.14
N LYS B 31 -4.54 -13.67 -12.02
CA LYS B 31 -4.46 -12.37 -12.67
C LYS B 31 -4.69 -11.25 -11.66
N GLU B 32 -5.50 -11.55 -10.64
CA GLU B 32 -5.83 -10.59 -9.60
C GLU B 32 -4.64 -10.36 -8.69
N TRP B 33 -3.85 -11.40 -8.49
CA TRP B 33 -2.67 -11.31 -7.65
C TRP B 33 -1.69 -10.31 -8.26
N LEU B 34 -1.48 -10.45 -9.56
CA LEU B 34 -0.59 -9.54 -10.28
C LEU B 34 -1.17 -8.15 -10.30
N LEU B 35 -2.48 -8.08 -10.53
CA LEU B 35 -3.20 -6.80 -10.56
C LEU B 35 -3.05 -6.07 -9.24
N GLN B 36 -3.22 -6.80 -8.15
CA GLN B 36 -3.11 -6.23 -6.81
C GLN B 36 -1.69 -5.76 -6.58
N SER B 37 -0.74 -6.52 -7.07
CA SER B 37 0.67 -6.20 -6.95
C SER B 37 0.97 -4.88 -7.65
N ILE B 38 0.48 -4.76 -8.88
CA ILE B 38 0.69 -3.55 -9.66
C ILE B 38 0.10 -2.33 -8.96
N GLU B 39 -1.13 -2.46 -8.48
CA GLU B 39 -1.79 -1.36 -7.79
C GLU B 39 -1.04 -0.99 -6.53
N GLY B 40 -0.56 -2.01 -5.82
CA GLY B 40 0.18 -1.79 -4.61
C GLY B 40 1.49 -1.07 -4.84
N MET B 41 2.25 -1.56 -5.81
CA MET B 41 3.54 -0.96 -6.13
C MET B 41 3.40 0.42 -6.76
N ILE B 42 2.38 0.62 -7.60
CA ILE B 42 2.15 1.93 -8.21
C ILE B 42 1.89 2.97 -7.12
N LYS B 43 1.19 2.58 -6.06
CA LYS B 43 0.86 3.47 -4.96
C LYS B 43 2.13 3.97 -4.28
N GLU B 44 3.06 3.04 -4.04
CA GLU B 44 4.32 3.38 -3.41
C GLU B 44 5.13 4.28 -4.31
N ALA B 45 5.16 3.94 -5.58
CA ALA B 45 5.88 4.71 -6.57
C ALA B 45 5.31 6.13 -6.65
N ALA B 46 4.00 6.22 -6.61
CA ALA B 46 3.30 7.49 -6.66
C ALA B 46 3.70 8.37 -5.47
N ALA B 47 3.83 7.74 -4.30
CA ALA B 47 4.22 8.46 -3.10
C ALA B 47 5.62 9.04 -3.26
N GLU B 48 6.47 8.29 -3.94
CA GLU B 48 7.83 8.73 -4.20
C GLU B 48 7.79 9.92 -5.14
N VAL B 49 6.87 9.88 -6.10
CA VAL B 49 6.70 10.96 -7.06
C VAL B 49 6.31 12.25 -6.34
N LEU B 50 5.49 12.12 -5.30
CA LEU B 50 5.07 13.27 -4.52
C LEU B 50 6.26 13.84 -3.74
N ARG B 51 7.14 12.94 -3.30
CA ARG B 51 8.33 13.32 -2.56
C ARG B 51 9.38 13.90 -3.50
N ASN B 52 9.28 13.50 -4.76
CA ASN B 52 10.20 13.96 -5.81
C ASN B 52 9.41 14.37 -7.05
N PRO B 53 8.69 15.49 -6.97
CA PRO B 53 7.87 16.00 -8.09
C PRO B 53 8.69 16.26 -9.34
N ASN B 54 9.96 16.58 -9.15
CA ASN B 54 10.85 16.86 -10.27
C ASN B 54 11.44 15.59 -10.87
N GLN B 55 11.01 14.44 -10.37
CA GLN B 55 11.50 13.16 -10.87
C GLN B 55 10.64 12.65 -12.02
N GLU B 56 11.06 12.93 -13.26
CA GLU B 56 10.33 12.48 -14.43
C GLU B 56 10.39 10.96 -14.52
N ASN B 57 11.55 10.40 -14.17
CA ASN B 57 11.76 8.96 -14.18
C ASN B 57 10.79 8.27 -13.23
N LEU B 58 10.49 8.93 -12.13
CA LEU B 58 9.56 8.37 -11.15
C LEU B 58 8.17 8.35 -11.75
N ARG B 59 7.81 9.43 -12.43
CA ARG B 59 6.51 9.53 -13.08
C ARG B 59 6.43 8.49 -14.18
N ARG B 60 7.54 8.33 -14.90
CA ARG B 60 7.63 7.37 -15.98
C ARG B 60 7.50 5.96 -15.42
N HIS B 61 8.15 5.72 -14.29
CA HIS B 61 8.09 4.44 -13.63
C HIS B 61 6.66 4.16 -13.18
N ALA B 62 6.05 5.17 -12.56
CA ALA B 62 4.68 5.05 -12.09
C ALA B 62 3.76 4.83 -13.29
N ASN B 63 4.05 5.54 -14.37
CA ASN B 63 3.30 5.40 -15.61
C ASN B 63 3.46 4.01 -16.16
N LYS B 64 4.65 3.45 -16.02
CA LYS B 64 4.92 2.11 -16.50
C LYS B 64 4.07 1.11 -15.74
N LEU B 65 3.87 1.39 -14.45
CA LEU B 65 3.05 0.53 -13.59
C LEU B 65 1.59 0.68 -13.99
N LEU B 66 1.19 1.91 -14.30
CA LEU B 66 -0.18 2.19 -14.72
C LEU B 66 -0.48 1.45 -16.00
N SER B 67 0.49 1.45 -16.91
CA SER B 67 0.38 0.76 -18.18
C SER B 67 0.46 -0.75 -17.97
N LEU B 68 1.33 -1.15 -17.06
CA LEU B 68 1.53 -2.55 -16.71
C LEU B 68 0.23 -3.18 -16.21
N LYS B 69 -0.56 -2.41 -15.47
CA LYS B 69 -1.83 -2.89 -14.97
C LYS B 69 -2.74 -3.25 -16.14
N LYS B 70 -2.69 -2.43 -17.17
CA LYS B 70 -3.48 -2.64 -18.37
C LYS B 70 -2.96 -3.88 -19.09
N ARG B 71 -1.64 -4.03 -19.09
CA ARG B 71 -0.98 -5.16 -19.72
C ARG B 71 -1.44 -6.46 -19.06
N ALA B 72 -1.49 -6.46 -17.74
CA ALA B 72 -1.92 -7.63 -16.97
C ALA B 72 -3.42 -7.87 -17.18
N TYR B 73 -4.17 -6.79 -17.35
CA TYR B 73 -5.60 -6.87 -17.57
C TYR B 73 -5.89 -7.66 -18.83
N GLU B 74 -5.12 -7.39 -19.86
CA GLU B 74 -5.27 -8.04 -21.15
C GLU B 74 -4.61 -9.41 -21.16
N LEU B 75 -3.38 -9.47 -20.63
CA LEU B 75 -2.59 -10.70 -20.57
C LEU B 75 -2.41 -11.28 -21.98
N PRO B 76 -1.70 -10.57 -22.86
CA PRO B 76 -1.46 -11.01 -24.23
C PRO B 76 -0.34 -12.04 -24.31
N ASP C 6 -10.69 -7.37 23.61
CA ASP C 6 -10.65 -6.78 24.94
C ASP C 6 -11.81 -5.83 25.09
N ASP C 7 -11.96 -4.97 24.10
CA ASP C 7 -13.04 -4.01 24.04
C ASP C 7 -13.73 -4.15 22.69
N SER C 8 -14.97 -3.70 22.59
CA SER C 8 -15.68 -3.79 21.33
C SER C 8 -15.12 -2.76 20.35
N ALA C 9 -15.74 -1.60 20.25
CA ALA C 9 -15.28 -0.57 19.36
C ALA C 9 -14.34 0.37 20.10
N ALA C 10 -14.82 0.88 21.25
CA ALA C 10 -14.08 1.83 22.10
C ALA C 10 -13.86 3.15 21.38
N GLU C 11 -13.14 3.05 20.27
CA GLU C 11 -12.82 4.17 19.42
C GLU C 11 -13.09 3.75 17.97
N TRP C 12 -12.20 4.14 17.07
CA TRP C 12 -12.33 3.77 15.66
C TRP C 12 -13.66 4.21 15.10
N ASN C 13 -13.81 5.51 14.94
CA ASN C 13 -15.04 6.09 14.44
C ASN C 13 -14.84 6.67 13.05
N VAL C 14 -15.82 6.46 12.20
CA VAL C 14 -15.79 7.01 10.86
C VAL C 14 -17.21 7.41 10.49
N SER C 15 -17.38 8.65 10.07
CA SER C 15 -18.70 9.15 9.72
C SER C 15 -18.60 10.44 8.92
N ARG C 16 -19.76 10.99 8.58
CA ARG C 16 -19.84 12.22 7.83
C ARG C 16 -19.95 13.40 8.80
N THR C 17 -19.10 14.40 8.62
CA THR C 17 -19.11 15.57 9.47
C THR C 17 -20.25 16.50 9.09
N PRO C 18 -20.68 17.36 10.02
CA PRO C 18 -21.78 18.30 9.81
C PRO C 18 -21.41 19.36 8.77
N ASP C 19 -20.11 19.50 8.55
CA ASP C 19 -19.60 20.48 7.59
C ASP C 19 -19.62 19.92 6.18
N GLY C 20 -19.88 18.62 6.06
CA GLY C 20 -19.93 17.99 4.76
C GLY C 20 -18.64 17.26 4.40
N ASP C 21 -17.90 16.88 5.42
CA ASP C 21 -16.65 16.17 5.23
C ASP C 21 -16.78 14.77 5.83
N TYR C 22 -15.71 14.01 5.85
CA TYR C 22 -15.75 12.70 6.44
C TYR C 22 -14.73 12.63 7.55
N ARG C 23 -15.13 12.12 8.70
CA ARG C 23 -14.27 12.05 9.85
C ARG C 23 -13.87 10.63 10.19
N LEU C 24 -12.58 10.45 10.40
CA LEU C 24 -12.04 9.16 10.78
C LEU C 24 -11.21 9.32 12.06
N ALA C 25 -11.58 8.61 13.11
CA ALA C 25 -10.89 8.67 14.40
C ALA C 25 -10.57 7.28 14.92
N ILE C 26 -9.30 6.88 14.85
CA ILE C 26 -8.90 5.55 15.32
C ILE C 26 -7.90 5.62 16.46
N THR C 27 -7.52 4.46 16.97
CA THR C 27 -6.56 4.37 18.05
C THR C 27 -5.56 3.25 17.82
N CYS C 28 -4.36 3.40 18.37
CA CYS C 28 -3.30 2.42 18.26
C CYS C 28 -2.38 2.55 19.47
N PRO C 29 -2.06 1.44 20.14
CA PRO C 29 -1.18 1.47 21.31
C PRO C 29 0.30 1.56 20.93
N ASN C 30 0.55 1.69 19.64
CA ASN C 30 1.91 1.79 19.13
C ASN C 30 2.00 2.85 18.05
N LYS C 31 3.08 3.63 18.09
CA LYS C 31 3.28 4.71 17.13
C LYS C 31 3.50 4.13 15.74
N GLU C 32 4.13 2.96 15.69
CA GLU C 32 4.42 2.30 14.42
C GLU C 32 3.14 1.97 13.68
N TRP C 33 2.10 1.63 14.44
CA TRP C 33 0.81 1.31 13.85
C TRP C 33 0.22 2.53 13.18
N LEU C 34 0.34 3.68 13.85
CA LEU C 34 -0.16 4.93 13.31
C LEU C 34 0.64 5.31 12.08
N LEU C 35 1.95 5.16 12.18
CA LEU C 35 2.86 5.48 11.08
C LEU C 35 2.51 4.67 9.85
N GLN C 36 2.23 3.39 10.05
CA GLN C 36 1.87 2.50 8.95
C GLN C 36 0.54 2.91 8.36
N SER C 37 -0.38 3.31 9.23
CA SER C 37 -1.69 3.75 8.82
C SER C 37 -1.60 4.99 7.94
N ILE C 38 -0.84 5.98 8.40
CA ILE C 38 -0.66 7.22 7.66
C ILE C 38 -0.02 6.94 6.31
N GLU C 39 1.03 6.11 6.31
CA GLU C 39 1.72 5.75 5.09
C GLU C 39 0.74 5.10 4.13
N GLY C 40 -0.09 4.23 4.69
CA GLY C 40 -1.08 3.53 3.90
C GLY C 40 -1.99 4.45 3.14
N MET C 41 -2.57 5.43 3.81
CA MET C 41 -3.47 6.37 3.14
C MET C 41 -2.70 7.27 2.18
N ILE C 42 -1.51 7.70 2.59
CA ILE C 42 -0.68 8.54 1.74
C ILE C 42 -0.35 7.82 0.43
N LYS C 43 -0.12 6.51 0.50
CA LYS C 43 0.20 5.72 -0.69
C LYS C 43 -0.95 5.75 -1.69
N GLU C 44 -2.15 5.51 -1.19
CA GLU C 44 -3.34 5.51 -2.02
C GLU C 44 -3.62 6.89 -2.56
N ALA C 45 -3.46 7.87 -1.69
CA ALA C 45 -3.68 9.27 -2.05
C ALA C 45 -2.70 9.69 -3.13
N ALA C 46 -1.46 9.25 -2.98
CA ALA C 46 -0.41 9.56 -3.93
C ALA C 46 -0.75 9.05 -5.31
N ALA C 47 -1.29 7.83 -5.38
CA ALA C 47 -1.68 7.23 -6.65
C ALA C 47 -2.75 8.08 -7.33
N GLU C 48 -3.61 8.67 -6.52
CA GLU C 48 -4.67 9.52 -7.03
C GLU C 48 -4.07 10.81 -7.57
N VAL C 49 -3.07 11.32 -6.86
CA VAL C 49 -2.38 12.55 -7.28
C VAL C 49 -1.66 12.31 -8.59
N LEU C 50 -1.13 11.11 -8.75
CA LEU C 50 -0.45 10.73 -9.98
C LEU C 50 -1.44 10.69 -11.14
N ARG C 51 -2.65 10.28 -10.83
CA ARG C 51 -3.71 10.19 -11.83
C ARG C 51 -4.25 11.58 -12.14
N ASN C 52 -4.26 12.43 -11.12
CA ASN C 52 -4.75 13.79 -11.24
C ASN C 52 -3.73 14.78 -10.71
N PRO C 53 -2.63 14.98 -11.44
CA PRO C 53 -1.56 15.90 -11.06
C PRO C 53 -2.07 17.33 -10.92
N ASN C 54 -3.18 17.59 -11.61
CA ASN C 54 -3.81 18.91 -11.60
C ASN C 54 -4.65 19.10 -10.33
N GLN C 55 -4.82 18.04 -9.55
CA GLN C 55 -5.60 18.12 -8.33
C GLN C 55 -4.79 18.69 -7.18
N GLU C 56 -5.08 19.94 -6.84
CA GLU C 56 -4.38 20.60 -5.74
C GLU C 56 -4.87 20.04 -4.41
N ASN C 57 -6.16 19.78 -4.31
CA ASN C 57 -6.75 19.24 -3.07
C ASN C 57 -6.11 17.91 -2.74
N LEU C 58 -5.84 17.12 -3.77
CA LEU C 58 -5.21 15.83 -3.60
C LEU C 58 -3.79 16.02 -3.07
N ARG C 59 -3.10 17.01 -3.64
CA ARG C 59 -1.74 17.31 -3.22
C ARG C 59 -1.72 17.77 -1.77
N ARG C 60 -2.64 18.66 -1.44
CA ARG C 60 -2.74 19.19 -0.08
C ARG C 60 -3.15 18.07 0.88
N HIS C 61 -4.03 17.20 0.40
CA HIS C 61 -4.48 16.07 1.20
C HIS C 61 -3.32 15.13 1.47
N ALA C 62 -2.57 14.83 0.41
CA ALA C 62 -1.41 13.96 0.54
C ALA C 62 -0.39 14.63 1.44
N ASN C 63 -0.25 15.93 1.27
CA ASN C 63 0.66 16.74 2.06
C ASN C 63 0.24 16.70 3.52
N LYS C 64 -1.07 16.69 3.76
CA LYS C 64 -1.59 16.65 5.11
C LYS C 64 -1.19 15.33 5.76
N LEU C 65 -1.16 14.27 4.96
CA LEU C 65 -0.76 12.95 5.43
C LEU C 65 0.73 12.95 5.71
N LEU C 66 1.48 13.60 4.83
CA LEU C 66 2.93 13.70 4.98
C LEU C 66 3.28 14.46 6.26
N SER C 67 2.51 15.50 6.52
CA SER C 67 2.69 16.32 7.72
C SER C 67 2.24 15.54 8.96
N LEU C 68 1.11 14.88 8.83
CA LEU C 68 0.55 14.08 9.91
C LEU C 68 1.50 12.97 10.31
N LYS C 69 2.17 12.38 9.32
CA LYS C 69 3.13 11.32 9.58
C LYS C 69 4.25 11.83 10.46
N LYS C 70 4.67 13.06 10.19
CA LYS C 70 5.72 13.70 10.97
C LYS C 70 5.23 13.94 12.39
N ARG C 71 3.99 14.39 12.49
CA ARG C 71 3.38 14.65 13.79
C ARG C 71 3.28 13.38 14.62
N ALA C 72 2.89 12.28 13.97
CA ALA C 72 2.77 10.99 14.64
C ALA C 72 4.14 10.48 15.08
N TYR C 73 5.16 10.82 14.28
CA TYR C 73 6.53 10.43 14.57
C TYR C 73 6.96 10.99 15.92
N GLU C 74 6.60 12.24 16.15
CA GLU C 74 6.92 12.94 17.38
C GLU C 74 5.98 12.55 18.52
N LEU C 75 4.68 12.50 18.19
CA LEU C 75 3.63 12.17 19.15
C LEU C 75 3.64 13.16 20.33
N PRO C 76 3.24 14.42 20.08
CA PRO C 76 3.21 15.45 21.11
C PRO C 76 2.02 15.28 22.05
N ASP D 6 -7.13 23.30 3.35
CA ASP D 6 -8.18 23.53 2.37
C ASP D 6 -9.35 24.26 3.03
N ASP D 7 -9.83 23.72 4.15
CA ASP D 7 -10.95 24.34 4.85
C ASP D 7 -10.99 23.91 6.31
N SER D 8 -11.10 22.61 6.56
CA SER D 8 -11.18 22.10 7.91
C SER D 8 -9.79 21.87 8.51
N ALA D 9 -9.28 22.87 9.20
CA ALA D 9 -7.98 22.79 9.85
C ALA D 9 -8.15 22.29 11.29
N ALA D 10 -9.40 22.14 11.68
CA ALA D 10 -9.77 21.68 13.01
C ALA D 10 -9.43 20.21 13.21
N GLU D 11 -9.42 19.48 12.12
CA GLU D 11 -9.17 18.05 12.14
C GLU D 11 -7.70 17.72 11.93
N TRP D 12 -7.44 16.46 11.58
CA TRP D 12 -6.09 15.96 11.37
C TRP D 12 -5.26 16.13 12.63
N ASN D 13 -5.52 15.25 13.59
CA ASN D 13 -4.86 15.28 14.88
C ASN D 13 -4.45 13.90 15.34
N VAL D 14 -3.34 13.83 16.05
CA VAL D 14 -2.84 12.58 16.60
C VAL D 14 -2.23 12.87 17.97
N SER D 15 -2.67 12.14 18.99
CA SER D 15 -2.17 12.35 20.34
C SER D 15 -2.39 11.11 21.20
N ARG D 16 -2.02 11.20 22.47
CA ARG D 16 -2.18 10.11 23.41
C ARG D 16 -3.51 10.25 24.14
N THR D 17 -4.15 9.12 24.35
CA THR D 17 -5.43 9.08 25.04
C THR D 17 -5.23 8.78 26.53
N PRO D 18 -6.23 9.12 27.36
CA PRO D 18 -6.20 8.90 28.79
C PRO D 18 -6.18 7.41 29.12
N ASP D 19 -6.58 6.63 28.12
CA ASP D 19 -6.62 5.18 28.25
C ASP D 19 -5.23 4.60 28.01
N GLY D 20 -4.33 5.45 27.55
CA GLY D 20 -2.96 5.02 27.29
C GLY D 20 -2.76 4.61 25.86
N ASP D 21 -3.72 4.98 25.02
CA ASP D 21 -3.67 4.65 23.60
C ASP D 21 -3.32 5.89 22.82
N TYR D 22 -3.27 5.79 21.51
CA TYR D 22 -3.00 6.95 20.68
C TYR D 22 -4.21 7.19 19.79
N ARG D 23 -4.66 8.43 19.72
CA ARG D 23 -5.83 8.76 18.94
C ARG D 23 -5.44 9.52 17.69
N LEU D 24 -6.01 9.11 16.57
CA LEU D 24 -5.74 9.74 15.29
C LEU D 24 -7.07 10.15 14.65
N ALA D 25 -7.22 11.46 14.42
CA ALA D 25 -8.43 12.01 13.82
C ALA D 25 -8.10 12.69 12.50
N ILE D 26 -8.68 12.22 11.41
CA ILE D 26 -8.43 12.80 10.10
C ILE D 26 -9.75 13.03 9.35
N THR D 27 -9.67 13.78 8.26
CA THR D 27 -10.86 14.07 7.45
C THR D 27 -10.55 13.98 5.96
N CYS D 28 -11.58 13.71 5.16
CA CYS D 28 -11.47 13.63 3.71
C CYS D 28 -12.76 14.12 3.08
N PRO D 29 -12.68 14.95 2.02
CA PRO D 29 -13.86 15.48 1.35
C PRO D 29 -14.49 14.49 0.37
N ASN D 30 -14.02 13.24 0.42
CA ASN D 30 -14.52 12.21 -0.47
C ASN D 30 -14.63 10.89 0.27
N LYS D 31 -15.77 10.23 0.12
CA LYS D 31 -16.01 8.94 0.76
C LYS D 31 -15.09 7.88 0.15
N GLU D 32 -14.82 8.05 -1.14
CA GLU D 32 -13.96 7.13 -1.87
C GLU D 32 -12.54 7.21 -1.36
N TRP D 33 -12.13 8.42 -0.97
CA TRP D 33 -10.81 8.65 -0.43
C TRP D 33 -10.67 7.95 0.91
N LEU D 34 -11.70 8.08 1.74
CA LEU D 34 -11.69 7.48 3.07
C LEU D 34 -11.64 5.96 2.96
N LEU D 35 -12.41 5.41 2.03
CA LEU D 35 -12.43 3.98 1.82
C LEU D 35 -11.05 3.47 1.43
N GLN D 36 -10.39 4.22 0.55
CA GLN D 36 -9.05 3.86 0.11
C GLN D 36 -8.03 4.07 1.23
N SER D 37 -8.27 5.09 2.04
CA SER D 37 -7.38 5.41 3.15
C SER D 37 -7.33 4.24 4.13
N ILE D 38 -8.51 3.74 4.50
CA ILE D 38 -8.58 2.61 5.43
C ILE D 38 -7.93 1.38 4.81
N GLU D 39 -8.19 1.18 3.52
CA GLU D 39 -7.61 0.07 2.78
C GLU D 39 -6.09 0.14 2.83
N GLY D 40 -5.57 1.35 2.79
CA GLY D 40 -4.13 1.55 2.85
C GLY D 40 -3.54 1.07 4.15
N MET D 41 -4.14 1.50 5.26
CA MET D 41 -3.66 1.12 6.59
C MET D 41 -3.80 -0.38 6.79
N ILE D 42 -4.94 -0.94 6.37
CA ILE D 42 -5.17 -2.38 6.50
C ILE D 42 -4.12 -3.15 5.71
N LYS D 43 -3.73 -2.62 4.54
CA LYS D 43 -2.73 -3.26 3.71
C LYS D 43 -1.38 -3.35 4.42
N GLU D 44 -0.95 -2.23 4.99
CA GLU D 44 0.32 -2.21 5.71
C GLU D 44 0.24 -3.06 6.96
N ALA D 45 -0.90 -2.96 7.65
CA ALA D 45 -1.13 -3.73 8.87
C ALA D 45 -1.06 -5.23 8.57
N ALA D 46 -1.70 -5.62 7.48
CA ALA D 46 -1.71 -7.01 7.06
C ALA D 46 -0.28 -7.47 6.75
N ALA D 47 0.48 -6.59 6.11
CA ALA D 47 1.87 -6.87 5.78
C ALA D 47 2.67 -7.11 7.05
N GLU D 48 2.36 -6.32 8.08
CA GLU D 48 3.01 -6.45 9.37
C GLU D 48 2.65 -7.79 9.99
N VAL D 49 1.41 -8.22 9.76
CA VAL D 49 0.93 -9.49 10.28
C VAL D 49 1.69 -10.64 9.62
N LEU D 50 1.97 -10.46 8.34
CA LEU D 50 2.70 -11.46 7.57
C LEU D 50 4.14 -11.52 8.05
N ARG D 51 4.68 -10.37 8.45
CA ARG D 51 6.04 -10.28 8.94
C ARG D 51 6.13 -10.85 10.35
N ASN D 52 5.01 -10.77 11.06
CA ASN D 52 4.92 -11.26 12.43
C ASN D 52 3.66 -12.11 12.60
N PRO D 53 3.65 -13.31 12.04
CA PRO D 53 2.51 -14.23 12.11
C PRO D 53 2.13 -14.56 13.55
N ASN D 54 3.12 -14.47 14.43
CA ASN D 54 2.91 -14.76 15.84
C ASN D 54 2.32 -13.56 16.59
N GLN D 55 2.05 -12.48 15.88
CA GLN D 55 1.47 -11.30 16.49
C GLN D 55 -0.05 -11.38 16.47
N GLU D 56 -0.65 -11.51 17.64
CA GLU D 56 -2.10 -11.60 17.75
C GLU D 56 -2.74 -10.23 17.62
N ASN D 57 -2.25 -9.27 18.41
CA ASN D 57 -2.78 -7.91 18.39
C ASN D 57 -2.72 -7.31 17.00
N LEU D 58 -1.73 -7.72 16.21
CA LEU D 58 -1.61 -7.23 14.84
C LEU D 58 -2.81 -7.71 14.03
N ARG D 59 -3.17 -8.97 14.25
CA ARG D 59 -4.31 -9.57 13.56
C ARG D 59 -5.60 -8.88 13.98
N ARG D 60 -5.72 -8.64 15.28
CA ARG D 60 -6.90 -7.98 15.83
C ARG D 60 -6.97 -6.54 15.32
N HIS D 61 -5.82 -5.90 15.20
CA HIS D 61 -5.74 -4.54 14.71
C HIS D 61 -6.16 -4.51 13.24
N ALA D 62 -5.62 -5.45 12.47
CA ALA D 62 -5.96 -5.56 11.07
C ALA D 62 -7.45 -5.81 10.92
N ASN D 63 -7.96 -6.64 11.82
CA ASN D 63 -9.39 -6.97 11.86
C ASN D 63 -10.20 -5.72 12.18
N LYS D 64 -9.66 -4.88 13.06
CA LYS D 64 -10.33 -3.65 13.44
C LYS D 64 -10.42 -2.73 12.23
N LEU D 65 -9.38 -2.76 11.40
CA LEU D 65 -9.35 -1.96 10.19
C LEU D 65 -10.38 -2.48 9.20
N LEU D 66 -10.52 -3.81 9.19
CA LEU D 66 -11.50 -4.46 8.32
C LEU D 66 -12.91 -4.04 8.72
N SER D 67 -13.09 -3.87 10.03
CA SER D 67 -14.38 -3.46 10.57
C SER D 67 -14.62 -1.99 10.24
N LEU D 68 -13.58 -1.19 10.43
CA LEU D 68 -13.64 0.24 10.14
C LEU D 68 -13.95 0.47 8.67
N LYS D 69 -13.30 -0.31 7.81
CA LYS D 69 -13.52 -0.22 6.37
C LYS D 69 -14.98 -0.49 6.04
N LYS D 70 -15.54 -1.50 6.69
CA LYS D 70 -16.93 -1.87 6.49
C LYS D 70 -17.82 -0.74 6.96
N ARG D 71 -17.51 -0.17 8.11
CA ARG D 71 -18.28 0.93 8.67
C ARG D 71 -18.28 2.13 7.73
N ALA D 72 -17.13 2.40 7.12
CA ALA D 72 -17.02 3.51 6.19
C ALA D 72 -17.78 3.21 4.90
N TYR D 73 -17.78 1.95 4.50
CA TYR D 73 -18.49 1.54 3.29
C TYR D 73 -19.99 1.81 3.44
N GLU D 74 -20.50 1.58 4.63
CA GLU D 74 -21.91 1.82 4.91
C GLU D 74 -22.14 3.30 5.21
N LEU D 75 -21.25 3.85 6.04
CA LEU D 75 -21.30 5.26 6.44
C LEU D 75 -22.68 5.69 6.92
N PRO D 76 -23.09 5.19 8.10
CA PRO D 76 -24.39 5.54 8.68
C PRO D 76 -24.36 6.92 9.34
N ASP A 6 7.36 4.38 -26.14
CA ASP A 6 8.52 3.65 -26.63
C ASP A 6 9.66 3.76 -25.64
N ASP A 7 9.35 3.53 -24.37
CA ASP A 7 10.35 3.62 -23.31
C ASP A 7 10.84 2.23 -22.91
N SER A 8 9.96 1.24 -22.98
CA SER A 8 10.32 -0.13 -22.64
C SER A 8 10.60 -0.92 -23.91
N ALA A 9 11.76 -0.67 -24.50
CA ALA A 9 12.16 -1.32 -25.74
C ALA A 9 12.80 -2.68 -25.50
N ALA A 10 13.03 -3.04 -24.25
CA ALA A 10 13.65 -4.32 -23.96
C ALA A 10 12.90 -5.12 -22.91
N GLU A 11 12.62 -4.50 -21.77
CA GLU A 11 11.94 -5.20 -20.69
C GLU A 11 10.49 -4.74 -20.52
N TRP A 12 9.95 -5.01 -19.32
CA TRP A 12 8.58 -4.68 -18.97
C TRP A 12 7.60 -5.52 -19.80
N ASN A 13 7.71 -6.82 -19.60
CA ASN A 13 6.88 -7.78 -20.30
C ASN A 13 5.96 -8.50 -19.33
N VAL A 14 4.72 -8.70 -19.72
CA VAL A 14 3.76 -9.41 -18.88
C VAL A 14 2.85 -10.27 -19.75
N SER A 15 2.75 -11.55 -19.42
CA SER A 15 1.92 -12.46 -20.18
C SER A 15 1.52 -13.66 -19.32
N ARG A 16 0.76 -14.56 -19.90
CA ARG A 16 0.32 -15.75 -19.20
C ARG A 16 1.19 -16.94 -19.61
N THR A 17 1.61 -17.71 -18.62
CA THR A 17 2.45 -18.86 -18.85
C THR A 17 1.60 -20.07 -19.23
N PRO A 18 2.21 -21.07 -19.90
CA PRO A 18 1.53 -22.30 -20.31
C PRO A 18 1.10 -23.12 -19.10
N ASP A 19 1.72 -22.82 -17.97
CA ASP A 19 1.41 -23.50 -16.72
C ASP A 19 0.18 -22.89 -16.07
N GLY A 20 -0.27 -21.77 -16.61
CA GLY A 20 -1.43 -21.10 -16.07
C GLY A 20 -1.06 -20.04 -15.07
N ASP A 21 0.14 -19.52 -15.19
CA ASP A 21 0.64 -18.50 -14.29
C ASP A 21 0.80 -17.20 -15.06
N TYR A 22 1.19 -16.16 -14.38
CA TYR A 22 1.44 -14.88 -15.02
C TYR A 22 2.93 -14.60 -14.95
N ARG A 23 3.51 -14.21 -16.07
CA ARG A 23 4.94 -13.92 -16.09
C ARG A 23 5.16 -12.44 -16.28
N LEU A 24 5.91 -11.85 -15.37
CA LEU A 24 6.20 -10.43 -15.45
C LEU A 24 7.71 -10.20 -15.37
N ALA A 25 8.23 -9.50 -16.38
CA ALA A 25 9.65 -9.19 -16.47
C ALA A 25 9.86 -7.69 -16.61
N ILE A 26 9.98 -6.99 -15.50
CA ILE A 26 10.16 -5.54 -15.53
C ILE A 26 11.56 -5.13 -15.06
N THR A 27 11.81 -3.83 -15.13
CA THR A 27 13.09 -3.26 -14.72
C THR A 27 12.88 -1.93 -14.02
N CYS A 28 13.92 -1.45 -13.34
CA CYS A 28 13.89 -0.18 -12.64
C CYS A 28 15.30 0.38 -12.56
N PRO A 29 15.50 1.67 -12.92
CA PRO A 29 16.82 2.30 -12.89
C PRO A 29 17.31 2.60 -11.47
N ASN A 30 16.51 2.19 -10.50
CA ASN A 30 16.83 2.38 -9.11
C ASN A 30 16.59 1.08 -8.36
N LYS A 31 17.61 0.60 -7.65
CA LYS A 31 17.49 -0.63 -6.90
C LYS A 31 16.47 -0.46 -5.78
N GLU A 32 16.36 0.76 -5.29
CA GLU A 32 15.42 1.09 -4.22
C GLU A 32 13.99 0.94 -4.71
N TRP A 33 13.78 1.23 -5.98
CA TRP A 33 12.46 1.14 -6.59
C TRP A 33 11.95 -0.29 -6.57
N LEU A 34 12.86 -1.23 -6.83
CA LEU A 34 12.51 -2.63 -6.84
C LEU A 34 12.11 -3.09 -5.45
N LEU A 35 12.85 -2.63 -4.44
CA LEU A 35 12.57 -3.00 -3.06
C LEU A 35 11.20 -2.47 -2.66
N GLN A 36 10.91 -1.25 -3.06
CA GLN A 36 9.63 -0.62 -2.78
C GLN A 36 8.51 -1.40 -3.44
N SER A 37 8.78 -1.89 -4.64
CA SER A 37 7.83 -2.66 -5.40
C SER A 37 7.47 -3.95 -4.67
N ILE A 38 8.50 -4.66 -4.21
CA ILE A 38 8.30 -5.90 -3.47
C ILE A 38 7.54 -5.62 -2.17
N GLU A 39 7.94 -4.56 -1.48
CA GLU A 39 7.29 -4.17 -0.24
C GLU A 39 5.82 -3.89 -0.48
N GLY A 40 5.53 -3.21 -1.58
CA GLY A 40 4.16 -2.88 -1.91
C GLY A 40 3.32 -4.10 -2.18
N MET A 41 3.86 -5.03 -2.96
CA MET A 41 3.14 -6.25 -3.30
C MET A 41 2.99 -7.16 -2.08
N ILE A 42 4.00 -7.22 -1.22
CA ILE A 42 3.93 -8.03 -0.01
C ILE A 42 2.78 -7.55 0.89
N LYS A 43 2.55 -6.25 0.91
CA LYS A 43 1.49 -5.67 1.73
C LYS A 43 0.11 -6.17 1.28
N GLU A 44 -0.13 -6.15 -0.02
CA GLU A 44 -1.40 -6.60 -0.57
C GLU A 44 -1.58 -8.08 -0.35
N ALA A 45 -0.50 -8.81 -0.57
CA ALA A 45 -0.52 -10.25 -0.39
C ALA A 45 -0.93 -10.63 1.03
N ALA A 46 -0.32 -9.96 1.99
CA ALA A 46 -0.61 -10.19 3.40
C ALA A 46 -2.06 -9.81 3.69
N ALA A 47 -2.51 -8.74 3.04
CA ALA A 47 -3.87 -8.27 3.19
C ALA A 47 -4.86 -9.32 2.71
N GLU A 48 -4.53 -9.98 1.59
CA GLU A 48 -5.39 -11.02 1.05
C GLU A 48 -5.40 -12.21 1.99
N VAL A 49 -4.25 -12.47 2.62
CA VAL A 49 -4.14 -13.57 3.57
C VAL A 49 -5.13 -13.34 4.70
N LEU A 50 -5.31 -12.08 5.08
CA LEU A 50 -6.26 -11.73 6.12
C LEU A 50 -7.69 -12.01 5.66
N ARG A 51 -7.93 -11.85 4.36
CA ARG A 51 -9.24 -12.08 3.79
C ARG A 51 -9.49 -13.59 3.69
N ASN A 52 -8.40 -14.33 3.51
CA ASN A 52 -8.44 -15.78 3.38
C ASN A 52 -7.39 -16.43 4.29
N PRO A 53 -7.61 -16.40 5.61
CA PRO A 53 -6.68 -16.95 6.60
C PRO A 53 -6.37 -18.43 6.38
N ASN A 54 -7.34 -19.16 5.85
CA ASN A 54 -7.16 -20.59 5.61
C ASN A 54 -6.44 -20.86 4.29
N GLN A 55 -6.04 -19.80 3.59
CA GLN A 55 -5.33 -19.96 2.32
C GLN A 55 -3.83 -20.12 2.54
N GLU A 56 -3.32 -21.32 2.25
CA GLU A 56 -1.89 -21.57 2.41
C GLU A 56 -1.11 -20.95 1.26
N ASN A 57 -1.65 -21.08 0.05
CA ASN A 57 -1.00 -20.53 -1.14
C ASN A 57 -0.83 -19.03 -0.99
N LEU A 58 -1.78 -18.39 -0.33
CA LEU A 58 -1.72 -16.97 -0.10
C LEU A 58 -0.56 -16.63 0.84
N ARG A 59 -0.42 -17.44 1.88
CA ARG A 59 0.66 -17.25 2.84
C ARG A 59 1.98 -17.58 2.18
N ARG A 60 1.98 -18.62 1.36
CA ARG A 60 3.17 -19.05 0.64
C ARG A 60 3.60 -17.99 -0.36
N HIS A 61 2.62 -17.34 -0.98
CA HIS A 61 2.89 -16.28 -1.94
C HIS A 61 3.47 -15.07 -1.22
N ALA A 62 2.85 -14.72 -0.11
CA ALA A 62 3.30 -13.59 0.69
C ALA A 62 4.69 -13.87 1.22
N ASN A 63 4.92 -15.13 1.59
CA ASN A 63 6.21 -15.57 2.08
C ASN A 63 7.25 -15.47 0.97
N LYS A 64 6.82 -15.72 -0.26
CA LYS A 64 7.71 -15.64 -1.40
C LYS A 64 8.14 -14.19 -1.62
N LEU A 65 7.23 -13.27 -1.34
CA LEU A 65 7.50 -11.84 -1.47
C LEU A 65 8.50 -11.44 -0.39
N LEU A 66 8.34 -12.04 0.79
CA LEU A 66 9.23 -11.79 1.92
C LEU A 66 10.63 -12.26 1.57
N SER A 67 10.68 -13.37 0.84
CA SER A 67 11.93 -13.96 0.42
C SER A 67 12.57 -13.12 -0.68
N LEU A 68 11.73 -12.71 -1.63
CA LEU A 68 12.16 -11.88 -2.74
C LEU A 68 12.70 -10.55 -2.23
N LYS A 69 12.03 -10.00 -1.22
CA LYS A 69 12.44 -8.75 -0.60
C LYS A 69 13.82 -8.90 0.02
N LYS A 70 14.03 -10.05 0.65
CA LYS A 70 15.31 -10.35 1.28
C LYS A 70 16.39 -10.47 0.20
N ARG A 71 16.03 -11.15 -0.88
CA ARG A 71 16.94 -11.35 -2.00
C ARG A 71 17.36 -10.00 -2.59
N ALA A 72 16.39 -9.12 -2.79
CA ALA A 72 16.66 -7.80 -3.35
C ALA A 72 17.53 -6.99 -2.40
N TYR A 73 17.34 -7.21 -1.10
CA TYR A 73 18.10 -6.51 -0.08
C TYR A 73 19.56 -6.90 -0.15
N GLU A 74 19.81 -8.18 -0.41
CA GLU A 74 21.18 -8.70 -0.50
C GLU A 74 21.77 -8.43 -1.88
N LEU A 75 20.92 -8.09 -2.84
CA LEU A 75 21.36 -7.80 -4.19
C LEU A 75 22.15 -6.49 -4.23
N PRO A 76 23.14 -6.40 -5.13
CA PRO A 76 23.98 -5.21 -5.27
C PRO A 76 23.16 -3.95 -5.57
N ASP B 6 10.56 -27.13 -6.80
CA ASP B 6 10.45 -26.65 -8.17
C ASP B 6 9.49 -25.48 -8.23
N ASP B 7 9.96 -24.31 -7.81
CA ASP B 7 9.13 -23.12 -7.81
C ASP B 7 9.90 -21.90 -8.28
N SER B 8 10.59 -21.24 -7.35
CA SER B 8 11.35 -20.03 -7.65
C SER B 8 12.73 -20.36 -8.22
N ALA B 9 12.92 -21.59 -8.65
CA ALA B 9 14.18 -22.00 -9.24
C ALA B 9 14.15 -21.76 -10.74
N ALA B 10 12.94 -21.74 -11.29
CA ALA B 10 12.73 -21.50 -12.70
C ALA B 10 12.48 -20.01 -12.93
N GLU B 11 11.53 -19.48 -12.17
CA GLU B 11 11.18 -18.07 -12.26
C GLU B 11 11.61 -17.35 -10.98
N TRP B 12 10.96 -16.24 -10.69
CA TRP B 12 11.25 -15.44 -9.50
C TRP B 12 12.71 -15.07 -9.45
N ASN B 13 13.15 -14.38 -10.49
CA ASN B 13 14.52 -13.96 -10.62
C ASN B 13 14.65 -12.46 -10.53
N VAL B 14 15.67 -12.01 -9.84
CA VAL B 14 15.95 -10.59 -9.73
C VAL B 14 17.46 -10.38 -9.77
N SER B 15 17.90 -9.52 -10.67
CA SER B 15 19.32 -9.25 -10.82
C SER B 15 19.55 -7.84 -11.35
N ARG B 16 20.79 -7.40 -11.29
CA ARG B 16 21.17 -6.09 -11.77
C ARG B 16 21.61 -6.19 -13.23
N THR B 17 20.97 -5.40 -14.08
CA THR B 17 21.28 -5.39 -15.49
C THR B 17 22.54 -4.56 -15.77
N PRO B 18 23.22 -4.83 -16.89
CA PRO B 18 24.43 -4.12 -17.29
C PRO B 18 24.12 -2.66 -17.62
N ASP B 19 22.83 -2.40 -17.83
CA ASP B 19 22.35 -1.08 -18.15
C ASP B 19 22.19 -0.25 -16.88
N GLY B 20 22.30 -0.90 -15.74
CA GLY B 20 22.17 -0.22 -14.48
C GLY B 20 20.77 -0.29 -13.94
N ASP B 21 20.01 -1.25 -14.42
CA ASP B 21 18.63 -1.44 -14.00
C ASP B 21 18.52 -2.74 -13.22
N TYR B 22 17.37 -2.98 -12.65
CA TYR B 22 17.13 -4.23 -11.95
C TYR B 22 16.16 -5.04 -12.77
N ARG B 23 16.47 -6.28 -12.99
CA ARG B 23 15.60 -7.14 -13.76
C ARG B 23 14.88 -8.08 -12.82
N LEU B 24 13.55 -8.06 -12.89
CA LEU B 24 12.75 -8.91 -12.05
C LEU B 24 11.79 -9.74 -12.90
N ALA B 25 11.88 -11.05 -12.74
CA ALA B 25 11.04 -11.99 -13.47
C ALA B 25 10.31 -12.90 -12.49
N ILE B 26 9.05 -12.60 -12.20
CA ILE B 26 8.29 -13.40 -11.25
C ILE B 26 7.03 -13.97 -11.89
N THR B 27 6.37 -14.87 -11.16
CA THR B 27 5.16 -15.51 -11.63
C THR B 27 4.11 -15.59 -10.53
N CYS B 28 2.84 -15.59 -10.92
CA CYS B 28 1.73 -15.69 -9.99
C CYS B 28 0.57 -16.42 -10.64
N PRO B 29 0.00 -17.42 -9.97
CA PRO B 29 -1.10 -18.21 -10.51
C PRO B 29 -2.46 -17.53 -10.34
N ASN B 30 -2.44 -16.24 -10.06
CA ASN B 30 -3.69 -15.51 -9.88
C ASN B 30 -3.61 -14.12 -10.50
N LYS B 31 -4.69 -13.76 -11.17
CA LYS B 31 -4.80 -12.46 -11.81
C LYS B 31 -4.88 -11.36 -10.77
N GLU B 32 -5.49 -11.70 -9.63
CA GLU B 32 -5.67 -10.75 -8.55
C GLU B 32 -4.33 -10.47 -7.89
N TRP B 33 -3.51 -11.51 -7.75
CA TRP B 33 -2.21 -11.38 -7.14
C TRP B 33 -1.34 -10.44 -7.96
N LEU B 34 -1.36 -10.62 -9.27
CA LEU B 34 -0.58 -9.78 -10.16
C LEU B 34 -1.07 -8.35 -10.10
N LEU B 35 -2.39 -8.18 -10.12
CA LEU B 35 -2.99 -6.87 -10.05
C LEU B 35 -2.62 -6.17 -8.75
N GLN B 36 -2.65 -6.93 -7.66
CA GLN B 36 -2.33 -6.41 -6.34
C GLN B 36 -0.84 -6.04 -6.27
N SER B 37 -0.01 -6.87 -6.87
CA SER B 37 1.43 -6.64 -6.89
C SER B 37 1.74 -5.33 -7.59
N ILE B 38 1.15 -5.13 -8.76
CA ILE B 38 1.36 -3.91 -9.54
C ILE B 38 0.85 -2.69 -8.76
N GLU B 39 -0.31 -2.84 -8.16
CA GLU B 39 -0.92 -1.78 -7.37
C GLU B 39 0.00 -1.38 -6.22
N GLY B 40 0.68 -2.37 -5.65
CA GLY B 40 1.58 -2.13 -4.56
C GLY B 40 2.75 -1.25 -4.95
N MET B 41 3.37 -1.58 -6.08
CA MET B 41 4.51 -0.79 -6.55
C MET B 41 4.09 0.60 -6.98
N ILE B 42 2.93 0.70 -7.65
CA ILE B 42 2.43 2.01 -8.09
C ILE B 42 2.22 2.93 -6.89
N LYS B 43 1.75 2.37 -5.77
CA LYS B 43 1.50 3.15 -4.56
C LYS B 43 2.77 3.78 -4.04
N GLU B 44 3.82 2.97 -3.91
CA GLU B 44 5.10 3.46 -3.43
C GLU B 44 5.72 4.39 -4.44
N ALA B 45 5.60 4.02 -5.70
CA ALA B 45 6.12 4.83 -6.80
C ALA B 45 5.48 6.22 -6.77
N ALA B 46 4.17 6.24 -6.57
CA ALA B 46 3.43 7.49 -6.51
C ALA B 46 3.93 8.35 -5.35
N ALA B 47 4.21 7.71 -4.22
CA ALA B 47 4.70 8.41 -3.05
C ALA B 47 6.05 9.06 -3.36
N GLU B 48 6.85 8.38 -4.16
CA GLU B 48 8.15 8.89 -4.56
C GLU B 48 7.96 10.08 -5.49
N VAL B 49 6.96 10.00 -6.35
CA VAL B 49 6.65 11.08 -7.28
C VAL B 49 6.18 12.29 -6.49
N LEU B 50 5.44 12.04 -5.43
CA LEU B 50 4.94 13.11 -4.58
C LEU B 50 6.11 13.83 -3.92
N ARG B 51 7.15 13.06 -3.60
CA ARG B 51 8.35 13.58 -2.97
C ARG B 51 9.21 14.31 -4.00
N ASN B 52 9.11 13.87 -5.25
CA ASN B 52 9.85 14.47 -6.35
C ASN B 52 8.95 14.69 -7.56
N PRO B 53 8.06 15.69 -7.50
CA PRO B 53 7.13 16.01 -8.59
C PRO B 53 7.85 16.38 -9.87
N ASN B 54 9.08 16.86 -9.70
CA ASN B 54 9.91 17.27 -10.82
C ASN B 54 10.59 16.07 -11.47
N GLN B 55 10.45 14.90 -10.86
CA GLN B 55 11.04 13.68 -11.40
C GLN B 55 10.13 13.07 -12.46
N GLU B 56 10.37 13.41 -13.72
CA GLU B 56 9.55 12.87 -14.80
C GLU B 56 9.74 11.37 -14.92
N ASN B 57 10.97 10.92 -14.68
CA ASN B 57 11.28 9.49 -14.74
C ASN B 57 10.41 8.75 -13.73
N LEU B 58 10.17 9.37 -12.59
CA LEU B 58 9.32 8.79 -11.57
C LEU B 58 7.88 8.77 -12.06
N ARG B 59 7.49 9.87 -12.69
CA ARG B 59 6.15 10.02 -13.23
C ARG B 59 5.88 8.98 -14.30
N ARG B 60 6.85 8.84 -15.20
CA ARG B 60 6.75 7.89 -16.29
C ARG B 60 6.80 6.47 -15.73
N HIS B 61 7.61 6.27 -14.70
CA HIS B 61 7.72 4.97 -14.04
C HIS B 61 6.38 4.62 -13.41
N ALA B 62 5.79 5.59 -12.71
CA ALA B 62 4.51 5.39 -12.07
C ALA B 62 3.46 5.11 -13.14
N ASN B 63 3.56 5.84 -14.24
CA ASN B 63 2.65 5.67 -15.37
C ASN B 63 2.83 4.29 -15.97
N LYS B 64 4.07 3.80 -15.96
CA LYS B 64 4.37 2.48 -16.48
C LYS B 64 3.65 1.42 -15.65
N LEU B 65 3.57 1.68 -14.34
CA LEU B 65 2.88 0.77 -13.44
C LEU B 65 1.39 0.86 -13.68
N LEU B 66 0.91 2.08 -13.92
CA LEU B 66 -0.49 2.32 -14.21
C LEU B 66 -0.88 1.58 -15.49
N SER B 67 0.04 1.59 -16.44
CA SER B 67 -0.14 0.92 -17.71
C SER B 67 -0.14 -0.58 -17.52
N LEU B 68 0.81 -1.06 -16.72
CA LEU B 68 0.95 -2.46 -16.41
C LEU B 68 -0.30 -2.97 -15.68
N LYS B 69 -0.79 -2.15 -14.75
CA LYS B 69 -1.99 -2.48 -13.99
C LYS B 69 -3.16 -2.64 -14.95
N LYS B 70 -3.21 -1.76 -15.93
CA LYS B 70 -4.27 -1.79 -16.94
C LYS B 70 -4.15 -3.07 -17.75
N ARG B 71 -2.92 -3.40 -18.13
CA ARG B 71 -2.66 -4.60 -18.90
C ARG B 71 -3.11 -5.85 -18.15
N ALA B 72 -2.79 -5.90 -16.86
CA ALA B 72 -3.16 -7.03 -16.02
C ALA B 72 -4.68 -7.09 -15.86
N TYR B 73 -5.30 -5.92 -15.80
CA TYR B 73 -6.75 -5.81 -15.67
C TYR B 73 -7.44 -6.38 -16.89
N GLU B 74 -6.91 -6.04 -18.06
CA GLU B 74 -7.48 -6.48 -19.33
C GLU B 74 -7.17 -7.94 -19.62
N LEU B 75 -6.03 -8.43 -19.14
CA LEU B 75 -5.62 -9.83 -19.34
C LEU B 75 -6.62 -10.77 -18.67
N PRO B 76 -7.41 -11.51 -19.47
CA PRO B 76 -8.40 -12.44 -18.97
C PRO B 76 -7.87 -13.86 -18.84
N ASP C 6 -15.46 -1.12 25.22
CA ASP C 6 -15.06 0.14 24.60
C ASP C 6 -13.83 -0.06 23.71
N ASP C 7 -14.02 -0.70 22.58
CA ASP C 7 -12.97 -0.93 21.62
C ASP C 7 -13.24 -0.09 20.38
N SER C 8 -14.51 -0.03 20.03
CA SER C 8 -14.96 0.75 18.89
C SER C 8 -16.23 1.51 19.26
N ALA C 9 -16.41 1.73 20.56
CA ALA C 9 -17.58 2.45 21.05
C ALA C 9 -17.29 3.93 21.13
N ALA C 10 -16.18 4.29 21.75
CA ALA C 10 -15.77 5.68 21.88
C ALA C 10 -15.02 6.11 20.63
N GLU C 11 -14.12 5.24 20.18
CA GLU C 11 -13.32 5.51 19.00
C GLU C 11 -13.75 4.61 17.85
N TRP C 12 -12.93 4.58 16.81
CA TRP C 12 -13.19 3.79 15.62
C TRP C 12 -14.55 4.14 15.03
N ASN C 13 -14.66 5.39 14.65
CA ASN C 13 -15.88 5.92 14.08
C ASN C 13 -15.58 6.63 12.78
N VAL C 14 -16.46 6.45 11.82
CA VAL C 14 -16.32 7.10 10.54
C VAL C 14 -17.71 7.52 10.05
N SER C 15 -17.86 8.78 9.70
CA SER C 15 -19.14 9.28 9.24
C SER C 15 -18.97 10.56 8.42
N ARG C 16 -20.06 11.01 7.83
CA ARG C 16 -20.05 12.22 7.03
C ARG C 16 -20.39 13.41 7.90
N THR C 17 -19.62 14.47 7.75
CA THR C 17 -19.82 15.68 8.52
C THR C 17 -20.85 16.58 7.85
N PRO C 18 -21.48 17.48 8.62
CA PRO C 18 -22.47 18.43 8.13
C PRO C 18 -21.84 19.42 7.18
N ASP C 19 -20.52 19.50 7.26
CA ASP C 19 -19.74 20.39 6.42
C ASP C 19 -19.52 19.75 5.05
N GLY C 20 -19.94 18.49 4.93
CA GLY C 20 -19.81 17.79 3.67
C GLY C 20 -18.52 17.01 3.57
N ASP C 21 -17.86 16.83 4.71
CA ASP C 21 -16.60 16.11 4.73
C ASP C 21 -16.79 14.76 5.40
N TYR C 22 -15.71 14.04 5.58
CA TYR C 22 -15.73 12.75 6.25
C TYR C 22 -14.96 12.87 7.53
N ARG C 23 -15.48 12.29 8.59
CA ARG C 23 -14.78 12.33 9.84
C ARG C 23 -14.41 10.91 10.25
N LEU C 24 -13.13 10.72 10.44
CA LEU C 24 -12.62 9.42 10.85
C LEU C 24 -11.88 9.54 12.19
N ALA C 25 -12.28 8.70 13.13
CA ALA C 25 -11.69 8.68 14.46
C ALA C 25 -11.34 7.25 14.84
N ILE C 26 -10.06 6.97 15.09
CA ILE C 26 -9.65 5.61 15.48
C ILE C 26 -8.60 5.65 16.58
N THR C 27 -8.24 4.48 17.08
CA THR C 27 -7.24 4.35 18.13
C THR C 27 -6.31 3.17 17.86
N CYS C 28 -5.09 3.26 18.37
CA CYS C 28 -4.11 2.19 18.21
C CYS C 28 -3.22 2.14 19.46
N PRO C 29 -3.00 0.93 20.02
CA PRO C 29 -2.16 0.77 21.21
C PRO C 29 -0.67 0.88 20.92
N ASN C 30 -0.33 1.26 19.70
CA ASN C 30 1.07 1.43 19.31
C ASN C 30 1.23 2.57 18.33
N LYS C 31 2.30 3.32 18.51
CA LYS C 31 2.60 4.46 17.65
C LYS C 31 3.00 3.97 16.26
N GLU C 32 3.60 2.79 16.21
CA GLU C 32 4.05 2.21 14.95
C GLU C 32 2.87 1.86 14.08
N TRP C 33 1.77 1.45 14.72
CA TRP C 33 0.57 1.08 14.01
C TRP C 33 -0.02 2.27 13.28
N LEU C 34 -0.05 3.41 13.95
CA LEU C 34 -0.58 4.63 13.34
C LEU C 34 0.32 5.06 12.19
N LEU C 35 1.62 4.96 12.42
CA LEU C 35 2.61 5.33 11.42
C LEU C 35 2.43 4.54 10.14
N GLN C 36 2.19 3.24 10.27
CA GLN C 36 1.99 2.38 9.11
C GLN C 36 0.63 2.67 8.48
N SER C 37 -0.35 3.01 9.30
CA SER C 37 -1.68 3.33 8.82
C SER C 37 -1.64 4.57 7.94
N ILE C 38 -0.97 5.61 8.43
CA ILE C 38 -0.82 6.86 7.69
C ILE C 38 -0.06 6.60 6.39
N GLU C 39 0.97 5.77 6.49
CA GLU C 39 1.79 5.39 5.34
C GLU C 39 0.93 4.77 4.26
N GLY C 40 0.06 3.87 4.69
CA GLY C 40 -0.84 3.19 3.76
C GLY C 40 -1.76 4.16 3.07
N MET C 41 -2.30 5.11 3.81
CA MET C 41 -3.20 6.10 3.27
C MET C 41 -2.46 7.04 2.31
N ILE C 42 -1.28 7.52 2.73
CA ILE C 42 -0.48 8.40 1.88
C ILE C 42 -0.14 7.70 0.56
N LYS C 43 0.09 6.39 0.61
CA LYS C 43 0.42 5.62 -0.58
C LYS C 43 -0.71 5.67 -1.60
N GLU C 44 -1.93 5.38 -1.15
CA GLU C 44 -3.08 5.41 -2.04
C GLU C 44 -3.39 6.83 -2.47
N ALA C 45 -3.27 7.73 -1.52
CA ALA C 45 -3.50 9.15 -1.77
C ALA C 45 -2.56 9.67 -2.84
N ALA C 46 -1.29 9.31 -2.71
CA ALA C 46 -0.28 9.71 -3.67
C ALA C 46 -0.62 9.20 -5.06
N ALA C 47 -1.10 7.96 -5.11
CA ALA C 47 -1.48 7.33 -6.37
C ALA C 47 -2.63 8.12 -7.02
N GLU C 48 -3.51 8.65 -6.18
CA GLU C 48 -4.62 9.44 -6.67
C GLU C 48 -4.11 10.76 -7.22
N VAL C 49 -3.11 11.32 -6.56
CA VAL C 49 -2.50 12.57 -6.99
C VAL C 49 -1.80 12.36 -8.32
N LEU C 50 -1.19 11.18 -8.47
CA LEU C 50 -0.51 10.83 -9.71
C LEU C 50 -1.51 10.76 -10.86
N ARG C 51 -2.71 10.26 -10.56
CA ARG C 51 -3.77 10.15 -11.54
C ARG C 51 -4.43 11.50 -11.78
N ASN C 52 -4.36 12.35 -10.77
CA ASN C 52 -4.94 13.70 -10.84
C ASN C 52 -3.92 14.74 -10.36
N PRO C 53 -2.87 14.97 -11.16
CA PRO C 53 -1.81 15.91 -10.82
C PRO C 53 -2.31 17.34 -10.60
N ASN C 54 -3.41 17.68 -11.26
CA ASN C 54 -3.98 19.02 -11.15
C ASN C 54 -4.83 19.16 -9.89
N GLN C 55 -5.07 18.06 -9.20
CA GLN C 55 -5.88 18.08 -7.99
C GLN C 55 -5.09 18.65 -6.81
N GLU C 56 -5.21 19.95 -6.58
CA GLU C 56 -4.51 20.59 -5.48
C GLU C 56 -5.01 20.04 -4.15
N ASN C 57 -6.30 19.74 -4.07
CA ASN C 57 -6.88 19.19 -2.85
C ASN C 57 -6.22 17.86 -2.53
N LEU C 58 -5.92 17.09 -3.56
CA LEU C 58 -5.26 15.81 -3.38
C LEU C 58 -3.84 16.04 -2.89
N ARG C 59 -3.20 17.06 -3.43
CA ARG C 59 -1.84 17.42 -3.05
C ARG C 59 -1.81 17.85 -1.59
N ARG C 60 -2.74 18.72 -1.22
CA ARG C 60 -2.82 19.23 0.13
C ARG C 60 -3.19 18.09 1.08
N HIS C 61 -4.04 17.19 0.61
CA HIS C 61 -4.45 16.04 1.39
C HIS C 61 -3.25 15.12 1.61
N ALA C 62 -2.53 14.85 0.52
CA ALA C 62 -1.35 14.01 0.60
C ALA C 62 -0.32 14.63 1.53
N ASN C 63 -0.21 15.96 1.43
CA ASN C 63 0.70 16.72 2.28
C ASN C 63 0.28 16.58 3.73
N LYS C 64 -1.02 16.51 3.96
CA LYS C 64 -1.54 16.36 5.31
C LYS C 64 -1.10 15.03 5.89
N LEU C 65 -1.01 14.01 5.04
CA LEU C 65 -0.57 12.69 5.46
C LEU C 65 0.92 12.74 5.76
N LEU C 66 1.64 13.49 4.94
CA LEU C 66 3.08 13.65 5.11
C LEU C 66 3.36 14.34 6.43
N SER C 67 2.50 15.29 6.77
CA SER C 67 2.61 16.04 8.01
C SER C 67 2.19 15.17 9.19
N LEU C 68 1.09 14.46 9.01
CA LEU C 68 0.56 13.57 10.04
C LEU C 68 1.56 12.47 10.37
N LYS C 69 2.26 12.00 9.34
CA LYS C 69 3.29 10.97 9.52
C LYS C 69 4.37 11.47 10.47
N LYS C 70 4.64 12.76 10.36
CA LYS C 70 5.64 13.40 11.19
C LYS C 70 5.12 13.51 12.62
N ARG C 71 3.85 13.89 12.73
CA ARG C 71 3.20 14.04 14.02
C ARG C 71 3.18 12.70 14.76
N ALA C 72 2.85 11.65 14.04
CA ALA C 72 2.81 10.30 14.62
C ALA C 72 4.21 9.86 15.03
N TYR C 73 5.20 10.28 14.28
CA TYR C 73 6.59 9.94 14.57
C TYR C 73 7.04 10.56 15.88
N GLU C 74 6.58 11.78 16.12
CA GLU C 74 6.94 12.51 17.33
C GLU C 74 6.05 12.10 18.51
N LEU C 75 5.11 11.20 18.26
CA LEU C 75 4.21 10.73 19.30
C LEU C 75 4.96 9.77 20.24
N PRO C 76 5.04 10.12 21.54
CA PRO C 76 5.72 9.29 22.53
C PRO C 76 5.08 7.91 22.67
N ASP D 6 -6.28 25.92 9.48
CA ASP D 6 -6.46 25.20 10.73
C ASP D 6 -6.19 23.72 10.49
N ASP D 7 -7.18 23.05 9.90
CA ASP D 7 -7.09 21.63 9.54
C ASP D 7 -6.60 20.73 10.68
N SER D 8 -5.29 20.48 10.69
CA SER D 8 -4.64 19.62 11.67
C SER D 8 -4.82 20.06 13.13
N ALA D 9 -5.41 21.23 13.35
CA ALA D 9 -5.65 21.69 14.71
C ALA D 9 -6.92 21.05 15.26
N ALA D 10 -7.99 21.12 14.49
CA ALA D 10 -9.26 20.53 14.89
C ALA D 10 -9.30 19.07 14.48
N GLU D 11 -9.00 18.82 13.22
CA GLU D 11 -8.97 17.48 12.67
C GLU D 11 -7.53 17.08 12.45
N TRP D 12 -7.31 16.01 11.69
CA TRP D 12 -5.98 15.50 11.39
C TRP D 12 -5.09 15.55 12.63
N ASN D 13 -5.52 14.85 13.64
CA ASN D 13 -4.84 14.84 14.91
C ASN D 13 -4.50 13.44 15.35
N VAL D 14 -3.32 13.29 15.91
CA VAL D 14 -2.88 12.01 16.44
C VAL D 14 -2.16 12.28 17.75
N SER D 15 -2.56 11.59 18.80
CA SER D 15 -1.96 11.79 20.10
C SER D 15 -2.17 10.58 21.00
N ARG D 16 -1.79 10.72 22.27
CA ARG D 16 -1.95 9.65 23.23
C ARG D 16 -3.18 9.89 24.08
N THR D 17 -3.96 8.84 24.29
CA THR D 17 -5.17 8.93 25.08
C THR D 17 -4.86 8.71 26.56
N PRO D 18 -5.74 9.22 27.43
CA PRO D 18 -5.59 9.08 28.88
C PRO D 18 -5.75 7.64 29.32
N ASP D 19 -6.35 6.85 28.46
CA ASP D 19 -6.58 5.43 28.73
C ASP D 19 -5.35 4.61 28.41
N GLY D 20 -4.36 5.24 27.78
CA GLY D 20 -3.13 4.56 27.45
C GLY D 20 -3.06 4.09 26.01
N ASP D 21 -3.89 4.67 25.17
CA ASP D 21 -3.92 4.31 23.76
C ASP D 21 -3.50 5.50 22.92
N TYR D 22 -3.63 5.40 21.61
CA TYR D 22 -3.30 6.51 20.72
C TYR D 22 -4.52 6.87 19.90
N ARG D 23 -4.82 8.15 19.84
CA ARG D 23 -5.99 8.63 19.13
C ARG D 23 -5.61 9.26 17.80
N LEU D 24 -6.30 8.85 16.75
CA LEU D 24 -6.06 9.37 15.42
C LEU D 24 -7.38 9.86 14.81
N ALA D 25 -7.43 11.13 14.46
CA ALA D 25 -8.60 11.74 13.87
C ALA D 25 -8.25 12.42 12.56
N ILE D 26 -9.00 12.16 11.51
CA ILE D 26 -8.72 12.75 10.20
C ILE D 26 -10.01 13.13 9.47
N THR D 27 -9.87 13.90 8.39
CA THR D 27 -11.02 14.31 7.58
C THR D 27 -10.70 14.23 6.09
N CYS D 28 -11.72 13.98 5.27
CA CYS D 28 -11.55 13.89 3.83
C CYS D 28 -12.82 14.37 3.13
N PRO D 29 -12.68 15.16 2.06
CA PRO D 29 -13.83 15.68 1.32
C PRO D 29 -14.44 14.64 0.38
N ASN D 30 -13.96 13.41 0.46
CA ASN D 30 -14.46 12.35 -0.39
C ASN D 30 -14.52 11.04 0.38
N LYS D 31 -15.69 10.40 0.33
CA LYS D 31 -15.89 9.14 1.02
C LYS D 31 -15.04 8.05 0.36
N GLU D 32 -14.83 8.20 -0.94
CA GLU D 32 -14.05 7.27 -1.72
C GLU D 32 -12.58 7.35 -1.32
N TRP D 33 -12.15 8.54 -0.95
CA TRP D 33 -10.78 8.76 -0.53
C TRP D 33 -10.50 7.95 0.71
N LEU D 34 -11.40 8.04 1.67
CA LEU D 34 -11.27 7.31 2.91
C LEU D 34 -11.37 5.81 2.66
N LEU D 35 -12.25 5.44 1.73
CA LEU D 35 -12.43 4.03 1.39
C LEU D 35 -11.12 3.42 0.93
N GLN D 36 -10.40 4.15 0.09
CA GLN D 36 -9.11 3.67 -0.40
C GLN D 36 -8.07 3.76 0.70
N SER D 37 -8.17 4.80 1.51
CA SER D 37 -7.25 5.03 2.60
C SER D 37 -7.31 3.91 3.63
N ILE D 38 -8.53 3.51 4.01
CA ILE D 38 -8.71 2.43 4.97
C ILE D 38 -8.06 1.14 4.48
N GLU D 39 -8.23 0.86 3.19
CA GLU D 39 -7.63 -0.32 2.59
C GLU D 39 -6.11 -0.23 2.65
N GLY D 40 -5.61 1.00 2.53
CA GLY D 40 -4.17 1.23 2.59
C GLY D 40 -3.60 0.87 3.95
N MET D 41 -4.26 1.32 5.01
CA MET D 41 -3.80 1.03 6.38
C MET D 41 -3.86 -0.46 6.66
N ILE D 42 -4.95 -1.10 6.24
CA ILE D 42 -5.10 -2.54 6.43
C ILE D 42 -3.98 -3.30 5.73
N LYS D 43 -3.55 -2.79 4.57
CA LYS D 43 -2.49 -3.42 3.81
C LYS D 43 -1.18 -3.42 4.60
N GLU D 44 -0.82 -2.25 5.13
CA GLU D 44 0.40 -2.11 5.91
C GLU D 44 0.28 -2.88 7.21
N ALA D 45 -0.89 -2.78 7.81
CA ALA D 45 -1.19 -3.49 9.06
C ALA D 45 -1.01 -4.99 8.87
N ALA D 46 -1.42 -5.46 7.70
CA ALA D 46 -1.30 -6.86 7.35
C ALA D 46 0.16 -7.28 7.33
N ALA D 47 1.02 -6.39 6.85
CA ALA D 47 2.45 -6.65 6.78
C ALA D 47 3.02 -6.80 8.19
N GLU D 48 2.44 -6.05 9.13
CA GLU D 48 2.86 -6.13 10.53
C GLU D 48 2.44 -7.47 11.10
N VAL D 49 1.23 -7.91 10.74
CA VAL D 49 0.71 -9.19 11.20
C VAL D 49 1.63 -10.32 10.74
N LEU D 50 2.16 -10.20 9.55
CA LEU D 50 3.07 -11.21 9.01
C LEU D 50 4.37 -11.24 9.83
N ARG D 51 4.79 -10.07 10.30
CA ARG D 51 6.00 -9.94 11.10
C ARG D 51 5.74 -10.40 12.53
N ASN D 52 4.49 -10.27 12.95
CA ASN D 52 4.07 -10.67 14.29
C ASN D 52 2.80 -11.50 14.22
N PRO D 53 2.89 -12.74 13.73
CA PRO D 53 1.73 -13.63 13.59
C PRO D 53 1.05 -13.92 14.92
N ASN D 54 1.83 -13.93 15.99
CA ASN D 54 1.31 -14.20 17.32
C ASN D 54 0.67 -12.95 17.94
N GLN D 55 0.68 -11.85 17.20
CA GLN D 55 0.09 -10.62 17.69
C GLN D 55 -1.41 -10.63 17.44
N GLU D 56 -2.16 -11.08 18.45
CA GLU D 56 -3.61 -11.14 18.37
C GLU D 56 -4.20 -9.77 18.09
N ASN D 57 -3.70 -8.76 18.82
CA ASN D 57 -4.19 -7.40 18.67
C ASN D 57 -3.94 -6.88 17.26
N LEU D 58 -2.87 -7.34 16.62
CA LEU D 58 -2.56 -6.89 15.27
C LEU D 58 -3.61 -7.41 14.31
N ARG D 59 -3.98 -8.68 14.47
CA ARG D 59 -5.00 -9.29 13.63
C ARG D 59 -6.34 -8.63 13.89
N ARG D 60 -6.61 -8.35 15.16
CA ARG D 60 -7.84 -7.70 15.56
C ARG D 60 -7.88 -6.27 15.03
N HIS D 61 -6.72 -5.63 15.03
CA HIS D 61 -6.60 -4.27 14.53
C HIS D 61 -6.85 -4.26 13.03
N ALA D 62 -6.25 -5.22 12.34
CA ALA D 62 -6.45 -5.35 10.91
C ALA D 62 -7.92 -5.58 10.62
N ASN D 63 -8.55 -6.39 11.47
CA ASN D 63 -9.97 -6.69 11.37
C ASN D 63 -10.77 -5.41 11.59
N LYS D 64 -10.29 -4.57 12.50
CA LYS D 64 -10.92 -3.30 12.80
C LYS D 64 -10.91 -2.41 11.57
N LEU D 65 -9.83 -2.50 10.80
CA LEU D 65 -9.72 -1.72 9.57
C LEU D 65 -10.70 -2.27 8.55
N LEU D 66 -10.81 -3.60 8.52
CA LEU D 66 -11.73 -4.28 7.62
C LEU D 66 -13.15 -3.86 7.96
N SER D 67 -13.41 -3.71 9.25
CA SER D 67 -14.71 -3.30 9.74
C SER D 67 -14.97 -1.83 9.40
N LEU D 68 -13.95 -1.02 9.62
CA LEU D 68 -14.03 0.42 9.32
C LEU D 68 -14.31 0.65 7.85
N LYS D 69 -13.71 -0.17 7.00
CA LYS D 69 -13.90 -0.09 5.56
C LYS D 69 -15.36 -0.36 5.21
N LYS D 70 -15.92 -1.35 5.90
CA LYS D 70 -17.31 -1.72 5.69
C LYS D 70 -18.23 -0.59 6.14
N ARG D 71 -17.85 0.05 7.25
CA ARG D 71 -18.62 1.16 7.79
C ARG D 71 -18.65 2.34 6.82
N ALA D 72 -17.50 2.66 6.25
CA ALA D 72 -17.39 3.76 5.30
C ALA D 72 -18.15 3.43 4.02
N TYR D 73 -18.13 2.15 3.65
CA TYR D 73 -18.81 1.69 2.44
C TYR D 73 -20.32 1.93 2.51
N GLU D 74 -20.85 1.78 3.72
CA GLU D 74 -22.28 1.96 3.95
C GLU D 74 -22.64 3.42 4.20
N LEU D 75 -21.65 4.31 4.23
CA LEU D 75 -21.90 5.72 4.49
C LEU D 75 -21.47 6.61 3.32
N PRO D 76 -22.42 6.94 2.43
CA PRO D 76 -22.15 7.80 1.28
C PRO D 76 -22.43 9.27 1.58
N ASP A 6 15.23 7.56 -18.92
CA ASP A 6 15.08 6.43 -19.83
C ASP A 6 14.04 6.74 -20.90
N ASP A 7 14.31 6.28 -22.11
CA ASP A 7 13.41 6.49 -23.23
C ASP A 7 12.83 5.16 -23.68
N SER A 8 13.72 4.19 -23.84
CA SER A 8 13.31 2.85 -24.25
C SER A 8 12.98 2.02 -23.02
N ALA A 9 11.71 1.63 -22.89
CA ALA A 9 11.28 0.84 -21.74
C ALA A 9 12.02 -0.49 -21.70
N ALA A 10 12.02 -1.20 -22.84
CA ALA A 10 12.69 -2.50 -23.00
C ALA A 10 12.05 -3.60 -22.15
N GLU A 11 11.98 -3.35 -20.87
CA GLU A 11 11.43 -4.29 -19.91
C GLU A 11 9.95 -4.01 -19.65
N TRP A 12 9.50 -4.35 -18.46
CA TRP A 12 8.12 -4.16 -18.04
C TRP A 12 7.19 -5.00 -18.91
N ASN A 13 7.40 -6.30 -18.82
CA ASN A 13 6.62 -7.26 -19.57
C ASN A 13 5.75 -8.09 -18.64
N VAL A 14 4.54 -8.35 -19.06
CA VAL A 14 3.63 -9.17 -18.29
C VAL A 14 2.80 -10.03 -19.23
N SER A 15 2.79 -11.34 -19.01
CA SER A 15 2.04 -12.25 -19.85
C SER A 15 1.87 -13.61 -19.18
N ARG A 16 1.08 -14.48 -19.80
CA ARG A 16 0.87 -15.81 -19.26
C ARG A 16 1.88 -16.78 -19.85
N THR A 17 2.45 -17.59 -18.98
CA THR A 17 3.46 -18.55 -19.37
C THR A 17 2.82 -19.84 -19.88
N PRO A 18 3.58 -20.61 -20.68
CA PRO A 18 3.11 -21.87 -21.25
C PRO A 18 2.92 -22.93 -20.16
N ASP A 19 3.54 -22.68 -19.02
CA ASP A 19 3.45 -23.60 -17.90
C ASP A 19 2.16 -23.38 -17.11
N GLY A 20 1.47 -22.30 -17.44
CA GLY A 20 0.22 -22.01 -16.77
C GLY A 20 0.37 -20.98 -15.68
N ASP A 21 1.43 -20.21 -15.73
CA ASP A 21 1.67 -19.18 -14.73
C ASP A 21 1.68 -17.82 -15.41
N TYR A 22 1.94 -16.77 -14.66
CA TYR A 22 2.01 -15.44 -15.25
C TYR A 22 3.40 -14.88 -15.02
N ARG A 23 4.00 -14.33 -16.05
CA ARG A 23 5.36 -13.81 -15.95
C ARG A 23 5.36 -12.30 -15.97
N LEU A 24 5.99 -11.70 -14.99
CA LEU A 24 6.09 -10.26 -14.90
C LEU A 24 7.56 -9.87 -14.74
N ALA A 25 8.05 -9.05 -15.66
CA ALA A 25 9.44 -8.62 -15.65
C ALA A 25 9.56 -7.10 -15.74
N ILE A 26 9.75 -6.44 -14.61
CA ILE A 26 9.86 -4.98 -14.60
C ILE A 26 11.27 -4.54 -14.19
N THR A 27 11.49 -3.23 -14.18
CA THR A 27 12.79 -2.68 -13.81
C THR A 27 12.68 -1.42 -12.98
N CYS A 28 13.65 -1.22 -12.10
CA CYS A 28 13.72 -0.04 -11.25
C CYS A 28 15.19 0.29 -11.02
N PRO A 29 15.57 1.56 -11.21
CA PRO A 29 16.95 2.00 -11.04
C PRO A 29 17.28 2.37 -9.60
N ASN A 30 16.44 1.95 -8.67
CA ASN A 30 16.67 2.26 -7.26
C ASN A 30 16.20 1.10 -6.39
N LYS A 31 17.04 0.74 -5.43
CA LYS A 31 16.75 -0.36 -4.52
C LYS A 31 15.53 -0.05 -3.66
N GLU A 32 15.38 1.22 -3.30
CA GLU A 32 14.26 1.64 -2.47
C GLU A 32 12.95 1.46 -3.21
N TRP A 33 12.97 1.78 -4.50
CA TRP A 33 11.79 1.64 -5.34
C TRP A 33 11.39 0.18 -5.45
N LEU A 34 12.39 -0.68 -5.59
CA LEU A 34 12.16 -2.11 -5.70
C LEU A 34 11.60 -2.66 -4.40
N LEU A 35 12.19 -2.25 -3.29
CA LEU A 35 11.76 -2.70 -1.98
C LEU A 35 10.32 -2.31 -1.71
N GLN A 36 9.96 -1.09 -2.08
CA GLN A 36 8.62 -0.58 -1.87
C GLN A 36 7.64 -1.29 -2.79
N SER A 37 8.09 -1.62 -4.00
CA SER A 37 7.25 -2.32 -4.96
C SER A 37 6.82 -3.66 -4.40
N ILE A 38 7.79 -4.40 -3.86
CA ILE A 38 7.53 -5.69 -3.27
C ILE A 38 6.64 -5.53 -2.03
N GLU A 39 6.92 -4.48 -1.26
CA GLU A 39 6.16 -4.18 -0.05
C GLU A 39 4.69 -3.98 -0.39
N GLY A 40 4.44 -3.32 -1.52
CA GLY A 40 3.08 -3.05 -1.94
C GLY A 40 2.30 -4.32 -2.20
N MET A 41 2.87 -5.23 -2.98
CA MET A 41 2.20 -6.48 -3.30
C MET A 41 2.05 -7.36 -2.05
N ILE A 42 3.05 -7.34 -1.19
CA ILE A 42 3.00 -8.11 0.04
C ILE A 42 1.85 -7.63 0.92
N LYS A 43 1.60 -6.33 0.91
CA LYS A 43 0.54 -5.73 1.71
C LYS A 43 -0.83 -6.23 1.27
N GLU A 44 -1.09 -6.18 -0.03
CA GLU A 44 -2.37 -6.61 -0.58
C GLU A 44 -2.57 -8.10 -0.34
N ALA A 45 -1.49 -8.86 -0.52
CA ALA A 45 -1.52 -10.30 -0.34
C ALA A 45 -1.86 -10.67 1.10
N ALA A 46 -1.21 -10.00 2.04
CA ALA A 46 -1.41 -10.24 3.45
C ALA A 46 -2.87 -10.00 3.84
N ALA A 47 -3.46 -8.96 3.28
CA ALA A 47 -4.85 -8.64 3.56
C ALA A 47 -5.76 -9.77 3.09
N GLU A 48 -5.38 -10.40 1.99
CA GLU A 48 -6.14 -11.51 1.44
C GLU A 48 -5.98 -12.73 2.33
N VAL A 49 -4.78 -12.90 2.88
CA VAL A 49 -4.49 -14.03 3.76
C VAL A 49 -5.34 -13.94 5.02
N LEU A 50 -5.55 -12.72 5.50
CA LEU A 50 -6.37 -12.52 6.70
C LEU A 50 -7.83 -12.89 6.40
N ARG A 51 -8.26 -12.64 5.17
CA ARG A 51 -9.62 -12.95 4.74
C ARG A 51 -9.76 -14.44 4.47
N ASN A 52 -8.67 -15.05 4.05
CA ASN A 52 -8.64 -16.48 3.73
C ASN A 52 -7.45 -17.15 4.41
N PRO A 53 -7.53 -17.30 5.74
CA PRO A 53 -6.46 -17.91 6.54
C PRO A 53 -6.10 -19.32 6.09
N ASN A 54 -7.07 -20.03 5.55
CA ASN A 54 -6.85 -21.40 5.09
C ASN A 54 -6.21 -21.44 3.71
N GLN A 55 -6.03 -20.28 3.09
CA GLN A 55 -5.43 -20.22 1.77
C GLN A 55 -3.91 -20.32 1.88
N GLU A 56 -3.39 -21.53 1.78
CA GLU A 56 -1.96 -21.75 1.86
C GLU A 56 -1.25 -21.10 0.68
N ASN A 57 -1.90 -21.11 -0.48
CA ASN A 57 -1.33 -20.49 -1.67
C ASN A 57 -1.12 -19.02 -1.43
N LEU A 58 -2.06 -18.42 -0.71
CA LEU A 58 -1.97 -17.01 -0.38
C LEU A 58 -0.83 -16.79 0.59
N ARG A 59 -0.67 -17.73 1.51
CA ARG A 59 0.39 -17.68 2.49
C ARG A 59 1.74 -17.81 1.81
N ARG A 60 1.83 -18.80 0.93
CA ARG A 60 3.06 -19.07 0.20
C ARG A 60 3.39 -17.91 -0.71
N HIS A 61 2.36 -17.30 -1.29
CA HIS A 61 2.56 -16.16 -2.16
C HIS A 61 3.09 -14.98 -1.36
N ALA A 62 2.47 -14.72 -0.23
CA ALA A 62 2.89 -13.64 0.65
C ALA A 62 4.32 -13.87 1.11
N ASN A 63 4.61 -15.12 1.42
CA ASN A 63 5.95 -15.53 1.84
C ASN A 63 6.96 -15.31 0.72
N LYS A 64 6.50 -15.51 -0.51
CA LYS A 64 7.37 -15.33 -1.67
C LYS A 64 7.78 -13.87 -1.78
N LEU A 65 6.86 -12.98 -1.46
CA LEU A 65 7.11 -11.55 -1.50
C LEU A 65 8.06 -11.17 -0.37
N LEU A 66 7.88 -11.81 0.78
CA LEU A 66 8.73 -11.57 1.94
C LEU A 66 10.16 -11.94 1.60
N SER A 67 10.30 -13.07 0.92
CA SER A 67 11.60 -13.58 0.50
C SER A 67 12.20 -12.68 -0.57
N LEU A 68 11.36 -12.29 -1.51
CA LEU A 68 11.76 -11.41 -2.60
C LEU A 68 12.25 -10.07 -2.07
N LYS A 69 11.56 -9.54 -1.08
CA LYS A 69 11.94 -8.26 -0.48
C LYS A 69 13.32 -8.37 0.14
N LYS A 70 13.59 -9.52 0.75
CA LYS A 70 14.87 -9.77 1.38
C LYS A 70 15.96 -9.82 0.31
N ARG A 71 15.66 -10.51 -0.79
CA ARG A 71 16.60 -10.63 -1.89
C ARG A 71 16.91 -9.25 -2.47
N ALA A 72 15.88 -8.44 -2.64
CA ALA A 72 16.05 -7.08 -3.16
C ALA A 72 16.91 -6.25 -2.22
N TYR A 73 16.79 -6.53 -0.92
CA TYR A 73 17.57 -5.82 0.09
C TYR A 73 19.06 -6.16 -0.07
N GLU A 74 19.31 -7.40 -0.47
CA GLU A 74 20.66 -7.89 -0.67
C GLU A 74 21.22 -7.48 -2.03
N LEU A 75 20.40 -6.81 -2.83
CA LEU A 75 20.83 -6.37 -4.16
C LEU A 75 21.99 -5.37 -4.05
N PRO A 76 23.09 -5.64 -4.75
CA PRO A 76 24.28 -4.79 -4.73
C PRO A 76 23.98 -3.39 -5.27
N ASP B 6 6.64 -25.24 -5.22
CA ASP B 6 6.87 -23.81 -5.28
C ASP B 6 7.84 -23.37 -4.19
N ASP B 7 8.98 -22.83 -4.62
CA ASP B 7 10.02 -22.34 -3.72
C ASP B 7 11.15 -21.74 -4.54
N SER B 8 11.68 -22.55 -5.44
CA SER B 8 12.76 -22.14 -6.33
C SER B 8 12.61 -22.88 -7.65
N ALA B 9 11.45 -22.72 -8.27
CA ALA B 9 11.15 -23.39 -9.53
C ALA B 9 11.96 -22.84 -10.69
N ALA B 10 11.95 -21.52 -10.87
CA ALA B 10 12.68 -20.91 -11.97
C ALA B 10 12.60 -19.39 -11.96
N GLU B 11 11.56 -18.86 -11.37
CA GLU B 11 11.36 -17.42 -11.37
C GLU B 11 11.60 -16.78 -10.01
N TRP B 12 11.07 -15.58 -9.85
CA TRP B 12 11.23 -14.79 -8.64
C TRP B 12 12.69 -14.46 -8.45
N ASN B 13 13.22 -13.79 -9.46
CA ASN B 13 14.61 -13.41 -9.50
C ASN B 13 14.76 -11.90 -9.69
N VAL B 14 15.82 -11.35 -9.13
CA VAL B 14 16.09 -9.93 -9.25
C VAL B 14 17.59 -9.72 -9.43
N SER B 15 17.97 -9.00 -10.48
CA SER B 15 19.38 -8.74 -10.76
C SER B 15 19.56 -7.40 -11.47
N ARG B 16 20.75 -7.17 -12.02
CA ARG B 16 21.04 -5.94 -12.73
C ARG B 16 20.94 -6.14 -14.23
N THR B 17 20.34 -5.16 -14.89
CA THR B 17 20.17 -5.18 -16.33
C THR B 17 21.40 -4.61 -17.04
N PRO B 18 21.58 -4.93 -18.32
CA PRO B 18 22.71 -4.45 -19.11
C PRO B 18 22.64 -2.95 -19.30
N ASP B 19 21.45 -2.40 -19.12
CA ASP B 19 21.23 -0.97 -19.26
C ASP B 19 21.60 -0.24 -17.97
N GLY B 20 21.83 -1.00 -16.91
CA GLY B 20 22.19 -0.41 -15.64
C GLY B 20 21.02 -0.27 -14.70
N ASP B 21 19.98 -1.04 -14.93
CA ASP B 21 18.79 -1.01 -14.09
C ASP B 21 18.68 -2.31 -13.32
N TYR B 22 17.64 -2.47 -12.54
CA TYR B 22 17.44 -3.72 -11.81
C TYR B 22 16.25 -4.45 -12.40
N ARG B 23 16.43 -5.72 -12.69
CA ARG B 23 15.38 -6.52 -13.30
C ARG B 23 14.75 -7.47 -12.30
N LEU B 24 13.43 -7.45 -12.23
CA LEU B 24 12.70 -8.32 -11.34
C LEU B 24 11.80 -9.24 -12.17
N ALA B 25 12.03 -10.53 -12.05
CA ALA B 25 11.27 -11.54 -12.78
C ALA B 25 10.50 -12.41 -11.81
N ILE B 26 9.18 -12.24 -11.75
CA ILE B 26 8.36 -13.02 -10.84
C ILE B 26 7.21 -13.71 -11.59
N THR B 27 6.57 -14.66 -10.92
CA THR B 27 5.46 -15.40 -11.51
C THR B 27 4.31 -15.58 -10.51
N CYS B 28 3.11 -15.70 -11.03
CA CYS B 28 1.92 -15.91 -10.22
C CYS B 28 0.90 -16.71 -11.02
N PRO B 29 0.34 -17.77 -10.41
CA PRO B 29 -0.65 -18.63 -11.09
C PRO B 29 -2.05 -18.01 -11.14
N ASN B 30 -2.13 -16.73 -10.83
CA ASN B 30 -3.40 -16.03 -10.85
C ASN B 30 -3.23 -14.64 -11.44
N LYS B 31 -4.13 -14.29 -12.34
CA LYS B 31 -4.11 -12.98 -13.00
C LYS B 31 -4.33 -11.88 -11.98
N GLU B 32 -5.16 -12.18 -10.98
CA GLU B 32 -5.48 -11.22 -9.93
C GLU B 32 -4.25 -10.91 -9.11
N TRP B 33 -3.44 -11.93 -8.86
CA TRP B 33 -2.23 -11.78 -8.09
C TRP B 33 -1.27 -10.82 -8.77
N LEU B 34 -1.15 -10.95 -10.08
CA LEU B 34 -0.25 -10.10 -10.85
C LEU B 34 -0.77 -8.66 -10.82
N LEU B 35 -2.08 -8.50 -10.99
CA LEU B 35 -2.69 -7.18 -10.96
C LEU B 35 -2.51 -6.57 -9.58
N GLN B 36 -2.68 -7.41 -8.56
CA GLN B 36 -2.52 -7.02 -7.17
C GLN B 36 -1.10 -6.53 -6.94
N SER B 37 -0.15 -7.29 -7.46
CA SER B 37 1.24 -6.95 -7.33
C SER B 37 1.53 -5.58 -7.93
N ILE B 38 1.06 -5.35 -9.15
CA ILE B 38 1.26 -4.07 -9.81
C ILE B 38 0.61 -2.94 -9.03
N GLU B 39 -0.62 -3.17 -8.59
CA GLU B 39 -1.35 -2.18 -7.82
C GLU B 39 -0.59 -1.82 -6.56
N GLY B 40 0.03 -2.82 -5.96
CA GLY B 40 0.81 -2.59 -4.76
C GLY B 40 1.98 -1.68 -4.98
N MET B 41 2.78 -1.96 -6.01
CA MET B 41 3.95 -1.14 -6.31
C MET B 41 3.54 0.27 -6.74
N ILE B 42 2.49 0.37 -7.55
CA ILE B 42 2.01 1.67 -8.00
C ILE B 42 1.63 2.55 -6.81
N LYS B 43 1.05 1.94 -5.78
CA LYS B 43 0.65 2.69 -4.60
C LYS B 43 1.87 3.29 -3.89
N GLU B 44 2.86 2.46 -3.64
CA GLU B 44 4.09 2.92 -2.98
C GLU B 44 4.86 3.88 -3.86
N ALA B 45 4.90 3.54 -5.15
CA ALA B 45 5.60 4.38 -6.13
C ALA B 45 5.00 5.76 -6.19
N ALA B 46 3.68 5.83 -6.25
CA ALA B 46 2.97 7.09 -6.30
C ALA B 46 3.29 7.93 -5.07
N ALA B 47 3.36 7.28 -3.92
CA ALA B 47 3.67 7.95 -2.67
C ALA B 47 5.05 8.60 -2.73
N GLU B 48 5.98 7.91 -3.38
CA GLU B 48 7.33 8.41 -3.54
C GLU B 48 7.32 9.61 -4.50
N VAL B 49 6.46 9.55 -5.51
CA VAL B 49 6.35 10.62 -6.49
C VAL B 49 5.81 11.87 -5.82
N LEU B 50 4.90 11.68 -4.88
CA LEU B 50 4.31 12.78 -4.15
C LEU B 50 5.37 13.44 -3.26
N ARG B 51 6.28 12.62 -2.75
CA ARG B 51 7.36 13.09 -1.89
C ARG B 51 8.42 13.79 -2.72
N ASN B 52 8.57 13.34 -3.96
CA ASN B 52 9.54 13.89 -4.88
C ASN B 52 8.88 14.21 -6.21
N PRO B 53 8.06 15.28 -6.25
CA PRO B 53 7.33 15.70 -7.44
C PRO B 53 8.26 15.99 -8.62
N ASN B 54 9.46 16.44 -8.30
CA ASN B 54 10.44 16.78 -9.33
C ASN B 54 11.16 15.54 -9.85
N GLN B 55 10.86 14.39 -9.27
CA GLN B 55 11.48 13.14 -9.70
C GLN B 55 10.77 12.62 -10.96
N GLU B 56 11.31 12.96 -12.12
CA GLU B 56 10.72 12.53 -13.38
C GLU B 56 10.76 11.02 -13.52
N ASN B 57 11.86 10.41 -13.11
CA ASN B 57 11.99 8.95 -13.18
C ASN B 57 10.91 8.30 -12.35
N LEU B 58 10.57 8.91 -11.22
CA LEU B 58 9.54 8.38 -10.35
C LEU B 58 8.19 8.48 -11.04
N ARG B 59 7.95 9.63 -11.67
CA ARG B 59 6.70 9.86 -12.38
C ARG B 59 6.56 8.88 -13.53
N ARG B 60 7.63 8.73 -14.29
CA ARG B 60 7.66 7.82 -15.43
C ARG B 60 7.57 6.38 -14.95
N HIS B 61 8.20 6.08 -13.82
CA HIS B 61 8.18 4.74 -13.26
C HIS B 61 6.78 4.41 -12.77
N ALA B 62 6.16 5.37 -12.07
CA ALA B 62 4.80 5.19 -11.59
C ALA B 62 3.87 5.05 -12.76
N ASN B 63 4.13 5.83 -13.80
CA ASN B 63 3.35 5.79 -15.02
C ASN B 63 3.50 4.45 -15.70
N LYS B 64 4.71 3.90 -15.62
CA LYS B 64 4.99 2.60 -16.22
C LYS B 64 4.15 1.54 -15.51
N LEU B 65 3.98 1.72 -14.20
CA LEU B 65 3.19 0.80 -13.39
C LEU B 65 1.71 0.98 -13.73
N LEU B 66 1.31 2.23 -13.94
CA LEU B 66 -0.07 2.54 -14.29
C LEU B 66 -0.42 1.88 -15.62
N SER B 67 0.53 1.92 -16.54
CA SER B 67 0.36 1.34 -17.85
C SER B 67 0.38 -0.18 -17.75
N LEU B 68 1.32 -0.69 -16.96
CA LEU B 68 1.47 -2.11 -16.73
C LEU B 68 0.20 -2.68 -16.11
N LYS B 69 -0.37 -1.94 -15.16
CA LYS B 69 -1.61 -2.34 -14.50
C LYS B 69 -2.72 -2.48 -15.53
N LYS B 70 -2.74 -1.56 -16.49
CA LYS B 70 -3.73 -1.59 -17.55
C LYS B 70 -3.53 -2.84 -18.41
N ARG B 71 -2.27 -3.13 -18.71
CA ARG B 71 -1.92 -4.29 -19.52
C ARG B 71 -2.39 -5.58 -18.84
N ALA B 72 -2.18 -5.66 -17.54
CA ALA B 72 -2.59 -6.83 -16.77
C ALA B 72 -4.11 -6.92 -16.70
N TYR B 73 -4.77 -5.76 -16.65
CA TYR B 73 -6.22 -5.71 -16.61
C TYR B 73 -6.80 -6.29 -17.89
N GLU B 74 -6.14 -6.01 -19.00
CA GLU B 74 -6.55 -6.48 -20.31
C GLU B 74 -6.15 -7.94 -20.52
N LEU B 75 -5.16 -8.40 -19.76
CA LEU B 75 -4.67 -9.76 -19.86
C LEU B 75 -5.66 -10.73 -19.21
N PRO B 76 -6.01 -11.81 -19.92
CA PRO B 76 -6.93 -12.83 -19.41
C PRO B 76 -6.33 -13.60 -18.25
N ASP C 6 -12.65 -6.36 21.09
CA ASP C 6 -11.99 -5.21 20.49
C ASP C 6 -12.86 -4.58 19.43
N ASP C 7 -14.11 -4.34 19.79
CA ASP C 7 -15.08 -3.73 18.89
C ASP C 7 -15.64 -2.46 19.51
N SER C 8 -15.63 -2.42 20.85
CA SER C 8 -16.11 -1.26 21.59
C SER C 8 -14.93 -0.59 22.28
N ALA C 9 -14.01 -0.06 21.49
CA ALA C 9 -12.82 0.60 22.00
C ALA C 9 -13.06 2.07 22.31
N ALA C 10 -14.32 2.51 22.08
CA ALA C 10 -14.75 3.89 22.31
C ALA C 10 -14.36 4.78 21.15
N GLU C 11 -13.31 4.40 20.45
CA GLU C 11 -12.82 5.16 19.33
C GLU C 11 -13.12 4.46 18.02
N TRP C 12 -12.35 4.78 16.98
CA TRP C 12 -12.55 4.21 15.65
C TRP C 12 -13.90 4.64 15.12
N ASN C 13 -14.02 5.95 14.94
CA ASN C 13 -15.25 6.58 14.47
C ASN C 13 -15.07 7.15 13.09
N VAL C 14 -16.08 7.02 12.27
CA VAL C 14 -16.08 7.57 10.93
C VAL C 14 -17.47 8.10 10.62
N SER C 15 -17.56 9.35 10.22
CA SER C 15 -18.86 9.96 9.93
C SER C 15 -18.71 11.21 9.05
N ARG C 16 -19.82 11.89 8.83
CA ARG C 16 -19.84 13.09 8.03
C ARG C 16 -19.88 14.31 8.94
N THR C 17 -19.01 15.27 8.67
CA THR C 17 -18.95 16.47 9.47
C THR C 17 -19.96 17.51 8.98
N PRO C 18 -20.35 18.43 9.87
CA PRO C 18 -21.32 19.48 9.57
C PRO C 18 -20.76 20.47 8.56
N ASP C 19 -19.44 20.45 8.42
CA ASP C 19 -18.75 21.34 7.50
C ASP C 19 -18.77 20.78 6.09
N GLY C 20 -19.23 19.54 5.96
CA GLY C 20 -19.34 18.92 4.66
C GLY C 20 -18.15 18.03 4.34
N ASP C 21 -17.48 17.56 5.36
CA ASP C 21 -16.33 16.69 5.19
C ASP C 21 -16.60 15.35 5.86
N TYR C 22 -15.66 14.42 5.76
CA TYR C 22 -15.83 13.13 6.40
C TYR C 22 -14.77 12.99 7.47
N ARG C 23 -15.17 12.57 8.65
CA ARG C 23 -14.24 12.46 9.76
C ARG C 23 -13.93 11.02 10.11
N LEU C 24 -12.65 10.75 10.28
CA LEU C 24 -12.18 9.45 10.67
C LEU C 24 -11.29 9.59 11.92
N ALA C 25 -11.67 8.90 12.99
CA ALA C 25 -10.94 8.98 14.25
C ALA C 25 -10.64 7.58 14.77
N ILE C 26 -9.38 7.16 14.74
CA ILE C 26 -9.00 5.83 15.22
C ILE C 26 -7.92 5.90 16.29
N THR C 27 -7.57 4.75 16.85
CA THR C 27 -6.56 4.66 17.89
C THR C 27 -5.66 3.44 17.70
N CYS C 28 -4.42 3.54 18.16
CA CYS C 28 -3.46 2.46 18.09
C CYS C 28 -2.56 2.48 19.32
N PRO C 29 -2.24 1.32 19.90
CA PRO C 29 -1.39 1.23 21.08
C PRO C 29 0.10 1.40 20.76
N ASN C 30 0.39 1.72 19.51
CA ASN C 30 1.77 1.91 19.07
C ASN C 30 1.85 3.02 18.03
N LYS C 31 2.86 3.85 18.18
CA LYS C 31 3.07 4.96 17.25
C LYS C 31 3.49 4.43 15.89
N GLU C 32 4.18 3.30 15.90
CA GLU C 32 4.66 2.68 14.68
C GLU C 32 3.50 2.19 13.84
N TRP C 33 2.43 1.80 14.52
CA TRP C 33 1.23 1.32 13.84
C TRP C 33 0.59 2.44 13.05
N LEU C 34 0.53 3.62 13.65
CA LEU C 34 -0.05 4.78 12.98
C LEU C 34 0.83 5.17 11.81
N LEU C 35 2.14 5.08 12.02
CA LEU C 35 3.10 5.42 11.00
C LEU C 35 2.88 4.60 9.75
N GLN C 36 2.67 3.31 9.93
CA GLN C 36 2.44 2.42 8.81
C GLN C 36 1.05 2.68 8.23
N SER C 37 0.10 2.98 9.10
CA SER C 37 -1.25 3.27 8.68
C SER C 37 -1.30 4.50 7.79
N ILE C 38 -0.63 5.57 8.23
CA ILE C 38 -0.57 6.81 7.48
C ILE C 38 0.06 6.57 6.11
N GLU C 39 1.13 5.78 6.11
CA GLU C 39 1.82 5.44 4.87
C GLU C 39 0.86 4.74 3.92
N GLY C 40 0.03 3.88 4.48
CA GLY C 40 -0.93 3.14 3.68
C GLY C 40 -1.91 4.05 2.97
N MET C 41 -2.48 5.01 3.69
CA MET C 41 -3.44 5.94 3.11
C MET C 41 -2.77 6.85 2.10
N ILE C 42 -1.56 7.31 2.41
CA ILE C 42 -0.83 8.17 1.49
C ILE C 42 -0.60 7.46 0.16
N LYS C 43 -0.36 6.16 0.22
CA LYS C 43 -0.13 5.36 -0.98
C LYS C 43 -1.31 5.43 -1.94
N GLU C 44 -2.49 5.17 -1.42
CA GLU C 44 -3.70 5.21 -2.23
C GLU C 44 -4.01 6.63 -2.65
N ALA C 45 -3.83 7.55 -1.72
CA ALA C 45 -4.07 8.97 -1.98
C ALA C 45 -3.17 9.45 -3.10
N ALA C 46 -1.91 9.03 -3.05
CA ALA C 46 -0.95 9.37 -4.07
C ALA C 46 -1.36 8.78 -5.41
N ALA C 47 -1.90 7.57 -5.36
CA ALA C 47 -2.36 6.89 -6.56
C ALA C 47 -3.48 7.70 -7.20
N GLU C 48 -4.29 8.34 -6.36
CA GLU C 48 -5.36 9.19 -6.83
C GLU C 48 -4.77 10.42 -7.49
N VAL C 49 -3.68 10.93 -6.91
CA VAL C 49 -2.99 12.09 -7.44
C VAL C 49 -2.42 11.77 -8.82
N LEU C 50 -1.96 10.53 -8.98
CA LEU C 50 -1.43 10.06 -10.25
C LEU C 50 -2.55 10.01 -11.29
N ARG C 51 -3.74 9.68 -10.82
CA ARG C 51 -4.93 9.59 -11.66
C ARG C 51 -5.45 10.99 -11.98
N ASN C 52 -5.21 11.90 -11.06
CA ASN C 52 -5.63 13.30 -11.20
C ASN C 52 -4.45 14.23 -10.94
N PRO C 53 -3.49 14.27 -11.86
CA PRO C 53 -2.29 15.09 -11.75
C PRO C 53 -2.59 16.58 -11.53
N ASN C 54 -3.69 17.03 -12.08
CA ASN C 54 -4.08 18.44 -11.95
C ASN C 54 -4.83 18.72 -10.67
N GLN C 55 -5.06 17.70 -9.85
CA GLN C 55 -5.76 17.87 -8.59
C GLN C 55 -4.79 18.35 -7.51
N GLU C 56 -4.70 19.67 -7.33
CA GLU C 56 -3.82 20.24 -6.33
C GLU C 56 -4.23 19.77 -4.93
N ASN C 57 -5.53 19.80 -4.67
CA ASN C 57 -6.06 19.37 -3.39
C ASN C 57 -5.62 17.95 -3.06
N LEU C 58 -5.55 17.10 -4.07
CA LEU C 58 -5.12 15.72 -3.89
C LEU C 58 -3.66 15.71 -3.45
N ARG C 59 -2.85 16.55 -4.08
CA ARG C 59 -1.44 16.66 -3.74
C ARG C 59 -1.29 17.14 -2.31
N ARG C 60 -2.05 18.18 -1.98
CA ARG C 60 -2.02 18.76 -0.64
C ARG C 60 -2.53 17.73 0.37
N HIS C 61 -3.52 16.96 -0.03
CA HIS C 61 -4.08 15.92 0.81
C HIS C 61 -3.03 14.86 1.08
N ALA C 62 -2.36 14.43 0.02
CA ALA C 62 -1.32 13.42 0.14
C ALA C 62 -0.18 14.00 0.97
N ASN C 63 0.12 15.28 0.73
CA ASN C 63 1.16 15.98 1.46
C ASN C 63 0.78 16.07 2.93
N LYS C 64 -0.52 16.20 3.20
CA LYS C 64 -1.02 16.27 4.56
C LYS C 64 -0.69 14.96 5.28
N LEU C 65 -0.80 13.86 4.55
CA LEU C 65 -0.49 12.55 5.09
C LEU C 65 1.01 12.42 5.31
N LEU C 66 1.77 12.95 4.37
CA LEU C 66 3.23 12.93 4.45
C LEU C 66 3.70 13.71 5.67
N SER C 67 3.04 14.82 5.92
CA SER C 67 3.35 15.67 7.05
C SER C 67 2.88 15.00 8.34
N LEU C 68 1.70 14.40 8.27
CA LEU C 68 1.11 13.70 9.40
C LEU C 68 2.01 12.56 9.85
N LYS C 69 2.66 11.92 8.88
CA LYS C 69 3.59 10.82 9.17
C LYS C 69 4.71 11.33 10.08
N LYS C 70 5.14 12.55 9.82
CA LYS C 70 6.19 13.18 10.61
C LYS C 70 5.70 13.45 12.02
N ARG C 71 4.44 13.85 12.14
CA ARG C 71 3.83 14.12 13.43
C ARG C 71 3.82 12.86 14.28
N ALA C 72 3.45 11.74 13.66
CA ALA C 72 3.41 10.46 14.35
C ALA C 72 4.83 9.98 14.66
N TYR C 73 5.76 10.32 13.80
CA TYR C 73 7.16 9.93 13.97
C TYR C 73 7.74 10.51 15.25
N GLU C 74 7.34 11.72 15.58
CA GLU C 74 7.82 12.41 16.76
C GLU C 74 7.18 11.84 18.03
N LEU C 75 6.14 11.03 17.87
CA LEU C 75 5.47 10.43 19.01
C LEU C 75 6.33 9.32 19.61
N PRO C 76 6.19 9.07 20.91
CA PRO C 76 6.97 8.03 21.61
C PRO C 76 6.75 6.64 21.06
N ASP D 6 -7.93 24.48 2.38
CA ASP D 6 -8.02 23.19 3.09
C ASP D 6 -6.90 23.06 4.11
N ASP D 7 -6.37 24.19 4.56
CA ASP D 7 -5.28 24.19 5.54
C ASP D 7 -5.84 24.05 6.95
N SER D 8 -6.69 24.98 7.32
CA SER D 8 -7.31 24.95 8.64
C SER D 8 -8.54 24.05 8.62
N ALA D 9 -8.31 22.76 8.39
CA ALA D 9 -9.38 21.79 8.32
C ALA D 9 -9.82 21.38 9.73
N ALA D 10 -9.10 21.88 10.74
CA ALA D 10 -9.41 21.61 12.15
C ALA D 10 -9.15 20.16 12.52
N GLU D 11 -8.71 19.38 11.56
CA GLU D 11 -8.48 17.98 11.76
C GLU D 11 -7.06 17.57 11.43
N TRP D 12 -6.90 16.31 11.08
CA TRP D 12 -5.61 15.74 10.75
C TRP D 12 -4.68 15.88 11.94
N ASN D 13 -5.08 15.23 13.01
CA ASN D 13 -4.36 15.27 14.25
C ASN D 13 -4.00 13.88 14.74
N VAL D 14 -2.81 13.74 15.29
CA VAL D 14 -2.37 12.46 15.81
C VAL D 14 -1.55 12.71 17.09
N SER D 15 -1.92 12.03 18.17
CA SER D 15 -1.23 12.21 19.44
C SER D 15 -1.52 11.03 20.38
N ARG D 16 -1.13 11.18 21.64
CA ARG D 16 -1.35 10.13 22.63
C ARG D 16 -2.62 10.39 23.42
N THR D 17 -3.30 9.32 23.76
CA THR D 17 -4.54 9.40 24.52
C THR D 17 -4.27 9.13 26.00
N PRO D 18 -5.16 9.61 26.87
CA PRO D 18 -5.05 9.43 28.32
C PRO D 18 -5.23 7.96 28.70
N ASP D 19 -5.82 7.21 27.79
CA ASP D 19 -6.07 5.79 27.99
C ASP D 19 -4.82 4.98 27.68
N GLY D 20 -3.79 5.66 27.19
CA GLY D 20 -2.54 5.00 26.89
C GLY D 20 -2.44 4.59 25.44
N ASP D 21 -3.31 5.13 24.61
CA ASP D 21 -3.31 4.81 23.19
C ASP D 21 -2.87 6.02 22.40
N TYR D 22 -3.07 5.97 21.10
CA TYR D 22 -2.73 7.08 20.23
C TYR D 22 -3.96 7.44 19.42
N ARG D 23 -4.30 8.71 19.36
CA ARG D 23 -5.49 9.15 18.65
C ARG D 23 -5.14 9.77 17.31
N LEU D 24 -5.81 9.30 16.28
CA LEU D 24 -5.59 9.81 14.93
C LEU D 24 -6.93 10.27 14.36
N ALA D 25 -7.02 11.56 14.07
CA ALA D 25 -8.23 12.16 13.53
C ALA D 25 -7.95 12.80 12.18
N ILE D 26 -8.60 12.34 11.14
CA ILE D 26 -8.39 12.88 9.81
C ILE D 26 -9.72 13.19 9.11
N THR D 27 -9.65 13.91 8.00
CA THR D 27 -10.85 14.26 7.23
C THR D 27 -10.62 14.06 5.73
N CYS D 28 -11.71 13.85 5.00
CA CYS D 28 -11.65 13.65 3.56
C CYS D 28 -12.99 14.06 2.94
N PRO D 29 -12.95 14.85 1.85
CA PRO D 29 -14.15 15.31 1.15
C PRO D 29 -14.76 14.23 0.25
N ASN D 30 -14.34 12.99 0.42
CA ASN D 30 -14.87 11.89 -0.38
C ASN D 30 -14.80 10.59 0.40
N LYS D 31 -15.84 9.78 0.26
CA LYS D 31 -15.91 8.49 0.93
C LYS D 31 -14.88 7.55 0.33
N GLU D 32 -14.64 7.70 -0.97
CA GLU D 32 -13.68 6.86 -1.67
C GLU D 32 -12.30 7.02 -1.08
N TRP D 33 -11.99 8.25 -0.68
CA TRP D 33 -10.71 8.57 -0.09
C TRP D 33 -10.57 7.87 1.25
N LEU D 34 -11.64 7.89 2.03
CA LEU D 34 -11.65 7.23 3.33
C LEU D 34 -11.50 5.74 3.15
N LEU D 35 -12.24 5.18 2.19
CA LEU D 35 -12.19 3.75 1.91
C LEU D 35 -10.77 3.35 1.51
N GLN D 36 -10.16 4.18 0.68
CA GLN D 36 -8.80 3.95 0.21
C GLN D 36 -7.83 4.04 1.39
N SER D 37 -8.07 5.00 2.28
CA SER D 37 -7.25 5.20 3.45
C SER D 37 -7.30 3.96 4.35
N ILE D 38 -8.50 3.48 4.61
CA ILE D 38 -8.70 2.30 5.44
C ILE D 38 -7.99 1.10 4.82
N GLU D 39 -8.14 0.97 3.50
CA GLU D 39 -7.51 -0.11 2.77
C GLU D 39 -6.00 -0.05 2.94
N GLY D 40 -5.46 1.16 2.90
CA GLY D 40 -4.04 1.35 3.06
C GLY D 40 -3.52 0.87 4.40
N MET D 41 -4.17 1.31 5.48
CA MET D 41 -3.74 0.91 6.81
C MET D 41 -3.97 -0.57 7.04
N ILE D 42 -5.08 -1.11 6.54
CA ILE D 42 -5.35 -2.54 6.69
C ILE D 42 -4.27 -3.36 6.01
N LYS D 43 -3.78 -2.88 4.87
CA LYS D 43 -2.75 -3.57 4.12
C LYS D 43 -1.46 -3.69 4.92
N GLU D 44 -0.99 -2.56 5.44
CA GLU D 44 0.24 -2.54 6.23
C GLU D 44 0.04 -3.35 7.51
N ALA D 45 -1.13 -3.20 8.10
CA ALA D 45 -1.47 -3.94 9.32
C ALA D 45 -1.46 -5.43 9.04
N ALA D 46 -2.01 -5.81 7.89
CA ALA D 46 -2.07 -7.20 7.49
C ALA D 46 -0.66 -7.77 7.33
N ALA D 47 0.22 -6.97 6.74
CA ALA D 47 1.60 -7.37 6.53
C ALA D 47 2.28 -7.62 7.87
N GLU D 48 1.87 -6.87 8.89
CA GLU D 48 2.39 -7.01 10.23
C GLU D 48 1.86 -8.30 10.84
N VAL D 49 0.58 -8.59 10.58
CA VAL D 49 -0.06 -9.80 11.10
C VAL D 49 0.59 -11.03 10.49
N LEU D 50 0.95 -10.94 9.22
CA LEU D 50 1.61 -12.04 8.53
C LEU D 50 2.97 -12.34 9.17
N ARG D 51 3.64 -11.28 9.61
CA ARG D 51 4.94 -11.40 10.26
C ARG D 51 4.78 -11.85 11.70
N ASN D 52 3.64 -11.49 12.29
CA ASN D 52 3.34 -11.84 13.68
C ASN D 52 1.97 -12.50 13.76
N PRO D 53 1.84 -13.73 13.25
CA PRO D 53 0.59 -14.47 13.27
C PRO D 53 0.08 -14.72 14.69
N ASN D 54 1.01 -14.73 15.63
CA ASN D 54 0.69 -14.96 17.03
C ASN D 54 0.15 -13.68 17.70
N GLN D 55 0.23 -12.57 16.98
CA GLN D 55 -0.24 -11.30 17.50
C GLN D 55 -1.75 -11.16 17.31
N GLU D 56 -2.52 -11.45 18.35
CA GLU D 56 -3.97 -11.34 18.27
C GLU D 56 -4.39 -9.88 18.19
N ASN D 57 -3.69 -9.01 18.91
CA ASN D 57 -4.00 -7.59 18.90
C ASN D 57 -3.85 -7.04 17.50
N LEU D 58 -2.88 -7.57 16.77
CA LEU D 58 -2.65 -7.16 15.39
C LEU D 58 -3.84 -7.59 14.55
N ARG D 59 -4.32 -8.79 14.80
CA ARG D 59 -5.47 -9.33 14.08
C ARG D 59 -6.71 -8.52 14.42
N ARG D 60 -6.86 -8.20 15.70
CA ARG D 60 -7.99 -7.39 16.16
C ARG D 60 -7.92 -6.00 15.56
N HIS D 61 -6.70 -5.47 15.47
CA HIS D 61 -6.47 -4.16 14.87
C HIS D 61 -6.84 -4.20 13.40
N ALA D 62 -6.38 -5.23 12.72
CA ALA D 62 -6.68 -5.42 11.31
C ALA D 62 -8.17 -5.59 11.15
N ASN D 63 -8.78 -6.31 12.08
CA ASN D 63 -10.21 -6.54 12.08
C ASN D 63 -10.95 -5.22 12.28
N LYS D 64 -10.37 -4.36 13.10
CA LYS D 64 -10.96 -3.05 13.36
C LYS D 64 -10.99 -2.25 12.05
N LEU D 65 -9.93 -2.41 11.26
CA LEU D 65 -9.84 -1.74 9.97
C LEU D 65 -10.83 -2.36 9.01
N LEU D 66 -10.94 -3.69 9.06
CA LEU D 66 -11.87 -4.42 8.21
C LEU D 66 -13.30 -3.99 8.53
N SER D 67 -13.57 -3.81 9.82
CA SER D 67 -14.87 -3.37 10.29
C SER D 67 -15.15 -1.97 9.81
N LEU D 68 -14.15 -1.11 9.94
CA LEU D 68 -14.24 0.27 9.51
C LEU D 68 -14.46 0.34 8.00
N LYS D 69 -13.77 -0.52 7.26
CA LYS D 69 -13.91 -0.60 5.81
C LYS D 69 -15.35 -0.91 5.43
N LYS D 70 -15.99 -1.76 6.23
CA LYS D 70 -17.37 -2.13 6.00
C LYS D 70 -18.28 -0.93 6.23
N ARG D 71 -17.95 -0.16 7.27
CA ARG D 71 -18.71 1.02 7.61
C ARG D 71 -18.61 2.07 6.51
N ALA D 72 -17.39 2.24 6.00
CA ALA D 72 -17.14 3.19 4.92
C ALA D 72 -17.86 2.78 3.66
N TYR D 73 -18.01 1.48 3.46
CA TYR D 73 -18.71 0.93 2.31
C TYR D 73 -20.16 1.39 2.31
N GLU D 74 -20.72 1.45 3.50
CA GLU D 74 -22.11 1.88 3.70
C GLU D 74 -22.24 3.40 3.64
N LEU D 75 -21.10 4.09 3.66
CA LEU D 75 -21.09 5.54 3.62
C LEU D 75 -21.33 6.04 2.18
N PRO D 76 -21.93 7.22 2.04
CA PRO D 76 -22.21 7.82 0.72
C PRO D 76 -20.99 8.49 0.11
N ASP A 6 1.10 1.24 -28.60
CA ASP A 6 1.51 -0.12 -28.36
C ASP A 6 2.68 -0.16 -27.39
N ASP A 7 2.74 -1.20 -26.58
CA ASP A 7 3.81 -1.35 -25.61
C ASP A 7 5.17 -1.32 -26.29
N SER A 8 6.07 -0.51 -25.76
CA SER A 8 7.42 -0.39 -26.28
C SER A 8 8.40 -0.22 -25.13
N ALA A 9 8.09 -0.85 -24.02
CA ALA A 9 8.92 -0.78 -22.83
C ALA A 9 10.02 -1.83 -22.84
N ALA A 10 10.04 -2.65 -23.89
CA ALA A 10 11.01 -3.73 -24.07
C ALA A 10 10.70 -4.89 -23.13
N GLU A 11 10.58 -4.55 -21.85
CA GLU A 11 10.26 -5.50 -20.82
C GLU A 11 8.83 -5.27 -20.35
N TRP A 12 8.59 -5.50 -19.06
CA TRP A 12 7.27 -5.31 -18.47
C TRP A 12 6.27 -6.22 -19.15
N ASN A 13 6.55 -7.51 -19.05
CA ASN A 13 5.74 -8.53 -19.66
C ASN A 13 5.04 -9.36 -18.61
N VAL A 14 3.81 -9.72 -18.89
CA VAL A 14 3.04 -10.55 -17.97
C VAL A 14 2.26 -11.58 -18.79
N SER A 15 2.44 -12.85 -18.44
CA SER A 15 1.77 -13.92 -19.15
C SER A 15 1.72 -15.18 -18.31
N ARG A 16 1.33 -16.29 -18.92
CA ARG A 16 1.25 -17.57 -18.23
C ARG A 16 2.55 -18.32 -18.40
N THR A 17 3.22 -18.61 -17.28
CA THR A 17 4.47 -19.32 -17.33
C THR A 17 4.26 -20.78 -16.97
N PRO A 18 4.80 -21.66 -17.79
CA PRO A 18 4.73 -23.11 -17.59
C PRO A 18 5.57 -23.51 -16.39
N ASP A 19 6.44 -22.59 -15.99
CA ASP A 19 7.38 -22.83 -14.90
C ASP A 19 6.75 -22.50 -13.55
N GLY A 20 5.59 -21.89 -13.56
CA GLY A 20 4.96 -21.57 -12.31
C GLY A 20 3.49 -21.32 -12.40
N ASP A 21 3.09 -20.48 -13.36
CA ASP A 21 1.69 -20.07 -13.53
C ASP A 21 1.59 -18.81 -14.36
N TYR A 22 1.74 -17.69 -13.68
CA TYR A 22 1.72 -16.38 -14.31
C TYR A 22 3.04 -15.70 -14.04
N ARG A 23 3.64 -15.13 -15.07
CA ARG A 23 4.93 -14.50 -14.93
C ARG A 23 4.88 -13.01 -15.21
N LEU A 24 5.57 -12.26 -14.39
CA LEU A 24 5.66 -10.82 -14.57
C LEU A 24 7.14 -10.44 -14.62
N ALA A 25 7.56 -9.91 -15.76
CA ALA A 25 8.95 -9.52 -15.97
C ALA A 25 9.08 -8.03 -16.24
N ILE A 26 9.43 -7.27 -15.21
CA ILE A 26 9.56 -5.82 -15.34
C ILE A 26 11.01 -5.37 -15.23
N THR A 27 11.24 -4.08 -15.43
CA THR A 27 12.58 -3.51 -15.34
C THR A 27 12.55 -2.15 -14.66
N CYS A 28 13.64 -1.81 -13.99
CA CYS A 28 13.77 -0.52 -13.32
C CYS A 28 15.23 -0.10 -13.30
N PRO A 29 15.52 1.14 -13.69
CA PRO A 29 16.88 1.66 -13.70
C PRO A 29 17.33 2.17 -12.33
N ASN A 30 16.58 1.80 -11.29
CA ASN A 30 16.90 2.21 -9.94
C ASN A 30 16.56 1.11 -8.97
N LYS A 31 17.51 0.76 -8.12
CA LYS A 31 17.31 -0.29 -7.12
C LYS A 31 16.24 0.13 -6.13
N GLU A 32 16.17 1.43 -5.89
CA GLU A 32 15.20 2.00 -4.96
C GLU A 32 13.78 1.76 -5.48
N TRP A 33 13.63 1.83 -6.79
CA TRP A 33 12.34 1.61 -7.42
C TRP A 33 11.85 0.18 -7.18
N LEU A 34 12.76 -0.77 -7.33
CA LEU A 34 12.43 -2.17 -7.12
C LEU A 34 12.10 -2.43 -5.66
N LEU A 35 12.90 -1.83 -4.77
CA LEU A 35 12.70 -1.98 -3.34
C LEU A 35 11.31 -1.50 -2.93
N GLN A 36 10.89 -0.39 -3.50
CA GLN A 36 9.58 0.17 -3.20
C GLN A 36 8.49 -0.71 -3.80
N SER A 37 8.75 -1.24 -4.98
CA SER A 37 7.81 -2.10 -5.66
C SER A 37 7.54 -3.35 -4.83
N ILE A 38 8.60 -3.98 -4.35
CA ILE A 38 8.47 -5.19 -3.54
C ILE A 38 7.66 -4.91 -2.28
N GLU A 39 7.93 -3.78 -1.65
CA GLU A 39 7.23 -3.37 -0.43
C GLU A 39 5.74 -3.21 -0.70
N GLY A 40 5.42 -2.74 -1.90
CA GLY A 40 4.04 -2.54 -2.27
C GLY A 40 3.29 -3.84 -2.45
N MET A 41 3.88 -4.75 -3.21
CA MET A 41 3.25 -6.04 -3.47
C MET A 41 3.14 -6.87 -2.20
N ILE A 42 4.15 -6.80 -1.33
CA ILE A 42 4.09 -7.55 -0.08
C ILE A 42 2.94 -7.04 0.80
N LYS A 43 2.69 -5.74 0.76
CA LYS A 43 1.62 -5.15 1.56
C LYS A 43 0.24 -5.68 1.16
N GLU A 44 -0.03 -5.70 -0.14
CA GLU A 44 -1.31 -6.18 -0.64
C GLU A 44 -1.42 -7.69 -0.45
N ALA A 45 -0.32 -8.38 -0.66
CA ALA A 45 -0.27 -9.82 -0.48
C ALA A 45 -0.63 -10.18 0.95
N ALA A 46 -0.21 -9.33 1.87
CA ALA A 46 -0.49 -9.50 3.27
C ALA A 46 -1.98 -9.41 3.52
N ALA A 47 -2.63 -8.51 2.78
CA ALA A 47 -4.07 -8.32 2.88
C ALA A 47 -4.81 -9.59 2.49
N GLU A 48 -4.24 -10.33 1.55
CA GLU A 48 -4.82 -11.59 1.12
C GLU A 48 -4.63 -12.62 2.20
N VAL A 49 -3.45 -12.60 2.81
CA VAL A 49 -3.13 -13.51 3.91
C VAL A 49 -4.10 -13.27 5.06
N LEU A 50 -4.46 -12.02 5.27
CA LEU A 50 -5.41 -11.68 6.33
C LEU A 50 -6.78 -12.28 6.02
N ARG A 51 -7.13 -12.35 4.73
CA ARG A 51 -8.40 -12.90 4.30
C ARG A 51 -8.37 -14.43 4.39
N ASN A 52 -7.19 -14.98 4.18
CA ASN A 52 -6.97 -16.42 4.23
C ASN A 52 -5.76 -16.73 5.10
N PRO A 53 -5.90 -16.55 6.42
CA PRO A 53 -4.82 -16.77 7.38
C PRO A 53 -4.28 -18.19 7.36
N ASN A 54 -5.13 -19.13 7.01
CA ASN A 54 -4.73 -20.53 6.95
C ASN A 54 -4.09 -20.87 5.60
N GLN A 55 -3.99 -19.89 4.71
CA GLN A 55 -3.39 -20.12 3.41
C GLN A 55 -1.86 -20.11 3.52
N GLU A 56 -1.27 -21.29 3.55
CA GLU A 56 0.17 -21.41 3.67
C GLU A 56 0.85 -20.80 2.45
N ASN A 57 0.37 -21.17 1.26
CA ASN A 57 0.94 -20.67 0.02
C ASN A 57 0.91 -19.15 -0.05
N LEU A 58 -0.09 -18.56 0.58
CA LEU A 58 -0.20 -17.11 0.60
C LEU A 58 0.90 -16.52 1.48
N ARG A 59 1.16 -17.15 2.61
CA ARG A 59 2.20 -16.70 3.52
C ARG A 59 3.56 -16.94 2.91
N ARG A 60 3.71 -18.09 2.23
CA ARG A 60 4.96 -18.44 1.57
C ARG A 60 5.22 -17.46 0.43
N HIS A 61 4.15 -17.05 -0.23
CA HIS A 61 4.22 -16.09 -1.33
C HIS A 61 4.68 -14.74 -0.80
N ALA A 62 4.06 -14.33 0.30
CA ALA A 62 4.39 -13.07 0.92
C ALA A 62 5.83 -13.11 1.43
N ASN A 63 6.21 -14.27 1.94
CA ASN A 63 7.57 -14.50 2.43
C ASN A 63 8.55 -14.38 1.27
N LYS A 64 8.11 -14.80 0.08
CA LYS A 64 8.95 -14.72 -1.10
C LYS A 64 9.25 -13.27 -1.43
N LEU A 65 8.28 -12.41 -1.16
CA LEU A 65 8.42 -10.97 -1.40
C LEU A 65 9.39 -10.39 -0.38
N LEU A 66 9.27 -10.87 0.85
CA LEU A 66 10.14 -10.42 1.93
C LEU A 66 11.59 -10.77 1.60
N SER A 67 11.77 -11.96 1.05
CA SER A 67 13.08 -12.45 0.66
C SER A 67 13.58 -11.69 -0.57
N LEU A 68 12.67 -11.46 -1.50
CA LEU A 68 12.99 -10.74 -2.73
C LEU A 68 13.50 -9.35 -2.42
N LYS A 69 12.90 -8.72 -1.40
CA LYS A 69 13.32 -7.39 -0.99
C LYS A 69 14.78 -7.42 -0.54
N LYS A 70 15.13 -8.48 0.17
CA LYS A 70 16.49 -8.66 0.65
C LYS A 70 17.45 -8.87 -0.51
N ARG A 71 17.00 -9.63 -1.51
CA ARG A 71 17.81 -9.90 -2.68
C ARG A 71 18.09 -8.62 -3.46
N ALA A 72 17.06 -7.78 -3.60
CA ALA A 72 17.21 -6.52 -4.31
C ALA A 72 18.13 -5.57 -3.53
N TYR A 73 18.06 -5.68 -2.21
CA TYR A 73 18.88 -4.87 -1.32
C TYR A 73 20.36 -5.13 -1.57
N GLU A 74 20.69 -6.41 -1.71
CA GLU A 74 22.06 -6.83 -1.92
C GLU A 74 22.45 -6.90 -3.40
N LEU A 75 21.51 -6.59 -4.27
CA LEU A 75 21.76 -6.62 -5.71
C LEU A 75 22.87 -5.65 -6.10
N PRO A 76 23.91 -6.14 -6.79
CA PRO A 76 25.03 -5.32 -7.22
C PRO A 76 24.70 -4.50 -8.45
N ASP B 6 15.33 -21.65 1.64
CA ASP B 6 15.79 -22.23 0.39
C ASP B 6 14.86 -21.89 -0.76
N ASP B 7 15.38 -21.18 -1.74
CA ASP B 7 14.59 -20.80 -2.91
C ASP B 7 14.36 -22.01 -3.80
N SER B 8 13.11 -22.40 -3.93
CA SER B 8 12.72 -23.53 -4.76
C SER B 8 11.45 -23.19 -5.51
N ALA B 9 11.29 -21.90 -5.79
CA ALA B 9 10.11 -21.40 -6.50
C ALA B 9 10.32 -21.39 -8.01
N ALA B 10 11.55 -21.68 -8.44
CA ALA B 10 11.92 -21.70 -9.86
C ALA B 10 11.99 -20.30 -10.46
N GLU B 11 10.95 -19.53 -10.21
CA GLU B 11 10.87 -18.16 -10.70
C GLU B 11 11.31 -17.18 -9.62
N TRP B 12 10.72 -16.00 -9.62
CA TRP B 12 11.05 -14.97 -8.65
C TRP B 12 12.53 -14.63 -8.73
N ASN B 13 12.90 -14.04 -9.84
CA ASN B 13 14.27 -13.68 -10.09
C ASN B 13 14.42 -12.19 -10.26
N VAL B 14 15.49 -11.66 -9.73
CA VAL B 14 15.79 -10.25 -9.84
C VAL B 14 17.29 -10.11 -10.04
N SER B 15 17.68 -9.42 -11.09
CA SER B 15 19.10 -9.26 -11.39
C SER B 15 19.37 -8.00 -12.20
N ARG B 16 20.58 -7.88 -12.72
CA ARG B 16 20.98 -6.73 -13.51
C ARG B 16 21.02 -7.07 -15.00
N THR B 17 20.21 -6.35 -15.79
CA THR B 17 20.17 -6.59 -17.21
C THR B 17 21.01 -5.53 -17.93
N PRO B 18 21.68 -5.91 -19.01
CA PRO B 18 22.53 -5.00 -19.78
C PRO B 18 21.75 -3.88 -20.47
N ASP B 19 20.52 -4.18 -20.85
CA ASP B 19 19.70 -3.21 -21.55
C ASP B 19 18.57 -2.67 -20.68
N GLY B 20 18.34 -3.29 -19.55
CA GLY B 20 17.26 -2.87 -18.69
C GLY B 20 17.68 -2.51 -17.29
N ASP B 21 18.97 -2.60 -17.00
CA ASP B 21 19.52 -2.26 -15.68
C ASP B 21 19.17 -3.33 -14.67
N TYR B 22 17.94 -3.34 -14.21
CA TYR B 22 17.50 -4.35 -13.27
C TYR B 22 16.26 -5.06 -13.79
N ARG B 23 16.27 -6.38 -13.71
CA ARG B 23 15.17 -7.19 -14.20
C ARG B 23 14.52 -7.97 -13.06
N LEU B 24 13.21 -7.86 -12.97
CA LEU B 24 12.44 -8.56 -11.95
C LEU B 24 11.42 -9.48 -12.60
N ALA B 25 11.45 -10.76 -12.24
CA ALA B 25 10.54 -11.75 -12.79
C ALA B 25 9.93 -12.59 -11.68
N ILE B 26 8.62 -12.51 -11.48
CA ILE B 26 7.97 -13.28 -10.42
C ILE B 26 6.79 -14.09 -10.93
N THR B 27 6.21 -14.89 -10.05
CA THR B 27 5.07 -15.73 -10.37
C THR B 27 3.98 -15.65 -9.30
N CYS B 28 2.76 -15.94 -9.71
CA CYS B 28 1.61 -15.97 -8.81
C CYS B 28 0.57 -16.92 -9.39
N PRO B 29 0.00 -17.81 -8.56
CA PRO B 29 -1.01 -18.77 -9.01
C PRO B 29 -2.39 -18.14 -9.21
N ASN B 30 -2.45 -16.82 -9.10
CA ASN B 30 -3.69 -16.09 -9.27
C ASN B 30 -3.41 -14.77 -9.97
N LYS B 31 -4.16 -14.49 -11.02
CA LYS B 31 -3.98 -13.25 -11.77
C LYS B 31 -4.39 -12.07 -10.89
N GLU B 32 -5.35 -12.32 -10.01
CA GLU B 32 -5.84 -11.31 -9.10
C GLU B 32 -4.74 -10.86 -8.15
N TRP B 33 -3.85 -11.79 -7.83
CA TRP B 33 -2.73 -11.50 -6.94
C TRP B 33 -1.77 -10.53 -7.62
N LEU B 34 -1.63 -10.69 -8.92
CA LEU B 34 -0.76 -9.84 -9.72
C LEU B 34 -1.29 -8.42 -9.73
N LEU B 35 -2.61 -8.27 -9.85
CA LEU B 35 -3.24 -6.96 -9.87
C LEU B 35 -2.95 -6.22 -8.58
N GLN B 36 -3.07 -6.93 -7.47
CA GLN B 36 -2.82 -6.34 -6.16
C GLN B 36 -1.34 -5.99 -6.01
N SER B 37 -0.50 -6.85 -6.57
CA SER B 37 0.94 -6.66 -6.51
C SER B 37 1.33 -5.38 -7.23
N ILE B 38 0.81 -5.20 -8.43
CA ILE B 38 1.09 -4.00 -9.21
C ILE B 38 0.49 -2.77 -8.53
N GLU B 39 -0.73 -2.93 -8.02
CA GLU B 39 -1.41 -1.85 -7.32
C GLU B 39 -0.60 -1.38 -6.12
N GLY B 40 0.03 -2.33 -5.45
CA GLY B 40 0.84 -1.99 -4.31
C GLY B 40 2.10 -1.24 -4.70
N MET B 41 2.79 -1.75 -5.71
CA MET B 41 4.02 -1.12 -6.18
C MET B 41 3.76 0.26 -6.78
N ILE B 42 2.64 0.42 -7.49
CA ILE B 42 2.29 1.71 -8.07
C ILE B 42 2.09 2.75 -6.94
N LYS B 43 1.50 2.31 -5.83
CA LYS B 43 1.23 3.19 -4.70
C LYS B 43 2.52 3.74 -4.10
N GLU B 44 3.49 2.87 -3.90
CA GLU B 44 4.78 3.26 -3.34
C GLU B 44 5.51 4.17 -4.31
N ALA B 45 5.43 3.84 -5.58
CA ALA B 45 6.04 4.64 -6.63
C ALA B 45 5.40 6.00 -6.71
N ALA B 46 4.10 6.04 -6.49
CA ALA B 46 3.35 7.29 -6.50
C ALA B 46 3.86 8.22 -5.40
N ALA B 47 4.22 7.62 -4.27
CA ALA B 47 4.74 8.38 -3.15
C ALA B 47 6.04 9.06 -3.54
N GLU B 48 6.83 8.41 -4.40
CA GLU B 48 8.07 8.97 -4.88
C GLU B 48 7.76 10.13 -5.80
N VAL B 49 6.72 9.95 -6.61
CA VAL B 49 6.28 10.99 -7.54
C VAL B 49 5.77 12.20 -6.77
N LEU B 50 5.08 11.97 -5.67
CA LEU B 50 4.57 13.05 -4.85
C LEU B 50 5.71 13.87 -4.26
N ARG B 51 6.80 13.17 -3.93
CA ARG B 51 7.98 13.82 -3.36
C ARG B 51 8.77 14.53 -4.44
N ASN B 52 8.72 13.98 -5.64
CA ASN B 52 9.42 14.57 -6.78
C ASN B 52 8.49 14.70 -7.98
N PRO B 53 7.56 15.65 -7.94
CA PRO B 53 6.61 15.90 -9.03
C PRO B 53 7.33 16.26 -10.33
N ASN B 54 8.53 16.80 -10.18
CA ASN B 54 9.36 17.20 -11.31
C ASN B 54 10.06 16.00 -11.95
N GLN B 55 9.85 14.82 -11.38
CA GLN B 55 10.48 13.62 -11.88
C GLN B 55 9.61 12.97 -12.96
N GLU B 56 9.90 13.30 -14.22
CA GLU B 56 9.14 12.75 -15.32
C GLU B 56 9.29 11.24 -15.41
N ASN B 57 10.52 10.75 -15.35
CA ASN B 57 10.79 9.32 -15.43
C ASN B 57 10.06 8.57 -14.31
N LEU B 58 9.89 9.23 -13.17
CA LEU B 58 9.18 8.63 -12.05
C LEU B 58 7.71 8.51 -12.41
N ARG B 59 7.17 9.57 -13.01
CA ARG B 59 5.78 9.61 -13.43
C ARG B 59 5.55 8.61 -14.54
N ARG B 60 6.49 8.53 -15.47
CA ARG B 60 6.40 7.59 -16.58
C ARG B 60 6.47 6.17 -16.03
N HIS B 61 7.29 5.98 -15.00
CA HIS B 61 7.42 4.68 -14.36
C HIS B 61 6.10 4.30 -13.69
N ALA B 62 5.53 5.26 -12.98
CA ALA B 62 4.26 5.06 -12.32
C ALA B 62 3.20 4.73 -13.35
N ASN B 63 3.27 5.42 -14.48
CA ASN B 63 2.35 5.19 -15.58
C ASN B 63 2.56 3.78 -16.14
N LYS B 64 3.82 3.34 -16.15
CA LYS B 64 4.15 2.00 -16.62
C LYS B 64 3.48 0.96 -15.74
N LEU B 65 3.42 1.25 -14.44
CA LEU B 65 2.78 0.37 -13.49
C LEU B 65 1.28 0.38 -13.71
N LEU B 66 0.75 1.56 -14.00
CA LEU B 66 -0.67 1.74 -14.26
C LEU B 66 -1.07 0.92 -15.49
N SER B 67 -0.23 0.99 -16.51
CA SER B 67 -0.46 0.28 -17.75
C SER B 67 -0.29 -1.22 -17.52
N LEU B 68 0.76 -1.57 -16.79
CA LEU B 68 1.04 -2.96 -16.46
C LEU B 68 -0.12 -3.57 -15.69
N LYS B 69 -0.70 -2.77 -14.81
CA LYS B 69 -1.85 -3.20 -14.02
C LYS B 69 -3.02 -3.53 -14.93
N LYS B 70 -3.25 -2.65 -15.91
CA LYS B 70 -4.33 -2.84 -16.86
C LYS B 70 -4.06 -4.08 -17.70
N ARG B 71 -2.80 -4.26 -18.05
CA ARG B 71 -2.37 -5.42 -18.84
C ARG B 71 -2.68 -6.70 -18.09
N ALA B 72 -2.28 -6.74 -16.82
CA ALA B 72 -2.51 -7.90 -15.97
C ALA B 72 -4.00 -8.07 -15.71
N TYR B 73 -4.73 -6.96 -15.64
CA TYR B 73 -6.17 -6.98 -15.42
C TYR B 73 -6.86 -7.72 -16.56
N GLU B 74 -6.36 -7.49 -17.76
CA GLU B 74 -6.92 -8.11 -18.97
C GLU B 74 -6.22 -9.44 -19.29
N LEU B 75 -5.25 -9.82 -18.47
CA LEU B 75 -4.50 -11.05 -18.67
C LEU B 75 -5.41 -12.27 -18.59
N PRO B 76 -5.40 -13.08 -19.65
CA PRO B 76 -6.21 -14.30 -19.73
C PRO B 76 -5.67 -15.40 -18.83
N ASP C 6 -19.85 -6.62 13.64
CA ASP C 6 -19.95 -5.58 14.66
C ASP C 6 -19.16 -5.93 15.90
N ASP C 7 -18.59 -4.92 16.52
CA ASP C 7 -17.80 -5.09 17.74
C ASP C 7 -17.97 -3.87 18.63
N SER C 8 -17.83 -4.07 19.93
CA SER C 8 -17.96 -2.99 20.88
C SER C 8 -16.65 -2.21 21.01
N ALA C 9 -16.15 -1.74 19.87
CA ALA C 9 -14.91 -1.00 19.82
C ALA C 9 -15.08 0.44 20.29
N ALA C 10 -16.34 0.91 20.27
CA ALA C 10 -16.71 2.26 20.68
C ALA C 10 -16.30 3.30 19.62
N GLU C 11 -15.05 3.21 19.20
CA GLU C 11 -14.50 4.11 18.20
C GLU C 11 -14.67 3.54 16.80
N TRP C 12 -13.75 3.91 15.92
CA TRP C 12 -13.76 3.47 14.53
C TRP C 12 -15.02 3.93 13.83
N ASN C 13 -15.09 5.25 13.65
CA ASN C 13 -16.23 5.86 13.02
C ASN C 13 -15.81 6.68 11.82
N VAL C 14 -16.61 6.62 10.79
CA VAL C 14 -16.38 7.40 9.60
C VAL C 14 -17.75 7.93 9.16
N SER C 15 -17.87 9.24 9.03
CA SER C 15 -19.16 9.82 8.67
C SER C 15 -18.99 11.18 8.03
N ARG C 16 -20.11 11.84 7.78
CA ARG C 16 -20.12 13.16 7.18
C ARG C 16 -20.27 14.24 8.25
N THR C 17 -19.27 15.09 8.40
CA THR C 17 -19.32 16.14 9.39
C THR C 17 -19.72 17.45 8.73
N PRO C 18 -20.58 18.22 9.38
CA PRO C 18 -21.03 19.51 8.87
C PRO C 18 -19.91 20.55 8.84
N ASP C 19 -18.90 20.33 9.66
CA ASP C 19 -17.77 21.25 9.77
C ASP C 19 -16.51 20.72 9.12
N GLY C 20 -16.51 19.44 8.75
CA GLY C 20 -15.31 18.88 8.16
C GLY C 20 -15.55 17.96 6.98
N ASP C 21 -16.80 17.91 6.51
CA ASP C 21 -17.18 17.10 5.36
C ASP C 21 -17.27 15.64 5.74
N TYR C 22 -16.15 14.99 5.83
CA TYR C 22 -16.10 13.59 6.22
C TYR C 22 -15.11 13.42 7.35
N ARG C 23 -15.52 12.70 8.38
CA ARG C 23 -14.67 12.49 9.52
C ARG C 23 -14.37 11.02 9.75
N LEU C 24 -13.12 10.74 10.06
CA LEU C 24 -12.69 9.39 10.35
C LEU C 24 -12.02 9.36 11.73
N ALA C 25 -12.62 8.61 12.64
CA ALA C 25 -12.13 8.48 14.01
C ALA C 25 -11.82 7.03 14.34
N ILE C 26 -10.55 6.69 14.51
CA ILE C 26 -10.17 5.32 14.82
C ILE C 26 -9.22 5.24 16.01
N THR C 27 -8.96 4.03 16.45
CA THR C 27 -8.07 3.77 17.57
C THR C 27 -7.15 2.59 17.27
N CYS C 28 -6.00 2.55 17.93
CA CYS C 28 -5.04 1.47 17.76
C CYS C 28 -4.27 1.28 19.04
N PRO C 29 -4.19 0.03 19.54
CA PRO C 29 -3.48 -0.29 20.78
C PRO C 29 -1.96 -0.37 20.60
N ASN C 30 -1.47 0.11 19.46
CA ASN C 30 -0.05 0.11 19.18
C ASN C 30 0.34 1.41 18.48
N LYS C 31 1.38 2.06 18.98
CA LYS C 31 1.82 3.32 18.41
C LYS C 31 2.38 3.10 17.00
N GLU C 32 2.94 1.92 16.79
CA GLU C 32 3.53 1.57 15.50
C GLU C 32 2.44 1.40 14.46
N TRP C 33 1.31 0.86 14.88
CA TRP C 33 0.19 0.64 13.99
C TRP C 33 -0.30 1.97 13.43
N LEU C 34 -0.46 2.94 14.30
CA LEU C 34 -0.93 4.25 13.89
C LEU C 34 0.09 4.91 12.97
N LEU C 35 1.36 4.79 13.34
CA LEU C 35 2.45 5.35 12.56
C LEU C 35 2.46 4.78 11.15
N GLN C 36 2.30 3.47 11.04
CA GLN C 36 2.29 2.81 9.75
C GLN C 36 1.01 3.13 8.98
N SER C 37 -0.09 3.25 9.72
CA SER C 37 -1.38 3.55 9.13
C SER C 37 -1.32 4.85 8.33
N ILE C 38 -0.69 5.86 8.91
CA ILE C 38 -0.54 7.15 8.27
C ILE C 38 0.22 7.01 6.96
N GLU C 39 1.29 6.25 7.00
CA GLU C 39 2.12 6.00 5.82
C GLU C 39 1.34 5.19 4.80
N GLY C 40 0.47 4.33 5.30
CA GLY C 40 -0.36 3.51 4.43
C GLY C 40 -1.31 4.34 3.61
N MET C 41 -2.03 5.24 4.26
CA MET C 41 -2.98 6.10 3.57
C MET C 41 -2.27 7.07 2.65
N ILE C 42 -1.09 7.54 3.07
CA ILE C 42 -0.31 8.46 2.24
C ILE C 42 0.05 7.81 0.90
N LYS C 43 0.32 6.51 0.93
CA LYS C 43 0.69 5.77 -0.27
C LYS C 43 -0.48 5.77 -1.26
N GLU C 44 -1.66 5.45 -0.78
CA GLU C 44 -2.86 5.41 -1.60
C GLU C 44 -3.19 6.79 -2.12
N ALA C 45 -3.06 7.77 -1.24
CA ALA C 45 -3.33 9.17 -1.58
C ALA C 45 -2.39 9.63 -2.68
N ALA C 46 -1.13 9.24 -2.57
CA ALA C 46 -0.12 9.60 -3.56
C ALA C 46 -0.51 9.10 -4.94
N ALA C 47 -1.11 7.91 -4.99
CA ALA C 47 -1.55 7.31 -6.24
C ALA C 47 -2.58 8.20 -6.92
N GLU C 48 -3.44 8.81 -6.11
CA GLU C 48 -4.45 9.70 -6.64
C GLU C 48 -3.79 10.97 -7.16
N VAL C 49 -2.79 11.44 -6.41
CA VAL C 49 -2.06 12.65 -6.79
C VAL C 49 -1.35 12.47 -8.14
N LEU C 50 -0.83 11.28 -8.37
CA LEU C 50 -0.15 11.00 -9.63
C LEU C 50 -1.14 11.04 -10.80
N ARG C 51 -2.34 10.54 -10.55
CA ARG C 51 -3.39 10.51 -11.56
C ARG C 51 -4.02 11.90 -11.72
N ASN C 52 -3.92 12.69 -10.66
CA ASN C 52 -4.47 14.04 -10.65
C ASN C 52 -3.40 15.02 -10.15
N PRO C 53 -2.36 15.26 -10.96
CA PRO C 53 -1.26 16.17 -10.60
C PRO C 53 -1.71 17.60 -10.37
N ASN C 54 -2.75 18.01 -11.09
CA ASN C 54 -3.27 19.37 -10.97
C ASN C 54 -4.32 19.48 -9.88
N GLN C 55 -4.50 18.42 -9.09
CA GLN C 55 -5.48 18.42 -8.02
C GLN C 55 -5.04 19.36 -6.90
N GLU C 56 -3.73 19.35 -6.62
CA GLU C 56 -3.10 20.17 -5.58
C GLU C 56 -3.58 19.80 -4.19
N ASN C 57 -4.88 19.93 -3.93
CA ASN C 57 -5.44 19.59 -2.62
C ASN C 57 -5.07 18.15 -2.27
N LEU C 58 -4.92 17.32 -3.30
CA LEU C 58 -4.49 15.94 -3.12
C LEU C 58 -3.08 15.92 -2.57
N ARG C 59 -2.23 16.78 -3.12
CA ARG C 59 -0.85 16.91 -2.69
C ARG C 59 -0.81 17.45 -1.27
N ARG C 60 -1.65 18.45 -1.03
CA ARG C 60 -1.75 19.07 0.28
C ARG C 60 -2.25 18.04 1.29
N HIS C 61 -3.16 17.18 0.85
CA HIS C 61 -3.69 16.11 1.68
C HIS C 61 -2.60 15.10 1.97
N ALA C 62 -1.87 14.73 0.92
CA ALA C 62 -0.77 13.80 1.03
C ALA C 62 0.28 14.40 1.97
N ASN C 63 0.49 15.70 1.83
CA ASN C 63 1.43 16.44 2.66
C ASN C 63 0.95 16.41 4.11
N LYS C 64 -0.36 16.51 4.29
CA LYS C 64 -0.95 16.48 5.62
C LYS C 64 -0.66 15.13 6.28
N LEU C 65 -0.67 14.08 5.46
CA LEU C 65 -0.39 12.74 5.94
C LEU C 65 1.09 12.62 6.28
N LEU C 66 1.93 13.25 5.46
CA LEU C 66 3.37 13.24 5.69
C LEU C 66 3.65 13.91 7.03
N SER C 67 2.97 15.02 7.26
CA SER C 67 3.11 15.78 8.49
C SER C 67 2.58 14.97 9.67
N LEU C 68 1.45 14.32 9.46
CA LEU C 68 0.81 13.51 10.49
C LEU C 68 1.73 12.38 10.94
N LYS C 69 2.45 11.78 10.00
CA LYS C 69 3.35 10.69 10.33
C LYS C 69 4.50 11.23 11.16
N LYS C 70 4.95 12.41 10.81
CA LYS C 70 6.03 13.07 11.54
C LYS C 70 5.56 13.44 12.94
N ARG C 71 4.31 13.90 13.01
CA ARG C 71 3.70 14.27 14.28
C ARG C 71 3.62 13.06 15.20
N ALA C 72 3.18 11.94 14.64
CA ALA C 72 3.06 10.69 15.39
C ALA C 72 4.43 10.22 15.85
N TYR C 73 5.45 10.49 15.04
CA TYR C 73 6.83 10.13 15.37
C TYR C 73 7.26 10.83 16.64
N GLU C 74 6.91 12.10 16.73
CA GLU C 74 7.25 12.93 17.88
C GLU C 74 6.43 12.55 19.10
N LEU C 75 5.28 11.93 18.86
CA LEU C 75 4.39 11.52 19.94
C LEU C 75 4.82 10.18 20.51
N PRO C 76 4.83 10.06 21.85
CA PRO C 76 5.19 8.81 22.52
C PRO C 76 4.09 7.76 22.38
N ASP D 6 4.10 22.27 9.44
CA ASP D 6 3.25 22.34 10.62
C ASP D 6 2.08 23.28 10.37
N ASP D 7 0.98 22.72 9.89
CA ASP D 7 -0.21 23.50 9.60
C ASP D 7 -1.37 23.09 10.49
N SER D 8 -2.34 23.97 10.64
CA SER D 8 -3.51 23.69 11.46
C SER D 8 -4.69 23.36 10.57
N ALA D 9 -5.05 22.08 10.52
CA ALA D 9 -6.15 21.61 9.69
C ALA D 9 -7.48 21.64 10.43
N ALA D 10 -7.45 22.12 11.68
CA ALA D 10 -8.62 22.21 12.56
C ALA D 10 -8.89 20.85 13.17
N GLU D 11 -8.90 19.84 12.31
CA GLU D 11 -9.09 18.47 12.73
C GLU D 11 -7.74 17.79 12.69
N TRP D 12 -7.72 16.52 12.27
CA TRP D 12 -6.49 15.76 12.18
C TRP D 12 -5.80 15.73 13.54
N ASN D 13 -6.44 15.05 14.45
CA ASN D 13 -5.95 14.94 15.80
C ASN D 13 -5.50 13.54 16.11
N VAL D 14 -4.43 13.44 16.87
CA VAL D 14 -3.92 12.16 17.30
C VAL D 14 -3.44 12.30 18.74
N SER D 15 -3.92 11.43 19.61
CA SER D 15 -3.57 11.47 21.01
C SER D 15 -3.60 10.08 21.61
N ARG D 16 -3.14 9.98 22.84
CA ARG D 16 -3.12 8.72 23.56
C ARG D 16 -4.39 8.55 24.37
N THR D 17 -5.19 7.56 24.02
CA THR D 17 -6.43 7.34 24.73
C THR D 17 -6.27 6.22 25.74
N PRO D 18 -6.80 6.42 26.95
CA PRO D 18 -6.74 5.44 28.01
C PRO D 18 -7.61 4.21 27.68
N ASP D 19 -8.50 4.42 26.72
CA ASP D 19 -9.44 3.39 26.30
C ASP D 19 -9.03 2.73 24.99
N GLY D 20 -8.06 3.29 24.30
CA GLY D 20 -7.67 2.71 23.03
C GLY D 20 -6.22 2.94 22.64
N ASP D 21 -5.40 3.47 23.56
CA ASP D 21 -3.97 3.72 23.33
C ASP D 21 -3.76 4.93 22.45
N TYR D 22 -4.11 4.82 21.19
CA TYR D 22 -3.98 5.94 20.27
C TYR D 22 -5.31 6.25 19.64
N ARG D 23 -5.64 7.52 19.65
CA ARG D 23 -6.87 8.00 19.06
C ARG D 23 -6.54 8.92 17.90
N LEU D 24 -7.05 8.61 16.74
CA LEU D 24 -6.81 9.44 15.56
C LEU D 24 -8.13 9.92 14.95
N ALA D 25 -8.21 11.21 14.72
CA ALA D 25 -9.40 11.85 14.15
C ALA D 25 -9.01 12.75 12.98
N ILE D 26 -9.28 12.31 11.75
CA ILE D 26 -8.94 13.11 10.58
C ILE D 26 -10.18 13.43 9.75
N THR D 27 -9.99 14.31 8.78
CA THR D 27 -11.08 14.74 7.90
C THR D 27 -10.65 14.69 6.44
N CYS D 28 -11.62 14.50 5.55
CA CYS D 28 -11.39 14.46 4.12
C CYS D 28 -12.62 14.94 3.37
N PRO D 29 -12.46 15.87 2.41
CA PRO D 29 -13.58 16.40 1.62
C PRO D 29 -14.05 15.43 0.54
N ASN D 30 -13.54 14.21 0.57
CA ASN D 30 -13.90 13.19 -0.41
C ASN D 30 -14.01 11.84 0.28
N LYS D 31 -15.08 11.12 0.00
CA LYS D 31 -15.29 9.80 0.59
C LYS D 31 -14.27 8.81 0.06
N GLU D 32 -13.82 9.03 -1.17
CA GLU D 32 -12.84 8.18 -1.80
C GLU D 32 -11.50 8.30 -1.08
N TRP D 33 -11.24 9.49 -0.55
CA TRP D 33 -10.01 9.75 0.17
C TRP D 33 -9.96 8.88 1.41
N LEU D 34 -11.08 8.84 2.14
CA LEU D 34 -11.16 8.02 3.33
C LEU D 34 -11.09 6.55 2.95
N LEU D 35 -11.76 6.20 1.86
CA LEU D 35 -11.78 4.84 1.35
C LEU D 35 -10.37 4.35 1.09
N GLN D 36 -9.57 5.21 0.48
CA GLN D 36 -8.18 4.88 0.19
C GLN D 36 -7.35 4.87 1.47
N SER D 37 -7.63 5.84 2.35
CA SER D 37 -6.93 5.96 3.60
C SER D 37 -7.09 4.71 4.46
N ILE D 38 -8.33 4.27 4.61
CA ILE D 38 -8.63 3.07 5.40
C ILE D 38 -7.91 1.86 4.82
N GLU D 39 -7.92 1.75 3.50
CA GLU D 39 -7.24 0.65 2.82
C GLU D 39 -5.76 0.69 3.10
N GLY D 40 -5.22 1.90 3.12
CA GLY D 40 -3.80 2.10 3.38
C GLY D 40 -3.39 1.50 4.70
N MET D 41 -4.16 1.77 5.75
CA MET D 41 -3.85 1.25 7.08
C MET D 41 -4.00 -0.27 7.09
N ILE D 42 -5.04 -0.77 6.42
CA ILE D 42 -5.27 -2.21 6.37
C ILE D 42 -4.09 -2.92 5.72
N LYS D 43 -3.48 -2.28 4.71
CA LYS D 43 -2.33 -2.86 4.01
C LYS D 43 -1.16 -3.05 4.97
N GLU D 44 -0.85 -2.00 5.73
CA GLU D 44 0.24 -2.06 6.69
C GLU D 44 -0.09 -2.99 7.84
N ALA D 45 -1.34 -2.92 8.29
CA ALA D 45 -1.81 -3.76 9.39
C ALA D 45 -1.71 -5.23 9.02
N ALA D 46 -2.07 -5.54 7.78
CA ALA D 46 -2.01 -6.90 7.28
C ALA D 46 -0.58 -7.43 7.34
N ALA D 47 0.37 -6.55 7.04
CA ALA D 47 1.79 -6.92 7.08
C ALA D 47 2.19 -7.32 8.49
N GLU D 48 1.60 -6.65 9.48
CA GLU D 48 1.88 -6.94 10.88
C GLU D 48 1.30 -8.31 11.22
N VAL D 49 0.12 -8.59 10.70
CA VAL D 49 -0.53 -9.88 10.94
C VAL D 49 0.33 -11.01 10.35
N LEU D 50 0.96 -10.73 9.22
CA LEU D 50 1.82 -11.71 8.57
C LEU D 50 3.02 -12.05 9.45
N ARG D 51 3.54 -11.03 10.12
CA ARG D 51 4.69 -11.19 11.00
C ARG D 51 4.27 -11.83 12.32
N ASN D 52 3.02 -11.62 12.67
CA ASN D 52 2.46 -12.16 13.91
C ASN D 52 1.16 -12.91 13.62
N PRO D 53 1.26 -14.08 12.98
CA PRO D 53 0.10 -14.91 12.62
C PRO D 53 -0.75 -15.32 13.81
N ASN D 54 -0.10 -15.44 14.96
CA ASN D 54 -0.79 -15.83 16.20
C ASN D 54 -1.49 -14.63 16.84
N GLN D 55 -1.29 -13.46 16.27
CA GLN D 55 -1.90 -12.25 16.80
C GLN D 55 -3.35 -12.13 16.34
N GLU D 56 -4.27 -12.69 17.12
CA GLU D 56 -5.68 -12.63 16.77
C GLU D 56 -6.19 -11.21 16.77
N ASN D 57 -5.80 -10.43 17.77
CA ASN D 57 -6.21 -9.04 17.87
C ASN D 57 -5.81 -8.27 16.63
N LEU D 58 -4.69 -8.67 16.02
CA LEU D 58 -4.24 -8.03 14.80
C LEU D 58 -5.22 -8.31 13.67
N ARG D 59 -5.72 -9.54 13.61
CA ARG D 59 -6.70 -9.92 12.60
C ARG D 59 -8.02 -9.23 12.85
N ARG D 60 -8.39 -9.11 14.11
CA ARG D 60 -9.62 -8.44 14.48
C ARG D 60 -9.51 -6.95 14.15
N HIS D 61 -8.32 -6.40 14.40
CA HIS D 61 -8.05 -5.01 14.11
C HIS D 61 -8.08 -4.78 12.60
N ALA D 62 -7.43 -5.69 11.88
CA ALA D 62 -7.40 -5.61 10.43
C ALA D 62 -8.81 -5.73 9.88
N ASN D 63 -9.58 -6.61 10.49
CA ASN D 63 -10.98 -6.82 10.11
C ASN D 63 -11.78 -5.56 10.36
N LYS D 64 -11.43 -4.83 11.43
CA LYS D 64 -12.12 -3.59 11.75
C LYS D 64 -11.92 -2.58 10.63
N LEU D 65 -10.74 -2.63 10.02
CA LEU D 65 -10.41 -1.74 8.91
C LEU D 65 -11.18 -2.17 7.68
N LEU D 66 -11.29 -3.48 7.47
CA LEU D 66 -12.01 -4.02 6.34
C LEU D 66 -13.48 -3.60 6.42
N SER D 67 -14.03 -3.67 7.62
CA SER D 67 -15.41 -3.28 7.86
C SER D 67 -15.57 -1.78 7.73
N LEU D 68 -14.58 -1.05 8.24
CA LEU D 68 -14.56 0.40 8.18
C LEU D 68 -14.58 0.88 6.74
N LYS D 69 -13.84 0.19 5.87
CA LYS D 69 -13.78 0.53 4.45
C LYS D 69 -15.18 0.41 3.85
N LYS D 70 -15.91 -0.60 4.32
CA LYS D 70 -17.26 -0.85 3.85
C LYS D 70 -18.19 0.25 4.36
N ARG D 71 -17.95 0.69 5.59
CA ARG D 71 -18.74 1.75 6.20
C ARG D 71 -18.56 3.05 5.42
N ALA D 72 -17.32 3.31 5.03
CA ALA D 72 -16.99 4.51 4.27
C ALA D 72 -17.56 4.42 2.86
N TYR D 73 -17.61 3.20 2.32
CA TYR D 73 -18.14 2.97 0.98
C TYR D 73 -19.60 3.37 0.90
N GLU D 74 -20.33 3.11 1.98
CA GLU D 74 -21.75 3.41 2.07
C GLU D 74 -21.99 4.82 2.59
N LEU D 75 -20.92 5.52 2.92
CA LEU D 75 -21.02 6.87 3.45
C LEU D 75 -21.42 7.87 2.37
N PRO D 76 -22.57 8.53 2.55
CA PRO D 76 -23.08 9.52 1.60
C PRO D 76 -22.42 10.87 1.82
N ASP A 6 9.41 -12.82 -24.80
CA ASP A 6 10.41 -11.77 -24.93
C ASP A 6 9.98 -10.76 -25.99
N ASP A 7 9.43 -9.64 -25.53
CA ASP A 7 8.97 -8.58 -26.44
C ASP A 7 8.91 -7.26 -25.68
N SER A 8 10.06 -6.65 -25.48
CA SER A 8 10.14 -5.37 -24.78
C SER A 8 11.46 -4.68 -25.06
N ALA A 9 11.39 -3.40 -25.44
CA ALA A 9 12.58 -2.62 -25.71
C ALA A 9 13.40 -2.46 -24.44
N ALA A 10 12.70 -2.25 -23.32
CA ALA A 10 13.34 -2.11 -22.03
C ALA A 10 12.49 -2.68 -20.91
N GLU A 11 12.45 -4.00 -20.84
CA GLU A 11 11.75 -4.74 -19.80
C GLU A 11 10.29 -4.34 -19.66
N TRP A 12 9.76 -4.63 -18.48
CA TRP A 12 8.36 -4.37 -18.13
C TRP A 12 7.41 -5.16 -19.02
N ASN A 13 7.33 -6.44 -18.74
CA ASN A 13 6.50 -7.35 -19.48
C ASN A 13 5.62 -8.17 -18.56
N VAL A 14 4.38 -8.40 -18.96
CA VAL A 14 3.45 -9.20 -18.19
C VAL A 14 2.70 -10.11 -19.15
N SER A 15 2.71 -11.41 -18.88
CA SER A 15 2.03 -12.36 -19.76
C SER A 15 1.79 -13.70 -19.07
N ARG A 16 1.32 -14.67 -19.84
CA ARG A 16 1.07 -16.00 -19.34
C ARG A 16 2.30 -16.86 -19.57
N THR A 17 2.67 -17.63 -18.57
CA THR A 17 3.83 -18.50 -18.65
C THR A 17 3.47 -19.86 -19.22
N PRO A 18 4.47 -20.55 -19.79
CA PRO A 18 4.30 -21.87 -20.38
C PRO A 18 3.98 -22.90 -19.30
N ASP A 19 4.28 -22.51 -18.07
CA ASP A 19 4.06 -23.37 -16.91
C ASP A 19 2.60 -23.27 -16.47
N GLY A 20 1.87 -22.33 -17.05
CA GLY A 20 0.48 -22.16 -16.72
C GLY A 20 0.24 -21.10 -15.67
N ASP A 21 1.19 -20.20 -15.52
CA ASP A 21 1.09 -19.13 -14.54
C ASP A 21 1.13 -17.79 -15.24
N TYR A 22 1.24 -16.71 -14.48
CA TYR A 22 1.34 -15.39 -15.06
C TYR A 22 2.69 -14.80 -14.68
N ARG A 23 3.39 -14.23 -15.65
CA ARG A 23 4.72 -13.70 -15.39
C ARG A 23 4.75 -12.20 -15.45
N LEU A 24 5.43 -11.63 -14.49
CA LEU A 24 5.61 -10.19 -14.40
C LEU A 24 7.11 -9.88 -14.34
N ALA A 25 7.63 -9.19 -15.34
CA ALA A 25 9.06 -8.86 -15.40
C ALA A 25 9.31 -7.37 -15.52
N ILE A 26 9.62 -6.70 -14.43
CA ILE A 26 9.88 -5.25 -14.48
C ILE A 26 11.29 -4.93 -13.99
N THR A 27 11.64 -3.65 -14.11
CA THR A 27 12.95 -3.18 -13.68
C THR A 27 12.84 -1.90 -12.84
N CYS A 28 13.87 -1.62 -12.06
CA CYS A 28 13.94 -0.43 -11.21
C CYS A 28 15.40 -0.06 -10.99
N PRO A 29 15.75 1.23 -11.17
CA PRO A 29 17.12 1.71 -11.01
C PRO A 29 17.55 1.84 -9.55
N ASN A 30 16.71 1.36 -8.64
CA ASN A 30 17.01 1.42 -7.23
C ASN A 30 16.48 0.18 -6.53
N LYS A 31 17.32 -0.44 -5.73
CA LYS A 31 16.94 -1.65 -5.01
C LYS A 31 15.88 -1.32 -3.96
N GLU A 32 15.94 -0.10 -3.45
CA GLU A 32 15.00 0.36 -2.45
C GLU A 32 13.59 0.39 -3.04
N TRP A 33 13.52 0.75 -4.32
CA TRP A 33 12.26 0.80 -5.03
C TRP A 33 11.65 -0.59 -5.14
N LEU A 34 12.48 -1.56 -5.49
CA LEU A 34 12.03 -2.94 -5.62
C LEU A 34 11.62 -3.48 -4.26
N LEU A 35 12.39 -3.15 -3.24
CA LEU A 35 12.12 -3.59 -1.88
C LEU A 35 10.75 -3.11 -1.43
N GLN A 36 10.45 -1.86 -1.74
CA GLN A 36 9.17 -1.26 -1.39
C GLN A 36 8.03 -1.89 -2.19
N SER A 37 8.32 -2.20 -3.45
CA SER A 37 7.37 -2.80 -4.36
C SER A 37 6.86 -4.12 -3.80
N ILE A 38 7.77 -4.91 -3.27
CA ILE A 38 7.45 -6.22 -2.71
C ILE A 38 6.43 -6.07 -1.58
N GLU A 39 6.59 -5.02 -0.78
CA GLU A 39 5.69 -4.75 0.34
C GLU A 39 4.25 -4.59 -0.14
N GLY A 40 4.10 -4.07 -1.34
CA GLY A 40 2.79 -3.88 -1.91
C GLY A 40 2.12 -5.20 -2.27
N MET A 41 2.86 -6.06 -2.94
CA MET A 41 2.31 -7.36 -3.32
C MET A 41 2.13 -8.24 -2.10
N ILE A 42 3.09 -8.19 -1.18
CA ILE A 42 3.03 -8.95 0.05
C ILE A 42 1.80 -8.54 0.89
N LYS A 43 1.45 -7.25 0.84
CA LYS A 43 0.31 -6.74 1.61
C LYS A 43 -0.99 -7.40 1.17
N GLU A 44 -1.16 -7.58 -0.13
CA GLU A 44 -2.38 -8.19 -0.66
C GLU A 44 -2.48 -9.62 -0.22
N ALA A 45 -1.37 -10.32 -0.32
CA ALA A 45 -1.30 -11.71 0.08
C ALA A 45 -1.67 -11.88 1.55
N ALA A 46 -1.06 -11.05 2.38
CA ALA A 46 -1.30 -11.09 3.81
C ALA A 46 -2.75 -10.79 4.13
N ALA A 47 -3.31 -9.79 3.48
CA ALA A 47 -4.70 -9.41 3.68
C ALA A 47 -5.62 -10.53 3.20
N GLU A 48 -5.22 -11.19 2.12
CA GLU A 48 -5.99 -12.28 1.58
C GLU A 48 -5.93 -13.48 2.53
N VAL A 49 -4.76 -13.69 3.13
CA VAL A 49 -4.59 -14.78 4.09
C VAL A 49 -5.43 -14.49 5.32
N LEU A 50 -5.50 -13.21 5.68
CA LEU A 50 -6.31 -12.79 6.83
C LEU A 50 -7.78 -13.10 6.57
N ARG A 51 -8.17 -12.97 5.30
CA ARG A 51 -9.54 -13.25 4.87
C ARG A 51 -9.78 -14.75 4.77
N ASN A 52 -8.74 -15.47 4.34
CA ASN A 52 -8.80 -16.92 4.18
C ASN A 52 -7.62 -17.57 4.86
N PRO A 53 -7.63 -17.61 6.20
CA PRO A 53 -6.57 -18.19 7.01
C PRO A 53 -6.29 -19.65 6.65
N ASN A 54 -7.31 -20.33 6.19
CA ASN A 54 -7.19 -21.74 5.83
C ASN A 54 -6.57 -21.93 4.45
N GLN A 55 -6.27 -20.84 3.76
CA GLN A 55 -5.67 -20.92 2.44
C GLN A 55 -4.15 -21.10 2.55
N GLU A 56 -3.69 -22.33 2.35
CA GLU A 56 -2.26 -22.62 2.43
C GLU A 56 -1.53 -22.02 1.24
N ASN A 57 -2.10 -22.14 0.05
CA ASN A 57 -1.49 -21.59 -1.16
C ASN A 57 -1.29 -20.10 -1.02
N LEU A 58 -2.19 -19.46 -0.29
CA LEU A 58 -2.10 -18.03 -0.05
C LEU A 58 -0.94 -17.74 0.89
N ARG A 59 -0.77 -18.59 1.88
CA ARG A 59 0.31 -18.45 2.84
C ARG A 59 1.64 -18.69 2.17
N ARG A 60 1.69 -19.74 1.35
CA ARG A 60 2.90 -20.10 0.62
C ARG A 60 3.27 -18.99 -0.36
N HIS A 61 2.25 -18.42 -0.99
CA HIS A 61 2.47 -17.32 -1.93
C HIS A 61 3.03 -16.12 -1.20
N ALA A 62 2.43 -15.81 -0.06
CA ALA A 62 2.86 -14.71 0.77
C ALA A 62 4.30 -14.94 1.22
N ASN A 63 4.60 -16.19 1.51
CA ASN A 63 5.93 -16.59 1.94
C ASN A 63 6.93 -16.37 0.82
N LYS A 64 6.48 -16.57 -0.42
CA LYS A 64 7.35 -16.37 -1.57
C LYS A 64 7.71 -14.88 -1.68
N LEU A 65 6.76 -14.04 -1.29
CA LEU A 65 6.97 -12.59 -1.31
C LEU A 65 7.96 -12.22 -0.22
N LEU A 66 7.85 -12.88 0.92
CA LEU A 66 8.74 -12.66 2.04
C LEU A 66 10.17 -12.98 1.63
N SER A 67 10.30 -14.08 0.92
CA SER A 67 11.60 -14.55 0.43
C SER A 67 12.16 -13.56 -0.59
N LEU A 68 11.28 -13.11 -1.48
CA LEU A 68 11.65 -12.14 -2.50
C LEU A 68 12.13 -10.83 -1.87
N LYS A 69 11.48 -10.44 -0.78
CA LYS A 69 11.84 -9.22 -0.08
C LYS A 69 13.23 -9.35 0.53
N LYS A 70 13.52 -10.53 1.04
CA LYS A 70 14.81 -10.81 1.64
C LYS A 70 15.89 -10.78 0.56
N ARG A 71 15.56 -11.29 -0.61
CA ARG A 71 16.49 -11.32 -1.73
C ARG A 71 16.86 -9.91 -2.16
N ALA A 72 15.84 -9.06 -2.29
CA ALA A 72 16.04 -7.68 -2.69
C ALA A 72 16.82 -6.91 -1.63
N TYR A 73 16.62 -7.28 -0.37
CA TYR A 73 17.32 -6.64 0.75
C TYR A 73 18.83 -6.85 0.65
N GLU A 74 19.20 -8.02 0.14
CA GLU A 74 20.60 -8.39 -0.01
C GLU A 74 21.15 -7.97 -1.37
N LEU A 75 20.31 -7.36 -2.20
CA LEU A 75 20.73 -6.92 -3.53
C LEU A 75 21.80 -5.84 -3.45
N PRO A 76 22.97 -6.08 -4.08
CA PRO A 76 24.08 -5.15 -4.10
C PRO A 76 23.86 -4.03 -5.10
N ASP B 6 19.57 -15.21 -12.74
CA ASP B 6 18.26 -15.85 -12.65
C ASP B 6 18.31 -17.04 -11.69
N ASP B 7 18.91 -16.84 -10.53
CA ASP B 7 19.02 -17.89 -9.54
C ASP B 7 17.72 -18.04 -8.74
N SER B 8 16.84 -18.90 -9.23
CA SER B 8 15.57 -19.14 -8.59
C SER B 8 15.15 -20.61 -8.77
N ALA B 9 14.24 -21.08 -7.92
CA ALA B 9 13.77 -22.45 -8.00
C ALA B 9 12.56 -22.52 -8.93
N ALA B 10 11.64 -21.60 -8.73
CA ALA B 10 10.45 -21.49 -9.54
C ALA B 10 10.04 -20.03 -9.65
N GLU B 11 10.66 -19.34 -10.60
CA GLU B 11 10.42 -17.94 -10.82
C GLU B 11 10.67 -17.13 -9.57
N TRP B 12 10.08 -15.96 -9.51
CA TRP B 12 10.23 -15.05 -8.38
C TRP B 12 11.71 -14.73 -8.17
N ASN B 13 12.25 -14.03 -9.15
CA ASN B 13 13.64 -13.66 -9.15
C ASN B 13 13.81 -12.16 -9.11
N VAL B 14 14.80 -11.70 -8.36
CA VAL B 14 15.11 -10.31 -8.29
C VAL B 14 16.63 -10.18 -8.22
N SER B 15 17.21 -9.40 -9.13
CA SER B 15 18.65 -9.24 -9.18
C SER B 15 19.03 -8.04 -10.05
N ARG B 16 20.29 -7.97 -10.45
CA ARG B 16 20.78 -6.89 -11.29
C ARG B 16 20.91 -7.35 -12.73
N THR B 17 20.51 -6.47 -13.65
CA THR B 17 20.60 -6.77 -15.07
C THR B 17 21.95 -6.30 -15.61
N PRO B 18 22.37 -6.88 -16.75
CA PRO B 18 23.64 -6.54 -17.39
C PRO B 18 23.65 -5.09 -17.89
N ASP B 19 22.45 -4.54 -18.02
CA ASP B 19 22.27 -3.17 -18.48
C ASP B 19 22.48 -2.20 -17.33
N GLY B 20 22.57 -2.75 -16.11
CA GLY B 20 22.77 -1.92 -14.94
C GLY B 20 21.47 -1.58 -14.24
N ASP B 21 20.44 -2.35 -14.54
CA ASP B 21 19.14 -2.14 -13.93
C ASP B 21 18.85 -3.28 -12.96
N TYR B 22 17.69 -3.28 -12.34
CA TYR B 22 17.35 -4.36 -11.45
C TYR B 22 16.19 -5.13 -12.04
N ARG B 23 16.31 -6.45 -12.08
CA ARG B 23 15.29 -7.28 -12.68
C ARG B 23 14.47 -8.02 -11.66
N LEU B 24 13.16 -7.92 -11.81
CA LEU B 24 12.23 -8.61 -10.93
C LEU B 24 11.28 -9.44 -11.78
N ALA B 25 11.34 -10.75 -11.60
CA ALA B 25 10.51 -11.69 -12.34
C ALA B 25 9.67 -12.54 -11.39
N ILE B 26 8.38 -12.26 -11.33
CA ILE B 26 7.49 -13.00 -10.43
C ILE B 26 6.37 -13.70 -11.22
N THR B 27 5.70 -14.62 -10.55
CA THR B 27 4.59 -15.35 -11.15
C THR B 27 3.43 -15.46 -10.17
N CYS B 28 2.21 -15.59 -10.69
CA CYS B 28 1.04 -15.71 -9.86
C CYS B 28 -0.04 -16.52 -10.57
N PRO B 29 -0.67 -17.48 -9.86
CA PRO B 29 -1.73 -18.31 -10.42
C PRO B 29 -3.07 -17.60 -10.42
N ASN B 30 -3.05 -16.31 -10.11
CA ASN B 30 -4.25 -15.52 -10.05
C ASN B 30 -4.03 -14.22 -10.82
N LYS B 31 -4.91 -13.96 -11.78
CA LYS B 31 -4.81 -12.75 -12.60
C LYS B 31 -4.97 -11.51 -11.73
N GLU B 32 -5.76 -11.65 -10.68
CA GLU B 32 -6.02 -10.56 -9.76
C GLU B 32 -4.76 -10.20 -8.97
N TRP B 33 -4.00 -11.23 -8.62
CA TRP B 33 -2.77 -11.05 -7.86
C TRP B 33 -1.77 -10.22 -8.63
N LEU B 34 -1.78 -10.35 -9.95
CA LEU B 34 -0.88 -9.59 -10.80
C LEU B 34 -1.22 -8.11 -10.72
N LEU B 35 -2.51 -7.80 -10.79
CA LEU B 35 -2.96 -6.42 -10.72
C LEU B 35 -2.66 -5.84 -9.34
N GLN B 36 -2.89 -6.66 -8.33
CA GLN B 36 -2.66 -6.26 -6.95
C GLN B 36 -1.17 -6.02 -6.69
N SER B 37 -0.33 -6.78 -7.39
CA SER B 37 1.11 -6.64 -7.25
C SER B 37 1.56 -5.28 -7.78
N ILE B 38 1.05 -4.93 -8.96
CA ILE B 38 1.37 -3.65 -9.58
C ILE B 38 0.94 -2.49 -8.69
N GLU B 39 -0.24 -2.62 -8.09
CA GLU B 39 -0.77 -1.59 -7.20
C GLU B 39 0.18 -1.35 -6.03
N GLY B 40 0.85 -2.41 -5.60
CA GLY B 40 1.79 -2.30 -4.50
C GLY B 40 2.99 -1.45 -4.86
N MET B 41 3.59 -1.71 -6.01
CA MET B 41 4.75 -0.94 -6.45
C MET B 41 4.34 0.48 -6.78
N ILE B 42 3.20 0.62 -7.46
CA ILE B 42 2.67 1.93 -7.81
C ILE B 42 2.42 2.73 -6.52
N LYS B 43 2.02 2.03 -5.45
CA LYS B 43 1.76 2.66 -4.17
C LYS B 43 2.96 3.47 -3.69
N GLU B 44 4.11 2.83 -3.69
CA GLU B 44 5.34 3.46 -3.25
C GLU B 44 5.79 4.49 -4.26
N ALA B 45 5.68 4.11 -5.52
CA ALA B 45 6.09 4.98 -6.63
C ALA B 45 5.31 6.29 -6.64
N ALA B 46 4.00 6.20 -6.48
CA ALA B 46 3.15 7.37 -6.47
C ALA B 46 3.55 8.34 -5.37
N ALA B 47 3.80 7.79 -4.18
CA ALA B 47 4.20 8.59 -3.04
C ALA B 47 5.55 9.26 -3.30
N GLU B 48 6.40 8.56 -4.04
CA GLU B 48 7.72 9.07 -4.38
C GLU B 48 7.59 10.27 -5.33
N VAL B 49 6.65 10.18 -6.26
CA VAL B 49 6.44 11.24 -7.23
C VAL B 49 5.94 12.50 -6.54
N LEU B 50 5.10 12.33 -5.53
CA LEU B 50 4.59 13.47 -4.79
C LEU B 50 5.72 14.17 -4.05
N ARG B 51 6.68 13.37 -3.58
CA ARG B 51 7.83 13.90 -2.86
C ARG B 51 8.85 14.50 -3.83
N ASN B 52 8.88 13.92 -5.03
CA ASN B 52 9.79 14.35 -6.08
C ASN B 52 9.02 14.63 -7.37
N PRO B 53 8.22 15.70 -7.38
CA PRO B 53 7.40 16.08 -8.54
C PRO B 53 8.24 16.33 -9.79
N ASN B 54 9.46 16.81 -9.59
CA ASN B 54 10.35 17.11 -10.70
C ASN B 54 11.04 15.85 -11.23
N GLN B 55 10.82 14.71 -10.57
CA GLN B 55 11.44 13.47 -10.99
C GLN B 55 10.68 12.87 -12.16
N GLU B 56 11.16 13.13 -13.37
CA GLU B 56 10.53 12.61 -14.58
C GLU B 56 10.60 11.08 -14.61
N ASN B 57 11.74 10.53 -14.22
CA ASN B 57 11.91 9.09 -14.20
C ASN B 57 10.92 8.44 -13.25
N LEU B 58 10.61 9.14 -12.16
CA LEU B 58 9.66 8.65 -11.19
C LEU B 58 8.27 8.69 -11.80
N ARG B 59 7.97 9.80 -12.48
CA ARG B 59 6.68 9.97 -13.12
C ARG B 59 6.49 8.91 -14.19
N ARG B 60 7.53 8.70 -14.99
CA ARG B 60 7.50 7.71 -16.04
C ARG B 60 7.42 6.31 -15.43
N HIS B 61 8.11 6.12 -14.31
CA HIS B 61 8.09 4.86 -13.61
C HIS B 61 6.70 4.58 -13.07
N ALA B 62 6.10 5.60 -12.48
CA ALA B 62 4.75 5.48 -11.96
C ALA B 62 3.80 5.23 -13.11
N ASN B 63 4.03 5.94 -14.21
CA ASN B 63 3.23 5.80 -15.42
C ASN B 63 3.41 4.40 -15.99
N LYS B 64 4.63 3.87 -15.88
CA LYS B 64 4.92 2.54 -16.36
C LYS B 64 4.10 1.53 -15.59
N LEU B 65 3.96 1.77 -14.29
CA LEU B 65 3.17 0.92 -13.41
C LEU B 65 1.70 1.08 -13.73
N LEU B 66 1.30 2.32 -13.99
CA LEU B 66 -0.09 2.62 -14.33
C LEU B 66 -0.44 1.92 -15.64
N SER B 67 0.51 1.94 -16.56
CA SER B 67 0.36 1.32 -17.85
C SER B 67 0.35 -0.20 -17.71
N LEU B 68 1.31 -0.69 -16.94
CA LEU B 68 1.45 -2.11 -16.67
C LEU B 68 0.20 -2.68 -16.01
N LYS B 69 -0.41 -1.88 -15.13
CA LYS B 69 -1.63 -2.30 -14.47
C LYS B 69 -2.72 -2.51 -15.50
N LYS B 70 -2.79 -1.59 -16.44
CA LYS B 70 -3.76 -1.66 -17.53
C LYS B 70 -3.42 -2.84 -18.42
N ARG B 71 -2.12 -3.03 -18.62
CA ARG B 71 -1.61 -4.12 -19.44
C ARG B 71 -2.09 -5.46 -18.91
N ALA B 72 -1.94 -5.65 -17.62
CA ALA B 72 -2.38 -6.87 -16.96
C ALA B 72 -3.90 -6.96 -16.96
N TYR B 73 -4.55 -5.80 -16.81
CA TYR B 73 -6.01 -5.73 -16.80
C TYR B 73 -6.59 -6.20 -18.12
N GLU B 74 -5.95 -5.78 -19.21
CA GLU B 74 -6.39 -6.13 -20.56
C GLU B 74 -5.93 -7.54 -20.94
N LEU B 75 -5.02 -8.11 -20.17
CA LEU B 75 -4.51 -9.44 -20.45
C LEU B 75 -5.57 -10.50 -20.14
N PRO B 76 -6.04 -11.20 -21.19
CA PRO B 76 -7.06 -12.23 -21.05
C PRO B 76 -6.46 -13.57 -20.60
N ASP C 6 -18.90 9.83 16.98
CA ASP C 6 -18.00 9.10 17.84
C ASP C 6 -18.72 7.90 18.45
N ASP C 7 -17.97 6.87 18.80
CA ASP C 7 -18.55 5.67 19.39
C ASP C 7 -17.83 5.32 20.68
N SER C 8 -18.56 5.35 21.78
CA SER C 8 -17.99 5.06 23.08
C SER C 8 -17.84 3.56 23.33
N ALA C 9 -17.57 2.81 22.28
CA ALA C 9 -17.38 1.37 22.40
C ALA C 9 -15.91 1.08 22.66
N ALA C 10 -15.05 1.66 21.80
CA ALA C 10 -13.61 1.52 21.91
C ALA C 10 -12.94 2.11 20.67
N GLU C 11 -13.08 3.41 20.49
CA GLU C 11 -12.48 4.12 19.38
C GLU C 11 -12.87 3.51 18.04
N TRP C 12 -12.05 3.78 17.04
CA TRP C 12 -12.25 3.27 15.68
C TRP C 12 -13.64 3.58 15.15
N ASN C 13 -13.85 4.83 14.82
CA ASN C 13 -15.13 5.30 14.31
C ASN C 13 -14.97 6.04 13.00
N VAL C 14 -15.91 5.82 12.11
CA VAL C 14 -15.92 6.51 10.84
C VAL C 14 -17.38 6.84 10.48
N SER C 15 -17.65 8.10 10.20
CA SER C 15 -19.00 8.53 9.88
C SER C 15 -18.99 9.91 9.24
N ARG C 16 -20.17 10.48 9.03
CA ARG C 16 -20.29 11.80 8.46
C ARG C 16 -20.45 12.82 9.56
N THR C 17 -19.88 13.99 9.35
CA THR C 17 -19.92 15.06 10.33
C THR C 17 -21.04 16.06 10.03
N PRO C 18 -21.50 16.77 11.07
CA PRO C 18 -22.54 17.80 10.97
C PRO C 18 -22.03 18.99 10.16
N ASP C 19 -20.71 19.05 10.04
CA ASP C 19 -20.05 20.12 9.31
C ASP C 19 -20.10 19.82 7.81
N GLY C 20 -20.53 18.61 7.48
CA GLY C 20 -20.64 18.21 6.09
C GLY C 20 -19.41 17.50 5.58
N ASP C 21 -18.70 16.84 6.48
CA ASP C 21 -17.49 16.13 6.12
C ASP C 21 -17.55 14.70 6.63
N TYR C 22 -16.44 14.00 6.58
CA TYR C 22 -16.38 12.63 7.08
C TYR C 22 -15.40 12.55 8.22
N ARG C 23 -15.77 11.93 9.32
CA ARG C 23 -14.90 11.84 10.47
C ARG C 23 -14.39 10.43 10.67
N LEU C 24 -13.08 10.29 10.76
CA LEU C 24 -12.45 9.00 10.99
C LEU C 24 -11.56 9.09 12.21
N ALA C 25 -11.88 8.30 13.23
CA ALA C 25 -11.14 8.28 14.47
C ALA C 25 -10.67 6.87 14.80
N ILE C 26 -9.36 6.66 14.82
CA ILE C 26 -8.82 5.34 15.12
C ILE C 26 -7.75 5.41 16.20
N THR C 27 -7.30 4.25 16.66
CA THR C 27 -6.28 4.16 17.68
C THR C 27 -5.27 3.06 17.36
N CYS C 28 -4.04 3.22 17.85
CA CYS C 28 -2.98 2.24 17.64
C CYS C 28 -2.03 2.27 18.83
N PRO C 29 -1.68 1.10 19.39
CA PRO C 29 -0.76 1.02 20.53
C PRO C 29 0.70 1.18 20.12
N ASN C 30 0.92 1.51 18.86
CA ASN C 30 2.26 1.70 18.32
C ASN C 30 2.28 2.93 17.43
N LYS C 31 3.23 3.82 17.66
CA LYS C 31 3.34 5.05 16.88
C LYS C 31 3.73 4.75 15.45
N GLU C 32 4.49 3.66 15.29
CA GLU C 32 4.95 3.22 13.98
C GLU C 32 3.77 2.80 13.13
N TRP C 33 2.79 2.21 13.79
CA TRP C 33 1.57 1.76 13.13
C TRP C 33 0.85 2.93 12.48
N LEU C 34 0.73 4.04 13.22
CA LEU C 34 0.08 5.23 12.70
C LEU C 34 0.88 5.80 11.55
N LEU C 35 2.19 5.82 11.72
CA LEU C 35 3.10 6.34 10.69
C LEU C 35 2.91 5.58 9.39
N GLN C 36 2.76 4.27 9.51
CA GLN C 36 2.54 3.42 8.35
C GLN C 36 1.16 3.68 7.77
N SER C 37 0.17 3.85 8.65
CA SER C 37 -1.19 4.11 8.25
C SER C 37 -1.30 5.39 7.43
N ILE C 38 -0.71 6.46 7.94
CA ILE C 38 -0.72 7.75 7.26
C ILE C 38 -0.09 7.64 5.87
N GLU C 39 1.03 6.92 5.80
CA GLU C 39 1.73 6.72 4.55
C GLU C 39 0.87 5.97 3.55
N GLY C 40 0.05 5.07 4.07
CA GLY C 40 -0.84 4.30 3.22
C GLY C 40 -1.85 5.18 2.52
N MET C 41 -2.49 6.06 3.28
CA MET C 41 -3.49 6.97 2.71
C MET C 41 -2.83 7.95 1.74
N ILE C 42 -1.62 8.38 2.07
CA ILE C 42 -0.89 9.30 1.21
C ILE C 42 -0.67 8.67 -0.18
N LYS C 43 -0.45 7.36 -0.22
CA LYS C 43 -0.24 6.68 -1.50
C LYS C 43 -1.43 6.86 -2.42
N GLU C 44 -2.63 6.76 -1.86
CA GLU C 44 -3.84 6.90 -2.64
C GLU C 44 -3.98 8.32 -3.13
N ALA C 45 -3.70 9.25 -2.23
CA ALA C 45 -3.76 10.66 -2.56
C ALA C 45 -2.74 10.99 -3.64
N ALA C 46 -1.52 10.50 -3.46
CA ALA C 46 -0.44 10.71 -4.41
C ALA C 46 -0.80 10.14 -5.78
N ALA C 47 -1.34 8.92 -5.78
CA ALA C 47 -1.75 8.26 -7.01
C ALA C 47 -2.86 9.06 -7.68
N GLU C 48 -3.74 9.63 -6.86
CA GLU C 48 -4.84 10.43 -7.36
C GLU C 48 -4.31 11.71 -7.98
N VAL C 49 -3.32 12.31 -7.32
CA VAL C 49 -2.70 13.54 -7.80
C VAL C 49 -2.00 13.29 -9.13
N LEU C 50 -1.40 12.11 -9.27
CA LEU C 50 -0.73 11.75 -10.50
C LEU C 50 -1.75 11.68 -11.65
N ARG C 51 -2.94 11.18 -11.33
CA ARG C 51 -4.01 11.05 -12.31
C ARG C 51 -4.67 12.39 -12.57
N ASN C 52 -4.66 13.24 -11.56
CA ASN C 52 -5.27 14.56 -11.64
C ASN C 52 -4.31 15.64 -11.16
N PRO C 53 -3.28 15.94 -11.97
CA PRO C 53 -2.28 16.95 -11.64
C PRO C 53 -2.89 18.33 -11.46
N ASN C 54 -4.04 18.54 -12.09
CA ASN C 54 -4.74 19.81 -11.99
C ASN C 54 -5.65 19.88 -10.76
N GLN C 55 -5.58 18.86 -9.92
CA GLN C 55 -6.39 18.82 -8.71
C GLN C 55 -5.64 19.46 -7.54
N GLU C 56 -5.96 20.71 -7.26
CA GLU C 56 -5.32 21.47 -6.18
C GLU C 56 -5.65 20.86 -4.82
N ASN C 57 -6.93 20.61 -4.56
CA ASN C 57 -7.36 20.05 -3.29
C ASN C 57 -6.77 18.66 -3.06
N LEU C 58 -6.52 17.92 -4.14
CA LEU C 58 -5.92 16.61 -4.03
C LEU C 58 -4.49 16.74 -3.51
N ARG C 59 -3.78 17.71 -4.08
CA ARG C 59 -2.40 17.98 -3.69
C ARG C 59 -2.36 18.43 -2.25
N ARG C 60 -3.29 19.31 -1.89
CA ARG C 60 -3.37 19.83 -0.54
C ARG C 60 -3.70 18.71 0.44
N HIS C 61 -4.57 17.81 0.02
CA HIS C 61 -4.94 16.68 0.84
C HIS C 61 -3.74 15.76 1.03
N ALA C 62 -3.05 15.49 -0.07
CA ALA C 62 -1.86 14.66 -0.03
C ALA C 62 -0.81 15.31 0.85
N ASN C 63 -0.72 16.63 0.74
CA ASN C 63 0.20 17.43 1.52
C ASN C 63 -0.17 17.36 2.99
N LYS C 64 -1.47 17.31 3.26
CA LYS C 64 -1.94 17.22 4.64
C LYS C 64 -1.51 15.90 5.24
N LEU C 65 -1.51 14.86 4.42
CA LEU C 65 -1.09 13.54 4.84
C LEU C 65 0.42 13.55 5.08
N LEU C 66 1.14 14.24 4.20
CA LEU C 66 2.58 14.36 4.31
C LEU C 66 2.92 15.09 5.60
N SER C 67 2.16 16.14 5.88
CA SER C 67 2.35 16.93 7.09
C SER C 67 2.03 16.10 8.33
N LEU C 68 0.93 15.35 8.25
CA LEU C 68 0.50 14.49 9.35
C LEU C 68 1.52 13.40 9.62
N LYS C 69 2.10 12.86 8.54
CA LYS C 69 3.12 11.84 8.66
C LYS C 69 4.31 12.39 9.43
N LYS C 70 4.64 13.64 9.13
CA LYS C 70 5.74 14.32 9.80
C LYS C 70 5.36 14.57 11.24
N ARG C 71 4.10 14.93 11.44
CA ARG C 71 3.56 15.20 12.77
C ARG C 71 3.70 13.97 13.66
N ALA C 72 3.38 12.81 13.12
CA ALA C 72 3.50 11.56 13.85
C ALA C 72 4.98 11.24 14.10
N TYR C 73 5.81 11.58 13.13
CA TYR C 73 7.25 11.36 13.23
C TYR C 73 7.85 12.18 14.36
N GLU C 74 7.32 13.39 14.54
CA GLU C 74 7.79 14.29 15.58
C GLU C 74 7.23 13.92 16.95
N LEU C 75 6.30 12.97 16.98
CA LEU C 75 5.70 12.52 18.23
C LEU C 75 6.65 11.58 18.98
N PRO C 76 7.07 11.96 20.19
CA PRO C 76 7.98 11.17 21.00
C PRO C 76 7.24 10.21 21.93
N ASP D 6 -10.69 15.87 21.78
CA ASP D 6 -10.85 16.49 20.48
C ASP D 6 -10.32 17.91 20.48
N ASP D 7 -9.06 18.07 20.85
CA ASP D 7 -8.42 19.38 20.90
C ASP D 7 -7.72 19.68 19.58
N SER D 8 -8.50 19.95 18.55
CA SER D 8 -7.96 20.25 17.23
C SER D 8 -8.56 21.55 16.69
N ALA D 9 -7.76 22.31 15.94
CA ALA D 9 -8.23 23.55 15.36
C ALA D 9 -9.24 23.26 14.26
N ALA D 10 -8.88 22.36 13.37
CA ALA D 10 -9.74 21.96 12.28
C ALA D 10 -9.45 20.52 11.87
N GLU D 11 -9.88 19.59 12.74
CA GLU D 11 -9.69 18.17 12.52
C GLU D 11 -8.23 17.80 12.29
N TRP D 12 -8.03 16.60 11.79
CA TRP D 12 -6.69 16.06 11.51
C TRP D 12 -5.80 16.17 12.73
N ASN D 13 -6.07 15.32 13.71
CA ASN D 13 -5.30 15.31 14.95
C ASN D 13 -4.72 13.94 15.21
N VAL D 14 -3.49 13.91 15.69
CA VAL D 14 -2.83 12.67 16.04
C VAL D 14 -1.98 12.88 17.29
N SER D 15 -2.20 12.06 18.30
CA SER D 15 -1.44 12.18 19.54
C SER D 15 -1.64 10.96 20.42
N ARG D 16 -1.09 11.01 21.62
CA ARG D 16 -1.21 9.92 22.56
C ARG D 16 -2.40 10.17 23.48
N THR D 17 -3.13 9.11 23.75
CA THR D 17 -4.30 9.17 24.61
C THR D 17 -3.90 8.99 26.07
N PRO D 18 -4.73 9.47 27.00
CA PRO D 18 -4.47 9.37 28.43
C PRO D 18 -4.52 7.92 28.90
N ASP D 19 -5.14 7.08 28.08
CA ASP D 19 -5.27 5.66 28.39
C ASP D 19 -4.00 4.91 28.00
N GLY D 20 -3.11 5.59 27.29
CA GLY D 20 -1.87 4.97 26.88
C GLY D 20 -1.93 4.43 25.47
N ASP D 21 -2.78 5.03 24.67
CA ASP D 21 -2.92 4.62 23.27
C ASP D 21 -2.60 5.79 22.37
N TYR D 22 -2.82 5.64 21.07
CA TYR D 22 -2.58 6.72 20.13
C TYR D 22 -3.87 7.03 19.41
N ARG D 23 -4.22 8.30 19.31
CA ARG D 23 -5.46 8.68 18.67
C ARG D 23 -5.23 9.46 17.40
N LEU D 24 -5.87 9.02 16.34
CA LEU D 24 -5.78 9.67 15.06
C LEU D 24 -7.19 10.03 14.57
N ALA D 25 -7.42 11.33 14.37
CA ALA D 25 -8.72 11.83 13.92
C ALA D 25 -8.57 12.68 12.68
N ILE D 26 -9.10 12.23 11.55
CA ILE D 26 -8.99 13.00 10.31
C ILE D 26 -10.35 13.18 9.64
N THR D 27 -10.36 13.97 8.57
CA THR D 27 -11.57 14.25 7.81
C THR D 27 -11.29 14.19 6.30
N CYS D 28 -12.32 13.92 5.52
CA CYS D 28 -12.20 13.84 4.06
C CYS D 28 -13.55 14.13 3.42
N PRO D 29 -13.59 15.04 2.43
CA PRO D 29 -14.82 15.41 1.74
C PRO D 29 -15.14 14.46 0.60
N ASN D 30 -14.57 13.26 0.64
CA ASN D 30 -14.80 12.26 -0.39
C ASN D 30 -14.91 10.88 0.22
N LYS D 31 -15.97 10.18 -0.13
CA LYS D 31 -16.21 8.83 0.38
C LYS D 31 -15.13 7.89 -0.13
N GLU D 32 -14.65 8.16 -1.33
CA GLU D 32 -13.62 7.36 -1.96
C GLU D 32 -12.31 7.52 -1.21
N TRP D 33 -12.03 8.76 -0.85
CA TRP D 33 -10.79 9.08 -0.13
C TRP D 33 -10.70 8.29 1.16
N LEU D 34 -11.81 8.21 1.88
CA LEU D 34 -11.85 7.47 3.14
C LEU D 34 -11.63 5.98 2.88
N LEU D 35 -12.33 5.47 1.87
CA LEU D 35 -12.23 4.05 1.50
C LEU D 35 -10.79 3.71 1.10
N GLN D 36 -10.18 4.62 0.36
CA GLN D 36 -8.81 4.44 -0.10
C GLN D 36 -7.82 4.53 1.06
N SER D 37 -8.12 5.44 2.00
CA SER D 37 -7.28 5.64 3.16
C SER D 37 -7.17 4.38 3.99
N ILE D 38 -8.31 3.72 4.21
CA ILE D 38 -8.34 2.49 4.99
C ILE D 38 -7.46 1.41 4.35
N GLU D 39 -7.55 1.30 3.03
CA GLU D 39 -6.76 0.33 2.28
C GLU D 39 -5.26 0.60 2.49
N GLY D 40 -4.93 1.88 2.64
CA GLY D 40 -3.56 2.28 2.85
C GLY D 40 -3.01 1.77 4.16
N MET D 41 -3.75 1.99 5.24
CA MET D 41 -3.31 1.54 6.56
C MET D 41 -3.31 0.02 6.61
N ILE D 42 -4.37 -0.58 6.06
CA ILE D 42 -4.47 -2.02 6.02
C ILE D 42 -3.28 -2.61 5.25
N LYS D 43 -2.80 -1.87 4.24
CA LYS D 43 -1.66 -2.30 3.45
C LYS D 43 -0.46 -2.59 4.32
N GLU D 44 -0.12 -1.64 5.17
CA GLU D 44 1.01 -1.77 6.05
C GLU D 44 0.71 -2.75 7.16
N ALA D 45 -0.49 -2.65 7.70
CA ALA D 45 -0.93 -3.51 8.79
C ALA D 45 -0.94 -4.98 8.40
N ALA D 46 -1.53 -5.29 7.26
CA ALA D 46 -1.59 -6.66 6.78
C ALA D 46 -0.20 -7.20 6.55
N ALA D 47 0.63 -6.40 5.91
CA ALA D 47 1.99 -6.78 5.62
C ALA D 47 2.77 -6.97 6.91
N GLU D 48 2.47 -6.14 7.91
CA GLU D 48 3.12 -6.23 9.21
C GLU D 48 2.76 -7.55 9.88
N VAL D 49 1.55 -8.04 9.63
CA VAL D 49 1.12 -9.31 10.21
C VAL D 49 2.00 -10.44 9.72
N LEU D 50 2.38 -10.38 8.45
CA LEU D 50 3.25 -11.38 7.87
C LEU D 50 4.65 -11.26 8.44
N ARG D 51 5.05 -10.02 8.72
CA ARG D 51 6.36 -9.73 9.29
C ARG D 51 6.37 -10.07 10.78
N ASN D 52 5.17 -10.11 11.34
CA ASN D 52 4.95 -10.41 12.75
C ASN D 52 3.84 -11.45 12.87
N PRO D 53 4.10 -12.69 12.43
CA PRO D 53 3.11 -13.78 12.44
C PRO D 53 2.55 -14.08 13.82
N ASN D 54 3.34 -13.86 14.85
CA ASN D 54 2.91 -14.13 16.22
C ASN D 54 2.09 -12.97 16.78
N GLN D 55 1.92 -11.92 16.00
CA GLN D 55 1.17 -10.76 16.45
C GLN D 55 -0.31 -10.91 16.13
N GLU D 56 -1.09 -11.36 17.10
CA GLU D 56 -2.52 -11.51 16.90
C GLU D 56 -3.17 -10.14 16.93
N ASN D 57 -2.61 -9.23 17.72
CA ASN D 57 -3.12 -7.87 17.82
C ASN D 57 -3.04 -7.20 16.46
N LEU D 58 -2.00 -7.55 15.70
CA LEU D 58 -1.80 -7.02 14.37
C LEU D 58 -2.89 -7.56 13.46
N ARG D 59 -3.18 -8.84 13.62
CA ARG D 59 -4.22 -9.49 12.83
C ARG D 59 -5.57 -8.87 13.13
N ARG D 60 -5.85 -8.67 14.40
CA ARG D 60 -7.10 -8.06 14.84
C ARG D 60 -7.15 -6.61 14.38
N HIS D 61 -6.01 -5.94 14.41
CA HIS D 61 -5.90 -4.56 13.97
C HIS D 61 -6.17 -4.49 12.47
N ALA D 62 -5.58 -5.41 11.73
CA ALA D 62 -5.77 -5.48 10.30
C ALA D 62 -7.23 -5.78 10.00
N ASN D 63 -7.80 -6.68 10.78
CA ASN D 63 -9.19 -7.05 10.64
C ASN D 63 -10.08 -5.85 10.98
N LYS D 64 -9.62 -5.04 11.93
CA LYS D 64 -10.35 -3.85 12.32
C LYS D 64 -10.43 -2.89 11.14
N LEU D 65 -9.36 -2.86 10.36
CA LEU D 65 -9.30 -2.01 9.17
C LEU D 65 -10.22 -2.59 8.10
N LEU D 66 -10.23 -3.91 7.99
CA LEU D 66 -11.10 -4.58 7.03
C LEU D 66 -12.55 -4.29 7.38
N SER D 67 -12.83 -4.26 8.68
CA SER D 67 -14.15 -3.97 9.20
C SER D 67 -14.47 -2.50 8.98
N LEU D 68 -13.48 -1.66 9.24
CA LEU D 68 -13.60 -0.21 9.06
C LEU D 68 -13.91 0.12 7.61
N LYS D 69 -13.29 -0.61 6.70
CA LYS D 69 -13.51 -0.42 5.27
C LYS D 69 -14.98 -0.64 4.95
N LYS D 70 -15.54 -1.68 5.55
CA LYS D 70 -16.94 -2.01 5.38
C LYS D 70 -17.81 -0.94 6.01
N ARG D 71 -17.37 -0.47 7.18
CA ARG D 71 -18.09 0.56 7.92
C ARG D 71 -18.20 1.84 7.08
N ALA D 72 -17.12 2.19 6.40
CA ALA D 72 -17.11 3.38 5.55
C ALA D 72 -17.90 3.12 4.27
N TYR D 73 -17.84 1.89 3.78
CA TYR D 73 -18.55 1.50 2.57
C TYR D 73 -20.06 1.62 2.77
N GLU D 74 -20.51 1.29 3.97
CA GLU D 74 -21.92 1.35 4.32
C GLU D 74 -22.39 2.78 4.59
N LEU D 75 -21.43 3.68 4.79
CA LEU D 75 -21.74 5.08 5.06
C LEU D 75 -22.41 5.74 3.86
N PRO D 76 -23.59 6.33 4.06
CA PRO D 76 -24.34 7.00 3.01
C PRO D 76 -23.68 8.32 2.62
N ASP A 6 9.23 -7.90 -30.68
CA ASP A 6 8.08 -7.00 -30.73
C ASP A 6 7.17 -7.24 -29.54
N ASP A 7 7.33 -8.41 -28.92
CA ASP A 7 6.51 -8.78 -27.75
C ASP A 7 6.71 -7.77 -26.62
N SER A 8 7.91 -7.20 -26.57
CA SER A 8 8.24 -6.19 -25.57
C SER A 8 9.23 -5.19 -26.16
N ALA A 9 9.32 -4.01 -25.57
CA ALA A 9 10.24 -2.99 -26.05
C ALA A 9 11.67 -3.40 -25.70
N ALA A 10 11.79 -4.08 -24.56
CA ALA A 10 13.06 -4.58 -24.06
C ALA A 10 12.79 -5.30 -22.75
N GLU A 11 12.34 -4.54 -21.78
CA GLU A 11 12.01 -5.06 -20.46
C GLU A 11 10.53 -4.84 -20.18
N TRP A 12 10.19 -4.95 -18.90
CA TRP A 12 8.82 -4.75 -18.42
C TRP A 12 7.83 -5.58 -19.21
N ASN A 13 7.90 -6.89 -19.04
CA ASN A 13 7.02 -7.80 -19.73
C ASN A 13 6.08 -8.46 -18.75
N VAL A 14 4.83 -8.58 -19.14
CA VAL A 14 3.83 -9.24 -18.33
C VAL A 14 2.90 -10.00 -19.25
N SER A 15 2.72 -11.28 -18.97
CA SER A 15 1.86 -12.12 -19.78
C SER A 15 1.41 -13.34 -18.99
N ARG A 16 0.56 -14.14 -19.62
CA ARG A 16 0.06 -15.36 -19.00
C ARG A 16 0.97 -16.52 -19.37
N THR A 17 1.60 -17.13 -18.39
CA THR A 17 2.51 -18.24 -18.64
C THR A 17 1.83 -19.57 -18.37
N PRO A 18 2.05 -20.56 -19.23
CA PRO A 18 1.49 -21.90 -19.06
C PRO A 18 2.11 -22.60 -17.86
N ASP A 19 3.28 -22.12 -17.44
CA ASP A 19 4.02 -22.71 -16.34
C ASP A 19 3.90 -21.91 -15.04
N GLY A 20 3.33 -20.72 -15.11
CA GLY A 20 3.21 -19.92 -13.90
C GLY A 20 1.97 -19.05 -13.85
N ASP A 21 1.11 -19.16 -14.87
CA ASP A 21 -0.15 -18.41 -14.97
C ASP A 21 0.10 -16.98 -15.36
N TYR A 22 0.91 -16.31 -14.58
CA TYR A 22 1.26 -14.93 -14.86
C TYR A 22 2.74 -14.74 -14.71
N ARG A 23 3.35 -14.10 -15.68
CA ARG A 23 4.77 -13.85 -15.65
C ARG A 23 5.04 -12.37 -15.80
N LEU A 24 5.77 -11.81 -14.86
CA LEU A 24 6.11 -10.40 -14.91
C LEU A 24 7.63 -10.23 -14.80
N ALA A 25 8.20 -9.43 -15.69
CA ALA A 25 9.63 -9.17 -15.73
C ALA A 25 9.91 -7.69 -15.93
N ILE A 26 10.05 -6.93 -14.86
CA ILE A 26 10.30 -5.50 -14.98
C ILE A 26 11.76 -5.16 -14.68
N THR A 27 12.09 -3.89 -14.84
CA THR A 27 13.45 -3.40 -14.60
C THR A 27 13.41 -2.06 -13.88
N CYS A 28 14.49 -1.71 -13.19
CA CYS A 28 14.58 -0.45 -12.48
C CYS A 28 16.05 -0.03 -12.36
N PRO A 29 16.33 1.27 -12.59
CA PRO A 29 17.69 1.81 -12.48
C PRO A 29 18.06 2.12 -11.03
N ASN A 30 17.21 1.67 -10.10
CA ASN A 30 17.45 1.87 -8.68
C ASN A 30 16.90 0.70 -7.89
N LYS A 31 17.65 0.30 -6.88
CA LYS A 31 17.26 -0.82 -6.02
C LYS A 31 16.06 -0.43 -5.16
N GLU A 32 15.97 0.86 -4.83
CA GLU A 32 14.89 1.36 -4.00
C GLU A 32 13.56 1.27 -4.74
N TRP A 33 13.63 1.35 -6.06
CA TRP A 33 12.44 1.26 -6.88
C TRP A 33 11.86 -0.14 -6.83
N LEU A 34 12.73 -1.13 -6.94
CA LEU A 34 12.30 -2.52 -6.88
C LEU A 34 11.77 -2.82 -5.50
N LEU A 35 12.48 -2.31 -4.49
CA LEU A 35 12.11 -2.51 -3.10
C LEU A 35 10.70 -2.00 -2.83
N GLN A 36 10.41 -0.81 -3.34
CA GLN A 36 9.10 -0.21 -3.14
C GLN A 36 8.04 -0.99 -3.90
N SER A 37 8.42 -1.50 -5.06
CA SER A 37 7.53 -2.28 -5.89
C SER A 37 7.17 -3.57 -5.17
N ILE A 38 8.18 -4.27 -4.66
CA ILE A 38 7.96 -5.52 -3.94
C ILE A 38 7.10 -5.28 -2.70
N GLU A 39 7.40 -4.22 -1.96
CA GLU A 39 6.64 -3.86 -0.77
C GLU A 39 5.18 -3.62 -1.11
N GLY A 40 4.95 -3.02 -2.27
CA GLY A 40 3.59 -2.73 -2.70
C GLY A 40 2.77 -3.99 -2.89
N MET A 41 3.32 -4.95 -3.60
CA MET A 41 2.61 -6.20 -3.85
C MET A 41 2.43 -7.00 -2.57
N ILE A 42 3.44 -6.99 -1.70
CA ILE A 42 3.33 -7.71 -0.42
C ILE A 42 2.20 -7.12 0.42
N LYS A 43 2.02 -5.81 0.34
CA LYS A 43 0.97 -5.13 1.10
C LYS A 43 -0.42 -5.64 0.73
N GLU A 44 -0.73 -5.65 -0.56
CA GLU A 44 -2.03 -6.10 -1.03
C GLU A 44 -2.18 -7.61 -0.86
N ALA A 45 -1.09 -8.32 -1.09
CA ALA A 45 -1.07 -9.78 -0.95
C ALA A 45 -1.41 -10.20 0.47
N ALA A 46 -0.94 -9.40 1.42
CA ALA A 46 -1.18 -9.64 2.81
C ALA A 46 -2.67 -9.62 3.10
N ALA A 47 -3.37 -8.72 2.41
CA ALA A 47 -4.82 -8.60 2.56
C ALA A 47 -5.50 -9.92 2.18
N GLU A 48 -4.95 -10.59 1.17
CA GLU A 48 -5.49 -11.87 0.72
C GLU A 48 -5.20 -12.92 1.77
N VAL A 49 -4.00 -12.85 2.33
CA VAL A 49 -3.60 -13.79 3.37
C VAL A 49 -4.50 -13.66 4.58
N LEU A 50 -4.89 -12.43 4.87
CA LEU A 50 -5.78 -12.14 5.97
C LEU A 50 -7.17 -12.73 5.69
N ARG A 51 -7.54 -12.74 4.41
CA ARG A 51 -8.83 -13.27 3.98
C ARG A 51 -8.81 -14.80 4.06
N ASN A 52 -7.63 -15.37 3.80
CA ASN A 52 -7.44 -16.81 3.82
C ASN A 52 -6.20 -17.17 4.62
N PRO A 53 -6.28 -17.02 5.95
CA PRO A 53 -5.15 -17.33 6.85
C PRO A 53 -4.69 -18.77 6.74
N ASN A 54 -5.62 -19.63 6.37
CA ASN A 54 -5.33 -21.06 6.23
C ASN A 54 -4.69 -21.37 4.87
N GLN A 55 -4.48 -20.34 4.05
CA GLN A 55 -3.89 -20.53 2.74
C GLN A 55 -2.36 -20.51 2.86
N GLU A 56 -1.75 -21.69 2.91
CA GLU A 56 -0.31 -21.80 3.02
C GLU A 56 0.40 -21.13 1.86
N ASN A 57 -0.08 -21.39 0.65
CA ASN A 57 0.49 -20.81 -0.55
C ASN A 57 0.45 -19.29 -0.51
N LEU A 58 -0.61 -18.74 0.05
CA LEU A 58 -0.75 -17.30 0.17
C LEU A 58 0.27 -16.75 1.15
N ARG A 59 0.44 -17.45 2.25
CA ARG A 59 1.40 -17.03 3.27
C ARG A 59 2.82 -17.19 2.75
N ARG A 60 3.06 -18.28 2.05
CA ARG A 60 4.37 -18.55 1.48
C ARG A 60 4.66 -17.56 0.37
N HIS A 61 3.63 -17.17 -0.36
CA HIS A 61 3.74 -16.21 -1.43
C HIS A 61 4.12 -14.84 -0.86
N ALA A 62 3.42 -14.45 0.19
CA ALA A 62 3.68 -13.19 0.86
C ALA A 62 5.07 -13.22 1.46
N ASN A 63 5.45 -14.37 1.99
CA ASN A 63 6.77 -14.55 2.57
C ASN A 63 7.83 -14.43 1.50
N LYS A 64 7.50 -14.87 0.28
CA LYS A 64 8.43 -14.80 -0.83
C LYS A 64 8.70 -13.34 -1.16
N LEU A 65 7.66 -12.52 -1.00
CA LEU A 65 7.77 -11.10 -1.24
C LEU A 65 8.63 -10.45 -0.16
N LEU A 66 8.43 -10.90 1.08
CA LEU A 66 9.20 -10.39 2.21
C LEU A 66 10.67 -10.70 2.01
N SER A 67 10.93 -11.90 1.52
CA SER A 67 12.28 -12.36 1.25
C SER A 67 12.88 -11.57 0.10
N LEU A 68 12.08 -11.40 -0.94
CA LEU A 68 12.48 -10.65 -2.12
C LEU A 68 12.78 -9.21 -1.76
N LYS A 69 11.92 -8.63 -0.92
CA LYS A 69 12.09 -7.25 -0.47
C LYS A 69 13.41 -7.14 0.31
N LYS A 70 13.71 -8.19 1.06
CA LYS A 70 14.94 -8.25 1.83
C LYS A 70 16.11 -8.36 0.87
N ARG A 71 15.96 -9.22 -0.13
CA ARG A 71 16.98 -9.42 -1.14
C ARG A 71 17.27 -8.12 -1.88
N ALA A 72 16.22 -7.37 -2.17
CA ALA A 72 16.34 -6.09 -2.86
C ALA A 72 17.06 -5.08 -1.96
N TYR A 73 16.83 -5.18 -0.66
CA TYR A 73 17.47 -4.31 0.31
C TYR A 73 18.98 -4.52 0.30
N GLU A 74 19.37 -5.78 0.10
CA GLU A 74 20.77 -6.17 0.07
C GLU A 74 21.32 -6.13 -1.36
N LEU A 75 20.46 -5.77 -2.32
CA LEU A 75 20.84 -5.69 -3.74
C LEU A 75 21.89 -4.62 -4.06
N PRO A 76 21.80 -3.39 -3.47
CA PRO A 76 22.78 -2.32 -3.73
C PRO A 76 24.23 -2.77 -3.55
N ASP B 6 21.62 -18.50 -14.85
CA ASP B 6 20.79 -18.75 -13.67
C ASP B 6 19.43 -18.14 -13.91
N ASP B 7 19.42 -16.81 -14.07
CA ASP B 7 18.21 -16.04 -14.35
C ASP B 7 17.06 -16.42 -13.42
N SER B 8 15.84 -16.37 -13.94
CA SER B 8 14.66 -16.73 -13.18
C SER B 8 14.03 -17.97 -13.78
N ALA B 9 14.32 -19.12 -13.20
CA ALA B 9 13.81 -20.39 -13.67
C ALA B 9 12.32 -20.53 -13.39
N ALA B 10 11.86 -19.93 -12.30
CA ALA B 10 10.47 -20.00 -11.93
C ALA B 10 10.13 -19.01 -10.85
N GLU B 11 9.28 -18.08 -11.22
CA GLU B 11 8.73 -17.10 -10.30
C GLU B 11 9.73 -16.09 -9.76
N TRP B 12 9.17 -15.28 -8.87
CA TRP B 12 9.82 -14.22 -8.11
C TRP B 12 11.34 -14.28 -8.08
N ASN B 13 11.94 -13.25 -8.65
CA ASN B 13 13.37 -13.15 -8.70
C ASN B 13 13.79 -11.70 -8.87
N VAL B 14 14.84 -11.28 -8.18
CA VAL B 14 15.34 -9.93 -8.34
C VAL B 14 16.87 -9.98 -8.38
N SER B 15 17.45 -9.40 -9.42
CA SER B 15 18.89 -9.42 -9.56
C SER B 15 19.37 -8.41 -10.60
N ARG B 16 20.66 -8.42 -10.87
CA ARG B 16 21.26 -7.53 -11.84
C ARG B 16 21.30 -8.20 -13.20
N THR B 17 20.92 -7.46 -14.23
CA THR B 17 20.90 -7.98 -15.58
C THR B 17 22.25 -7.78 -16.27
N PRO B 18 22.55 -8.62 -17.26
CA PRO B 18 23.79 -8.56 -18.03
C PRO B 18 23.82 -7.30 -18.88
N ASP B 19 22.64 -6.71 -19.05
CA ASP B 19 22.48 -5.50 -19.85
C ASP B 19 22.84 -4.28 -19.02
N GLY B 20 23.02 -4.49 -17.73
CA GLY B 20 23.38 -3.40 -16.85
C GLY B 20 22.19 -2.77 -16.16
N ASP B 21 21.20 -3.58 -15.83
CA ASP B 21 20.00 -3.08 -15.17
C ASP B 21 19.60 -4.00 -14.02
N TYR B 22 18.50 -3.67 -13.35
CA TYR B 22 18.00 -4.52 -12.28
C TYR B 22 16.73 -5.19 -12.77
N ARG B 23 16.62 -6.48 -12.54
CA ARG B 23 15.46 -7.23 -12.99
C ARG B 23 14.66 -7.78 -11.84
N LEU B 24 13.36 -7.53 -11.89
CA LEU B 24 12.44 -8.04 -10.90
C LEU B 24 11.37 -8.89 -11.59
N ALA B 25 11.34 -10.16 -11.25
CA ALA B 25 10.40 -11.12 -11.82
C ALA B 25 9.44 -11.58 -10.75
N ILE B 26 8.19 -11.73 -11.13
CA ILE B 26 7.17 -12.18 -10.19
C ILE B 26 6.15 -13.09 -10.87
N THR B 27 5.30 -13.72 -10.06
CA THR B 27 4.28 -14.63 -10.57
C THR B 27 3.04 -14.62 -9.68
N CYS B 28 1.90 -14.96 -10.26
CA CYS B 28 0.65 -15.04 -9.53
C CYS B 28 -0.35 -15.86 -10.32
N PRO B 29 -0.97 -16.86 -9.68
CA PRO B 29 -1.96 -17.71 -10.31
C PRO B 29 -3.37 -17.15 -10.16
N ASN B 30 -3.44 -15.83 -10.00
CA ASN B 30 -4.71 -15.15 -9.84
C ASN B 30 -4.69 -13.81 -10.52
N LYS B 31 -5.78 -13.48 -11.19
CA LYS B 31 -5.89 -12.21 -11.89
C LYS B 31 -6.00 -11.07 -10.89
N GLU B 32 -6.61 -11.37 -9.74
CA GLU B 32 -6.81 -10.39 -8.70
C GLU B 32 -5.49 -10.06 -8.01
N TRP B 33 -4.67 -11.08 -7.85
CA TRP B 33 -3.38 -10.92 -7.20
C TRP B 33 -2.50 -9.97 -8.00
N LEU B 34 -2.48 -10.16 -9.31
CA LEU B 34 -1.68 -9.30 -10.18
C LEU B 34 -2.23 -7.89 -10.15
N LEU B 35 -3.55 -7.79 -10.23
CA LEU B 35 -4.24 -6.50 -10.21
C LEU B 35 -3.89 -5.75 -8.94
N GLN B 36 -3.91 -6.46 -7.83
CA GLN B 36 -3.60 -5.86 -6.53
C GLN B 36 -2.11 -5.55 -6.42
N SER B 37 -1.28 -6.45 -6.92
CA SER B 37 0.17 -6.28 -6.88
C SER B 37 0.59 -5.00 -7.59
N ILE B 38 0.07 -4.79 -8.79
CA ILE B 38 0.41 -3.61 -9.56
C ILE B 38 -0.09 -2.36 -8.84
N GLU B 39 -1.31 -2.44 -8.32
CA GLU B 39 -1.90 -1.33 -7.59
C GLU B 39 -1.03 -0.99 -6.38
N GLY B 40 -0.58 -2.04 -5.71
CA GLY B 40 0.26 -1.87 -4.55
C GLY B 40 1.59 -1.22 -4.90
N MET B 41 2.26 -1.77 -5.91
CA MET B 41 3.55 -1.25 -6.33
C MET B 41 3.42 0.18 -6.86
N ILE B 42 2.36 0.48 -7.61
CA ILE B 42 2.14 1.82 -8.10
C ILE B 42 1.91 2.79 -6.94
N LYS B 43 1.23 2.30 -5.90
CA LYS B 43 0.93 3.11 -4.72
C LYS B 43 2.21 3.55 -4.01
N GLU B 44 3.11 2.60 -3.76
CA GLU B 44 4.37 2.91 -3.10
C GLU B 44 5.24 3.78 -3.99
N ALA B 45 5.22 3.47 -5.29
CA ALA B 45 5.98 4.24 -6.26
C ALA B 45 5.48 5.67 -6.32
N ALA B 46 4.16 5.83 -6.20
CA ALA B 46 3.53 7.14 -6.20
C ALA B 46 4.06 7.98 -5.05
N ALA B 47 4.29 7.34 -3.92
CA ALA B 47 4.82 8.02 -2.75
C ALA B 47 6.21 8.59 -3.05
N GLU B 48 6.96 7.89 -3.88
CA GLU B 48 8.28 8.33 -4.25
C GLU B 48 8.16 9.51 -5.20
N VAL B 49 7.19 9.43 -6.10
CA VAL B 49 6.95 10.52 -7.06
C VAL B 49 6.50 11.77 -6.31
N LEU B 50 5.72 11.56 -5.26
CA LEU B 50 5.24 12.67 -4.43
C LEU B 50 6.44 13.31 -3.71
N ARG B 51 7.42 12.49 -3.38
CA ARG B 51 8.63 12.93 -2.71
C ARG B 51 9.55 13.65 -3.69
N ASN B 52 9.52 13.19 -4.93
CA ASN B 52 10.35 13.73 -5.99
C ASN B 52 9.50 14.06 -7.21
N PRO B 53 8.67 15.11 -7.11
CA PRO B 53 7.77 15.54 -8.19
C PRO B 53 8.51 15.88 -9.48
N ASN B 54 9.74 16.35 -9.34
CA ASN B 54 10.55 16.72 -10.49
C ASN B 54 11.24 15.51 -11.12
N GLN B 55 11.06 14.34 -10.52
CA GLN B 55 11.67 13.12 -11.04
C GLN B 55 10.85 12.59 -12.20
N GLU B 56 11.28 12.96 -13.41
CA GLU B 56 10.61 12.52 -14.63
C GLU B 56 10.59 11.00 -14.74
N ASN B 57 11.71 10.37 -14.40
CA ASN B 57 11.82 8.91 -14.46
C ASN B 57 10.86 8.25 -13.49
N LEU B 58 10.65 8.87 -12.34
CA LEU B 58 9.72 8.32 -11.35
C LEU B 58 8.31 8.36 -11.90
N ARG B 59 7.98 9.45 -12.58
CA ARG B 59 6.66 9.61 -13.16
C ARG B 59 6.48 8.60 -14.30
N ARG B 60 7.54 8.40 -15.07
CA ARG B 60 7.52 7.45 -16.17
C ARG B 60 7.41 6.04 -15.62
N HIS B 61 8.11 5.78 -14.52
CA HIS B 61 8.07 4.49 -13.86
C HIS B 61 6.68 4.22 -13.33
N ALA B 62 6.11 5.22 -12.67
CA ALA B 62 4.77 5.12 -12.13
C ALA B 62 3.79 4.89 -13.26
N ASN B 63 4.01 5.61 -14.36
CA ASN B 63 3.18 5.48 -15.55
C ASN B 63 3.31 4.09 -16.13
N LYS B 64 4.49 3.51 -16.02
CA LYS B 64 4.72 2.16 -16.52
C LYS B 64 3.89 1.16 -15.73
N LEU B 65 3.74 1.43 -14.44
CA LEU B 65 2.95 0.58 -13.56
C LEU B 65 1.47 0.76 -13.90
N LEU B 66 1.09 2.01 -14.21
CA LEU B 66 -0.27 2.32 -14.59
C LEU B 66 -0.63 1.55 -15.86
N SER B 67 0.31 1.51 -16.78
CA SER B 67 0.13 0.80 -18.04
C SER B 67 0.14 -0.71 -17.79
N LEU B 68 1.02 -1.13 -16.89
CA LEU B 68 1.14 -2.54 -16.53
C LEU B 68 -0.18 -3.05 -15.98
N LYS B 69 -0.83 -2.23 -15.18
CA LYS B 69 -2.12 -2.56 -14.61
C LYS B 69 -3.14 -2.81 -15.70
N LYS B 70 -3.09 -1.97 -16.73
CA LYS B 70 -3.99 -2.10 -17.86
C LYS B 70 -3.67 -3.35 -18.64
N ARG B 71 -2.39 -3.60 -18.82
CA ARG B 71 -1.93 -4.79 -19.54
C ARG B 71 -2.41 -6.04 -18.84
N ALA B 72 -2.32 -6.04 -17.51
CA ALA B 72 -2.75 -7.18 -16.71
C ALA B 72 -4.27 -7.32 -16.76
N TYR B 73 -4.95 -6.18 -16.85
CA TYR B 73 -6.41 -6.15 -16.92
C TYR B 73 -6.90 -6.83 -18.20
N GLU B 74 -6.17 -6.60 -19.28
CA GLU B 74 -6.52 -7.16 -20.59
C GLU B 74 -5.95 -8.57 -20.77
N LEU B 75 -5.21 -9.04 -19.78
CA LEU B 75 -4.60 -10.37 -19.87
C LEU B 75 -5.64 -11.50 -19.81
N PRO B 76 -6.55 -11.54 -18.80
CA PRO B 76 -7.57 -12.60 -18.70
C PRO B 76 -8.48 -12.64 -19.91
N ASP C 6 -22.66 4.84 21.52
CA ASP C 6 -22.63 3.87 20.43
C ASP C 6 -21.73 4.38 19.31
N ASP C 7 -21.77 5.69 19.10
CA ASP C 7 -20.96 6.33 18.09
C ASP C 7 -19.51 6.43 18.55
N SER C 8 -19.19 7.49 19.28
CA SER C 8 -17.85 7.69 19.79
C SER C 8 -17.66 6.99 21.13
N ALA C 9 -17.63 5.66 21.09
CA ALA C 9 -17.45 4.87 22.30
C ALA C 9 -16.10 5.19 22.94
N ALA C 10 -15.08 5.29 22.08
CA ALA C 10 -13.73 5.61 22.51
C ALA C 10 -12.85 5.82 21.29
N GLU C 11 -12.83 4.81 20.42
CA GLU C 11 -12.04 4.85 19.21
C GLU C 11 -12.80 4.24 18.04
N TRP C 12 -12.08 4.10 16.92
CA TRP C 12 -12.59 3.52 15.68
C TRP C 12 -13.99 4.01 15.33
N ASN C 13 -14.05 5.17 14.69
CA ASN C 13 -15.31 5.77 14.31
C ASN C 13 -15.19 6.56 13.02
N VAL C 14 -16.23 6.52 12.23
CA VAL C 14 -16.28 7.27 10.99
C VAL C 14 -17.68 7.87 10.84
N SER C 15 -17.74 9.18 10.61
CA SER C 15 -19.00 9.86 10.48
C SER C 15 -18.90 11.00 9.49
N ARG C 16 -20.04 11.56 9.13
CA ARG C 16 -20.09 12.67 8.19
C ARG C 16 -20.16 13.98 8.97
N THR C 17 -19.12 14.79 8.85
CA THR C 17 -19.08 16.04 9.57
C THR C 17 -19.46 17.21 8.68
N PRO C 18 -20.26 18.13 9.20
CA PRO C 18 -20.67 19.32 8.46
C PRO C 18 -19.50 20.27 8.25
N ASP C 19 -18.46 20.11 9.06
CA ASP C 19 -17.28 20.95 9.02
C ASP C 19 -16.09 20.28 8.35
N GLY C 20 -16.19 18.97 8.12
CA GLY C 20 -15.08 18.27 7.52
C GLY C 20 -15.47 17.17 6.56
N ASP C 21 -16.76 17.07 6.25
CA ASP C 21 -17.29 16.07 5.31
C ASP C 21 -17.30 14.70 5.94
N TYR C 22 -16.15 14.09 6.05
CA TYR C 22 -16.04 12.78 6.66
C TYR C 22 -14.98 12.82 7.74
N ARG C 23 -15.32 12.29 8.90
CA ARG C 23 -14.41 12.24 10.01
C ARG C 23 -14.11 10.79 10.37
N LEU C 24 -12.83 10.46 10.42
CA LEU C 24 -12.42 9.12 10.76
C LEU C 24 -11.49 9.13 11.97
N ALA C 25 -11.81 8.30 12.95
CA ALA C 25 -11.03 8.21 14.17
C ALA C 25 -10.66 6.75 14.42
N ILE C 26 -9.38 6.47 14.59
CA ILE C 26 -8.93 5.10 14.84
C ILE C 26 -7.85 5.09 15.91
N THR C 27 -7.46 3.90 16.35
CA THR C 27 -6.43 3.76 17.39
C THR C 27 -5.48 2.61 17.07
N CYS C 28 -4.30 2.65 17.66
CA CYS C 28 -3.30 1.61 17.49
C CYS C 28 -2.46 1.51 18.76
N PRO C 29 -2.29 0.30 19.30
CA PRO C 29 -1.50 0.07 20.51
C PRO C 29 0.00 0.02 20.24
N ASN C 30 0.40 0.46 19.06
CA ASN C 30 1.81 0.48 18.69
C ASN C 30 2.13 1.76 17.97
N LYS C 31 3.28 2.33 18.29
CA LYS C 31 3.72 3.58 17.68
C LYS C 31 4.05 3.38 16.21
N GLU C 32 4.53 2.19 15.88
CA GLU C 32 4.91 1.85 14.52
C GLU C 32 3.68 1.69 13.63
N TRP C 33 2.60 1.19 14.24
CA TRP C 33 1.37 0.96 13.51
C TRP C 33 0.81 2.27 12.97
N LEU C 34 0.88 3.30 13.79
CA LEU C 34 0.37 4.61 13.41
C LEU C 34 1.15 5.15 12.22
N LEU C 35 2.48 5.05 12.29
CA LEU C 35 3.34 5.52 11.22
C LEU C 35 3.04 4.76 9.92
N GLN C 36 2.85 3.46 10.05
CA GLN C 36 2.55 2.61 8.91
C GLN C 36 1.17 2.93 8.33
N SER C 37 0.23 3.23 9.22
CA SER C 37 -1.12 3.57 8.82
C SER C 37 -1.12 4.84 7.98
N ILE C 38 -0.44 5.86 8.47
CA ILE C 38 -0.35 7.14 7.77
C ILE C 38 0.33 6.94 6.41
N GLU C 39 1.41 6.18 6.41
CA GLU C 39 2.16 5.89 5.20
C GLU C 39 1.26 5.21 4.19
N GLY C 40 0.39 4.32 4.68
CA GLY C 40 -0.52 3.60 3.82
C GLY C 40 -1.46 4.52 3.08
N MET C 41 -2.11 5.43 3.80
CA MET C 41 -3.05 6.37 3.18
C MET C 41 -2.31 7.32 2.24
N ILE C 42 -1.15 7.81 2.66
CA ILE C 42 -0.36 8.70 1.83
C ILE C 42 0.01 8.02 0.51
N LYS C 43 0.28 6.72 0.57
CA LYS C 43 0.64 5.96 -0.63
C LYS C 43 -0.51 5.94 -1.63
N GLU C 44 -1.68 5.59 -1.15
CA GLU C 44 -2.87 5.54 -1.99
C GLU C 44 -3.24 6.93 -2.47
N ALA C 45 -3.14 7.90 -1.58
CA ALA C 45 -3.45 9.29 -1.90
C ALA C 45 -2.51 9.81 -2.98
N ALA C 46 -1.23 9.50 -2.85
CA ALA C 46 -0.23 9.94 -3.82
C ALA C 46 -0.56 9.37 -5.20
N ALA C 47 -1.04 8.13 -5.22
CA ALA C 47 -1.41 7.48 -6.47
C ALA C 47 -2.56 8.22 -7.12
N GLU C 48 -3.47 8.75 -6.30
CA GLU C 48 -4.61 9.50 -6.80
C GLU C 48 -4.13 10.82 -7.37
N VAL C 49 -3.15 11.43 -6.71
CA VAL C 49 -2.58 12.69 -7.18
C VAL C 49 -1.99 12.50 -8.58
N LEU C 50 -1.40 11.32 -8.80
CA LEU C 50 -0.84 11.00 -10.10
C LEU C 50 -1.95 10.93 -11.16
N ARG C 51 -3.13 10.50 -10.73
CA ARG C 51 -4.28 10.39 -11.61
C ARG C 51 -4.87 11.76 -11.87
N ASN C 52 -4.76 12.64 -10.89
CA ASN C 52 -5.28 14.01 -10.98
C ASN C 52 -4.27 15.00 -10.43
N PRO C 53 -3.19 15.28 -11.17
CA PRO C 53 -2.12 16.20 -10.76
C PRO C 53 -2.64 17.61 -10.50
N ASN C 54 -3.68 17.99 -11.23
CA ASN C 54 -4.26 19.33 -11.09
C ASN C 54 -5.19 19.40 -9.89
N GLN C 55 -5.41 18.27 -9.23
CA GLN C 55 -6.29 18.22 -8.07
C GLN C 55 -5.58 18.83 -6.85
N GLU C 56 -5.84 20.10 -6.59
CA GLU C 56 -5.23 20.79 -5.46
C GLU C 56 -5.60 20.11 -4.15
N ASN C 57 -6.88 19.81 -4.01
CA ASN C 57 -7.39 19.15 -2.81
C ASN C 57 -6.67 17.83 -2.56
N LEU C 58 -6.33 17.14 -3.64
CA LEU C 58 -5.64 15.87 -3.53
C LEU C 58 -4.22 16.09 -3.01
N ARG C 59 -3.57 17.11 -3.55
CA ARG C 59 -2.21 17.44 -3.16
C ARG C 59 -2.20 17.94 -1.72
N ARG C 60 -3.20 18.76 -1.39
CA ARG C 60 -3.34 19.29 -0.05
C ARG C 60 -3.64 18.17 0.93
N HIS C 61 -4.45 17.22 0.48
CA HIS C 61 -4.80 16.07 1.30
C HIS C 61 -3.57 15.22 1.55
N ALA C 62 -2.80 14.99 0.48
CA ALA C 62 -1.58 14.22 0.59
C ALA C 62 -0.62 14.95 1.52
N ASN C 63 -0.61 16.27 1.41
CA ASN C 63 0.21 17.12 2.25
C ASN C 63 -0.22 16.99 3.70
N LYS C 64 -1.52 16.87 3.92
CA LYS C 64 -2.05 16.72 5.26
C LYS C 64 -1.57 15.40 5.86
N LEU C 65 -1.42 14.40 4.99
CA LEU C 65 -0.92 13.08 5.39
C LEU C 65 0.56 13.18 5.73
N LEU C 66 1.28 13.96 4.93
CA LEU C 66 2.71 14.17 5.13
C LEU C 66 2.94 14.84 6.48
N SER C 67 2.06 15.80 6.78
CA SER C 67 2.10 16.54 8.03
C SER C 67 1.78 15.61 9.19
N LEU C 68 0.77 14.78 8.98
CA LEU C 68 0.32 13.82 9.97
C LEU C 68 1.44 12.85 10.35
N LYS C 69 2.18 12.39 9.35
CA LYS C 69 3.29 11.48 9.59
C LYS C 69 4.36 12.18 10.41
N LYS C 70 4.53 13.46 10.17
CA LYS C 70 5.51 14.26 10.89
C LYS C 70 5.11 14.36 12.36
N ARG C 71 3.83 14.61 12.59
CA ARG C 71 3.32 14.69 13.95
C ARG C 71 3.46 13.35 14.64
N ALA C 72 3.19 12.29 13.90
CA ALA C 72 3.31 10.93 14.41
C ALA C 72 4.75 10.61 14.75
N TYR C 73 5.67 11.19 13.98
CA TYR C 73 7.10 10.99 14.19
C TYR C 73 7.51 11.50 15.56
N GLU C 74 6.93 12.64 15.93
CA GLU C 74 7.21 13.27 17.23
C GLU C 74 6.39 12.67 18.36
N LEU C 75 5.54 11.69 18.04
CA LEU C 75 4.69 11.06 19.05
C LEU C 75 5.48 10.13 19.98
N PRO C 76 6.22 9.13 19.44
CA PRO C 76 6.99 8.19 20.25
C PRO C 76 8.34 8.77 20.68
N ASP D 6 -4.80 21.71 23.14
CA ASP D 6 -5.08 21.86 21.71
C ASP D 6 -6.54 21.47 21.45
N ASP D 7 -6.90 20.31 21.97
CA ASP D 7 -8.26 19.76 21.84
C ASP D 7 -8.57 19.34 20.41
N SER D 8 -9.71 18.69 20.24
CA SER D 8 -10.16 18.23 18.94
C SER D 8 -11.20 19.21 18.37
N ALA D 9 -10.71 20.20 17.64
CA ALA D 9 -11.58 21.22 17.07
C ALA D 9 -12.25 20.74 15.79
N ALA D 10 -11.45 20.19 14.87
CA ALA D 10 -11.94 19.71 13.61
C ALA D 10 -10.80 19.18 12.77
N GLU D 11 -11.06 18.04 12.18
CA GLU D 11 -10.14 17.38 11.27
C GLU D 11 -8.96 16.75 11.98
N TRP D 12 -8.09 16.23 11.13
CA TRP D 12 -6.81 15.59 11.48
C TRP D 12 -6.31 15.93 12.87
N ASN D 13 -6.30 14.93 13.73
CA ASN D 13 -5.85 15.07 15.11
C ASN D 13 -5.24 13.77 15.59
N VAL D 14 -4.16 13.83 16.34
CA VAL D 14 -3.54 12.63 16.86
C VAL D 14 -3.01 12.87 18.28
N SER D 15 -3.39 12.00 19.19
CA SER D 15 -2.98 12.11 20.57
C SER D 15 -2.89 10.74 21.23
N ARG D 16 -2.43 10.72 22.48
CA ARG D 16 -2.31 9.48 23.24
C ARG D 16 -3.58 9.24 24.05
N THR D 17 -4.30 8.16 23.72
CA THR D 17 -5.53 7.85 24.41
C THR D 17 -5.30 6.76 25.45
N PRO D 18 -5.86 6.92 26.64
CA PRO D 18 -5.73 5.95 27.72
C PRO D 18 -6.45 4.64 27.39
N ASP D 19 -7.38 4.72 26.46
CA ASP D 19 -8.18 3.56 26.08
C ASP D 19 -7.77 2.95 24.75
N GLY D 20 -6.87 3.61 24.03
CA GLY D 20 -6.46 3.09 22.74
C GLY D 20 -5.01 3.35 22.39
N ASP D 21 -4.27 3.92 23.34
CA ASP D 21 -2.84 4.21 23.18
C ASP D 21 -2.66 5.45 22.35
N TYR D 22 -2.86 5.32 21.06
CA TYR D 22 -2.76 6.46 20.16
C TYR D 22 -4.08 6.62 19.43
N ARG D 23 -4.60 7.84 19.41
CA ARG D 23 -5.85 8.12 18.74
C ARG D 23 -5.60 9.02 17.56
N LEU D 24 -6.06 8.60 16.39
CA LEU D 24 -5.87 9.39 15.19
C LEU D 24 -7.20 9.74 14.55
N ALA D 25 -7.35 11.01 14.22
CA ALA D 25 -8.53 11.54 13.58
C ALA D 25 -8.13 12.18 12.27
N ILE D 26 -8.89 11.92 11.23
CA ILE D 26 -8.62 12.53 9.94
C ILE D 26 -9.92 12.89 9.25
N THR D 27 -9.82 13.64 8.18
CA THR D 27 -10.99 14.08 7.43
C THR D 27 -10.75 13.96 5.93
N CYS D 28 -11.82 13.77 5.17
CA CYS D 28 -11.73 13.66 3.72
C CYS D 28 -13.06 14.06 3.09
N PRO D 29 -13.02 14.96 2.10
CA PRO D 29 -14.22 15.40 1.38
C PRO D 29 -14.60 14.44 0.27
N ASN D 30 -14.06 13.23 0.31
CA ASN D 30 -14.35 12.23 -0.71
C ASN D 30 -14.47 10.85 -0.09
N LYS D 31 -15.42 10.09 -0.60
CA LYS D 31 -15.67 8.73 -0.12
C LYS D 31 -14.51 7.82 -0.51
N GLU D 32 -13.92 8.11 -1.66
CA GLU D 32 -12.82 7.32 -2.19
C GLU D 32 -11.57 7.50 -1.36
N TRP D 33 -11.36 8.73 -0.90
CA TRP D 33 -10.19 9.06 -0.11
C TRP D 33 -10.20 8.28 1.20
N LEU D 34 -11.36 8.22 1.83
CA LEU D 34 -11.50 7.51 3.08
C LEU D 34 -11.29 6.02 2.86
N LEU D 35 -11.88 5.49 1.81
CA LEU D 35 -11.77 4.09 1.48
C LEU D 35 -10.32 3.70 1.20
N GLN D 36 -9.63 4.57 0.47
CA GLN D 36 -8.23 4.33 0.14
C GLN D 36 -7.36 4.45 1.39
N SER D 37 -7.73 5.36 2.28
CA SER D 37 -7.00 5.56 3.51
C SER D 37 -7.05 4.29 4.35
N ILE D 38 -8.24 3.73 4.48
CA ILE D 38 -8.43 2.50 5.23
C ILE D 38 -7.61 1.37 4.61
N GLU D 39 -7.64 1.30 3.29
CA GLU D 39 -6.91 0.28 2.54
C GLU D 39 -5.42 0.36 2.84
N GLY D 40 -4.91 1.57 2.95
CA GLY D 40 -3.51 1.77 3.23
C GLY D 40 -3.07 1.16 4.54
N MET D 41 -3.80 1.44 5.60
CA MET D 41 -3.46 0.91 6.91
C MET D 41 -3.72 -0.59 6.98
N ILE D 42 -4.84 -1.04 6.41
CA ILE D 42 -5.16 -2.45 6.40
C ILE D 42 -4.06 -3.26 5.70
N LYS D 43 -3.49 -2.69 4.65
CA LYS D 43 -2.44 -3.35 3.89
C LYS D 43 -1.21 -3.62 4.76
N GLU D 44 -0.73 -2.59 5.44
CA GLU D 44 0.44 -2.73 6.29
C GLU D 44 0.12 -3.60 7.49
N ALA D 45 -1.09 -3.42 8.03
CA ALA D 45 -1.55 -4.19 9.17
C ALA D 45 -1.61 -5.68 8.83
N ALA D 46 -2.17 -5.99 7.67
CA ALA D 46 -2.29 -7.37 7.23
C ALA D 46 -0.91 -8.02 7.11
N ALA D 47 0.05 -7.26 6.60
CA ALA D 47 1.42 -7.73 6.44
C ALA D 47 2.00 -8.08 7.81
N GLU D 48 1.66 -7.28 8.81
CA GLU D 48 2.12 -7.50 10.16
C GLU D 48 1.52 -8.78 10.71
N VAL D 49 0.24 -9.02 10.41
CA VAL D 49 -0.45 -10.22 10.86
C VAL D 49 0.22 -11.46 10.26
N LEU D 50 0.65 -11.34 9.01
CA LEU D 50 1.33 -12.43 8.35
C LEU D 50 2.69 -12.67 9.00
N ARG D 51 3.32 -11.60 9.46
CA ARG D 51 4.61 -11.68 10.11
C ARG D 51 4.46 -12.19 11.55
N ASN D 52 3.28 -11.99 12.10
CA ASN D 52 2.98 -12.43 13.46
C ASN D 52 1.62 -13.11 13.51
N PRO D 53 1.54 -14.34 12.99
CA PRO D 53 0.30 -15.13 12.95
C PRO D 53 -0.34 -15.34 14.31
N ASN D 54 0.49 -15.38 15.35
CA ASN D 54 0.03 -15.59 16.71
C ASN D 54 -0.52 -14.31 17.34
N GLN D 55 -0.38 -13.18 16.64
CA GLN D 55 -0.86 -11.91 17.17
C GLN D 55 -2.36 -11.77 16.99
N GLU D 56 -3.11 -11.96 18.08
CA GLU D 56 -4.56 -11.84 18.06
C GLU D 56 -4.96 -10.38 17.88
N ASN D 57 -4.24 -9.50 18.55
CA ASN D 57 -4.52 -8.06 18.47
C ASN D 57 -4.38 -7.56 17.06
N LEU D 58 -3.41 -8.11 16.34
CA LEU D 58 -3.18 -7.74 14.96
C LEU D 58 -4.34 -8.20 14.10
N ARG D 59 -4.83 -9.40 14.36
CA ARG D 59 -5.95 -9.96 13.62
C ARG D 59 -7.20 -9.12 13.84
N ARG D 60 -7.45 -8.79 15.10
CA ARG D 60 -8.62 -7.99 15.45
C ARG D 60 -8.47 -6.58 14.92
N HIS D 61 -7.24 -6.07 14.95
CA HIS D 61 -6.95 -4.75 14.44
C HIS D 61 -7.17 -4.70 12.94
N ALA D 62 -6.66 -5.71 12.25
CA ALA D 62 -6.83 -5.80 10.80
C ALA D 62 -8.31 -5.94 10.47
N ASN D 63 -8.99 -6.73 11.27
CA ASN D 63 -10.42 -6.94 11.12
C ASN D 63 -11.17 -5.65 11.38
N LYS D 64 -10.66 -4.83 12.30
CA LYS D 64 -11.28 -3.56 12.61
C LYS D 64 -11.20 -2.65 11.40
N LEU D 65 -10.10 -2.74 10.67
CA LEU D 65 -9.90 -1.95 9.47
C LEU D 65 -10.84 -2.45 8.38
N LEU D 66 -11.03 -3.76 8.33
CA LEU D 66 -11.93 -4.38 7.37
C LEU D 66 -13.35 -3.87 7.64
N SER D 67 -13.69 -3.83 8.93
CA SER D 67 -14.99 -3.35 9.36
C SER D 67 -15.14 -1.89 9.01
N LEU D 68 -14.06 -1.15 9.22
CA LEU D 68 -14.02 0.28 8.93
C LEU D 68 -14.25 0.54 7.45
N LYS D 69 -13.58 -0.26 6.61
CA LYS D 69 -13.72 -0.14 5.17
C LYS D 69 -15.17 -0.41 4.76
N LYS D 70 -15.77 -1.39 5.41
CA LYS D 70 -17.16 -1.74 5.14
C LYS D 70 -18.09 -0.65 5.61
N ARG D 71 -17.77 -0.07 6.77
CA ARG D 71 -18.56 1.00 7.34
C ARG D 71 -18.55 2.22 6.43
N ALA D 72 -17.37 2.52 5.87
CA ALA D 72 -17.22 3.66 4.97
C ALA D 72 -17.93 3.39 3.65
N TYR D 73 -17.87 2.14 3.19
CA TYR D 73 -18.50 1.74 1.93
C TYR D 73 -20.01 1.96 2.00
N GLU D 74 -20.60 1.64 3.14
CA GLU D 74 -22.03 1.78 3.33
C GLU D 74 -22.42 3.18 3.78
N LEU D 75 -21.44 4.07 3.91
CA LEU D 75 -21.71 5.45 4.33
C LEU D 75 -21.53 6.43 3.16
N PRO D 76 -22.59 6.67 2.38
CA PRO D 76 -22.55 7.58 1.24
C PRO D 76 -22.94 9.00 1.62
N ASP A 6 4.90 3.21 -21.88
CA ASP A 6 5.98 4.15 -21.63
C ASP A 6 7.05 3.99 -22.70
N ASP A 7 7.46 5.10 -23.30
CA ASP A 7 8.47 5.09 -24.34
C ASP A 7 9.81 4.58 -23.82
N SER A 8 10.40 3.64 -24.56
CA SER A 8 11.68 3.04 -24.19
C SER A 8 11.60 2.36 -22.83
N ALA A 9 10.63 1.46 -22.68
CA ALA A 9 10.45 0.73 -21.44
C ALA A 9 11.34 -0.51 -21.44
N ALA A 10 11.48 -1.10 -22.63
CA ALA A 10 12.30 -2.30 -22.86
C ALA A 10 11.68 -3.54 -22.22
N GLU A 11 11.52 -3.50 -20.92
CA GLU A 11 10.98 -4.61 -20.17
C GLU A 11 9.51 -4.38 -19.82
N TRP A 12 9.09 -4.87 -18.66
CA TRP A 12 7.73 -4.75 -18.18
C TRP A 12 6.80 -5.63 -18.99
N ASN A 13 7.10 -6.91 -18.97
CA ASN A 13 6.37 -7.91 -19.70
C ASN A 13 5.64 -8.83 -18.74
N VAL A 14 4.44 -9.25 -19.12
CA VAL A 14 3.67 -10.17 -18.32
C VAL A 14 2.96 -11.15 -19.25
N SER A 15 3.13 -12.44 -18.99
CA SER A 15 2.52 -13.47 -19.82
C SER A 15 2.31 -14.75 -19.03
N ARG A 16 1.89 -15.80 -19.71
CA ARG A 16 1.65 -17.09 -19.09
C ARG A 16 2.88 -17.98 -19.22
N THR A 17 3.17 -18.71 -18.16
CA THR A 17 4.31 -19.60 -18.13
C THR A 17 3.89 -21.03 -18.51
N PRO A 18 4.86 -21.85 -18.95
CA PRO A 18 4.61 -23.23 -19.34
C PRO A 18 4.14 -24.07 -18.16
N ASP A 19 4.40 -23.57 -16.97
CA ASP A 19 4.00 -24.24 -15.74
C ASP A 19 2.54 -23.93 -15.42
N GLY A 20 2.00 -22.97 -16.14
CA GLY A 20 0.62 -22.57 -15.94
C GLY A 20 0.51 -21.36 -15.03
N ASP A 21 1.63 -20.70 -14.83
CA ASP A 21 1.69 -19.52 -13.97
C ASP A 21 1.73 -18.27 -14.83
N TYR A 22 1.93 -17.12 -14.21
CA TYR A 22 2.05 -15.88 -14.96
C TYR A 22 3.42 -15.29 -14.67
N ARG A 23 4.15 -14.93 -15.71
CA ARG A 23 5.48 -14.40 -15.55
C ARG A 23 5.49 -12.89 -15.75
N LEU A 24 6.07 -12.19 -14.78
CA LEU A 24 6.17 -10.75 -14.86
C LEU A 24 7.64 -10.32 -14.80
N ALA A 25 8.07 -9.59 -15.81
CA ALA A 25 9.45 -9.12 -15.91
C ALA A 25 9.50 -7.61 -16.01
N ILE A 26 9.72 -6.93 -14.90
CA ILE A 26 9.77 -5.47 -14.91
C ILE A 26 11.17 -4.96 -14.54
N THR A 27 11.37 -3.66 -14.68
CA THR A 27 12.64 -3.03 -14.37
C THR A 27 12.47 -1.69 -13.68
N CYS A 28 13.46 -1.32 -12.88
CA CYS A 28 13.49 -0.05 -12.17
C CYS A 28 14.94 0.39 -12.02
N PRO A 29 15.27 1.64 -12.37
CA PRO A 29 16.64 2.14 -12.27
C PRO A 29 17.04 2.54 -10.85
N ASN A 30 16.21 2.19 -9.88
CA ASN A 30 16.50 2.51 -8.49
C ASN A 30 16.11 1.37 -7.58
N LYS A 31 16.98 1.07 -6.64
CA LYS A 31 16.74 0.01 -5.67
C LYS A 31 15.63 0.42 -4.72
N GLU A 32 15.53 1.72 -4.49
CA GLU A 32 14.51 2.26 -3.60
C GLU A 32 13.14 2.04 -4.20
N TRP A 33 13.05 2.27 -5.50
CA TRP A 33 11.80 2.09 -6.22
C TRP A 33 11.41 0.63 -6.22
N LEU A 34 12.40 -0.25 -6.37
CA LEU A 34 12.16 -1.68 -6.37
C LEU A 34 11.68 -2.14 -4.99
N LEU A 35 12.39 -1.69 -3.96
CA LEU A 35 12.04 -2.06 -2.59
C LEU A 35 10.63 -1.63 -2.24
N GLN A 36 10.26 -0.43 -2.67
CA GLN A 36 8.93 0.11 -2.42
C GLN A 36 7.89 -0.70 -3.19
N SER A 37 8.25 -1.10 -4.41
CA SER A 37 7.37 -1.89 -5.24
C SER A 37 7.04 -3.22 -4.57
N ILE A 38 8.07 -3.89 -4.07
CA ILE A 38 7.91 -5.16 -3.38
C ILE A 38 7.06 -4.99 -2.13
N GLU A 39 7.35 -3.94 -1.38
CA GLU A 39 6.61 -3.63 -0.16
C GLU A 39 5.15 -3.35 -0.48
N GLY A 40 4.92 -2.77 -1.63
CA GLY A 40 3.58 -2.47 -2.07
C GLY A 40 2.80 -3.72 -2.40
N MET A 41 3.40 -4.59 -3.18
CA MET A 41 2.76 -5.84 -3.58
C MET A 41 2.58 -6.78 -2.40
N ILE A 42 3.56 -6.83 -1.50
CA ILE A 42 3.46 -7.70 -0.32
C ILE A 42 2.27 -7.30 0.55
N LYS A 43 2.01 -6.00 0.69
CA LYS A 43 0.90 -5.53 1.53
C LYS A 43 -0.45 -5.96 0.94
N GLU A 44 -0.57 -5.91 -0.38
CA GLU A 44 -1.80 -6.31 -1.05
C GLU A 44 -2.00 -7.81 -0.94
N ALA A 45 -0.91 -8.53 -1.14
CA ALA A 45 -0.91 -9.98 -1.06
C ALA A 45 -1.36 -10.43 0.32
N ALA A 46 -0.93 -9.70 1.34
CA ALA A 46 -1.27 -9.99 2.71
C ALA A 46 -2.78 -9.87 2.91
N ALA A 47 -3.38 -8.89 2.24
CA ALA A 47 -4.81 -8.68 2.31
C ALA A 47 -5.54 -9.90 1.74
N GLU A 48 -4.95 -10.51 0.72
CA GLU A 48 -5.51 -11.69 0.11
C GLU A 48 -5.42 -12.85 1.08
N VAL A 49 -4.28 -12.93 1.78
CA VAL A 49 -4.05 -13.98 2.77
C VAL A 49 -5.07 -13.87 3.89
N LEU A 50 -5.40 -12.64 4.25
CA LEU A 50 -6.39 -12.38 5.29
C LEU A 50 -7.77 -12.84 4.82
N ARG A 51 -8.02 -12.68 3.51
CA ARG A 51 -9.28 -13.06 2.93
C ARG A 51 -9.36 -14.58 2.75
N ASN A 52 -8.19 -15.19 2.60
CA ASN A 52 -8.07 -16.63 2.43
C ASN A 52 -7.02 -17.19 3.39
N PRO A 53 -7.33 -17.21 4.70
CA PRO A 53 -6.42 -17.70 5.74
C PRO A 53 -5.98 -19.14 5.52
N ASN A 54 -6.85 -19.94 4.91
CA ASN A 54 -6.53 -21.33 4.65
C ASN A 54 -5.72 -21.51 3.37
N GLN A 55 -5.36 -20.40 2.72
CA GLN A 55 -4.59 -20.46 1.50
C GLN A 55 -3.09 -20.48 1.81
N GLU A 56 -2.49 -21.66 1.82
CA GLU A 56 -1.07 -21.80 2.10
C GLU A 56 -0.26 -21.15 0.97
N ASN A 57 -0.71 -21.35 -0.27
CA ASN A 57 -0.05 -20.79 -1.44
C ASN A 57 0.03 -19.27 -1.31
N LEU A 58 -1.00 -18.68 -0.73
CA LEU A 58 -1.04 -17.24 -0.54
C LEU A 58 0.00 -16.83 0.49
N ARG A 59 0.15 -17.65 1.52
CA ARG A 59 1.14 -17.38 2.57
C ARG A 59 2.54 -17.54 2.02
N ARG A 60 2.74 -18.59 1.23
CA ARG A 60 4.03 -18.85 0.61
C ARG A 60 4.35 -17.75 -0.39
N HIS A 61 3.33 -17.27 -1.09
CA HIS A 61 3.49 -16.19 -2.05
C HIS A 61 3.90 -14.92 -1.34
N ALA A 62 3.22 -14.62 -0.25
CA ALA A 62 3.52 -13.44 0.55
C ALA A 62 4.92 -13.56 1.11
N ASN A 63 5.29 -14.77 1.51
CA ASN A 63 6.61 -15.04 2.03
C ASN A 63 7.66 -14.82 0.95
N LYS A 64 7.28 -15.12 -0.29
CA LYS A 64 8.18 -14.95 -1.41
C LYS A 64 8.48 -13.46 -1.60
N LEU A 65 7.48 -12.64 -1.35
CA LEU A 65 7.62 -11.20 -1.47
C LEU A 65 8.51 -10.69 -0.34
N LEU A 66 8.34 -11.29 0.84
CA LEU A 66 9.14 -10.94 2.00
C LEU A 66 10.61 -11.25 1.73
N SER A 67 10.82 -12.37 1.05
CA SER A 67 12.15 -12.80 0.67
C SER A 67 12.73 -11.86 -0.37
N LEU A 68 11.90 -11.52 -1.34
CA LEU A 68 12.26 -10.61 -2.41
C LEU A 68 12.64 -9.25 -1.85
N LYS A 69 11.87 -8.78 -0.87
CA LYS A 69 12.12 -7.51 -0.23
C LYS A 69 13.48 -7.53 0.44
N LYS A 70 13.82 -8.67 1.04
CA LYS A 70 15.11 -8.83 1.69
C LYS A 70 16.21 -8.87 0.65
N ARG A 71 15.94 -9.55 -0.45
CA ARG A 71 16.90 -9.67 -1.54
C ARG A 71 17.26 -8.30 -2.09
N ALA A 72 16.24 -7.47 -2.30
CA ALA A 72 16.43 -6.12 -2.81
C ALA A 72 17.13 -5.25 -1.77
N TYR A 73 16.84 -5.52 -0.50
CA TYR A 73 17.43 -4.80 0.62
C TYR A 73 18.95 -4.97 0.65
N GLU A 74 19.38 -6.17 0.29
CA GLU A 74 20.80 -6.49 0.27
C GLU A 74 21.48 -6.02 -1.01
N LEU A 75 20.69 -5.44 -1.91
CA LEU A 75 21.23 -4.95 -3.16
C LEU A 75 21.72 -3.51 -3.00
N PRO A 76 22.77 -3.12 -3.72
CA PRO A 76 23.33 -1.77 -3.64
C PRO A 76 22.53 -0.78 -4.48
N ASP B 6 10.37 -20.67 -0.12
CA ASP B 6 10.22 -21.30 -1.41
C ASP B 6 11.57 -21.51 -2.09
N ASP B 7 12.11 -22.70 -1.93
CA ASP B 7 13.39 -23.05 -2.54
C ASP B 7 13.12 -23.78 -3.85
N SER B 8 13.98 -23.58 -4.84
CA SER B 8 13.81 -24.20 -6.16
C SER B 8 12.47 -23.80 -6.76
N ALA B 9 12.19 -22.50 -6.72
CA ALA B 9 10.94 -21.98 -7.25
C ALA B 9 11.06 -21.63 -8.73
N ALA B 10 12.29 -21.68 -9.24
CA ALA B 10 12.60 -21.40 -10.65
C ALA B 10 12.45 -19.90 -10.98
N GLU B 11 11.35 -19.30 -10.57
CA GLU B 11 11.10 -17.91 -10.83
C GLU B 11 11.48 -17.05 -9.63
N TRP B 12 10.97 -15.82 -9.62
CA TRP B 12 11.21 -14.86 -8.54
C TRP B 12 12.69 -14.51 -8.46
N ASN B 13 13.18 -13.92 -9.54
CA ASN B 13 14.57 -13.52 -9.63
C ASN B 13 14.70 -12.02 -9.75
N VAL B 14 15.69 -11.46 -9.08
CA VAL B 14 15.94 -10.03 -9.13
C VAL B 14 17.45 -9.78 -9.17
N SER B 15 17.89 -9.00 -10.14
CA SER B 15 19.30 -8.69 -10.28
C SER B 15 19.50 -7.37 -11.00
N ARG B 16 20.74 -6.94 -11.10
CA ARG B 16 21.09 -5.69 -11.76
C ARG B 16 21.41 -5.95 -13.23
N THR B 17 20.82 -5.16 -14.11
CA THR B 17 21.03 -5.28 -15.54
C THR B 17 22.31 -4.57 -15.96
N PRO B 18 22.86 -4.96 -17.12
CA PRO B 18 24.09 -4.37 -17.66
C PRO B 18 23.88 -2.91 -18.05
N ASP B 19 22.62 -2.54 -18.21
CA ASP B 19 22.26 -1.18 -18.59
C ASP B 19 22.24 -0.28 -17.36
N GLY B 20 22.31 -0.89 -16.20
CA GLY B 20 22.29 -0.14 -14.96
C GLY B 20 20.92 -0.09 -14.33
N ASP B 21 20.07 -1.01 -14.73
CA ASP B 21 18.71 -1.09 -14.22
C ASP B 21 18.60 -2.32 -13.34
N TYR B 22 17.45 -2.55 -12.77
CA TYR B 22 17.23 -3.72 -11.95
C TYR B 22 16.13 -4.55 -12.58
N ARG B 23 16.37 -5.84 -12.72
CA ARG B 23 15.41 -6.73 -13.37
C ARG B 23 14.75 -7.64 -12.36
N LEU B 24 13.44 -7.71 -12.41
CA LEU B 24 12.68 -8.55 -11.52
C LEU B 24 11.78 -9.48 -12.32
N ALA B 25 11.96 -10.77 -12.12
CA ALA B 25 11.18 -11.79 -12.81
C ALA B 25 10.43 -12.65 -11.79
N ILE B 26 9.17 -12.33 -11.54
CA ILE B 26 8.37 -13.07 -10.58
C ILE B 26 7.18 -13.75 -11.25
N THR B 27 6.41 -14.50 -10.46
CA THR B 27 5.25 -15.21 -10.97
C THR B 27 4.10 -15.22 -9.97
N CYS B 28 2.88 -15.33 -10.48
CA CYS B 28 1.67 -15.41 -9.68
C CYS B 28 0.64 -16.22 -10.44
N PRO B 29 0.03 -17.23 -9.80
CA PRO B 29 -0.97 -18.08 -10.44
C PRO B 29 -2.37 -17.46 -10.44
N ASN B 30 -2.44 -16.17 -10.12
CA ASN B 30 -3.70 -15.47 -10.08
C ASN B 30 -3.57 -14.08 -10.67
N LYS B 31 -4.41 -13.77 -11.63
CA LYS B 31 -4.39 -12.45 -12.27
C LYS B 31 -4.76 -11.40 -11.24
N GLU B 32 -5.64 -11.79 -10.32
CA GLU B 32 -6.10 -10.91 -9.26
C GLU B 32 -4.93 -10.51 -8.37
N TRP B 33 -4.05 -11.46 -8.13
CA TRP B 33 -2.88 -11.23 -7.30
C TRP B 33 -1.97 -10.22 -7.98
N LEU B 34 -1.79 -10.39 -9.28
CA LEU B 34 -0.96 -9.48 -10.06
C LEU B 34 -1.57 -8.09 -10.06
N LEU B 35 -2.88 -8.03 -10.27
CA LEU B 35 -3.60 -6.75 -10.29
C LEU B 35 -3.41 -6.00 -8.98
N GLN B 36 -3.50 -6.72 -7.87
CA GLN B 36 -3.32 -6.11 -6.56
C GLN B 36 -1.85 -5.73 -6.36
N SER B 37 -0.96 -6.60 -6.81
CA SER B 37 0.46 -6.37 -6.70
C SER B 37 0.87 -5.09 -7.41
N ILE B 38 0.41 -4.93 -8.65
CA ILE B 38 0.72 -3.75 -9.44
C ILE B 38 0.23 -2.49 -8.73
N GLU B 39 -0.99 -2.57 -8.19
CA GLU B 39 -1.58 -1.46 -7.46
C GLU B 39 -0.70 -1.06 -6.29
N GLY B 40 -0.13 -2.06 -5.64
CA GLY B 40 0.75 -1.82 -4.51
C GLY B 40 1.99 -1.03 -4.90
N MET B 41 2.65 -1.47 -5.95
CA MET B 41 3.87 -0.79 -6.41
C MET B 41 3.54 0.60 -6.93
N ILE B 42 2.44 0.71 -7.68
CA ILE B 42 2.03 2.00 -8.22
C ILE B 42 1.77 3.00 -7.08
N LYS B 43 1.21 2.52 -5.98
CA LYS B 43 0.92 3.38 -4.83
C LYS B 43 2.22 3.93 -4.23
N GLU B 44 3.19 3.06 -4.02
CA GLU B 44 4.47 3.47 -3.46
C GLU B 44 5.21 4.36 -4.44
N ALA B 45 5.14 4.00 -5.72
CA ALA B 45 5.78 4.76 -6.78
C ALA B 45 5.21 6.16 -6.82
N ALA B 46 3.90 6.26 -6.72
CA ALA B 46 3.21 7.54 -6.73
C ALA B 46 3.65 8.39 -5.54
N ALA B 47 3.86 7.73 -4.41
CA ALA B 47 4.31 8.40 -3.20
C ALA B 47 5.69 9.01 -3.43
N GLU B 48 6.52 8.30 -4.19
CA GLU B 48 7.85 8.78 -4.53
C GLU B 48 7.73 10.00 -5.43
N VAL B 49 6.78 9.93 -6.37
CA VAL B 49 6.53 11.04 -7.28
C VAL B 49 6.15 12.30 -6.49
N LEU B 50 5.42 12.10 -5.40
CA LEU B 50 5.03 13.21 -4.55
C LEU B 50 6.27 13.88 -3.95
N ARG B 51 7.26 13.06 -3.62
CA ARG B 51 8.50 13.54 -3.05
C ARG B 51 9.39 14.16 -4.13
N ASN B 52 9.30 13.61 -5.33
CA ASN B 52 10.08 14.06 -6.47
C ASN B 52 9.18 14.33 -7.68
N PRO B 53 8.42 15.43 -7.61
CA PRO B 53 7.47 15.81 -8.68
C PRO B 53 8.15 16.04 -10.03
N ASN B 54 9.40 16.47 -9.98
CA ASN B 54 10.15 16.75 -11.21
C ASN B 54 10.83 15.49 -11.76
N GLN B 55 10.70 14.39 -11.04
CA GLN B 55 11.31 13.13 -11.47
C GLN B 55 10.52 12.52 -12.62
N GLU B 56 11.01 12.67 -13.83
CA GLU B 56 10.35 12.13 -15.00
C GLU B 56 10.32 10.62 -14.94
N ASN B 57 11.46 10.00 -14.68
CA ASN B 57 11.55 8.55 -14.60
C ASN B 57 10.56 7.98 -13.61
N LEU B 58 10.30 8.72 -12.54
CA LEU B 58 9.35 8.28 -11.54
C LEU B 58 7.94 8.30 -12.10
N ARG B 59 7.62 9.37 -12.82
CA ARG B 59 6.31 9.51 -13.44
C ARG B 59 6.13 8.48 -14.54
N ARG B 60 7.18 8.29 -15.32
CA ARG B 60 7.16 7.30 -16.41
C ARG B 60 7.06 5.89 -15.82
N HIS B 61 7.73 5.68 -14.70
CA HIS B 61 7.71 4.40 -14.02
C HIS B 61 6.31 4.13 -13.48
N ALA B 62 5.74 5.15 -12.85
CA ALA B 62 4.39 5.07 -12.32
C ALA B 62 3.42 4.80 -13.45
N ASN B 63 3.64 5.46 -14.57
CA ASN B 63 2.81 5.28 -15.76
C ASN B 63 2.96 3.87 -16.29
N LYS B 64 4.18 3.34 -16.18
CA LYS B 64 4.45 1.98 -16.63
C LYS B 64 3.64 1.00 -15.81
N LEU B 65 3.47 1.32 -14.53
CA LEU B 65 2.69 0.48 -13.63
C LEU B 65 1.22 0.59 -13.98
N LEU B 66 0.79 1.79 -14.34
CA LEU B 66 -0.59 2.03 -14.74
C LEU B 66 -0.89 1.21 -15.99
N SER B 67 0.07 1.21 -16.89
CA SER B 67 -0.03 0.47 -18.13
C SER B 67 -0.02 -1.03 -17.85
N LEU B 68 0.89 -1.43 -16.98
CA LEU B 68 1.04 -2.82 -16.57
C LEU B 68 -0.24 -3.34 -15.94
N LYS B 69 -0.91 -2.48 -15.17
CA LYS B 69 -2.17 -2.84 -14.54
C LYS B 69 -3.21 -3.18 -15.59
N LYS B 70 -3.23 -2.38 -16.66
CA LYS B 70 -4.16 -2.60 -17.75
C LYS B 70 -3.77 -3.87 -18.50
N ARG B 71 -2.48 -4.06 -18.66
CA ARG B 71 -1.95 -5.23 -19.36
C ARG B 71 -2.37 -6.51 -18.63
N ALA B 72 -2.24 -6.51 -17.31
CA ALA B 72 -2.62 -7.65 -16.49
C ALA B 72 -4.14 -7.85 -16.51
N TYR B 73 -4.86 -6.74 -16.60
CA TYR B 73 -6.32 -6.77 -16.64
C TYR B 73 -6.81 -7.55 -17.86
N GLU B 74 -6.07 -7.40 -18.95
CA GLU B 74 -6.39 -8.08 -20.20
C GLU B 74 -6.01 -9.56 -20.15
N LEU B 75 -5.37 -9.98 -19.08
CA LEU B 75 -4.96 -11.37 -18.93
C LEU B 75 -5.80 -12.07 -17.87
N PRO B 76 -6.83 -12.84 -18.28
CA PRO B 76 -7.71 -13.55 -17.37
C PRO B 76 -7.18 -14.95 -17.02
N ASP C 6 -16.89 -5.67 14.11
CA ASP C 6 -16.50 -5.01 15.34
C ASP C 6 -17.32 -3.76 15.59
N ASP C 7 -17.55 -3.47 16.86
CA ASP C 7 -18.30 -2.30 17.29
C ASP C 7 -17.35 -1.34 17.98
N SER C 8 -17.58 -0.04 17.81
CA SER C 8 -16.72 0.96 18.43
C SER C 8 -16.71 0.83 19.95
N ALA C 9 -15.59 0.34 20.47
CA ALA C 9 -15.43 0.16 21.91
C ALA C 9 -15.37 1.51 22.60
N ALA C 10 -14.78 2.47 21.92
CA ALA C 10 -14.63 3.82 22.43
C ALA C 10 -14.31 4.78 21.30
N GLU C 11 -13.44 4.33 20.40
CA GLU C 11 -13.03 5.15 19.26
C GLU C 11 -13.37 4.44 17.96
N TRP C 12 -12.64 4.80 16.90
CA TRP C 12 -12.84 4.23 15.57
C TRP C 12 -14.20 4.63 15.03
N ASN C 13 -14.26 5.84 14.51
CA ASN C 13 -15.49 6.38 13.97
C ASN C 13 -15.23 7.07 12.63
N VAL C 14 -16.16 6.90 11.70
CA VAL C 14 -16.05 7.54 10.41
C VAL C 14 -17.46 7.98 9.99
N SER C 15 -17.61 9.26 9.66
CA SER C 15 -18.90 9.81 9.28
C SER C 15 -18.78 11.18 8.63
N ARG C 16 -19.90 11.88 8.51
CA ARG C 16 -19.93 13.20 7.92
C ARG C 16 -19.85 14.25 9.02
N THR C 17 -19.15 15.33 8.72
CA THR C 17 -18.99 16.42 9.69
C THR C 17 -19.98 17.54 9.41
N PRO C 18 -20.29 18.34 10.45
CA PRO C 18 -21.19 19.49 10.35
C PRO C 18 -20.58 20.57 9.47
N ASP C 19 -19.27 20.47 9.28
CA ASP C 19 -18.53 21.41 8.47
C ASP C 19 -18.68 21.07 6.99
N GLY C 20 -19.27 19.91 6.73
CA GLY C 20 -19.50 19.48 5.37
C GLY C 20 -18.38 18.61 4.85
N ASP C 21 -17.76 17.87 5.74
CA ASP C 21 -16.67 16.98 5.35
C ASP C 21 -16.89 15.59 5.92
N TYR C 22 -15.84 14.77 5.91
CA TYR C 22 -15.92 13.43 6.46
C TYR C 22 -14.92 13.33 7.61
N ARG C 23 -15.35 12.80 8.75
CA ARG C 23 -14.49 12.69 9.90
C ARG C 23 -14.12 11.24 10.19
N LEU C 24 -12.84 11.01 10.40
CA LEU C 24 -12.36 9.67 10.72
C LEU C 24 -11.51 9.73 11.99
N ALA C 25 -11.96 9.03 13.01
CA ALA C 25 -11.28 8.99 14.30
C ALA C 25 -10.88 7.56 14.63
N ILE C 26 -9.60 7.32 14.92
CA ILE C 26 -9.14 5.98 15.25
C ILE C 26 -8.13 6.00 16.40
N THR C 27 -7.82 4.83 16.94
CA THR C 27 -6.86 4.70 18.04
C THR C 27 -5.97 3.47 17.83
N CYS C 28 -4.77 3.50 18.40
CA CYS C 28 -3.85 2.38 18.30
C CYS C 28 -2.85 2.43 19.45
N PRO C 29 -2.65 1.30 20.14
CA PRO C 29 -1.72 1.21 21.27
C PRO C 29 -0.29 0.92 20.81
N ASN C 30 -0.02 1.14 19.54
CA ASN C 30 1.29 0.89 18.98
C ASN C 30 1.65 1.99 18.00
N LYS C 31 2.88 2.48 18.09
CA LYS C 31 3.36 3.53 17.22
C LYS C 31 3.45 3.00 15.78
N GLU C 32 3.80 1.74 15.68
CA GLU C 32 3.95 1.08 14.38
C GLU C 32 2.60 0.99 13.68
N TRP C 33 1.57 0.70 14.46
CA TRP C 33 0.23 0.59 13.92
C TRP C 33 -0.21 1.92 13.32
N LEU C 34 0.06 2.99 14.05
CA LEU C 34 -0.30 4.33 13.60
C LEU C 34 0.53 4.69 12.37
N LEU C 35 1.81 4.35 12.42
CA LEU C 35 2.72 4.62 11.32
C LEU C 35 2.23 3.92 10.07
N GLN C 36 1.81 2.66 10.22
CA GLN C 36 1.30 1.87 9.12
C GLN C 36 -0.01 2.44 8.61
N SER C 37 -0.83 2.93 9.53
CA SER C 37 -2.11 3.49 9.17
C SER C 37 -1.93 4.72 8.30
N ILE C 38 -1.08 5.63 8.75
CA ILE C 38 -0.81 6.86 8.00
C ILE C 38 -0.16 6.54 6.66
N GLU C 39 0.81 5.63 6.69
CA GLU C 39 1.51 5.21 5.49
C GLU C 39 0.56 4.59 4.50
N GLY C 40 -0.40 3.84 5.01
CA GLY C 40 -1.39 3.18 4.17
C GLY C 40 -2.21 4.18 3.38
N MET C 41 -2.75 5.18 4.07
CA MET C 41 -3.58 6.19 3.39
C MET C 41 -2.76 7.00 2.41
N ILE C 42 -1.54 7.38 2.80
CA ILE C 42 -0.68 8.15 1.91
C ILE C 42 -0.41 7.38 0.62
N LYS C 43 -0.26 6.06 0.73
CA LYS C 43 0.01 5.22 -0.44
C LYS C 43 -1.15 5.28 -1.43
N GLU C 44 -2.37 5.07 -0.93
CA GLU C 44 -3.55 5.08 -1.78
C GLU C 44 -3.83 6.49 -2.27
N ALA C 45 -3.62 7.46 -1.40
CA ALA C 45 -3.82 8.86 -1.73
C ALA C 45 -2.86 9.31 -2.82
N ALA C 46 -1.65 8.78 -2.78
CA ALA C 46 -0.65 9.09 -3.78
C ALA C 46 -1.14 8.70 -5.17
N ALA C 47 -1.83 7.56 -5.24
CA ALA C 47 -2.37 7.07 -6.49
C ALA C 47 -3.39 8.06 -7.05
N GLU C 48 -4.12 8.73 -6.15
CA GLU C 48 -5.11 9.70 -6.56
C GLU C 48 -4.40 10.91 -7.15
N VAL C 49 -3.33 11.33 -6.49
CA VAL C 49 -2.54 12.47 -6.95
C VAL C 49 -1.91 12.18 -8.29
N LEU C 50 -1.48 10.94 -8.47
CA LEU C 50 -0.88 10.52 -9.72
C LEU C 50 -1.93 10.55 -10.84
N ARG C 51 -3.17 10.23 -10.47
CA ARG C 51 -4.28 10.23 -11.41
C ARG C 51 -4.74 11.65 -11.69
N ASN C 52 -4.55 12.51 -10.71
CA ASN C 52 -4.95 13.90 -10.80
C ASN C 52 -3.77 14.82 -10.46
N PRO C 53 -2.78 14.88 -11.36
CA PRO C 53 -1.56 15.69 -11.18
C PRO C 53 -1.85 17.17 -11.00
N ASN C 54 -2.96 17.62 -11.53
CA ASN C 54 -3.34 19.03 -11.43
C ASN C 54 -4.09 19.32 -10.14
N GLN C 55 -4.36 18.29 -9.35
CA GLN C 55 -5.07 18.45 -8.09
C GLN C 55 -4.13 18.86 -6.97
N GLU C 56 -4.03 20.16 -6.73
CA GLU C 56 -3.16 20.65 -5.68
C GLU C 56 -3.68 20.21 -4.31
N ASN C 57 -5.00 20.18 -4.17
CA ASN C 57 -5.61 19.76 -2.91
C ASN C 57 -5.22 18.33 -2.61
N LEU C 58 -5.09 17.52 -3.66
CA LEU C 58 -4.69 16.14 -3.49
C LEU C 58 -3.23 16.07 -3.06
N ARG C 59 -2.42 16.91 -3.68
CA ARG C 59 -1.00 16.97 -3.38
C ARG C 59 -0.80 17.45 -1.94
N ARG C 60 -1.54 18.48 -1.56
CA ARG C 60 -1.47 19.01 -0.21
C ARG C 60 -2.01 18.00 0.78
N HIS C 61 -3.06 17.28 0.36
CA HIS C 61 -3.68 16.24 1.18
C HIS C 61 -2.69 15.12 1.43
N ALA C 62 -2.04 14.68 0.36
CA ALA C 62 -1.05 13.62 0.44
C ALA C 62 0.10 14.08 1.33
N ASN C 63 0.48 15.34 1.15
CA ASN C 63 1.54 15.93 1.93
C ASN C 63 1.11 16.04 3.39
N LYS C 64 -0.18 16.29 3.61
CA LYS C 64 -0.72 16.39 4.95
C LYS C 64 -0.52 15.05 5.66
N LEU C 65 -0.64 13.97 4.90
CA LEU C 65 -0.45 12.63 5.44
C LEU C 65 1.04 12.43 5.73
N LEU C 66 1.88 12.94 4.83
CA LEU C 66 3.32 12.85 4.99
C LEU C 66 3.73 13.62 6.26
N SER C 67 3.09 14.75 6.47
CA SER C 67 3.33 15.59 7.63
C SER C 67 2.79 14.90 8.88
N LEU C 68 1.61 14.31 8.74
CA LEU C 68 0.96 13.58 9.83
C LEU C 68 1.84 12.43 10.29
N LYS C 69 2.44 11.75 9.31
CA LYS C 69 3.33 10.63 9.59
C LYS C 69 4.52 11.11 10.41
N LYS C 70 4.99 12.31 10.09
CA LYS C 70 6.11 12.91 10.79
C LYS C 70 5.67 13.28 12.20
N ARG C 71 4.44 13.76 12.31
CA ARG C 71 3.88 14.14 13.60
C ARG C 71 3.83 12.94 14.53
N ALA C 72 3.32 11.82 14.01
CA ALA C 72 3.25 10.58 14.79
C ALA C 72 4.65 10.07 15.10
N TYR C 73 5.58 10.30 14.18
CA TYR C 73 6.97 9.89 14.37
C TYR C 73 7.58 10.61 15.55
N GLU C 74 7.21 11.87 15.71
CA GLU C 74 7.71 12.70 16.79
C GLU C 74 6.99 12.41 18.10
N LEU C 75 6.03 11.50 18.07
CA LEU C 75 5.28 11.13 19.26
C LEU C 75 5.94 9.93 19.94
N PRO C 76 6.13 10.00 21.27
CA PRO C 76 6.75 8.92 22.03
C PRO C 76 5.80 7.75 22.25
N ASP D 6 1.73 21.09 5.22
CA ASP D 6 0.32 21.45 5.35
C ASP D 6 -0.10 21.51 6.81
N ASP D 7 -0.27 22.72 7.32
CA ASP D 7 -0.66 22.93 8.71
C ASP D 7 -1.91 23.80 8.79
N SER D 8 -2.44 23.93 10.00
CA SER D 8 -3.64 24.73 10.26
C SER D 8 -4.81 24.22 9.43
N ALA D 9 -4.97 22.90 9.43
CA ALA D 9 -6.02 22.24 8.68
C ALA D 9 -7.29 22.09 9.52
N ALA D 10 -7.23 22.60 10.76
CA ALA D 10 -8.34 22.53 11.71
C ALA D 10 -8.46 21.13 12.29
N GLU D 11 -8.59 20.17 11.41
CA GLU D 11 -8.67 18.78 11.78
C GLU D 11 -7.30 18.14 11.62
N TRP D 12 -7.27 16.84 11.36
CA TRP D 12 -6.03 16.10 11.17
C TRP D 12 -5.15 16.16 12.40
N ASN D 13 -5.62 15.55 13.47
CA ASN D 13 -4.90 15.53 14.71
C ASN D 13 -4.42 14.13 15.03
N VAL D 14 -3.20 14.04 15.54
CA VAL D 14 -2.63 12.78 15.95
C VAL D 14 -1.79 13.01 17.20
N SER D 15 -2.06 12.25 18.24
CA SER D 15 -1.35 12.40 19.50
C SER D 15 -1.54 11.16 20.38
N ARG D 16 -1.06 11.26 21.61
CA ARG D 16 -1.18 10.17 22.58
C ARG D 16 -2.40 10.38 23.45
N THR D 17 -3.12 9.31 23.71
CA THR D 17 -4.33 9.36 24.53
C THR D 17 -3.98 9.15 25.99
N PRO D 18 -4.85 9.61 26.91
CA PRO D 18 -4.65 9.47 28.34
C PRO D 18 -4.72 8.01 28.77
N ASP D 19 -5.31 7.20 27.89
CA ASP D 19 -5.46 5.77 28.14
C ASP D 19 -4.20 5.03 27.74
N GLY D 20 -3.23 5.77 27.18
CA GLY D 20 -1.98 5.18 26.79
C GLY D 20 -1.97 4.70 25.36
N ASP D 21 -2.88 5.23 24.56
CA ASP D 21 -2.98 4.84 23.17
C ASP D 21 -2.64 6.03 22.28
N TYR D 22 -2.95 5.92 21.01
CA TYR D 22 -2.70 6.99 20.06
C TYR D 22 -4.03 7.44 19.48
N ARG D 23 -4.25 8.73 19.42
CA ARG D 23 -5.49 9.27 18.90
C ARG D 23 -5.26 9.92 17.54
N LEU D 24 -6.04 9.51 16.57
CA LEU D 24 -5.93 10.06 15.22
C LEU D 24 -7.31 10.54 14.74
N ALA D 25 -7.39 11.80 14.35
CA ALA D 25 -8.62 12.40 13.89
C ALA D 25 -8.39 13.20 12.60
N ILE D 26 -8.78 12.66 11.45
CA ILE D 26 -8.58 13.35 10.18
C ILE D 26 -9.89 13.55 9.43
N THR D 27 -9.80 14.26 8.30
CA THR D 27 -10.96 14.55 7.47
C THR D 27 -10.62 14.40 5.99
N CYS D 28 -11.65 14.23 5.16
CA CYS D 28 -11.48 14.10 3.73
C CYS D 28 -12.74 14.54 3.01
N PRO D 29 -12.60 15.23 1.87
CA PRO D 29 -13.75 15.71 1.08
C PRO D 29 -14.34 14.61 0.20
N ASN D 30 -13.85 13.38 0.37
CA ASN D 30 -14.32 12.25 -0.41
C ASN D 30 -14.37 11.00 0.45
N LYS D 31 -15.48 10.28 0.38
CA LYS D 31 -15.64 9.06 1.16
C LYS D 31 -14.69 7.99 0.65
N GLU D 32 -14.39 8.05 -0.65
CA GLU D 32 -13.50 7.11 -1.28
C GLU D 32 -12.10 7.26 -0.73
N TRP D 33 -11.74 8.50 -0.38
CA TRP D 33 -10.44 8.78 0.17
C TRP D 33 -10.30 8.12 1.53
N LEU D 34 -11.35 8.24 2.34
CA LEU D 34 -11.36 7.63 3.66
C LEU D 34 -11.36 6.12 3.53
N LEU D 35 -12.17 5.60 2.61
CA LEU D 35 -12.24 4.17 2.37
C LEU D 35 -10.88 3.64 1.93
N GLN D 36 -10.23 4.39 1.05
CA GLN D 36 -8.92 4.00 0.55
C GLN D 36 -7.90 4.05 1.68
N SER D 37 -8.06 5.04 2.56
CA SER D 37 -7.19 5.20 3.70
C SER D 37 -7.26 3.96 4.59
N ILE D 38 -8.49 3.55 4.90
CA ILE D 38 -8.72 2.38 5.72
C ILE D 38 -8.16 1.13 5.05
N GLU D 39 -8.39 1.03 3.75
CA GLU D 39 -7.90 -0.10 2.97
C GLU D 39 -6.38 -0.13 3.00
N GLY D 40 -5.78 1.05 2.99
CA GLY D 40 -4.34 1.17 3.01
C GLY D 40 -3.75 0.62 4.29
N MET D 41 -4.29 1.04 5.43
CA MET D 41 -3.81 0.57 6.72
C MET D 41 -4.06 -0.92 6.88
N ILE D 42 -5.23 -1.39 6.43
CA ILE D 42 -5.55 -2.81 6.51
C ILE D 42 -4.54 -3.64 5.72
N LYS D 43 -4.08 -3.12 4.58
CA LYS D 43 -3.12 -3.81 3.74
C LYS D 43 -1.80 -4.00 4.48
N GLU D 44 -1.30 -2.94 5.09
CA GLU D 44 -0.05 -3.00 5.83
C GLU D 44 -0.22 -3.83 7.09
N ALA D 45 -1.37 -3.65 7.74
CA ALA D 45 -1.69 -4.38 8.96
C ALA D 45 -1.75 -5.88 8.70
N ALA D 46 -2.34 -6.24 7.57
CA ALA D 46 -2.46 -7.64 7.18
C ALA D 46 -1.08 -8.27 7.07
N ALA D 47 -0.13 -7.49 6.56
CA ALA D 47 1.24 -7.95 6.43
C ALA D 47 1.83 -8.28 7.79
N GLU D 48 1.49 -7.48 8.78
CA GLU D 48 1.98 -7.69 10.13
C GLU D 48 1.35 -8.95 10.72
N VAL D 49 0.09 -9.18 10.39
CA VAL D 49 -0.62 -10.36 10.87
C VAL D 49 -0.01 -11.61 10.27
N LEU D 50 0.41 -11.52 9.01
CA LEU D 50 1.05 -12.63 8.33
C LEU D 50 2.42 -12.90 8.96
N ARG D 51 3.07 -11.84 9.41
CA ARG D 51 4.38 -11.94 10.03
C ARG D 51 4.26 -12.44 11.47
N ASN D 52 3.09 -12.19 12.06
CA ASN D 52 2.81 -12.60 13.44
C ASN D 52 1.43 -13.26 13.51
N PRO D 53 1.32 -14.49 13.02
CA PRO D 53 0.06 -15.25 13.01
C PRO D 53 -0.53 -15.45 14.39
N ASN D 54 0.33 -15.51 15.39
CA ASN D 54 -0.13 -15.70 16.77
C ASN D 54 -0.61 -14.40 17.39
N GLN D 55 -0.49 -13.30 16.65
CA GLN D 55 -0.91 -12.01 17.15
C GLN D 55 -2.41 -11.82 16.96
N GLU D 56 -3.19 -12.30 17.93
CA GLU D 56 -4.64 -12.16 17.87
C GLU D 56 -5.03 -10.69 17.89
N ASN D 57 -4.25 -9.87 18.59
CA ASN D 57 -4.52 -8.44 18.67
C ASN D 57 -4.38 -7.82 17.29
N LEU D 58 -3.45 -8.35 16.51
CA LEU D 58 -3.23 -7.87 15.16
C LEU D 58 -4.43 -8.27 14.30
N ARG D 59 -4.92 -9.49 14.54
CA ARG D 59 -6.07 -10.01 13.83
C ARG D 59 -7.29 -9.15 14.15
N ARG D 60 -7.46 -8.86 15.43
CA ARG D 60 -8.57 -8.05 15.90
C ARG D 60 -8.44 -6.64 15.34
N HIS D 61 -7.21 -6.15 15.29
CA HIS D 61 -6.94 -4.84 14.75
C HIS D 61 -7.29 -4.80 13.26
N ALA D 62 -6.86 -5.82 12.54
CA ALA D 62 -7.15 -5.93 11.12
C ALA D 62 -8.66 -6.01 10.94
N ASN D 63 -9.30 -6.74 11.85
CA ASN D 63 -10.74 -6.89 11.84
C ASN D 63 -11.41 -5.54 12.05
N LYS D 64 -10.84 -4.72 12.93
CA LYS D 64 -11.37 -3.40 13.21
C LYS D 64 -11.31 -2.54 11.94
N LEU D 65 -10.24 -2.72 11.18
CA LEU D 65 -10.06 -1.98 9.94
C LEU D 65 -11.06 -2.48 8.91
N LEU D 66 -11.29 -3.79 8.91
CA LEU D 66 -12.24 -4.40 8.00
C LEU D 66 -13.64 -3.87 8.27
N SER D 67 -13.95 -3.76 9.55
CA SER D 67 -15.25 -3.26 9.97
C SER D 67 -15.39 -1.79 9.63
N LEU D 68 -14.34 -1.03 9.89
CA LEU D 68 -14.30 0.39 9.58
C LEU D 68 -14.48 0.60 8.09
N LYS D 69 -13.84 -0.25 7.30
CA LYS D 69 -13.95 -0.18 5.85
C LYS D 69 -15.40 -0.41 5.43
N LYS D 70 -16.05 -1.32 6.13
CA LYS D 70 -17.46 -1.63 5.86
C LYS D 70 -18.33 -0.43 6.21
N ARG D 71 -17.97 0.25 7.29
CA ARG D 71 -18.69 1.44 7.72
C ARG D 71 -18.55 2.54 6.68
N ALA D 72 -17.33 2.71 6.20
CA ALA D 72 -17.02 3.70 5.18
C ALA D 72 -17.76 3.38 3.88
N TYR D 73 -17.95 2.09 3.63
CA TYR D 73 -18.66 1.60 2.45
C TYR D 73 -20.09 2.13 2.45
N GLU D 74 -20.68 2.08 3.63
CA GLU D 74 -22.05 2.52 3.83
C GLU D 74 -22.16 4.05 3.83
N LEU D 75 -21.03 4.72 3.94
CA LEU D 75 -21.00 6.19 3.98
C LEU D 75 -21.28 6.77 2.60
N PRO D 76 -22.38 7.54 2.47
CA PRO D 76 -22.78 8.17 1.22
C PRO D 76 -21.95 9.42 0.92
N ASP A 6 10.30 6.00 -22.78
CA ASP A 6 8.84 6.13 -22.84
C ASP A 6 8.17 4.78 -22.81
N ASP A 7 8.28 4.04 -23.91
CA ASP A 7 7.65 2.72 -24.02
C ASP A 7 8.42 1.68 -23.20
N SER A 8 7.80 0.52 -23.01
CA SER A 8 8.42 -0.55 -22.25
C SER A 8 8.42 -1.86 -23.06
N ALA A 9 9.03 -1.82 -24.23
CA ALA A 9 9.09 -3.00 -25.09
C ALA A 9 10.35 -3.82 -24.78
N ALA A 10 11.38 -3.14 -24.29
CA ALA A 10 12.63 -3.78 -23.95
C ALA A 10 12.42 -4.81 -22.84
N GLU A 11 11.92 -4.35 -21.71
CA GLU A 11 11.63 -5.20 -20.58
C GLU A 11 10.16 -5.07 -20.22
N TRP A 12 9.83 -5.36 -18.97
CA TRP A 12 8.45 -5.27 -18.49
C TRP A 12 7.57 -6.22 -19.30
N ASN A 13 7.86 -7.50 -19.17
CA ASN A 13 7.14 -8.52 -19.90
C ASN A 13 6.30 -9.37 -18.98
N VAL A 14 5.18 -9.82 -19.51
CA VAL A 14 4.30 -10.70 -18.77
C VAL A 14 3.79 -11.78 -19.72
N SER A 15 3.94 -13.02 -19.31
CA SER A 15 3.51 -14.15 -20.11
C SER A 15 3.02 -15.29 -19.22
N ARG A 16 2.70 -16.42 -19.84
CA ARG A 16 2.20 -17.58 -19.12
C ARG A 16 3.32 -18.60 -18.91
N THR A 17 3.67 -18.87 -17.65
CA THR A 17 4.72 -19.84 -17.36
C THR A 17 4.12 -21.17 -16.93
N PRO A 18 4.74 -22.27 -17.32
CA PRO A 18 4.28 -23.61 -16.95
C PRO A 18 4.42 -23.89 -15.46
N ASP A 19 5.39 -23.25 -14.83
CA ASP A 19 5.65 -23.47 -13.41
C ASP A 19 5.17 -22.34 -12.52
N GLY A 20 4.81 -21.23 -13.13
CA GLY A 20 4.36 -20.09 -12.35
C GLY A 20 3.05 -19.49 -12.79
N ASP A 21 2.48 -20.06 -13.86
CA ASP A 21 1.20 -19.61 -14.42
C ASP A 21 1.40 -18.32 -15.19
N TYR A 22 1.74 -17.26 -14.50
CA TYR A 22 1.99 -15.98 -15.14
C TYR A 22 3.34 -15.48 -14.68
N ARG A 23 4.15 -15.05 -15.64
CA ARG A 23 5.49 -14.58 -15.36
C ARG A 23 5.62 -13.09 -15.68
N LEU A 24 6.07 -12.33 -14.71
CA LEU A 24 6.27 -10.90 -14.91
C LEU A 24 7.74 -10.55 -14.74
N ALA A 25 8.32 -9.95 -15.78
CA ALA A 25 9.72 -9.57 -15.80
C ALA A 25 9.89 -8.07 -16.01
N ILE A 26 10.01 -7.30 -14.94
CA ILE A 26 10.15 -5.86 -15.05
C ILE A 26 11.56 -5.41 -14.67
N THR A 27 11.83 -4.13 -14.86
CA THR A 27 13.12 -3.55 -14.54
C THR A 27 12.98 -2.20 -13.84
N CYS A 28 14.04 -1.77 -13.19
CA CYS A 28 14.08 -0.49 -12.49
C CYS A 28 15.54 -0.10 -12.25
N PRO A 29 15.92 1.15 -12.57
CA PRO A 29 17.30 1.61 -12.39
C PRO A 29 17.64 1.88 -10.92
N ASN A 30 16.73 1.53 -10.03
CA ASN A 30 16.92 1.74 -8.60
C ASN A 30 16.42 0.53 -7.84
N LYS A 31 17.26 0.00 -6.94
CA LYS A 31 16.88 -1.17 -6.15
C LYS A 31 15.75 -0.81 -5.19
N GLU A 32 15.72 0.46 -4.79
CA GLU A 32 14.69 0.96 -3.88
C GLU A 32 13.33 0.85 -4.54
N TRP A 33 13.32 1.13 -5.83
CA TRP A 33 12.11 1.07 -6.63
C TRP A 33 11.59 -0.36 -6.70
N LEU A 34 12.50 -1.30 -6.89
CA LEU A 34 12.15 -2.71 -6.95
C LEU A 34 11.63 -3.18 -5.60
N LEU A 35 12.27 -2.69 -4.54
CA LEU A 35 11.88 -3.03 -3.18
C LEU A 35 10.44 -2.60 -2.92
N GLN A 36 10.13 -1.37 -3.34
CA GLN A 36 8.81 -0.81 -3.17
C GLN A 36 7.80 -1.62 -3.99
N SER A 37 8.22 -2.06 -5.16
CA SER A 37 7.37 -2.85 -6.02
C SER A 37 6.96 -4.14 -5.33
N ILE A 38 7.96 -4.82 -4.76
CA ILE A 38 7.72 -6.05 -4.02
C ILE A 38 6.82 -5.80 -2.82
N GLU A 39 7.10 -4.70 -2.13
CA GLU A 39 6.33 -4.30 -0.96
C GLU A 39 4.88 -4.05 -1.34
N GLY A 40 4.68 -3.53 -2.54
CA GLY A 40 3.35 -3.25 -3.03
C GLY A 40 2.54 -4.52 -3.18
N MET A 41 3.15 -5.54 -3.78
CA MET A 41 2.47 -6.82 -3.98
C MET A 41 2.21 -7.49 -2.65
N ILE A 42 3.15 -7.37 -1.71
CA ILE A 42 2.99 -7.94 -0.38
C ILE A 42 1.79 -7.30 0.33
N LYS A 43 1.57 -6.02 0.09
CA LYS A 43 0.46 -5.30 0.71
C LYS A 43 -0.88 -5.87 0.28
N GLU A 44 -1.05 -6.06 -1.02
CA GLU A 44 -2.29 -6.60 -1.56
C GLU A 44 -2.47 -8.05 -1.15
N ALA A 45 -1.39 -8.80 -1.21
CA ALA A 45 -1.38 -10.21 -0.86
C ALA A 45 -1.83 -10.41 0.58
N ALA A 46 -1.32 -9.56 1.45
CA ALA A 46 -1.65 -9.60 2.87
C ALA A 46 -3.14 -9.43 3.09
N ALA A 47 -3.73 -8.49 2.37
CA ALA A 47 -5.16 -8.23 2.47
C ALA A 47 -5.95 -9.45 2.01
N GLU A 48 -5.41 -10.16 1.02
CA GLU A 48 -6.04 -11.36 0.49
C GLU A 48 -6.00 -12.46 1.54
N VAL A 49 -4.87 -12.56 2.24
CA VAL A 49 -4.69 -13.55 3.28
C VAL A 49 -5.64 -13.27 4.44
N LEU A 50 -5.83 -11.99 4.72
CA LEU A 50 -6.73 -11.57 5.78
C LEU A 50 -8.16 -11.97 5.44
N ARG A 51 -8.48 -11.92 4.15
CA ARG A 51 -9.80 -12.27 3.65
C ARG A 51 -9.96 -13.79 3.61
N ASN A 52 -8.86 -14.48 3.37
CA ASN A 52 -8.85 -15.94 3.27
C ASN A 52 -7.72 -16.52 4.12
N PRO A 53 -7.90 -16.50 5.44
CA PRO A 53 -6.90 -17.02 6.40
C PRO A 53 -6.57 -18.48 6.16
N ASN A 54 -7.53 -19.21 5.62
CA ASN A 54 -7.35 -20.64 5.36
C ASN A 54 -6.57 -20.87 4.07
N GLN A 55 -6.24 -19.80 3.35
CA GLN A 55 -5.50 -19.92 2.10
C GLN A 55 -4.00 -20.00 2.38
N GLU A 56 -3.47 -21.21 2.45
CA GLU A 56 -2.05 -21.41 2.70
C GLU A 56 -1.23 -20.91 1.52
N ASN A 57 -1.69 -21.21 0.31
CA ASN A 57 -1.00 -20.77 -0.91
C ASN A 57 -0.90 -19.25 -0.94
N LEU A 58 -1.88 -18.58 -0.34
CA LEU A 58 -1.86 -17.13 -0.27
C LEU A 58 -0.78 -16.69 0.71
N ARG A 59 -0.67 -17.43 1.81
CA ARG A 59 0.32 -17.14 2.82
C ARG A 59 1.71 -17.41 2.28
N ARG A 60 1.85 -18.54 1.58
CA ARG A 60 3.12 -18.93 0.98
C ARG A 60 3.53 -17.91 -0.07
N HIS A 61 2.55 -17.41 -0.80
CA HIS A 61 2.80 -16.40 -1.82
C HIS A 61 3.28 -15.11 -1.17
N ALA A 62 2.57 -14.69 -0.14
CA ALA A 62 2.92 -13.49 0.60
C ALA A 62 4.31 -13.66 1.20
N ASN A 63 4.59 -14.86 1.66
CA ASN A 63 5.88 -15.20 2.23
C ASN A 63 6.96 -15.04 1.18
N LYS A 64 6.63 -15.38 -0.06
CA LYS A 64 7.58 -15.24 -1.16
C LYS A 64 7.92 -13.77 -1.36
N LEU A 65 6.92 -12.92 -1.18
CA LEU A 65 7.11 -11.47 -1.32
C LEU A 65 8.02 -10.98 -0.20
N LEU A 66 7.81 -11.53 0.99
CA LEU A 66 8.58 -11.18 2.17
C LEU A 66 10.04 -11.55 1.97
N SER A 67 10.25 -12.73 1.39
CA SER A 67 11.57 -13.25 1.12
C SER A 67 12.23 -12.45 0.01
N LEU A 68 11.46 -12.19 -1.03
CA LEU A 68 11.93 -11.44 -2.17
C LEU A 68 12.30 -10.01 -1.77
N LYS A 69 11.48 -9.41 -0.92
CA LYS A 69 11.73 -8.07 -0.42
C LYS A 69 13.07 -8.02 0.31
N LYS A 70 13.35 -9.09 1.04
CA LYS A 70 14.61 -9.19 1.78
C LYS A 70 15.76 -9.36 0.79
N ARG A 71 15.52 -10.16 -0.25
CA ARG A 71 16.52 -10.40 -1.28
C ARG A 71 16.93 -9.11 -1.98
N ALA A 72 15.93 -8.29 -2.29
CA ALA A 72 16.17 -7.01 -2.94
C ALA A 72 16.85 -6.03 -1.99
N TYR A 73 16.52 -6.15 -0.71
CA TYR A 73 17.09 -5.30 0.33
C TYR A 73 18.60 -5.46 0.38
N GLU A 74 19.06 -6.68 0.16
CA GLU A 74 20.48 -7.00 0.20
C GLU A 74 21.23 -6.37 -0.98
N LEU A 75 20.51 -5.95 -2.00
CA LEU A 75 21.12 -5.32 -3.17
C LEU A 75 21.83 -4.04 -2.76
N PRO A 76 23.10 -3.87 -3.16
CA PRO A 76 23.88 -2.66 -2.84
C PRO A 76 23.27 -1.41 -3.46
N ASP B 6 7.70 -25.28 -2.74
CA ASP B 6 8.15 -24.44 -1.64
C ASP B 6 8.97 -23.24 -2.12
N ASP B 7 10.06 -23.53 -2.82
CA ASP B 7 10.92 -22.47 -3.34
C ASP B 7 10.89 -22.44 -4.86
N SER B 8 10.90 -21.23 -5.41
CA SER B 8 10.88 -21.06 -6.85
C SER B 8 12.29 -20.75 -7.33
N ALA B 9 12.92 -21.70 -8.00
CA ALA B 9 14.27 -21.52 -8.51
C ALA B 9 14.25 -20.87 -9.89
N ALA B 10 13.27 -21.25 -10.69
CA ALA B 10 13.14 -20.71 -12.03
C ALA B 10 12.57 -19.30 -11.98
N GLU B 11 11.54 -19.13 -11.19
CA GLU B 11 10.86 -17.85 -11.04
C GLU B 11 11.26 -17.19 -9.73
N TRP B 12 10.58 -16.09 -9.44
CA TRP B 12 10.83 -15.30 -8.23
C TRP B 12 12.30 -14.95 -8.06
N ASN B 13 12.76 -14.00 -8.86
CA ASN B 13 14.14 -13.57 -8.82
C ASN B 13 14.23 -12.05 -8.93
N VAL B 14 15.12 -11.46 -8.15
CA VAL B 14 15.35 -10.03 -8.21
C VAL B 14 16.84 -9.75 -8.01
N SER B 15 17.44 -9.01 -8.94
CA SER B 15 18.86 -8.70 -8.84
C SER B 15 19.26 -7.64 -9.86
N ARG B 16 20.56 -7.38 -9.96
CA ARG B 16 21.07 -6.41 -10.89
C ARG B 16 21.42 -7.09 -12.21
N THR B 17 21.12 -6.41 -13.30
CA THR B 17 21.35 -6.94 -14.63
C THR B 17 22.68 -6.48 -15.21
N PRO B 18 23.20 -7.25 -16.19
CA PRO B 18 24.46 -6.95 -16.88
C PRO B 18 24.30 -5.70 -17.72
N ASP B 19 23.05 -5.34 -17.97
CA ASP B 19 22.71 -4.18 -18.76
C ASP B 19 22.81 -2.91 -17.91
N GLY B 20 23.03 -3.11 -16.62
CA GLY B 20 23.17 -2.00 -15.71
C GLY B 20 21.85 -1.57 -15.11
N ASP B 21 20.96 -2.52 -14.94
CA ASP B 21 19.65 -2.25 -14.38
C ASP B 21 19.31 -3.27 -13.31
N TYR B 22 18.05 -3.33 -12.90
CA TYR B 22 17.62 -4.30 -11.91
C TYR B 22 16.49 -5.12 -12.49
N ARG B 23 16.55 -6.42 -12.35
CA ARG B 23 15.54 -7.29 -12.92
C ARG B 23 14.72 -7.97 -11.84
N LEU B 24 13.41 -7.93 -12.01
CA LEU B 24 12.51 -8.57 -11.09
C LEU B 24 11.60 -9.53 -11.86
N ALA B 25 11.73 -10.81 -11.56
CA ALA B 25 10.95 -11.84 -12.23
C ALA B 25 10.12 -12.61 -11.20
N ILE B 26 8.81 -12.44 -11.22
CA ILE B 26 7.96 -13.14 -10.28
C ILE B 26 6.82 -13.84 -11.01
N THR B 27 6.12 -14.71 -10.29
CA THR B 27 5.02 -15.46 -10.87
C THR B 27 3.81 -15.47 -9.93
N CYS B 28 2.63 -15.60 -10.51
CA CYS B 28 1.38 -15.66 -9.75
C CYS B 28 0.37 -16.53 -10.49
N PRO B 29 -0.27 -17.46 -9.78
CA PRO B 29 -1.27 -18.36 -10.37
C PRO B 29 -2.62 -17.69 -10.57
N ASN B 30 -2.66 -16.38 -10.40
CA ASN B 30 -3.89 -15.62 -10.55
C ASN B 30 -3.60 -14.33 -11.31
N LYS B 31 -4.35 -14.10 -12.38
CA LYS B 31 -4.19 -12.88 -13.18
C LYS B 31 -4.60 -11.68 -12.33
N GLU B 32 -5.53 -11.92 -11.42
CA GLU B 32 -6.03 -10.89 -10.52
C GLU B 32 -4.90 -10.44 -9.61
N TRP B 33 -4.09 -11.39 -9.18
CA TRP B 33 -2.96 -11.11 -8.30
C TRP B 33 -1.95 -10.23 -9.02
N LEU B 34 -1.76 -10.49 -10.30
CA LEU B 34 -0.82 -9.71 -11.10
C LEU B 34 -1.33 -8.28 -11.22
N LEU B 35 -2.61 -8.13 -11.50
CA LEU B 35 -3.23 -6.81 -11.62
C LEU B 35 -3.13 -6.06 -10.30
N GLN B 36 -3.24 -6.81 -9.21
CA GLN B 36 -3.15 -6.24 -7.87
C GLN B 36 -1.73 -5.82 -7.57
N SER B 37 -0.78 -6.66 -7.98
CA SER B 37 0.63 -6.42 -7.77
C SER B 37 1.04 -5.10 -8.44
N ILE B 38 0.64 -4.93 -9.69
CA ILE B 38 0.95 -3.72 -10.43
C ILE B 38 0.38 -2.50 -9.71
N GLU B 39 -0.86 -2.63 -9.23
CA GLU B 39 -1.50 -1.55 -8.50
C GLU B 39 -0.72 -1.22 -7.24
N GLY B 40 -0.12 -2.26 -6.65
CA GLY B 40 0.67 -2.08 -5.45
C GLY B 40 1.92 -1.27 -5.72
N MET B 41 2.67 -1.66 -6.76
CA MET B 41 3.90 -0.95 -7.10
C MET B 41 3.59 0.46 -7.57
N ILE B 42 2.51 0.64 -8.33
CA ILE B 42 2.12 1.97 -8.79
C ILE B 42 1.79 2.86 -7.59
N LYS B 43 1.18 2.28 -6.57
CA LYS B 43 0.83 3.03 -5.36
C LYS B 43 2.08 3.55 -4.67
N GLU B 44 3.04 2.65 -4.48
CA GLU B 44 4.31 3.00 -3.84
C GLU B 44 5.05 4.01 -4.70
N ALA B 45 5.04 3.77 -6.00
CA ALA B 45 5.70 4.66 -6.95
C ALA B 45 5.10 6.05 -6.90
N ALA B 46 3.77 6.10 -6.91
CA ALA B 46 3.05 7.37 -6.85
C ALA B 46 3.39 8.10 -5.56
N ALA B 47 3.47 7.34 -4.48
CA ALA B 47 3.80 7.90 -3.17
C ALA B 47 5.18 8.57 -3.21
N GLU B 48 6.10 7.96 -3.95
CA GLU B 48 7.44 8.49 -4.07
C GLU B 48 7.41 9.74 -4.94
N VAL B 49 6.55 9.74 -5.94
CA VAL B 49 6.39 10.88 -6.83
C VAL B 49 5.86 12.06 -6.04
N LEU B 50 4.98 11.79 -5.10
CA LEU B 50 4.41 12.81 -4.25
C LEU B 50 5.49 13.40 -3.34
N ARG B 51 6.42 12.55 -2.93
CA ARG B 51 7.52 12.95 -2.07
C ARG B 51 8.57 13.70 -2.88
N ASN B 52 8.63 13.38 -4.16
CA ASN B 52 9.58 13.98 -5.08
C ASN B 52 8.87 14.45 -6.35
N PRO B 53 8.06 15.52 -6.24
CA PRO B 53 7.29 16.06 -7.37
C PRO B 53 8.16 16.49 -8.55
N ASN B 54 9.40 16.83 -8.24
CA ASN B 54 10.36 17.27 -9.25
C ASN B 54 11.09 16.09 -9.88
N GLN B 55 10.75 14.88 -9.48
CA GLN B 55 11.39 13.69 -10.03
C GLN B 55 10.67 13.23 -11.29
N GLU B 56 11.27 13.53 -12.44
CA GLU B 56 10.70 13.18 -13.72
C GLU B 56 10.71 11.66 -13.95
N ASN B 57 11.84 11.04 -13.67
CA ASN B 57 11.98 9.59 -13.84
C ASN B 57 11.03 8.84 -12.93
N LEU B 58 10.73 9.40 -11.77
CA LEU B 58 9.81 8.78 -10.85
C LEU B 58 8.41 8.78 -11.45
N ARG B 59 8.05 9.91 -12.05
CA ARG B 59 6.75 10.07 -12.69
C ARG B 59 6.63 9.09 -13.84
N ARG B 60 7.67 9.03 -14.66
CA ARG B 60 7.70 8.13 -15.81
C ARG B 60 7.66 6.68 -15.33
N HIS B 61 8.33 6.43 -14.22
CA HIS B 61 8.35 5.09 -13.63
C HIS B 61 6.94 4.70 -13.20
N ALA B 62 6.28 5.62 -12.51
CA ALA B 62 4.91 5.40 -12.06
C ALA B 62 4.01 5.19 -13.27
N ASN B 63 4.26 5.97 -14.30
CA ASN B 63 3.53 5.88 -15.55
C ASN B 63 3.77 4.52 -16.20
N LYS B 64 4.99 4.02 -16.05
CA LYS B 64 5.34 2.72 -16.62
C LYS B 64 4.54 1.63 -15.92
N LEU B 65 4.25 1.84 -14.65
CA LEU B 65 3.44 0.89 -13.89
C LEU B 65 2.03 0.92 -14.45
N LEU B 66 1.58 2.12 -14.79
CA LEU B 66 0.26 2.33 -15.38
C LEU B 66 0.21 1.62 -16.74
N SER B 67 1.32 1.72 -17.45
CA SER B 67 1.45 1.09 -18.75
C SER B 67 1.43 -0.42 -18.62
N LEU B 68 2.16 -0.92 -17.63
CA LEU B 68 2.23 -2.35 -17.35
C LEU B 68 0.85 -2.87 -16.95
N LYS B 69 0.12 -2.08 -16.18
CA LYS B 69 -1.22 -2.45 -15.74
C LYS B 69 -2.11 -2.62 -16.95
N LYS B 70 -1.96 -1.72 -17.91
CA LYS B 70 -2.72 -1.78 -19.15
C LYS B 70 -2.33 -3.02 -19.93
N ARG B 71 -1.03 -3.29 -19.96
CA ARG B 71 -0.50 -4.46 -20.66
C ARG B 71 -1.08 -5.74 -20.07
N ALA B 72 -1.05 -5.84 -18.74
CA ALA B 72 -1.57 -7.01 -18.05
C ALA B 72 -3.07 -7.16 -18.31
N TYR B 73 -3.75 -6.03 -18.45
CA TYR B 73 -5.18 -6.01 -18.73
C TYR B 73 -5.45 -6.59 -20.11
N GLU B 74 -4.58 -6.27 -21.05
CA GLU B 74 -4.68 -6.74 -22.42
C GLU B 74 -4.24 -8.19 -22.53
N LEU B 75 -3.52 -8.67 -21.53
CA LEU B 75 -3.04 -10.04 -21.50
C LEU B 75 -4.19 -10.99 -21.19
N PRO B 76 -4.31 -12.09 -21.94
CA PRO B 76 -5.37 -13.08 -21.72
C PRO B 76 -5.20 -13.81 -20.39
N ASP C 6 -13.84 -7.89 21.23
CA ASP C 6 -13.59 -8.28 19.86
C ASP C 6 -13.08 -7.08 19.07
N ASP C 7 -14.00 -6.34 18.46
CA ASP C 7 -13.62 -5.15 17.71
C ASP C 7 -13.86 -3.95 18.60
N SER C 8 -12.79 -3.20 18.90
CA SER C 8 -12.87 -2.04 19.76
C SER C 8 -13.95 -1.07 19.31
N ALA C 9 -15.07 -1.06 20.04
CA ALA C 9 -16.18 -0.19 19.73
C ALA C 9 -16.03 1.14 20.44
N ALA C 10 -15.14 1.17 21.43
CA ALA C 10 -14.88 2.38 22.20
C ALA C 10 -14.51 3.52 21.26
N GLU C 11 -13.43 3.34 20.53
CA GLU C 11 -12.98 4.33 19.57
C GLU C 11 -13.27 3.84 18.17
N TRP C 12 -12.46 4.24 17.20
CA TRP C 12 -12.63 3.84 15.81
C TRP C 12 -14.00 4.30 15.33
N ASN C 13 -14.14 5.61 15.29
CA ASN C 13 -15.37 6.25 14.90
C ASN C 13 -15.23 6.96 13.58
N VAL C 14 -16.25 6.88 12.76
CA VAL C 14 -16.28 7.57 11.49
C VAL C 14 -17.70 8.07 11.25
N SER C 15 -17.85 9.36 10.98
CA SER C 15 -19.16 9.95 10.76
C SER C 15 -19.05 11.30 10.06
N ARG C 16 -20.16 12.00 9.95
CA ARG C 16 -20.20 13.30 9.32
C ARG C 16 -20.04 14.40 10.37
N THR C 17 -19.23 15.38 10.06
CA THR C 17 -18.99 16.49 10.97
C THR C 17 -20.07 17.55 10.81
N PRO C 18 -20.25 18.39 11.83
CA PRO C 18 -21.24 19.47 11.81
C PRO C 18 -20.88 20.52 10.78
N ASP C 19 -19.62 20.51 10.38
CA ASP C 19 -19.11 21.45 9.38
C ASP C 19 -19.42 20.94 7.98
N GLY C 20 -19.87 19.70 7.89
CA GLY C 20 -20.22 19.12 6.60
C GLY C 20 -19.09 18.29 6.02
N ASP C 21 -18.21 17.80 6.88
CA ASP C 21 -17.09 16.97 6.44
C ASP C 21 -17.24 15.58 7.05
N TYR C 22 -16.20 14.76 6.96
CA TYR C 22 -16.25 13.43 7.55
C TYR C 22 -15.20 13.31 8.63
N ARG C 23 -15.58 12.81 9.80
CA ARG C 23 -14.66 12.68 10.92
C ARG C 23 -14.30 11.22 11.17
N LEU C 24 -13.01 10.97 11.26
CA LEU C 24 -12.50 9.64 11.53
C LEU C 24 -11.62 9.68 12.79
N ALA C 25 -11.96 8.87 13.78
CA ALA C 25 -11.23 8.83 15.03
C ALA C 25 -10.84 7.41 15.41
N ILE C 26 -9.56 7.08 15.31
CA ILE C 26 -9.10 5.74 15.64
C ILE C 26 -8.01 5.78 16.71
N THR C 27 -7.58 4.60 17.16
CA THR C 27 -6.56 4.49 18.18
C THR C 27 -5.58 3.36 17.87
N CYS C 28 -4.33 3.51 18.31
CA CYS C 28 -3.31 2.49 18.12
C CYS C 28 -2.27 2.62 19.23
N PRO C 29 -1.94 1.50 19.89
CA PRO C 29 -0.95 1.49 20.97
C PRO C 29 0.48 1.37 20.45
N ASN C 30 0.65 1.58 19.16
CA ASN C 30 1.97 1.49 18.54
C ASN C 30 2.16 2.61 17.53
N LYS C 31 3.29 3.28 17.62
CA LYS C 31 3.59 4.37 16.70
C LYS C 31 3.78 3.82 15.30
N GLU C 32 4.28 2.59 15.23
CA GLU C 32 4.53 1.92 13.96
C GLU C 32 3.22 1.63 13.26
N TRP C 33 2.20 1.32 14.04
CA TRP C 33 0.88 1.03 13.49
C TRP C 33 0.32 2.26 12.81
N LEU C 34 0.46 3.39 13.48
CA LEU C 34 -0.02 4.65 12.94
C LEU C 34 0.79 5.03 11.72
N LEU C 35 2.11 4.85 11.82
CA LEU C 35 3.02 5.16 10.73
C LEU C 35 2.69 4.32 9.51
N GLN C 36 2.41 3.04 9.74
CA GLN C 36 2.07 2.13 8.66
C GLN C 36 0.74 2.55 8.05
N SER C 37 -0.19 2.94 8.91
CA SER C 37 -1.50 3.37 8.49
C SER C 37 -1.38 4.60 7.60
N ILE C 38 -0.53 5.54 7.99
CA ILE C 38 -0.30 6.75 7.22
C ILE C 38 0.32 6.41 5.87
N GLU C 39 1.30 5.52 5.90
CA GLU C 39 1.97 5.09 4.68
C GLU C 39 0.99 4.44 3.72
N GLY C 40 0.08 3.65 4.28
CA GLY C 40 -0.92 2.98 3.47
C GLY C 40 -1.87 3.95 2.80
N MET C 41 -2.38 4.90 3.58
CA MET C 41 -3.31 5.88 3.05
C MET C 41 -2.62 6.84 2.08
N ILE C 42 -1.39 7.25 2.40
CA ILE C 42 -0.64 8.13 1.52
C ILE C 42 -0.42 7.45 0.17
N LYS C 43 -0.22 6.13 0.20
CA LYS C 43 0.02 5.36 -1.02
C LYS C 43 -1.15 5.46 -1.98
N GLU C 44 -2.36 5.20 -1.48
CA GLU C 44 -3.56 5.25 -2.30
C GLU C 44 -3.86 6.68 -2.71
N ALA C 45 -3.65 7.60 -1.77
CA ALA C 45 -3.88 9.01 -2.01
C ALA C 45 -2.97 9.53 -3.11
N ALA C 46 -1.71 9.13 -3.06
CA ALA C 46 -0.73 9.53 -4.04
C ALA C 46 -1.13 9.09 -5.43
N ALA C 47 -1.71 7.89 -5.52
CA ALA C 47 -2.16 7.36 -6.79
C ALA C 47 -3.24 8.26 -7.39
N GLU C 48 -4.11 8.78 -6.53
CA GLU C 48 -5.17 9.66 -6.97
C GLU C 48 -4.58 10.99 -7.44
N VAL C 49 -3.57 11.44 -6.71
CA VAL C 49 -2.89 12.70 -7.05
C VAL C 49 -2.19 12.57 -8.40
N LEU C 50 -1.64 11.39 -8.66
CA LEU C 50 -0.97 11.12 -9.92
C LEU C 50 -1.97 11.15 -11.07
N ARG C 51 -3.18 10.70 -10.80
CA ARG C 51 -4.24 10.67 -11.79
C ARG C 51 -4.83 12.06 -11.98
N ASN C 52 -4.79 12.85 -10.91
CA ASN C 52 -5.33 14.21 -10.92
C ASN C 52 -4.32 15.18 -10.34
N PRO C 53 -3.24 15.46 -11.09
CA PRO C 53 -2.17 16.38 -10.65
C PRO C 53 -2.68 17.79 -10.40
N ASN C 54 -3.79 18.11 -11.05
CA ASN C 54 -4.40 19.43 -10.92
C ASN C 54 -5.37 19.48 -9.73
N GLN C 55 -5.45 18.39 -8.97
CA GLN C 55 -6.32 18.35 -7.79
C GLN C 55 -5.56 18.86 -6.58
N GLU C 56 -5.74 20.14 -6.28
CA GLU C 56 -5.05 20.78 -5.15
C GLU C 56 -5.39 20.10 -3.83
N ASN C 57 -6.67 19.94 -3.54
CA ASN C 57 -7.10 19.31 -2.29
C ASN C 57 -6.57 17.88 -2.19
N LEU C 58 -6.42 17.21 -3.31
CA LEU C 58 -5.88 15.86 -3.32
C LEU C 58 -4.40 15.91 -2.96
N ARG C 59 -3.71 16.87 -3.57
CA ARG C 59 -2.29 17.07 -3.33
C ARG C 59 -2.06 17.45 -1.88
N ARG C 60 -2.88 18.35 -1.37
CA ARG C 60 -2.77 18.80 0.01
C ARG C 60 -3.12 17.65 0.95
N HIS C 61 -4.08 16.83 0.57
CA HIS C 61 -4.48 15.69 1.39
C HIS C 61 -3.32 14.72 1.51
N ALA C 62 -2.68 14.43 0.37
CA ALA C 62 -1.54 13.53 0.35
C ALA C 62 -0.41 14.13 1.17
N ASN C 63 -0.24 15.43 1.03
CA ASN C 63 0.78 16.16 1.77
C ASN C 63 0.46 16.13 3.26
N LYS C 64 -0.84 16.16 3.58
CA LYS C 64 -1.28 16.11 4.96
C LYS C 64 -0.88 14.78 5.58
N LEU C 65 -0.87 13.73 4.76
CA LEU C 65 -0.48 12.41 5.22
C LEU C 65 1.01 12.44 5.53
N LEU C 66 1.75 13.12 4.66
CA LEU C 66 3.19 13.27 4.81
C LEU C 66 3.47 14.04 6.10
N SER C 67 2.68 15.07 6.34
CA SER C 67 2.79 15.89 7.54
C SER C 67 2.42 15.09 8.78
N LEU C 68 1.33 14.34 8.66
CA LEU C 68 0.84 13.50 9.75
C LEU C 68 1.85 12.42 10.10
N LYS C 69 2.51 11.88 9.07
CA LYS C 69 3.53 10.86 9.26
C LYS C 69 4.64 11.39 10.15
N LYS C 70 5.02 12.64 9.91
CA LYS C 70 6.05 13.29 10.69
C LYS C 70 5.62 13.40 12.14
N ARG C 71 4.37 13.79 12.35
CA ARG C 71 3.83 13.93 13.69
C ARG C 71 3.86 12.61 14.44
N ALA C 72 3.48 11.54 13.76
CA ALA C 72 3.48 10.21 14.38
C ALA C 72 4.91 9.76 14.68
N TYR C 73 5.84 10.16 13.83
CA TYR C 73 7.24 9.80 13.99
C TYR C 73 7.81 10.44 15.25
N GLU C 74 7.45 11.70 15.46
CA GLU C 74 7.93 12.46 16.61
C GLU C 74 7.08 12.25 17.86
N LEU C 75 6.03 11.44 17.73
CA LEU C 75 5.13 11.17 18.86
C LEU C 75 5.82 10.35 19.94
N PRO C 76 5.88 10.89 21.17
CA PRO C 76 6.50 10.22 22.30
C PRO C 76 5.53 9.31 23.03
N ASP D 6 -3.08 22.54 5.10
CA ASP D 6 -2.26 21.44 5.61
C ASP D 6 -2.34 21.40 7.12
N ASP D 7 -2.16 22.56 7.74
CA ASP D 7 -2.20 22.67 9.20
C ASP D 7 -3.63 22.94 9.67
N SER D 8 -4.37 21.87 9.90
CA SER D 8 -5.74 21.96 10.36
C SER D 8 -5.78 22.28 11.85
N ALA D 9 -6.50 23.34 12.21
CA ALA D 9 -6.61 23.76 13.60
C ALA D 9 -7.80 23.11 14.30
N ALA D 10 -8.71 22.55 13.52
CA ALA D 10 -9.89 21.91 14.08
C ALA D 10 -9.81 20.40 13.99
N GLU D 11 -9.47 19.91 12.82
CA GLU D 11 -9.38 18.47 12.59
C GLU D 11 -7.94 18.04 12.37
N TRP D 12 -7.77 16.80 11.93
CA TRP D 12 -6.45 16.20 11.69
C TRP D 12 -5.57 16.35 12.92
N ASN D 13 -5.89 15.55 13.92
CA ASN D 13 -5.18 15.59 15.19
C ASN D 13 -4.69 14.21 15.56
N VAL D 14 -3.48 14.13 16.08
CA VAL D 14 -2.92 12.88 16.52
C VAL D 14 -2.10 13.11 17.79
N SER D 15 -2.39 12.36 18.83
CA SER D 15 -1.68 12.52 20.09
C SER D 15 -1.84 11.29 20.97
N ARG D 16 -1.36 11.39 22.19
CA ARG D 16 -1.42 10.28 23.14
C ARG D 16 -2.67 10.34 24.00
N THR D 17 -3.45 9.26 23.97
CA THR D 17 -4.65 9.17 24.78
C THR D 17 -4.38 8.33 26.01
N PRO D 18 -5.06 8.63 27.12
CA PRO D 18 -4.89 7.91 28.37
C PRO D 18 -5.38 6.46 28.31
N ASP D 19 -6.46 6.24 27.57
CA ASP D 19 -7.05 4.90 27.46
C ASP D 19 -6.79 4.27 26.10
N GLY D 20 -6.32 5.04 25.15
CA GLY D 20 -6.09 4.50 23.82
C GLY D 20 -4.65 4.59 23.37
N ASP D 21 -3.81 5.22 24.19
CA ASP D 21 -2.38 5.38 23.90
C ASP D 21 -2.16 6.46 22.87
N TYR D 22 -2.66 6.25 21.68
CA TYR D 22 -2.55 7.24 20.62
C TYR D 22 -3.90 7.41 19.94
N ARG D 23 -4.29 8.65 19.77
CA ARG D 23 -5.57 8.99 19.16
C ARG D 23 -5.35 9.73 17.86
N LEU D 24 -5.99 9.27 16.80
CA LEU D 24 -5.86 9.91 15.51
C LEU D 24 -7.26 10.33 15.01
N ALA D 25 -7.43 11.64 14.83
CA ALA D 25 -8.69 12.20 14.37
C ALA D 25 -8.48 12.95 13.07
N ILE D 26 -9.02 12.44 11.97
CA ILE D 26 -8.85 13.07 10.68
C ILE D 26 -10.18 13.35 10.01
N THR D 27 -10.14 14.11 8.91
CA THR D 27 -11.34 14.45 8.17
C THR D 27 -11.08 14.35 6.66
N CYS D 28 -12.13 14.07 5.90
CA CYS D 28 -12.00 13.95 4.45
C CYS D 28 -13.33 14.34 3.80
N PRO D 29 -13.29 15.21 2.78
CA PRO D 29 -14.49 15.65 2.07
C PRO D 29 -14.92 14.66 0.99
N ASN D 30 -14.36 13.46 1.02
CA ASN D 30 -14.68 12.45 0.04
C ASN D 30 -14.77 11.09 0.69
N LYS D 31 -15.82 10.36 0.37
CA LYS D 31 -16.04 9.03 0.91
C LYS D 31 -14.98 8.08 0.35
N GLU D 32 -14.56 8.36 -0.88
CA GLU D 32 -13.55 7.57 -1.55
C GLU D 32 -12.21 7.69 -0.84
N TRP D 33 -11.94 8.86 -0.30
CA TRP D 33 -10.70 9.12 0.41
C TRP D 33 -10.63 8.26 1.65
N LEU D 34 -11.75 8.20 2.38
CA LEU D 34 -11.82 7.42 3.59
C LEU D 34 -11.71 5.93 3.26
N LEU D 35 -12.46 5.51 2.25
CA LEU D 35 -12.44 4.12 1.82
C LEU D 35 -11.04 3.68 1.41
N GLN D 36 -10.35 4.54 0.67
CA GLN D 36 -9.00 4.22 0.21
C GLN D 36 -8.02 4.25 1.36
N SER D 37 -8.25 5.14 2.32
CA SER D 37 -7.38 5.25 3.48
C SER D 37 -7.43 3.96 4.28
N ILE D 38 -8.64 3.46 4.50
CA ILE D 38 -8.82 2.22 5.24
C ILE D 38 -8.16 1.06 4.50
N GLU D 39 -8.42 1.00 3.19
CA GLU D 39 -7.87 -0.04 2.34
C GLU D 39 -6.35 -0.04 2.36
N GLY D 40 -5.77 1.15 2.27
CA GLY D 40 -4.33 1.27 2.28
C GLY D 40 -3.75 0.90 3.62
N MET D 41 -4.40 1.36 4.68
CA MET D 41 -3.96 1.10 6.04
C MET D 41 -4.11 -0.37 6.40
N ILE D 42 -5.23 -1.00 6.00
CA ILE D 42 -5.46 -2.42 6.26
C ILE D 42 -4.37 -3.25 5.60
N LYS D 43 -3.93 -2.83 4.41
CA LYS D 43 -2.89 -3.54 3.67
C LYS D 43 -1.60 -3.62 4.47
N GLU D 44 -1.19 -2.48 5.02
CA GLU D 44 0.02 -2.41 5.82
C GLU D 44 -0.14 -3.22 7.10
N ALA D 45 -1.32 -3.07 7.70
CA ALA D 45 -1.64 -3.78 8.93
C ALA D 45 -1.59 -5.29 8.70
N ALA D 46 -2.17 -5.73 7.60
CA ALA D 46 -2.18 -7.13 7.25
C ALA D 46 -0.76 -7.64 7.04
N ALA D 47 0.07 -6.80 6.43
CA ALA D 47 1.46 -7.14 6.17
C ALA D 47 2.20 -7.35 7.50
N GLU D 48 1.85 -6.55 8.50
CA GLU D 48 2.44 -6.66 9.81
C GLU D 48 2.03 -7.99 10.43
N VAL D 49 0.78 -8.35 10.21
CA VAL D 49 0.23 -9.61 10.72
C VAL D 49 1.01 -10.80 10.15
N LEU D 50 1.43 -10.68 8.90
CA LEU D 50 2.19 -11.74 8.26
C LEU D 50 3.58 -11.83 8.89
N ARG D 51 4.13 -10.68 9.30
CA ARG D 51 5.43 -10.63 9.94
C ARG D 51 5.34 -11.09 11.39
N ASN D 52 4.16 -10.92 11.97
CA ASN D 52 3.88 -11.30 13.34
C ASN D 52 2.56 -12.06 13.42
N PRO D 53 2.55 -13.31 12.91
CA PRO D 53 1.34 -14.15 12.87
C PRO D 53 0.72 -14.38 14.24
N ASN D 54 1.56 -14.40 15.26
CA ASN D 54 1.09 -14.63 16.62
C ASN D 54 0.57 -13.35 17.28
N GLN D 55 0.60 -12.23 16.56
CA GLN D 55 0.12 -10.97 17.10
C GLN D 55 -1.39 -10.88 16.97
N GLU D 56 -2.10 -11.15 18.05
CA GLU D 56 -3.55 -11.12 18.05
C GLU D 56 -4.06 -9.69 17.88
N ASN D 57 -3.51 -8.77 18.67
CA ASN D 57 -3.92 -7.37 18.60
C ASN D 57 -3.66 -6.80 17.21
N LEU D 58 -2.64 -7.29 16.52
CA LEU D 58 -2.34 -6.85 15.18
C LEU D 58 -3.46 -7.32 14.25
N ARG D 59 -3.86 -8.57 14.44
CA ARG D 59 -4.93 -9.16 13.66
C ARG D 59 -6.24 -8.43 13.94
N ARG D 60 -6.44 -8.13 15.22
CA ARG D 60 -7.62 -7.41 15.64
C ARG D 60 -7.61 -6.01 15.06
N HIS D 61 -6.43 -5.43 14.99
CA HIS D 61 -6.26 -4.10 14.43
C HIS D 61 -6.63 -4.13 12.95
N ALA D 62 -6.09 -5.12 12.25
CA ALA D 62 -6.38 -5.28 10.83
C ALA D 62 -7.87 -5.53 10.64
N ASN D 63 -8.44 -6.33 11.53
CA ASN D 63 -9.86 -6.62 11.51
C ASN D 63 -10.66 -5.35 11.75
N LYS D 64 -10.14 -4.47 12.60
CA LYS D 64 -10.82 -3.22 12.89
C LYS D 64 -10.92 -2.39 11.62
N LEU D 65 -9.90 -2.50 10.77
CA LEU D 65 -9.89 -1.79 9.50
C LEU D 65 -10.91 -2.41 8.56
N LEU D 66 -10.97 -3.73 8.57
CA LEU D 66 -11.92 -4.46 7.74
C LEU D 66 -13.33 -4.03 8.12
N SER D 67 -13.54 -3.87 9.42
CA SER D 67 -14.82 -3.45 9.95
C SER D 67 -15.08 -1.98 9.61
N LEU D 68 -14.05 -1.16 9.77
CA LEU D 68 -14.13 0.26 9.47
C LEU D 68 -14.45 0.48 8.00
N LYS D 69 -13.85 -0.33 7.14
CA LYS D 69 -14.09 -0.25 5.69
C LYS D 69 -15.56 -0.53 5.41
N LYS D 70 -16.10 -1.48 6.15
CA LYS D 70 -17.50 -1.86 6.02
C LYS D 70 -18.37 -0.71 6.50
N ARG D 71 -17.98 -0.12 7.62
CA ARG D 71 -18.70 1.01 8.20
C ARG D 71 -18.73 2.18 7.22
N ALA D 72 -17.60 2.41 6.55
CA ALA D 72 -17.50 3.49 5.58
C ALA D 72 -18.32 3.18 4.34
N TYR D 73 -18.40 1.90 4.00
CA TYR D 73 -19.17 1.46 2.84
C TYR D 73 -20.66 1.67 3.08
N GLU D 74 -21.09 1.40 4.30
CA GLU D 74 -22.50 1.56 4.66
C GLU D 74 -22.81 2.99 5.09
N LEU D 75 -21.79 3.84 5.09
CA LEU D 75 -21.95 5.24 5.46
C LEU D 75 -22.79 5.98 4.42
N PRO D 76 -23.86 6.65 4.87
CA PRO D 76 -24.75 7.41 3.98
C PRO D 76 -24.03 8.56 3.29
N ASP A 6 4.19 4.51 -23.15
CA ASP A 6 5.23 3.50 -23.22
C ASP A 6 4.69 2.17 -22.75
N ASP A 7 5.30 1.10 -23.21
CA ASP A 7 4.89 -0.25 -22.84
C ASP A 7 6.11 -1.15 -22.75
N SER A 8 6.73 -1.39 -23.89
CA SER A 8 7.92 -2.22 -23.96
C SER A 8 9.08 -1.43 -24.53
N ALA A 9 9.79 -0.72 -23.65
CA ALA A 9 10.93 0.09 -24.05
C ALA A 9 12.18 -0.77 -24.18
N ALA A 10 12.19 -1.88 -23.46
CA ALA A 10 13.31 -2.82 -23.47
C ALA A 10 12.92 -4.10 -22.76
N GLU A 11 12.53 -3.95 -21.50
CA GLU A 11 12.12 -5.08 -20.68
C GLU A 11 10.63 -4.99 -20.39
N TRP A 12 10.26 -5.41 -19.18
CA TRP A 12 8.85 -5.39 -18.75
C TRP A 12 8.04 -6.37 -19.59
N ASN A 13 8.34 -7.64 -19.37
CA ASN A 13 7.69 -8.72 -20.08
C ASN A 13 6.81 -9.52 -19.14
N VAL A 14 5.67 -9.93 -19.62
CA VAL A 14 4.76 -10.73 -18.82
C VAL A 14 4.10 -11.80 -19.69
N SER A 15 4.20 -13.05 -19.25
CA SER A 15 3.63 -14.17 -19.97
C SER A 15 3.20 -15.27 -19.01
N ARG A 16 2.61 -16.32 -19.53
CA ARG A 16 2.15 -17.44 -18.74
C ARG A 16 3.16 -18.58 -18.75
N THR A 17 3.66 -18.95 -17.57
CA THR A 17 4.62 -20.02 -17.45
C THR A 17 3.90 -21.29 -17.03
N PRO A 18 4.40 -22.45 -17.46
CA PRO A 18 3.78 -23.74 -17.14
C PRO A 18 3.73 -24.05 -15.65
N ASP A 19 4.82 -23.78 -14.95
CA ASP A 19 4.90 -24.07 -13.52
C ASP A 19 4.84 -22.81 -12.67
N GLY A 20 4.98 -21.66 -13.30
CA GLY A 20 4.96 -20.42 -12.56
C GLY A 20 3.71 -19.60 -12.78
N ASP A 21 2.88 -20.06 -13.72
CA ASP A 21 1.62 -19.40 -14.05
C ASP A 21 1.86 -18.12 -14.81
N TYR A 22 2.18 -17.06 -14.11
CA TYR A 22 2.46 -15.79 -14.77
C TYR A 22 3.87 -15.36 -14.43
N ARG A 23 4.63 -15.00 -15.46
CA ARG A 23 6.00 -14.57 -15.29
C ARG A 23 6.12 -13.11 -15.67
N LEU A 24 6.69 -12.33 -14.78
CA LEU A 24 6.88 -10.91 -15.05
C LEU A 24 8.35 -10.52 -14.88
N ALA A 25 8.91 -9.91 -15.91
CA ALA A 25 10.31 -9.49 -15.90
C ALA A 25 10.43 -7.98 -16.17
N ILE A 26 10.57 -7.19 -15.13
CA ILE A 26 10.66 -5.74 -15.29
C ILE A 26 12.04 -5.20 -14.92
N THR A 27 12.22 -3.90 -15.11
CA THR A 27 13.48 -3.23 -14.81
C THR A 27 13.25 -1.84 -14.22
N CYS A 28 14.24 -1.35 -13.48
CA CYS A 28 14.17 -0.03 -12.87
C CYS A 28 15.60 0.51 -12.72
N PRO A 29 15.84 1.74 -13.17
CA PRO A 29 17.17 2.36 -13.08
C PRO A 29 17.46 2.91 -11.69
N ASN A 30 16.63 2.58 -10.72
CA ASN A 30 16.81 3.03 -9.36
C ASN A 30 16.54 1.89 -8.39
N LYS A 31 17.46 1.70 -7.47
CA LYS A 31 17.33 0.63 -6.48
C LYS A 31 16.19 0.95 -5.52
N GLU A 32 15.94 2.23 -5.32
CA GLU A 32 14.87 2.68 -4.44
C GLU A 32 13.51 2.38 -5.06
N TRP A 33 13.45 2.43 -6.39
CA TRP A 33 12.23 2.15 -7.11
C TRP A 33 11.82 0.70 -6.93
N LEU A 34 12.78 -0.19 -6.98
CA LEU A 34 12.51 -1.62 -6.81
C LEU A 34 12.04 -1.88 -5.38
N LEU A 35 12.74 -1.29 -4.42
CA LEU A 35 12.40 -1.43 -3.01
C LEU A 35 10.97 -0.99 -2.75
N GLN A 36 10.60 0.14 -3.33
CA GLN A 36 9.26 0.69 -3.17
C GLN A 36 8.23 -0.22 -3.82
N SER A 37 8.55 -0.71 -5.01
CA SER A 37 7.67 -1.58 -5.76
C SER A 37 7.34 -2.83 -4.94
N ILE A 38 8.35 -3.44 -4.36
CA ILE A 38 8.16 -4.64 -3.56
C ILE A 38 7.29 -4.34 -2.34
N GLU A 39 7.57 -3.23 -1.68
CA GLU A 39 6.80 -2.81 -0.50
C GLU A 39 5.34 -2.59 -0.88
N GLY A 40 5.12 -2.06 -2.07
CA GLY A 40 3.76 -1.82 -2.53
C GLY A 40 3.02 -3.10 -2.80
N MET A 41 3.66 -4.02 -3.51
CA MET A 41 3.05 -5.29 -3.85
C MET A 41 2.79 -6.13 -2.59
N ILE A 42 3.69 -6.07 -1.61
CA ILE A 42 3.48 -6.82 -0.37
C ILE A 42 2.25 -6.31 0.36
N LYS A 43 2.00 -5.01 0.29
CA LYS A 43 0.84 -4.41 0.95
C LYS A 43 -0.46 -4.98 0.39
N GLU A 44 -0.55 -5.06 -0.92
CA GLU A 44 -1.75 -5.58 -1.57
C GLU A 44 -1.89 -7.07 -1.30
N ALA A 45 -0.77 -7.77 -1.36
CA ALA A 45 -0.74 -9.21 -1.10
C ALA A 45 -1.27 -9.52 0.30
N ALA A 46 -0.98 -8.63 1.22
CA ALA A 46 -1.43 -8.76 2.59
C ALA A 46 -2.95 -8.69 2.65
N ALA A 47 -3.52 -7.84 1.80
CA ALA A 47 -4.97 -7.70 1.72
C ALA A 47 -5.59 -9.01 1.28
N GLU A 48 -4.90 -9.74 0.42
CA GLU A 48 -5.39 -11.03 -0.05
C GLU A 48 -5.38 -11.98 1.12
N VAL A 49 -4.32 -11.90 1.92
CA VAL A 49 -4.18 -12.73 3.11
C VAL A 49 -5.35 -12.47 4.07
N LEU A 50 -5.77 -11.23 4.13
CA LEU A 50 -6.90 -10.85 4.98
C LEU A 50 -8.19 -11.47 4.42
N ARG A 51 -8.27 -11.57 3.09
CA ARG A 51 -9.44 -12.13 2.43
C ARG A 51 -9.45 -13.64 2.56
N ASN A 52 -8.26 -14.20 2.73
CA ASN A 52 -8.09 -15.65 2.89
C ASN A 52 -7.17 -15.91 4.09
N PRO A 53 -7.68 -15.65 5.30
CA PRO A 53 -6.92 -15.81 6.56
C PRO A 53 -6.35 -17.21 6.76
N ASN A 54 -7.07 -18.20 6.26
CA ASN A 54 -6.64 -19.60 6.39
C ASN A 54 -5.71 -20.01 5.27
N GLN A 55 -5.32 -19.07 4.42
CA GLN A 55 -4.43 -19.35 3.31
C GLN A 55 -2.97 -19.19 3.71
N GLU A 56 -2.30 -20.30 4.03
CA GLU A 56 -0.89 -20.24 4.39
C GLU A 56 -0.06 -19.89 3.17
N ASN A 57 -0.48 -20.37 2.01
CA ASN A 57 0.20 -20.08 0.75
C ASN A 57 0.23 -18.59 0.50
N LEU A 58 -0.83 -17.91 0.94
CA LEU A 58 -0.91 -16.47 0.79
C LEU A 58 0.08 -15.80 1.71
N ARG A 59 0.25 -16.37 2.90
CA ARG A 59 1.20 -15.85 3.86
C ARG A 59 2.60 -16.09 3.33
N ARG A 60 2.81 -17.27 2.75
CA ARG A 60 4.09 -17.64 2.16
C ARG A 60 4.41 -16.72 1.00
N HIS A 61 3.39 -16.40 0.22
CA HIS A 61 3.53 -15.50 -0.91
C HIS A 61 3.94 -14.11 -0.42
N ALA A 62 3.23 -13.63 0.59
CA ALA A 62 3.50 -12.33 1.16
C ALA A 62 4.90 -12.32 1.75
N ASN A 63 5.26 -13.44 2.35
CA ASN A 63 6.57 -13.63 2.94
C ASN A 63 7.63 -13.56 1.85
N LYS A 64 7.29 -14.04 0.66
CA LYS A 64 8.23 -14.00 -0.47
C LYS A 64 8.53 -12.56 -0.84
N LEU A 65 7.51 -11.71 -0.71
CA LEU A 65 7.66 -10.29 -1.00
C LEU A 65 8.52 -9.64 0.07
N LEU A 66 8.28 -10.03 1.31
CA LEU A 66 9.03 -9.52 2.45
C LEU A 66 10.51 -9.84 2.27
N SER A 67 10.75 -11.04 1.75
CA SER A 67 12.09 -11.52 1.49
C SER A 67 12.70 -10.76 0.32
N LEU A 68 11.88 -10.57 -0.71
CA LEU A 68 12.31 -9.85 -1.91
C LEU A 68 12.74 -8.43 -1.56
N LYS A 69 11.99 -7.79 -0.68
CA LYS A 69 12.29 -6.43 -0.24
C LYS A 69 13.62 -6.42 0.50
N LYS A 70 13.84 -7.45 1.31
CA LYS A 70 15.07 -7.57 2.05
C LYS A 70 16.21 -7.90 1.11
N ARG A 71 15.92 -8.74 0.12
CA ARG A 71 16.90 -9.13 -0.89
C ARG A 71 17.38 -7.92 -1.67
N ALA A 72 16.43 -7.09 -2.09
CA ALA A 72 16.75 -5.88 -2.84
C ALA A 72 17.56 -4.94 -1.98
N TYR A 73 17.27 -4.95 -0.68
CA TYR A 73 17.98 -4.11 0.28
C TYR A 73 19.45 -4.56 0.39
N GLU A 74 19.64 -5.87 0.32
CA GLU A 74 20.97 -6.48 0.41
C GLU A 74 21.73 -6.37 -0.91
N LEU A 75 21.07 -5.86 -1.94
CA LEU A 75 21.71 -5.73 -3.26
C LEU A 75 22.13 -4.28 -3.52
N PRO A 76 23.42 -3.97 -3.29
CA PRO A 76 23.96 -2.64 -3.50
C PRO A 76 24.45 -2.46 -4.94
N ASP B 6 14.33 -23.31 -0.18
CA ASP B 6 15.22 -23.13 -1.32
C ASP B 6 15.05 -21.73 -1.89
N ASP B 7 16.16 -21.07 -2.22
CA ASP B 7 16.09 -19.74 -2.79
C ASP B 7 15.75 -19.84 -4.27
N SER B 8 14.67 -19.17 -4.66
CA SER B 8 14.18 -19.19 -6.03
C SER B 8 13.80 -20.62 -6.43
N ALA B 9 12.56 -21.01 -6.09
CA ALA B 9 12.06 -22.35 -6.38
C ALA B 9 12.08 -22.64 -7.88
N ALA B 10 11.81 -21.60 -8.65
CA ALA B 10 11.80 -21.69 -10.10
C ALA B 10 12.09 -20.32 -10.68
N GLU B 11 11.36 -19.33 -10.18
CA GLU B 11 11.54 -17.95 -10.60
C GLU B 11 11.94 -17.10 -9.41
N TRP B 12 11.52 -15.84 -9.42
CA TRP B 12 11.83 -14.90 -8.35
C TRP B 12 13.32 -14.61 -8.32
N ASN B 13 13.78 -14.01 -9.40
CA ASN B 13 15.18 -13.69 -9.56
C ASN B 13 15.37 -12.20 -9.76
N VAL B 14 16.43 -11.66 -9.17
CA VAL B 14 16.76 -10.26 -9.31
C VAL B 14 18.23 -10.13 -9.65
N SER B 15 18.54 -9.42 -10.72
CA SER B 15 19.90 -9.25 -11.16
C SER B 15 20.15 -7.82 -11.60
N ARG B 16 21.40 -7.50 -11.84
CA ARG B 16 21.80 -6.18 -12.29
C ARG B 16 22.07 -6.21 -13.78
N THR B 17 21.29 -5.45 -14.55
CA THR B 17 21.46 -5.41 -15.98
C THR B 17 22.26 -4.17 -16.37
N PRO B 18 23.08 -4.28 -17.42
CA PRO B 18 23.92 -3.17 -17.87
C PRO B 18 23.12 -1.95 -18.31
N ASP B 19 22.05 -2.19 -19.05
CA ASP B 19 21.23 -1.10 -19.57
C ASP B 19 19.91 -0.97 -18.84
N GLY B 20 19.59 -1.93 -18.00
CA GLY B 20 18.35 -1.89 -17.28
C GLY B 20 18.52 -1.67 -15.80
N ASP B 21 19.77 -1.72 -15.34
CA ASP B 21 20.12 -1.52 -13.93
C ASP B 21 19.75 -2.73 -13.10
N TYR B 22 18.49 -2.87 -12.78
CA TYR B 22 18.03 -4.01 -12.01
C TYR B 22 16.89 -4.71 -12.73
N ARG B 23 16.99 -6.02 -12.82
CA ARG B 23 15.98 -6.82 -13.48
C ARG B 23 15.35 -7.77 -12.46
N LEU B 24 14.03 -7.73 -12.37
CA LEU B 24 13.31 -8.61 -11.46
C LEU B 24 12.35 -9.52 -12.22
N ALA B 25 12.50 -10.81 -12.00
CA ALA B 25 11.68 -11.82 -12.65
C ALA B 25 10.94 -12.65 -11.61
N ILE B 26 9.65 -12.42 -11.44
CA ILE B 26 8.87 -13.16 -10.45
C ILE B 26 7.69 -13.89 -11.08
N THR B 27 6.97 -14.63 -10.26
CA THR B 27 5.81 -15.39 -10.71
C THR B 27 4.65 -15.31 -9.73
N CYS B 28 3.45 -15.59 -10.22
CA CYS B 28 2.25 -15.58 -9.39
C CYS B 28 1.20 -16.51 -9.98
N PRO B 29 0.64 -17.41 -9.16
CA PRO B 29 -0.38 -18.37 -9.60
C PRO B 29 -1.77 -17.76 -9.68
N ASN B 30 -1.84 -16.44 -9.74
CA ASN B 30 -3.12 -15.76 -9.85
C ASN B 30 -2.97 -14.48 -10.65
N LYS B 31 -3.95 -14.23 -11.50
CA LYS B 31 -3.96 -13.03 -12.34
C LYS B 31 -4.20 -11.81 -11.46
N GLU B 32 -4.98 -12.01 -10.40
CA GLU B 32 -5.31 -10.94 -9.48
C GLU B 32 -4.10 -10.51 -8.69
N TRP B 33 -3.27 -11.48 -8.32
CA TRP B 33 -2.07 -11.20 -7.57
C TRP B 33 -1.17 -10.26 -8.34
N LEU B 34 -0.99 -10.55 -9.61
CA LEU B 34 -0.15 -9.73 -10.46
C LEU B 34 -0.77 -8.35 -10.61
N LEU B 35 -2.08 -8.33 -10.86
CA LEU B 35 -2.82 -7.10 -11.02
C LEU B 35 -2.68 -6.20 -9.80
N GLN B 36 -2.76 -6.80 -8.63
CA GLN B 36 -2.64 -6.07 -7.38
C GLN B 36 -1.19 -5.63 -7.15
N SER B 37 -0.26 -6.53 -7.45
CA SER B 37 1.15 -6.26 -7.29
C SER B 37 1.57 -5.04 -8.11
N ILE B 38 1.16 -5.00 -9.38
CA ILE B 38 1.49 -3.89 -10.25
C ILE B 38 0.96 -2.57 -9.68
N GLU B 39 -0.27 -2.62 -9.17
CA GLU B 39 -0.89 -1.44 -8.59
C GLU B 39 -0.10 -0.99 -7.37
N GLY B 40 0.42 -1.96 -6.64
CA GLY B 40 1.21 -1.67 -5.46
C GLY B 40 2.42 -0.81 -5.81
N MET B 41 3.11 -1.20 -6.87
CA MET B 41 4.29 -0.46 -7.31
C MET B 41 3.88 0.91 -7.83
N ILE B 42 2.76 0.98 -8.54
CA ILE B 42 2.27 2.25 -9.07
C ILE B 42 1.92 3.20 -7.92
N LYS B 43 1.38 2.66 -6.84
CA LYS B 43 1.01 3.46 -5.68
C LYS B 43 2.24 4.10 -5.05
N GLU B 44 3.29 3.31 -4.88
CA GLU B 44 4.54 3.82 -4.31
C GLU B 44 5.20 4.77 -5.29
N ALA B 45 5.16 4.39 -6.56
CA ALA B 45 5.75 5.20 -7.62
C ALA B 45 5.09 6.57 -7.66
N ALA B 46 3.76 6.58 -7.57
CA ALA B 46 3.00 7.82 -7.58
C ALA B 46 3.40 8.69 -6.40
N ALA B 47 3.62 8.07 -5.25
CA ALA B 47 4.03 8.79 -4.06
C ALA B 47 5.39 9.44 -4.28
N GLU B 48 6.27 8.72 -4.99
CA GLU B 48 7.59 9.23 -5.31
C GLU B 48 7.46 10.41 -6.25
N VAL B 49 6.55 10.30 -7.22
CA VAL B 49 6.31 11.37 -8.18
C VAL B 49 5.78 12.61 -7.44
N LEU B 50 4.98 12.37 -6.42
CA LEU B 50 4.44 13.46 -5.61
C LEU B 50 5.57 14.19 -4.90
N ARG B 51 6.55 13.43 -4.44
CA ARG B 51 7.71 13.98 -3.74
C ARG B 51 8.67 14.62 -4.73
N ASN B 52 8.67 14.13 -5.95
CA ASN B 52 9.55 14.62 -7.00
C ASN B 52 8.79 14.87 -8.31
N PRO B 53 7.95 15.92 -8.33
CA PRO B 53 7.15 16.27 -9.50
C PRO B 53 8.02 16.60 -10.71
N ASN B 54 9.25 17.02 -10.43
CA ASN B 54 10.20 17.39 -11.48
C ASN B 54 10.86 16.15 -12.09
N GLN B 55 10.52 14.97 -11.57
CA GLN B 55 11.09 13.74 -12.06
C GLN B 55 10.26 13.17 -13.21
N GLU B 56 10.74 13.35 -14.43
CA GLU B 56 10.03 12.83 -15.60
C GLU B 56 10.08 11.31 -15.63
N ASN B 57 11.26 10.75 -15.40
CA ASN B 57 11.44 9.28 -15.42
C ASN B 57 10.53 8.62 -14.40
N LEU B 58 10.24 9.29 -13.30
CA LEU B 58 9.36 8.75 -12.29
C LEU B 58 7.95 8.61 -12.85
N ARG B 59 7.53 9.61 -13.62
CA ARG B 59 6.22 9.60 -14.23
C ARG B 59 6.16 8.51 -15.30
N ARG B 60 7.23 8.40 -16.07
CA ARG B 60 7.31 7.39 -17.11
C ARG B 60 7.31 6.00 -16.49
N HIS B 61 7.99 5.88 -15.34
CA HIS B 61 8.04 4.62 -14.62
C HIS B 61 6.65 4.26 -14.13
N ALA B 62 5.98 5.24 -13.54
CA ALA B 62 4.62 5.04 -13.04
C ALA B 62 3.72 4.66 -14.21
N ASN B 63 3.98 5.32 -15.35
CA ASN B 63 3.24 5.06 -16.57
C ASN B 63 3.44 3.63 -17.02
N LYS B 64 4.67 3.12 -16.85
CA LYS B 64 4.97 1.75 -17.24
C LYS B 64 4.16 0.79 -16.39
N LEU B 65 3.94 1.15 -15.14
CA LEU B 65 3.15 0.33 -14.23
C LEU B 65 1.70 0.36 -14.68
N LEU B 66 1.24 1.53 -15.09
CA LEU B 66 -0.12 1.72 -15.56
C LEU B 66 -0.35 0.86 -16.80
N SER B 67 0.67 0.83 -17.65
CA SER B 67 0.62 0.04 -18.87
C SER B 67 0.66 -1.44 -18.54
N LEU B 68 1.52 -1.79 -17.61
CA LEU B 68 1.69 -3.18 -17.17
C LEU B 68 0.41 -3.73 -16.55
N LYS B 69 -0.26 -2.90 -15.75
CA LYS B 69 -1.51 -3.31 -15.12
C LYS B 69 -2.57 -3.60 -16.17
N LYS B 70 -2.57 -2.79 -17.22
CA LYS B 70 -3.49 -2.97 -18.31
C LYS B 70 -3.09 -4.21 -19.11
N ARG B 71 -1.78 -4.39 -19.27
CA ARG B 71 -1.24 -5.53 -19.98
C ARG B 71 -1.67 -6.83 -19.31
N ALA B 72 -1.48 -6.88 -18.00
CA ALA B 72 -1.87 -8.05 -17.22
C ALA B 72 -3.37 -8.30 -17.33
N TYR B 73 -4.14 -7.22 -17.39
CA TYR B 73 -5.59 -7.30 -17.52
C TYR B 73 -5.97 -7.93 -18.86
N GLU B 74 -5.20 -7.60 -19.89
CA GLU B 74 -5.44 -8.11 -21.23
C GLU B 74 -4.81 -9.49 -21.41
N LEU B 75 -4.14 -10.00 -20.37
CA LEU B 75 -3.49 -11.30 -20.43
C LEU B 75 -4.32 -12.38 -19.73
N PRO B 76 -5.12 -13.14 -20.50
CA PRO B 76 -5.96 -14.20 -19.96
C PRO B 76 -5.25 -15.54 -19.96
N ASP C 6 -16.61 -3.51 19.11
CA ASP C 6 -17.72 -2.58 19.02
C ASP C 6 -17.34 -1.36 18.19
N ASP C 7 -18.34 -0.67 17.67
CA ASP C 7 -18.13 0.51 16.86
C ASP C 7 -18.57 1.76 17.63
N SER C 8 -17.70 2.76 17.66
CA SER C 8 -17.96 4.01 18.37
C SER C 8 -18.12 3.78 19.88
N ALA C 9 -17.53 2.70 20.39
CA ALA C 9 -17.62 2.38 21.81
C ALA C 9 -16.89 3.43 22.62
N ALA C 10 -15.67 3.72 22.21
CA ALA C 10 -14.85 4.74 22.82
C ALA C 10 -14.21 5.56 21.72
N GLU C 11 -13.65 4.84 20.75
CA GLU C 11 -13.04 5.44 19.60
C GLU C 11 -13.54 4.75 18.35
N TRP C 12 -12.74 4.77 17.30
CA TRP C 12 -13.07 4.15 16.03
C TRP C 12 -14.39 4.67 15.52
N ASN C 13 -14.42 5.97 15.28
CA ASN C 13 -15.61 6.65 14.82
C ASN C 13 -15.35 7.35 13.50
N VAL C 14 -16.32 7.28 12.61
CA VAL C 14 -16.24 7.94 11.33
C VAL C 14 -17.60 8.55 11.01
N SER C 15 -17.62 9.84 10.73
CA SER C 15 -18.87 10.52 10.44
C SER C 15 -18.65 11.78 9.62
N ARG C 16 -19.71 12.59 9.52
CA ARG C 16 -19.67 13.84 8.78
C ARG C 16 -19.48 15.01 9.76
N THR C 17 -18.38 15.73 9.64
CA THR C 17 -18.15 16.86 10.53
C THR C 17 -18.48 18.16 9.82
N PRO C 18 -19.08 19.11 10.52
CA PRO C 18 -19.45 20.40 9.95
C PRO C 18 -18.24 21.24 9.55
N ASP C 19 -17.13 21.04 10.26
CA ASP C 19 -15.92 21.81 9.99
C ASP C 19 -14.84 20.98 9.29
N GLY C 20 -15.04 19.68 9.20
CA GLY C 20 -14.04 18.85 8.57
C GLY C 20 -14.57 17.95 7.48
N ASP C 21 -15.88 18.05 7.23
CA ASP C 21 -16.56 17.27 6.18
C ASP C 21 -16.79 15.84 6.66
N TYR C 22 -15.71 15.12 6.83
CA TYR C 22 -15.78 13.76 7.33
C TYR C 22 -14.75 13.57 8.42
N ARG C 23 -15.17 12.99 9.52
CA ARG C 23 -14.30 12.80 10.67
C ARG C 23 -13.98 11.34 10.88
N LEU C 24 -12.70 11.05 11.05
CA LEU C 24 -12.26 9.70 11.33
C LEU C 24 -11.38 9.70 12.59
N ALA C 25 -11.83 9.00 13.62
CA ALA C 25 -11.12 8.91 14.89
C ALA C 25 -10.90 7.47 15.28
N ILE C 26 -9.63 7.04 15.38
CA ILE C 26 -9.33 5.66 15.77
C ILE C 26 -8.21 5.59 16.80
N THR C 27 -7.97 4.38 17.31
CA THR C 27 -6.93 4.15 18.31
C THR C 27 -6.17 2.86 17.99
N CYS C 28 -4.94 2.77 18.48
CA CYS C 28 -4.12 1.58 18.28
C CYS C 28 -3.17 1.39 19.47
N PRO C 29 -3.09 0.18 20.03
CA PRO C 29 -2.20 -0.12 21.15
C PRO C 29 -0.73 -0.27 20.73
N ASN C 30 -0.44 0.10 19.50
CA ASN C 30 0.91 0.03 18.97
C ASN C 30 1.18 1.21 18.06
N LYS C 31 2.35 1.80 18.22
CA LYS C 31 2.74 2.95 17.42
C LYS C 31 2.96 2.53 15.98
N GLU C 32 3.41 1.30 15.80
CA GLU C 32 3.69 0.76 14.48
C GLU C 32 2.41 0.57 13.69
N TRP C 33 1.31 0.35 14.41
CA TRP C 33 0.02 0.14 13.79
C TRP C 33 -0.46 1.43 13.14
N LEU C 34 -0.29 2.54 13.85
CA LEU C 34 -0.70 3.84 13.32
C LEU C 34 0.15 4.20 12.13
N LEU C 35 1.46 3.97 12.28
CA LEU C 35 2.42 4.27 11.21
C LEU C 35 2.05 3.51 9.94
N GLN C 36 1.71 2.24 10.10
CA GLN C 36 1.32 1.41 8.97
C GLN C 36 -0.01 1.88 8.40
N SER C 37 -0.92 2.26 9.28
CA SER C 37 -2.22 2.75 8.87
C SER C 37 -2.08 3.99 7.99
N ILE C 38 -1.27 4.94 8.45
CA ILE C 38 -1.03 6.16 7.71
C ILE C 38 -0.40 5.85 6.35
N GLU C 39 0.56 4.93 6.35
CA GLU C 39 1.24 4.52 5.13
C GLU C 39 0.24 3.98 4.12
N GLY C 40 -0.75 3.25 4.62
CA GLY C 40 -1.76 2.67 3.76
C GLY C 40 -2.58 3.72 3.04
N MET C 41 -3.01 4.74 3.77
CA MET C 41 -3.81 5.80 3.17
C MET C 41 -2.99 6.59 2.16
N ILE C 42 -1.73 6.87 2.49
CA ILE C 42 -0.87 7.61 1.58
C ILE C 42 -0.66 6.85 0.28
N LYS C 43 -0.58 5.52 0.38
CA LYS C 43 -0.40 4.68 -0.80
C LYS C 43 -1.57 4.84 -1.76
N GLU C 44 -2.78 4.68 -1.24
CA GLU C 44 -3.98 4.80 -2.05
C GLU C 44 -4.19 6.23 -2.49
N ALA C 45 -3.88 7.15 -1.58
CA ALA C 45 -4.01 8.58 -1.85
C ALA C 45 -3.15 8.97 -3.04
N ALA C 46 -1.94 8.44 -3.09
CA ALA C 46 -1.02 8.71 -4.18
C ALA C 46 -1.62 8.24 -5.50
N ALA C 47 -2.25 7.06 -5.46
CA ALA C 47 -2.89 6.50 -6.63
C ALA C 47 -4.05 7.40 -7.07
N GLU C 48 -4.73 7.99 -6.09
CA GLU C 48 -5.84 8.89 -6.37
C GLU C 48 -5.31 10.15 -7.05
N VAL C 49 -4.14 10.61 -6.62
CA VAL C 49 -3.52 11.78 -7.21
C VAL C 49 -3.16 11.49 -8.65
N LEU C 50 -2.73 10.26 -8.89
CA LEU C 50 -2.39 9.82 -10.23
C LEU C 50 -3.65 9.81 -11.11
N ARG C 51 -4.78 9.51 -10.49
CA ARG C 51 -6.07 9.47 -11.17
C ARG C 51 -6.58 10.89 -11.39
N ASN C 52 -6.21 11.78 -10.48
CA ASN C 52 -6.63 13.19 -10.53
C ASN C 52 -5.43 14.10 -10.31
N PRO C 53 -4.55 14.22 -11.32
CA PRO C 53 -3.34 15.04 -11.25
C PRO C 53 -3.63 16.51 -10.92
N ASN C 54 -4.79 16.99 -11.35
CA ASN C 54 -5.18 18.37 -11.11
C ASN C 54 -5.76 18.56 -9.71
N GLN C 55 -5.89 17.49 -8.95
CA GLN C 55 -6.43 17.57 -7.60
C GLN C 55 -5.35 17.99 -6.62
N GLU C 56 -5.19 19.30 -6.42
CA GLU C 56 -4.20 19.80 -5.49
C GLU C 56 -4.53 19.35 -4.08
N ASN C 57 -5.82 19.28 -3.77
CA ASN C 57 -6.26 18.84 -2.45
C ASN C 57 -5.80 17.42 -2.20
N LEU C 58 -5.74 16.62 -3.25
CA LEU C 58 -5.28 15.25 -3.14
C LEU C 58 -3.79 15.25 -2.86
N ARG C 59 -3.06 16.13 -3.54
CA ARG C 59 -1.62 16.26 -3.36
C ARG C 59 -1.31 16.71 -1.95
N ARG C 60 -2.07 17.69 -1.48
CA ARG C 60 -1.90 18.22 -0.14
C ARG C 60 -2.32 17.17 0.88
N HIS C 61 -3.36 16.42 0.55
CA HIS C 61 -3.84 15.34 1.40
C HIS C 61 -2.77 14.27 1.54
N ALA C 62 -2.17 13.92 0.40
CA ALA C 62 -1.09 12.94 0.38
C ALA C 62 0.07 13.45 1.22
N ASN C 63 0.35 14.74 1.10
CA ASN C 63 1.42 15.36 1.86
C ASN C 63 1.06 15.36 3.34
N LYS C 64 -0.23 15.48 3.64
CA LYS C 64 -0.69 15.46 5.01
C LYS C 64 -0.40 14.09 5.62
N LEU C 65 -0.53 13.06 4.79
CA LEU C 65 -0.25 11.69 5.22
C LEU C 65 1.26 11.53 5.41
N LEU C 66 2.02 12.10 4.48
CA LEU C 66 3.48 12.05 4.54
C LEU C 66 3.97 12.75 5.80
N SER C 67 3.26 13.82 6.15
CA SER C 67 3.59 14.61 7.32
C SER C 67 3.20 13.85 8.58
N LEU C 68 2.01 13.30 8.55
CA LEU C 68 1.47 12.52 9.65
C LEU C 68 2.31 11.28 9.92
N LYS C 69 2.79 10.65 8.85
CA LYS C 69 3.64 9.47 8.97
C LYS C 69 4.90 9.81 9.75
N LYS C 70 5.41 11.00 9.51
CA LYS C 70 6.60 11.47 10.22
C LYS C 70 6.26 11.71 11.68
N ARG C 71 5.08 12.28 11.90
CA ARG C 71 4.61 12.56 13.25
C ARG C 71 4.51 11.28 14.06
N ALA C 72 3.95 10.24 13.44
CA ALA C 72 3.81 8.95 14.10
C ALA C 72 5.17 8.30 14.33
N TYR C 73 6.10 8.55 13.41
CA TYR C 73 7.45 8.01 13.51
C TYR C 73 8.15 8.54 14.76
N GLU C 74 7.86 9.78 15.10
CA GLU C 74 8.45 10.44 16.25
C GLU C 74 7.86 9.92 17.57
N LEU C 75 6.69 9.29 17.49
CA LEU C 75 6.03 8.76 18.68
C LEU C 75 6.84 7.64 19.30
N PRO C 76 7.00 7.65 20.63
CA PRO C 76 7.75 6.62 21.35
C PRO C 76 6.92 5.38 21.63
N ASP D 6 -0.46 23.75 10.24
CA ASP D 6 0.21 24.32 11.40
C ASP D 6 0.85 23.20 12.19
N ASP D 7 0.01 22.42 12.86
CA ASP D 7 0.45 21.28 13.66
C ASP D 7 -0.77 20.46 14.07
N SER D 8 -1.66 21.11 14.81
CA SER D 8 -2.90 20.49 15.27
C SER D 8 -4.01 21.53 15.24
N ALA D 9 -4.44 21.88 14.04
CA ALA D 9 -5.49 22.89 13.85
C ALA D 9 -6.80 22.46 14.51
N ALA D 10 -7.11 21.17 14.37
CA ALA D 10 -8.33 20.60 14.92
C ALA D 10 -8.35 19.11 14.64
N GLU D 11 -7.99 18.78 13.40
CA GLU D 11 -7.95 17.40 12.95
C GLU D 11 -6.53 17.00 12.60
N TRP D 12 -6.40 15.85 11.95
CA TRP D 12 -5.11 15.30 11.55
C TRP D 12 -4.15 15.29 12.72
N ASN D 13 -4.42 14.42 13.66
CA ASN D 13 -3.63 14.31 14.86
C ASN D 13 -3.35 12.87 15.21
N VAL D 14 -2.13 12.62 15.67
CA VAL D 14 -1.74 11.30 16.11
C VAL D 14 -0.82 11.45 17.32
N SER D 15 -1.17 10.79 18.40
CA SER D 15 -0.38 10.88 19.63
C SER D 15 -0.68 9.73 20.58
N ARG D 16 -0.13 9.80 21.78
CA ARG D 16 -0.32 8.77 22.79
C ARG D 16 -1.39 9.19 23.79
N THR D 17 -2.48 8.44 23.86
CA THR D 17 -3.55 8.77 24.78
C THR D 17 -3.48 7.88 26.00
N PRO D 18 -3.67 8.46 27.18
CA PRO D 18 -3.63 7.71 28.44
C PRO D 18 -4.79 6.73 28.56
N ASP D 19 -5.85 7.02 27.82
CA ASP D 19 -7.06 6.21 27.86
C ASP D 19 -7.22 5.33 26.63
N GLY D 20 -6.40 5.56 25.62
CA GLY D 20 -6.52 4.76 24.41
C GLY D 20 -5.21 4.33 23.81
N ASP D 21 -4.10 4.61 24.51
CA ASP D 21 -2.75 4.23 24.06
C ASP D 21 -2.26 5.19 23.01
N TYR D 22 -2.79 5.07 21.82
CA TYR D 22 -2.42 5.96 20.73
C TYR D 22 -3.69 6.40 20.01
N ARG D 23 -3.81 7.68 19.78
CA ARG D 23 -4.99 8.26 19.13
C ARG D 23 -4.64 8.82 17.76
N LEU D 24 -5.44 8.46 16.77
CA LEU D 24 -5.25 8.96 15.43
C LEU D 24 -6.56 9.55 14.91
N ALA D 25 -6.53 10.84 14.58
CA ALA D 25 -7.70 11.54 14.09
C ALA D 25 -7.40 12.21 12.75
N ILE D 26 -8.25 11.99 11.76
CA ILE D 26 -8.04 12.59 10.44
C ILE D 26 -9.37 13.09 9.85
N THR D 27 -9.28 13.87 8.77
CA THR D 27 -10.46 14.38 8.09
C THR D 27 -10.29 14.30 6.58
N CYS D 28 -11.40 14.26 5.85
CA CYS D 28 -11.38 14.21 4.39
C CYS D 28 -12.66 14.81 3.83
N PRO D 29 -12.53 15.70 2.84
CA PRO D 29 -13.69 16.34 2.21
C PRO D 29 -14.43 15.43 1.24
N ASN D 30 -14.04 14.16 1.21
CA ASN D 30 -14.67 13.20 0.31
C ASN D 30 -14.85 11.86 1.01
N LYS D 31 -16.00 11.24 0.77
CA LYS D 31 -16.32 9.95 1.38
C LYS D 31 -15.44 8.86 0.79
N GLU D 32 -15.03 9.04 -0.46
CA GLU D 32 -14.21 8.05 -1.15
C GLU D 32 -12.80 8.06 -0.57
N TRP D 33 -12.38 9.21 -0.09
CA TRP D 33 -11.04 9.36 0.49
C TRP D 33 -10.93 8.52 1.75
N LEU D 34 -11.97 8.58 2.58
CA LEU D 34 -12.00 7.82 3.82
C LEU D 34 -12.06 6.33 3.51
N LEU D 35 -12.92 5.97 2.56
CA LEU D 35 -13.07 4.57 2.16
C LEU D 35 -11.74 4.03 1.63
N GLN D 36 -11.04 4.85 0.85
CA GLN D 36 -9.76 4.48 0.28
C GLN D 36 -8.72 4.33 1.40
N SER D 37 -8.80 5.21 2.38
CA SER D 37 -7.89 5.20 3.51
C SER D 37 -8.02 3.89 4.29
N ILE D 38 -9.26 3.50 4.56
CA ILE D 38 -9.53 2.27 5.30
C ILE D 38 -8.95 1.07 4.57
N GLU D 39 -9.10 1.05 3.25
CA GLU D 39 -8.57 -0.03 2.43
C GLU D 39 -7.07 -0.11 2.60
N GLY D 40 -6.44 1.05 2.58
CA GLY D 40 -5.01 1.12 2.75
C GLY D 40 -4.56 0.66 4.11
N MET D 41 -5.18 1.18 5.16
CA MET D 41 -4.81 0.82 6.52
C MET D 41 -5.11 -0.64 6.82
N ILE D 42 -6.21 -1.19 6.31
CA ILE D 42 -6.52 -2.60 6.55
C ILE D 42 -5.47 -3.51 5.87
N LYS D 43 -5.03 -3.13 4.67
CA LYS D 43 -4.04 -3.92 3.95
C LYS D 43 -2.71 -3.97 4.71
N GLU D 44 -2.34 -2.83 5.30
CA GLU D 44 -1.10 -2.76 6.07
C GLU D 44 -1.24 -3.56 7.35
N ALA D 45 -2.40 -3.42 7.98
CA ALA D 45 -2.70 -4.16 9.20
C ALA D 45 -2.62 -5.65 8.94
N ALA D 46 -3.13 -6.06 7.79
CA ALA D 46 -3.10 -7.46 7.38
C ALA D 46 -1.66 -7.95 7.25
N ALA D 47 -0.79 -7.07 6.76
CA ALA D 47 0.63 -7.39 6.61
C ALA D 47 1.25 -7.70 7.96
N GLU D 48 0.80 -6.96 8.98
CA GLU D 48 1.28 -7.16 10.34
C GLU D 48 0.77 -8.51 10.85
N VAL D 49 -0.48 -8.81 10.54
CA VAL D 49 -1.09 -10.07 10.97
C VAL D 49 -0.32 -11.25 10.37
N LEU D 50 0.14 -11.10 9.14
CA LEU D 50 0.91 -12.14 8.49
C LEU D 50 2.23 -12.35 9.23
N ARG D 51 2.77 -11.27 9.78
CA ARG D 51 4.02 -11.30 10.51
C ARG D 51 3.79 -11.90 11.90
N ASN D 52 2.63 -11.63 12.46
CA ASN D 52 2.27 -12.13 13.78
C ASN D 52 0.89 -12.77 13.75
N PRO D 53 0.78 -13.96 13.15
CA PRO D 53 -0.48 -14.69 13.04
C PRO D 53 -1.07 -15.02 14.42
N ASN D 54 -0.19 -15.13 15.40
CA ASN D 54 -0.61 -15.44 16.77
C ASN D 54 -1.11 -14.19 17.49
N GLN D 55 -1.02 -13.05 16.84
CA GLN D 55 -1.46 -11.80 17.43
C GLN D 55 -2.97 -11.63 17.28
N GLU D 56 -3.69 -11.92 18.35
CA GLU D 56 -5.15 -11.82 18.34
C GLU D 56 -5.58 -10.38 18.11
N ASN D 57 -5.00 -9.46 18.89
CA ASN D 57 -5.32 -8.03 18.79
C ASN D 57 -5.09 -7.50 17.39
N LEU D 58 -4.10 -8.06 16.69
CA LEU D 58 -3.81 -7.63 15.33
C LEU D 58 -4.96 -8.00 14.41
N ARG D 59 -5.47 -9.22 14.58
CA ARG D 59 -6.60 -9.68 13.78
C ARG D 59 -7.84 -8.87 14.12
N ARG D 60 -8.01 -8.57 15.40
CA ARG D 60 -9.15 -7.77 15.85
C ARG D 60 -9.02 -6.37 15.31
N HIS D 61 -7.79 -5.87 15.26
CA HIS D 61 -7.51 -4.55 14.74
C HIS D 61 -7.83 -4.50 13.26
N ALA D 62 -7.38 -5.51 12.54
CA ALA D 62 -7.64 -5.61 11.11
C ALA D 62 -9.15 -5.67 10.88
N ASN D 63 -9.82 -6.44 11.73
CA ASN D 63 -11.26 -6.57 11.66
C ASN D 63 -11.93 -5.24 11.99
N LYS D 64 -11.30 -4.48 12.87
CA LYS D 64 -11.81 -3.17 13.26
C LYS D 64 -11.82 -2.25 12.03
N LEU D 65 -10.83 -2.39 11.17
CA LEU D 65 -10.74 -1.61 9.95
C LEU D 65 -11.85 -2.06 9.01
N LEU D 66 -12.07 -3.37 8.97
CA LEU D 66 -13.12 -3.96 8.14
C LEU D 66 -14.48 -3.46 8.63
N SER D 67 -14.60 -3.35 9.95
CA SER D 67 -15.81 -2.88 10.58
C SER D 67 -16.04 -1.41 10.23
N LEU D 68 -14.96 -0.64 10.33
CA LEU D 68 -14.99 0.78 10.00
C LEU D 68 -15.31 0.98 8.53
N LYS D 69 -14.79 0.08 7.71
CA LYS D 69 -15.01 0.12 6.26
C LYS D 69 -16.51 0.01 5.98
N LYS D 70 -17.17 -0.86 6.72
CA LYS D 70 -18.60 -1.07 6.58
C LYS D 70 -19.34 0.19 7.01
N ARG D 71 -18.85 0.82 8.06
CA ARG D 71 -19.44 2.05 8.57
C ARG D 71 -19.32 3.16 7.55
N ALA D 72 -18.14 3.27 6.95
CA ALA D 72 -17.88 4.29 5.94
C ALA D 72 -18.71 4.02 4.69
N TYR D 73 -18.94 2.75 4.42
CA TYR D 73 -19.75 2.33 3.27
C TYR D 73 -21.16 2.88 3.38
N GLU D 74 -21.68 2.86 4.60
CA GLU D 74 -23.03 3.37 4.87
C GLU D 74 -23.05 4.89 4.90
N LEU D 75 -21.93 5.48 5.26
CA LEU D 75 -21.80 6.93 5.34
C LEU D 75 -21.96 7.58 3.96
N PRO D 76 -22.97 8.44 3.80
CA PRO D 76 -23.25 9.13 2.55
C PRO D 76 -22.53 10.47 2.47
N ASP A 6 10.98 3.29 -26.13
CA ASP A 6 10.25 3.90 -25.04
C ASP A 6 10.93 3.54 -23.74
N ASP A 7 10.73 4.36 -22.71
CA ASP A 7 11.35 4.10 -21.42
C ASP A 7 10.90 2.75 -20.87
N SER A 8 11.86 1.81 -20.83
CA SER A 8 11.62 0.45 -20.35
C SER A 8 10.60 -0.27 -21.24
N ALA A 9 10.64 0.00 -22.54
CA ALA A 9 9.71 -0.63 -23.48
C ALA A 9 10.05 -2.09 -23.70
N ALA A 10 11.34 -2.41 -23.59
CA ALA A 10 11.81 -3.77 -23.76
C ALA A 10 11.25 -4.69 -22.68
N GLU A 11 10.94 -4.10 -21.54
CA GLU A 11 10.43 -4.85 -20.41
C GLU A 11 8.99 -4.47 -20.09
N TRP A 12 8.61 -4.67 -18.84
CA TRP A 12 7.27 -4.37 -18.35
C TRP A 12 6.21 -5.09 -19.16
N ASN A 13 6.13 -6.38 -18.91
CA ASN A 13 5.20 -7.24 -19.60
C ASN A 13 4.50 -8.21 -18.66
N VAL A 14 3.22 -8.42 -18.90
CA VAL A 14 2.41 -9.35 -18.13
C VAL A 14 1.70 -10.27 -19.10
N SER A 15 1.86 -11.57 -18.94
CA SER A 15 1.23 -12.52 -19.83
C SER A 15 0.94 -13.84 -19.11
N ARG A 16 0.23 -14.73 -19.78
CA ARG A 16 -0.11 -16.03 -19.23
C ARG A 16 0.91 -17.07 -19.67
N THR A 17 1.68 -17.62 -18.73
CA THR A 17 2.69 -18.59 -19.07
C THR A 17 2.18 -20.00 -18.77
N PRO A 18 2.44 -20.92 -19.67
CA PRO A 18 2.02 -22.31 -19.50
C PRO A 18 2.79 -23.00 -18.38
N ASP A 19 3.94 -22.44 -18.05
CA ASP A 19 4.82 -23.00 -17.02
C ASP A 19 4.76 -22.21 -15.72
N GLY A 20 4.15 -21.05 -15.74
CA GLY A 20 4.10 -20.25 -14.52
C GLY A 20 2.78 -19.54 -14.28
N ASP A 21 1.78 -19.84 -15.11
CA ASP A 21 0.44 -19.27 -15.00
C ASP A 21 0.44 -17.86 -15.58
N TYR A 22 1.01 -16.94 -14.84
CA TYR A 22 1.12 -15.57 -15.30
C TYR A 22 2.54 -15.10 -15.10
N ARG A 23 3.11 -14.51 -16.13
CA ARG A 23 4.48 -14.03 -16.10
C ARG A 23 4.53 -12.51 -16.02
N LEU A 24 5.33 -12.01 -15.10
CA LEU A 24 5.48 -10.58 -14.94
C LEU A 24 6.95 -10.20 -15.03
N ALA A 25 7.29 -9.40 -16.03
CA ALA A 25 8.65 -8.94 -16.26
C ALA A 25 8.73 -7.43 -16.12
N ILE A 26 9.43 -6.92 -15.11
CA ILE A 26 9.53 -5.47 -14.95
C ILE A 26 10.99 -5.04 -14.75
N THR A 27 11.24 -3.74 -14.81
CA THR A 27 12.59 -3.19 -14.62
C THR A 27 12.56 -1.85 -13.89
N CYS A 28 13.60 -1.57 -13.13
CA CYS A 28 13.73 -0.32 -12.39
C CYS A 28 15.20 0.07 -12.31
N PRO A 29 15.51 1.35 -12.57
CA PRO A 29 16.89 1.84 -12.52
C PRO A 29 17.34 2.21 -11.11
N ASN A 30 16.58 1.79 -10.10
CA ASN A 30 16.93 2.10 -8.72
C ASN A 30 16.63 0.93 -7.81
N LYS A 31 17.60 0.56 -6.98
CA LYS A 31 17.44 -0.53 -6.04
C LYS A 31 16.43 -0.15 -4.97
N GLU A 32 16.35 1.15 -4.69
CA GLU A 32 15.43 1.68 -3.70
C GLU A 32 14.01 1.59 -4.22
N TRP A 33 13.86 1.83 -5.52
CA TRP A 33 12.55 1.76 -6.15
C TRP A 33 12.06 0.32 -6.15
N LEU A 34 12.98 -0.61 -6.36
CA LEU A 34 12.67 -2.02 -6.37
C LEU A 34 12.25 -2.46 -4.97
N LEU A 35 13.04 -2.06 -3.98
CA LEU A 35 12.77 -2.39 -2.58
C LEU A 35 11.39 -1.90 -2.17
N GLN A 36 11.07 -0.67 -2.57
CA GLN A 36 9.78 -0.07 -2.25
C GLN A 36 8.65 -0.79 -2.96
N SER A 37 8.91 -1.20 -4.20
CA SER A 37 7.93 -1.90 -5.00
C SER A 37 7.57 -3.22 -4.34
N ILE A 38 8.57 -3.98 -3.94
CA ILE A 38 8.35 -5.25 -3.28
C ILE A 38 7.64 -5.03 -1.95
N GLU A 39 8.09 -4.01 -1.21
CA GLU A 39 7.52 -3.67 0.08
C GLU A 39 6.04 -3.35 -0.04
N GLY A 40 5.68 -2.63 -1.09
CA GLY A 40 4.30 -2.29 -1.29
C GLY A 40 3.48 -3.50 -1.67
N MET A 41 4.07 -4.34 -2.53
CA MET A 41 3.41 -5.54 -3.02
C MET A 41 3.18 -6.55 -1.90
N ILE A 42 4.15 -6.74 -1.00
CA ILE A 42 3.97 -7.67 0.11
C ILE A 42 2.85 -7.16 1.03
N LYS A 43 2.74 -5.85 1.17
CA LYS A 43 1.71 -5.24 2.01
C LYS A 43 0.31 -5.62 1.52
N GLU A 44 0.07 -5.42 0.23
CA GLU A 44 -1.23 -5.73 -0.37
C GLU A 44 -1.50 -7.23 -0.31
N ALA A 45 -0.45 -7.99 -0.57
CA ALA A 45 -0.54 -9.44 -0.55
C ALA A 45 -0.99 -9.96 0.81
N ALA A 46 -0.37 -9.42 1.85
CA ALA A 46 -0.69 -9.79 3.22
C ALA A 46 -2.14 -9.46 3.54
N ALA A 47 -2.60 -8.33 3.00
CA ALA A 47 -3.98 -7.91 3.21
C ALA A 47 -4.94 -8.92 2.61
N GLU A 48 -4.54 -9.50 1.47
CA GLU A 48 -5.34 -10.50 0.81
C GLU A 48 -5.32 -11.79 1.62
N VAL A 49 -4.17 -12.08 2.21
CA VAL A 49 -4.02 -13.28 3.05
C VAL A 49 -4.90 -13.14 4.28
N LEU A 50 -4.99 -11.92 4.79
CA LEU A 50 -5.81 -11.64 5.95
C LEU A 50 -7.29 -11.84 5.60
N ARG A 51 -7.63 -11.52 4.35
CA ARG A 51 -8.99 -11.67 3.86
C ARG A 51 -9.28 -13.13 3.52
N ASN A 52 -8.24 -13.86 3.20
CA ASN A 52 -8.35 -15.28 2.86
C ASN A 52 -7.30 -16.09 3.63
N PRO A 53 -7.48 -16.21 4.96
CA PRO A 53 -6.53 -16.92 5.83
C PRO A 53 -6.35 -18.38 5.43
N ASN A 54 -7.38 -18.93 4.79
CA ASN A 54 -7.35 -20.33 4.36
C ASN A 54 -6.61 -20.50 3.02
N GLN A 55 -6.10 -19.40 2.46
CA GLN A 55 -5.38 -19.47 1.20
C GLN A 55 -3.89 -19.76 1.41
N GLU A 56 -3.46 -20.96 1.08
CA GLU A 56 -2.06 -21.36 1.24
C GLU A 56 -1.17 -20.64 0.24
N ASN A 57 -1.56 -20.64 -1.03
CA ASN A 57 -0.76 -20.00 -2.07
C ASN A 57 -0.62 -18.51 -1.79
N LEU A 58 -1.63 -17.92 -1.17
CA LEU A 58 -1.56 -16.50 -0.82
C LEU A 58 -0.46 -16.29 0.21
N ARG A 59 -0.37 -17.21 1.15
CA ARG A 59 0.67 -17.16 2.18
C ARG A 59 2.02 -17.38 1.52
N ARG A 60 2.07 -18.37 0.64
CA ARG A 60 3.27 -18.72 -0.09
C ARG A 60 3.72 -17.56 -0.97
N HIS A 61 2.76 -16.85 -1.54
CA HIS A 61 3.04 -15.71 -2.38
C HIS A 61 3.61 -14.58 -1.53
N ALA A 62 2.98 -14.35 -0.39
CA ALA A 62 3.43 -13.33 0.54
C ALA A 62 4.85 -13.65 1.00
N ASN A 63 5.08 -14.93 1.27
CA ASN A 63 6.40 -15.39 1.69
C ASN A 63 7.40 -15.20 0.57
N LYS A 64 6.94 -15.35 -0.67
CA LYS A 64 7.79 -15.19 -1.82
C LYS A 64 8.22 -13.72 -1.94
N LEU A 65 7.34 -12.82 -1.51
CA LEU A 65 7.64 -11.39 -1.52
C LEU A 65 8.68 -11.10 -0.48
N LEU A 66 8.57 -11.78 0.65
CA LEU A 66 9.50 -11.64 1.75
C LEU A 66 10.90 -12.06 1.29
N SER A 67 10.92 -13.13 0.51
CA SER A 67 12.15 -13.68 -0.03
C SER A 67 12.68 -12.77 -1.13
N LEU A 68 11.79 -12.32 -1.99
CA LEU A 68 12.12 -11.44 -3.10
C LEU A 68 12.74 -10.14 -2.60
N LYS A 69 12.20 -9.61 -1.51
CA LYS A 69 12.73 -8.38 -0.92
C LYS A 69 14.18 -8.58 -0.50
N LYS A 70 14.45 -9.75 0.04
CA LYS A 70 15.80 -10.10 0.48
C LYS A 70 16.70 -10.26 -0.73
N ARG A 71 16.16 -10.91 -1.76
CA ARG A 71 16.90 -11.14 -3.00
C ARG A 71 17.32 -9.82 -3.63
N ALA A 72 16.42 -8.84 -3.63
CA ALA A 72 16.71 -7.53 -4.19
C ALA A 72 17.69 -6.77 -3.30
N TYR A 73 17.59 -7.00 -2.00
CA TYR A 73 18.47 -6.36 -1.03
C TYR A 73 19.92 -6.74 -1.27
N GLU A 74 20.11 -7.98 -1.70
CA GLU A 74 21.44 -8.51 -1.97
C GLU A 74 22.00 -8.00 -3.30
N LEU A 75 21.17 -7.31 -4.06
CA LEU A 75 21.59 -6.77 -5.36
C LEU A 75 22.55 -5.60 -5.16
N PRO A 76 23.58 -5.50 -6.00
CA PRO A 76 24.57 -4.43 -5.93
C PRO A 76 24.03 -3.12 -6.49
N ASP B 6 11.40 -26.18 -5.09
CA ASP B 6 10.57 -25.31 -4.26
C ASP B 6 9.47 -24.68 -5.12
N ASP B 7 8.46 -24.13 -4.46
CA ASP B 7 7.35 -23.49 -5.15
C ASP B 7 7.81 -22.22 -5.84
N SER B 8 7.58 -22.15 -7.16
CA SER B 8 7.97 -21.01 -7.97
C SER B 8 9.48 -20.80 -7.93
N ALA B 9 10.22 -21.90 -7.98
CA ALA B 9 11.67 -21.85 -7.94
C ALA B 9 12.22 -21.60 -9.34
N ALA B 10 11.41 -21.88 -10.35
CA ALA B 10 11.80 -21.68 -11.73
C ALA B 10 11.92 -20.19 -12.04
N GLU B 11 10.93 -19.43 -11.62
CA GLU B 11 10.91 -17.99 -11.85
C GLU B 11 11.29 -17.24 -10.58
N TRP B 12 10.75 -16.04 -10.45
CA TRP B 12 11.02 -15.20 -9.29
C TRP B 12 12.49 -14.86 -9.21
N ASN B 13 12.94 -14.13 -10.20
CA ASN B 13 14.33 -13.73 -10.29
C ASN B 13 14.46 -12.23 -10.31
N VAL B 14 15.44 -11.73 -9.61
CA VAL B 14 15.70 -10.30 -9.58
C VAL B 14 17.22 -10.08 -9.56
N SER B 15 17.70 -9.26 -10.48
CA SER B 15 19.12 -8.98 -10.58
C SER B 15 19.38 -7.68 -11.32
N ARG B 16 20.66 -7.36 -11.50
CA ARG B 16 21.07 -6.15 -12.20
C ARG B 16 21.28 -6.44 -13.69
N THR B 17 20.50 -5.77 -14.54
CA THR B 17 20.62 -5.94 -15.97
C THR B 17 21.42 -4.79 -16.57
N PRO B 18 22.20 -5.05 -17.62
CA PRO B 18 23.00 -4.03 -18.29
C PRO B 18 22.15 -2.98 -19.01
N ASP B 19 21.00 -3.39 -19.52
CA ASP B 19 20.12 -2.48 -20.26
C ASP B 19 18.90 -2.06 -19.46
N GLY B 20 18.65 -2.72 -18.35
CA GLY B 20 17.49 -2.40 -17.56
C GLY B 20 17.80 -2.01 -16.13
N ASP B 21 19.08 -2.06 -15.77
CA ASP B 21 19.56 -1.71 -14.43
C ASP B 21 19.22 -2.82 -13.47
N TYR B 22 17.94 -3.01 -13.22
CA TYR B 22 17.48 -4.09 -12.37
C TYR B 22 16.33 -4.81 -13.05
N ARG B 23 16.42 -6.12 -13.09
CA ARG B 23 15.40 -6.95 -13.73
C ARG B 23 14.66 -7.79 -12.72
N LEU B 24 13.34 -7.76 -12.81
CA LEU B 24 12.50 -8.54 -11.92
C LEU B 24 11.57 -9.42 -12.75
N ALA B 25 11.63 -10.72 -12.52
CA ALA B 25 10.80 -11.69 -13.24
C ALA B 25 10.10 -12.62 -12.25
N ILE B 26 8.79 -12.47 -12.09
CA ILE B 26 8.04 -13.32 -11.16
C ILE B 26 6.81 -13.93 -11.82
N THR B 27 6.13 -14.81 -11.07
CA THR B 27 4.93 -15.47 -11.58
C THR B 27 3.88 -15.63 -10.46
N CYS B 28 2.61 -15.61 -10.85
CA CYS B 28 1.51 -15.78 -9.91
C CYS B 28 0.37 -16.51 -10.60
N PRO B 29 -0.25 -17.47 -9.90
CA PRO B 29 -1.35 -18.25 -10.48
C PRO B 29 -2.69 -17.52 -10.42
N ASN B 30 -2.67 -16.27 -10.03
CA ASN B 30 -3.90 -15.48 -9.95
C ASN B 30 -3.66 -14.07 -10.44
N LYS B 31 -4.54 -13.60 -11.32
CA LYS B 31 -4.44 -12.25 -11.87
C LYS B 31 -4.68 -11.21 -10.78
N GLU B 32 -5.49 -11.59 -9.80
CA GLU B 32 -5.82 -10.72 -8.68
C GLU B 32 -4.58 -10.45 -7.85
N TRP B 33 -3.79 -11.50 -7.65
CA TRP B 33 -2.56 -11.40 -6.88
C TRP B 33 -1.57 -10.49 -7.59
N LEU B 34 -1.57 -10.56 -8.92
CA LEU B 34 -0.71 -9.70 -9.72
C LEU B 34 -1.18 -8.27 -9.59
N LEU B 35 -2.49 -8.07 -9.68
CA LEU B 35 -3.10 -6.75 -9.56
C LEU B 35 -2.70 -6.10 -8.24
N GLN B 36 -2.79 -6.88 -7.17
CA GLN B 36 -2.45 -6.40 -5.84
C GLN B 36 -0.96 -6.12 -5.75
N SER B 37 -0.16 -6.99 -6.34
CA SER B 37 1.29 -6.84 -6.36
C SER B 37 1.68 -5.56 -7.09
N ILE B 38 1.10 -5.36 -8.27
CA ILE B 38 1.38 -4.16 -9.07
C ILE B 38 0.92 -2.92 -8.32
N GLU B 39 -0.26 -3.02 -7.72
CA GLU B 39 -0.83 -1.92 -6.96
C GLU B 39 0.12 -1.51 -5.84
N GLY B 40 0.71 -2.50 -5.20
CA GLY B 40 1.63 -2.25 -4.10
C GLY B 40 2.81 -1.40 -4.52
N MET B 41 3.40 -1.72 -5.67
CA MET B 41 4.54 -0.96 -6.16
C MET B 41 4.13 0.45 -6.53
N ILE B 42 3.00 0.59 -7.22
CA ILE B 42 2.51 1.90 -7.61
C ILE B 42 2.26 2.76 -6.37
N LYS B 43 1.79 2.13 -5.30
CA LYS B 43 1.50 2.84 -4.07
C LYS B 43 2.75 3.51 -3.51
N GLU B 44 3.82 2.74 -3.36
CA GLU B 44 5.07 3.29 -2.84
C GLU B 44 5.73 4.20 -3.86
N ALA B 45 5.66 3.78 -5.10
CA ALA B 45 6.25 4.53 -6.21
C ALA B 45 5.66 5.94 -6.28
N ALA B 46 4.34 6.01 -6.15
CA ALA B 46 3.64 7.28 -6.20
C ALA B 46 4.11 8.20 -5.07
N ALA B 47 4.31 7.61 -3.89
CA ALA B 47 4.77 8.36 -2.72
C ALA B 47 6.16 8.94 -2.98
N GLU B 48 6.98 8.16 -3.68
CA GLU B 48 8.33 8.58 -4.02
C GLU B 48 8.27 9.74 -5.00
N VAL B 49 7.30 9.68 -5.92
CA VAL B 49 7.12 10.72 -6.91
C VAL B 49 6.71 12.02 -6.25
N LEU B 50 5.89 11.93 -5.21
CA LEU B 50 5.45 13.11 -4.49
C LEU B 50 6.66 13.77 -3.81
N ARG B 51 7.56 12.93 -3.32
CA ARG B 51 8.76 13.40 -2.64
C ARG B 51 9.79 13.89 -3.67
N ASN B 52 9.69 13.35 -4.87
CA ASN B 52 10.60 13.71 -5.96
C ASN B 52 9.82 14.04 -7.22
N PRO B 53 9.11 15.17 -7.23
CA PRO B 53 8.29 15.60 -8.38
C PRO B 53 9.13 15.83 -9.63
N ASN B 54 10.40 16.12 -9.43
CA ASN B 54 11.33 16.36 -10.53
C ASN B 54 11.81 15.04 -11.12
N GLN B 55 11.52 13.93 -10.46
CA GLN B 55 11.95 12.64 -10.93
C GLN B 55 11.03 12.09 -12.01
N GLU B 56 11.37 12.36 -13.27
CA GLU B 56 10.58 11.91 -14.40
C GLU B 56 10.56 10.38 -14.45
N ASN B 57 11.72 9.77 -14.26
CA ASN B 57 11.84 8.30 -14.29
C ASN B 57 10.95 7.69 -13.22
N LEU B 58 10.80 8.38 -12.10
CA LEU B 58 9.94 7.90 -11.03
C LEU B 58 8.50 7.93 -11.49
N ARG B 59 8.13 9.04 -12.12
CA ARG B 59 6.79 9.22 -12.65
C ARG B 59 6.52 8.20 -13.72
N ARG B 60 7.51 7.97 -14.56
CA ARG B 60 7.42 7.00 -15.63
C ARG B 60 7.30 5.60 -15.06
N HIS B 61 8.05 5.34 -14.00
CA HIS B 61 8.02 4.05 -13.34
C HIS B 61 6.65 3.82 -12.73
N ALA B 62 6.15 4.83 -12.04
CA ALA B 62 4.83 4.75 -11.42
C ALA B 62 3.78 4.61 -12.52
N ASN B 63 3.98 5.32 -13.60
CA ASN B 63 3.09 5.25 -14.74
C ASN B 63 3.15 3.88 -15.38
N LYS B 64 4.35 3.29 -15.38
CA LYS B 64 4.52 1.96 -15.93
C LYS B 64 3.75 0.96 -15.10
N LEU B 65 3.67 1.24 -13.80
CA LEU B 65 2.92 0.41 -12.88
C LEU B 65 1.44 0.53 -13.19
N LEU B 66 1.02 1.77 -13.45
CA LEU B 66 -0.37 2.05 -13.80
C LEU B 66 -0.73 1.32 -15.07
N SER B 67 0.19 1.32 -16.01
CA SER B 67 0.00 0.65 -17.30
C SER B 67 0.00 -0.86 -17.09
N LEU B 68 0.95 -1.33 -16.30
CA LEU B 68 1.10 -2.74 -15.97
C LEU B 68 -0.17 -3.26 -15.29
N LYS B 69 -0.70 -2.46 -14.38
CA LYS B 69 -1.91 -2.80 -13.65
C LYS B 69 -3.07 -2.95 -14.63
N LYS B 70 -3.12 -2.05 -15.61
CA LYS B 70 -4.15 -2.08 -16.63
C LYS B 70 -4.00 -3.33 -17.47
N ARG B 71 -2.75 -3.64 -17.80
CA ARG B 71 -2.41 -4.81 -18.59
C ARG B 71 -2.87 -6.08 -17.90
N ALA B 72 -2.55 -6.19 -16.61
CA ALA B 72 -2.92 -7.35 -15.81
C ALA B 72 -4.44 -7.43 -15.67
N TYR B 73 -5.08 -6.28 -15.63
CA TYR B 73 -6.54 -6.19 -15.52
C TYR B 73 -7.22 -6.85 -16.72
N GLU B 74 -6.59 -6.72 -17.88
CA GLU B 74 -7.11 -7.26 -19.11
C GLU B 74 -6.61 -8.69 -19.36
N LEU B 75 -5.73 -9.18 -18.50
CA LEU B 75 -5.18 -10.52 -18.65
C LEU B 75 -6.16 -11.57 -18.13
N PRO B 76 -6.67 -12.42 -19.02
CA PRO B 76 -7.61 -13.47 -18.67
C PRO B 76 -6.92 -14.78 -18.26
N ASP C 6 -11.84 -5.17 23.13
CA ASP C 6 -11.15 -5.28 21.86
C ASP C 6 -10.14 -4.16 21.72
N ASP C 7 -9.58 -4.00 20.53
CA ASP C 7 -8.58 -2.96 20.29
C ASP C 7 -9.24 -1.57 20.19
N SER C 8 -9.28 -0.87 21.32
CA SER C 8 -9.89 0.46 21.38
C SER C 8 -11.30 0.47 20.81
N ALA C 9 -12.18 -0.35 21.38
CA ALA C 9 -13.56 -0.47 20.91
C ALA C 9 -14.39 0.77 21.25
N ALA C 10 -13.84 1.65 22.08
CA ALA C 10 -14.52 2.86 22.49
C ALA C 10 -14.56 3.89 21.37
N GLU C 11 -13.70 3.73 20.38
CA GLU C 11 -13.63 4.66 19.26
C GLU C 11 -13.88 3.97 17.93
N TRP C 12 -13.21 4.47 16.89
CA TRP C 12 -13.33 3.92 15.53
C TRP C 12 -14.68 4.27 14.94
N ASN C 13 -14.81 5.53 14.56
CA ASN C 13 -16.03 6.05 13.98
C ASN C 13 -15.79 6.59 12.59
N VAL C 14 -16.70 6.31 11.68
CA VAL C 14 -16.60 6.82 10.32
C VAL C 14 -18.01 7.15 9.80
N SER C 15 -18.19 8.38 9.32
CA SER C 15 -19.49 8.79 8.80
C SER C 15 -19.38 10.10 8.01
N ARG C 16 -20.52 10.60 7.56
CA ARG C 16 -20.59 11.84 6.80
C ARG C 16 -20.82 13.01 7.75
N THR C 17 -19.85 13.92 7.86
CA THR C 17 -19.99 15.04 8.77
C THR C 17 -20.40 16.29 8.01
N PRO C 18 -21.34 17.05 8.55
CA PRO C 18 -21.81 18.29 7.95
C PRO C 18 -20.73 19.37 7.98
N ASP C 19 -19.75 19.16 8.85
CA ASP C 19 -18.66 20.11 9.04
C ASP C 19 -17.38 19.68 8.34
N GLY C 20 -17.34 18.45 7.89
CA GLY C 20 -16.12 17.98 7.25
C GLY C 20 -16.34 16.96 6.15
N ASP C 21 -17.58 16.78 5.71
CA ASP C 21 -17.92 15.85 4.64
C ASP C 21 -17.94 14.42 5.16
N TYR C 22 -16.76 13.86 5.36
CA TYR C 22 -16.65 12.53 5.90
C TYR C 22 -15.67 12.54 7.06
N ARG C 23 -16.06 11.94 8.17
CA ARG C 23 -15.22 11.93 9.35
C ARG C 23 -14.78 10.54 9.73
N LEU C 24 -13.50 10.41 10.00
CA LEU C 24 -12.95 9.14 10.43
C LEU C 24 -12.14 9.37 11.72
N ALA C 25 -12.60 8.73 12.79
CA ALA C 25 -11.96 8.86 14.09
C ALA C 25 -11.58 7.50 14.64
N ILE C 26 -10.29 7.24 14.80
CA ILE C 26 -9.84 5.95 15.30
C ILE C 26 -8.83 6.10 16.43
N THR C 27 -8.50 4.98 17.06
CA THR C 27 -7.55 4.95 18.15
C THR C 27 -6.57 3.80 17.96
N CYS C 28 -5.40 3.91 18.59
CA CYS C 28 -4.40 2.86 18.51
C CYS C 28 -3.51 2.93 19.74
N PRO C 29 -3.28 1.78 20.39
CA PRO C 29 -2.44 1.70 21.58
C PRO C 29 -0.95 1.60 21.24
N ASN C 30 -0.61 1.96 20.02
CA ASN C 30 0.78 1.91 19.56
C ASN C 30 1.06 3.06 18.61
N LYS C 31 2.19 3.70 18.82
CA LYS C 31 2.62 4.81 17.99
C LYS C 31 2.97 4.30 16.59
N GLU C 32 3.45 3.07 16.54
CA GLU C 32 3.83 2.45 15.27
C GLU C 32 2.60 2.16 14.42
N TRP C 33 1.52 1.79 15.08
CA TRP C 33 0.27 1.50 14.40
C TRP C 33 -0.24 2.71 13.66
N LEU C 34 -0.13 3.87 14.29
CA LEU C 34 -0.56 5.12 13.69
C LEU C 34 0.32 5.44 12.49
N LEU C 35 1.62 5.24 12.67
CA LEU C 35 2.58 5.50 11.60
C LEU C 35 2.29 4.62 10.39
N GLN C 36 2.00 3.35 10.66
CA GLN C 36 1.69 2.39 9.60
C GLN C 36 0.43 2.82 8.87
N SER C 37 -0.54 3.30 9.63
CA SER C 37 -1.81 3.75 9.08
C SER C 37 -1.60 4.94 8.16
N ILE C 38 -0.84 5.92 8.63
CA ILE C 38 -0.55 7.10 7.84
C ILE C 38 0.25 6.74 6.60
N GLU C 39 1.23 5.86 6.77
CA GLU C 39 2.05 5.42 5.66
C GLU C 39 1.18 4.76 4.61
N GLY C 40 0.24 3.94 5.06
CA GLY C 40 -0.65 3.27 4.16
C GLY C 40 -1.58 4.22 3.44
N MET C 41 -2.14 5.17 4.18
CA MET C 41 -3.05 6.14 3.61
C MET C 41 -2.33 7.07 2.63
N ILE C 42 -1.10 7.48 2.96
CA ILE C 42 -0.32 8.33 2.07
C ILE C 42 -0.01 7.57 0.78
N LYS C 43 0.23 6.28 0.89
CA LYS C 43 0.54 5.43 -0.26
C LYS C 43 -0.60 5.43 -1.26
N GLU C 44 -1.80 5.19 -0.78
CA GLU C 44 -2.98 5.15 -1.64
C GLU C 44 -3.29 6.54 -2.17
N ALA C 45 -3.16 7.52 -1.29
CA ALA C 45 -3.39 8.91 -1.65
C ALA C 45 -2.42 9.36 -2.73
N ALA C 46 -1.18 8.92 -2.60
CA ALA C 46 -0.14 9.25 -3.56
C ALA C 46 -0.52 8.73 -4.94
N ALA C 47 -1.07 7.52 -4.97
CA ALA C 47 -1.50 6.91 -6.22
C ALA C 47 -2.59 7.75 -6.88
N GLU C 48 -3.42 8.37 -6.05
CA GLU C 48 -4.48 9.22 -6.55
C GLU C 48 -3.89 10.47 -7.17
N VAL C 49 -2.85 10.98 -6.54
CA VAL C 49 -2.16 12.18 -7.02
C VAL C 49 -1.48 11.87 -8.34
N LEU C 50 -0.96 10.66 -8.46
CA LEU C 50 -0.30 10.24 -9.69
C LEU C 50 -1.33 10.11 -10.81
N ARG C 51 -2.53 9.68 -10.45
CA ARG C 51 -3.62 9.51 -11.40
C ARG C 51 -4.21 10.86 -11.77
N ASN C 52 -4.07 11.82 -10.86
CA ASN C 52 -4.57 13.17 -11.06
C ASN C 52 -3.53 14.19 -10.62
N PRO C 53 -2.44 14.35 -11.41
CA PRO C 53 -1.36 15.28 -11.11
C PRO C 53 -1.85 16.72 -11.05
N ASN C 54 -2.95 16.97 -11.75
CA ASN C 54 -3.55 18.29 -11.81
C ASN C 54 -4.43 18.57 -10.60
N GLN C 55 -4.50 17.62 -9.67
CA GLN C 55 -5.30 17.79 -8.48
C GLN C 55 -4.47 18.38 -7.33
N GLU C 56 -4.53 19.69 -7.17
CA GLU C 56 -3.78 20.37 -6.11
C GLU C 56 -4.26 19.90 -4.74
N ASN C 57 -5.56 19.77 -4.59
CA ASN C 57 -6.16 19.32 -3.33
C ASN C 57 -5.63 17.94 -2.97
N LEU C 58 -5.49 17.08 -3.96
CA LEU C 58 -4.97 15.75 -3.74
C LEU C 58 -3.51 15.84 -3.31
N ARG C 59 -2.77 16.69 -3.99
CA ARG C 59 -1.35 16.89 -3.71
C ARG C 59 -1.17 17.43 -2.31
N ARG C 60 -1.99 18.41 -1.96
CA ARG C 60 -1.94 19.02 -0.64
C ARG C 60 -2.39 18.02 0.42
N HIS C 61 -3.39 17.23 0.07
CA HIS C 61 -3.92 16.23 0.95
C HIS C 61 -2.87 15.16 1.21
N ALA C 62 -2.20 14.74 0.15
CA ALA C 62 -1.13 13.75 0.27
C ALA C 62 0.00 14.32 1.11
N ASN C 63 0.28 15.60 0.88
CA ASN C 63 1.31 16.31 1.63
C ASN C 63 0.91 16.39 3.10
N LYS C 64 -0.39 16.51 3.33
CA LYS C 64 -0.91 16.58 4.68
C LYS C 64 -0.67 15.26 5.39
N LEU C 65 -0.70 14.17 4.64
CA LEU C 65 -0.44 12.84 5.19
C LEU C 65 1.03 12.76 5.57
N LEU C 66 1.86 13.39 4.75
CA LEU C 66 3.29 13.46 4.99
C LEU C 66 3.53 14.25 6.27
N SER C 67 2.76 15.32 6.43
CA SER C 67 2.84 16.17 7.59
C SER C 67 2.37 15.40 8.82
N LEU C 68 1.27 14.69 8.65
CA LEU C 68 0.67 13.87 9.69
C LEU C 68 1.65 12.79 10.14
N LYS C 69 2.32 12.19 9.17
CA LYS C 69 3.31 11.15 9.43
C LYS C 69 4.39 11.69 10.36
N LYS C 70 4.80 12.93 10.09
CA LYS C 70 5.82 13.59 10.89
C LYS C 70 5.29 13.83 12.31
N ARG C 71 4.03 14.24 12.36
CA ARG C 71 3.36 14.51 13.63
C ARG C 71 3.33 13.24 14.49
N ALA C 72 3.10 12.11 13.85
CA ALA C 72 3.04 10.83 14.54
C ALA C 72 4.45 10.34 14.89
N TYR C 73 5.41 10.65 14.03
CA TYR C 73 6.80 10.27 14.25
C TYR C 73 7.31 10.88 15.54
N GLU C 74 6.98 12.15 15.72
CA GLU C 74 7.38 12.91 16.88
C GLU C 74 6.44 12.68 18.07
N LEU C 75 5.41 11.87 17.86
CA LEU C 75 4.45 11.57 18.92
C LEU C 75 5.06 10.62 19.94
N PRO C 76 5.04 10.99 21.22
CA PRO C 76 5.59 10.17 22.30
C PRO C 76 4.65 9.03 22.68
N ASP D 6 -9.61 25.28 3.18
CA ASP D 6 -8.55 24.32 2.87
C ASP D 6 -9.10 22.90 2.92
N ASP D 7 -8.25 21.92 2.62
CA ASP D 7 -8.64 20.52 2.66
C ASP D 7 -8.94 20.11 4.10
N SER D 8 -10.21 20.19 4.48
CA SER D 8 -10.65 19.84 5.83
C SER D 8 -9.73 20.45 6.90
N ALA D 9 -9.77 21.77 7.02
CA ALA D 9 -8.93 22.48 7.97
C ALA D 9 -9.55 22.52 9.37
N ALA D 10 -10.82 22.17 9.46
CA ALA D 10 -11.52 22.17 10.74
C ALA D 10 -11.14 20.95 11.58
N GLU D 11 -10.68 19.90 10.94
CA GLU D 11 -10.30 18.68 11.64
C GLU D 11 -8.83 18.36 11.47
N TRP D 12 -8.52 17.07 11.49
CA TRP D 12 -7.15 16.56 11.34
C TRP D 12 -6.32 16.85 12.58
N ASN D 13 -6.62 16.09 13.62
CA ASN D 13 -5.92 16.23 14.88
C ASN D 13 -5.42 14.87 15.35
N VAL D 14 -4.20 14.85 15.89
CA VAL D 14 -3.61 13.63 16.41
C VAL D 14 -2.97 13.93 17.76
N SER D 15 -3.32 13.17 18.77
CA SER D 15 -2.77 13.39 20.10
C SER D 15 -2.82 12.13 20.95
N ARG D 16 -2.03 12.12 22.00
CA ARG D 16 -1.96 11.01 22.93
C ARG D 16 -2.95 11.26 24.08
N THR D 17 -4.01 10.46 24.17
CA THR D 17 -5.00 10.66 25.20
C THR D 17 -4.79 9.68 26.33
N PRO D 18 -4.92 10.14 27.57
CA PRO D 18 -4.74 9.30 28.75
C PRO D 18 -5.82 8.24 28.88
N ASP D 19 -6.97 8.51 28.30
CA ASP D 19 -8.10 7.59 28.37
C ASP D 19 -8.33 6.86 27.05
N GLY D 20 -7.66 7.30 26.00
CA GLY D 20 -7.86 6.69 24.72
C GLY D 20 -6.59 6.28 23.99
N ASP D 21 -5.43 6.50 24.64
CA ASP D 21 -4.13 6.14 24.08
C ASP D 21 -3.69 7.14 23.05
N TYR D 22 -4.05 6.91 21.81
CA TYR D 22 -3.73 7.82 20.74
C TYR D 22 -5.02 8.13 20.00
N ARG D 23 -5.28 9.41 19.78
CA ARG D 23 -6.51 9.83 19.13
C ARG D 23 -6.23 10.49 17.80
N LEU D 24 -6.89 10.00 16.76
CA LEU D 24 -6.74 10.54 15.43
C LEU D 24 -8.10 10.94 14.89
N ALA D 25 -8.27 12.23 14.64
CA ALA D 25 -9.52 12.77 14.13
C ALA D 25 -9.30 13.45 12.80
N ILE D 26 -9.69 12.82 11.70
CA ILE D 26 -9.51 13.42 10.39
C ILE D 26 -10.81 13.47 9.59
N THR D 27 -10.74 14.11 8.43
CA THR D 27 -11.89 14.26 7.54
C THR D 27 -11.44 14.15 6.08
N CYS D 28 -12.38 13.85 5.20
CA CYS D 28 -12.09 13.74 3.77
C CYS D 28 -13.32 14.11 2.95
N PRO D 29 -13.13 14.89 1.89
CA PRO D 29 -14.22 15.33 1.01
C PRO D 29 -14.72 14.24 0.07
N ASN D 30 -14.28 13.00 0.29
CA ASN D 30 -14.71 11.88 -0.53
C ASN D 30 -14.76 10.61 0.28
N LYS D 31 -15.79 9.82 0.02
CA LYS D 31 -15.99 8.55 0.70
C LYS D 31 -14.94 7.55 0.26
N GLU D 32 -14.52 7.68 -1.00
CA GLU D 32 -13.53 6.78 -1.58
C GLU D 32 -12.18 7.01 -0.94
N TRP D 33 -11.94 8.25 -0.53
CA TRP D 33 -10.68 8.61 0.10
C TRP D 33 -10.54 7.90 1.43
N LEU D 34 -11.62 7.89 2.20
CA LEU D 34 -11.62 7.23 3.50
C LEU D 34 -11.47 5.73 3.30
N LEU D 35 -12.19 5.20 2.32
CA LEU D 35 -12.13 3.78 2.00
C LEU D 35 -10.71 3.37 1.62
N GLN D 36 -10.09 4.21 0.79
CA GLN D 36 -8.72 3.97 0.34
C GLN D 36 -7.75 4.08 1.51
N SER D 37 -8.03 5.00 2.43
CA SER D 37 -7.19 5.20 3.59
C SER D 37 -7.22 3.96 4.47
N ILE D 38 -8.42 3.45 4.73
CA ILE D 38 -8.60 2.27 5.55
C ILE D 38 -7.92 1.07 4.88
N GLU D 39 -8.09 0.95 3.58
CA GLU D 39 -7.47 -0.11 2.82
C GLU D 39 -5.95 0.01 2.91
N GLY D 40 -5.47 1.25 2.86
CA GLY D 40 -4.05 1.51 2.93
C GLY D 40 -3.45 1.08 4.26
N MET D 41 -4.10 1.46 5.35
CA MET D 41 -3.62 1.11 6.68
C MET D 41 -3.66 -0.40 6.88
N ILE D 42 -4.68 -1.06 6.33
CA ILE D 42 -4.79 -2.51 6.45
C ILE D 42 -3.58 -3.20 5.83
N LYS D 43 -3.05 -2.64 4.72
CA LYS D 43 -1.89 -3.22 4.05
C LYS D 43 -0.70 -3.28 5.00
N GLU D 44 -0.40 -2.16 5.62
CA GLU D 44 0.72 -2.08 6.55
C GLU D 44 0.44 -2.89 7.80
N ALA D 45 -0.80 -2.84 8.26
CA ALA D 45 -1.21 -3.60 9.43
C ALA D 45 -1.07 -5.10 9.17
N ALA D 46 -1.43 -5.50 7.95
CA ALA D 46 -1.32 -6.88 7.54
C ALA D 46 0.13 -7.32 7.54
N ALA D 47 1.02 -6.40 7.17
CA ALA D 47 2.45 -6.67 7.16
C ALA D 47 2.92 -7.02 8.56
N GLU D 48 2.36 -6.33 9.56
CA GLU D 48 2.70 -6.58 10.94
C GLU D 48 2.17 -7.94 11.34
N VAL D 49 0.96 -8.25 10.87
CA VAL D 49 0.33 -9.53 11.13
C VAL D 49 1.17 -10.66 10.53
N LEU D 50 1.74 -10.38 9.37
CA LEU D 50 2.59 -11.35 8.69
C LEU D 50 3.85 -11.60 9.51
N ARG D 51 4.33 -10.55 10.16
CA ARG D 51 5.52 -10.63 11.01
C ARG D 51 5.19 -11.29 12.34
N ASN D 52 3.94 -11.13 12.75
CA ASN D 52 3.45 -11.69 14.01
C ASN D 52 2.13 -12.43 13.79
N PRO D 53 2.18 -13.59 13.11
CA PRO D 53 1.00 -14.40 12.81
C PRO D 53 0.24 -14.83 14.06
N ASN D 54 0.98 -15.00 15.15
CA ASN D 54 0.39 -15.41 16.41
C ASN D 54 -0.18 -14.23 17.19
N GLN D 55 -0.12 -13.04 16.60
CA GLN D 55 -0.65 -11.85 17.26
C GLN D 55 -2.13 -11.69 16.92
N GLU D 56 -3.00 -12.24 17.77
CA GLU D 56 -4.43 -12.14 17.57
C GLU D 56 -4.88 -10.68 17.63
N ASN D 57 -4.25 -9.90 18.50
CA ASN D 57 -4.60 -8.49 18.63
C ASN D 57 -4.30 -7.76 17.33
N LEU D 58 -3.22 -8.16 16.67
CA LEU D 58 -2.85 -7.56 15.40
C LEU D 58 -3.87 -7.96 14.35
N ARG D 59 -4.23 -9.24 14.39
CA ARG D 59 -5.21 -9.79 13.47
C ARG D 59 -6.56 -9.14 13.68
N ARG D 60 -6.91 -8.93 14.95
CA ARG D 60 -8.16 -8.30 15.32
C ARG D 60 -8.16 -6.86 14.86
N HIS D 61 -7.02 -6.19 15.03
CA HIS D 61 -6.88 -4.82 14.60
C HIS D 61 -7.00 -4.72 13.09
N ALA D 62 -6.31 -5.62 12.40
CA ALA D 62 -6.34 -5.67 10.95
C ALA D 62 -7.76 -6.00 10.51
N ASN D 63 -8.40 -6.90 11.25
CA ASN D 63 -9.77 -7.30 10.98
C ASN D 63 -10.69 -6.10 11.14
N LYS D 64 -10.35 -5.23 12.08
CA LYS D 64 -11.13 -4.03 12.31
C LYS D 64 -11.04 -3.11 11.10
N LEU D 65 -9.88 -3.10 10.46
CA LEU D 65 -9.70 -2.30 9.25
C LEU D 65 -10.55 -2.89 8.14
N LEU D 66 -10.58 -4.22 8.10
CA LEU D 66 -11.36 -4.93 7.10
C LEU D 66 -12.84 -4.64 7.33
N SER D 67 -13.19 -4.51 8.60
CA SER D 67 -14.56 -4.23 9.00
C SER D 67 -14.91 -2.77 8.72
N LEU D 68 -13.98 -1.90 9.07
CA LEU D 68 -14.12 -0.46 8.86
C LEU D 68 -14.27 -0.15 7.37
N LYS D 69 -13.52 -0.88 6.55
CA LYS D 69 -13.59 -0.71 5.10
C LYS D 69 -15.01 -0.98 4.63
N LYS D 70 -15.66 -1.94 5.29
CA LYS D 70 -17.04 -2.28 4.97
C LYS D 70 -17.95 -1.15 5.40
N ARG D 71 -17.67 -0.61 6.58
CA ARG D 71 -18.44 0.49 7.13
C ARG D 71 -18.35 1.71 6.21
N ALA D 72 -17.15 1.99 5.74
CA ALA D 72 -16.91 3.11 4.83
C ALA D 72 -17.64 2.89 3.51
N TYR D 73 -17.75 1.62 3.11
CA TYR D 73 -18.45 1.26 1.88
C TYR D 73 -19.93 1.63 1.99
N GLU D 74 -20.49 1.43 3.17
CA GLU D 74 -21.90 1.71 3.43
C GLU D 74 -22.15 3.22 3.53
N LEU D 75 -21.09 4.00 3.64
CA LEU D 75 -21.20 5.45 3.74
C LEU D 75 -21.86 6.03 2.49
N PRO D 76 -22.55 7.17 2.63
CA PRO D 76 -23.23 7.83 1.50
C PRO D 76 -22.26 8.21 0.39
N ASP A 6 12.54 1.01 -29.41
CA ASP A 6 11.10 1.07 -29.19
C ASP A 6 10.81 2.11 -28.12
N ASP A 7 9.88 1.83 -27.22
CA ASP A 7 9.56 2.75 -26.14
C ASP A 7 10.72 2.77 -25.15
N SER A 8 10.83 3.83 -24.36
CA SER A 8 11.90 3.96 -23.39
C SER A 8 11.63 3.16 -22.12
N ALA A 9 10.82 2.11 -22.25
CA ALA A 9 10.50 1.24 -21.13
C ALA A 9 11.51 0.10 -21.06
N ALA A 10 11.73 -0.53 -22.21
CA ALA A 10 12.67 -1.65 -22.38
C ALA A 10 12.20 -2.93 -21.71
N GLU A 11 11.86 -2.83 -20.43
CA GLU A 11 11.41 -3.97 -19.66
C GLU A 11 9.93 -3.82 -19.30
N TRP A 12 9.57 -4.32 -18.11
CA TRP A 12 8.21 -4.25 -17.62
C TRP A 12 7.26 -5.09 -18.47
N ASN A 13 7.36 -6.40 -18.28
CA ASN A 13 6.56 -7.35 -19.02
C ASN A 13 5.72 -8.19 -18.08
N VAL A 14 4.49 -8.45 -18.46
CA VAL A 14 3.61 -9.31 -17.68
C VAL A 14 2.76 -10.13 -18.65
N SER A 15 2.79 -11.44 -18.48
CA SER A 15 2.05 -12.33 -19.36
C SER A 15 1.87 -13.71 -18.74
N ARG A 16 1.42 -14.67 -19.54
CA ARG A 16 1.20 -16.03 -19.08
C ARG A 16 2.35 -16.93 -19.50
N THR A 17 2.72 -17.83 -18.61
CA THR A 17 3.79 -18.77 -18.87
C THR A 17 3.22 -20.11 -19.34
N PRO A 18 4.04 -20.91 -20.04
CA PRO A 18 3.65 -22.22 -20.55
C PRO A 18 3.40 -23.21 -19.41
N ASP A 19 3.90 -22.85 -18.25
CA ASP A 19 3.77 -23.66 -17.03
C ASP A 19 2.40 -23.44 -16.40
N GLY A 20 1.69 -22.45 -16.91
CA GLY A 20 0.37 -22.14 -16.40
C GLY A 20 0.45 -21.09 -15.34
N ASP A 21 1.56 -20.38 -15.34
CA ASP A 21 1.82 -19.32 -14.38
C ASP A 21 1.76 -17.99 -15.09
N TYR A 22 2.04 -16.92 -14.38
CA TYR A 22 2.07 -15.60 -14.98
C TYR A 22 3.43 -14.99 -14.72
N ARG A 23 4.07 -14.47 -15.74
CA ARG A 23 5.41 -13.93 -15.60
C ARG A 23 5.43 -12.42 -15.57
N LEU A 24 6.09 -11.87 -14.57
CA LEU A 24 6.22 -10.44 -14.43
C LEU A 24 7.71 -10.08 -14.42
N ALA A 25 8.12 -9.28 -15.40
CA ALA A 25 9.53 -8.91 -15.54
C ALA A 25 9.71 -7.39 -15.57
N ILE A 26 9.90 -6.77 -14.42
CA ILE A 26 10.08 -5.32 -14.36
C ILE A 26 11.49 -4.93 -13.99
N THR A 27 11.75 -3.63 -13.96
CA THR A 27 13.07 -3.11 -13.62
C THR A 27 12.98 -1.83 -12.80
N CYS A 28 13.99 -1.62 -11.97
CA CYS A 28 14.08 -0.42 -11.15
C CYS A 28 15.56 -0.07 -10.98
N PRO A 29 15.94 1.19 -11.23
CA PRO A 29 17.33 1.63 -11.12
C PRO A 29 17.75 1.91 -9.69
N ASN A 30 16.92 1.52 -8.73
CA ASN A 30 17.22 1.75 -7.33
C ASN A 30 16.74 0.61 -6.47
N LYS A 31 17.55 0.25 -5.48
CA LYS A 31 17.21 -0.83 -4.56
C LYS A 31 16.05 -0.42 -3.66
N GLU A 32 15.96 0.88 -3.39
CA GLU A 32 14.90 1.41 -2.55
C GLU A 32 13.57 1.28 -3.26
N TRP A 33 13.59 1.51 -4.55
CA TRP A 33 12.40 1.39 -5.38
C TRP A 33 11.93 -0.04 -5.41
N LEU A 34 12.89 -0.97 -5.48
CA LEU A 34 12.58 -2.39 -5.50
C LEU A 34 11.96 -2.81 -4.18
N LEU A 35 12.58 -2.39 -3.08
CA LEU A 35 12.09 -2.72 -1.75
C LEU A 35 10.67 -2.20 -1.54
N GLN A 36 10.40 -1.02 -2.06
CA GLN A 36 9.08 -0.42 -1.94
C GLN A 36 8.07 -1.19 -2.80
N SER A 37 8.50 -1.58 -3.99
CA SER A 37 7.66 -2.32 -4.91
C SER A 37 7.25 -3.66 -4.31
N ILE A 38 8.24 -4.38 -3.77
CA ILE A 38 7.99 -5.67 -3.14
C ILE A 38 7.04 -5.50 -1.96
N GLU A 39 7.28 -4.46 -1.17
CA GLU A 39 6.44 -4.17 -0.01
C GLU A 39 5.01 -3.92 -0.44
N GLY A 40 4.85 -3.26 -1.58
CA GLY A 40 3.54 -2.96 -2.09
C GLY A 40 2.72 -4.20 -2.38
N MET A 41 3.32 -5.14 -3.11
CA MET A 41 2.63 -6.38 -3.45
C MET A 41 2.36 -7.20 -2.21
N ILE A 42 3.31 -7.23 -1.30
CA ILE A 42 3.16 -7.97 -0.05
C ILE A 42 1.97 -7.43 0.75
N LYS A 43 1.75 -6.12 0.67
CA LYS A 43 0.65 -5.48 1.39
C LYS A 43 -0.71 -5.99 0.91
N GLU A 44 -0.93 -5.99 -0.40
CA GLU A 44 -2.20 -6.44 -0.95
C GLU A 44 -2.36 -7.93 -0.79
N ALA A 45 -1.25 -8.65 -0.97
CA ALA A 45 -1.25 -10.10 -0.85
C ALA A 45 -1.67 -10.52 0.54
N ALA A 46 -1.11 -9.86 1.54
CA ALA A 46 -1.42 -10.14 2.93
C ALA A 46 -2.90 -9.88 3.20
N ALA A 47 -3.41 -8.79 2.62
CA ALA A 47 -4.81 -8.44 2.78
C ALA A 47 -5.69 -9.53 2.17
N GLU A 48 -5.19 -10.11 1.09
CA GLU A 48 -5.90 -11.19 0.41
C GLU A 48 -5.90 -12.43 1.29
N VAL A 49 -4.79 -12.63 2.01
CA VAL A 49 -4.67 -13.76 2.93
C VAL A 49 -5.67 -13.62 4.07
N LEU A 50 -5.86 -12.38 4.50
CA LEU A 50 -6.80 -12.09 5.56
C LEU A 50 -8.23 -12.43 5.09
N ARG A 51 -8.47 -12.21 3.81
CA ARG A 51 -9.75 -12.50 3.18
C ARG A 51 -9.89 -14.01 2.91
N ASN A 52 -8.77 -14.63 2.60
CA ASN A 52 -8.73 -16.05 2.29
C ASN A 52 -7.69 -16.76 3.16
N PRO A 53 -7.97 -16.90 4.45
CA PRO A 53 -7.07 -17.54 5.41
C PRO A 53 -6.80 -19.00 5.06
N ASN A 54 -7.76 -19.62 4.39
CA ASN A 54 -7.66 -21.02 3.99
C ASN A 54 -6.81 -21.15 2.73
N GLN A 55 -6.44 -20.02 2.15
CA GLN A 55 -5.65 -20.01 0.93
C GLN A 55 -4.16 -20.12 1.28
N GLU A 56 -3.63 -21.33 1.31
CA GLU A 56 -2.22 -21.52 1.62
C GLU A 56 -1.36 -20.96 0.50
N ASN A 57 -1.86 -21.07 -0.74
CA ASN A 57 -1.12 -20.55 -1.89
C ASN A 57 -0.91 -19.04 -1.72
N LEU A 58 -1.90 -18.40 -1.12
CA LEU A 58 -1.84 -16.97 -0.86
C LEU A 58 -0.80 -16.71 0.22
N ARG A 59 -0.75 -17.61 1.20
CA ARG A 59 0.19 -17.51 2.29
C ARG A 59 1.61 -17.72 1.78
N ARG A 60 1.78 -18.74 0.95
CA ARG A 60 3.08 -19.07 0.37
C ARG A 60 3.51 -17.96 -0.57
N HIS A 61 2.56 -17.38 -1.29
CA HIS A 61 2.84 -16.29 -2.21
C HIS A 61 3.30 -15.06 -1.44
N ALA A 62 2.59 -14.75 -0.37
CA ALA A 62 2.93 -13.62 0.47
C ALA A 62 4.31 -13.82 1.08
N ASN A 63 4.58 -15.07 1.46
CA ASN A 63 5.85 -15.41 2.04
C ASN A 63 6.96 -15.26 1.00
N LYS A 64 6.63 -15.53 -0.27
CA LYS A 64 7.59 -15.40 -1.34
C LYS A 64 8.01 -13.93 -1.48
N LEU A 65 7.06 -13.04 -1.21
CA LEU A 65 7.31 -11.61 -1.26
C LEU A 65 8.19 -11.20 -0.09
N LEU A 66 7.93 -11.82 1.06
CA LEU A 66 8.72 -11.56 2.26
C LEU A 66 10.16 -11.94 2.01
N SER A 67 10.34 -13.07 1.33
CA SER A 67 11.67 -13.57 0.99
C SER A 67 12.31 -12.64 -0.02
N LEU A 68 11.52 -12.20 -0.98
CA LEU A 68 11.98 -11.28 -2.02
C LEU A 68 12.47 -9.98 -1.41
N LYS A 69 11.77 -9.49 -0.39
CA LYS A 69 12.15 -8.27 0.30
C LYS A 69 13.52 -8.45 0.93
N LYS A 70 13.77 -9.67 1.41
CA LYS A 70 15.05 -10.01 2.03
C LYS A 70 16.12 -10.09 0.95
N ARG A 71 15.75 -10.69 -0.18
CA ARG A 71 16.65 -10.84 -1.31
C ARG A 71 17.09 -9.47 -1.82
N ALA A 72 16.13 -8.55 -1.88
CA ALA A 72 16.39 -7.19 -2.32
C ALA A 72 17.28 -6.46 -1.32
N TYR A 73 17.10 -6.80 -0.04
CA TYR A 73 17.89 -6.21 1.04
C TYR A 73 19.37 -6.56 0.87
N GLU A 74 19.61 -7.81 0.49
CA GLU A 74 20.97 -8.31 0.30
C GLU A 74 21.45 -8.10 -1.13
N LEU A 75 20.60 -7.54 -1.97
CA LEU A 75 20.94 -7.30 -3.37
C LEU A 75 22.08 -6.29 -3.57
N PRO A 76 22.01 -5.07 -2.99
CA PRO A 76 23.07 -4.07 -3.15
C PRO A 76 24.41 -4.53 -2.61
N ASP B 6 12.95 -30.86 -4.38
CA ASP B 6 13.84 -29.74 -4.70
C ASP B 6 13.18 -28.43 -4.30
N ASP B 7 13.98 -27.45 -3.92
CA ASP B 7 13.45 -26.14 -3.53
C ASP B 7 13.00 -25.36 -4.76
N SER B 8 11.81 -25.66 -5.24
CA SER B 8 11.26 -24.99 -6.40
C SER B 8 10.09 -24.09 -6.01
N ALA B 9 10.40 -22.82 -5.78
CA ALA B 9 9.40 -21.85 -5.40
C ALA B 9 8.78 -21.22 -6.65
N ALA B 10 9.29 -21.64 -7.81
CA ALA B 10 8.84 -21.17 -9.10
C ALA B 10 9.19 -19.71 -9.35
N GLU B 11 10.20 -19.50 -10.17
CA GLU B 11 10.66 -18.17 -10.54
C GLU B 11 11.07 -17.33 -9.34
N TRP B 12 10.74 -16.05 -9.44
CA TRP B 12 11.05 -15.06 -8.42
C TRP B 12 12.55 -14.84 -8.33
N ASN B 13 13.05 -14.14 -9.33
CA ASN B 13 14.45 -13.84 -9.46
C ASN B 13 14.70 -12.34 -9.54
N VAL B 14 15.77 -11.88 -8.94
CA VAL B 14 16.11 -10.47 -9.00
C VAL B 14 17.62 -10.32 -9.13
N SER B 15 18.06 -9.56 -10.13
CA SER B 15 19.47 -9.37 -10.37
C SER B 15 19.73 -8.00 -10.98
N ARG B 16 21.00 -7.67 -11.16
CA ARG B 16 21.39 -6.41 -11.74
C ARG B 16 21.56 -6.54 -13.25
N THR B 17 21.07 -5.55 -13.96
CA THR B 17 21.14 -5.52 -15.41
C THR B 17 22.37 -4.75 -15.86
N PRO B 18 22.82 -4.99 -17.11
CA PRO B 18 23.99 -4.33 -17.68
C PRO B 18 23.77 -2.85 -17.87
N ASP B 19 22.50 -2.45 -17.87
CA ASP B 19 22.12 -1.06 -18.03
C ASP B 19 22.20 -0.33 -16.70
N GLY B 20 22.46 -1.09 -15.64
CA GLY B 20 22.57 -0.50 -14.32
C GLY B 20 21.24 -0.51 -13.61
N ASP B 21 20.32 -1.29 -14.15
CA ASP B 21 18.99 -1.41 -13.58
C ASP B 21 18.89 -2.72 -12.82
N TYR B 22 17.74 -3.00 -12.25
CA TYR B 22 17.55 -4.25 -11.54
C TYR B 22 16.42 -5.01 -12.22
N ARG B 23 16.65 -6.28 -12.50
CA ARG B 23 15.66 -7.09 -13.17
C ARG B 23 14.97 -8.02 -12.18
N LEU B 24 13.65 -7.96 -12.16
CA LEU B 24 12.87 -8.79 -11.25
C LEU B 24 11.90 -9.64 -12.04
N ALA B 25 12.01 -10.96 -11.87
CA ALA B 25 11.17 -11.91 -12.57
C ALA B 25 10.35 -12.73 -11.57
N ILE B 26 9.09 -12.38 -11.40
CA ILE B 26 8.23 -13.09 -10.48
C ILE B 26 7.08 -13.77 -11.21
N THR B 27 6.35 -14.62 -10.50
CA THR B 27 5.21 -15.33 -11.07
C THR B 27 4.06 -15.39 -10.08
N CYS B 28 2.85 -15.47 -10.61
CA CYS B 28 1.65 -15.57 -9.78
C CYS B 28 0.64 -16.46 -10.49
N PRO B 29 0.08 -17.44 -9.78
CA PRO B 29 -0.91 -18.36 -10.35
C PRO B 29 -2.28 -17.71 -10.54
N ASN B 30 -2.36 -16.42 -10.22
CA ASN B 30 -3.60 -15.69 -10.35
C ASN B 30 -3.36 -14.32 -10.96
N LYS B 31 -4.17 -13.97 -11.96
CA LYS B 31 -4.04 -12.69 -12.64
C LYS B 31 -4.37 -11.56 -11.68
N GLU B 32 -5.27 -11.84 -10.75
CA GLU B 32 -5.70 -10.88 -9.75
C GLU B 32 -4.54 -10.50 -8.83
N TRP B 33 -3.73 -11.50 -8.51
CA TRP B 33 -2.58 -11.31 -7.64
C TRP B 33 -1.60 -10.34 -8.26
N LEU B 34 -1.39 -10.47 -9.57
CA LEU B 34 -0.47 -9.58 -10.29
C LEU B 34 -1.01 -8.16 -10.27
N LEU B 35 -2.31 -8.03 -10.50
CA LEU B 35 -2.97 -6.74 -10.52
C LEU B 35 -2.75 -6.02 -9.18
N GLN B 36 -2.92 -6.76 -8.10
CA GLN B 36 -2.75 -6.22 -6.77
C GLN B 36 -1.27 -5.94 -6.50
N SER B 37 -0.41 -6.80 -7.01
CA SER B 37 1.02 -6.63 -6.84
C SER B 37 1.50 -5.34 -7.49
N ILE B 38 1.08 -5.11 -8.72
CA ILE B 38 1.44 -3.91 -9.45
C ILE B 38 0.86 -2.68 -8.75
N GLU B 39 -0.37 -2.81 -8.29
CA GLU B 39 -1.05 -1.73 -7.59
C GLU B 39 -0.26 -1.33 -6.35
N GLY B 40 0.28 -2.33 -5.66
CA GLY B 40 1.05 -2.08 -4.47
C GLY B 40 2.26 -1.21 -4.72
N MET B 41 3.05 -1.55 -5.73
CA MET B 41 4.24 -0.79 -6.06
C MET B 41 3.88 0.60 -6.54
N ILE B 42 2.81 0.70 -7.34
CA ILE B 42 2.36 2.00 -7.84
C ILE B 42 1.99 2.91 -6.66
N LYS B 43 1.40 2.34 -5.63
CA LYS B 43 1.00 3.10 -4.44
C LYS B 43 2.21 3.72 -3.76
N GLU B 44 3.22 2.90 -3.50
CA GLU B 44 4.44 3.35 -2.86
C GLU B 44 5.15 4.37 -3.74
N ALA B 45 5.19 4.06 -5.02
CA ALA B 45 5.82 4.93 -6.00
C ALA B 45 5.14 6.29 -6.06
N ALA B 46 3.81 6.26 -6.13
CA ALA B 46 3.02 7.47 -6.17
C ALA B 46 3.27 8.33 -4.94
N ALA B 47 3.36 7.68 -3.79
CA ALA B 47 3.61 8.37 -2.52
C ALA B 47 4.95 9.10 -2.58
N GLU B 48 5.91 8.48 -3.24
CA GLU B 48 7.23 9.07 -3.40
C GLU B 48 7.16 10.24 -4.37
N VAL B 49 6.30 10.11 -5.38
CA VAL B 49 6.13 11.17 -6.38
C VAL B 49 5.56 12.41 -5.71
N LEU B 50 4.66 12.20 -4.76
CA LEU B 50 4.06 13.31 -4.04
C LEU B 50 5.13 14.03 -3.21
N ARG B 51 6.08 13.25 -2.70
CA ARG B 51 7.18 13.79 -1.91
C ARG B 51 8.21 14.46 -2.80
N ASN B 52 8.31 13.96 -4.02
CA ASN B 52 9.26 14.47 -5.01
C ASN B 52 8.57 14.71 -6.34
N PRO B 53 7.69 15.73 -6.41
CA PRO B 53 6.93 16.07 -7.62
C PRO B 53 7.82 16.38 -8.81
N ASN B 54 9.03 16.83 -8.53
CA ASN B 54 9.98 17.17 -9.57
C ASN B 54 10.79 15.96 -10.03
N GLN B 55 10.54 14.81 -9.41
CA GLN B 55 11.25 13.59 -9.78
C GLN B 55 10.61 12.97 -11.01
N GLU B 56 11.15 13.29 -12.18
CA GLU B 56 10.62 12.76 -13.43
C GLU B 56 10.69 11.23 -13.45
N ASN B 57 11.84 10.68 -13.08
CA ASN B 57 12.03 9.23 -13.07
C ASN B 57 11.01 8.55 -12.17
N LEU B 58 10.65 9.21 -11.07
CA LEU B 58 9.67 8.65 -10.15
C LEU B 58 8.31 8.61 -10.82
N ARG B 59 7.97 9.69 -11.51
CA ARG B 59 6.71 9.80 -12.21
C ARG B 59 6.66 8.79 -13.35
N ARG B 60 7.77 8.66 -14.06
CA ARG B 60 7.86 7.71 -15.18
C ARG B 60 7.78 6.29 -14.65
N HIS B 61 8.38 6.05 -13.49
CA HIS B 61 8.36 4.73 -12.89
C HIS B 61 6.93 4.39 -12.47
N ALA B 62 6.28 5.36 -11.83
CA ALA B 62 4.90 5.18 -11.40
C ALA B 62 4.01 5.01 -12.63
N ASN B 63 4.31 5.78 -13.66
CA ASN B 63 3.58 5.72 -14.91
C ASN B 63 3.78 4.36 -15.57
N LYS B 64 4.99 3.82 -15.42
CA LYS B 64 5.29 2.50 -15.97
C LYS B 64 4.44 1.45 -15.28
N LEU B 65 4.23 1.65 -13.99
CA LEU B 65 3.42 0.76 -13.18
C LEU B 65 1.96 0.88 -13.61
N LEU B 66 1.54 2.10 -13.89
CA LEU B 66 0.18 2.38 -14.33
C LEU B 66 -0.09 1.63 -15.63
N SER B 67 0.89 1.63 -16.52
CA SER B 67 0.77 0.94 -17.79
C SER B 67 0.70 -0.57 -17.56
N LEU B 68 1.56 -1.05 -16.67
CA LEU B 68 1.60 -2.46 -16.34
C LEU B 68 0.29 -2.90 -15.69
N LYS B 69 -0.23 -2.04 -14.83
CA LYS B 69 -1.49 -2.29 -14.15
C LYS B 69 -2.59 -2.50 -15.19
N LYS B 70 -2.55 -1.70 -16.24
CA LYS B 70 -3.52 -1.78 -17.31
C LYS B 70 -3.34 -3.09 -18.06
N ARG B 71 -2.09 -3.45 -18.28
CA ARG B 71 -1.74 -4.69 -18.97
C ARG B 71 -2.28 -5.88 -18.20
N ALA B 72 -2.19 -5.81 -16.88
CA ALA B 72 -2.69 -6.86 -16.01
C ALA B 72 -4.22 -6.86 -15.98
N TYR B 73 -4.80 -5.67 -16.09
CA TYR B 73 -6.25 -5.52 -16.11
C TYR B 73 -6.84 -6.26 -17.29
N GLU B 74 -6.17 -6.11 -18.43
CA GLU B 74 -6.59 -6.73 -19.69
C GLU B 74 -6.08 -8.16 -19.81
N LEU B 75 -5.32 -8.62 -18.81
CA LEU B 75 -4.77 -9.97 -18.82
C LEU B 75 -5.86 -11.04 -18.91
N PRO B 76 -6.85 -11.05 -17.98
CA PRO B 76 -7.93 -12.04 -18.03
C PRO B 76 -8.92 -11.75 -19.16
N ASP C 6 -17.95 -6.73 24.74
CA ASP C 6 -19.00 -6.36 23.79
C ASP C 6 -18.43 -6.16 22.38
N ASP C 7 -19.23 -5.58 21.51
CA ASP C 7 -18.82 -5.33 20.12
C ASP C 7 -17.76 -4.22 20.09
N SER C 8 -17.76 -3.40 21.13
CA SER C 8 -16.84 -2.27 21.26
C SER C 8 -15.41 -2.62 20.81
N ALA C 9 -15.03 -2.08 19.66
CA ALA C 9 -13.72 -2.32 19.09
C ALA C 9 -12.73 -1.27 19.59
N ALA C 10 -13.25 -0.35 20.41
CA ALA C 10 -12.47 0.75 20.98
C ALA C 10 -12.21 1.81 19.92
N GLU C 11 -12.91 2.93 20.04
CA GLU C 11 -12.81 4.02 19.10
C GLU C 11 -13.14 3.58 17.69
N TRP C 12 -12.38 4.08 16.75
CA TRP C 12 -12.56 3.77 15.33
C TRP C 12 -13.94 4.21 14.87
N ASN C 13 -14.13 5.51 14.85
CA ASN C 13 -15.38 6.13 14.45
C ASN C 13 -15.23 6.88 13.15
N VAL C 14 -16.23 6.78 12.31
CA VAL C 14 -16.24 7.49 11.04
C VAL C 14 -17.66 7.99 10.77
N SER C 15 -17.78 9.28 10.48
CA SER C 15 -19.08 9.87 10.22
C SER C 15 -18.95 11.18 9.44
N ARG C 16 -20.05 11.89 9.30
CA ARG C 16 -20.07 13.15 8.57
C ARG C 16 -19.94 14.33 9.53
N THR C 17 -19.21 15.34 9.11
CA THR C 17 -18.99 16.53 9.90
C THR C 17 -19.99 17.62 9.53
N PRO C 18 -20.20 18.58 10.44
CA PRO C 18 -21.12 19.70 10.22
C PRO C 18 -20.64 20.61 9.11
N ASP C 19 -19.34 20.52 8.83
CA ASP C 19 -18.71 21.34 7.79
C ASP C 19 -18.92 20.71 6.42
N GLY C 20 -19.42 19.48 6.39
CA GLY C 20 -19.67 18.81 5.14
C GLY C 20 -18.57 17.85 4.76
N ASP C 21 -17.74 17.51 5.73
CA ASP C 21 -16.63 16.60 5.51
C ASP C 21 -16.91 15.29 6.22
N TYR C 22 -15.95 14.38 6.23
CA TYR C 22 -16.10 13.12 6.94
C TYR C 22 -15.05 13.04 8.03
N ARG C 23 -15.46 12.66 9.22
CA ARG C 23 -14.55 12.58 10.36
C ARG C 23 -14.22 11.15 10.68
N LEU C 24 -12.94 10.87 10.85
CA LEU C 24 -12.47 9.53 11.20
C LEU C 24 -11.59 9.58 12.43
N ALA C 25 -11.98 8.83 13.46
CA ALA C 25 -11.26 8.79 14.72
C ALA C 25 -10.86 7.35 15.06
N ILE C 26 -9.58 7.02 14.89
CA ILE C 26 -9.10 5.67 15.17
C ILE C 26 -8.01 5.66 16.25
N THR C 27 -7.61 4.46 16.65
CA THR C 27 -6.59 4.29 17.69
C THR C 27 -5.68 3.09 17.40
N CYS C 28 -4.46 3.13 17.93
CA CYS C 28 -3.51 2.04 17.76
C CYS C 28 -2.55 1.99 18.96
N PRO C 29 -2.37 0.80 19.56
CA PRO C 29 -1.49 0.63 20.72
C PRO C 29 -0.03 0.48 20.31
N ASN C 30 0.30 0.91 19.10
CA ASN C 30 1.66 0.85 18.60
C ASN C 30 1.91 2.04 17.69
N LYS C 31 3.06 2.68 17.88
CA LYS C 31 3.43 3.84 17.09
C LYS C 31 3.68 3.45 15.65
N GLU C 32 4.22 2.27 15.47
CA GLU C 32 4.54 1.74 14.15
C GLU C 32 3.28 1.44 13.37
N TRP C 33 2.24 1.02 14.08
CA TRP C 33 0.98 0.70 13.46
C TRP C 33 0.36 1.94 12.84
N LEU C 34 0.39 3.04 13.60
CA LEU C 34 -0.16 4.30 13.13
C LEU C 34 0.67 4.84 11.98
N LEU C 35 1.99 4.71 12.10
CA LEU C 35 2.90 5.16 11.06
C LEU C 35 2.61 4.43 9.76
N GLN C 36 2.40 3.13 9.86
CA GLN C 36 2.09 2.31 8.69
C GLN C 36 0.70 2.63 8.17
N SER C 37 -0.21 2.97 9.09
CA SER C 37 -1.56 3.31 8.72
C SER C 37 -1.58 4.56 7.85
N ILE C 38 -0.86 5.59 8.29
CA ILE C 38 -0.78 6.83 7.53
C ILE C 38 -0.08 6.57 6.20
N GLU C 39 1.01 5.83 6.26
CA GLU C 39 1.79 5.50 5.09
C GLU C 39 0.94 4.76 4.06
N GLY C 40 0.10 3.86 4.54
CA GLY C 40 -0.74 3.11 3.65
C GLY C 40 -1.77 3.98 2.97
N MET C 41 -2.41 4.86 3.74
CA MET C 41 -3.44 5.73 3.19
C MET C 41 -2.87 6.78 2.24
N ILE C 42 -1.71 7.35 2.54
CA ILE C 42 -1.11 8.33 1.63
C ILE C 42 -0.76 7.65 0.31
N LYS C 43 -0.31 6.40 0.39
CA LYS C 43 0.07 5.64 -0.80
C LYS C 43 -1.09 5.56 -1.78
N GLU C 44 -2.26 5.16 -1.29
CA GLU C 44 -3.44 5.04 -2.14
C GLU C 44 -3.88 6.42 -2.62
N ALA C 45 -3.82 7.38 -1.72
CA ALA C 45 -4.19 8.76 -2.03
C ALA C 45 -3.30 9.34 -3.12
N ALA C 46 -2.01 9.09 -2.98
CA ALA C 46 -1.03 9.56 -3.94
C ALA C 46 -1.29 8.95 -5.31
N ALA C 47 -1.73 7.70 -5.32
CA ALA C 47 -2.05 7.01 -6.56
C ALA C 47 -3.18 7.73 -7.28
N GLU C 48 -4.11 8.29 -6.51
CA GLU C 48 -5.21 9.04 -7.06
C GLU C 48 -4.71 10.38 -7.59
N VAL C 49 -3.75 10.95 -6.86
CA VAL C 49 -3.15 12.22 -7.27
C VAL C 49 -2.36 12.03 -8.57
N LEU C 50 -1.72 10.87 -8.70
CA LEU C 50 -0.96 10.54 -9.90
C LEU C 50 -1.89 10.45 -11.10
N ARG C 51 -3.10 9.95 -10.84
CA ARG C 51 -4.12 9.81 -11.87
C ARG C 51 -4.73 11.16 -12.19
N ASN C 52 -4.78 12.01 -11.19
CA ASN C 52 -5.36 13.34 -11.31
C ASN C 52 -4.44 14.40 -10.71
N PRO C 53 -3.32 14.69 -11.40
CA PRO C 53 -2.33 15.67 -10.94
C PRO C 53 -2.91 17.08 -10.78
N ASN C 54 -3.94 17.36 -11.54
CA ASN C 54 -4.59 18.67 -11.51
C ASN C 54 -5.63 18.76 -10.38
N GLN C 55 -5.80 17.66 -9.64
CA GLN C 55 -6.74 17.63 -8.54
C GLN C 55 -6.06 18.20 -7.30
N GLU C 56 -6.20 19.49 -7.07
CA GLU C 56 -5.57 20.12 -5.91
C GLU C 56 -6.14 19.60 -4.61
N ASN C 57 -7.44 19.40 -4.52
CA ASN C 57 -8.03 18.88 -3.29
C ASN C 57 -7.45 17.51 -2.98
N LEU C 58 -7.09 16.76 -4.02
CA LEU C 58 -6.47 15.46 -3.86
C LEU C 58 -5.03 15.67 -3.39
N ARG C 59 -4.37 16.63 -4.03
CA ARG C 59 -3.00 16.99 -3.72
C ARG C 59 -2.88 17.49 -2.29
N ARG C 60 -3.81 18.35 -1.90
CA ARG C 60 -3.83 18.91 -0.56
C ARG C 60 -4.14 17.81 0.45
N HIS C 61 -5.02 16.89 0.06
CA HIS C 61 -5.38 15.78 0.93
C HIS C 61 -4.17 14.89 1.13
N ALA C 62 -3.50 14.58 0.02
CA ALA C 62 -2.30 13.77 0.07
C ALA C 62 -1.23 14.48 0.87
N ASN C 63 -1.13 15.79 0.66
CA ASN C 63 -0.18 16.62 1.39
C ASN C 63 -0.48 16.57 2.87
N LYS C 64 -1.76 16.52 3.21
CA LYS C 64 -2.17 16.46 4.61
C LYS C 64 -1.68 15.15 5.22
N LEU C 65 -1.71 14.09 4.41
CA LEU C 65 -1.24 12.78 4.84
C LEU C 65 0.27 12.81 4.99
N LEU C 66 0.93 13.52 4.07
CA LEU C 66 2.37 13.65 4.09
C LEU C 66 2.80 14.37 5.37
N SER C 67 2.02 15.38 5.74
CA SER C 67 2.28 16.14 6.95
C SER C 67 2.02 15.28 8.16
N LEU C 68 0.91 14.55 8.12
CA LEU C 68 0.50 13.65 9.19
C LEU C 68 1.56 12.58 9.43
N LYS C 69 2.05 12.00 8.34
CA LYS C 69 3.08 10.97 8.39
C LYS C 69 4.34 11.52 9.07
N LYS C 70 4.70 12.74 8.69
CA LYS C 70 5.88 13.38 9.25
C LYS C 70 5.65 13.69 10.73
N ARG C 71 4.46 14.18 11.04
CA ARG C 71 4.09 14.50 12.41
C ARG C 71 4.12 13.25 13.29
N ALA C 72 3.58 12.16 12.77
CA ALA C 72 3.56 10.91 13.50
C ALA C 72 4.96 10.33 13.64
N TYR C 73 5.79 10.56 12.62
CA TYR C 73 7.16 10.08 12.62
C TYR C 73 7.96 10.72 13.75
N GLU C 74 7.70 11.99 14.00
CA GLU C 74 8.40 12.74 15.03
C GLU C 74 7.81 12.48 16.43
N LEU C 75 6.73 11.70 16.49
CA LEU C 75 6.09 11.40 17.76
C LEU C 75 6.94 10.46 18.62
N PRO C 76 7.33 9.26 18.13
CA PRO C 76 8.13 8.32 18.90
C PRO C 76 9.61 8.71 18.92
N ASP D 6 -2.98 29.06 6.14
CA ASP D 6 -1.94 28.31 6.83
C ASP D 6 -2.41 26.90 7.20
N ASP D 7 -2.98 26.76 8.39
CA ASP D 7 -3.49 25.48 8.86
C ASP D 7 -4.98 25.37 8.53
N SER D 8 -5.27 25.19 7.26
CA SER D 8 -6.65 25.07 6.79
C SER D 8 -7.12 23.62 6.83
N ALA D 9 -6.47 22.80 7.65
CA ALA D 9 -6.84 21.39 7.77
C ALA D 9 -8.07 21.23 8.63
N ALA D 10 -8.20 22.07 9.66
CA ALA D 10 -9.31 22.06 10.62
C ALA D 10 -9.19 20.86 11.56
N GLU D 11 -9.09 19.68 10.99
CA GLU D 11 -8.95 18.46 11.75
C GLU D 11 -7.55 17.92 11.57
N TRP D 12 -7.43 16.59 11.53
CA TRP D 12 -6.14 15.92 11.34
C TRP D 12 -5.30 16.05 12.59
N ASN D 13 -5.77 15.39 13.64
CA ASN D 13 -5.12 15.39 14.92
C ASN D 13 -4.55 14.02 15.23
N VAL D 14 -3.36 14.00 15.78
CA VAL D 14 -2.73 12.75 16.16
C VAL D 14 -1.95 12.98 17.45
N SER D 15 -2.21 12.15 18.45
CA SER D 15 -1.53 12.30 19.73
C SER D 15 -1.50 10.98 20.48
N ARG D 16 -0.60 10.88 21.45
CA ARG D 16 -0.47 9.70 22.26
C ARG D 16 -1.36 9.85 23.49
N THR D 17 -2.22 8.88 23.69
CA THR D 17 -3.14 8.90 24.80
C THR D 17 -2.41 8.55 26.10
N PRO D 18 -3.00 8.92 27.25
CA PRO D 18 -2.42 8.66 28.57
C PRO D 18 -2.33 7.16 28.85
N ASP D 19 -3.12 6.40 28.11
CA ASP D 19 -3.15 4.95 28.25
C ASP D 19 -2.03 4.31 27.44
N GLY D 20 -1.31 5.14 26.70
CA GLY D 20 -0.20 4.65 25.89
C GLY D 20 -0.65 4.25 24.51
N ASP D 21 -1.81 4.76 24.12
CA ASP D 21 -2.36 4.46 22.81
C ASP D 21 -2.17 5.66 21.90
N TYR D 22 -2.59 5.54 20.66
CA TYR D 22 -2.48 6.65 19.73
C TYR D 22 -3.85 7.05 19.28
N ARG D 23 -4.13 8.33 19.30
CA ARG D 23 -5.42 8.82 18.88
C ARG D 23 -5.26 9.66 17.62
N LEU D 24 -5.99 9.29 16.58
CA LEU D 24 -5.93 10.02 15.32
C LEU D 24 -7.34 10.43 14.87
N ALA D 25 -7.46 11.70 14.49
CA ALA D 25 -8.72 12.26 14.04
C ALA D 25 -8.52 13.06 12.76
N ILE D 26 -8.92 12.50 11.62
CA ILE D 26 -8.75 13.19 10.33
C ILE D 26 -10.08 13.39 9.61
N THR D 27 -10.04 14.10 8.49
CA THR D 27 -11.24 14.38 7.71
C THR D 27 -10.98 14.20 6.21
N CYS D 28 -12.02 13.86 5.47
CA CYS D 28 -11.96 13.70 4.02
C CYS D 28 -13.31 14.04 3.42
N PRO D 29 -13.34 14.85 2.36
CA PRO D 29 -14.58 15.24 1.69
C PRO D 29 -15.04 14.23 0.66
N ASN D 30 -14.45 13.04 0.69
CA ASN D 30 -14.79 11.99 -0.26
C ASN D 30 -14.89 10.64 0.42
N LYS D 31 -15.97 9.92 0.14
CA LYS D 31 -16.17 8.60 0.71
C LYS D 31 -15.15 7.63 0.14
N GLU D 32 -14.74 7.91 -1.10
CA GLU D 32 -13.77 7.09 -1.79
C GLU D 32 -12.39 7.26 -1.18
N TRP D 33 -12.08 8.50 -0.80
CA TRP D 33 -10.80 8.81 -0.19
C TRP D 33 -10.65 8.07 1.11
N LEU D 34 -11.72 8.07 1.90
CA LEU D 34 -11.73 7.37 3.18
C LEU D 34 -11.55 5.89 2.96
N LEU D 35 -12.28 5.35 1.99
CA LEU D 35 -12.19 3.93 1.67
C LEU D 35 -10.77 3.57 1.25
N GLN D 36 -10.20 4.41 0.41
CA GLN D 36 -8.84 4.19 -0.06
C GLN D 36 -7.86 4.31 1.08
N SER D 37 -8.11 5.26 1.97
CA SER D 37 -7.27 5.48 3.12
C SER D 37 -7.29 4.24 4.03
N ILE D 38 -8.48 3.75 4.32
CA ILE D 38 -8.65 2.57 5.15
C ILE D 38 -7.98 1.37 4.51
N GLU D 39 -8.19 1.22 3.21
CA GLU D 39 -7.60 0.12 2.45
C GLU D 39 -6.09 0.13 2.56
N GLY D 40 -5.51 1.33 2.53
CA GLY D 40 -4.09 1.47 2.65
C GLY D 40 -3.56 0.96 3.97
N MET D 41 -4.18 1.38 5.07
CA MET D 41 -3.75 0.94 6.39
C MET D 41 -3.99 -0.55 6.58
N ILE D 42 -5.12 -1.06 6.08
CA ILE D 42 -5.43 -2.48 6.18
C ILE D 42 -4.35 -3.31 5.48
N LYS D 43 -3.85 -2.81 4.35
CA LYS D 43 -2.82 -3.51 3.59
C LYS D 43 -1.54 -3.64 4.42
N GLU D 44 -1.11 -2.53 5.00
CA GLU D 44 0.09 -2.52 5.83
C GLU D 44 -0.12 -3.37 7.07
N ALA D 45 -1.29 -3.23 7.65
CA ALA D 45 -1.66 -3.99 8.85
C ALA D 45 -1.61 -5.48 8.57
N ALA D 46 -2.19 -5.88 7.44
CA ALA D 46 -2.21 -7.27 7.04
C ALA D 46 -0.79 -7.78 6.87
N ALA D 47 0.06 -6.96 6.27
CA ALA D 47 1.47 -7.32 6.06
C ALA D 47 2.16 -7.54 7.41
N GLU D 48 1.77 -6.73 8.38
CA GLU D 48 2.32 -6.84 9.73
C GLU D 48 1.88 -8.14 10.36
N VAL D 49 0.65 -8.55 10.08
CA VAL D 49 0.11 -9.79 10.61
C VAL D 49 0.88 -10.96 10.03
N LEU D 50 1.24 -10.85 8.75
CA LEU D 50 1.99 -11.90 8.08
C LEU D 50 3.37 -12.03 8.72
N ARG D 51 3.93 -10.91 9.16
CA ARG D 51 5.22 -10.89 9.81
C ARG D 51 5.11 -11.35 11.26
N ASN D 52 3.92 -11.16 11.83
CA ASN D 52 3.66 -11.54 13.22
C ASN D 52 2.35 -12.32 13.32
N PRO D 53 2.34 -13.57 12.84
CA PRO D 53 1.15 -14.43 12.87
C PRO D 53 0.67 -14.71 14.29
N ASN D 54 1.59 -14.59 15.24
CA ASN D 54 1.27 -14.82 16.64
C ASN D 54 0.58 -13.61 17.27
N GLN D 55 0.53 -12.51 16.52
CA GLN D 55 -0.08 -11.30 17.00
C GLN D 55 -1.59 -11.30 16.74
N GLU D 56 -2.37 -11.51 17.79
CA GLU D 56 -3.82 -11.54 17.65
C GLU D 56 -4.37 -10.13 17.55
N ASN D 57 -3.80 -9.21 18.33
CA ASN D 57 -4.25 -7.82 18.31
C ASN D 57 -4.03 -7.23 16.93
N LEU D 58 -3.01 -7.70 16.23
CA LEU D 58 -2.73 -7.24 14.88
C LEU D 58 -3.85 -7.70 13.96
N ARG D 59 -4.27 -8.95 14.15
CA ARG D 59 -5.35 -9.52 13.36
C ARG D 59 -6.65 -8.76 13.64
N ARG D 60 -6.88 -8.49 14.91
CA ARG D 60 -8.07 -7.76 15.34
C ARG D 60 -8.01 -6.33 14.83
N HIS D 61 -6.81 -5.76 14.82
CA HIS D 61 -6.60 -4.41 14.32
C HIS D 61 -6.89 -4.37 12.83
N ALA D 62 -6.38 -5.36 12.12
CA ALA D 62 -6.60 -5.48 10.68
C ALA D 62 -8.08 -5.68 10.42
N ASN D 63 -8.70 -6.49 11.27
CA ASN D 63 -10.14 -6.74 11.17
C ASN D 63 -10.91 -5.47 11.47
N LYS D 64 -10.38 -4.66 12.39
CA LYS D 64 -11.01 -3.40 12.73
C LYS D 64 -11.02 -2.49 11.51
N LEU D 65 -9.96 -2.60 10.71
CA LEU D 65 -9.85 -1.82 9.48
C LEU D 65 -10.84 -2.35 8.47
N LEU D 66 -10.99 -3.67 8.44
CA LEU D 66 -11.94 -4.32 7.55
C LEU D 66 -13.36 -3.87 7.91
N SER D 67 -13.59 -3.73 9.21
CA SER D 67 -14.86 -3.28 9.73
C SER D 67 -15.04 -1.80 9.40
N LEU D 68 -13.97 -1.05 9.57
CA LEU D 68 -13.96 0.38 9.28
C LEU D 68 -14.26 0.64 7.81
N LYS D 69 -13.67 -0.19 6.95
CA LYS D 69 -13.88 -0.07 5.51
C LYS D 69 -15.34 -0.31 5.20
N LYS D 70 -15.92 -1.29 5.90
CA LYS D 70 -17.32 -1.62 5.72
C LYS D 70 -18.18 -0.47 6.23
N ARG D 71 -17.77 0.10 7.36
CA ARG D 71 -18.46 1.22 7.96
C ARG D 71 -18.47 2.41 6.99
N ALA D 72 -17.30 2.73 6.46
CA ALA D 72 -17.16 3.82 5.51
C ALA D 72 -17.99 3.55 4.25
N TYR D 73 -18.11 2.28 3.89
CA TYR D 73 -18.89 1.88 2.73
C TYR D 73 -20.37 2.18 2.97
N GLU D 74 -20.81 1.99 4.21
CA GLU D 74 -22.18 2.22 4.60
C GLU D 74 -22.43 3.67 4.96
N LEU D 75 -21.39 4.49 4.92
CA LEU D 75 -21.51 5.90 5.25
C LEU D 75 -22.40 6.66 4.25
N PRO D 76 -22.10 6.61 2.94
CA PRO D 76 -22.91 7.31 1.94
C PRO D 76 -24.16 6.50 1.55
N ASP A 6 9.15 -1.97 -32.17
CA ASP A 6 8.36 -3.12 -31.76
C ASP A 6 8.58 -3.46 -30.30
N ASP A 7 9.80 -3.26 -29.82
CA ASP A 7 10.13 -3.55 -28.44
C ASP A 7 10.63 -2.29 -27.74
N SER A 8 9.81 -1.26 -27.78
CA SER A 8 10.15 0.01 -27.16
C SER A 8 10.24 -0.13 -25.65
N ALA A 9 9.37 -0.97 -25.09
CA ALA A 9 9.33 -1.22 -23.66
C ALA A 9 10.41 -2.23 -23.27
N ALA A 10 10.60 -3.23 -24.13
CA ALA A 10 11.58 -4.31 -23.93
C ALA A 10 11.15 -5.25 -22.82
N GLU A 11 10.83 -4.69 -21.67
CA GLU A 11 10.40 -5.45 -20.52
C GLU A 11 8.94 -5.15 -20.21
N TRP A 12 8.58 -5.28 -18.93
CA TRP A 12 7.23 -5.02 -18.46
C TRP A 12 6.24 -5.91 -19.20
N ASN A 13 6.40 -7.19 -18.98
CA ASN A 13 5.58 -8.20 -19.62
C ASN A 13 4.85 -9.03 -18.60
N VAL A 14 3.60 -9.35 -18.88
CA VAL A 14 2.80 -10.18 -18.01
C VAL A 14 1.91 -11.09 -18.86
N SER A 15 1.98 -12.39 -18.60
CA SER A 15 1.20 -13.36 -19.36
C SER A 15 1.11 -14.68 -18.60
N ARG A 16 0.42 -15.64 -19.18
CA ARG A 16 0.26 -16.94 -18.55
C ARG A 16 1.35 -17.89 -19.02
N THR A 17 1.85 -18.68 -18.09
CA THR A 17 2.88 -19.65 -18.37
C THR A 17 2.26 -20.99 -18.75
N PRO A 18 3.04 -21.85 -19.42
CA PRO A 18 2.58 -23.16 -19.88
C PRO A 18 2.26 -24.07 -18.69
N ASP A 19 2.79 -23.71 -17.54
CA ASP A 19 2.56 -24.48 -16.32
C ASP A 19 1.25 -24.07 -15.66
N GLY A 20 0.61 -23.06 -16.23
CA GLY A 20 -0.65 -22.59 -15.70
C GLY A 20 -0.46 -21.47 -14.71
N ASP A 21 0.75 -20.93 -14.70
CA ASP A 21 1.09 -19.84 -13.80
C ASP A 21 1.05 -18.53 -14.56
N TYR A 22 1.44 -17.44 -13.93
CA TYR A 22 1.48 -16.15 -14.60
C TYR A 22 2.88 -15.59 -14.47
N ARG A 23 3.43 -15.13 -15.57
CA ARG A 23 4.78 -14.60 -15.57
C ARG A 23 4.80 -13.09 -15.73
N LEU A 24 5.48 -12.43 -14.82
CA LEU A 24 5.61 -10.98 -14.86
C LEU A 24 7.09 -10.58 -14.87
N ALA A 25 7.48 -9.79 -15.86
CA ALA A 25 8.86 -9.36 -16.00
C ALA A 25 8.95 -7.84 -16.10
N ILE A 26 9.41 -7.16 -15.06
CA ILE A 26 9.51 -5.70 -15.09
C ILE A 26 10.95 -5.24 -14.88
N THR A 27 11.20 -3.96 -15.07
CA THR A 27 12.53 -3.38 -14.88
C THR A 27 12.45 -2.02 -14.21
N CYS A 28 13.53 -1.66 -13.51
CA CYS A 28 13.61 -0.36 -12.83
C CYS A 28 15.06 0.13 -12.84
N PRO A 29 15.28 1.41 -13.22
CA PRO A 29 16.61 2.01 -13.29
C PRO A 29 17.22 2.29 -11.91
N ASN A 30 16.53 1.87 -10.86
CA ASN A 30 17.01 2.07 -9.51
C ASN A 30 16.63 0.90 -8.62
N LYS A 31 17.54 0.51 -7.76
CA LYS A 31 17.31 -0.59 -6.84
C LYS A 31 16.27 -0.18 -5.79
N GLU A 32 16.24 1.12 -5.49
CA GLU A 32 15.30 1.65 -4.51
C GLU A 32 13.88 1.50 -5.01
N TRP A 33 13.70 1.76 -6.30
CA TRP A 33 12.39 1.66 -6.92
C TRP A 33 11.88 0.22 -6.89
N LEU A 34 12.78 -0.71 -7.16
CA LEU A 34 12.44 -2.12 -7.15
C LEU A 34 12.11 -2.58 -5.73
N LEU A 35 12.92 -2.12 -4.77
CA LEU A 35 12.73 -2.46 -3.36
C LEU A 35 11.36 -2.01 -2.89
N GLN A 36 10.99 -0.80 -3.28
CA GLN A 36 9.70 -0.24 -2.90
C GLN A 36 8.57 -0.99 -3.59
N SER A 37 8.78 -1.37 -4.84
CA SER A 37 7.81 -2.09 -5.61
C SER A 37 7.44 -3.42 -4.95
N ILE A 38 8.46 -4.16 -4.54
CA ILE A 38 8.25 -5.43 -3.87
C ILE A 38 7.51 -5.23 -2.55
N GLU A 39 7.94 -4.21 -1.81
CA GLU A 39 7.34 -3.89 -0.52
C GLU A 39 5.87 -3.49 -0.68
N GLY A 40 5.56 -2.81 -1.78
CA GLY A 40 4.19 -2.40 -2.03
C GLY A 40 3.31 -3.58 -2.35
N MET A 41 3.86 -4.51 -3.14
CA MET A 41 3.14 -5.71 -3.53
C MET A 41 2.92 -6.61 -2.30
N ILE A 42 3.95 -6.74 -1.45
CA ILE A 42 3.83 -7.54 -0.24
C ILE A 42 2.72 -6.99 0.65
N LYS A 43 2.57 -5.66 0.66
CA LYS A 43 1.54 -5.02 1.46
C LYS A 43 0.14 -5.48 1.06
N GLU A 44 -0.14 -5.46 -0.24
CA GLU A 44 -1.46 -5.87 -0.75
C GLU A 44 -1.67 -7.36 -0.50
N ALA A 45 -0.62 -8.14 -0.73
CA ALA A 45 -0.68 -9.59 -0.54
C ALA A 45 -1.04 -9.94 0.89
N ALA A 46 -0.41 -9.28 1.83
CA ALA A 46 -0.64 -9.52 3.25
C ALA A 46 -2.09 -9.20 3.61
N ALA A 47 -2.61 -8.12 3.04
CA ALA A 47 -3.98 -7.72 3.28
C ALA A 47 -4.95 -8.77 2.75
N GLU A 48 -4.58 -9.38 1.62
CA GLU A 48 -5.39 -10.43 1.03
C GLU A 48 -5.38 -11.66 1.91
N VAL A 49 -4.25 -11.92 2.57
CA VAL A 49 -4.13 -13.06 3.46
C VAL A 49 -5.09 -12.94 4.63
N LEU A 50 -5.27 -11.72 5.12
CA LEU A 50 -6.19 -11.49 6.22
C LEU A 50 -7.62 -11.69 5.76
N ARG A 51 -7.87 -11.34 4.50
CA ARG A 51 -9.20 -11.49 3.91
C ARG A 51 -9.45 -12.95 3.56
N ASN A 52 -8.36 -13.66 3.35
CA ASN A 52 -8.40 -15.08 2.99
C ASN A 52 -7.45 -15.87 3.89
N PRO A 53 -7.79 -16.01 5.18
CA PRO A 53 -6.97 -16.73 6.15
C PRO A 53 -6.76 -18.19 5.79
N ASN A 54 -7.73 -18.74 5.05
CA ASN A 54 -7.68 -20.13 4.62
C ASN A 54 -6.77 -20.31 3.41
N GLN A 55 -6.24 -19.21 2.90
CA GLN A 55 -5.37 -19.26 1.73
C GLN A 55 -3.91 -19.44 2.14
N GLU A 56 -3.43 -20.68 2.05
CA GLU A 56 -2.04 -20.99 2.39
C GLU A 56 -1.12 -20.41 1.32
N ASN A 57 -1.56 -20.47 0.08
CA ASN A 57 -0.76 -19.96 -1.04
C ASN A 57 -0.57 -18.47 -0.90
N LEU A 58 -1.54 -17.79 -0.32
CA LEU A 58 -1.44 -16.35 -0.12
C LEU A 58 -0.36 -16.04 0.90
N ARG A 59 -0.29 -16.87 1.94
CA ARG A 59 0.72 -16.70 2.98
C ARG A 59 2.11 -16.94 2.40
N ARG A 60 2.21 -18.02 1.63
CA ARG A 60 3.47 -18.39 1.00
C ARG A 60 3.86 -17.35 -0.05
N HIS A 61 2.87 -16.81 -0.73
CA HIS A 61 3.11 -15.78 -1.73
C HIS A 61 3.67 -14.53 -1.07
N ALA A 62 3.05 -14.12 0.02
CA ALA A 62 3.48 -12.95 0.77
C ALA A 62 4.90 -13.17 1.26
N ASN A 63 5.16 -14.40 1.70
CA ASN A 63 6.49 -14.78 2.18
C ASN A 63 7.49 -14.71 1.03
N LYS A 64 7.05 -15.03 -0.17
CA LYS A 64 7.91 -14.99 -1.33
C LYS A 64 8.34 -13.56 -1.61
N LEU A 65 7.45 -12.62 -1.31
CA LEU A 65 7.75 -11.21 -1.49
C LEU A 65 8.77 -10.78 -0.46
N LEU A 66 8.62 -11.30 0.76
CA LEU A 66 9.53 -11.00 1.85
C LEU A 66 10.94 -11.48 1.48
N SER A 67 10.98 -12.61 0.80
CA SER A 67 12.22 -13.21 0.36
C SER A 67 12.79 -12.42 -0.82
N LEU A 68 11.90 -12.08 -1.75
CA LEU A 68 12.28 -11.31 -2.93
C LEU A 68 12.81 -9.94 -2.53
N LYS A 69 12.15 -9.33 -1.54
CA LYS A 69 12.56 -8.03 -1.02
C LYS A 69 13.96 -8.15 -0.45
N LYS A 70 14.22 -9.29 0.20
CA LYS A 70 15.52 -9.56 0.78
C LYS A 70 16.55 -9.70 -0.33
N ARG A 71 16.15 -10.37 -1.41
CA ARG A 71 17.03 -10.58 -2.56
C ARG A 71 17.44 -9.24 -3.16
N ALA A 72 16.46 -8.36 -3.35
CA ALA A 72 16.73 -7.02 -3.89
C ALA A 72 17.62 -6.23 -2.94
N TYR A 73 17.46 -6.50 -1.64
CA TYR A 73 18.26 -5.85 -0.62
C TYR A 73 19.74 -6.20 -0.79
N GLU A 74 19.97 -7.46 -1.16
CA GLU A 74 21.32 -7.97 -1.36
C GLU A 74 21.88 -7.53 -2.71
N LEU A 75 21.06 -6.88 -3.51
CA LEU A 75 21.48 -6.42 -4.82
C LEU A 75 22.35 -5.17 -4.68
N PRO A 76 23.55 -5.19 -5.26
CA PRO A 76 24.47 -4.05 -5.18
C PRO A 76 24.05 -2.91 -6.10
N ASP B 6 18.18 -26.86 -4.03
CA ASP B 6 19.10 -25.74 -4.13
C ASP B 6 18.28 -24.51 -4.49
N ASP B 7 17.23 -24.78 -5.25
CA ASP B 7 16.29 -23.76 -5.68
C ASP B 7 14.87 -24.27 -5.38
N SER B 8 14.15 -23.55 -4.55
CA SER B 8 12.80 -23.95 -4.18
C SER B 8 11.77 -22.97 -4.73
N ALA B 9 12.24 -21.87 -5.30
CA ALA B 9 11.36 -20.86 -5.86
C ALA B 9 11.04 -21.13 -7.32
N ALA B 10 12.04 -21.60 -8.07
CA ALA B 10 11.93 -21.88 -9.50
C ALA B 10 11.91 -20.58 -10.28
N GLU B 11 10.93 -19.76 -9.98
CA GLU B 11 10.77 -18.46 -10.59
C GLU B 11 11.15 -17.40 -9.55
N TRP B 12 10.52 -16.24 -9.62
CA TRP B 12 10.77 -15.16 -8.66
C TRP B 12 12.23 -14.76 -8.65
N ASN B 13 12.67 -14.13 -9.72
CA ASN B 13 14.03 -13.70 -9.84
C ASN B 13 14.12 -12.19 -9.88
N VAL B 14 15.09 -11.64 -9.19
CA VAL B 14 15.32 -10.22 -9.19
C VAL B 14 16.82 -9.97 -9.18
N SER B 15 17.31 -9.19 -10.15
CA SER B 15 18.73 -8.92 -10.24
C SER B 15 18.99 -7.72 -11.14
N ARG B 16 20.25 -7.45 -11.42
CA ARG B 16 20.62 -6.34 -12.27
C ARG B 16 20.79 -6.81 -13.70
N THR B 17 20.44 -5.94 -14.63
CA THR B 17 20.53 -6.23 -16.05
C THR B 17 21.84 -5.69 -16.61
N PRO B 18 22.31 -6.25 -17.75
CA PRO B 18 23.53 -5.83 -18.41
C PRO B 18 23.41 -4.41 -18.97
N ASP B 19 22.17 -3.96 -19.11
CA ASP B 19 21.88 -2.63 -19.63
C ASP B 19 22.01 -1.59 -18.52
N GLY B 20 22.12 -2.08 -17.29
CA GLY B 20 22.25 -1.19 -16.15
C GLY B 20 20.93 -0.98 -15.43
N ASP B 21 20.00 -1.87 -15.67
CA ASP B 21 18.68 -1.79 -15.05
C ASP B 21 18.53 -2.93 -14.05
N TYR B 22 17.34 -3.10 -13.52
CA TYR B 22 17.08 -4.20 -12.60
C TYR B 22 15.92 -5.01 -13.13
N ARG B 23 16.09 -6.33 -13.14
CA ARG B 23 15.07 -7.20 -13.68
C ARG B 23 14.35 -7.97 -12.59
N LEU B 24 13.03 -7.93 -12.64
CA LEU B 24 12.19 -8.62 -11.69
C LEU B 24 11.25 -9.57 -12.44
N ALA B 25 11.35 -10.86 -12.17
CA ALA B 25 10.53 -11.88 -12.82
C ALA B 25 9.86 -12.78 -11.80
N ILE B 26 8.57 -12.60 -11.59
CA ILE B 26 7.84 -13.42 -10.60
C ILE B 26 6.65 -14.14 -11.24
N THR B 27 5.98 -14.95 -10.43
CA THR B 27 4.82 -15.70 -10.88
C THR B 27 3.69 -15.65 -9.84
N CYS B 28 2.46 -15.76 -10.31
CA CYS B 28 1.28 -15.77 -9.45
C CYS B 28 0.21 -16.66 -10.05
N PRO B 29 -0.38 -17.57 -9.25
CA PRO B 29 -1.42 -18.50 -9.71
C PRO B 29 -2.76 -17.83 -9.94
N ASN B 30 -2.80 -16.52 -9.85
CA ASN B 30 -4.03 -15.76 -10.06
C ASN B 30 -3.73 -14.45 -10.75
N LYS B 31 -4.56 -14.13 -11.73
CA LYS B 31 -4.42 -12.90 -12.49
C LYS B 31 -4.74 -11.70 -11.59
N GLU B 32 -5.62 -11.93 -10.62
CA GLU B 32 -6.03 -10.88 -9.70
C GLU B 32 -4.90 -10.54 -8.74
N TRP B 33 -4.06 -11.53 -8.46
CA TRP B 33 -2.93 -11.34 -7.56
C TRP B 33 -1.98 -10.33 -8.15
N LEU B 34 -1.68 -10.49 -9.43
CA LEU B 34 -0.78 -9.58 -10.12
C LEU B 34 -1.40 -8.18 -10.17
N LEU B 35 -2.70 -8.15 -10.36
CA LEU B 35 -3.43 -6.89 -10.42
C LEU B 35 -3.24 -6.08 -9.15
N GLN B 36 -3.34 -6.76 -8.01
CA GLN B 36 -3.15 -6.11 -6.72
C GLN B 36 -1.68 -5.79 -6.51
N SER B 37 -0.82 -6.69 -6.96
CA SER B 37 0.61 -6.53 -6.85
C SER B 37 1.09 -5.28 -7.57
N ILE B 38 0.63 -5.09 -8.81
CA ILE B 38 1.01 -3.92 -9.60
C ILE B 38 0.57 -2.64 -8.91
N GLU B 39 -0.65 -2.66 -8.38
CA GLU B 39 -1.18 -1.51 -7.66
C GLU B 39 -0.32 -1.18 -6.46
N GLY B 40 0.24 -2.22 -5.85
CA GLY B 40 1.10 -2.03 -4.70
C GLY B 40 2.37 -1.30 -5.07
N MET B 41 2.98 -1.68 -6.18
CA MET B 41 4.21 -1.03 -6.64
C MET B 41 3.93 0.42 -7.03
N ILE B 42 2.80 0.64 -7.70
CA ILE B 42 2.41 1.98 -8.12
C ILE B 42 2.25 2.87 -6.88
N LYS B 43 1.75 2.30 -5.79
CA LYS B 43 1.57 3.05 -4.55
C LYS B 43 2.88 3.60 -4.03
N GLU B 44 3.88 2.74 -3.93
CA GLU B 44 5.20 3.13 -3.46
C GLU B 44 5.88 4.03 -4.48
N ALA B 45 5.71 3.67 -5.75
CA ALA B 45 6.29 4.45 -6.84
C ALA B 45 5.75 5.88 -6.80
N ALA B 46 4.46 6.00 -6.55
CA ALA B 46 3.81 7.28 -6.46
C ALA B 46 4.37 8.10 -5.31
N ALA B 47 4.63 7.42 -4.19
CA ALA B 47 5.21 8.07 -3.02
C ALA B 47 6.58 8.62 -3.37
N GLU B 48 7.33 7.89 -4.19
CA GLU B 48 8.64 8.30 -4.62
C GLU B 48 8.51 9.53 -5.52
N VAL B 49 7.48 9.52 -6.36
CA VAL B 49 7.22 10.63 -7.28
C VAL B 49 6.86 11.88 -6.48
N LEU B 50 6.13 11.70 -5.39
CA LEU B 50 5.76 12.82 -4.54
C LEU B 50 7.01 13.42 -3.89
N ARG B 51 7.96 12.55 -3.56
CA ARG B 51 9.22 12.97 -2.96
C ARG B 51 10.15 13.56 -4.01
N ASN B 52 9.94 13.14 -5.25
CA ASN B 52 10.74 13.59 -6.39
C ASN B 52 9.82 14.05 -7.52
N PRO B 53 9.14 15.19 -7.32
CA PRO B 53 8.18 15.74 -8.30
C PRO B 53 8.79 16.01 -9.67
N ASN B 54 10.06 16.36 -9.70
CA ASN B 54 10.74 16.66 -10.96
C ASN B 54 11.37 15.42 -11.58
N GLN B 55 11.14 14.26 -10.97
CA GLN B 55 11.70 13.02 -11.48
C GLN B 55 10.84 12.46 -12.62
N GLU B 56 11.26 12.76 -13.85
CA GLU B 56 10.55 12.30 -15.04
C GLU B 56 10.54 10.78 -15.10
N ASN B 57 11.69 10.18 -14.86
CA ASN B 57 11.82 8.72 -14.91
C ASN B 57 10.94 8.06 -13.87
N LEU B 58 10.76 8.72 -12.73
CA LEU B 58 9.91 8.19 -11.68
C LEU B 58 8.46 8.21 -12.13
N ARG B 59 8.07 9.31 -12.73
CA ARG B 59 6.72 9.47 -13.24
C ARG B 59 6.48 8.47 -14.35
N ARG B 60 7.49 8.30 -15.19
CA ARG B 60 7.43 7.36 -16.29
C ARG B 60 7.36 5.94 -15.76
N HIS B 61 8.10 5.67 -14.70
CA HIS B 61 8.12 4.36 -14.08
C HIS B 61 6.75 4.07 -13.47
N ALA B 62 6.23 5.05 -12.75
CA ALA B 62 4.91 4.93 -12.13
C ALA B 62 3.87 4.75 -13.22
N ASN B 63 4.05 5.47 -14.32
CA ASN B 63 3.15 5.38 -15.46
C ASN B 63 3.24 3.98 -16.05
N LYS B 64 4.43 3.39 -15.99
CA LYS B 64 4.65 2.04 -16.48
C LYS B 64 3.83 1.07 -15.64
N LEU B 65 3.72 1.36 -14.35
CA LEU B 65 2.93 0.53 -13.44
C LEU B 65 1.47 0.67 -13.81
N LEU B 66 1.07 1.90 -14.11
CA LEU B 66 -0.30 2.20 -14.50
C LEU B 66 -0.65 1.48 -15.79
N SER B 67 0.32 1.44 -16.69
CA SER B 67 0.15 0.79 -17.97
C SER B 67 0.14 -0.73 -17.80
N LEU B 68 1.05 -1.22 -16.98
CA LEU B 68 1.15 -2.65 -16.69
C LEU B 68 -0.13 -3.13 -16.02
N LYS B 69 -0.69 -2.28 -15.16
CA LYS B 69 -1.93 -2.60 -14.47
C LYS B 69 -3.04 -2.81 -15.50
N LYS B 70 -3.03 -1.96 -16.52
CA LYS B 70 -4.01 -2.04 -17.60
C LYS B 70 -3.79 -3.33 -18.38
N ARG B 71 -2.53 -3.65 -18.63
CA ARG B 71 -2.16 -4.86 -19.35
C ARG B 71 -2.65 -6.09 -18.60
N ALA B 72 -2.48 -6.09 -17.29
CA ALA B 72 -2.92 -7.19 -16.45
C ALA B 72 -4.44 -7.26 -16.42
N TYR B 73 -5.07 -6.10 -16.48
CA TYR B 73 -6.53 -6.01 -16.48
C TYR B 73 -7.11 -6.74 -17.68
N GLU B 74 -6.42 -6.62 -18.81
CA GLU B 74 -6.86 -7.26 -20.06
C GLU B 74 -6.40 -8.71 -20.12
N LEU B 75 -5.68 -9.15 -19.11
CA LEU B 75 -5.18 -10.51 -19.04
C LEU B 75 -6.19 -11.42 -18.35
N PRO B 76 -6.66 -12.45 -19.06
CA PRO B 76 -7.63 -13.40 -18.53
C PRO B 76 -6.96 -14.51 -17.72
N ASP C 6 -23.72 -1.91 25.16
CA ASP C 6 -24.24 -2.01 23.80
C ASP C 6 -23.12 -1.75 22.80
N ASP C 7 -22.40 -0.65 23.02
CA ASP C 7 -21.30 -0.29 22.15
C ASP C 7 -19.98 -0.73 22.79
N SER C 8 -19.47 -1.86 22.32
CA SER C 8 -18.22 -2.39 22.84
C SER C 8 -17.06 -1.90 21.99
N ALA C 9 -17.37 -1.20 20.91
CA ALA C 9 -16.37 -0.67 20.02
C ALA C 9 -15.96 0.72 20.47
N ALA C 10 -16.96 1.58 20.69
CA ALA C 10 -16.77 2.96 21.13
C ALA C 10 -16.10 3.82 20.07
N GLU C 11 -14.95 3.39 19.62
CA GLU C 11 -14.18 4.11 18.62
C GLU C 11 -14.36 3.50 17.24
N TRP C 12 -13.49 3.87 16.32
CA TRP C 12 -13.53 3.40 14.94
C TRP C 12 -14.86 3.79 14.31
N ASN C 13 -15.08 5.09 14.26
CA ASN C 13 -16.31 5.65 13.73
C ASN C 13 -16.03 6.56 12.56
N VAL C 14 -16.97 6.61 11.63
CA VAL C 14 -16.85 7.47 10.47
C VAL C 14 -18.21 8.06 10.13
N SER C 15 -18.29 9.38 10.02
CA SER C 15 -19.54 10.05 9.72
C SER C 15 -19.30 11.33 8.94
N ARG C 16 -20.37 12.02 8.60
CA ARG C 16 -20.27 13.26 7.86
C ARG C 16 -20.24 14.45 8.79
N THR C 17 -19.45 15.44 8.43
CA THR C 17 -19.31 16.65 9.20
C THR C 17 -20.25 17.73 8.66
N PRO C 18 -20.58 18.73 9.49
CA PRO C 18 -21.46 19.83 9.09
C PRO C 18 -20.85 20.68 7.99
N ASP C 19 -19.53 20.56 7.85
CA ASP C 19 -18.80 21.31 6.83
C ASP C 19 -18.89 20.58 5.49
N GLY C 20 -19.39 19.36 5.53
CA GLY C 20 -19.53 18.57 4.31
C GLY C 20 -18.37 17.62 4.12
N ASP C 21 -17.62 17.40 5.19
CA ASP C 21 -16.47 16.52 5.15
C ASP C 21 -16.84 15.20 5.80
N TYR C 22 -15.91 14.29 5.85
CA TYR C 22 -16.13 13.03 6.51
C TYR C 22 -15.17 12.92 7.67
N ARG C 23 -15.69 12.53 8.83
CA ARG C 23 -14.87 12.43 10.02
C ARG C 23 -14.62 10.98 10.38
N LEU C 24 -13.36 10.63 10.56
CA LEU C 24 -12.99 9.28 10.93
C LEU C 24 -12.27 9.29 12.27
N ALA C 25 -12.82 8.55 13.21
CA ALA C 25 -12.26 8.47 14.55
C ALA C 25 -11.87 7.03 14.87
N ILE C 26 -10.59 6.70 14.72
CA ILE C 26 -10.14 5.33 14.99
C ILE C 26 -9.14 5.30 16.13
N THR C 27 -8.75 4.10 16.56
CA THR C 27 -7.80 3.94 17.65
C THR C 27 -6.77 2.84 17.37
N CYS C 28 -5.59 3.00 17.95
CA CYS C 28 -4.51 2.03 17.84
C CYS C 28 -3.71 2.03 19.14
N PRO C 29 -3.46 0.85 19.72
CA PRO C 29 -2.72 0.72 20.98
C PRO C 29 -1.21 0.88 20.81
N ASN C 30 -0.77 1.32 19.63
CA ASN C 30 0.64 1.51 19.39
C ASN C 30 0.89 2.67 18.45
N LYS C 31 1.92 3.44 18.76
CA LYS C 31 2.31 4.58 17.95
C LYS C 31 2.88 4.09 16.63
N GLU C 32 3.49 2.90 16.68
CA GLU C 32 4.09 2.29 15.51
C GLU C 32 3.00 1.94 14.50
N TRP C 33 1.89 1.45 15.00
CA TRP C 33 0.76 1.09 14.17
C TRP C 33 0.22 2.31 13.47
N LEU C 34 0.17 3.42 14.20
CA LEU C 34 -0.30 4.67 13.65
C LEU C 34 0.63 5.14 12.55
N LEU C 35 1.93 5.09 12.85
CA LEU C 35 2.95 5.50 11.89
C LEU C 35 2.83 4.70 10.60
N GLN C 36 2.63 3.40 10.75
CA GLN C 36 2.47 2.51 9.61
C GLN C 36 1.18 2.84 8.87
N SER C 37 0.12 3.05 9.63
CA SER C 37 -1.19 3.37 9.07
C SER C 37 -1.12 4.63 8.21
N ILE C 38 -0.46 5.65 8.73
CA ILE C 38 -0.30 6.91 8.02
C ILE C 38 0.44 6.68 6.70
N GLU C 39 1.50 5.89 6.76
CA GLU C 39 2.29 5.58 5.58
C GLU C 39 1.44 4.86 4.54
N GLY C 40 0.51 4.05 5.03
CA GLY C 40 -0.38 3.33 4.14
C GLY C 40 -1.30 4.24 3.38
N MET C 41 -1.97 5.15 4.09
CA MET C 41 -2.89 6.07 3.44
C MET C 41 -2.12 7.04 2.54
N ILE C 42 -0.94 7.48 2.98
CA ILE C 42 -0.12 8.37 2.18
C ILE C 42 0.23 7.71 0.85
N LYS C 43 0.48 6.39 0.88
CA LYS C 43 0.82 5.64 -0.32
C LYS C 43 -0.33 5.69 -1.33
N GLU C 44 -1.53 5.42 -0.85
CA GLU C 44 -2.72 5.45 -1.70
C GLU C 44 -2.98 6.86 -2.19
N ALA C 45 -2.83 7.80 -1.25
CA ALA C 45 -3.02 9.21 -1.55
C ALA C 45 -2.05 9.64 -2.65
N ALA C 46 -0.81 9.19 -2.55
CA ALA C 46 0.21 9.50 -3.52
C ALA C 46 -0.19 8.92 -4.88
N ALA C 47 -0.72 7.70 -4.86
CA ALA C 47 -1.16 7.04 -6.08
C ALA C 47 -2.28 7.84 -6.74
N GLU C 48 -3.15 8.40 -5.91
CA GLU C 48 -4.25 9.21 -6.40
C GLU C 48 -3.69 10.47 -7.05
N VAL C 49 -2.63 11.01 -6.44
CA VAL C 49 -1.97 12.20 -6.97
C VAL C 49 -1.36 11.88 -8.32
N LEU C 50 -0.85 10.67 -8.46
CA LEU C 50 -0.27 10.23 -9.71
C LEU C 50 -1.35 10.13 -10.79
N ARG C 51 -2.56 9.77 -10.37
CA ARG C 51 -3.69 9.66 -11.27
C ARG C 51 -4.17 11.05 -11.67
N ASN C 52 -4.08 11.97 -10.72
CA ASN C 52 -4.47 13.36 -10.93
C ASN C 52 -3.38 14.31 -10.46
N PRO C 53 -2.28 14.38 -11.20
CA PRO C 53 -1.13 15.24 -10.87
C PRO C 53 -1.50 16.71 -10.75
N ASN C 54 -2.55 17.09 -11.46
CA ASN C 54 -3.02 18.48 -11.45
C ASN C 54 -3.89 18.77 -10.23
N GLN C 55 -4.23 17.73 -9.46
CA GLN C 55 -5.07 17.90 -8.28
C GLN C 55 -4.27 18.52 -7.14
N GLU C 56 -4.68 19.71 -6.72
CA GLU C 56 -4.01 20.41 -5.62
C GLU C 56 -4.43 19.82 -4.29
N ASN C 57 -5.74 19.65 -4.11
CA ASN C 57 -6.30 19.12 -2.87
C ASN C 57 -5.72 17.74 -2.58
N LEU C 58 -5.43 16.98 -3.62
CA LEU C 58 -4.87 15.65 -3.45
C LEU C 58 -3.46 15.76 -2.88
N ARG C 59 -2.68 16.69 -3.42
CA ARG C 59 -1.32 16.90 -2.96
C ARG C 59 -1.33 17.40 -1.51
N ARG C 60 -2.27 18.29 -1.21
CA ARG C 60 -2.42 18.83 0.12
C ARG C 60 -2.87 17.74 1.08
N HIS C 61 -3.75 16.88 0.61
CA HIS C 61 -4.25 15.77 1.41
C HIS C 61 -3.10 14.81 1.70
N ALA C 62 -2.33 14.50 0.68
CA ALA C 62 -1.17 13.63 0.82
C ALA C 62 -0.19 14.26 1.78
N ASN C 63 -0.03 15.58 1.66
CA ASN C 63 0.84 16.34 2.54
C ASN C 63 0.33 16.30 3.96
N LYS C 64 -0.99 16.26 4.11
CA LYS C 64 -1.60 16.19 5.43
C LYS C 64 -1.23 14.88 6.10
N LEU C 65 -1.09 13.84 5.29
CA LEU C 65 -0.68 12.53 5.80
C LEU C 65 0.77 12.61 6.23
N LEU C 66 1.58 13.31 5.44
CA LEU C 66 2.98 13.51 5.75
C LEU C 66 3.11 14.30 7.05
N SER C 67 2.19 15.23 7.24
CA SER C 67 2.15 16.06 8.43
C SER C 67 1.70 15.23 9.62
N LEU C 68 0.67 14.41 9.40
CA LEU C 68 0.14 13.53 10.42
C LEU C 68 1.21 12.55 10.88
N LYS C 69 2.02 12.08 9.93
CA LYS C 69 3.11 11.17 10.22
C LYS C 69 4.09 11.86 11.15
N LYS C 70 4.34 13.15 10.87
CA LYS C 70 5.24 13.96 11.67
C LYS C 70 4.68 14.12 13.08
N ARG C 71 3.37 14.30 13.16
CA ARG C 71 2.67 14.44 14.43
C ARG C 71 2.88 13.18 15.28
N ALA C 72 2.69 12.04 14.64
CA ALA C 72 2.87 10.75 15.29
C ALA C 72 4.35 10.53 15.64
N TYR C 73 5.22 11.06 14.79
CA TYR C 73 6.67 10.96 15.01
C TYR C 73 7.05 11.63 16.32
N GLU C 74 6.45 12.80 16.55
CA GLU C 74 6.70 13.59 17.75
C GLU C 74 5.91 13.07 18.96
N LEU C 75 5.06 12.08 18.73
CA LEU C 75 4.24 11.51 19.81
C LEU C 75 5.13 10.77 20.80
N PRO C 76 5.09 11.19 22.09
CA PRO C 76 5.89 10.57 23.15
C PRO C 76 5.39 9.17 23.49
N ASP D 6 -3.67 28.88 14.07
CA ASP D 6 -2.98 27.65 14.43
C ASP D 6 -3.94 26.47 14.29
N ASP D 7 -5.14 26.66 14.81
CA ASP D 7 -6.18 25.63 14.72
C ASP D 7 -7.18 26.00 13.64
N SER D 8 -6.71 25.96 12.40
CA SER D 8 -7.55 26.29 11.25
C SER D 8 -8.11 25.02 10.62
N ALA D 9 -7.42 23.91 10.83
CA ALA D 9 -7.84 22.64 10.28
C ALA D 9 -8.94 22.02 11.12
N ALA D 10 -8.90 22.29 12.43
CA ALA D 10 -9.88 21.79 13.40
C ALA D 10 -9.69 20.31 13.68
N GLU D 11 -9.69 19.51 12.63
CA GLU D 11 -9.55 18.08 12.73
C GLU D 11 -8.11 17.64 12.51
N TRP D 12 -7.94 16.37 12.14
CA TRP D 12 -6.62 15.78 11.92
C TRP D 12 -5.83 15.82 13.21
N ASN D 13 -6.40 15.15 14.21
CA ASN D 13 -5.82 15.10 15.54
C ASN D 13 -5.52 13.67 15.96
N VAL D 14 -4.53 13.51 16.81
CA VAL D 14 -4.15 12.22 17.34
C VAL D 14 -3.75 12.38 18.80
N SER D 15 -4.35 11.58 19.68
CA SER D 15 -4.06 11.67 21.10
C SER D 15 -4.20 10.31 21.77
N ARG D 16 -3.95 10.26 23.07
CA ARG D 16 -4.05 9.03 23.83
C ARG D 16 -5.43 8.94 24.46
N THR D 17 -6.00 7.75 24.43
CA THR D 17 -7.32 7.52 25.00
C THR D 17 -7.21 7.02 26.43
N PRO D 18 -8.28 7.24 27.21
CA PRO D 18 -8.33 6.82 28.61
C PRO D 18 -8.35 5.31 28.74
N ASP D 19 -8.70 4.65 27.64
CA ASP D 19 -8.76 3.20 27.61
C ASP D 19 -7.38 2.60 27.39
N GLY D 20 -6.41 3.45 27.06
CA GLY D 20 -5.06 2.99 26.86
C GLY D 20 -4.69 2.82 25.40
N ASP D 21 -5.40 3.50 24.53
CA ASP D 21 -5.14 3.43 23.10
C ASP D 21 -4.84 4.82 22.57
N TYR D 22 -4.72 4.95 21.26
CA TYR D 22 -4.47 6.25 20.65
C TYR D 22 -5.61 6.55 19.69
N ARG D 23 -6.15 7.75 19.78
CA ARG D 23 -7.27 8.15 18.95
C ARG D 23 -6.83 9.08 17.83
N LEU D 24 -7.22 8.73 16.62
CA LEU D 24 -6.89 9.53 15.46
C LEU D 24 -8.19 10.03 14.82
N ALA D 25 -8.31 11.34 14.71
CA ALA D 25 -9.48 11.98 14.14
C ALA D 25 -9.11 12.79 12.91
N ILE D 26 -9.44 12.30 11.73
CA ILE D 26 -9.12 13.00 10.51
C ILE D 26 -10.37 13.25 9.66
N THR D 27 -10.24 14.06 8.63
CA THR D 27 -11.35 14.38 7.75
C THR D 27 -10.97 14.31 6.27
N CYS D 28 -11.95 13.98 5.44
CA CYS D 28 -11.77 13.90 4.00
C CYS D 28 -13.08 14.27 3.32
N PRO D 29 -13.04 15.17 2.32
CA PRO D 29 -14.23 15.61 1.60
C PRO D 29 -14.68 14.61 0.54
N ASN D 30 -14.06 13.44 0.53
CA ASN D 30 -14.41 12.41 -0.43
C ASN D 30 -14.37 11.04 0.23
N LYS D 31 -15.34 10.22 -0.09
CA LYS D 31 -15.42 8.87 0.46
C LYS D 31 -14.30 8.02 -0.09
N GLU D 32 -13.89 8.32 -1.33
CA GLU D 32 -12.83 7.57 -1.98
C GLU D 32 -11.52 7.76 -1.25
N TRP D 33 -11.33 8.95 -0.69
CA TRP D 33 -10.12 9.26 0.04
C TRP D 33 -10.04 8.39 1.29
N LEU D 34 -11.16 8.27 1.99
CA LEU D 34 -11.23 7.46 3.20
C LEU D 34 -11.04 5.99 2.83
N LEU D 35 -11.72 5.58 1.75
CA LEU D 35 -11.65 4.21 1.27
C LEU D 35 -10.21 3.83 0.93
N GLN D 36 -9.51 4.76 0.29
CA GLN D 36 -8.13 4.56 -0.08
C GLN D 36 -7.27 4.50 1.18
N SER D 37 -7.57 5.40 2.11
CA SER D 37 -6.86 5.47 3.37
C SER D 37 -6.98 4.15 4.13
N ILE D 38 -8.19 3.63 4.22
CA ILE D 38 -8.44 2.36 4.92
C ILE D 38 -7.65 1.23 4.27
N GLU D 39 -7.67 1.17 2.94
CA GLU D 39 -6.96 0.14 2.21
C GLU D 39 -5.46 0.27 2.43
N GLY D 40 -5.00 1.51 2.55
CA GLY D 40 -3.60 1.74 2.77
C GLY D 40 -3.15 1.28 4.14
N MET D 41 -3.88 1.68 5.18
CA MET D 41 -3.53 1.31 6.54
C MET D 41 -3.68 -0.20 6.76
N ILE D 42 -4.71 -0.81 6.16
CA ILE D 42 -4.90 -2.25 6.29
C ILE D 42 -3.69 -3.00 5.74
N LYS D 43 -3.11 -2.48 4.66
CA LYS D 43 -1.95 -3.10 4.03
C LYS D 43 -0.76 -3.15 4.98
N GLU D 44 -0.45 -2.01 5.58
CA GLU D 44 0.66 -1.92 6.51
C GLU D 44 0.36 -2.76 7.74
N ALA D 45 -0.88 -2.69 8.20
CA ALA D 45 -1.32 -3.47 9.34
C ALA D 45 -1.13 -4.96 9.05
N ALA D 46 -1.51 -5.35 7.84
CA ALA D 46 -1.38 -6.72 7.40
C ALA D 46 0.09 -7.10 7.30
N ALA D 47 0.90 -6.18 6.80
CA ALA D 47 2.34 -6.41 6.68
C ALA D 47 2.93 -6.60 8.07
N GLU D 48 2.42 -5.84 9.03
CA GLU D 48 2.86 -5.94 10.41
C GLU D 48 2.48 -7.31 10.95
N VAL D 49 1.31 -7.81 10.53
CA VAL D 49 0.85 -9.12 10.94
C VAL D 49 1.79 -10.19 10.40
N LEU D 50 2.29 -9.95 9.20
CA LEU D 50 3.23 -10.85 8.56
C LEU D 50 4.54 -10.86 9.35
N ARG D 51 4.89 -9.70 9.91
CA ARG D 51 6.10 -9.54 10.71
C ARG D 51 5.90 -10.17 12.08
N ASN D 52 4.67 -10.10 12.57
CA ASN D 52 4.30 -10.64 13.87
C ASN D 52 3.05 -11.49 13.74
N PRO D 53 3.16 -12.68 13.14
CA PRO D 53 2.03 -13.60 12.93
C PRO D 53 1.33 -13.99 14.21
N ASN D 54 2.07 -14.00 15.31
CA ASN D 54 1.53 -14.37 16.61
C ASN D 54 0.84 -13.19 17.29
N GLN D 55 0.84 -12.03 16.64
CA GLN D 55 0.20 -10.85 17.21
C GLN D 55 -1.31 -10.86 16.91
N GLU D 56 -2.09 -11.21 17.93
CA GLU D 56 -3.55 -11.24 17.78
C GLU D 56 -4.09 -9.84 17.60
N ASN D 57 -3.67 -8.92 18.47
CA ASN D 57 -4.13 -7.54 18.42
C ASN D 57 -3.84 -6.92 17.06
N LEU D 58 -2.77 -7.34 16.42
CA LEU D 58 -2.42 -6.85 15.10
C LEU D 58 -3.45 -7.33 14.08
N ARG D 59 -3.79 -8.61 14.20
CA ARG D 59 -4.77 -9.23 13.32
C ARG D 59 -6.12 -8.56 13.50
N ARG D 60 -6.49 -8.36 14.77
CA ARG D 60 -7.75 -7.72 15.11
C ARG D 60 -7.75 -6.28 14.62
N HIS D 61 -6.59 -5.62 14.71
CA HIS D 61 -6.47 -4.26 14.25
C HIS D 61 -6.66 -4.20 12.74
N ALA D 62 -5.98 -5.12 12.05
CA ALA D 62 -6.10 -5.20 10.59
C ALA D 62 -7.53 -5.52 10.23
N ASN D 63 -8.14 -6.40 11.02
CA ASN D 63 -9.53 -6.77 10.84
C ASN D 63 -10.42 -5.56 11.03
N LYS D 64 -10.04 -4.71 11.99
CA LYS D 64 -10.77 -3.49 12.27
C LYS D 64 -10.77 -2.60 11.04
N LEU D 65 -9.67 -2.64 10.28
CA LEU D 65 -9.55 -1.86 9.06
C LEU D 65 -10.47 -2.46 8.00
N LEU D 66 -10.50 -3.79 7.95
CA LEU D 66 -11.35 -4.51 7.00
C LEU D 66 -12.80 -4.17 7.29
N SER D 67 -13.11 -4.10 8.58
CA SER D 67 -14.45 -3.77 9.04
C SER D 67 -14.76 -2.31 8.74
N LEU D 68 -13.77 -1.45 8.97
CA LEU D 68 -13.90 -0.03 8.73
C LEU D 68 -14.17 0.24 7.25
N LYS D 69 -13.53 -0.52 6.38
CA LYS D 69 -13.74 -0.37 4.94
C LYS D 69 -15.19 -0.67 4.62
N LYS D 70 -15.73 -1.67 5.28
CA LYS D 70 -17.11 -2.07 5.11
C LYS D 70 -18.02 -0.97 5.66
N ARG D 71 -17.61 -0.42 6.79
CA ARG D 71 -18.35 0.65 7.45
C ARG D 71 -18.45 1.87 6.53
N ALA D 72 -17.32 2.26 5.95
CA ALA D 72 -17.25 3.39 5.02
C ALA D 72 -18.09 3.09 3.79
N TYR D 73 -18.14 1.82 3.40
CA TYR D 73 -18.91 1.38 2.25
C TYR D 73 -20.39 1.68 2.46
N GLU D 74 -20.85 1.36 3.67
CA GLU D 74 -22.26 1.57 4.03
C GLU D 74 -22.55 3.03 4.33
N LEU D 75 -21.51 3.80 4.58
CA LEU D 75 -21.63 5.23 4.87
C LEU D 75 -22.07 5.99 3.62
N PRO D 76 -23.10 6.83 3.74
CA PRO D 76 -23.63 7.61 2.61
C PRO D 76 -22.63 8.65 2.10
N ASP A 6 10.78 3.50 -24.89
CA ASP A 6 10.69 4.51 -23.84
C ASP A 6 10.39 3.88 -22.49
N ASP A 7 11.40 3.22 -21.93
CA ASP A 7 11.32 2.58 -20.61
C ASP A 7 10.40 1.35 -20.59
N SER A 8 9.98 0.88 -21.76
CA SER A 8 9.11 -0.29 -21.83
C SER A 8 9.34 -1.07 -23.14
N ALA A 9 10.54 -0.95 -23.69
CA ALA A 9 10.88 -1.61 -24.93
C ALA A 9 11.47 -3.00 -24.70
N ALA A 10 12.27 -3.13 -23.66
CA ALA A 10 12.92 -4.39 -23.36
C ALA A 10 12.47 -4.96 -22.03
N GLU A 11 11.69 -4.20 -21.30
CA GLU A 11 11.22 -4.62 -20.00
C GLU A 11 9.74 -4.39 -19.80
N TRP A 12 9.31 -4.55 -18.55
CA TRP A 12 7.93 -4.38 -18.13
C TRP A 12 7.00 -5.21 -18.98
N ASN A 13 7.12 -6.53 -18.81
CA ASN A 13 6.33 -7.49 -19.54
C ASN A 13 5.65 -8.46 -18.59
N VAL A 14 4.46 -8.89 -18.95
CA VAL A 14 3.74 -9.87 -18.16
C VAL A 14 3.02 -10.83 -19.10
N SER A 15 3.23 -12.11 -18.90
CA SER A 15 2.64 -13.11 -19.76
C SER A 15 2.36 -14.39 -18.97
N ARG A 16 1.74 -15.35 -19.61
CA ARG A 16 1.43 -16.61 -18.98
C ARG A 16 2.57 -17.59 -19.22
N THR A 17 3.30 -17.92 -18.16
CA THR A 17 4.42 -18.81 -18.29
C THR A 17 4.05 -20.23 -17.87
N PRO A 18 4.35 -21.20 -18.71
CA PRO A 18 4.11 -22.61 -18.41
C PRO A 18 5.03 -23.08 -17.29
N ASP A 19 6.05 -22.25 -17.05
CA ASP A 19 7.08 -22.52 -16.08
C ASP A 19 6.64 -22.12 -14.67
N GLY A 20 5.53 -21.41 -14.59
CA GLY A 20 5.05 -21.01 -13.30
C GLY A 20 3.57 -20.71 -13.26
N ASP A 21 3.13 -19.94 -14.24
CA ASP A 21 1.73 -19.47 -14.37
C ASP A 21 1.71 -18.16 -15.14
N TYR A 22 1.93 -17.09 -14.40
CA TYR A 22 2.01 -15.76 -14.98
C TYR A 22 3.37 -15.20 -14.60
N ARG A 23 4.08 -14.63 -15.55
CA ARG A 23 5.40 -14.09 -15.27
C ARG A 23 5.45 -12.60 -15.50
N LEU A 24 5.96 -11.89 -14.53
CA LEU A 24 6.08 -10.44 -14.62
C LEU A 24 7.57 -10.07 -14.64
N ALA A 25 7.98 -9.36 -15.67
CA ALA A 25 9.36 -8.95 -15.85
C ALA A 25 9.49 -7.43 -15.88
N ILE A 26 9.79 -6.82 -14.75
CA ILE A 26 9.92 -5.37 -14.69
C ILE A 26 11.37 -4.95 -14.45
N THR A 27 11.63 -3.66 -14.52
CA THR A 27 12.96 -3.13 -14.33
C THR A 27 12.95 -1.87 -13.48
N CYS A 28 14.06 -1.62 -12.80
CA CYS A 28 14.21 -0.44 -11.98
C CYS A 28 15.68 -0.01 -11.97
N PRO A 29 15.95 1.28 -12.18
CA PRO A 29 17.32 1.81 -12.17
C PRO A 29 17.87 2.03 -10.76
N ASN A 30 17.17 1.49 -9.77
CA ASN A 30 17.60 1.64 -8.38
C ASN A 30 17.10 0.46 -7.55
N LYS A 31 17.92 0.04 -6.60
CA LYS A 31 17.58 -1.06 -5.71
C LYS A 31 16.46 -0.62 -4.77
N GLU A 32 16.44 0.67 -4.44
CA GLU A 32 15.44 1.23 -3.54
C GLU A 32 14.06 1.06 -4.13
N TRP A 33 13.96 1.27 -5.44
CA TRP A 33 12.71 1.15 -6.15
C TRP A 33 12.18 -0.27 -6.07
N LEU A 34 13.08 -1.23 -6.19
CA LEU A 34 12.70 -2.64 -6.13
C LEU A 34 12.21 -2.96 -4.73
N LEU A 35 12.94 -2.50 -3.73
CA LEU A 35 12.61 -2.75 -2.34
C LEU A 35 11.22 -2.20 -2.00
N GLN A 36 10.92 -1.01 -2.51
CA GLN A 36 9.63 -0.38 -2.27
C GLN A 36 8.52 -1.12 -3.02
N SER A 37 8.85 -1.57 -4.22
CA SER A 37 7.91 -2.29 -5.04
C SER A 37 7.52 -3.61 -4.38
N ILE A 38 8.52 -4.35 -3.94
CA ILE A 38 8.29 -5.63 -3.27
C ILE A 38 7.47 -5.43 -2.00
N GLU A 39 7.84 -4.43 -1.22
CA GLU A 39 7.13 -4.11 0.01
C GLU A 39 5.68 -3.71 -0.29
N GLY A 40 5.51 -3.05 -1.42
CA GLY A 40 4.19 -2.62 -1.84
C GLY A 40 3.29 -3.79 -2.16
N MET A 41 3.76 -4.72 -2.99
CA MET A 41 2.96 -5.87 -3.36
C MET A 41 2.75 -6.79 -2.16
N ILE A 42 3.78 -6.94 -1.32
CA ILE A 42 3.66 -7.76 -0.12
C ILE A 42 2.54 -7.22 0.79
N LYS A 43 2.37 -5.90 0.81
CA LYS A 43 1.33 -5.29 1.63
C LYS A 43 -0.06 -5.74 1.21
N GLU A 44 -0.35 -5.65 -0.08
CA GLU A 44 -1.64 -6.05 -0.62
C GLU A 44 -1.85 -7.54 -0.49
N ALA A 45 -0.79 -8.29 -0.73
CA ALA A 45 -0.83 -9.75 -0.63
C ALA A 45 -1.18 -10.19 0.78
N ALA A 46 -0.67 -9.47 1.76
CA ALA A 46 -0.93 -9.74 3.15
C ALA A 46 -2.41 -9.51 3.45
N ALA A 47 -2.97 -8.49 2.80
CA ALA A 47 -4.38 -8.16 2.95
C ALA A 47 -5.22 -9.30 2.38
N GLU A 48 -4.70 -9.95 1.34
CA GLU A 48 -5.38 -11.07 0.72
C GLU A 48 -5.43 -12.22 1.70
N VAL A 49 -4.31 -12.41 2.42
CA VAL A 49 -4.22 -13.45 3.43
C VAL A 49 -5.27 -13.25 4.50
N LEU A 50 -5.54 -11.99 4.83
CA LEU A 50 -6.55 -11.66 5.83
C LEU A 50 -7.94 -12.04 5.32
N ARG A 51 -8.13 -11.89 4.01
CA ARG A 51 -9.39 -12.22 3.38
C ARG A 51 -9.54 -13.73 3.23
N ASN A 52 -8.40 -14.41 3.10
CA ASN A 52 -8.35 -15.86 2.95
C ASN A 52 -7.34 -16.46 3.92
N PRO A 53 -7.66 -16.46 5.22
CA PRO A 53 -6.77 -16.98 6.27
C PRO A 53 -6.40 -18.44 6.06
N ASN A 54 -7.31 -19.20 5.47
CA ASN A 54 -7.07 -20.62 5.22
C ASN A 54 -6.27 -20.84 3.94
N GLN A 55 -5.85 -19.76 3.30
CA GLN A 55 -5.07 -19.86 2.07
C GLN A 55 -3.59 -19.97 2.38
N GLU A 56 -3.08 -21.21 2.42
CA GLU A 56 -1.68 -21.45 2.70
C GLU A 56 -0.81 -20.90 1.56
N ASN A 57 -1.25 -21.12 0.34
CA ASN A 57 -0.52 -20.65 -0.84
C ASN A 57 -0.40 -19.12 -0.84
N LEU A 58 -1.40 -18.46 -0.25
CA LEU A 58 -1.38 -17.01 -0.15
C LEU A 58 -0.29 -16.57 0.82
N ARG A 59 -0.21 -17.26 1.95
CA ARG A 59 0.80 -16.95 2.96
C ARG A 59 2.18 -17.27 2.42
N ARG A 60 2.29 -18.39 1.72
CA ARG A 60 3.55 -18.80 1.12
C ARG A 60 3.99 -17.81 0.05
N HIS A 61 3.01 -17.30 -0.69
CA HIS A 61 3.30 -16.32 -1.72
C HIS A 61 3.83 -15.03 -1.09
N ALA A 62 3.15 -14.59 -0.05
CA ALA A 62 3.54 -13.39 0.67
C ALA A 62 4.95 -13.58 1.23
N ASN A 63 5.23 -14.78 1.69
CA ASN A 63 6.53 -15.12 2.22
C ASN A 63 7.57 -15.06 1.12
N LYS A 64 7.16 -15.41 -0.10
CA LYS A 64 8.07 -15.35 -1.24
C LYS A 64 8.46 -13.90 -1.50
N LEU A 65 7.53 -12.99 -1.24
CA LEU A 65 7.77 -11.55 -1.41
C LEU A 65 8.74 -11.09 -0.34
N LEU A 66 8.58 -11.62 0.87
CA LEU A 66 9.45 -11.30 1.99
C LEU A 66 10.87 -11.72 1.66
N SER A 67 10.98 -12.87 1.01
CA SER A 67 12.27 -13.41 0.60
C SER A 67 12.84 -12.58 -0.53
N LEU A 68 11.97 -12.20 -1.46
CA LEU A 68 12.35 -11.38 -2.61
C LEU A 68 12.89 -10.04 -2.15
N LYS A 69 12.28 -9.48 -1.12
CA LYS A 69 12.72 -8.21 -0.55
C LYS A 69 14.14 -8.36 -0.04
N LYS A 70 14.40 -9.50 0.57
CA LYS A 70 15.73 -9.79 1.10
C LYS A 70 16.70 -9.98 -0.07
N ARG A 71 16.24 -10.65 -1.12
CA ARG A 71 17.05 -10.89 -2.30
C ARG A 71 17.47 -9.57 -2.94
N ALA A 72 16.52 -8.65 -3.04
CA ALA A 72 16.78 -7.33 -3.59
C ALA A 72 17.74 -6.57 -2.70
N TYR A 73 17.65 -6.82 -1.40
CA TYR A 73 18.53 -6.19 -0.42
C TYR A 73 19.99 -6.60 -0.67
N GLU A 74 20.16 -7.86 -1.04
CA GLU A 74 21.49 -8.40 -1.31
C GLU A 74 22.04 -7.88 -2.64
N LEU A 75 21.16 -7.32 -3.46
CA LEU A 75 21.55 -6.78 -4.75
C LEU A 75 22.25 -5.44 -4.57
N PRO A 76 23.50 -5.31 -5.07
CA PRO A 76 24.27 -4.09 -4.95
C PRO A 76 23.68 -2.94 -5.76
N ASP B 6 11.07 -25.68 -1.81
CA ASP B 6 10.29 -24.46 -1.89
C ASP B 6 10.38 -23.91 -3.30
N ASP B 7 9.25 -23.80 -3.98
CA ASP B 7 9.26 -23.31 -5.35
C ASP B 7 9.61 -21.84 -5.43
N SER B 8 10.89 -21.58 -5.59
CA SER B 8 11.42 -20.23 -5.73
C SER B 8 12.61 -20.28 -6.68
N ALA B 9 12.80 -21.46 -7.27
CA ALA B 9 13.89 -21.69 -8.19
C ALA B 9 13.49 -21.39 -9.62
N ALA B 10 12.28 -21.78 -9.99
CA ALA B 10 11.78 -21.57 -11.33
C ALA B 10 11.38 -20.12 -11.58
N GLU B 11 10.84 -19.48 -10.55
CA GLU B 11 10.41 -18.10 -10.67
C GLU B 11 11.04 -17.23 -9.60
N TRP B 12 10.52 -16.00 -9.47
CA TRP B 12 10.97 -15.03 -8.49
C TRP B 12 12.48 -14.79 -8.60
N ASN B 13 12.87 -14.11 -9.65
CA ASN B 13 14.27 -13.80 -9.90
C ASN B 13 14.49 -12.30 -9.97
N VAL B 14 15.57 -11.83 -9.39
CA VAL B 14 15.92 -10.42 -9.44
C VAL B 14 17.43 -10.28 -9.58
N SER B 15 17.87 -9.53 -10.57
CA SER B 15 19.30 -9.33 -10.79
C SER B 15 19.55 -8.07 -11.60
N ARG B 16 20.79 -7.85 -11.99
CA ARG B 16 21.18 -6.69 -12.77
C ARG B 16 21.13 -7.03 -14.25
N THR B 17 20.23 -6.40 -15.00
CA THR B 17 20.10 -6.68 -16.40
C THR B 17 20.79 -5.60 -17.22
N PRO B 18 21.65 -6.01 -18.15
CA PRO B 18 22.36 -5.11 -19.04
C PRO B 18 21.38 -4.45 -20.01
N ASP B 19 20.21 -5.05 -20.10
CA ASP B 19 19.17 -4.60 -21.01
C ASP B 19 18.27 -3.55 -20.39
N GLY B 20 18.48 -3.25 -19.10
CA GLY B 20 17.64 -2.25 -18.48
C GLY B 20 18.24 -1.63 -17.25
N ASP B 21 18.83 -2.47 -16.42
CA ASP B 21 19.44 -2.10 -15.12
C ASP B 21 19.27 -3.25 -14.16
N TYR B 22 18.10 -3.30 -13.54
CA TYR B 22 17.76 -4.38 -12.62
C TYR B 22 16.52 -5.07 -13.16
N ARG B 23 16.53 -6.38 -13.21
CA ARG B 23 15.40 -7.13 -13.74
C ARG B 23 14.77 -7.98 -12.66
N LEU B 24 13.45 -7.94 -12.57
CA LEU B 24 12.70 -8.71 -11.61
C LEU B 24 11.66 -9.56 -12.34
N ALA B 25 11.67 -10.86 -12.07
CA ALA B 25 10.75 -11.79 -12.70
C ALA B 25 10.01 -12.61 -11.65
N ILE B 26 8.75 -12.27 -11.39
CA ILE B 26 7.96 -12.98 -10.40
C ILE B 26 6.79 -13.71 -11.04
N THR B 27 6.04 -14.43 -10.23
CA THR B 27 4.90 -15.20 -10.71
C THR B 27 3.69 -15.09 -9.79
N CYS B 28 2.52 -15.39 -10.34
CA CYS B 28 1.26 -15.39 -9.59
C CYS B 28 0.26 -16.29 -10.30
N PRO B 29 -0.37 -17.21 -9.57
CA PRO B 29 -1.37 -18.13 -10.13
C PRO B 29 -2.73 -17.48 -10.35
N ASN B 30 -2.80 -16.16 -10.22
CA ASN B 30 -4.05 -15.44 -10.41
C ASN B 30 -3.80 -14.03 -10.89
N LYS B 31 -4.70 -13.56 -11.74
CA LYS B 31 -4.63 -12.22 -12.29
C LYS B 31 -4.89 -11.18 -11.20
N GLU B 32 -5.73 -11.54 -10.24
CA GLU B 32 -6.08 -10.63 -9.15
C GLU B 32 -4.87 -10.35 -8.30
N TRP B 33 -4.04 -11.37 -8.12
CA TRP B 33 -2.82 -11.24 -7.34
C TRP B 33 -1.90 -10.23 -8.00
N LEU B 34 -1.75 -10.36 -9.30
CA LEU B 34 -0.91 -9.45 -10.07
C LEU B 34 -1.45 -8.04 -9.98
N LEU B 35 -2.76 -7.92 -10.13
CA LEU B 35 -3.43 -6.62 -10.07
C LEU B 35 -3.13 -5.92 -8.74
N GLN B 36 -3.21 -6.68 -7.65
CA GLN B 36 -2.94 -6.14 -6.33
C GLN B 36 -1.45 -5.87 -6.16
N SER B 37 -0.63 -6.76 -6.70
CA SER B 37 0.81 -6.62 -6.61
C SER B 37 1.27 -5.33 -7.30
N ILE B 38 0.79 -5.10 -8.51
CA ILE B 38 1.14 -3.92 -9.27
C ILE B 38 0.68 -2.66 -8.53
N GLU B 39 -0.54 -2.74 -7.98
CA GLU B 39 -1.11 -1.63 -7.23
C GLU B 39 -0.24 -1.27 -6.03
N GLY B 40 0.34 -2.29 -5.41
CA GLY B 40 1.19 -2.07 -4.26
C GLY B 40 2.40 -1.24 -4.60
N MET B 41 3.10 -1.61 -5.67
CA MET B 41 4.29 -0.88 -6.09
C MET B 41 3.91 0.52 -6.58
N ILE B 42 2.81 0.61 -7.32
CA ILE B 42 2.33 1.89 -7.82
C ILE B 42 2.05 2.85 -6.66
N LYS B 43 1.53 2.32 -5.55
CA LYS B 43 1.22 3.12 -4.38
C LYS B 43 2.49 3.75 -3.80
N GLU B 44 3.50 2.93 -3.61
CA GLU B 44 4.77 3.41 -3.07
C GLU B 44 5.43 4.36 -4.06
N ALA B 45 5.37 3.99 -5.32
CA ALA B 45 5.94 4.80 -6.40
C ALA B 45 5.27 6.17 -6.47
N ALA B 46 3.96 6.18 -6.31
CA ALA B 46 3.18 7.41 -6.34
C ALA B 46 3.65 8.37 -5.26
N ALA B 47 3.97 7.81 -4.09
CA ALA B 47 4.45 8.60 -2.97
C ALA B 47 5.77 9.26 -3.31
N GLU B 48 6.60 8.57 -4.08
CA GLU B 48 7.89 9.09 -4.49
C GLU B 48 7.68 10.23 -5.49
N VAL B 49 6.73 10.03 -6.39
CA VAL B 49 6.42 11.03 -7.40
C VAL B 49 5.83 12.27 -6.74
N LEU B 50 5.03 12.07 -5.71
CA LEU B 50 4.44 13.17 -4.97
C LEU B 50 5.54 13.97 -4.29
N ARG B 51 6.60 13.27 -3.87
CA ARG B 51 7.74 13.88 -3.20
C ARG B 51 8.61 14.60 -4.22
N ASN B 52 8.66 14.04 -5.42
CA ASN B 52 9.46 14.58 -6.51
C ASN B 52 8.63 14.70 -7.79
N PRO B 53 7.69 15.66 -7.82
CA PRO B 53 6.82 15.88 -8.97
C PRO B 53 7.58 16.23 -10.24
N ASN B 54 8.75 16.83 -10.08
CA ASN B 54 9.58 17.22 -11.22
C ASN B 54 10.36 16.02 -11.77
N GLN B 55 10.26 14.88 -11.10
CA GLN B 55 10.94 13.67 -11.52
C GLN B 55 10.14 12.97 -12.62
N GLU B 56 10.52 13.19 -13.87
CA GLU B 56 9.81 12.58 -14.99
C GLU B 56 10.02 11.06 -14.98
N ASN B 57 11.23 10.63 -14.68
CA ASN B 57 11.55 9.20 -14.63
C ASN B 57 10.68 8.50 -13.59
N LEU B 58 10.37 9.22 -12.52
CA LEU B 58 9.51 8.68 -11.48
C LEU B 58 8.10 8.56 -12.00
N ARG B 59 7.66 9.61 -12.71
CA ARG B 59 6.33 9.64 -13.30
C ARG B 59 6.21 8.53 -14.34
N ARG B 60 7.24 8.38 -15.17
CA ARG B 60 7.25 7.35 -16.20
C ARG B 60 7.21 5.98 -15.55
N HIS B 61 7.93 5.83 -14.45
CA HIS B 61 7.96 4.57 -13.72
C HIS B 61 6.57 4.28 -13.15
N ALA B 62 5.97 5.29 -12.55
CA ALA B 62 4.65 5.17 -11.99
C ALA B 62 3.65 4.84 -13.10
N ASN B 63 3.83 5.49 -14.23
CA ASN B 63 2.99 5.27 -15.39
C ASN B 63 3.20 3.85 -15.91
N LYS B 64 4.43 3.36 -15.79
CA LYS B 64 4.76 2.02 -16.23
C LYS B 64 3.97 1.01 -15.42
N LEU B 65 3.77 1.30 -14.15
CA LEU B 65 3.02 0.43 -13.26
C LEU B 65 1.55 0.49 -13.66
N LEU B 66 1.09 1.69 -14.00
CA LEU B 66 -0.29 1.87 -14.44
C LEU B 66 -0.51 1.07 -15.72
N SER B 67 0.46 1.15 -16.61
CA SER B 67 0.43 0.42 -17.87
C SER B 67 0.51 -1.07 -17.61
N LEU B 68 1.36 -1.44 -16.64
CA LEU B 68 1.54 -2.82 -16.24
C LEU B 68 0.24 -3.42 -15.73
N LYS B 69 -0.49 -2.64 -14.93
CA LYS B 69 -1.76 -3.09 -14.39
C LYS B 69 -2.71 -3.37 -15.54
N LYS B 70 -2.67 -2.51 -16.55
CA LYS B 70 -3.50 -2.66 -17.73
C LYS B 70 -3.04 -3.87 -18.53
N ARG B 71 -1.72 -4.04 -18.63
CA ARG B 71 -1.13 -5.16 -19.35
C ARG B 71 -1.57 -6.48 -18.73
N ALA B 72 -1.58 -6.53 -17.40
CA ALA B 72 -2.02 -7.73 -16.69
C ALA B 72 -3.53 -7.88 -16.85
N TYR B 73 -4.22 -6.76 -16.92
CA TYR B 73 -5.67 -6.75 -17.10
C TYR B 73 -6.05 -7.35 -18.44
N GLU B 74 -5.26 -7.03 -19.46
CA GLU B 74 -5.50 -7.54 -20.80
C GLU B 74 -5.11 -9.01 -20.93
N LEU B 75 -4.26 -9.47 -20.02
CA LEU B 75 -3.83 -10.86 -20.02
C LEU B 75 -4.97 -11.76 -19.53
N PRO B 76 -5.33 -12.78 -20.32
CA PRO B 76 -6.41 -13.70 -19.97
C PRO B 76 -5.94 -14.81 -19.03
N ASP C 6 -15.03 -6.06 21.66
CA ASP C 6 -13.85 -5.39 21.15
C ASP C 6 -13.63 -4.10 21.94
N ASP C 7 -12.42 -3.89 22.41
CA ASP C 7 -12.09 -2.72 23.21
C ASP C 7 -11.94 -1.45 22.36
N SER C 8 -12.96 -1.13 21.58
CA SER C 8 -12.95 0.04 20.73
C SER C 8 -14.33 0.64 20.62
N ALA C 9 -14.96 0.91 21.76
CA ALA C 9 -16.29 1.48 21.80
C ALA C 9 -16.21 3.00 21.83
N ALA C 10 -15.12 3.51 22.40
CA ALA C 10 -14.89 4.94 22.50
C ALA C 10 -14.23 5.48 21.24
N GLU C 11 -13.47 4.61 20.61
CA GLU C 11 -12.73 4.97 19.41
C GLU C 11 -13.24 4.23 18.19
N TRP C 12 -12.45 4.29 17.12
CA TRP C 12 -12.76 3.64 15.85
C TRP C 12 -14.14 4.02 15.35
N ASN C 13 -14.23 5.22 14.83
CA ASN C 13 -15.47 5.74 14.29
C ASN C 13 -15.22 6.44 12.97
N VAL C 14 -16.11 6.24 12.02
CA VAL C 14 -16.00 6.89 10.74
C VAL C 14 -17.39 7.26 10.27
N SER C 15 -17.58 8.53 9.94
CA SER C 15 -18.87 9.02 9.48
C SER C 15 -18.72 10.36 8.79
N ARG C 16 -19.84 10.99 8.49
CA ARG C 16 -19.82 12.30 7.85
C ARG C 16 -19.88 13.36 8.93
N THR C 17 -18.86 14.20 9.03
CA THR C 17 -18.81 15.22 10.04
C THR C 17 -19.27 16.55 9.47
N PRO C 18 -20.21 17.18 10.15
CA PRO C 18 -20.75 18.48 9.79
C PRO C 18 -19.70 19.57 9.98
N ASP C 19 -18.67 19.22 10.73
CA ASP C 19 -17.60 20.14 11.08
C ASP C 19 -16.45 20.09 10.09
N GLY C 20 -16.45 19.11 9.21
CA GLY C 20 -15.37 19.03 8.26
C GLY C 20 -15.75 18.41 6.94
N ASP C 21 -16.43 17.28 7.02
CA ASP C 21 -16.84 16.49 5.85
C ASP C 21 -17.12 15.07 6.28
N TYR C 22 -16.07 14.27 6.32
CA TYR C 22 -16.13 12.89 6.77
C TYR C 22 -15.10 12.73 7.87
N ARG C 23 -15.50 12.14 8.97
CA ARG C 23 -14.62 11.99 10.12
C ARG C 23 -14.16 10.57 10.32
N LEU C 24 -12.86 10.41 10.46
CA LEU C 24 -12.28 9.12 10.72
C LEU C 24 -11.48 9.22 12.02
N ALA C 25 -11.91 8.47 13.03
CA ALA C 25 -11.27 8.48 14.33
C ALA C 25 -10.89 7.06 14.74
N ILE C 26 -9.61 6.79 14.90
CA ILE C 26 -9.15 5.46 15.28
C ILE C 26 -8.08 5.52 16.37
N THR C 27 -7.73 4.35 16.90
CA THR C 27 -6.72 4.24 17.93
C THR C 27 -5.80 3.06 17.63
N CYS C 28 -4.59 3.11 18.17
CA CYS C 28 -3.62 2.04 17.98
C CYS C 28 -2.72 1.96 19.21
N PRO C 29 -2.52 0.77 19.77
CA PRO C 29 -1.66 0.58 20.94
C PRO C 29 -0.17 0.60 20.59
N ASN C 30 0.12 0.87 19.33
CA ASN C 30 1.51 0.92 18.87
C ASN C 30 1.75 2.17 18.05
N LYS C 31 2.84 2.84 18.33
CA LYS C 31 3.22 4.05 17.62
C LYS C 31 3.62 3.70 16.19
N GLU C 32 4.14 2.50 16.02
CA GLU C 32 4.59 2.04 14.71
C GLU C 32 3.39 1.80 13.80
N TRP C 33 2.30 1.36 14.40
CA TRP C 33 1.08 1.09 13.66
C TRP C 33 0.56 2.36 13.02
N LEU C 34 0.56 3.44 13.78
CA LEU C 34 0.09 4.73 13.28
C LEU C 34 1.00 5.21 12.17
N LEU C 35 2.31 5.13 12.41
CA LEU C 35 3.30 5.57 11.44
C LEU C 35 3.13 4.83 10.11
N GLN C 36 2.85 3.54 10.20
CA GLN C 36 2.65 2.72 9.02
C GLN C 36 1.32 3.04 8.35
N SER C 37 0.28 3.20 9.17
CA SER C 37 -1.05 3.49 8.69
C SER C 37 -1.07 4.77 7.85
N ILE C 38 -0.42 5.81 8.37
CA ILE C 38 -0.35 7.08 7.67
C ILE C 38 0.31 6.92 6.31
N GLU C 39 1.37 6.14 6.27
CA GLU C 39 2.07 5.88 5.02
C GLU C 39 1.16 5.18 4.04
N GLY C 40 0.41 4.22 4.57
CA GLY C 40 -0.52 3.47 3.75
C GLY C 40 -1.56 4.36 3.09
N MET C 41 -2.20 5.20 3.88
CA MET C 41 -3.23 6.09 3.36
C MET C 41 -2.62 7.14 2.43
N ILE C 42 -1.43 7.66 2.78
CA ILE C 42 -0.75 8.64 1.94
C ILE C 42 -0.42 8.03 0.57
N LYS C 43 -0.04 6.76 0.55
CA LYS C 43 0.30 6.08 -0.69
C LYS C 43 -0.91 5.99 -1.62
N GLU C 44 -2.04 5.57 -1.06
CA GLU C 44 -3.26 5.46 -1.84
C GLU C 44 -3.70 6.84 -2.31
N ALA C 45 -3.56 7.81 -1.42
CA ALA C 45 -3.90 9.20 -1.73
C ALA C 45 -3.00 9.74 -2.84
N ALA C 46 -1.73 9.41 -2.76
CA ALA C 46 -0.76 9.83 -3.75
C ALA C 46 -1.15 9.30 -5.13
N ALA C 47 -1.66 8.07 -5.13
CA ALA C 47 -2.11 7.44 -6.37
C ALA C 47 -3.27 8.23 -6.98
N GLU C 48 -4.07 8.86 -6.12
CA GLU C 48 -5.19 9.67 -6.56
C GLU C 48 -4.66 10.97 -7.16
N VAL C 49 -3.64 11.53 -6.50
CA VAL C 49 -3.03 12.76 -6.97
C VAL C 49 -2.38 12.56 -8.33
N LEU C 50 -1.80 11.39 -8.52
CA LEU C 50 -1.18 11.07 -9.80
C LEU C 50 -2.26 11.00 -10.90
N ARG C 51 -3.45 10.55 -10.50
CA ARG C 51 -4.59 10.43 -11.41
C ARG C 51 -5.19 11.80 -11.66
N ASN C 52 -5.11 12.65 -10.65
CA ASN C 52 -5.66 13.99 -10.69
C ASN C 52 -4.61 15.02 -10.30
N PRO C 53 -3.60 15.24 -11.16
CA PRO C 53 -2.49 16.16 -10.90
C PRO C 53 -2.95 17.59 -10.65
N ASN C 54 -4.05 17.98 -11.27
CA ASN C 54 -4.57 19.34 -11.11
C ASN C 54 -5.38 19.49 -9.83
N GLN C 55 -5.61 18.39 -9.13
CA GLN C 55 -6.39 18.43 -7.89
C GLN C 55 -5.53 18.91 -6.73
N GLU C 56 -5.65 20.19 -6.39
CA GLU C 56 -4.88 20.75 -5.28
C GLU C 56 -5.38 20.21 -3.96
N ASN C 57 -6.69 20.09 -3.80
CA ASN C 57 -7.27 19.56 -2.57
C ASN C 57 -6.76 18.15 -2.32
N LEU C 58 -6.47 17.43 -3.41
CA LEU C 58 -5.92 16.09 -3.31
C LEU C 58 -4.47 16.19 -2.83
N ARG C 59 -3.75 17.13 -3.43
CA ARG C 59 -2.36 17.39 -3.08
C ARG C 59 -2.25 17.79 -1.63
N ARG C 60 -3.11 18.73 -1.25
CA ARG C 60 -3.16 19.23 0.11
C ARG C 60 -3.52 18.12 1.07
N HIS C 61 -4.41 17.24 0.62
CA HIS C 61 -4.82 16.11 1.43
C HIS C 61 -3.65 15.15 1.62
N ALA C 62 -2.95 14.88 0.53
CA ALA C 62 -1.78 14.01 0.58
C ALA C 62 -0.71 14.65 1.45
N ASN C 63 -0.56 15.97 1.30
CA ASN C 63 0.40 16.72 2.08
C ASN C 63 0.02 16.70 3.55
N LYS C 64 -1.30 16.67 3.80
CA LYS C 64 -1.81 16.62 5.16
C LYS C 64 -1.37 15.32 5.82
N LEU C 65 -1.39 14.25 5.04
CA LEU C 65 -0.98 12.93 5.51
C LEU C 65 0.53 12.93 5.72
N LEU C 66 1.24 13.62 4.85
CA LEU C 66 2.70 13.74 4.97
C LEU C 66 3.04 14.41 6.29
N SER C 67 2.24 15.43 6.62
CA SER C 67 2.41 16.16 7.86
C SER C 67 2.07 15.27 9.04
N LEU C 68 1.04 14.47 8.85
CA LEU C 68 0.58 13.53 9.84
C LEU C 68 1.67 12.53 10.20
N LYS C 69 2.34 12.00 9.18
CA LYS C 69 3.42 11.04 9.37
C LYS C 69 4.53 11.68 10.19
N LYS C 70 4.80 12.95 9.89
CA LYS C 70 5.82 13.70 10.60
C LYS C 70 5.40 13.90 12.05
N ARG C 71 4.14 14.25 12.24
CA ARG C 71 3.59 14.46 13.58
C ARG C 71 3.70 13.20 14.41
N ALA C 72 3.42 12.06 13.79
CA ALA C 72 3.51 10.78 14.46
C ALA C 72 4.96 10.43 14.78
N TYR C 73 5.86 10.85 13.91
CA TYR C 73 7.29 10.61 14.09
C TYR C 73 7.79 11.33 15.33
N GLU C 74 7.29 12.54 15.52
CA GLU C 74 7.67 13.38 16.67
C GLU C 74 7.03 12.86 17.95
N LEU C 75 5.95 12.10 17.80
CA LEU C 75 5.23 11.55 18.94
C LEU C 75 5.87 10.23 19.37
N PRO C 76 6.16 10.06 20.66
CA PRO C 76 6.75 8.85 21.20
C PRO C 76 5.69 7.88 21.71
N ASP D 6 -2.87 26.40 8.01
CA ASP D 6 -2.90 25.13 7.30
C ASP D 6 -4.30 24.55 7.28
N ASP D 7 -4.39 23.25 7.05
CA ASP D 7 -5.69 22.58 7.00
C ASP D 7 -5.82 21.57 8.14
N SER D 8 -5.77 22.07 9.36
CA SER D 8 -5.90 21.24 10.55
C SER D 8 -6.50 22.07 11.68
N ALA D 9 -7.55 22.80 11.35
CA ALA D 9 -8.21 23.68 12.31
C ALA D 9 -9.04 22.88 13.31
N ALA D 10 -9.86 21.97 12.81
CA ALA D 10 -10.70 21.14 13.66
C ALA D 10 -10.33 19.68 13.56
N GLU D 11 -10.02 19.26 12.36
CA GLU D 11 -9.70 17.88 12.09
C GLU D 11 -8.20 17.66 11.95
N TRP D 12 -7.85 16.47 11.47
CA TRP D 12 -6.46 16.06 11.26
C TRP D 12 -5.63 16.21 12.52
N ASN D 13 -5.87 15.28 13.45
CA ASN D 13 -5.18 15.27 14.72
C ASN D 13 -4.69 13.88 15.08
N VAL D 14 -3.49 13.80 15.61
CA VAL D 14 -2.94 12.52 16.03
C VAL D 14 -2.13 12.73 17.31
N SER D 15 -2.43 11.96 18.34
CA SER D 15 -1.71 12.09 19.60
C SER D 15 -1.91 10.87 20.48
N ARG D 16 -1.45 10.97 21.72
CA ARG D 16 -1.60 9.90 22.68
C ARG D 16 -2.90 10.12 23.43
N THR D 17 -3.87 9.26 23.21
CA THR D 17 -5.15 9.46 23.82
C THR D 17 -5.35 8.59 25.06
N PRO D 18 -5.82 9.22 26.12
CA PRO D 18 -6.14 8.56 27.38
C PRO D 18 -7.34 7.66 27.18
N ASP D 19 -7.99 7.87 26.05
CA ASP D 19 -9.21 7.16 25.69
C ASP D 19 -8.89 5.80 25.11
N GLY D 20 -7.62 5.55 24.82
CA GLY D 20 -7.27 4.26 24.28
C GLY D 20 -5.80 4.00 24.16
N ASP D 21 -5.05 5.02 23.77
CA ASP D 21 -3.61 4.90 23.54
C ASP D 21 -3.12 6.04 22.66
N TYR D 22 -3.37 5.88 21.39
CA TYR D 22 -3.03 6.87 20.38
C TYR D 22 -4.29 7.17 19.58
N ARG D 23 -4.59 8.44 19.39
CA ARG D 23 -5.79 8.81 18.66
C ARG D 23 -5.47 9.52 17.36
N LEU D 24 -6.12 9.09 16.30
CA LEU D 24 -5.93 9.69 15.00
C LEU D 24 -7.29 10.09 14.41
N ALA D 25 -7.46 11.38 14.16
CA ALA D 25 -8.69 11.92 13.62
C ALA D 25 -8.40 12.65 12.31
N ILE D 26 -8.95 12.18 11.20
CA ILE D 26 -8.72 12.82 9.91
C ILE D 26 -10.06 13.05 9.19
N THR D 27 -10.01 13.86 8.13
CA THR D 27 -11.21 14.14 7.35
C THR D 27 -10.94 14.08 5.85
N CYS D 28 -11.96 13.70 5.09
CA CYS D 28 -11.87 13.62 3.64
C CYS D 28 -13.19 14.07 3.04
N PRO D 29 -13.14 14.89 1.98
CA PRO D 29 -14.35 15.39 1.32
C PRO D 29 -15.04 14.36 0.44
N ASN D 30 -14.53 13.14 0.46
CA ASN D 30 -15.10 12.07 -0.36
C ASN D 30 -15.05 10.75 0.38
N LYS D 31 -16.11 9.97 0.22
CA LYS D 31 -16.21 8.66 0.84
C LYS D 31 -15.22 7.70 0.17
N GLU D 32 -14.93 7.95 -1.10
CA GLU D 32 -14.00 7.12 -1.87
C GLU D 32 -12.60 7.26 -1.28
N TRP D 33 -12.23 8.49 -0.97
CA TRP D 33 -10.92 8.78 -0.40
C TRP D 33 -10.80 8.14 0.97
N LEU D 34 -11.92 8.10 1.68
CA LEU D 34 -11.96 7.49 3.00
C LEU D 34 -11.67 6.00 2.88
N LEU D 35 -12.31 5.37 1.88
CA LEU D 35 -12.13 3.96 1.63
C LEU D 35 -10.66 3.65 1.34
N GLN D 36 -10.06 4.51 0.52
CA GLN D 36 -8.65 4.35 0.15
C GLN D 36 -7.76 4.55 1.36
N SER D 37 -8.14 5.48 2.23
CA SER D 37 -7.38 5.76 3.43
C SER D 37 -7.37 4.53 4.33
N ILE D 38 -8.55 3.96 4.53
CA ILE D 38 -8.70 2.76 5.35
C ILE D 38 -7.95 1.59 4.71
N GLU D 39 -8.09 1.46 3.40
CA GLU D 39 -7.40 0.40 2.65
C GLU D 39 -5.90 0.52 2.85
N GLY D 40 -5.42 1.76 2.92
CA GLY D 40 -4.01 2.01 3.10
C GLY D 40 -3.49 1.49 4.43
N MET D 41 -4.18 1.84 5.51
CA MET D 41 -3.78 1.40 6.85
C MET D 41 -3.93 -0.11 6.99
N ILE D 42 -5.00 -0.66 6.41
CA ILE D 42 -5.22 -2.11 6.46
C ILE D 42 -4.07 -2.84 5.77
N LYS D 43 -3.54 -2.24 4.70
CA LYS D 43 -2.45 -2.82 3.93
C LYS D 43 -1.21 -3.04 4.80
N GLU D 44 -0.80 -2.01 5.52
CA GLU D 44 0.37 -2.10 6.39
C GLU D 44 0.08 -3.01 7.56
N ALA D 45 -1.11 -2.87 8.09
CA ALA D 45 -1.54 -3.68 9.23
C ALA D 45 -1.50 -5.16 8.87
N ALA D 46 -1.92 -5.46 7.64
CA ALA D 46 -1.93 -6.81 7.14
C ALA D 46 -0.53 -7.40 7.15
N ALA D 47 0.45 -6.57 6.78
CA ALA D 47 1.84 -6.99 6.75
C ALA D 47 2.30 -7.41 8.15
N GLU D 48 1.83 -6.69 9.16
CA GLU D 48 2.18 -7.00 10.53
C GLU D 48 1.52 -8.31 10.94
N VAL D 49 0.29 -8.50 10.51
CA VAL D 49 -0.46 -9.72 10.81
C VAL D 49 0.19 -10.92 10.14
N LEU D 50 0.69 -10.71 8.94
CA LEU D 50 1.36 -11.76 8.20
C LEU D 50 2.67 -12.15 8.89
N ARG D 51 3.32 -11.17 9.50
CA ARG D 51 4.57 -11.40 10.21
C ARG D 51 4.31 -12.07 11.56
N ASN D 52 3.12 -11.80 12.09
CA ASN D 52 2.70 -12.37 13.38
C ASN D 52 1.28 -12.93 13.27
N PRO D 53 1.14 -14.08 12.59
CA PRO D 53 -0.16 -14.73 12.37
C PRO D 53 -0.92 -15.05 13.64
N ASN D 54 -0.20 -15.34 14.72
CA ASN D 54 -0.82 -15.68 15.99
C ASN D 54 -1.19 -14.42 16.79
N GLN D 55 -0.92 -13.26 16.24
CA GLN D 55 -1.25 -12.02 16.92
C GLN D 55 -2.72 -11.68 16.69
N GLU D 56 -3.58 -12.14 17.60
CA GLU D 56 -5.00 -11.89 17.47
C GLU D 56 -5.31 -10.41 17.51
N ASN D 57 -4.64 -9.67 18.39
CA ASN D 57 -4.85 -8.23 18.49
C ASN D 57 -4.59 -7.57 17.14
N LEU D 58 -3.62 -8.12 16.41
CA LEU D 58 -3.30 -7.62 15.10
C LEU D 58 -4.42 -7.96 14.13
N ARG D 59 -4.92 -9.19 14.25
CA ARG D 59 -6.00 -9.66 13.41
C ARG D 59 -7.26 -8.86 13.68
N ARG D 60 -7.55 -8.66 14.96
CA ARG D 60 -8.71 -7.90 15.37
C ARG D 60 -8.57 -6.46 14.91
N HIS D 61 -7.36 -5.95 14.95
CA HIS D 61 -7.05 -4.61 14.50
C HIS D 61 -7.27 -4.51 13.00
N ALA D 62 -6.73 -5.48 12.28
CA ALA D 62 -6.86 -5.53 10.84
C ALA D 62 -8.32 -5.70 10.46
N ASN D 63 -8.99 -6.54 11.23
CA ASN D 63 -10.41 -6.79 11.04
C ASN D 63 -11.21 -5.53 11.31
N LYS D 64 -10.73 -4.72 12.26
CA LYS D 64 -11.39 -3.47 12.58
C LYS D 64 -11.33 -2.54 11.38
N LEU D 65 -10.19 -2.56 10.69
CA LEU D 65 -10.01 -1.76 9.49
C LEU D 65 -10.89 -2.30 8.37
N LEU D 66 -10.97 -3.62 8.30
CA LEU D 66 -11.80 -4.29 7.30
C LEU D 66 -13.25 -3.87 7.49
N SER D 67 -13.68 -3.87 8.74
CA SER D 67 -15.04 -3.48 9.09
C SER D 67 -15.24 -1.99 8.85
N LEU D 68 -14.22 -1.23 9.20
CA LEU D 68 -14.23 0.22 9.01
C LEU D 68 -14.41 0.57 7.53
N LYS D 69 -13.78 -0.23 6.68
CA LYS D 69 -13.88 -0.05 5.24
C LYS D 69 -15.33 -0.25 4.82
N LYS D 70 -15.98 -1.22 5.45
CA LYS D 70 -17.38 -1.52 5.17
C LYS D 70 -18.23 -0.37 5.65
N ARG D 71 -17.84 0.18 6.81
CA ARG D 71 -18.54 1.31 7.41
C ARG D 71 -18.52 2.49 6.44
N ALA D 72 -17.34 2.74 5.86
CA ALA D 72 -17.18 3.82 4.89
C ALA D 72 -17.97 3.50 3.62
N TYR D 73 -18.08 2.22 3.31
CA TYR D 73 -18.83 1.76 2.15
C TYR D 73 -20.30 2.11 2.30
N GLU D 74 -20.80 1.98 3.52
CA GLU D 74 -22.20 2.26 3.83
C GLU D 74 -22.42 3.75 4.06
N LEU D 75 -21.34 4.50 4.19
CA LEU D 75 -21.42 5.94 4.42
C LEU D 75 -22.03 6.64 3.20
N PRO D 76 -23.13 7.37 3.42
CA PRO D 76 -23.81 8.10 2.34
C PRO D 76 -22.92 9.16 1.71
N ASP A 6 7.80 3.04 -25.41
CA ASP A 6 6.93 1.87 -25.28
C ASP A 6 7.79 0.67 -24.93
N ASP A 7 8.63 0.84 -23.92
CA ASP A 7 9.54 -0.21 -23.48
C ASP A 7 8.82 -1.24 -22.62
N SER A 8 7.80 -1.85 -23.19
CA SER A 8 7.03 -2.87 -22.52
C SER A 8 7.12 -4.15 -23.33
N ALA A 9 8.05 -4.13 -24.29
CA ALA A 9 8.28 -5.28 -25.16
C ALA A 9 9.24 -6.23 -24.47
N ALA A 10 10.35 -5.69 -24.00
CA ALA A 10 11.34 -6.49 -23.30
C ALA A 10 10.87 -6.70 -21.87
N GLU A 11 11.03 -5.67 -21.06
CA GLU A 11 10.62 -5.73 -19.67
C GLU A 11 9.20 -5.26 -19.52
N TRP A 12 8.78 -5.12 -18.27
CA TRP A 12 7.42 -4.71 -17.92
C TRP A 12 6.42 -5.51 -18.74
N ASN A 13 6.50 -6.81 -18.56
CA ASN A 13 5.68 -7.74 -19.29
C ASN A 13 5.08 -8.81 -18.38
N VAL A 14 3.99 -9.40 -18.83
CA VAL A 14 3.32 -10.47 -18.12
C VAL A 14 2.79 -11.48 -19.13
N SER A 15 3.12 -12.75 -18.93
CA SER A 15 2.68 -13.80 -19.82
C SER A 15 2.33 -15.06 -19.05
N ARG A 16 1.67 -15.99 -19.70
CA ARG A 16 1.29 -17.24 -19.07
C ARG A 16 2.37 -18.29 -19.30
N THR A 17 2.79 -18.91 -18.23
CA THR A 17 3.82 -19.94 -18.29
C THR A 17 3.22 -21.25 -18.79
N PRO A 18 4.06 -22.14 -19.33
CA PRO A 18 3.62 -23.44 -19.85
C PRO A 18 3.13 -24.35 -18.73
N ASP A 19 3.52 -24.01 -17.52
CA ASP A 19 3.11 -24.79 -16.36
C ASP A 19 1.73 -24.38 -15.87
N GLY A 20 1.21 -23.29 -16.43
CA GLY A 20 -0.10 -22.82 -16.05
C GLY A 20 -0.05 -21.73 -15.00
N ASP A 21 1.01 -20.96 -15.04
CA ASP A 21 1.21 -19.87 -14.10
C ASP A 21 1.36 -18.56 -14.87
N TYR A 22 1.58 -17.46 -14.18
CA TYR A 22 1.76 -16.18 -14.84
C TYR A 22 3.12 -15.62 -14.50
N ARG A 23 3.85 -15.20 -15.50
CA ARG A 23 5.19 -14.66 -15.31
C ARG A 23 5.20 -13.16 -15.51
N LEU A 24 5.72 -12.44 -14.53
CA LEU A 24 5.80 -11.00 -14.61
C LEU A 24 7.25 -10.54 -14.58
N ALA A 25 7.61 -9.72 -15.56
CA ALA A 25 8.95 -9.21 -15.69
C ALA A 25 8.95 -7.69 -15.60
N ILE A 26 9.73 -7.10 -14.71
CA ILE A 26 9.78 -5.65 -14.59
C ILE A 26 11.23 -5.18 -14.38
N THR A 27 11.46 -3.88 -14.52
CA THR A 27 12.80 -3.32 -14.32
C THR A 27 12.75 -1.99 -13.57
N CYS A 28 13.82 -1.68 -12.85
CA CYS A 28 13.92 -0.43 -12.10
C CYS A 28 15.37 0.05 -12.09
N PRO A 29 15.60 1.36 -12.33
CA PRO A 29 16.95 1.93 -12.34
C PRO A 29 17.57 2.06 -10.95
N ASN A 30 16.90 1.52 -9.95
CA ASN A 30 17.40 1.57 -8.58
C ASN A 30 16.98 0.33 -7.82
N LYS A 31 17.90 -0.21 -7.02
CA LYS A 31 17.64 -1.41 -6.24
C LYS A 31 16.63 -1.11 -5.13
N GLU A 32 16.66 0.13 -4.64
CA GLU A 32 15.76 0.56 -3.59
C GLU A 32 14.33 0.62 -4.09
N TRP A 33 14.20 0.86 -5.39
CA TRP A 33 12.89 0.94 -6.01
C TRP A 33 12.23 -0.44 -5.98
N LEU A 34 13.03 -1.47 -6.22
CA LEU A 34 12.53 -2.84 -6.20
C LEU A 34 12.11 -3.20 -4.78
N LEU A 35 12.94 -2.80 -3.82
CA LEU A 35 12.68 -3.07 -2.41
C LEU A 35 11.32 -2.51 -1.99
N GLN A 36 11.05 -1.28 -2.40
CA GLN A 36 9.79 -0.63 -2.08
C GLN A 36 8.64 -1.28 -2.84
N SER A 37 8.92 -1.72 -4.05
CA SER A 37 7.94 -2.36 -4.89
C SER A 37 7.49 -3.66 -4.27
N ILE A 38 8.44 -4.46 -3.79
CA ILE A 38 8.14 -5.72 -3.14
C ILE A 38 7.35 -5.49 -1.86
N GLU A 39 7.81 -4.53 -1.06
CA GLU A 39 7.16 -4.19 0.20
C GLU A 39 5.73 -3.74 -0.05
N GLY A 40 5.53 -2.99 -1.11
CA GLY A 40 4.20 -2.52 -1.45
C GLY A 40 3.30 -3.63 -1.89
N MET A 41 3.81 -4.51 -2.75
CA MET A 41 3.04 -5.62 -3.26
C MET A 41 2.73 -6.62 -2.14
N ILE A 42 3.67 -6.84 -1.23
CA ILE A 42 3.43 -7.73 -0.10
C ILE A 42 2.27 -7.20 0.75
N LYS A 43 2.16 -5.87 0.83
CA LYS A 43 1.11 -5.23 1.61
C LYS A 43 -0.28 -5.58 1.05
N GLU A 44 -0.44 -5.40 -0.25
CA GLU A 44 -1.71 -5.68 -0.91
C GLU A 44 -2.03 -7.17 -0.84
N ALA A 45 -1.01 -7.99 -1.04
CA ALA A 45 -1.16 -9.44 -0.99
C ALA A 45 -1.66 -9.89 0.37
N ALA A 46 -1.11 -9.28 1.41
CA ALA A 46 -1.49 -9.59 2.77
C ALA A 46 -2.95 -9.26 3.00
N ALA A 47 -3.41 -8.17 2.38
CA ALA A 47 -4.81 -7.76 2.49
C ALA A 47 -5.71 -8.83 1.91
N GLU A 48 -5.22 -9.50 0.86
CA GLU A 48 -5.96 -10.59 0.23
C GLU A 48 -5.97 -11.79 1.15
N VAL A 49 -4.85 -12.00 1.84
CA VAL A 49 -4.73 -13.12 2.78
C VAL A 49 -5.72 -12.92 3.92
N LEU A 50 -5.90 -11.68 4.33
CA LEU A 50 -6.83 -11.34 5.39
C LEU A 50 -8.26 -11.61 4.94
N ARG A 51 -8.51 -11.42 3.65
CA ARG A 51 -9.82 -11.65 3.06
C ARG A 51 -10.07 -13.13 2.87
N ASN A 52 -8.99 -13.86 2.67
CA ASN A 52 -9.05 -15.31 2.47
C ASN A 52 -8.03 -16.02 3.36
N PRO A 53 -8.29 -16.06 4.67
CA PRO A 53 -7.40 -16.70 5.65
C PRO A 53 -7.15 -18.16 5.34
N ASN A 54 -8.13 -18.82 4.72
CA ASN A 54 -8.02 -20.22 4.38
C ASN A 54 -7.25 -20.43 3.08
N GLN A 55 -6.76 -19.35 2.49
CA GLN A 55 -6.00 -19.44 1.25
C GLN A 55 -4.53 -19.74 1.54
N GLU A 56 -4.17 -21.02 1.43
CA GLU A 56 -2.80 -21.46 1.68
C GLU A 56 -1.83 -20.83 0.68
N ASN A 57 -2.20 -20.86 -0.59
CA ASN A 57 -1.36 -20.31 -1.65
C ASN A 57 -1.14 -18.81 -1.45
N LEU A 58 -2.13 -18.12 -0.92
CA LEU A 58 -2.02 -16.70 -0.68
C LEU A 58 -0.97 -16.43 0.39
N ARG A 59 -0.95 -17.25 1.43
CA ARG A 59 0.02 -17.11 2.50
C ARG A 59 1.41 -17.42 2.00
N ARG A 60 1.51 -18.49 1.21
CA ARG A 60 2.79 -18.90 0.64
C ARG A 60 3.30 -17.85 -0.33
N HIS A 61 2.38 -17.23 -1.06
CA HIS A 61 2.73 -16.18 -1.99
C HIS A 61 3.27 -14.98 -1.25
N ALA A 62 2.58 -14.60 -0.19
CA ALA A 62 2.99 -13.47 0.63
C ALA A 62 4.37 -13.77 1.22
N ASN A 63 4.56 -15.02 1.60
CA ASN A 63 5.83 -15.48 2.15
C ASN A 63 6.93 -15.34 1.12
N LYS A 64 6.57 -15.57 -0.15
CA LYS A 64 7.54 -15.47 -1.22
C LYS A 64 7.96 -14.01 -1.40
N LEU A 65 7.02 -13.10 -1.20
CA LEU A 65 7.28 -11.68 -1.30
C LEU A 65 8.19 -11.26 -0.15
N LEU A 66 7.97 -11.88 1.01
CA LEU A 66 8.77 -11.61 2.20
C LEU A 66 10.20 -12.06 1.97
N SER A 67 10.34 -13.17 1.27
CA SER A 67 11.63 -13.74 0.96
C SER A 67 12.34 -12.88 -0.10
N LEU A 68 11.58 -12.52 -1.12
CA LEU A 68 12.07 -11.70 -2.21
C LEU A 68 12.52 -10.34 -1.67
N LYS A 69 11.77 -9.81 -0.71
CA LYS A 69 12.09 -8.55 -0.08
C LYS A 69 13.46 -8.63 0.59
N LYS A 70 13.74 -9.79 1.18
CA LYS A 70 15.00 -10.02 1.83
C LYS A 70 16.12 -10.07 0.80
N ARG A 71 15.83 -10.75 -0.32
CA ARG A 71 16.78 -10.85 -1.41
C ARG A 71 17.12 -9.48 -1.96
N ALA A 72 16.11 -8.63 -2.09
CA ALA A 72 16.31 -7.28 -2.58
C ALA A 72 17.12 -6.46 -1.59
N TYR A 73 16.93 -6.75 -0.31
CA TYR A 73 17.67 -6.06 0.75
C TYR A 73 19.16 -6.30 0.61
N GLU A 74 19.50 -7.50 0.19
CA GLU A 74 20.90 -7.89 0.01
C GLU A 74 21.42 -7.50 -1.38
N LEU A 75 20.56 -6.89 -2.19
CA LEU A 75 20.95 -6.48 -3.53
C LEU A 75 21.98 -5.34 -3.52
N PRO A 76 21.73 -4.23 -2.79
CA PRO A 76 22.69 -3.10 -2.74
C PRO A 76 24.00 -3.50 -2.06
N ASP B 6 12.03 -23.93 -3.44
CA ASP B 6 11.26 -22.70 -3.55
C ASP B 6 11.20 -22.30 -5.02
N ASP B 7 10.30 -21.38 -5.37
CA ASP B 7 10.15 -20.97 -6.76
C ASP B 7 11.18 -19.90 -7.14
N SER B 8 12.27 -19.83 -6.38
CA SER B 8 13.31 -18.85 -6.65
C SER B 8 14.33 -19.41 -7.66
N ALA B 9 14.30 -20.73 -7.84
CA ALA B 9 15.21 -21.38 -8.78
C ALA B 9 14.72 -21.20 -10.21
N ALA B 10 13.42 -21.23 -10.39
CA ALA B 10 12.82 -21.06 -11.70
C ALA B 10 12.43 -19.61 -11.93
N GLU B 11 11.61 -19.08 -11.03
CA GLU B 11 11.15 -17.71 -11.13
C GLU B 11 11.60 -16.92 -9.91
N TRP B 12 10.84 -15.90 -9.56
CA TRP B 12 11.10 -15.05 -8.40
C TRP B 12 12.56 -14.66 -8.30
N ASN B 13 12.98 -13.82 -9.21
CA ASN B 13 14.35 -13.36 -9.26
C ASN B 13 14.42 -11.84 -9.28
N VAL B 14 15.39 -11.30 -8.58
CA VAL B 14 15.61 -9.87 -8.55
C VAL B 14 17.11 -9.62 -8.52
N SER B 15 17.61 -8.84 -9.47
CA SER B 15 19.04 -8.55 -9.54
C SER B 15 19.32 -7.46 -10.57
N ARG B 16 20.59 -7.32 -10.95
CA ARG B 16 20.99 -6.34 -11.93
C ARG B 16 21.08 -6.98 -13.31
N THR B 17 20.66 -6.23 -14.30
CA THR B 17 20.69 -6.70 -15.68
C THR B 17 22.01 -6.34 -16.33
N PRO B 18 22.38 -7.08 -17.38
CA PRO B 18 23.62 -6.84 -18.13
C PRO B 18 23.58 -5.51 -18.86
N ASP B 19 22.37 -5.01 -19.06
CA ASP B 19 22.17 -3.74 -19.75
C ASP B 19 22.35 -2.56 -18.81
N GLY B 20 22.49 -2.85 -17.53
CA GLY B 20 22.70 -1.80 -16.55
C GLY B 20 21.43 -1.38 -15.85
N ASP B 21 20.50 -2.30 -15.74
CA ASP B 21 19.23 -2.03 -15.07
C ASP B 21 19.01 -3.06 -13.98
N TYR B 22 17.85 -3.07 -13.37
CA TYR B 22 17.56 -4.07 -12.35
C TYR B 22 16.36 -4.88 -12.79
N ARG B 23 16.47 -6.19 -12.68
CA ARG B 23 15.42 -7.08 -13.14
C ARG B 23 14.69 -7.76 -12.00
N LEU B 24 13.38 -7.68 -12.05
CA LEU B 24 12.52 -8.34 -11.09
C LEU B 24 11.57 -9.26 -11.86
N ALA B 25 11.65 -10.55 -11.59
CA ALA B 25 10.83 -11.54 -12.24
C ALA B 25 10.10 -12.39 -11.20
N ILE B 26 8.78 -12.44 -11.27
CA ILE B 26 8.01 -13.24 -10.32
C ILE B 26 6.87 -13.96 -11.03
N THR B 27 6.21 -14.86 -10.31
CA THR B 27 5.10 -15.62 -10.87
C THR B 27 3.91 -15.66 -9.93
N CYS B 28 2.71 -15.77 -10.50
CA CYS B 28 1.48 -15.84 -9.72
C CYS B 28 0.42 -16.61 -10.51
N PRO B 29 -0.22 -17.61 -9.89
CA PRO B 29 -1.25 -18.41 -10.55
C PRO B 29 -2.62 -17.72 -10.51
N ASN B 30 -2.62 -16.44 -10.17
CA ASN B 30 -3.84 -15.67 -10.09
C ASN B 30 -3.62 -14.30 -10.69
N LYS B 31 -4.53 -13.90 -11.58
CA LYS B 31 -4.42 -12.59 -12.23
C LYS B 31 -4.59 -11.49 -11.20
N GLU B 32 -5.39 -11.76 -10.18
CA GLU B 32 -5.66 -10.80 -9.12
C GLU B 32 -4.40 -10.53 -8.31
N TRP B 33 -3.57 -11.56 -8.17
CA TRP B 33 -2.33 -11.43 -7.42
C TRP B 33 -1.40 -10.45 -8.09
N LEU B 34 -1.29 -10.59 -9.41
CA LEU B 34 -0.43 -9.71 -10.19
C LEU B 34 -0.98 -8.29 -10.15
N LEU B 35 -2.29 -8.18 -10.30
CA LEU B 35 -2.95 -6.89 -10.28
C LEU B 35 -2.69 -6.16 -8.96
N GLN B 36 -2.80 -6.88 -7.85
CA GLN B 36 -2.57 -6.30 -6.55
C GLN B 36 -1.09 -6.01 -6.34
N SER B 37 -0.24 -6.89 -6.86
CA SER B 37 1.20 -6.73 -6.76
C SER B 37 1.63 -5.44 -7.46
N ILE B 38 1.13 -5.23 -8.68
CA ILE B 38 1.46 -4.02 -9.44
C ILE B 38 1.02 -2.78 -8.68
N GLU B 39 -0.19 -2.84 -8.13
CA GLU B 39 -0.75 -1.73 -7.36
C GLU B 39 0.13 -1.41 -6.16
N GLY B 40 0.67 -2.45 -5.54
CA GLY B 40 1.53 -2.27 -4.39
C GLY B 40 2.73 -1.40 -4.70
N MET B 41 3.40 -1.71 -5.82
CA MET B 41 4.58 -0.95 -6.23
C MET B 41 4.17 0.45 -6.66
N ILE B 42 3.07 0.56 -7.40
CA ILE B 42 2.58 1.85 -7.86
C ILE B 42 2.27 2.75 -6.65
N LYS B 43 1.79 2.16 -5.57
CA LYS B 43 1.46 2.91 -4.37
C LYS B 43 2.69 3.63 -3.81
N GLU B 44 3.78 2.88 -3.66
CA GLU B 44 5.02 3.45 -3.15
C GLU B 44 5.61 4.41 -4.16
N ALA B 45 5.56 3.99 -5.42
CA ALA B 45 6.07 4.80 -6.52
C ALA B 45 5.38 6.15 -6.58
N ALA B 46 4.07 6.13 -6.45
CA ALA B 46 3.27 7.34 -6.48
C ALA B 46 3.65 8.25 -5.31
N ALA B 47 3.79 7.65 -4.14
CA ALA B 47 4.18 8.39 -2.95
C ALA B 47 5.56 8.99 -3.15
N GLU B 48 6.42 8.26 -3.82
CA GLU B 48 7.77 8.71 -4.11
C GLU B 48 7.72 9.91 -5.05
N VAL B 49 6.77 9.90 -5.96
CA VAL B 49 6.59 11.00 -6.90
C VAL B 49 6.16 12.25 -6.16
N LEU B 50 5.33 12.04 -5.15
CA LEU B 50 4.86 13.14 -4.31
C LEU B 50 6.03 13.71 -3.52
N ARG B 51 6.96 12.83 -3.14
CA ARG B 51 8.15 13.20 -2.38
C ARG B 51 9.16 13.89 -3.30
N ASN B 52 9.11 13.53 -4.57
CA ASN B 52 10.00 14.09 -5.57
C ASN B 52 9.24 14.45 -6.83
N PRO B 53 8.47 15.55 -6.78
CA PRO B 53 7.66 16.03 -7.91
C PRO B 53 8.49 16.31 -9.16
N ASN B 54 9.75 16.64 -8.95
CA ASN B 54 10.65 16.93 -10.08
C ASN B 54 11.30 15.66 -10.63
N GLN B 55 10.92 14.50 -10.10
CA GLN B 55 11.47 13.25 -10.60
C GLN B 55 10.66 12.73 -11.77
N GLU B 56 11.08 13.07 -12.99
CA GLU B 56 10.38 12.63 -14.19
C GLU B 56 10.36 11.11 -14.28
N ASN B 57 11.53 10.50 -14.07
CA ASN B 57 11.66 9.04 -14.14
C ASN B 57 10.72 8.35 -13.16
N LEU B 58 10.46 8.99 -12.02
CA LEU B 58 9.57 8.42 -11.03
C LEU B 58 8.15 8.39 -11.57
N ARG B 59 7.75 9.48 -12.21
CA ARG B 59 6.42 9.57 -12.79
C ARG B 59 6.28 8.57 -13.91
N ARG B 60 7.30 8.47 -14.75
CA ARG B 60 7.29 7.54 -15.87
C ARG B 60 7.26 6.12 -15.35
N HIS B 61 7.97 5.88 -14.25
CA HIS B 61 8.01 4.57 -13.63
C HIS B 61 6.62 4.23 -13.09
N ALA B 62 6.02 5.19 -12.40
CA ALA B 62 4.68 5.01 -11.86
C ALA B 62 3.72 4.78 -13.02
N ASN B 63 3.93 5.53 -14.09
CA ASN B 63 3.13 5.41 -15.30
C ASN B 63 3.28 4.03 -15.90
N LYS B 64 4.51 3.51 -15.84
CA LYS B 64 4.80 2.18 -16.35
C LYS B 64 4.04 1.14 -15.54
N LEU B 65 3.90 1.41 -14.23
CA LEU B 65 3.16 0.52 -13.35
C LEU B 65 1.68 0.62 -13.66
N LEU B 66 1.22 1.84 -13.92
CA LEU B 66 -0.18 2.08 -14.26
C LEU B 66 -0.50 1.36 -15.55
N SER B 67 0.44 1.42 -16.49
CA SER B 67 0.30 0.78 -17.77
C SER B 67 0.35 -0.74 -17.63
N LEU B 68 1.30 -1.20 -16.82
CA LEU B 68 1.46 -2.62 -16.56
C LEU B 68 0.21 -3.20 -15.91
N LYS B 69 -0.39 -2.43 -15.01
CA LYS B 69 -1.62 -2.84 -14.34
C LYS B 69 -2.70 -3.09 -15.37
N LYS B 70 -2.78 -2.19 -16.34
CA LYS B 70 -3.76 -2.30 -17.41
C LYS B 70 -3.46 -3.52 -18.28
N ARG B 71 -2.17 -3.76 -18.51
CA ARG B 71 -1.72 -4.89 -19.30
C ARG B 71 -2.11 -6.19 -18.62
N ALA B 72 -1.93 -6.21 -17.30
CA ALA B 72 -2.29 -7.39 -16.50
C ALA B 72 -3.80 -7.59 -16.46
N TYR B 73 -4.53 -6.48 -16.50
CA TYR B 73 -5.99 -6.51 -16.49
C TYR B 73 -6.51 -7.27 -17.71
N GLU B 74 -5.88 -6.99 -18.84
CA GLU B 74 -6.24 -7.60 -20.11
C GLU B 74 -5.58 -8.97 -20.29
N LEU B 75 -4.78 -9.38 -19.33
CA LEU B 75 -4.07 -10.66 -19.40
C LEU B 75 -5.05 -11.85 -19.39
N PRO B 76 -5.99 -11.94 -18.40
CA PRO B 76 -6.96 -13.04 -18.35
C PRO B 76 -7.92 -13.00 -19.53
N ASP C 6 -14.82 -5.57 20.18
CA ASP C 6 -13.54 -4.87 20.12
C ASP C 6 -13.70 -3.43 20.60
N ASP C 7 -12.62 -2.66 20.54
CA ASP C 7 -12.63 -1.27 21.00
C ASP C 7 -13.22 -0.34 19.94
N SER C 8 -14.27 -0.78 19.28
CA SER C 8 -14.93 0.03 18.27
C SER C 8 -16.05 0.83 18.92
N ALA C 9 -16.24 0.59 20.22
CA ALA C 9 -17.27 1.29 20.97
C ALA C 9 -16.73 2.64 21.43
N ALA C 10 -15.53 2.63 21.99
CA ALA C 10 -14.90 3.85 22.47
C ALA C 10 -14.24 4.59 21.32
N GLU C 11 -13.43 3.88 20.55
CA GLU C 11 -12.71 4.47 19.42
C GLU C 11 -13.18 3.88 18.10
N TRP C 12 -12.38 4.10 17.05
CA TRP C 12 -12.68 3.61 15.71
C TRP C 12 -14.06 4.04 15.25
N ASN C 13 -14.22 5.35 15.10
CA ASN C 13 -15.47 5.94 14.68
C ASN C 13 -15.34 6.62 13.33
N VAL C 14 -16.34 6.45 12.49
CA VAL C 14 -16.36 7.08 11.18
C VAL C 14 -17.78 7.51 10.84
N SER C 15 -17.96 8.77 10.48
CA SER C 15 -19.27 9.28 10.15
C SER C 15 -19.17 10.60 9.38
N ARG C 16 -20.31 11.15 9.01
CA ARG C 16 -20.34 12.40 8.28
C ARG C 16 -20.47 13.57 9.23
N THR C 17 -19.75 14.63 8.93
CA THR C 17 -19.77 15.84 9.74
C THR C 17 -20.86 16.79 9.24
N PRO C 18 -21.30 17.72 10.10
CA PRO C 18 -22.34 18.70 9.78
C PRO C 18 -21.88 19.67 8.69
N ASP C 19 -20.57 19.73 8.52
CA ASP C 19 -19.97 20.61 7.52
C ASP C 19 -19.99 19.94 6.15
N GLY C 20 -20.34 18.67 6.13
CA GLY C 20 -20.39 17.93 4.88
C GLY C 20 -19.11 17.18 4.61
N ASP C 21 -18.36 16.91 5.67
CA ASP C 21 -17.10 16.20 5.55
C ASP C 21 -17.24 14.84 6.20
N TYR C 22 -16.21 14.03 6.14
CA TYR C 22 -16.25 12.72 6.78
C TYR C 22 -15.25 12.72 7.92
N ARG C 23 -15.69 12.23 9.07
CA ARG C 23 -14.85 12.22 10.26
C ARG C 23 -14.45 10.79 10.60
N LEU C 24 -13.15 10.57 10.77
CA LEU C 24 -12.64 9.27 11.12
C LEU C 24 -11.73 9.36 12.34
N ALA C 25 -12.06 8.62 13.38
CA ALA C 25 -11.30 8.61 14.62
C ALA C 25 -10.91 7.18 14.97
N ILE C 26 -9.62 6.85 14.86
CA ILE C 26 -9.17 5.51 15.16
C ILE C 26 -8.04 5.52 16.19
N THR C 27 -7.63 4.33 16.61
CA THR C 27 -6.57 4.17 17.60
C THR C 27 -5.64 3.03 17.22
N CYS C 28 -4.40 3.10 17.70
CA CYS C 28 -3.41 2.07 17.46
C CYS C 28 -2.46 2.01 18.66
N PRO C 29 -2.22 0.82 19.21
CA PRO C 29 -1.35 0.64 20.36
C PRO C 29 0.14 0.62 19.99
N ASN C 30 0.45 1.05 18.77
CA ASN C 30 1.82 1.07 18.31
C ASN C 30 2.08 2.32 17.49
N LYS C 31 3.15 3.03 17.81
CA LYS C 31 3.51 4.25 17.09
C LYS C 31 3.91 3.91 15.66
N GLU C 32 4.47 2.72 15.50
CA GLU C 32 4.89 2.23 14.20
C GLU C 32 3.68 2.02 13.30
N TRP C 33 2.60 1.53 13.90
CA TRP C 33 1.37 1.29 13.18
C TRP C 33 0.80 2.59 12.66
N LEU C 34 0.93 3.64 13.46
CA LEU C 34 0.45 4.96 13.10
C LEU C 34 1.21 5.46 11.89
N LEU C 35 2.53 5.35 11.94
CA LEU C 35 3.40 5.79 10.85
C LEU C 35 3.06 5.03 9.58
N GLN C 36 2.82 3.73 9.73
CA GLN C 36 2.49 2.87 8.61
C GLN C 36 1.11 3.22 8.06
N SER C 37 0.19 3.55 8.94
CA SER C 37 -1.16 3.94 8.55
C SER C 37 -1.11 5.18 7.68
N ILE C 38 -0.36 6.18 8.14
CA ILE C 38 -0.19 7.42 7.41
C ILE C 38 0.44 7.14 6.05
N GLU C 39 1.46 6.29 6.06
CA GLU C 39 2.16 5.92 4.83
C GLU C 39 1.20 5.26 3.87
N GLY C 40 0.36 4.39 4.41
CA GLY C 40 -0.60 3.68 3.59
C GLY C 40 -1.60 4.62 2.95
N MET C 41 -2.19 5.49 3.76
CA MET C 41 -3.19 6.42 3.25
C MET C 41 -2.55 7.45 2.31
N ILE C 42 -1.33 7.89 2.62
CA ILE C 42 -0.64 8.84 1.76
C ILE C 42 -0.31 8.18 0.43
N LYS C 43 0.03 6.89 0.46
CA LYS C 43 0.38 6.15 -0.75
C LYS C 43 -0.78 6.10 -1.72
N GLU C 44 -1.96 5.75 -1.23
CA GLU C 44 -3.14 5.68 -2.08
C GLU C 44 -3.50 7.07 -2.58
N ALA C 45 -3.42 8.02 -1.67
CA ALA C 45 -3.71 9.41 -2.02
C ALA C 45 -2.76 9.89 -3.10
N ALA C 46 -1.49 9.55 -2.96
CA ALA C 46 -0.48 9.92 -3.93
C ALA C 46 -0.80 9.32 -5.30
N ALA C 47 -1.27 8.06 -5.28
CA ALA C 47 -1.63 7.37 -6.51
C ALA C 47 -2.77 8.12 -7.20
N GLU C 48 -3.68 8.64 -6.40
CA GLU C 48 -4.80 9.40 -6.92
C GLU C 48 -4.30 10.71 -7.50
N VAL C 49 -3.29 11.30 -6.86
CA VAL C 49 -2.71 12.56 -7.36
C VAL C 49 -2.03 12.31 -8.69
N LEU C 50 -1.40 11.15 -8.81
CA LEU C 50 -0.72 10.77 -10.04
C LEU C 50 -1.75 10.61 -11.15
N ARG C 51 -2.93 10.13 -10.77
CA ARG C 51 -4.03 9.92 -11.69
C ARG C 51 -4.70 11.25 -12.05
N ASN C 52 -4.64 12.18 -11.11
CA ASN C 52 -5.24 13.50 -11.30
C ASN C 52 -4.29 14.60 -10.84
N PRO C 53 -3.25 14.88 -11.63
CA PRO C 53 -2.26 15.91 -11.31
C PRO C 53 -2.89 17.29 -11.21
N ASN C 54 -4.05 17.42 -11.84
CA ASN C 54 -4.78 18.69 -11.85
C ASN C 54 -5.57 18.87 -10.54
N GLN C 55 -5.64 17.83 -9.74
CA GLN C 55 -6.37 17.87 -8.47
C GLN C 55 -5.49 18.45 -7.37
N GLU C 56 -5.71 19.72 -7.04
CA GLU C 56 -4.93 20.36 -5.99
C GLU C 56 -5.41 19.85 -4.63
N ASN C 57 -6.72 19.66 -4.50
CA ASN C 57 -7.30 19.17 -3.26
C ASN C 57 -6.67 17.83 -2.89
N LEU C 58 -6.32 17.06 -3.92
CA LEU C 58 -5.67 15.79 -3.72
C LEU C 58 -4.25 16.01 -3.20
N ARG C 59 -3.58 17.00 -3.77
CA ARG C 59 -2.22 17.35 -3.36
C ARG C 59 -2.23 17.86 -1.93
N ARG C 60 -3.18 18.72 -1.64
CA ARG C 60 -3.33 19.29 -0.30
C ARG C 60 -3.65 18.18 0.69
N HIS C 61 -4.48 17.25 0.26
CA HIS C 61 -4.86 16.12 1.08
C HIS C 61 -3.64 15.25 1.35
N ALA C 62 -2.90 14.97 0.29
CA ALA C 62 -1.69 14.17 0.39
C ALA C 62 -0.69 14.87 1.31
N ASN C 63 -0.63 16.19 1.16
CA ASN C 63 0.24 17.01 1.98
C ASN C 63 -0.17 16.93 3.44
N LYS C 64 -1.48 16.86 3.67
CA LYS C 64 -1.98 16.78 5.03
C LYS C 64 -1.50 15.49 5.70
N LEU C 65 -1.45 14.42 4.90
CA LEU C 65 -0.98 13.13 5.38
C LEU C 65 0.52 13.20 5.62
N LEU C 66 1.21 13.89 4.72
CA LEU C 66 2.65 14.07 4.84
C LEU C 66 2.98 14.83 6.10
N SER C 67 2.15 15.83 6.40
CA SER C 67 2.31 16.66 7.58
C SER C 67 2.02 15.84 8.83
N LEU C 68 0.96 15.06 8.76
CA LEU C 68 0.53 14.20 9.86
C LEU C 68 1.64 13.21 10.20
N LYS C 69 2.34 12.75 9.17
CA LYS C 69 3.45 11.81 9.34
C LYS C 69 4.53 12.41 10.24
N LYS C 70 4.76 13.70 10.08
CA LYS C 70 5.76 14.41 10.87
C LYS C 70 5.35 14.44 12.34
N ARG C 71 4.07 14.68 12.59
CA ARG C 71 3.55 14.73 13.94
C ARG C 71 3.67 13.37 14.62
N ALA C 72 3.33 12.32 13.89
CA ALA C 72 3.41 10.96 14.41
C ALA C 72 4.87 10.55 14.64
N TYR C 73 5.75 11.06 13.80
CA TYR C 73 7.18 10.78 13.92
C TYR C 73 7.72 11.28 15.25
N GLU C 74 7.28 12.46 15.62
CA GLU C 74 7.71 13.11 16.86
C GLU C 74 6.93 12.63 18.08
N LEU C 75 5.90 11.82 17.86
CA LEU C 75 5.07 11.33 18.96
C LEU C 75 5.90 10.49 19.95
N PRO C 76 6.58 9.41 19.50
CA PRO C 76 7.39 8.58 20.39
C PRO C 76 8.64 9.33 20.87
N ASP D 6 -4.99 25.56 7.90
CA ASP D 6 -5.66 24.31 7.58
C ASP D 6 -6.61 23.95 8.71
N ASP D 7 -7.34 22.86 8.56
CA ASP D 7 -8.30 22.45 9.57
C ASP D 7 -7.66 21.57 10.64
N SER D 8 -6.35 21.73 10.81
CA SER D 8 -5.61 20.96 11.81
C SER D 8 -5.90 21.46 13.21
N ALA D 9 -6.52 22.64 13.30
CA ALA D 9 -6.88 23.22 14.58
C ALA D 9 -8.09 22.53 15.17
N ALA D 10 -9.03 22.16 14.30
CA ALA D 10 -10.23 21.47 14.72
C ALA D 10 -10.08 19.97 14.56
N GLU D 11 -9.85 19.53 13.34
CA GLU D 11 -9.69 18.12 13.03
C GLU D 11 -8.22 17.79 12.78
N TRP D 12 -7.98 16.63 12.18
CA TRP D 12 -6.63 16.17 11.86
C TRP D 12 -5.74 16.22 13.10
N ASN D 13 -6.14 15.44 14.09
CA ASN D 13 -5.42 15.37 15.34
C ASN D 13 -4.84 13.98 15.56
N VAL D 14 -3.62 13.94 16.09
CA VAL D 14 -2.98 12.68 16.40
C VAL D 14 -2.19 12.83 17.69
N SER D 15 -2.40 11.93 18.64
CA SER D 15 -1.73 12.01 19.93
C SER D 15 -1.79 10.69 20.67
N ARG D 16 -1.24 10.66 21.87
CA ARG D 16 -1.23 9.46 22.70
C ARG D 16 -2.40 9.52 23.68
N THR D 17 -3.02 8.38 23.91
CA THR D 17 -4.14 8.29 24.83
C THR D 17 -3.68 7.82 26.20
N PRO D 18 -4.46 8.12 27.26
CA PRO D 18 -4.15 7.74 28.63
C PRO D 18 -4.19 6.22 28.82
N ASP D 19 -4.85 5.56 27.89
CA ASP D 19 -4.98 4.10 27.95
C ASP D 19 -3.74 3.44 27.38
N GLY D 20 -2.88 4.25 26.77
CA GLY D 20 -1.66 3.75 26.20
C GLY D 20 -1.80 3.50 24.72
N ASP D 21 -2.83 4.10 24.14
CA ASP D 21 -3.10 3.96 22.73
C ASP D 21 -2.74 5.24 22.01
N TYR D 22 -2.99 5.29 20.72
CA TYR D 22 -2.73 6.49 19.94
C TYR D 22 -4.04 6.95 19.34
N ARG D 23 -4.33 8.23 19.47
CA ARG D 23 -5.58 8.76 18.97
C ARG D 23 -5.37 9.54 17.69
N LEU D 24 -6.09 9.15 16.66
CA LEU D 24 -6.01 9.84 15.38
C LEU D 24 -7.41 10.21 14.88
N ALA D 25 -7.62 11.49 14.66
CA ALA D 25 -8.91 12.01 14.19
C ALA D 25 -8.70 12.88 12.96
N ILE D 26 -9.17 12.42 11.80
CA ILE D 26 -9.00 13.19 10.57
C ILE D 26 -10.33 13.37 9.84
N THR D 27 -10.31 14.19 8.80
CA THR D 27 -11.49 14.46 8.00
C THR D 27 -11.17 14.47 6.50
N CYS D 28 -12.14 14.14 5.68
CA CYS D 28 -11.97 14.13 4.23
C CYS D 28 -13.30 14.44 3.56
N PRO D 29 -13.31 15.36 2.59
CA PRO D 29 -14.52 15.73 1.87
C PRO D 29 -14.86 14.76 0.75
N ASN D 30 -14.20 13.61 0.73
CA ASN D 30 -14.44 12.60 -0.28
C ASN D 30 -14.56 11.23 0.37
N LYS D 31 -15.52 10.47 -0.10
CA LYS D 31 -15.76 9.14 0.42
C LYS D 31 -14.63 8.21 0.00
N GLU D 32 -14.07 8.48 -1.17
CA GLU D 32 -13.00 7.66 -1.71
C GLU D 32 -11.73 7.84 -0.89
N TRP D 33 -11.49 9.08 -0.47
CA TRP D 33 -10.33 9.40 0.33
C TRP D 33 -10.35 8.64 1.64
N LEU D 34 -11.52 8.58 2.25
CA LEU D 34 -11.69 7.87 3.51
C LEU D 34 -11.48 6.38 3.30
N LEU D 35 -12.11 5.84 2.27
CA LEU D 35 -11.99 4.42 1.95
C LEU D 35 -10.54 4.06 1.64
N GLN D 36 -9.88 4.93 0.88
CA GLN D 36 -8.49 4.71 0.50
C GLN D 36 -7.58 4.78 1.71
N SER D 37 -7.92 5.66 2.65
CA SER D 37 -7.14 5.81 3.86
C SER D 37 -7.17 4.51 4.64
N ILE D 38 -8.37 3.97 4.81
CA ILE D 38 -8.55 2.70 5.52
C ILE D 38 -7.81 1.58 4.83
N GLU D 39 -7.96 1.53 3.51
CA GLU D 39 -7.31 0.52 2.69
C GLU D 39 -5.79 0.60 2.84
N GLY D 40 -5.29 1.82 2.93
CA GLY D 40 -3.86 2.03 3.07
C GLY D 40 -3.31 1.44 4.37
N MET D 41 -3.95 1.76 5.48
CA MET D 41 -3.50 1.25 6.77
C MET D 41 -3.71 -0.25 6.90
N ILE D 42 -4.82 -0.75 6.34
CA ILE D 42 -5.11 -2.18 6.39
C ILE D 42 -3.99 -2.96 5.69
N LYS D 43 -3.46 -2.40 4.60
CA LYS D 43 -2.39 -3.06 3.85
C LYS D 43 -1.16 -3.29 4.71
N GLU D 44 -0.70 -2.24 5.37
CA GLU D 44 0.48 -2.35 6.23
C GLU D 44 0.19 -3.25 7.40
N ALA D 45 -1.00 -3.07 7.97
CA ALA D 45 -1.43 -3.88 9.10
C ALA D 45 -1.47 -5.35 8.74
N ALA D 46 -2.06 -5.66 7.60
CA ALA D 46 -2.14 -7.02 7.12
C ALA D 46 -0.74 -7.58 6.88
N ALA D 47 0.13 -6.75 6.32
CA ALA D 47 1.50 -7.14 6.07
C ALA D 47 2.19 -7.51 7.37
N GLU D 48 1.92 -6.72 8.41
CA GLU D 48 2.50 -6.96 9.72
C GLU D 48 1.94 -8.27 10.29
N VAL D 49 0.70 -8.58 9.95
CA VAL D 49 0.08 -9.82 10.42
C VAL D 49 0.76 -11.01 9.77
N LEU D 50 1.13 -10.84 8.51
CA LEU D 50 1.82 -11.87 7.77
C LEU D 50 3.22 -12.07 8.33
N ARG D 51 3.80 -10.98 8.83
CA ARG D 51 5.13 -10.99 9.43
C ARG D 51 5.06 -11.61 10.82
N ASN D 52 3.92 -11.42 11.46
CA ASN D 52 3.67 -11.93 12.81
C ASN D 52 2.33 -12.65 12.86
N PRO D 53 2.25 -13.84 12.24
CA PRO D 53 1.01 -14.63 12.18
C PRO D 53 0.46 -14.97 13.57
N ASN D 54 1.35 -15.01 14.54
CA ASN D 54 0.98 -15.33 15.92
C ASN D 54 0.37 -14.11 16.63
N GLN D 55 0.47 -12.96 16.00
CA GLN D 55 -0.05 -11.74 16.59
C GLN D 55 -1.57 -11.65 16.43
N GLU D 56 -2.29 -12.01 17.48
CA GLU D 56 -3.75 -11.97 17.47
C GLU D 56 -4.24 -10.53 17.39
N ASN D 57 -3.71 -9.67 18.25
CA ASN D 57 -4.09 -8.26 18.28
C ASN D 57 -3.86 -7.61 16.92
N LEU D 58 -2.86 -8.07 16.18
CA LEU D 58 -2.59 -7.54 14.86
C LEU D 58 -3.72 -7.94 13.93
N ARG D 59 -4.16 -9.19 14.06
CA ARG D 59 -5.26 -9.72 13.26
C ARG D 59 -6.53 -8.94 13.55
N ARG D 60 -6.78 -8.72 14.83
CA ARG D 60 -7.95 -7.97 15.27
C ARG D 60 -7.87 -6.53 14.78
N HIS D 61 -6.66 -5.98 14.80
CA HIS D 61 -6.44 -4.63 14.34
C HIS D 61 -6.70 -4.54 12.84
N ALA D 62 -6.19 -5.52 12.11
CA ALA D 62 -6.39 -5.58 10.68
C ALA D 62 -7.87 -5.76 10.38
N ASN D 63 -8.52 -6.60 11.19
CA ASN D 63 -9.93 -6.85 11.05
C ASN D 63 -10.72 -5.60 11.37
N LYS D 64 -10.21 -4.82 12.33
CA LYS D 64 -10.86 -3.58 12.71
C LYS D 64 -10.89 -2.63 11.52
N LEU D 65 -9.81 -2.65 10.75
CA LEU D 65 -9.70 -1.82 9.56
C LEU D 65 -10.64 -2.36 8.48
N LEU D 66 -10.70 -3.68 8.37
CA LEU D 66 -11.59 -4.33 7.42
C LEU D 66 -13.03 -3.97 7.74
N SER D 67 -13.32 -3.96 9.04
CA SER D 67 -14.64 -3.62 9.54
C SER D 67 -14.92 -2.14 9.28
N LEU D 68 -13.93 -1.33 9.57
CA LEU D 68 -14.00 0.11 9.36
C LEU D 68 -14.24 0.44 7.89
N LYS D 69 -13.60 -0.33 7.01
CA LYS D 69 -13.76 -0.15 5.56
C LYS D 69 -15.22 -0.39 5.18
N LYS D 70 -15.81 -1.40 5.80
CA LYS D 70 -17.20 -1.73 5.55
C LYS D 70 -18.10 -0.66 6.14
N ARG D 71 -17.69 -0.15 7.30
CA ARG D 71 -18.43 0.90 7.98
C ARG D 71 -18.48 2.16 7.12
N ALA D 72 -17.34 2.52 6.55
CA ALA D 72 -17.26 3.69 5.68
C ALA D 72 -18.09 3.47 4.43
N TYR D 73 -18.13 2.22 3.96
CA TYR D 73 -18.91 1.86 2.78
C TYR D 73 -20.38 2.15 3.02
N GLU D 74 -20.84 1.79 4.21
CA GLU D 74 -22.23 1.99 4.61
C GLU D 74 -22.52 3.45 4.96
N LEU D 75 -21.50 4.29 4.91
CA LEU D 75 -21.65 5.70 5.24
C LEU D 75 -21.76 6.56 3.98
N PRO D 76 -22.98 7.05 3.69
CA PRO D 76 -23.22 7.89 2.53
C PRO D 76 -22.87 9.36 2.80
N ASP A 6 12.28 9.39 -19.33
CA ASP A 6 11.69 8.07 -19.55
C ASP A 6 11.08 7.98 -20.94
N ASP A 7 11.60 7.09 -21.75
CA ASP A 7 11.11 6.90 -23.11
C ASP A 7 11.33 5.46 -23.56
N SER A 8 12.32 4.81 -22.95
CA SER A 8 12.65 3.44 -23.30
C SER A 8 12.19 2.49 -22.18
N ALA A 9 11.03 1.88 -22.39
CA ALA A 9 10.50 0.94 -21.42
C ALA A 9 11.26 -0.37 -21.50
N ALA A 10 11.40 -0.87 -22.74
CA ALA A 10 12.11 -2.11 -23.05
C ALA A 10 11.38 -3.33 -22.49
N GLU A 11 11.19 -3.34 -21.20
CA GLU A 11 10.54 -4.43 -20.50
C GLU A 11 9.11 -4.08 -20.15
N TRP A 12 8.66 -4.56 -19.00
CA TRP A 12 7.30 -4.32 -18.50
C TRP A 12 6.29 -5.06 -19.37
N ASN A 13 6.42 -6.37 -19.35
CA ASN A 13 5.56 -7.26 -20.10
C ASN A 13 4.74 -8.12 -19.16
N VAL A 14 3.48 -8.33 -19.50
CA VAL A 14 2.61 -9.16 -18.70
C VAL A 14 1.67 -9.96 -19.60
N SER A 15 1.62 -11.27 -19.39
CA SER A 15 0.78 -12.15 -20.18
C SER A 15 0.49 -13.45 -19.45
N ARG A 16 0.00 -14.45 -20.17
CA ARG A 16 -0.32 -15.74 -19.59
C ARG A 16 0.75 -16.76 -19.95
N THR A 17 1.02 -17.66 -19.02
CA THR A 17 2.02 -18.69 -19.23
C THR A 17 1.37 -20.00 -19.68
N PRO A 18 2.15 -20.87 -20.34
CA PRO A 18 1.68 -22.17 -20.81
C PRO A 18 1.35 -23.09 -19.65
N ASP A 19 1.88 -22.75 -18.48
CA ASP A 19 1.66 -23.52 -17.27
C ASP A 19 0.33 -23.16 -16.63
N GLY A 20 -0.28 -22.10 -17.12
CA GLY A 20 -1.55 -21.66 -16.59
C GLY A 20 -1.40 -20.59 -15.54
N ASP A 21 -0.35 -19.80 -15.67
CA ASP A 21 -0.08 -18.73 -14.73
C ASP A 21 0.04 -17.42 -15.49
N TYR A 22 0.39 -16.35 -14.78
CA TYR A 22 0.58 -15.06 -15.42
C TYR A 22 2.04 -14.67 -15.32
N ARG A 23 2.62 -14.21 -16.41
CA ARG A 23 4.03 -13.84 -16.43
C ARG A 23 4.20 -12.35 -16.47
N LEU A 24 4.98 -11.82 -15.54
CA LEU A 24 5.24 -10.40 -15.48
C LEU A 24 6.75 -10.13 -15.44
N ALA A 25 7.22 -9.28 -16.34
CA ALA A 25 8.63 -8.94 -16.43
C ALA A 25 8.82 -7.43 -16.45
N ILE A 26 9.27 -6.85 -15.34
CA ILE A 26 9.45 -5.40 -15.28
C ILE A 26 10.90 -5.01 -14.94
N THR A 27 11.17 -3.71 -15.01
CA THR A 27 12.50 -3.16 -14.72
C THR A 27 12.39 -1.82 -14.00
N CYS A 28 13.46 -1.42 -13.33
CA CYS A 28 13.51 -0.14 -12.62
C CYS A 28 14.93 0.43 -12.69
N PRO A 29 15.06 1.72 -13.04
CA PRO A 29 16.37 2.37 -13.14
C PRO A 29 16.96 2.73 -11.79
N ASN A 30 16.34 2.26 -10.72
CA ASN A 30 16.82 2.51 -9.37
C ASN A 30 16.80 1.23 -8.58
N LYS A 31 17.87 0.97 -7.84
CA LYS A 31 18.00 -0.24 -7.06
C LYS A 31 17.00 -0.28 -5.90
N GLU A 32 16.71 0.89 -5.36
CA GLU A 32 15.79 1.01 -4.23
C GLU A 32 14.36 0.77 -4.66
N TRP A 33 14.04 1.24 -5.85
CA TRP A 33 12.69 1.12 -6.39
C TRP A 33 12.24 -0.32 -6.48
N LEU A 34 13.13 -1.21 -6.90
CA LEU A 34 12.80 -2.62 -7.03
C LEU A 34 12.53 -3.23 -5.66
N LEU A 35 13.32 -2.83 -4.67
CA LEU A 35 13.17 -3.32 -3.31
C LEU A 35 11.81 -2.90 -2.74
N GLN A 36 11.45 -1.66 -2.98
CA GLN A 36 10.20 -1.10 -2.49
C GLN A 36 9.02 -1.76 -3.20
N SER A 37 9.22 -2.10 -4.47
CA SER A 37 8.19 -2.73 -5.27
C SER A 37 7.76 -4.06 -4.65
N ILE A 38 8.74 -4.87 -4.29
CA ILE A 38 8.46 -6.16 -3.69
C ILE A 38 7.81 -5.97 -2.32
N GLU A 39 8.36 -5.04 -1.55
CA GLU A 39 7.83 -4.72 -0.23
C GLU A 39 6.38 -4.27 -0.34
N GLY A 40 6.12 -3.52 -1.40
CA GLY A 40 4.77 -3.05 -1.64
C GLY A 40 3.80 -4.17 -1.88
N MET A 41 4.15 -5.10 -2.77
CA MET A 41 3.26 -6.21 -3.09
C MET A 41 3.12 -7.19 -1.93
N ILE A 42 4.19 -7.48 -1.19
CA ILE A 42 4.08 -8.39 -0.05
C ILE A 42 3.12 -7.81 0.99
N LYS A 43 3.14 -6.49 1.14
CA LYS A 43 2.26 -5.82 2.09
C LYS A 43 0.80 -6.09 1.76
N GLU A 44 0.43 -5.96 0.49
CA GLU A 44 -0.93 -6.19 0.05
C GLU A 44 -1.30 -7.67 0.20
N ALA A 45 -0.34 -8.51 -0.15
CA ALA A 45 -0.51 -9.96 -0.07
C ALA A 45 -0.83 -10.41 1.34
N ALA A 46 -0.11 -9.86 2.31
CA ALA A 46 -0.30 -10.19 3.71
C ALA A 46 -1.69 -9.77 4.15
N ALA A 47 -2.14 -8.64 3.64
CA ALA A 47 -3.48 -8.14 3.96
C ALA A 47 -4.53 -9.13 3.46
N GLU A 48 -4.25 -9.77 2.32
CA GLU A 48 -5.14 -10.76 1.74
C GLU A 48 -5.16 -11.99 2.63
N VAL A 49 -3.98 -12.39 3.11
CA VAL A 49 -3.86 -13.54 3.99
C VAL A 49 -4.66 -13.29 5.27
N LEU A 50 -4.63 -12.06 5.75
CA LEU A 50 -5.38 -11.69 6.95
C LEU A 50 -6.87 -11.81 6.70
N ARG A 51 -7.29 -11.52 5.47
CA ARG A 51 -8.68 -11.60 5.08
C ARG A 51 -9.10 -13.06 4.87
N ASN A 52 -8.13 -13.86 4.46
CA ASN A 52 -8.33 -15.28 4.20
C ASN A 52 -7.27 -16.12 4.90
N PRO A 53 -7.33 -16.21 6.23
CA PRO A 53 -6.35 -16.95 7.04
C PRO A 53 -6.26 -18.42 6.66
N ASN A 54 -7.37 -18.97 6.19
CA ASN A 54 -7.43 -20.38 5.80
C ASN A 54 -6.82 -20.61 4.42
N GLN A 55 -6.43 -19.53 3.75
CA GLN A 55 -5.84 -19.63 2.42
C GLN A 55 -4.37 -20.01 2.51
N GLU A 56 -4.08 -21.27 2.26
CA GLU A 56 -2.71 -21.77 2.31
C GLU A 56 -1.85 -21.14 1.21
N ASN A 57 -2.33 -21.23 -0.02
CA ASN A 57 -1.60 -20.69 -1.17
C ASN A 57 -1.30 -19.20 -0.98
N LEU A 58 -2.18 -18.49 -0.29
CA LEU A 58 -1.97 -17.07 -0.04
C LEU A 58 -0.74 -16.87 0.83
N ARG A 59 -0.59 -17.75 1.84
CA ARG A 59 0.56 -17.68 2.72
C ARG A 59 1.82 -18.05 1.97
N ARG A 60 1.73 -19.10 1.16
CA ARG A 60 2.87 -19.56 0.37
C ARG A 60 3.26 -18.51 -0.66
N HIS A 61 2.26 -17.80 -1.20
CA HIS A 61 2.50 -16.74 -2.17
C HIS A 61 3.22 -15.59 -1.47
N ALA A 62 2.74 -15.25 -0.29
CA ALA A 62 3.35 -14.19 0.51
C ALA A 62 4.79 -14.57 0.79
N ASN A 63 5.00 -15.85 1.07
CA ASN A 63 6.32 -16.39 1.34
C ASN A 63 7.21 -16.22 0.12
N LYS A 64 6.63 -16.39 -1.05
CA LYS A 64 7.36 -16.24 -2.30
C LYS A 64 7.85 -14.81 -2.44
N LEU A 65 7.03 -13.87 -1.99
CA LEU A 65 7.38 -12.45 -2.04
C LEU A 65 8.48 -12.15 -1.04
N LEU A 66 8.42 -12.82 0.11
CA LEU A 66 9.41 -12.66 1.16
C LEU A 66 10.76 -13.16 0.66
N SER A 67 10.72 -14.25 -0.10
CA SER A 67 11.92 -14.85 -0.68
C SER A 67 12.49 -13.92 -1.74
N LEU A 68 11.60 -13.40 -2.56
CA LEU A 68 11.97 -12.48 -3.63
C LEU A 68 12.60 -11.22 -3.05
N LYS A 69 11.97 -10.68 -2.01
CA LYS A 69 12.46 -9.48 -1.34
C LYS A 69 13.84 -9.73 -0.75
N LYS A 70 14.07 -10.95 -0.27
CA LYS A 70 15.35 -11.32 0.30
C LYS A 70 16.41 -11.36 -0.79
N ARG A 71 16.01 -11.88 -1.96
CA ARG A 71 16.90 -11.95 -3.10
C ARG A 71 17.27 -10.55 -3.56
N ALA A 72 16.29 -9.67 -3.58
CA ALA A 72 16.48 -8.29 -3.98
C ALA A 72 17.38 -7.55 -3.00
N TYR A 73 17.30 -7.94 -1.73
CA TYR A 73 18.10 -7.33 -0.67
C TYR A 73 19.58 -7.54 -0.95
N GLU A 74 19.90 -8.73 -1.42
CA GLU A 74 21.29 -9.10 -1.73
C GLU A 74 21.76 -8.51 -3.07
N LEU A 75 20.85 -7.91 -3.82
CA LEU A 75 21.20 -7.36 -5.13
C LEU A 75 22.11 -6.12 -5.06
N PRO A 76 21.69 -5.02 -4.40
CA PRO A 76 22.50 -3.80 -4.32
C PRO A 76 23.73 -3.98 -3.43
N ASP B 6 0.45 -22.54 -4.25
CA ASP B 6 1.28 -21.54 -4.91
C ASP B 6 2.69 -21.55 -4.32
N ASP B 7 3.14 -22.70 -3.87
CA ASP B 7 4.49 -22.81 -3.31
C ASP B 7 5.51 -22.82 -4.44
N SER B 8 5.21 -23.61 -5.47
CA SER B 8 6.08 -23.73 -6.62
C SER B 8 6.30 -22.36 -7.24
N ALA B 9 7.55 -21.94 -7.33
CA ALA B 9 7.87 -20.65 -7.88
C ALA B 9 8.05 -20.72 -9.38
N ALA B 10 8.91 -21.65 -9.82
CA ALA B 10 9.24 -21.85 -11.25
C ALA B 10 9.97 -20.63 -11.81
N GLU B 11 9.35 -19.49 -11.65
CA GLU B 11 9.87 -18.21 -12.07
C GLU B 11 10.34 -17.45 -10.85
N TRP B 12 9.98 -16.18 -10.79
CA TRP B 12 10.33 -15.31 -9.67
C TRP B 12 11.82 -15.08 -9.62
N ASN B 13 12.30 -14.32 -10.58
CA ASN B 13 13.69 -14.00 -10.69
C ASN B 13 13.89 -12.51 -10.59
N VAL B 14 14.92 -12.10 -9.88
CA VAL B 14 15.26 -10.70 -9.74
C VAL B 14 16.77 -10.58 -9.79
N SER B 15 17.27 -9.73 -10.67
CA SER B 15 18.70 -9.57 -10.80
C SER B 15 19.06 -8.26 -11.50
N ARG B 16 20.34 -8.00 -11.60
CA ARG B 16 20.85 -6.81 -12.24
C ARG B 16 21.14 -7.09 -13.71
N THR B 17 20.64 -6.22 -14.57
CA THR B 17 20.84 -6.35 -16.00
C THR B 17 22.22 -5.85 -16.40
N PRO B 18 22.71 -6.25 -17.58
CA PRO B 18 24.02 -5.84 -18.07
C PRO B 18 24.06 -4.34 -18.35
N ASP B 19 22.87 -3.77 -18.50
CA ASP B 19 22.73 -2.34 -18.76
C ASP B 19 22.79 -1.54 -17.46
N GLY B 20 22.72 -2.25 -16.35
CA GLY B 20 22.78 -1.61 -15.06
C GLY B 20 21.41 -1.37 -14.48
N ASP B 21 20.41 -2.07 -15.01
CA ASP B 21 19.04 -1.94 -14.54
C ASP B 21 18.72 -3.17 -13.71
N TYR B 22 17.51 -3.24 -13.18
CA TYR B 22 17.13 -4.41 -12.40
C TYR B 22 15.99 -5.11 -13.11
N ARG B 23 16.11 -6.42 -13.24
CA ARG B 23 15.10 -7.21 -13.91
C ARG B 23 14.35 -8.07 -12.93
N LEU B 24 13.03 -7.95 -12.94
CA LEU B 24 12.19 -8.74 -12.07
C LEU B 24 11.15 -9.51 -12.90
N ALA B 25 11.14 -10.83 -12.74
CA ALA B 25 10.22 -11.70 -13.47
C ALA B 25 9.50 -12.63 -12.51
N ILE B 26 8.18 -12.48 -12.39
CA ILE B 26 7.41 -13.32 -11.47
C ILE B 26 6.19 -13.92 -12.15
N THR B 27 5.48 -14.77 -11.42
CA THR B 27 4.27 -15.42 -11.93
C THR B 27 3.21 -15.52 -10.83
N CYS B 28 1.94 -15.48 -11.21
CA CYS B 28 0.83 -15.57 -10.28
C CYS B 28 -0.39 -16.15 -10.99
N PRO B 29 -1.02 -17.16 -10.39
CA PRO B 29 -2.19 -17.80 -10.97
C PRO B 29 -3.50 -17.09 -10.60
N ASN B 30 -3.38 -15.85 -10.12
CA ASN B 30 -4.55 -15.09 -9.72
C ASN B 30 -4.42 -13.66 -10.21
N LYS B 31 -5.48 -13.16 -10.83
CA LYS B 31 -5.50 -11.80 -11.36
C LYS B 31 -5.45 -10.80 -10.22
N GLU B 32 -6.07 -11.17 -9.11
CA GLU B 32 -6.13 -10.32 -7.94
C GLU B 32 -4.73 -10.13 -7.36
N TRP B 33 -3.98 -11.21 -7.35
CA TRP B 33 -2.62 -11.18 -6.84
C TRP B 33 -1.76 -10.23 -7.66
N LEU B 34 -1.92 -10.29 -8.98
CA LEU B 34 -1.18 -9.42 -9.87
C LEU B 34 -1.60 -7.97 -9.65
N LEU B 35 -2.90 -7.75 -9.57
CA LEU B 35 -3.44 -6.42 -9.35
C LEU B 35 -2.91 -5.84 -8.05
N GLN B 36 -2.90 -6.67 -7.01
CA GLN B 36 -2.41 -6.26 -5.71
C GLN B 36 -0.91 -6.00 -5.75
N SER B 37 -0.21 -6.84 -6.49
CA SER B 37 1.23 -6.70 -6.63
C SER B 37 1.60 -5.38 -7.28
N ILE B 38 0.93 -5.07 -8.39
CA ILE B 38 1.18 -3.83 -9.11
C ILE B 38 0.84 -2.63 -8.24
N GLU B 39 -0.29 -2.70 -7.55
CA GLU B 39 -0.73 -1.62 -6.67
C GLU B 39 0.30 -1.39 -5.58
N GLY B 40 0.89 -2.47 -5.09
CA GLY B 40 1.89 -2.38 -4.06
C GLY B 40 3.08 -1.55 -4.46
N MET B 41 3.61 -1.82 -5.66
CA MET B 41 4.77 -1.08 -6.15
C MET B 41 4.40 0.37 -6.47
N ILE B 42 3.24 0.57 -7.10
CA ILE B 42 2.79 1.91 -7.44
C ILE B 42 2.63 2.75 -6.17
N LYS B 43 2.21 2.10 -5.08
CA LYS B 43 2.03 2.78 -3.81
C LYS B 43 3.34 3.39 -3.32
N GLU B 44 4.39 2.58 -3.28
CA GLU B 44 5.70 3.05 -2.84
C GLU B 44 6.28 4.03 -3.84
N ALA B 45 6.09 3.71 -5.12
CA ALA B 45 6.57 4.58 -6.20
C ALA B 45 5.96 5.97 -6.08
N ALA B 46 4.69 6.01 -5.69
CA ALA B 46 3.99 7.26 -5.51
C ALA B 46 4.64 8.09 -4.42
N ALA B 47 5.07 7.42 -3.36
CA ALA B 47 5.74 8.09 -2.25
C ALA B 47 7.06 8.69 -2.71
N GLU B 48 7.71 8.02 -3.66
CA GLU B 48 8.96 8.51 -4.21
C GLU B 48 8.69 9.77 -5.01
N VAL B 49 7.61 9.75 -5.77
CA VAL B 49 7.22 10.91 -6.58
C VAL B 49 6.93 12.09 -5.67
N LEU B 50 6.34 11.81 -4.52
CA LEU B 50 6.03 12.86 -3.55
C LEU B 50 7.33 13.46 -3.02
N ARG B 51 8.36 12.61 -2.89
CA ARG B 51 9.66 13.03 -2.41
C ARG B 51 10.42 13.77 -3.50
N ASN B 52 10.14 13.40 -4.74
CA ASN B 52 10.78 14.00 -5.90
C ASN B 52 9.74 14.36 -6.95
N PRO B 53 8.91 15.39 -6.68
CA PRO B 53 7.85 15.84 -7.59
C PRO B 53 8.39 16.28 -8.94
N ASN B 54 9.62 16.78 -8.94
CA ASN B 54 10.26 17.24 -10.16
C ASN B 54 10.85 16.08 -10.95
N GLN B 55 10.68 14.86 -10.46
CA GLN B 55 11.19 13.69 -11.16
C GLN B 55 10.19 13.19 -12.19
N GLU B 56 10.42 13.54 -13.45
CA GLU B 56 9.55 13.11 -14.54
C GLU B 56 9.56 11.60 -14.67
N ASN B 57 10.76 11.02 -14.64
CA ASN B 57 10.92 9.58 -14.75
C ASN B 57 10.13 8.85 -13.67
N LEU B 58 10.09 9.43 -12.48
CA LEU B 58 9.35 8.83 -11.38
C LEU B 58 7.87 8.79 -11.69
N ARG B 59 7.36 9.89 -12.22
CA ARG B 59 5.96 9.98 -12.58
C ARG B 59 5.65 9.02 -13.72
N ARG B 60 6.56 8.95 -14.68
CA ARG B 60 6.41 8.06 -15.82
C ARG B 60 6.49 6.61 -15.36
N HIS B 61 7.36 6.35 -14.41
CA HIS B 61 7.53 5.02 -13.85
C HIS B 61 6.27 4.61 -13.12
N ALA B 62 5.74 5.53 -12.32
CA ALA B 62 4.52 5.29 -11.59
C ALA B 62 3.37 5.08 -12.57
N ASN B 63 3.40 5.87 -13.64
CA ASN B 63 2.41 5.78 -14.69
C ASN B 63 2.53 4.43 -15.39
N LYS B 64 3.77 3.95 -15.52
CA LYS B 64 4.01 2.65 -16.14
C LYS B 64 3.34 1.56 -15.33
N LEU B 65 3.34 1.75 -14.01
CA LEU B 65 2.71 0.80 -13.09
C LEU B 65 1.20 0.90 -13.24
N LEU B 66 0.71 2.13 -13.40
CA LEU B 66 -0.71 2.36 -13.58
C LEU B 66 -1.17 1.71 -14.88
N SER B 67 -0.33 1.81 -15.90
CA SER B 67 -0.61 1.20 -17.19
C SER B 67 -0.59 -0.32 -17.07
N LEU B 68 0.41 -0.81 -16.34
CA LEU B 68 0.58 -2.23 -16.10
C LEU B 68 -0.62 -2.78 -15.34
N LYS B 69 -1.12 -1.99 -14.40
CA LYS B 69 -2.29 -2.37 -13.61
C LYS B 69 -3.50 -2.54 -14.52
N LYS B 70 -3.62 -1.64 -15.48
CA LYS B 70 -4.72 -1.69 -16.44
C LYS B 70 -4.58 -2.94 -17.31
N ARG B 71 -3.35 -3.25 -17.69
CA ARG B 71 -3.07 -4.41 -18.51
C ARG B 71 -3.48 -5.69 -17.79
N ALA B 72 -3.11 -5.76 -16.51
CA ALA B 72 -3.44 -6.91 -15.68
C ALA B 72 -4.94 -7.02 -15.46
N TYR B 73 -5.61 -5.86 -15.41
CA TYR B 73 -7.05 -5.81 -15.23
C TYR B 73 -7.77 -6.49 -16.39
N GLU B 74 -7.18 -6.36 -17.57
CA GLU B 74 -7.73 -6.97 -18.78
C GLU B 74 -7.22 -8.39 -19.00
N LEU B 75 -6.36 -8.85 -18.10
CA LEU B 75 -5.78 -10.20 -18.20
C LEU B 75 -6.79 -11.34 -17.98
N PRO B 76 -7.75 -11.22 -17.02
CA PRO B 76 -8.75 -12.27 -16.80
C PRO B 76 -9.43 -12.75 -18.09
N ASP C 6 -6.59 -5.74 20.79
CA ASP C 6 -7.31 -4.73 20.02
C ASP C 6 -8.45 -5.38 19.27
N ASP C 7 -9.35 -5.99 20.03
CA ASP C 7 -10.50 -6.71 19.49
C ASP C 7 -11.65 -5.77 19.19
N SER C 8 -12.25 -5.23 20.25
CA SER C 8 -13.39 -4.33 20.12
C SER C 8 -12.95 -3.03 19.43
N ALA C 9 -13.83 -2.44 18.66
CA ALA C 9 -13.51 -1.22 17.96
C ALA C 9 -13.63 -0.01 18.87
N ALA C 10 -14.79 0.12 19.53
CA ALA C 10 -15.11 1.24 20.43
C ALA C 10 -15.24 2.53 19.63
N GLU C 11 -14.15 2.87 18.96
CA GLU C 11 -14.07 4.02 18.11
C GLU C 11 -14.16 3.57 16.67
N TRP C 12 -13.23 4.04 15.84
CA TRP C 12 -13.17 3.67 14.44
C TRP C 12 -14.48 3.99 13.75
N ASN C 13 -14.71 5.27 13.58
CA ASN C 13 -15.93 5.74 12.97
C ASN C 13 -15.66 6.46 11.67
N VAL C 14 -16.52 6.23 10.70
CA VAL C 14 -16.41 6.86 9.42
C VAL C 14 -17.82 7.20 8.93
N SER C 15 -18.04 8.46 8.60
CA SER C 15 -19.35 8.90 8.14
C SER C 15 -19.26 10.23 7.41
N ARG C 16 -20.42 10.80 7.11
CA ARG C 16 -20.49 12.07 6.41
C ARG C 16 -20.59 13.21 7.41
N THR C 17 -19.92 14.30 7.12
CA THR C 17 -19.93 15.47 7.98
C THR C 17 -20.97 16.47 7.51
N PRO C 18 -21.44 17.33 8.42
CA PRO C 18 -22.45 18.35 8.12
C PRO C 18 -21.88 19.39 7.15
N ASP C 19 -20.56 19.42 7.07
CA ASP C 19 -19.86 20.36 6.20
C ASP C 19 -19.82 19.84 4.77
N GLY C 20 -20.22 18.59 4.60
CA GLY C 20 -20.22 17.98 3.29
C GLY C 20 -18.98 17.18 3.01
N ASP C 21 -18.30 16.78 4.07
CA ASP C 21 -17.08 16.00 3.96
C ASP C 21 -17.30 14.64 4.59
N TYR C 22 -16.22 13.88 4.76
CA TYR C 22 -16.33 12.59 5.39
C TYR C 22 -15.43 12.56 6.61
N ARG C 23 -15.95 12.08 7.73
CA ARG C 23 -15.22 12.06 8.98
C ARG C 23 -14.77 10.65 9.35
N LEU C 24 -13.48 10.52 9.64
CA LEU C 24 -12.93 9.24 10.03
C LEU C 24 -12.19 9.39 11.37
N ALA C 25 -12.62 8.65 12.37
CA ALA C 25 -12.04 8.70 13.70
C ALA C 25 -11.59 7.32 14.14
N ILE C 26 -10.30 7.10 14.29
CA ILE C 26 -9.79 5.79 14.68
C ILE C 26 -8.96 5.89 15.96
N THR C 27 -8.62 4.74 16.53
CA THR C 27 -7.82 4.66 17.74
C THR C 27 -6.82 3.50 17.67
N CYS C 28 -5.70 3.64 18.34
CA CYS C 28 -4.67 2.60 18.37
C CYS C 28 -3.92 2.63 19.69
N PRO C 29 -3.76 1.46 20.34
CA PRO C 29 -3.04 1.35 21.61
C PRO C 29 -1.53 1.32 21.42
N ASN C 30 -1.07 1.68 20.23
CA ASN C 30 0.36 1.68 19.93
C ASN C 30 0.68 2.86 19.03
N LYS C 31 1.68 3.64 19.43
CA LYS C 31 2.09 4.81 18.65
C LYS C 31 2.69 4.36 17.32
N GLU C 32 3.30 3.19 17.33
CA GLU C 32 3.92 2.62 16.14
C GLU C 32 2.85 2.31 15.12
N TRP C 33 1.72 1.82 15.60
CA TRP C 33 0.60 1.47 14.75
C TRP C 33 0.08 2.72 14.03
N LEU C 34 0.06 3.82 14.75
CA LEU C 34 -0.40 5.09 14.19
C LEU C 34 0.55 5.56 13.10
N LEU C 35 1.86 5.49 13.39
CA LEU C 35 2.87 5.89 12.44
C LEU C 35 2.79 5.05 11.17
N GLN C 36 2.53 3.76 11.36
CA GLN C 36 2.42 2.83 10.25
C GLN C 36 1.16 3.12 9.43
N SER C 37 0.08 3.45 10.13
CA SER C 37 -1.18 3.77 9.50
C SER C 37 -1.05 4.96 8.55
N ILE C 38 -0.43 6.02 9.05
CA ILE C 38 -0.23 7.22 8.25
C ILE C 38 0.62 6.91 7.03
N GLU C 39 1.63 6.08 7.22
CA GLU C 39 2.51 5.68 6.13
C GLU C 39 1.73 5.04 5.01
N GLY C 40 0.78 4.22 5.39
CA GLY C 40 -0.06 3.56 4.42
C GLY C 40 -0.98 4.53 3.70
N MET C 41 -1.64 5.37 4.46
CA MET C 41 -2.59 6.32 3.89
C MET C 41 -1.90 7.36 3.01
N ILE C 42 -0.73 7.89 3.41
CA ILE C 42 -0.03 8.86 2.58
C ILE C 42 0.37 8.23 1.24
N LYS C 43 0.76 6.97 1.26
CA LYS C 43 1.18 6.28 0.04
C LYS C 43 0.03 6.16 -0.95
N GLU C 44 -1.14 5.74 -0.47
CA GLU C 44 -2.31 5.61 -1.33
C GLU C 44 -2.71 6.99 -1.81
N ALA C 45 -2.68 7.95 -0.90
CA ALA C 45 -3.00 9.33 -1.21
C ALA C 45 -2.07 9.86 -2.28
N ALA C 46 -0.79 9.57 -2.14
CA ALA C 46 0.21 9.98 -3.10
C ALA C 46 -0.09 9.36 -4.45
N ALA C 47 -0.54 8.11 -4.42
CA ALA C 47 -0.89 7.40 -5.65
C ALA C 47 -2.06 8.11 -6.33
N GLU C 48 -2.95 8.67 -5.53
CA GLU C 48 -4.09 9.41 -6.04
C GLU C 48 -3.58 10.67 -6.73
N VAL C 49 -2.56 11.27 -6.13
CA VAL C 49 -1.95 12.48 -6.68
C VAL C 49 -1.26 12.13 -7.99
N LEU C 50 -0.70 10.94 -8.04
CA LEU C 50 -0.02 10.46 -9.24
C LEU C 50 -1.04 10.23 -10.36
N ARG C 51 -2.22 9.77 -9.97
CA ARG C 51 -3.29 9.50 -10.91
C ARG C 51 -3.95 10.81 -11.34
N ASN C 52 -3.82 11.81 -10.49
CA ASN C 52 -4.37 13.14 -10.75
C ASN C 52 -3.30 14.20 -10.47
N PRO C 53 -2.28 14.27 -11.35
CA PRO C 53 -1.16 15.21 -11.20
C PRO C 53 -1.59 16.67 -11.13
N ASN C 54 -2.69 16.98 -11.79
CA ASN C 54 -3.22 18.34 -11.82
C ASN C 54 -4.02 18.66 -10.55
N GLN C 55 -4.19 17.68 -9.68
CA GLN C 55 -4.95 17.86 -8.46
C GLN C 55 -4.08 18.46 -7.36
N GLU C 56 -4.08 19.78 -7.26
CA GLU C 56 -3.31 20.47 -6.22
C GLU C 56 -3.91 20.18 -4.86
N ASN C 57 -5.23 19.99 -4.84
CA ASN C 57 -5.94 19.68 -3.60
C ASN C 57 -5.46 18.34 -3.07
N LEU C 58 -5.11 17.45 -3.99
CA LEU C 58 -4.60 16.15 -3.62
C LEU C 58 -3.20 16.30 -3.05
N ARG C 59 -2.43 17.21 -3.66
CA ARG C 59 -1.07 17.49 -3.21
C ARG C 59 -1.12 18.01 -1.77
N ARG C 60 -2.00 18.99 -1.55
CA ARG C 60 -2.17 19.57 -0.23
C ARG C 60 -2.72 18.54 0.73
N HIS C 61 -3.61 17.70 0.23
CA HIS C 61 -4.17 16.62 1.03
C HIS C 61 -3.06 15.68 1.47
N ALA C 62 -2.20 15.34 0.52
CA ALA C 62 -1.07 14.48 0.80
C ALA C 62 -0.17 15.16 1.81
N ASN C 63 -0.03 16.47 1.65
CA ASN C 63 0.76 17.29 2.56
C ASN C 63 0.19 17.22 3.96
N LYS C 64 -1.13 17.13 4.06
CA LYS C 64 -1.80 17.04 5.35
C LYS C 64 -1.41 15.74 6.04
N LEU C 65 -1.26 14.68 5.25
CA LEU C 65 -0.86 13.37 5.77
C LEU C 65 0.59 13.40 6.19
N LEU C 66 1.40 14.13 5.42
CA LEU C 66 2.82 14.28 5.71
C LEU C 66 2.96 14.99 7.05
N SER C 67 2.12 15.98 7.27
CA SER C 67 2.11 16.73 8.51
C SER C 67 1.60 15.86 9.65
N LEU C 68 0.57 15.07 9.34
CA LEU C 68 -0.03 14.17 10.31
C LEU C 68 1.00 13.15 10.79
N LYS C 69 1.82 12.66 9.86
CA LYS C 69 2.87 11.70 10.20
C LYS C 69 3.86 12.33 11.15
N LYS C 70 4.20 13.58 10.87
CA LYS C 70 5.14 14.32 11.70
C LYS C 70 4.52 14.57 13.07
N ARG C 71 3.24 14.92 13.07
CA ARG C 71 2.52 15.17 14.31
C ARG C 71 2.51 13.93 15.20
N ALA C 72 2.24 12.79 14.57
CA ALA C 72 2.21 11.52 15.29
C ALA C 72 3.61 11.15 15.76
N TYR C 73 4.60 11.54 14.98
CA TYR C 73 6.01 11.28 15.31
C TYR C 73 6.40 12.01 16.59
N GLU C 74 5.81 13.17 16.78
CA GLU C 74 6.08 14.01 17.96
C GLU C 74 5.23 13.58 19.15
N LEU C 75 4.38 12.57 18.96
CA LEU C 75 3.51 12.09 20.03
C LEU C 75 4.28 11.28 21.09
N PRO C 76 5.07 10.26 20.69
CA PRO C 76 5.82 9.44 21.65
C PRO C 76 6.93 10.23 22.35
N ASP D 6 -5.83 24.33 -0.72
CA ASP D 6 -6.11 23.69 0.56
C ASP D 6 -5.19 24.27 1.61
N ASP D 7 -5.69 25.24 2.36
CA ASP D 7 -4.89 25.90 3.37
C ASP D 7 -5.33 25.49 4.78
N SER D 8 -6.62 25.58 5.03
CA SER D 8 -7.17 25.23 6.34
C SER D 8 -7.47 23.74 6.42
N ALA D 9 -6.89 23.07 7.42
CA ALA D 9 -7.11 21.65 7.61
C ALA D 9 -8.43 21.41 8.35
N ALA D 10 -8.69 22.26 9.35
CA ALA D 10 -9.91 22.18 10.17
C ALA D 10 -9.90 20.95 11.07
N GLU D 11 -9.83 19.79 10.46
CA GLU D 11 -9.81 18.52 11.16
C GLU D 11 -8.40 17.97 11.16
N TRP D 12 -8.29 16.65 11.05
CA TRP D 12 -7.00 15.97 11.02
C TRP D 12 -6.28 16.15 12.36
N ASN D 13 -6.86 15.54 13.37
CA ASN D 13 -6.34 15.62 14.71
C ASN D 13 -5.83 14.27 15.18
N VAL D 14 -4.72 14.28 15.88
CA VAL D 14 -4.14 13.05 16.42
C VAL D 14 -3.57 13.35 17.80
N SER D 15 -3.97 12.55 18.78
CA SER D 15 -3.51 12.75 20.15
C SER D 15 -3.83 11.53 21.02
N ARG D 16 -3.67 11.67 22.32
CA ARG D 16 -3.96 10.62 23.26
C ARG D 16 -5.36 10.81 23.83
N THR D 17 -6.04 9.70 24.09
CA THR D 17 -7.37 9.73 24.64
C THR D 17 -7.34 9.61 26.16
N PRO D 18 -8.40 10.07 26.83
CA PRO D 18 -8.51 10.01 28.29
C PRO D 18 -8.58 8.57 28.77
N ASP D 19 -8.93 7.69 27.83
CA ASP D 19 -9.06 6.26 28.11
C ASP D 19 -7.68 5.59 28.07
N GLY D 20 -6.72 6.32 27.56
CA GLY D 20 -5.36 5.82 27.49
C GLY D 20 -5.01 5.24 26.14
N ASP D 21 -5.73 5.68 25.11
CA ASP D 21 -5.48 5.21 23.75
C ASP D 21 -5.06 6.39 22.89
N TYR D 22 -4.93 6.18 21.60
CA TYR D 22 -4.55 7.26 20.70
C TYR D 22 -5.69 7.53 19.74
N ARG D 23 -6.03 8.79 19.57
CA ARG D 23 -7.14 9.16 18.70
C ARG D 23 -6.67 9.86 17.44
N LEU D 24 -7.18 9.41 16.32
CA LEU D 24 -6.86 9.98 15.02
C LEU D 24 -8.17 10.34 14.31
N ALA D 25 -8.37 11.61 14.05
CA ALA D 25 -9.59 12.07 13.38
C ALA D 25 -9.28 12.90 12.14
N ILE D 26 -9.58 12.36 10.97
CA ILE D 26 -9.32 13.06 9.72
C ILE D 26 -10.57 13.19 8.88
N THR D 27 -10.46 13.90 7.76
CA THR D 27 -11.58 14.11 6.85
C THR D 27 -11.14 14.01 5.40
N CYS D 28 -12.06 13.62 4.53
CA CYS D 28 -11.78 13.50 3.11
C CYS D 28 -13.03 13.81 2.29
N PRO D 29 -12.90 14.67 1.27
CA PRO D 29 -14.03 15.04 0.40
C PRO D 29 -14.36 13.98 -0.64
N ASN D 30 -13.76 12.81 -0.49
CA ASN D 30 -13.97 11.71 -1.41
C ASN D 30 -14.06 10.40 -0.62
N LYS D 31 -15.06 9.59 -0.95
CA LYS D 31 -15.27 8.32 -0.26
C LYS D 31 -14.14 7.34 -0.55
N GLU D 32 -13.58 7.46 -1.74
CA GLU D 32 -12.49 6.58 -2.16
C GLU D 32 -11.22 6.90 -1.40
N TRP D 33 -11.06 8.16 -1.03
CA TRP D 33 -9.88 8.59 -0.30
C TRP D 33 -9.79 7.87 1.03
N LEU D 34 -10.94 7.75 1.69
CA LEU D 34 -11.00 7.06 2.97
C LEU D 34 -10.70 5.58 2.77
N LEU D 35 -11.31 5.01 1.75
CA LEU D 35 -11.12 3.60 1.42
C LEU D 35 -9.65 3.31 1.17
N GLN D 36 -9.01 4.19 0.42
CA GLN D 36 -7.60 4.05 0.10
C GLN D 36 -6.76 4.21 1.36
N SER D 37 -7.11 5.19 2.18
CA SER D 37 -6.41 5.45 3.42
C SER D 37 -6.43 4.23 4.33
N ILE D 38 -7.63 3.68 4.53
CA ILE D 38 -7.79 2.50 5.38
C ILE D 38 -6.97 1.33 4.85
N GLU D 39 -7.01 1.16 3.53
CA GLU D 39 -6.26 0.09 2.87
C GLU D 39 -4.77 0.27 3.12
N GLY D 40 -4.33 1.51 3.12
CA GLY D 40 -2.93 1.81 3.35
C GLY D 40 -2.47 1.38 4.72
N MET D 41 -3.23 1.75 5.75
CA MET D 41 -2.86 1.39 7.12
C MET D 41 -2.84 -0.12 7.29
N ILE D 42 -3.84 -0.80 6.73
CA ILE D 42 -3.90 -2.25 6.81
C ILE D 42 -2.65 -2.88 6.18
N LYS D 43 -2.15 -2.26 5.11
CA LYS D 43 -0.97 -2.76 4.43
C LYS D 43 0.24 -2.78 5.36
N GLU D 44 0.50 -1.65 6.01
CA GLU D 44 1.62 -1.56 6.93
C GLU D 44 1.36 -2.39 8.17
N ALA D 45 0.11 -2.39 8.59
CA ALA D 45 -0.31 -3.18 9.75
C ALA D 45 -0.02 -4.65 9.49
N ALA D 46 -0.31 -5.09 8.27
CA ALA D 46 -0.05 -6.46 7.85
C ALA D 46 1.44 -6.73 7.89
N ALA D 47 2.22 -5.73 7.47
CA ALA D 47 3.67 -5.82 7.48
C ALA D 47 4.17 -5.98 8.90
N GLU D 48 3.51 -5.30 9.84
CA GLU D 48 3.86 -5.39 11.24
C GLU D 48 3.56 -6.80 11.74
N VAL D 49 2.46 -7.36 11.24
CA VAL D 49 2.08 -8.73 11.59
C VAL D 49 3.16 -9.69 11.10
N LEU D 50 3.74 -9.39 9.94
CA LEU D 50 4.81 -10.19 9.38
C LEU D 50 6.06 -10.08 10.26
N ARG D 51 6.25 -8.90 10.84
CA ARG D 51 7.39 -8.63 11.71
C ARG D 51 7.18 -9.28 13.07
N ASN D 52 5.91 -9.46 13.42
CA ASN D 52 5.53 -10.06 14.69
C ASN D 52 4.39 -11.04 14.48
N PRO D 53 4.69 -12.22 13.90
CA PRO D 53 3.69 -13.26 13.61
C PRO D 53 2.93 -13.72 14.84
N ASN D 54 3.59 -13.70 15.98
CA ASN D 54 2.97 -14.14 17.23
C ASN D 54 2.08 -13.05 17.83
N GLN D 55 2.00 -11.90 17.18
CA GLN D 55 1.17 -10.81 17.66
C GLN D 55 -0.28 -11.01 17.23
N GLU D 56 -1.10 -11.50 18.15
CA GLU D 56 -2.51 -11.73 17.88
C GLU D 56 -3.27 -10.40 17.81
N ASN D 57 -2.97 -9.50 18.74
CA ASN D 57 -3.63 -8.19 18.77
C ASN D 57 -3.35 -7.43 17.48
N LEU D 58 -2.19 -7.67 16.88
CA LEU D 58 -1.84 -7.01 15.62
C LEU D 58 -2.81 -7.50 14.54
N ARG D 59 -3.10 -8.79 14.58
CA ARG D 59 -4.02 -9.40 13.63
C ARG D 59 -5.43 -8.86 13.84
N ARG D 60 -5.83 -8.76 15.11
CA ARG D 60 -7.14 -8.25 15.46
C ARG D 60 -7.26 -6.79 15.04
N HIS D 61 -6.16 -6.06 15.19
CA HIS D 61 -6.11 -4.66 14.80
C HIS D 61 -6.24 -4.54 13.29
N ALA D 62 -5.49 -5.38 12.58
CA ALA D 62 -5.53 -5.40 11.13
C ALA D 62 -6.94 -5.76 10.67
N ASN D 63 -7.56 -6.68 11.39
CA ASN D 63 -8.91 -7.10 11.11
C ASN D 63 -9.88 -5.93 11.30
N LYS D 64 -9.59 -5.09 12.29
CA LYS D 64 -10.42 -3.92 12.54
C LYS D 64 -10.36 -2.98 11.34
N LEU D 65 -9.19 -2.91 10.71
CA LEU D 65 -8.99 -2.09 9.53
C LEU D 65 -9.75 -2.70 8.36
N LEU D 66 -9.71 -4.02 8.28
CA LEU D 66 -10.40 -4.76 7.24
C LEU D 66 -11.90 -4.51 7.35
N SER D 67 -12.40 -4.48 8.57
CA SER D 67 -13.80 -4.24 8.84
C SER D 67 -14.18 -2.81 8.46
N LEU D 68 -13.33 -1.88 8.84
CA LEU D 68 -13.52 -0.46 8.55
C LEU D 68 -13.51 -0.21 7.05
N LYS D 69 -12.65 -0.92 6.33
CA LYS D 69 -12.56 -0.79 4.88
C LYS D 69 -13.90 -1.16 4.25
N LYS D 70 -14.52 -2.20 4.78
CA LYS D 70 -15.80 -2.65 4.29
C LYS D 70 -16.86 -1.62 4.66
N ARG D 71 -16.72 -1.04 5.85
CA ARG D 71 -17.64 -0.03 6.33
C ARG D 71 -17.63 1.17 5.39
N ALA D 72 -16.43 1.64 5.06
CA ALA D 72 -16.27 2.76 4.14
C ALA D 72 -16.82 2.41 2.76
N TYR D 73 -16.70 1.14 2.39
CA TYR D 73 -17.20 0.65 1.11
C TYR D 73 -18.72 0.82 1.02
N GLU D 74 -19.38 0.66 2.15
CA GLU D 74 -20.84 0.76 2.22
C GLU D 74 -21.29 2.22 2.41
N LEU D 75 -20.34 3.14 2.50
CA LEU D 75 -20.65 4.56 2.68
C LEU D 75 -21.38 5.15 1.46
N PRO D 76 -20.85 4.98 0.22
CA PRO D 76 -21.49 5.52 -0.99
C PRO D 76 -22.92 5.00 -1.14
#